data_6JEO
#
_entry.id   6JEO
#
_cell.length_a   1.00
_cell.length_b   1.00
_cell.length_c   1.00
_cell.angle_alpha   90.00
_cell.angle_beta   90.00
_cell.angle_gamma   90.00
#
_symmetry.space_group_name_H-M   'P 1'
#
loop_
_entity.id
_entity.type
_entity.pdbx_description
1 polymer 'Photosystem I P700 chlorophyll a apoprotein A1'
2 polymer 'Photosystem I P700 chlorophyll a apoprotein A2 1'
3 polymer 'Photosystem I iron-sulfur center'
4 polymer 'Photosystem I reaction center subunit II'
5 polymer 'Photosystem I reaction center subunit IV'
6 polymer 'Photosystem I reaction center subunit III'
7 polymer 'Photosystem I reaction center subunit VIII'
8 polymer 'Photosystem I reaction center subunit IX'
9 polymer 'Photosystem I reaction center subunit PsaK 1'
10 polymer 'Photosystem I reaction center subunit XI'
11 polymer 'Photosystem I reaction center subunit XII'
12 polymer 'Photosystem I 4.8 kDa protein'
13 non-polymer 'CHLOROPHYLL A ISOMER'
14 non-polymer 'CHLOROPHYLL A'
15 non-polymer PHYLLOQUINONE
16 non-polymer 'IRON/SULFUR CLUSTER'
17 non-polymer BETA-CAROTENE
18 non-polymer 1,2-DIPALMITOYL-PHOSPHATIDYL-GLYCEROLE
19 non-polymer 1,2-DISTEAROYL-MONOGALACTOSYL-DIGLYCERIDE
#
loop_
_entity_poly.entity_id
_entity_poly.type
_entity_poly.pdbx_seq_one_letter_code
_entity_poly.pdbx_strand_id
1 'polypeptide(L)'
;MTISPPEREEKKARVIVDKDPVPTSFEKWAQPGHFDRTLARGPKTTTWIWNLHALAHDFDTHTSDLEDISRKIFAAHFGH
LAVVTIWLSGMIFHGAKFSNYEAWLSDPLNVRPSAQVVWPIVGQDILNGDVGGGFHGIQITSGLFQVWRGWGITNSFQLY
CTAIGGLVLAGLFLFAGWFHYHKRAPKLEWFQNVESMLNHHLQVLLGCGSLGWAGHLIHVSAPINKLMDAGVAVKDIPLP
HEFILNKSLLIDLFPGFAAGLTPFFTLNWGQYADFLTFKGGLNPVTGGLWMTDIAHHHLAIAVVFIIAGHQYRTNWGIGH
SIKEILENHKGPFTGEGHKGLYENLTTSWHAQLATNLAFLGSLTIIIAHHMYAMPPYPYLATDYATQLCIFTHHIWIGGF
LIVGGAAHAAIFMVRDYDPVVNQNNVLDRVIRHRDAIISHLNWVCIFLGFHSFGLYIHNDTMRALGRPQDMFSDTAIQLQ
PVFAQWVQNLHTLAPGGTAPNALEPVSYAFGGGVLAVGGKVAMMPIALGTADFLIHHIHAFTIHVTVLILLKGVLFARSS
RLIPDKANLGFRFPCDGPGRGGTCQVSGWDHVFLGLFWMYNSLSIVIFHFSWKMQSDVWGTVDAAGNVSHITGGNFAQSA
ITINGWLRDFLWAQASQVINSYGSALSAYGLMFLGAHFVWAFSLMFLFSGRGYWQELIESIVWAHNKLKVAPAIQPRALS
ITQGRAVGVAHYLLGGIATTWAFFHAHILSVG
;
aA,bA,cA,dA
2 'polypeptide(L)'
;MATKFPKFSQDLAQDPTTRRIWYAMAMGNDFESHDGMTEENLYQKIFATHFGHLAIIFLWASSLLFHVAWQGNFEQWIKD
PLHVRPIAHAIWDPHFGKPAIEAFTQAGANGPVNIAYSGVYHWWYTIGMRTNTELYTGSVFLLLFASLFLFAGWLHLQPK
FRPSLAWFKSAESRLNHHLAGLFGVSSLAWAGHLIHVAIPESRGQHVGWDNFLSTAPHPAGLQPFFTGNWGVYAQNPDTA
GHIFSTSQGAGTAILTFLGGFHPQTESLWLTDMAHHHLAIAVLFIVAGHMYRTNFGIGHSIKEMMNAKTFFGKPVEGPFN
MPHQGIYDTYNNSLHFQLGWHLACLGVVTSWVAQHMYSLPSYAFIAKDYTTQAALYTHHQYIAIFLMVGAFAHGAIFLVR
DYDPEQNKGNVLERVLQHKEAIISHLSWVSLFLGFHTLGLYVHNDVVVAFGTPEKQILIEPVFAQFIQAAHGKVLYGLDT
LLSNPDSVAYTAYPNYANVWLPGWLDAINSGTNSLFLTIGPGDFLVHHAIALGLHTTTLILVKGALDARGSKLMPDKKDF
GYAFPCDGPGRGGTCDISAWDSFYLSLFWALNTVGWVTFYWHWKHLGIWQGNVAQFNENSTYLMGWFRDYLWANSAQLIN
GYNPYGVNNLSVWAWMFLFGHLVWATGFMFLISWRGYWQELIETLVWAHERTPIANLVRWKDKPVALSIVQARVVGLAHF
TVGYVLTYAAFLIASTAGKFG
;
aB,bB,cB,dB
3 'polypeptide(L)'
;MSHTVKIYDTCIGCTQCVRACPTDVLEMVPWDGCKAAQVASSPRTEDCVGCKRCETACPTDFLSIRVYLGAETTRSMGLA
Y
;
aC,bC,cC,dC
4 'polypeptide(L)'
;MAETLSGKTPLFAGSTGGLLTKAVEEEKYAITWTSPKAQVFELPTGGAATMHEGENLLYIARKEYGIALGGQLRKFKITN
YKIYRILPSGETTFIHPADGVFPEKVNAGREKVRFNARSIGENPNPSQVKFSGKATYDA
;
aD,bD,cD,dD
5 'polypeptide(L)' MVQRGSKVRILRPESYWFQDVGTVASVDQSGIKYPVIVRFDKVNYAGINTNNFAVDELIEVEAPKAKAKK aE,bE,cE,dE
6 'polypeptide(L)'
;MRRLFALILVICLSFSFAPPAKALGADLTPCAENPAFQALAKNARNTTADPQSGQKRFERYSQALCGPEGYPHLIVDGRL
DRAGDFLIPSILFLYIAGWIGWVGRAYLQAIKKDSDTEQKEIQLDLGIALPIIATGFAWPAAAVKELLSGELTAKDSEIT
VSPR
;
aF,bF,cF,dF
7 'polypeptide(L)' MATAFLPSILADASFLSSIFVPVIGWVVPIATFSFLFLYIEREDVA aI,bI,cI,dI
8 'polypeptide(L)' MADKADQSSYLIKFISTAPVAATIWLTITAGILIEFNRFFPDLLFHPLP aJ,bJ,cJ,dJ
9 'polypeptide(L)'
;MLTSTLLAAATTPLEWSPTVGIIMVIANVIAITFGRQTIKYPSAEPALPSAKFFGGFGAPALLATTAFGHILGVGLVLGL
HNLGRI
;
aK,bK,cK,dK
10 'polypeptide(L)'
;MAQAVDASKNLPSDPRNREVVFPAGRDPQWGNLETPVNASPLVKWFINNLPAYRPGLTPFRRGLEVGMAHGYFLFGPFAK
LGPLRDAANANLAGLLGAIGLVVLFTLALSLYANSNPPTALASVTVPNPPDAFQSKEGWNNFASAFLIGGIGGAVVAYFL
TSNLALIQGLVG
;
aL,bL,cL,dL
11 'polypeptide(L)' MPTLYLAQVSSISDTQVYIALVVALIPGLLAWRLATELYK aM,bM,cM,dM
12 'polypeptide(L)' MAKAKISPVANTGAKPPYTFRTGWALLLLAVNFLVAAYYFHIIQ aX,bX,cX,dX
#
# COMPACT_ATOMS: atom_id res chain seq x y z
N ARG A 14 -53.39 45.11 -78.65
CA ARG A 14 -54.66 44.45 -78.39
C ARG A 14 -55.61 45.37 -77.64
N VAL A 15 -56.03 46.45 -78.28
CA VAL A 15 -56.91 47.44 -77.69
C VAL A 15 -58.34 47.13 -78.13
N ILE A 16 -59.17 46.73 -77.18
CA ILE A 16 -60.60 46.58 -77.40
C ILE A 16 -61.33 47.43 -76.37
N VAL A 17 -62.27 48.25 -76.84
CA VAL A 17 -62.89 49.30 -76.05
C VAL A 17 -64.40 49.25 -76.25
N ASP A 18 -65.14 49.21 -75.15
CA ASP A 18 -66.59 49.23 -75.22
C ASP A 18 -67.07 50.61 -75.65
N LYS A 19 -68.21 50.65 -76.35
CA LYS A 19 -68.78 51.88 -76.89
C LYS A 19 -70.01 52.25 -76.07
N ASP A 20 -69.91 53.36 -75.33
CA ASP A 20 -70.93 53.98 -74.48
C ASP A 20 -71.57 53.01 -73.49
N PRO A 21 -70.86 52.61 -72.42
CA PRO A 21 -71.51 51.76 -71.42
C PRO A 21 -72.49 52.52 -70.53
N VAL A 22 -72.07 53.69 -70.09
CA VAL A 22 -72.77 54.46 -69.06
C VAL A 22 -73.27 55.76 -69.69
N PRO A 23 -74.58 56.05 -69.63
CA PRO A 23 -75.06 57.33 -70.16
C PRO A 23 -74.76 58.48 -69.21
N THR A 24 -74.32 59.59 -69.77
CA THR A 24 -74.05 60.79 -68.99
C THR A 24 -75.36 61.50 -68.68
N SER A 25 -75.76 61.51 -67.42
CA SER A 25 -77.02 62.11 -67.02
C SER A 25 -76.92 62.58 -65.59
N PHE A 26 -77.80 63.50 -65.21
CA PHE A 26 -77.92 63.97 -63.84
C PHE A 26 -78.94 63.17 -63.05
N GLU A 27 -79.31 61.98 -63.55
CA GLU A 27 -80.30 61.13 -62.90
C GLU A 27 -79.83 60.69 -61.52
N LYS A 28 -78.64 60.10 -61.46
CA LYS A 28 -78.14 59.53 -60.22
C LYS A 28 -77.53 60.57 -59.29
N TRP A 29 -77.39 61.82 -59.74
CA TRP A 29 -77.02 62.87 -58.78
C TRP A 29 -78.19 63.21 -57.88
N ALA A 30 -79.42 62.97 -58.35
CA ALA A 30 -80.61 63.29 -57.58
C ALA A 30 -80.75 62.34 -56.38
N GLN A 31 -80.90 61.03 -56.65
CA GLN A 31 -80.98 60.17 -55.48
C GLN A 31 -79.58 59.89 -54.95
N PRO A 32 -79.35 60.05 -53.65
CA PRO A 32 -78.02 59.77 -53.10
C PRO A 32 -77.90 58.30 -52.72
N GLY A 33 -76.68 57.79 -52.80
CA GLY A 33 -76.42 56.42 -52.44
C GLY A 33 -76.97 55.41 -53.41
N HIS A 34 -76.89 55.70 -54.71
CA HIS A 34 -77.43 54.83 -55.74
C HIS A 34 -76.62 53.56 -55.93
N PHE A 35 -75.38 53.52 -55.41
CA PHE A 35 -74.44 52.49 -55.82
C PHE A 35 -74.74 51.14 -55.20
N ASP A 36 -75.19 51.09 -53.96
CA ASP A 36 -75.43 49.83 -53.26
C ASP A 36 -76.92 49.55 -53.19
N ARG A 37 -77.29 48.28 -53.34
CA ARG A 37 -78.71 47.94 -53.39
C ARG A 37 -79.38 48.09 -52.04
N THR A 38 -78.66 47.75 -50.96
CA THR A 38 -79.23 47.86 -49.62
C THR A 38 -79.31 49.32 -49.20
N LEU A 39 -78.33 50.13 -49.59
CA LEU A 39 -78.24 51.50 -49.12
C LEU A 39 -79.11 52.46 -49.93
N ALA A 40 -79.59 52.03 -51.10
CA ALA A 40 -80.37 52.92 -51.95
C ALA A 40 -81.86 52.93 -51.62
N ARG A 41 -82.33 52.05 -50.74
CA ARG A 41 -83.76 52.00 -50.44
C ARG A 41 -84.24 53.18 -49.62
N GLY A 42 -83.33 53.99 -49.07
CA GLY A 42 -83.70 55.16 -48.32
C GLY A 42 -83.19 55.10 -46.90
N PRO A 43 -82.96 56.26 -46.29
CA PRO A 43 -82.49 56.29 -44.91
C PRO A 43 -83.60 56.01 -43.92
N LYS A 44 -83.24 55.29 -42.87
CA LYS A 44 -84.12 55.11 -41.72
C LYS A 44 -83.54 55.66 -40.42
N THR A 45 -82.23 55.57 -40.21
CA THR A 45 -81.53 56.15 -39.08
C THR A 45 -80.44 57.07 -39.62
N THR A 46 -79.65 57.65 -38.71
CA THR A 46 -78.50 58.43 -39.13
C THR A 46 -77.29 57.56 -39.44
N THR A 47 -77.41 56.23 -39.28
CA THR A 47 -76.36 55.33 -39.71
C THR A 47 -76.21 55.38 -41.23
N TRP A 48 -77.32 55.57 -41.95
CA TRP A 48 -77.29 55.65 -43.41
C TRP A 48 -76.47 56.81 -43.92
N ILE A 49 -76.45 57.90 -43.17
CA ILE A 49 -75.70 59.09 -43.59
C ILE A 49 -74.21 58.83 -43.55
N TRP A 50 -73.74 58.06 -42.57
CA TRP A 50 -72.32 57.82 -42.51
C TRP A 50 -71.89 56.69 -43.42
N ASN A 51 -72.78 55.74 -43.73
CA ASN A 51 -72.42 54.68 -44.65
C ASN A 51 -72.41 55.12 -46.09
N LEU A 52 -73.06 56.24 -46.42
CA LEU A 52 -72.94 56.78 -47.76
C LEU A 52 -71.54 57.31 -48.02
N HIS A 53 -70.99 58.05 -47.07
CA HIS A 53 -69.65 58.59 -47.24
C HIS A 53 -68.56 57.56 -46.99
N ALA A 54 -68.88 56.41 -46.40
CA ALA A 54 -67.89 55.38 -46.12
C ALA A 54 -67.77 54.36 -47.24
N LEU A 55 -68.90 53.89 -47.78
CA LEU A 55 -68.91 52.92 -48.87
C LEU A 55 -68.86 53.59 -50.24
N ALA A 56 -68.43 54.85 -50.29
CA ALA A 56 -68.58 55.64 -51.51
C ALA A 56 -67.59 55.19 -52.57
N HIS A 57 -66.30 55.31 -52.28
CA HIS A 57 -65.25 54.94 -53.23
C HIS A 57 -64.77 53.53 -53.04
N ASP A 58 -65.62 52.66 -52.52
CA ASP A 58 -65.33 51.25 -52.35
C ASP A 58 -66.05 50.51 -53.48
N PHE A 59 -65.43 50.49 -54.65
CA PHE A 59 -66.09 49.99 -55.84
C PHE A 59 -66.14 48.47 -55.90
N ASP A 60 -65.44 47.79 -55.00
CA ASP A 60 -65.31 46.33 -55.04
C ASP A 60 -66.49 45.59 -54.41
N THR A 61 -67.25 46.25 -53.55
CA THR A 61 -68.33 45.59 -52.81
C THR A 61 -69.56 45.31 -53.65
N HIS A 62 -69.65 45.89 -54.86
CA HIS A 62 -70.89 45.88 -55.61
C HIS A 62 -71.15 44.53 -56.26
N THR A 63 -70.29 44.15 -57.20
CA THR A 63 -70.51 42.98 -58.04
C THR A 63 -69.33 42.04 -57.92
N SER A 64 -69.36 41.00 -58.76
CA SER A 64 -68.21 40.13 -59.00
C SER A 64 -67.56 40.40 -60.34
N ASP A 65 -68.12 41.32 -61.13
CA ASP A 65 -67.61 41.63 -62.46
C ASP A 65 -66.35 42.49 -62.32
N LEU A 66 -65.19 41.88 -62.54
CA LEU A 66 -63.93 42.61 -62.44
C LEU A 66 -63.77 43.59 -63.60
N GLU A 67 -64.42 43.32 -64.73
CA GLU A 67 -64.40 44.26 -65.85
C GLU A 67 -65.10 45.56 -65.51
N ASP A 68 -66.23 45.48 -64.82
CA ASP A 68 -67.02 46.67 -64.49
C ASP A 68 -66.36 47.51 -63.41
N ILE A 69 -65.71 46.87 -62.45
CA ILE A 69 -65.07 47.59 -61.35
C ILE A 69 -63.84 48.34 -61.85
N SER A 70 -63.09 47.72 -62.77
CA SER A 70 -61.82 48.27 -63.22
C SER A 70 -61.99 49.54 -64.05
N ARG A 71 -63.14 49.68 -64.72
CA ARG A 71 -63.40 50.90 -65.47
C ARG A 71 -63.67 52.07 -64.56
N LYS A 72 -64.35 51.84 -63.44
CA LYS A 72 -64.56 52.87 -62.44
C LYS A 72 -63.25 53.29 -61.80
N ILE A 73 -62.34 52.35 -61.63
CA ILE A 73 -61.08 52.61 -60.95
C ILE A 73 -60.17 53.43 -61.83
N PHE A 74 -60.08 53.09 -63.12
CA PHE A 74 -59.21 53.83 -64.03
C PHE A 74 -59.72 55.23 -64.32
N ALA A 75 -61.03 55.45 -64.30
CA ALA A 75 -61.57 56.77 -64.58
C ALA A 75 -61.48 57.69 -63.39
N ALA A 76 -61.67 57.16 -62.18
CA ALA A 76 -61.48 57.94 -60.97
C ALA A 76 -60.05 58.39 -60.79
N HIS A 77 -59.11 57.62 -61.32
CA HIS A 77 -57.71 58.01 -61.30
C HIS A 77 -57.42 59.20 -62.18
N PHE A 78 -58.25 59.49 -63.18
CA PHE A 78 -58.17 60.78 -63.83
C PHE A 78 -58.73 61.90 -62.96
N GLY A 79 -59.63 61.56 -62.04
CA GLY A 79 -60.14 62.57 -61.13
C GLY A 79 -59.09 63.06 -60.14
N HIS A 80 -58.26 62.16 -59.63
CA HIS A 80 -57.22 62.60 -58.71
C HIS A 80 -56.09 63.30 -59.44
N LEU A 81 -55.91 63.03 -60.72
CA LEU A 81 -54.88 63.73 -61.47
C LEU A 81 -55.30 65.17 -61.77
N ALA A 82 -56.61 65.43 -61.86
CA ALA A 82 -57.07 66.79 -62.08
C ALA A 82 -56.85 67.66 -60.85
N VAL A 83 -57.15 67.13 -59.66
CA VAL A 83 -57.06 67.94 -58.45
C VAL A 83 -55.62 68.16 -58.01
N VAL A 84 -54.68 67.32 -58.45
CA VAL A 84 -53.28 67.61 -58.19
C VAL A 84 -52.78 68.70 -59.12
N THR A 85 -53.26 68.70 -60.38
CA THR A 85 -52.82 69.69 -61.35
C THR A 85 -53.43 71.06 -61.06
N ILE A 86 -54.69 71.09 -60.62
CA ILE A 86 -55.32 72.32 -60.15
C ILE A 86 -54.57 72.87 -58.94
N TRP A 87 -54.18 71.98 -58.02
CA TRP A 87 -53.35 72.38 -56.89
C TRP A 87 -51.99 72.90 -57.33
N LEU A 88 -51.34 72.19 -58.26
CA LEU A 88 -49.98 72.55 -58.64
C LEU A 88 -49.94 73.82 -59.47
N SER A 89 -50.86 73.96 -60.44
CA SER A 89 -50.94 75.21 -61.18
C SER A 89 -51.48 76.34 -60.33
N GLY A 90 -52.17 76.03 -59.24
CA GLY A 90 -52.55 77.06 -58.29
C GLY A 90 -51.34 77.62 -57.54
N MET A 91 -50.41 76.75 -57.18
CA MET A 91 -49.22 77.20 -56.45
C MET A 91 -48.30 78.02 -57.32
N ILE A 92 -48.33 77.79 -58.63
CA ILE A 92 -47.54 78.61 -59.55
C ILE A 92 -48.25 79.93 -59.80
N PHE A 93 -49.57 79.91 -59.86
CA PHE A 93 -50.34 81.13 -60.09
C PHE A 93 -50.32 82.04 -58.87
N HIS A 94 -50.50 81.47 -57.69
CA HIS A 94 -50.35 82.24 -56.46
C HIS A 94 -48.92 82.75 -56.29
N GLY A 95 -47.94 81.99 -56.77
CA GLY A 95 -46.58 82.49 -56.79
C GLY A 95 -46.28 83.44 -57.91
N ALA A 96 -47.18 83.57 -58.89
CA ALA A 96 -47.00 84.57 -59.94
C ALA A 96 -47.50 85.93 -59.50
N LYS A 97 -48.77 86.02 -59.07
CA LYS A 97 -49.32 87.28 -58.61
C LYS A 97 -48.84 87.61 -57.20
N PHE A 98 -49.20 86.76 -56.23
CA PHE A 98 -49.08 87.08 -54.82
C PHE A 98 -47.79 86.47 -54.29
N SER A 99 -46.65 87.03 -54.66
CA SER A 99 -45.36 86.55 -54.16
C SER A 99 -44.32 87.63 -54.36
N ASN A 100 -43.16 87.40 -53.78
CA ASN A 100 -41.99 88.24 -53.97
C ASN A 100 -40.88 87.47 -54.67
N TYR A 101 -41.24 86.72 -55.72
CA TYR A 101 -40.28 85.85 -56.39
C TYR A 101 -39.22 86.66 -57.14
N GLU A 102 -39.60 87.79 -57.73
CA GLU A 102 -38.62 88.59 -58.45
C GLU A 102 -37.74 89.40 -57.51
N ALA A 103 -38.19 89.64 -56.28
CA ALA A 103 -37.33 90.25 -55.29
C ALA A 103 -36.54 89.20 -54.51
N TRP A 104 -36.96 87.95 -54.57
CA TRP A 104 -36.19 86.89 -53.93
C TRP A 104 -34.97 86.50 -54.74
N LEU A 105 -35.08 86.54 -56.08
CA LEU A 105 -33.96 86.19 -56.96
C LEU A 105 -32.78 87.14 -56.81
N SER A 106 -33.03 88.39 -56.47
CA SER A 106 -31.94 89.35 -56.36
C SER A 106 -31.15 89.16 -55.07
N ASP A 107 -31.77 88.66 -54.01
CA ASP A 107 -31.08 88.43 -52.75
C ASP A 107 -31.76 87.29 -52.01
N PRO A 108 -31.41 86.05 -52.33
CA PRO A 108 -31.98 84.92 -51.57
C PRO A 108 -31.41 84.78 -50.18
N LEU A 109 -30.31 85.46 -49.87
CA LEU A 109 -29.72 85.40 -48.54
C LEU A 109 -30.49 86.24 -47.53
N ASN A 110 -31.32 87.16 -48.00
CA ASN A 110 -32.02 88.05 -47.07
C ASN A 110 -33.53 88.09 -47.27
N VAL A 111 -34.00 88.02 -48.51
CA VAL A 111 -35.43 88.06 -48.77
C VAL A 111 -36.03 86.71 -48.44
N ARG A 112 -37.09 86.72 -47.65
CA ARG A 112 -37.72 85.48 -47.21
C ARG A 112 -38.76 85.03 -48.22
N PRO A 113 -38.87 83.73 -48.48
CA PRO A 113 -39.84 83.22 -49.45
C PRO A 113 -41.25 83.42 -48.94
N SER A 114 -42.07 84.13 -49.72
CA SER A 114 -43.40 84.48 -49.24
C SER A 114 -44.43 84.47 -50.35
N ALA A 115 -45.59 83.93 -50.04
CA ALA A 115 -46.80 84.06 -50.83
C ALA A 115 -47.94 84.25 -49.86
N GLN A 116 -49.18 84.10 -50.36
CA GLN A 116 -50.41 84.11 -49.55
C GLN A 116 -50.56 85.42 -48.78
N VAL A 117 -50.83 86.49 -49.52
CA VAL A 117 -51.20 87.75 -48.90
C VAL A 117 -52.59 87.62 -48.29
N VAL A 118 -52.73 88.04 -47.04
CA VAL A 118 -53.97 87.84 -46.29
C VAL A 118 -54.85 89.06 -46.48
N TRP A 119 -56.14 88.82 -46.74
CA TRP A 119 -57.14 89.88 -46.73
C TRP A 119 -57.20 90.55 -45.36
N PRO A 120 -57.38 91.86 -45.31
CA PRO A 120 -57.12 92.60 -44.07
C PRO A 120 -58.27 92.74 -43.09
N ILE A 121 -59.28 91.86 -43.11
CA ILE A 121 -60.60 92.22 -42.58
C ILE A 121 -60.60 92.38 -41.05
N VAL A 122 -60.34 91.31 -40.31
CA VAL A 122 -60.65 91.28 -38.87
C VAL A 122 -59.41 91.53 -38.02
N GLY A 123 -58.40 92.18 -38.56
CA GLY A 123 -57.15 92.28 -37.87
C GLY A 123 -56.17 91.18 -38.20
N GLN A 124 -56.55 90.26 -39.10
CA GLN A 124 -55.66 89.22 -39.58
C GLN A 124 -54.68 89.71 -40.62
N ASP A 125 -54.66 91.02 -40.88
CA ASP A 125 -53.61 91.69 -41.64
C ASP A 125 -52.28 91.73 -40.87
N ILE A 126 -52.30 91.42 -39.57
CA ILE A 126 -51.05 91.29 -38.83
C ILE A 126 -50.31 90.02 -39.24
N LEU A 127 -51.01 89.07 -39.86
CA LEU A 127 -50.34 87.89 -40.41
C LEU A 127 -49.52 88.24 -41.64
N ASN A 128 -49.85 89.33 -42.33
CA ASN A 128 -49.03 89.84 -43.42
C ASN A 128 -47.87 90.61 -42.81
N GLY A 129 -46.85 89.86 -42.38
CA GLY A 129 -45.66 90.46 -41.81
C GLY A 129 -44.62 90.77 -42.85
N ASP A 130 -43.62 91.56 -42.47
CA ASP A 130 -42.62 92.03 -43.42
C ASP A 130 -41.59 90.94 -43.64
N VAL A 131 -41.63 90.33 -44.83
CA VAL A 131 -40.67 89.28 -45.19
C VAL A 131 -39.44 89.83 -45.91
N GLY A 132 -39.41 91.11 -46.24
CA GLY A 132 -38.31 91.65 -47.00
C GLY A 132 -38.70 91.87 -48.45
N GLY A 133 -38.19 92.96 -49.01
CA GLY A 133 -38.50 93.30 -50.38
C GLY A 133 -39.72 94.16 -50.57
N GLY A 134 -40.11 94.94 -49.56
CA GLY A 134 -41.28 95.78 -49.65
C GLY A 134 -42.58 95.01 -49.74
N PHE A 135 -42.60 93.78 -49.23
CA PHE A 135 -43.70 92.86 -49.43
C PHE A 135 -44.16 92.31 -48.09
N HIS A 136 -45.47 92.23 -47.90
CA HIS A 136 -46.05 91.76 -46.65
C HIS A 136 -46.88 90.53 -46.94
N GLY A 137 -46.54 89.42 -46.28
CA GLY A 137 -47.27 88.19 -46.49
C GLY A 137 -46.76 87.10 -45.59
N ILE A 138 -47.30 85.91 -45.79
CA ILE A 138 -46.94 84.75 -44.98
C ILE A 138 -45.69 84.11 -45.56
N GLN A 139 -44.65 84.00 -44.74
CA GLN A 139 -43.40 83.38 -45.14
C GLN A 139 -43.63 81.89 -45.38
N ILE A 140 -43.59 81.47 -46.65
CA ILE A 140 -43.85 80.09 -46.99
C ILE A 140 -42.64 79.23 -46.64
N THR A 141 -42.90 77.94 -46.43
CA THR A 141 -41.85 76.97 -46.16
C THR A 141 -41.86 75.82 -47.13
N SER A 142 -42.71 75.84 -48.15
CA SER A 142 -42.81 74.68 -49.04
C SER A 142 -41.67 74.62 -50.03
N GLY A 143 -40.90 75.69 -50.18
CA GLY A 143 -39.73 75.65 -51.04
C GLY A 143 -40.01 75.72 -52.51
N LEU A 144 -41.06 76.41 -52.92
CA LEU A 144 -41.34 76.52 -54.33
C LEU A 144 -40.45 77.51 -55.04
N PHE A 145 -39.83 78.43 -54.31
CA PHE A 145 -38.94 79.37 -54.97
C PHE A 145 -37.63 78.69 -55.34
N GLN A 146 -37.20 77.71 -54.55
CA GLN A 146 -36.05 76.90 -54.92
C GLN A 146 -36.34 76.02 -56.13
N VAL A 147 -37.58 75.56 -56.28
CA VAL A 147 -37.92 74.71 -57.42
C VAL A 147 -37.96 75.53 -58.69
N TRP A 148 -38.55 76.72 -58.63
CA TRP A 148 -38.74 77.55 -59.82
C TRP A 148 -37.41 78.12 -60.31
N ARG A 149 -36.51 78.44 -59.38
CA ARG A 149 -35.15 78.79 -59.77
C ARG A 149 -34.41 77.58 -60.31
N GLY A 150 -34.66 76.40 -59.72
CA GLY A 150 -34.09 75.17 -60.24
C GLY A 150 -34.63 74.79 -61.60
N TRP A 151 -35.83 75.26 -61.93
CA TRP A 151 -36.35 75.12 -63.29
C TRP A 151 -35.80 76.19 -64.21
N GLY A 152 -35.35 77.30 -63.66
CA GLY A 152 -34.83 78.39 -64.45
C GLY A 152 -35.80 79.53 -64.74
N ILE A 153 -36.93 79.60 -64.04
CA ILE A 153 -37.86 80.71 -64.22
C ILE A 153 -37.24 82.01 -63.72
N THR A 154 -37.28 83.04 -64.56
CA THR A 154 -36.66 84.33 -64.28
C THR A 154 -37.69 85.42 -63.94
N ASN A 155 -38.77 85.52 -64.70
CA ASN A 155 -39.75 86.57 -64.50
C ASN A 155 -41.13 85.98 -64.21
N SER A 156 -42.12 86.87 -64.04
CA SER A 156 -43.47 86.45 -63.68
C SER A 156 -44.20 85.81 -64.85
N PHE A 157 -43.93 86.25 -66.08
CA PHE A 157 -44.70 85.80 -67.22
C PHE A 157 -44.46 84.32 -67.52
N GLN A 158 -43.28 83.81 -67.17
CA GLN A 158 -43.02 82.39 -67.25
C GLN A 158 -43.79 81.60 -66.20
N LEU A 159 -44.20 82.25 -65.12
CA LEU A 159 -45.04 81.58 -64.13
C LEU A 159 -46.51 81.63 -64.54
N TYR A 160 -46.93 82.68 -65.25
CA TYR A 160 -48.32 82.74 -65.72
C TYR A 160 -48.59 81.66 -66.77
N CYS A 161 -47.73 81.57 -67.79
CA CYS A 161 -47.96 80.62 -68.87
C CYS A 161 -47.80 79.18 -68.41
N THR A 162 -47.02 78.96 -67.35
CA THR A 162 -46.97 77.65 -66.73
C THR A 162 -48.27 77.34 -65.99
N ALA A 163 -48.77 78.30 -65.21
CA ALA A 163 -50.00 78.08 -64.45
C ALA A 163 -51.23 78.02 -65.36
N ILE A 164 -51.29 78.89 -66.37
CA ILE A 164 -52.37 78.81 -67.36
C ILE A 164 -52.22 77.53 -68.17
N GLY A 165 -50.98 77.11 -68.44
CA GLY A 165 -50.76 75.82 -69.07
C GLY A 165 -51.13 74.65 -68.19
N GLY A 166 -51.01 74.80 -66.87
CA GLY A 166 -51.44 73.76 -65.97
C GLY A 166 -52.96 73.64 -65.92
N LEU A 167 -53.67 74.76 -66.05
CA LEU A 167 -55.13 74.73 -66.01
C LEU A 167 -55.70 74.10 -67.28
N VAL A 168 -54.99 74.20 -68.41
CA VAL A 168 -55.39 73.47 -69.60
C VAL A 168 -55.12 71.98 -69.41
N LEU A 169 -53.96 71.65 -68.86
CA LEU A 169 -53.58 70.26 -68.61
C LEU A 169 -54.41 69.63 -67.50
N ALA A 170 -54.99 70.43 -66.62
CA ALA A 170 -55.96 69.89 -65.66
C ALA A 170 -57.30 69.61 -66.33
N GLY A 171 -57.58 70.26 -67.46
CA GLY A 171 -58.84 70.03 -68.14
C GLY A 171 -58.81 68.82 -69.06
N LEU A 172 -57.62 68.44 -69.53
CA LEU A 172 -57.52 67.25 -70.35
C LEU A 172 -57.65 65.98 -69.51
N PHE A 173 -57.13 66.00 -68.29
CA PHE A 173 -57.30 64.87 -67.38
C PHE A 173 -58.77 64.70 -66.99
N LEU A 174 -59.46 65.80 -66.76
CA LEU A 174 -60.87 65.74 -66.36
C LEU A 174 -61.76 65.37 -67.54
N PHE A 175 -61.37 65.75 -68.76
CA PHE A 175 -62.16 65.35 -69.92
C PHE A 175 -61.97 63.88 -70.25
N ALA A 176 -60.76 63.36 -70.11
CA ALA A 176 -60.49 61.97 -70.43
C ALA A 176 -61.11 61.03 -69.41
N GLY A 177 -61.29 61.50 -68.18
CA GLY A 177 -62.01 60.70 -67.21
C GLY A 177 -63.46 60.53 -67.56
N TRP A 178 -64.08 61.57 -68.12
CA TRP A 178 -65.40 61.40 -68.70
C TRP A 178 -65.34 60.48 -69.90
N PHE A 179 -64.34 60.68 -70.76
CA PHE A 179 -64.31 60.01 -72.05
C PHE A 179 -64.04 58.53 -71.89
N HIS A 180 -63.05 58.17 -71.09
CA HIS A 180 -62.70 56.76 -70.95
C HIS A 180 -63.62 55.99 -70.01
N TYR A 181 -64.67 56.62 -69.47
CA TYR A 181 -65.69 55.90 -68.71
C TYR A 181 -67.07 56.03 -69.34
N HIS A 182 -67.57 57.25 -69.50
CA HIS A 182 -68.93 57.45 -69.96
C HIS A 182 -69.07 57.29 -71.47
N LYS A 183 -67.96 57.36 -72.22
CA LYS A 183 -68.02 57.29 -73.67
C LYS A 183 -67.30 56.07 -74.25
N ARG A 184 -66.02 55.89 -73.98
CA ARG A 184 -65.24 54.80 -74.58
C ARG A 184 -64.49 54.06 -73.47
N ALA A 185 -65.10 53.00 -72.97
CA ALA A 185 -64.42 52.40 -71.83
C ALA A 185 -63.70 51.11 -72.23
N PRO A 186 -62.52 50.86 -71.68
CA PRO A 186 -61.76 49.66 -72.03
C PRO A 186 -62.41 48.39 -71.53
N LYS A 187 -62.00 47.28 -72.13
CA LYS A 187 -62.44 45.95 -71.71
C LYS A 187 -61.54 45.48 -70.56
N LEU A 188 -61.74 44.23 -70.11
CA LEU A 188 -60.95 43.72 -69.01
C LEU A 188 -59.51 43.45 -69.42
N GLU A 189 -59.31 42.78 -70.55
CA GLU A 189 -57.99 42.31 -70.96
C GLU A 189 -57.05 43.43 -71.34
N TRP A 190 -57.54 44.65 -71.54
CA TRP A 190 -56.65 45.79 -71.66
C TRP A 190 -55.92 46.06 -70.36
N PHE A 191 -56.55 45.78 -69.22
CA PHE A 191 -55.94 46.10 -67.94
C PHE A 191 -54.90 45.07 -67.53
N GLN A 192 -55.11 43.81 -67.87
CA GLN A 192 -54.23 42.72 -67.44
C GLN A 192 -53.03 42.52 -68.35
N ASN A 193 -52.68 43.53 -69.15
CA ASN A 193 -51.45 43.51 -69.93
C ASN A 193 -50.32 44.17 -69.16
N VAL A 194 -50.01 43.58 -68.00
CA VAL A 194 -49.02 44.15 -67.10
C VAL A 194 -47.61 44.06 -67.66
N GLU A 195 -47.36 43.15 -68.60
CA GLU A 195 -46.11 43.22 -69.34
C GLU A 195 -46.10 44.41 -70.28
N SER A 196 -47.24 44.70 -70.92
CA SER A 196 -47.34 45.85 -71.80
C SER A 196 -47.44 47.15 -71.04
N MET A 197 -47.92 47.12 -69.79
CA MET A 197 -48.00 48.33 -68.98
C MET A 197 -46.62 48.75 -68.51
N LEU A 198 -45.85 47.80 -67.98
CA LEU A 198 -44.51 48.06 -67.48
C LEU A 198 -43.56 48.51 -68.58
N ASN A 199 -43.80 48.12 -69.82
CA ASN A 199 -42.91 48.57 -70.87
C ASN A 199 -43.18 50.03 -71.23
N HIS A 200 -44.44 50.44 -71.26
CA HIS A 200 -44.73 51.84 -71.56
C HIS A 200 -44.42 52.74 -70.37
N HIS A 201 -44.72 52.29 -69.15
CA HIS A 201 -44.57 53.17 -67.99
C HIS A 201 -43.12 53.32 -67.53
N LEU A 202 -42.26 52.32 -67.79
CA LEU A 202 -40.85 52.49 -67.43
C LEU A 202 -40.07 53.27 -68.47
N GLN A 203 -40.43 53.13 -69.74
CA GLN A 203 -39.73 53.79 -70.83
C GLN A 203 -40.25 55.20 -71.09
N VAL A 204 -41.54 55.34 -71.34
CA VAL A 204 -42.06 56.61 -71.82
C VAL A 204 -42.28 57.56 -70.66
N LEU A 205 -42.78 57.06 -69.54
CA LEU A 205 -43.04 57.95 -68.41
C LEU A 205 -41.74 58.29 -67.68
N LEU A 206 -41.02 57.28 -67.23
CA LEU A 206 -39.83 57.50 -66.42
C LEU A 206 -38.58 57.76 -67.26
N GLY A 207 -38.34 56.94 -68.27
CA GLY A 207 -37.13 57.10 -69.07
C GLY A 207 -37.18 58.31 -69.98
N CYS A 208 -38.22 58.39 -70.82
CA CYS A 208 -38.37 59.56 -71.67
C CYS A 208 -38.73 60.81 -70.90
N GLY A 209 -39.32 60.68 -69.71
CA GLY A 209 -39.56 61.85 -68.90
C GLY A 209 -38.28 62.44 -68.34
N SER A 210 -37.36 61.58 -67.93
CA SER A 210 -36.06 62.04 -67.45
C SER A 210 -35.06 62.28 -68.57
N LEU A 211 -35.32 61.79 -69.78
CA LEU A 211 -34.49 62.18 -70.91
C LEU A 211 -34.88 63.56 -71.40
N GLY A 212 -36.18 63.84 -71.44
CA GLY A 212 -36.63 65.16 -71.82
C GLY A 212 -36.24 66.20 -70.79
N TRP A 213 -36.31 65.84 -69.51
CA TRP A 213 -35.89 66.77 -68.47
C TRP A 213 -34.38 66.94 -68.47
N ALA A 214 -33.63 65.92 -68.88
CA ALA A 214 -32.20 66.08 -69.07
C ALA A 214 -31.89 67.07 -70.19
N GLY A 215 -32.76 67.12 -71.21
CA GLY A 215 -32.63 68.16 -72.22
C GLY A 215 -32.99 69.54 -71.72
N HIS A 216 -33.73 69.62 -70.62
CA HIS A 216 -34.13 70.92 -70.11
C HIS A 216 -33.05 71.53 -69.22
N LEU A 217 -32.22 70.71 -68.58
CA LEU A 217 -31.13 71.32 -67.82
C LEU A 217 -30.00 71.78 -68.71
N ILE A 218 -29.72 71.02 -69.76
CA ILE A 218 -28.54 71.27 -70.57
C ILE A 218 -28.74 72.48 -71.45
N HIS A 219 -29.87 72.54 -72.15
CA HIS A 219 -30.11 73.66 -73.05
C HIS A 219 -30.64 74.88 -72.31
N VAL A 220 -31.31 74.72 -71.16
CA VAL A 220 -32.04 75.83 -70.55
C VAL A 220 -31.58 76.15 -69.14
N SER A 221 -31.69 75.20 -68.22
CA SER A 221 -31.62 75.52 -66.78
C SER A 221 -30.21 75.81 -66.32
N ALA A 222 -29.29 74.87 -66.53
CA ALA A 222 -27.89 75.08 -66.17
C ALA A 222 -27.17 76.23 -66.87
N PRO A 223 -27.54 76.68 -68.09
CA PRO A 223 -27.01 77.98 -68.52
C PRO A 223 -27.50 79.14 -67.67
N ILE A 224 -28.76 79.12 -67.25
CA ILE A 224 -29.29 80.24 -66.46
C ILE A 224 -28.72 80.21 -65.05
N ASN A 225 -28.66 79.02 -64.44
CA ASN A 225 -28.14 78.91 -63.08
C ASN A 225 -26.64 79.13 -63.01
N LYS A 226 -25.93 79.04 -64.13
CA LYS A 226 -24.52 79.42 -64.13
C LYS A 226 -24.36 80.92 -64.24
N LEU A 227 -25.24 81.58 -64.99
CA LEU A 227 -25.23 83.04 -65.05
C LEU A 227 -25.70 83.65 -63.74
N MET A 228 -26.54 82.93 -62.99
CA MET A 228 -26.95 83.41 -61.67
C MET A 228 -25.80 83.35 -60.67
N ASP A 229 -24.97 82.29 -60.75
CA ASP A 229 -23.86 82.15 -59.81
C ASP A 229 -22.75 83.15 -60.06
N ALA A 230 -22.66 83.68 -61.28
CA ALA A 230 -21.71 84.76 -61.54
C ALA A 230 -22.19 86.08 -60.93
N GLY A 231 -23.46 86.18 -60.58
CA GLY A 231 -24.00 87.41 -60.02
C GLY A 231 -24.14 88.50 -61.05
N VAL A 232 -24.67 88.18 -62.23
CA VAL A 232 -24.72 89.15 -63.32
C VAL A 232 -25.85 90.13 -63.07
N ALA A 233 -27.08 89.63 -63.14
CA ALA A 233 -28.34 90.36 -62.90
C ALA A 233 -29.45 89.32 -62.94
N VAL A 234 -30.69 89.78 -62.92
CA VAL A 234 -31.84 88.94 -63.19
C VAL A 234 -32.45 89.25 -64.55
N LYS A 235 -32.58 90.53 -64.88
CA LYS A 235 -33.16 90.91 -66.17
C LYS A 235 -32.16 90.76 -67.31
N ASP A 236 -30.88 91.03 -67.04
CA ASP A 236 -29.86 91.00 -68.09
C ASP A 236 -29.54 89.60 -68.57
N ILE A 237 -29.85 88.57 -67.78
CA ILE A 237 -29.77 87.20 -68.27
C ILE A 237 -30.80 87.00 -69.38
N PRO A 238 -30.40 86.51 -70.54
CA PRO A 238 -31.32 86.43 -71.68
C PRO A 238 -32.41 85.40 -71.47
N LEU A 239 -33.40 85.46 -72.36
CA LEU A 239 -34.49 84.51 -72.35
C LEU A 239 -33.96 83.14 -72.77
N PRO A 240 -34.50 82.06 -72.19
CA PRO A 240 -33.91 80.74 -72.42
C PRO A 240 -34.17 80.15 -73.80
N HIS A 241 -34.99 80.77 -74.63
CA HIS A 241 -35.05 80.36 -76.02
C HIS A 241 -34.02 81.08 -76.88
N GLU A 242 -33.37 82.11 -76.34
CA GLU A 242 -32.24 82.72 -77.03
C GLU A 242 -30.96 81.93 -76.82
N PHE A 243 -30.94 81.03 -75.84
CA PHE A 243 -29.82 80.10 -75.69
C PHE A 243 -29.82 79.04 -76.77
N ILE A 244 -30.99 78.70 -77.30
CA ILE A 244 -31.08 77.75 -78.39
C ILE A 244 -30.81 78.44 -79.72
N LEU A 245 -31.35 79.65 -79.91
CA LEU A 245 -31.12 80.38 -81.14
C LEU A 245 -29.67 80.87 -81.24
N ASN A 246 -29.26 81.70 -80.29
CA ASN A 246 -27.92 82.28 -80.32
C ASN A 246 -26.99 81.30 -79.62
N LYS A 247 -26.34 80.45 -80.41
CA LYS A 247 -25.44 79.42 -79.90
C LYS A 247 -24.15 79.98 -79.34
N SER A 248 -23.86 81.27 -79.58
CA SER A 248 -22.65 81.90 -79.07
C SER A 248 -22.69 82.10 -77.56
N LEU A 249 -23.86 81.97 -76.94
CA LEU A 249 -23.93 82.08 -75.48
C LEU A 249 -23.85 80.75 -74.79
N LEU A 250 -24.03 79.65 -75.51
CA LEU A 250 -23.67 78.34 -75.00
C LEU A 250 -22.22 77.98 -75.29
N ILE A 251 -21.38 78.95 -75.65
CA ILE A 251 -19.97 78.68 -75.85
C ILE A 251 -19.09 79.65 -75.06
N ASP A 252 -19.66 80.77 -74.59
CA ASP A 252 -18.96 81.56 -73.59
C ASP A 252 -18.90 80.81 -72.27
N LEU A 253 -20.02 80.31 -71.80
CA LEU A 253 -20.07 79.26 -70.80
C LEU A 253 -20.20 77.92 -71.52
N PHE A 254 -19.78 76.86 -70.83
CA PHE A 254 -19.75 75.47 -71.30
C PHE A 254 -18.97 75.35 -72.60
N PRO A 255 -17.64 75.44 -72.59
CA PRO A 255 -16.88 75.49 -73.85
C PRO A 255 -16.87 74.19 -74.63
N GLY A 256 -17.31 73.08 -74.04
CA GLY A 256 -17.35 71.82 -74.75
C GLY A 256 -18.62 71.63 -75.56
N PHE A 257 -19.02 72.66 -76.30
CA PHE A 257 -20.29 72.71 -76.99
C PHE A 257 -20.13 73.02 -78.47
N ALA A 258 -18.99 73.58 -78.88
CA ALA A 258 -18.77 73.92 -80.28
C ALA A 258 -18.60 72.68 -81.14
N ALA A 259 -18.20 71.57 -80.53
CA ALA A 259 -18.06 70.31 -81.25
C ALA A 259 -19.40 69.77 -81.70
N GLY A 260 -20.47 70.19 -81.04
CA GLY A 260 -21.81 69.92 -81.53
C GLY A 260 -22.30 68.52 -81.24
N LEU A 261 -22.98 67.93 -82.21
CA LEU A 261 -23.71 66.70 -81.98
C LEU A 261 -22.89 65.46 -82.37
N THR A 262 -21.84 65.64 -83.17
CA THR A 262 -21.04 64.50 -83.59
C THR A 262 -20.23 63.77 -82.51
N PRO A 263 -19.72 64.38 -81.42
CA PRO A 263 -19.07 63.54 -80.39
C PRO A 263 -20.01 62.59 -79.66
N PHE A 264 -21.33 62.75 -79.76
CA PHE A 264 -22.23 61.76 -79.21
C PHE A 264 -22.19 60.48 -80.04
N PHE A 265 -22.05 60.60 -81.36
CA PHE A 265 -22.21 59.47 -82.26
C PHE A 265 -20.89 58.84 -82.69
N THR A 266 -19.77 59.51 -82.49
CA THR A 266 -18.47 58.87 -82.66
C THR A 266 -17.92 58.36 -81.34
N LEU A 267 -18.77 58.31 -80.29
CA LEU A 267 -18.43 57.85 -78.94
C LEU A 267 -17.29 58.63 -78.32
N ASN A 268 -17.16 59.90 -78.69
CA ASN A 268 -16.22 60.81 -78.06
C ASN A 268 -16.95 61.56 -76.95
N TRP A 269 -17.41 60.79 -75.97
CA TRP A 269 -18.20 61.33 -74.88
C TRP A 269 -17.38 62.12 -73.89
N GLY A 270 -16.04 62.03 -73.94
CA GLY A 270 -15.22 62.90 -73.13
C GLY A 270 -15.18 64.33 -73.61
N GLN A 271 -15.69 64.60 -74.81
CA GLN A 271 -15.78 65.96 -75.31
C GLN A 271 -16.81 66.77 -74.53
N TYR A 272 -17.81 66.10 -73.98
CA TYR A 272 -18.92 66.71 -73.25
C TYR A 272 -18.62 66.87 -71.78
N ALA A 273 -17.35 66.98 -71.40
CA ALA A 273 -16.98 66.96 -70.00
C ALA A 273 -17.16 68.30 -69.30
N ASP A 274 -17.69 69.32 -69.98
CA ASP A 274 -17.90 70.60 -69.31
C ASP A 274 -19.28 70.70 -68.71
N PHE A 275 -20.25 69.97 -69.25
CA PHE A 275 -21.64 70.14 -68.85
C PHE A 275 -22.35 68.82 -68.58
N LEU A 276 -21.61 67.72 -68.48
CA LEU A 276 -22.12 66.46 -67.93
C LEU A 276 -21.14 65.93 -66.90
N THR A 277 -20.75 66.79 -65.96
CA THR A 277 -19.65 66.48 -65.06
C THR A 277 -20.03 65.44 -64.01
N PHE A 278 -19.05 65.12 -63.18
CA PHE A 278 -19.17 64.24 -62.03
C PHE A 278 -18.49 64.91 -60.84
N LYS A 279 -18.89 66.16 -60.56
CA LYS A 279 -18.22 66.95 -59.54
C LYS A 279 -18.39 66.34 -58.15
N GLY A 280 -19.59 65.85 -57.84
CA GLY A 280 -19.82 65.11 -56.62
C GLY A 280 -19.70 65.92 -55.36
N GLY A 281 -20.63 66.84 -55.12
CA GLY A 281 -20.57 67.64 -53.92
C GLY A 281 -21.59 68.76 -53.95
N LEU A 282 -21.30 69.86 -53.25
CA LEU A 282 -22.19 71.00 -53.21
C LEU A 282 -21.55 72.20 -53.88
N ASN A 283 -22.36 72.97 -54.58
CA ASN A 283 -21.94 74.22 -55.20
C ASN A 283 -21.60 75.22 -54.10
N PRO A 284 -20.40 75.80 -54.08
CA PRO A 284 -20.06 76.74 -53.00
C PRO A 284 -20.78 78.08 -53.07
N VAL A 285 -21.51 78.37 -54.14
CA VAL A 285 -22.23 79.63 -54.22
C VAL A 285 -23.64 79.49 -53.69
N THR A 286 -24.37 78.48 -54.15
CA THR A 286 -25.75 78.28 -53.72
C THR A 286 -25.87 77.36 -52.52
N GLY A 287 -24.93 76.44 -52.31
CA GLY A 287 -25.16 75.39 -51.35
C GLY A 287 -26.10 74.33 -51.83
N GLY A 288 -26.27 74.22 -53.15
CA GLY A 288 -27.04 73.16 -53.75
C GLY A 288 -26.13 72.25 -54.55
N LEU A 289 -26.76 71.28 -55.20
CA LEU A 289 -25.99 70.40 -56.07
C LEU A 289 -25.57 71.14 -57.33
N TRP A 290 -24.52 70.64 -57.97
CA TRP A 290 -24.10 71.18 -59.26
C TRP A 290 -25.14 70.86 -60.30
N MET A 291 -25.51 71.86 -61.10
CA MET A 291 -26.53 71.66 -62.11
C MET A 291 -26.04 70.78 -63.25
N THR A 292 -24.73 70.71 -63.46
CA THR A 292 -24.18 69.83 -64.48
C THR A 292 -24.21 68.38 -64.02
N ASP A 293 -24.12 68.14 -62.71
CA ASP A 293 -24.19 66.77 -62.21
C ASP A 293 -25.60 66.21 -62.33
N ILE A 294 -26.61 67.07 -62.14
CA ILE A 294 -28.00 66.65 -62.29
C ILE A 294 -28.30 66.40 -63.75
N ALA A 295 -27.61 67.10 -64.65
CA ALA A 295 -27.77 66.86 -66.08
C ALA A 295 -27.24 65.49 -66.48
N HIS A 296 -26.04 65.12 -66.03
CA HIS A 296 -25.52 63.78 -66.29
C HIS A 296 -26.23 62.73 -65.45
N HIS A 297 -26.89 63.13 -64.37
CA HIS A 297 -27.70 62.17 -63.61
C HIS A 297 -28.91 61.75 -64.41
N HIS A 298 -29.81 62.69 -64.69
CA HIS A 298 -31.08 62.39 -65.36
C HIS A 298 -30.89 61.87 -66.78
N LEU A 299 -29.73 62.11 -67.40
CA LEU A 299 -29.44 61.44 -68.65
C LEU A 299 -29.05 59.97 -68.43
N ALA A 300 -28.20 59.71 -67.43
CA ALA A 300 -27.80 58.33 -67.16
C ALA A 300 -28.93 57.55 -66.51
N ILE A 301 -29.80 58.22 -65.77
CA ILE A 301 -31.04 57.61 -65.32
C ILE A 301 -31.88 57.18 -66.52
N ALA A 302 -31.94 58.02 -67.56
CA ALA A 302 -32.85 57.80 -68.67
C ALA A 302 -32.42 56.64 -69.56
N VAL A 303 -31.12 56.41 -69.71
CA VAL A 303 -30.64 55.32 -70.54
C VAL A 303 -30.97 53.99 -69.90
N VAL A 304 -30.88 53.91 -68.57
CA VAL A 304 -31.12 52.67 -67.85
C VAL A 304 -32.60 52.28 -67.92
N PHE A 305 -33.51 53.26 -67.90
CA PHE A 305 -34.93 52.94 -67.94
C PHE A 305 -35.41 52.55 -69.34
N ILE A 306 -34.84 53.13 -70.39
CA ILE A 306 -35.28 52.76 -71.73
C ILE A 306 -34.78 51.38 -72.09
N ILE A 307 -33.60 51.00 -71.59
CA ILE A 307 -33.09 49.65 -71.79
C ILE A 307 -33.95 48.65 -71.02
N ALA A 308 -34.14 48.88 -69.72
CA ALA A 308 -34.86 47.95 -68.86
C ALA A 308 -36.36 47.92 -69.12
N GLY A 309 -36.89 48.85 -69.88
CA GLY A 309 -38.28 48.71 -70.26
C GLY A 309 -38.51 47.87 -71.48
N HIS A 310 -37.45 47.37 -72.12
CA HIS A 310 -37.57 46.41 -73.22
C HIS A 310 -37.54 44.97 -72.75
N GLN A 311 -37.94 44.71 -71.51
CA GLN A 311 -37.74 43.42 -70.87
C GLN A 311 -38.92 42.47 -71.03
N TYR A 312 -40.13 42.97 -70.85
CA TYR A 312 -41.29 42.09 -70.73
C TYR A 312 -41.93 41.86 -72.09
N ARG A 313 -42.49 40.67 -72.27
CA ARG A 313 -42.94 40.23 -73.58
C ARG A 313 -44.24 40.93 -73.98
N THR A 314 -44.28 41.38 -75.24
CA THR A 314 -45.45 41.96 -75.85
C THR A 314 -45.78 41.18 -77.11
N ASN A 315 -46.54 41.78 -78.01
CA ASN A 315 -47.00 41.16 -79.25
C ASN A 315 -45.88 40.65 -80.16
N TRP A 316 -44.61 41.00 -79.92
CA TRP A 316 -43.53 40.62 -80.82
C TRP A 316 -42.60 39.57 -80.22
N GLY A 317 -43.14 38.58 -79.51
CA GLY A 317 -42.40 37.36 -79.22
C GLY A 317 -41.26 37.43 -78.23
N ILE A 318 -40.31 38.32 -78.46
CA ILE A 318 -39.16 38.45 -77.58
C ILE A 318 -39.59 39.03 -76.23
N GLY A 319 -38.79 38.76 -75.21
CA GLY A 319 -39.07 39.32 -73.91
C GLY A 319 -39.39 38.29 -72.83
N HIS A 320 -39.20 38.70 -71.59
CA HIS A 320 -39.50 37.88 -70.43
C HIS A 320 -41.00 37.82 -70.18
N SER A 321 -41.43 36.74 -69.53
CA SER A 321 -42.81 36.59 -69.09
C SER A 321 -42.82 36.44 -67.58
N ILE A 322 -43.65 37.24 -66.91
CA ILE A 322 -43.62 37.30 -65.45
C ILE A 322 -44.20 36.02 -64.84
N LYS A 323 -45.13 35.37 -65.53
CA LYS A 323 -45.62 34.08 -65.08
C LYS A 323 -44.57 32.99 -65.24
N GLU A 324 -43.55 33.22 -66.08
CA GLU A 324 -42.44 32.30 -66.23
C GLU A 324 -41.19 32.72 -65.49
N ILE A 325 -41.11 33.96 -65.00
CA ILE A 325 -40.02 34.35 -64.11
C ILE A 325 -40.27 33.85 -62.71
N LEU A 326 -41.50 34.07 -62.21
CA LEU A 326 -41.81 33.79 -60.81
C LEU A 326 -41.86 32.29 -60.55
N GLU A 327 -42.34 31.51 -61.51
CA GLU A 327 -42.50 30.09 -61.25
C GLU A 327 -41.19 29.31 -61.35
N ASN A 328 -40.13 29.92 -61.85
CA ASN A 328 -38.83 29.25 -61.83
C ASN A 328 -38.14 29.44 -60.49
N HIS A 329 -38.29 30.61 -59.88
CA HIS A 329 -37.63 30.90 -58.60
C HIS A 329 -38.38 30.17 -57.49
N LYS A 330 -37.95 28.94 -57.21
CA LYS A 330 -38.45 28.18 -56.08
C LYS A 330 -37.32 27.33 -55.53
N GLY A 331 -37.36 27.06 -54.23
CA GLY A 331 -36.24 26.40 -53.59
C GLY A 331 -36.58 25.15 -52.83
N PRO A 332 -35.65 24.67 -52.02
CA PRO A 332 -35.96 23.53 -51.16
C PRO A 332 -36.76 23.92 -49.94
N PHE A 333 -36.51 25.11 -49.38
CA PHE A 333 -37.23 25.52 -48.19
C PHE A 333 -38.66 25.90 -48.50
N THR A 334 -38.89 26.60 -49.61
CA THR A 334 -40.17 27.26 -49.83
C THR A 334 -41.08 26.53 -50.82
N GLY A 335 -40.86 25.25 -51.06
CA GLY A 335 -41.81 24.42 -51.79
C GLY A 335 -42.04 24.79 -53.23
N GLU A 336 -43.22 25.35 -53.52
CA GLU A 336 -43.50 25.83 -54.86
C GLU A 336 -43.03 27.26 -55.08
N GLY A 337 -42.55 27.93 -54.04
CA GLY A 337 -41.89 29.20 -54.23
C GLY A 337 -42.86 30.30 -54.58
N HIS A 338 -42.53 31.05 -55.62
CA HIS A 338 -43.34 32.17 -56.07
C HIS A 338 -44.36 31.75 -57.12
N LYS A 339 -44.81 30.50 -57.10
CA LYS A 339 -45.78 30.00 -58.07
C LYS A 339 -47.19 30.29 -57.58
N GLY A 340 -47.85 31.25 -58.21
CA GLY A 340 -49.22 31.56 -57.84
C GLY A 340 -49.38 33.01 -57.48
N LEU A 341 -48.27 33.72 -57.33
CA LEU A 341 -48.32 35.13 -57.00
C LEU A 341 -48.61 36.00 -58.21
N TYR A 342 -48.59 35.43 -59.41
CA TYR A 342 -49.01 36.20 -60.58
C TYR A 342 -50.51 36.38 -60.58
N GLU A 343 -51.26 35.33 -60.27
CA GLU A 343 -52.72 35.41 -60.26
C GLU A 343 -53.25 36.25 -59.11
N ASN A 344 -52.46 36.44 -58.05
CA ASN A 344 -52.89 37.36 -56.99
C ASN A 344 -52.73 38.80 -57.43
N LEU A 345 -51.69 39.10 -58.19
CA LEU A 345 -51.36 40.45 -58.59
C LEU A 345 -51.95 40.85 -59.93
N THR A 346 -52.62 39.94 -60.64
CA THR A 346 -53.27 40.28 -61.89
C THR A 346 -54.78 40.18 -61.82
N THR A 347 -55.34 39.70 -60.72
CA THR A 347 -56.78 39.69 -60.52
C THR A 347 -57.25 40.65 -59.44
N SER A 348 -56.59 40.66 -58.29
CA SER A 348 -57.00 41.50 -57.17
C SER A 348 -56.44 42.90 -57.33
N TRP A 349 -57.26 43.89 -57.01
CA TRP A 349 -56.79 45.27 -57.04
C TRP A 349 -56.15 45.68 -55.73
N HIS A 350 -56.49 45.00 -54.64
CA HIS A 350 -55.87 45.35 -53.36
C HIS A 350 -54.47 44.79 -53.26
N ALA A 351 -54.19 43.68 -53.93
CA ALA A 351 -52.84 43.14 -53.94
C ALA A 351 -51.89 44.06 -54.70
N GLN A 352 -52.39 44.71 -55.74
CA GLN A 352 -51.63 45.78 -56.37
C GLN A 352 -51.54 47.00 -55.47
N LEU A 353 -52.64 47.36 -54.83
CA LEU A 353 -52.66 48.55 -53.99
C LEU A 353 -51.83 48.38 -52.73
N ALA A 354 -51.73 47.16 -52.21
CA ALA A 354 -50.84 46.95 -51.07
C ALA A 354 -49.38 47.05 -51.49
N THR A 355 -49.05 46.57 -52.68
CA THR A 355 -47.67 46.56 -53.14
C THR A 355 -47.23 47.94 -53.60
N ASN A 356 -48.07 48.67 -54.32
CA ASN A 356 -47.65 49.96 -54.84
C ASN A 356 -47.66 51.05 -53.78
N LEU A 357 -48.07 50.76 -52.55
CA LEU A 357 -48.22 51.77 -51.51
C LEU A 357 -47.26 51.57 -50.35
N ALA A 358 -46.94 50.33 -50.02
CA ALA A 358 -45.90 50.06 -49.05
C ALA A 358 -44.50 50.31 -49.61
N PHE A 359 -44.34 50.29 -50.93
CA PHE A 359 -43.06 50.54 -51.56
C PHE A 359 -42.95 51.93 -52.15
N LEU A 360 -44.06 52.66 -52.26
CA LEU A 360 -43.97 54.09 -52.55
C LEU A 360 -43.94 54.90 -51.27
N GLY A 361 -44.51 54.38 -50.19
CA GLY A 361 -44.39 55.04 -48.91
C GLY A 361 -43.01 54.88 -48.31
N SER A 362 -42.40 53.70 -48.54
CA SER A 362 -41.02 53.50 -48.10
C SER A 362 -40.06 54.26 -48.99
N LEU A 363 -40.46 54.55 -50.23
CA LEU A 363 -39.64 55.36 -51.12
C LEU A 363 -39.63 56.81 -50.69
N THR A 364 -40.75 57.30 -50.16
CA THR A 364 -40.90 58.70 -49.78
C THR A 364 -40.04 59.05 -48.58
N ILE A 365 -39.81 58.08 -47.69
CA ILE A 365 -38.92 58.30 -46.56
C ILE A 365 -37.46 58.33 -47.03
N ILE A 366 -37.14 57.57 -48.07
CA ILE A 366 -35.80 57.59 -48.64
C ILE A 366 -35.54 58.91 -49.34
N ILE A 367 -36.57 59.49 -49.96
CA ILE A 367 -36.45 60.81 -50.58
C ILE A 367 -36.15 61.87 -49.52
N ALA A 368 -36.76 61.76 -48.35
CA ALA A 368 -36.55 62.73 -47.28
C ALA A 368 -35.13 62.67 -46.74
N HIS A 369 -34.55 61.47 -46.64
CA HIS A 369 -33.17 61.35 -46.20
C HIS A 369 -32.18 61.75 -47.27
N HIS A 370 -32.52 61.53 -48.53
CA HIS A 370 -31.62 61.87 -49.62
C HIS A 370 -31.78 63.31 -50.10
N MET A 371 -32.52 64.14 -49.38
CA MET A 371 -32.65 65.55 -49.72
C MET A 371 -32.19 66.52 -48.64
N TYR A 372 -31.97 66.07 -47.41
CA TYR A 372 -31.45 67.02 -46.44
C TYR A 372 -29.94 67.06 -46.50
N ALA A 373 -29.32 65.92 -46.82
CA ALA A 373 -27.86 65.84 -46.89
C ALA A 373 -27.34 66.27 -48.24
N MET A 374 -28.12 66.03 -49.30
CA MET A 374 -27.78 66.43 -50.66
C MET A 374 -28.85 67.40 -51.12
N PRO A 375 -28.75 68.69 -50.79
CA PRO A 375 -29.79 69.63 -51.16
C PRO A 375 -29.76 69.91 -52.65
N PRO A 376 -30.81 69.55 -53.38
CA PRO A 376 -30.74 69.56 -54.84
C PRO A 376 -31.15 70.86 -55.51
N TYR A 377 -31.33 71.94 -54.76
CA TYR A 377 -31.90 73.16 -55.30
C TYR A 377 -31.04 74.34 -54.91
N PRO A 378 -31.05 75.42 -55.69
CA PRO A 378 -30.27 76.61 -55.33
C PRO A 378 -30.85 77.29 -54.10
N TYR A 379 -29.98 77.51 -53.10
CA TYR A 379 -30.31 78.09 -51.81
C TYR A 379 -31.40 77.30 -51.08
N LEU A 380 -31.20 76.00 -50.96
CA LEU A 380 -32.11 75.19 -50.15
C LEU A 380 -31.55 74.98 -48.75
N ALA A 381 -30.27 74.60 -48.65
CA ALA A 381 -29.62 74.46 -47.36
C ALA A 381 -29.33 75.80 -46.70
N THR A 382 -29.38 76.89 -47.47
CA THR A 382 -29.26 78.21 -46.88
C THR A 382 -30.46 78.53 -45.99
N ASP A 383 -31.65 78.17 -46.44
CA ASP A 383 -32.87 78.44 -45.69
C ASP A 383 -33.15 77.24 -44.79
N TYR A 384 -32.89 77.41 -43.49
CA TYR A 384 -33.14 76.35 -42.51
C TYR A 384 -34.63 76.14 -42.34
N ALA A 385 -35.43 77.18 -42.56
CA ALA A 385 -36.87 77.08 -42.40
C ALA A 385 -37.51 76.23 -43.48
N THR A 386 -36.85 76.12 -44.63
CA THR A 386 -37.40 75.29 -45.70
C THR A 386 -36.98 73.85 -45.54
N GLN A 387 -35.70 73.62 -45.24
CA GLN A 387 -35.13 72.28 -45.25
C GLN A 387 -35.65 71.43 -44.10
N LEU A 388 -35.98 72.04 -42.97
CA LEU A 388 -36.60 71.30 -41.88
C LEU A 388 -38.00 70.84 -42.26
N CYS A 389 -38.72 71.63 -43.04
CA CYS A 389 -40.12 71.32 -43.29
C CYS A 389 -40.32 70.38 -44.46
N ILE A 390 -39.35 70.33 -45.39
CA ILE A 390 -39.45 69.38 -46.49
C ILE A 390 -39.21 67.96 -45.99
N PHE A 391 -38.26 67.79 -45.07
CA PHE A 391 -38.03 66.49 -44.45
C PHE A 391 -39.27 66.01 -43.71
N THR A 392 -39.70 66.79 -42.72
CA THR A 392 -40.83 66.42 -41.87
C THR A 392 -42.15 66.31 -42.62
N HIS A 393 -42.27 66.89 -43.81
CA HIS A 393 -43.48 66.69 -44.58
C HIS A 393 -43.53 65.29 -45.16
N HIS A 394 -42.54 64.94 -46.00
CA HIS A 394 -42.54 63.67 -46.70
C HIS A 394 -42.26 62.48 -45.78
N ILE A 395 -41.76 62.72 -44.56
CA ILE A 395 -41.73 61.67 -43.55
C ILE A 395 -43.14 61.18 -43.24
N TRP A 396 -44.05 62.11 -42.93
CA TRP A 396 -45.41 61.71 -42.57
C TRP A 396 -46.15 61.15 -43.77
N ILE A 397 -45.96 61.74 -44.95
CA ILE A 397 -46.61 61.25 -46.16
C ILE A 397 -46.13 59.84 -46.49
N GLY A 398 -44.85 59.56 -46.24
CA GLY A 398 -44.36 58.21 -46.44
C GLY A 398 -44.88 57.22 -45.42
N GLY A 399 -45.16 57.69 -44.20
CA GLY A 399 -45.56 56.78 -43.15
C GLY A 399 -47.01 56.36 -43.22
N PHE A 400 -47.89 57.26 -43.68
CA PHE A 400 -49.29 56.88 -43.85
C PHE A 400 -49.46 55.83 -44.93
N LEU A 401 -48.63 55.87 -45.97
CA LEU A 401 -48.81 54.96 -47.09
C LEU A 401 -48.34 53.55 -46.74
N ILE A 402 -47.35 53.42 -45.86
CA ILE A 402 -46.92 52.09 -45.43
C ILE A 402 -47.99 51.43 -44.58
N VAL A 403 -48.68 52.22 -43.75
CA VAL A 403 -49.83 51.70 -43.01
C VAL A 403 -50.96 51.35 -43.97
N GLY A 404 -51.09 52.11 -45.06
CA GLY A 404 -52.09 51.81 -46.06
C GLY A 404 -51.80 50.55 -46.84
N GLY A 405 -50.53 50.31 -47.15
CA GLY A 405 -50.15 49.05 -47.77
C GLY A 405 -50.39 47.88 -46.85
N ALA A 406 -50.22 48.09 -45.55
CA ALA A 406 -50.57 47.07 -44.58
C ALA A 406 -52.08 46.91 -44.46
N ALA A 407 -52.84 47.99 -44.70
CA ALA A 407 -54.29 47.90 -44.60
C ALA A 407 -54.87 47.14 -45.78
N HIS A 408 -54.53 47.55 -46.99
CA HIS A 408 -55.07 46.94 -48.19
C HIS A 408 -54.44 45.59 -48.52
N ALA A 409 -53.48 45.12 -47.71
CA ALA A 409 -53.04 43.73 -47.76
C ALA A 409 -53.91 42.83 -46.91
N ALA A 410 -54.41 43.36 -45.80
CA ALA A 410 -55.36 42.62 -44.97
C ALA A 410 -56.70 42.48 -45.66
N ILE A 411 -57.05 43.44 -46.53
CA ILE A 411 -58.29 43.35 -47.28
C ILE A 411 -58.16 42.30 -48.38
N PHE A 412 -56.93 42.13 -48.91
CA PHE A 412 -56.67 41.07 -49.87
C PHE A 412 -56.89 39.70 -49.27
N MET A 413 -56.47 39.50 -48.01
CA MET A 413 -56.54 38.20 -47.39
C MET A 413 -57.98 37.80 -47.10
N VAL A 414 -58.87 38.76 -46.92
CA VAL A 414 -60.25 38.43 -46.57
C VAL A 414 -61.08 38.18 -47.82
N ARG A 415 -61.08 39.12 -48.75
CA ARG A 415 -61.94 39.04 -49.93
C ARG A 415 -61.29 38.27 -51.07
N ASP A 416 -60.04 38.58 -51.39
CA ASP A 416 -59.46 38.15 -52.66
C ASP A 416 -58.52 36.96 -52.52
N TYR A 417 -58.25 36.48 -51.32
CA TYR A 417 -57.42 35.30 -51.14
C TYR A 417 -58.14 34.06 -51.62
N ASP A 418 -57.42 33.21 -52.35
CA ASP A 418 -57.97 31.99 -52.91
C ASP A 418 -57.08 30.82 -52.49
N PRO A 419 -57.65 29.76 -51.94
CA PRO A 419 -56.81 28.62 -51.53
C PRO A 419 -56.30 27.81 -52.69
N VAL A 420 -57.04 27.76 -53.81
CA VAL A 420 -56.67 26.89 -54.92
C VAL A 420 -55.43 27.41 -55.62
N VAL A 421 -55.37 28.71 -55.89
CA VAL A 421 -54.20 29.30 -56.51
C VAL A 421 -53.02 29.30 -55.56
N ASN A 422 -53.24 29.73 -54.33
CA ASN A 422 -52.17 29.95 -53.36
C ASN A 422 -51.93 28.70 -52.51
N GLN A 423 -51.73 27.57 -53.20
CA GLN A 423 -51.45 26.31 -52.54
C GLN A 423 -49.94 26.08 -52.51
N ASN A 424 -49.38 26.02 -51.30
CA ASN A 424 -48.00 25.66 -50.98
C ASN A 424 -46.98 26.63 -51.56
N ASN A 425 -47.40 27.83 -51.96
CA ASN A 425 -46.46 28.87 -52.39
C ASN A 425 -46.00 29.66 -51.16
N VAL A 426 -45.16 30.67 -51.40
CA VAL A 426 -44.58 31.44 -50.29
C VAL A 426 -45.61 32.30 -49.57
N LEU A 427 -46.78 32.55 -50.17
CA LEU A 427 -47.84 33.18 -49.40
C LEU A 427 -48.47 32.17 -48.47
N ASP A 428 -48.53 30.90 -48.88
CA ASP A 428 -49.15 29.89 -48.04
C ASP A 428 -48.22 29.49 -46.91
N ARG A 429 -46.91 29.53 -47.15
CA ARG A 429 -45.96 29.06 -46.16
C ARG A 429 -45.69 30.05 -45.05
N VAL A 430 -46.19 31.29 -45.15
CA VAL A 430 -46.11 32.19 -44.01
C VAL A 430 -47.36 32.11 -43.15
N ILE A 431 -48.37 31.38 -43.59
CA ILE A 431 -49.56 31.20 -42.75
C ILE A 431 -49.46 29.89 -41.98
N ARG A 432 -48.62 28.96 -42.43
CA ARG A 432 -48.32 27.82 -41.58
C ARG A 432 -47.50 28.24 -40.35
N HIS A 433 -46.46 29.04 -40.54
CA HIS A 433 -45.56 29.34 -39.44
C HIS A 433 -45.78 30.76 -38.92
N ARG A 434 -47.01 31.26 -39.03
CA ARG A 434 -47.33 32.61 -38.57
C ARG A 434 -47.23 32.75 -37.05
N ASP A 435 -47.30 31.65 -36.31
CA ASP A 435 -47.03 31.71 -34.88
C ASP A 435 -45.55 31.85 -34.60
N ALA A 436 -44.71 31.29 -35.47
CA ALA A 436 -43.27 31.46 -35.32
C ALA A 436 -42.81 32.82 -35.78
N ILE A 437 -43.53 33.44 -36.71
CA ILE A 437 -43.16 34.77 -37.17
C ILE A 437 -43.46 35.81 -36.09
N ILE A 438 -44.67 35.75 -35.53
CA ILE A 438 -45.12 36.77 -34.60
C ILE A 438 -44.39 36.65 -33.27
N SER A 439 -44.29 35.44 -32.74
CA SER A 439 -43.71 35.28 -31.41
C SER A 439 -42.20 35.49 -31.40
N HIS A 440 -41.53 35.26 -32.52
CA HIS A 440 -40.16 35.73 -32.63
C HIS A 440 -40.08 37.23 -32.88
N LEU A 441 -41.12 37.82 -33.46
CA LEU A 441 -41.15 39.28 -33.57
C LEU A 441 -41.59 39.92 -32.27
N ASN A 442 -42.44 39.24 -31.51
CA ASN A 442 -42.84 39.70 -30.20
C ASN A 442 -41.66 39.78 -29.25
N TRP A 443 -40.68 38.88 -29.41
CA TRP A 443 -39.50 38.92 -28.56
C TRP A 443 -38.61 40.11 -28.87
N VAL A 444 -38.44 40.44 -30.15
CA VAL A 444 -37.52 41.51 -30.53
C VAL A 444 -38.08 42.87 -30.12
N CYS A 445 -39.39 43.03 -30.22
CA CYS A 445 -40.05 44.25 -29.76
C CYS A 445 -39.90 44.42 -28.26
N ILE A 446 -39.92 43.32 -27.51
CA ILE A 446 -39.66 43.37 -26.08
C ILE A 446 -38.18 43.57 -25.80
N PHE A 447 -37.32 42.86 -26.54
CA PHE A 447 -35.88 43.02 -26.37
C PHE A 447 -35.40 44.43 -26.70
N LEU A 448 -35.92 45.02 -27.77
CA LEU A 448 -35.56 46.40 -28.07
C LEU A 448 -36.21 47.38 -27.13
N GLY A 449 -37.29 47.00 -26.45
CA GLY A 449 -37.92 47.92 -25.53
C GLY A 449 -37.09 48.16 -24.29
N PHE A 450 -36.54 47.10 -23.73
CA PHE A 450 -35.73 47.24 -22.54
C PHE A 450 -34.36 47.80 -22.87
N HIS A 451 -33.68 47.24 -23.86
CA HIS A 451 -32.29 47.62 -24.09
C HIS A 451 -32.13 48.88 -24.93
N SER A 452 -33.20 49.61 -25.22
CA SER A 452 -33.06 50.92 -25.82
C SER A 452 -33.74 52.01 -25.01
N PHE A 453 -35.00 51.81 -24.63
CA PHE A 453 -35.68 52.80 -23.80
C PHE A 453 -35.26 52.72 -22.35
N GLY A 454 -35.00 51.53 -21.84
CA GLY A 454 -34.54 51.39 -20.47
C GLY A 454 -33.15 51.95 -20.22
N LEU A 455 -32.38 52.21 -21.27
CA LEU A 455 -31.13 52.93 -21.13
C LEU A 455 -31.33 54.43 -21.04
N TYR A 456 -32.53 54.92 -21.31
CA TYR A 456 -32.90 56.29 -20.95
C TYR A 456 -33.39 56.36 -19.52
N ILE A 457 -34.17 55.36 -19.09
CA ILE A 457 -34.66 55.30 -17.73
C ILE A 457 -33.50 55.04 -16.78
N HIS A 458 -32.51 54.30 -17.23
CA HIS A 458 -31.26 54.16 -16.49
C HIS A 458 -30.58 55.51 -16.34
N ASN A 459 -30.55 56.31 -17.40
CA ASN A 459 -29.85 57.59 -17.35
C ASN A 459 -30.65 58.69 -16.68
N ASP A 460 -31.97 58.58 -16.69
CA ASP A 460 -32.81 59.47 -15.89
C ASP A 460 -32.51 59.31 -14.42
N THR A 461 -32.39 58.07 -13.98
CA THR A 461 -32.25 57.78 -12.57
C THR A 461 -30.83 58.06 -12.08
N MET A 462 -29.82 57.75 -12.91
CA MET A 462 -28.44 57.99 -12.49
C MET A 462 -28.13 59.46 -12.38
N ARG A 463 -28.75 60.29 -13.20
CA ARG A 463 -28.49 61.72 -13.07
C ARG A 463 -29.30 62.29 -11.91
N ALA A 464 -30.48 61.73 -11.64
CA ALA A 464 -31.29 62.20 -10.52
C ALA A 464 -30.70 61.78 -9.19
N LEU A 465 -30.08 60.61 -9.13
CA LEU A 465 -29.40 60.13 -7.93
C LEU A 465 -28.03 60.75 -7.75
N GLY A 466 -27.65 61.72 -8.57
CA GLY A 466 -26.35 62.35 -8.42
C GLY A 466 -25.19 61.45 -8.77
N ARG A 467 -25.40 60.49 -9.66
CA ARG A 467 -24.38 59.53 -10.09
C ARG A 467 -24.16 59.70 -11.58
N PRO A 468 -23.45 60.75 -12.01
CA PRO A 468 -23.26 60.95 -13.45
C PRO A 468 -22.21 60.05 -14.06
N GLN A 469 -21.41 59.37 -13.24
CA GLN A 469 -20.38 58.47 -13.76
C GLN A 469 -20.93 57.10 -14.11
N ASP A 470 -22.20 56.84 -13.86
CA ASP A 470 -22.80 55.54 -14.13
C ASP A 470 -23.75 55.59 -15.33
N MET A 471 -23.64 56.62 -16.16
CA MET A 471 -24.59 56.86 -17.23
C MET A 471 -24.03 56.35 -18.54
N PHE A 472 -24.92 56.15 -19.52
CA PHE A 472 -24.52 55.75 -20.86
C PHE A 472 -24.35 57.01 -21.72
N SER A 473 -23.23 57.68 -21.52
CA SER A 473 -22.98 58.94 -22.19
C SER A 473 -21.62 58.90 -22.89
N ASP A 474 -21.25 60.01 -23.53
CA ASP A 474 -19.93 60.13 -24.13
C ASP A 474 -18.82 60.17 -23.09
N THR A 475 -19.11 60.47 -21.84
CA THR A 475 -18.09 60.56 -20.81
C THR A 475 -17.97 59.31 -19.96
N ALA A 476 -19.09 58.76 -19.50
CA ALA A 476 -19.04 57.75 -18.44
C ALA A 476 -18.95 56.32 -18.98
N ILE A 477 -19.96 55.87 -19.71
CA ILE A 477 -19.96 54.53 -20.30
C ILE A 477 -20.26 54.68 -21.77
N GLN A 478 -19.26 54.42 -22.60
CA GLN A 478 -19.38 54.57 -24.04
C GLN A 478 -20.34 53.52 -24.60
N LEU A 479 -21.08 53.92 -25.63
CA LEU A 479 -21.84 52.99 -26.46
C LEU A 479 -21.67 53.36 -27.92
N GLN A 480 -20.42 53.53 -28.35
CA GLN A 480 -20.11 54.16 -29.63
C GLN A 480 -20.62 53.34 -30.80
N PRO A 481 -21.28 53.95 -31.77
CA PRO A 481 -21.81 53.22 -32.92
C PRO A 481 -20.72 52.84 -33.90
N VAL A 482 -20.07 51.69 -33.68
CA VAL A 482 -18.91 51.31 -34.47
C VAL A 482 -19.30 51.05 -35.93
N PHE A 483 -20.46 50.43 -36.15
CA PHE A 483 -20.82 50.00 -37.49
C PHE A 483 -21.38 51.13 -38.35
N ALA A 484 -21.59 52.31 -37.79
CA ALA A 484 -21.97 53.47 -38.57
C ALA A 484 -20.91 54.56 -38.58
N GLN A 485 -20.00 54.56 -37.60
CA GLN A 485 -18.81 55.38 -37.71
C GLN A 485 -17.85 54.83 -38.76
N TRP A 486 -17.95 53.55 -39.08
CA TRP A 486 -17.09 52.95 -40.09
C TRP A 486 -17.57 53.27 -41.49
N VAL A 487 -18.88 53.20 -41.72
CA VAL A 487 -19.46 53.45 -43.03
C VAL A 487 -19.31 54.90 -43.45
N GLN A 488 -19.30 55.82 -42.48
CA GLN A 488 -18.98 57.21 -42.77
C GLN A 488 -17.53 57.37 -43.21
N ASN A 489 -16.64 56.55 -42.67
CA ASN A 489 -15.24 56.67 -43.06
C ASN A 489 -14.98 56.05 -44.41
N LEU A 490 -15.87 55.18 -44.89
CA LEU A 490 -15.73 54.64 -46.23
C LEU A 490 -16.24 55.62 -47.27
N HIS A 491 -17.35 56.28 -46.96
CA HIS A 491 -17.95 57.23 -47.89
C HIS A 491 -17.23 58.57 -47.88
N THR A 492 -16.39 58.81 -46.88
CA THR A 492 -15.52 59.99 -46.89
C THR A 492 -14.34 59.78 -47.83
N LEU A 493 -13.80 58.57 -47.83
CA LEU A 493 -12.58 58.25 -48.57
C LEU A 493 -12.84 57.66 -49.94
N ALA A 494 -14.08 57.69 -50.41
CA ALA A 494 -14.43 57.18 -51.73
C ALA A 494 -13.93 58.00 -52.93
N PRO A 495 -13.80 59.34 -52.89
CA PRO A 495 -13.13 60.02 -54.00
C PRO A 495 -11.64 59.70 -54.05
N GLY A 496 -11.16 59.30 -55.22
CA GLY A 496 -9.81 58.84 -55.39
C GLY A 496 -9.63 57.36 -55.13
N GLY A 497 -10.50 56.74 -54.34
CA GLY A 497 -10.39 55.34 -54.02
C GLY A 497 -11.37 54.48 -54.79
N THR A 498 -12.47 54.11 -54.15
CA THR A 498 -13.44 53.20 -54.76
C THR A 498 -14.30 53.88 -55.82
N ALA A 499 -14.28 55.21 -55.87
CA ALA A 499 -14.86 55.96 -56.97
C ALA A 499 -13.89 57.08 -57.31
N PRO A 500 -12.94 56.83 -58.21
CA PRO A 500 -11.84 57.79 -58.41
C PRO A 500 -12.27 59.05 -59.13
N ASN A 501 -13.38 59.01 -59.84
CA ASN A 501 -13.79 60.11 -60.71
C ASN A 501 -14.47 61.24 -59.96
N ALA A 502 -14.88 61.01 -58.72
CA ALA A 502 -15.48 62.06 -57.92
C ALA A 502 -14.40 62.99 -57.37
N LEU A 503 -14.85 64.09 -56.77
CA LEU A 503 -13.94 65.02 -56.14
C LEU A 503 -14.17 65.15 -54.63
N GLU A 504 -15.39 65.44 -54.21
CA GLU A 504 -15.82 65.44 -52.83
C GLU A 504 -16.76 64.25 -52.67
N PRO A 505 -17.17 63.88 -51.43
CA PRO A 505 -18.09 62.74 -51.30
C PRO A 505 -19.49 62.98 -51.87
N VAL A 506 -20.36 61.96 -51.71
CA VAL A 506 -21.74 62.05 -52.18
C VAL A 506 -22.47 63.16 -51.43
N SER A 507 -22.14 63.35 -50.16
CA SER A 507 -22.60 64.49 -49.39
C SER A 507 -21.57 64.80 -48.33
N TYR A 508 -21.73 65.96 -47.70
CA TYR A 508 -20.87 66.33 -46.58
C TYR A 508 -21.40 65.83 -45.26
N ALA A 509 -22.47 65.06 -45.26
CA ALA A 509 -22.98 64.50 -44.01
C ALA A 509 -22.07 63.41 -43.47
N PHE A 510 -21.33 62.75 -44.37
CA PHE A 510 -20.42 61.70 -43.93
C PHE A 510 -19.09 62.29 -43.46
N GLY A 511 -18.40 62.98 -44.33
CA GLY A 511 -17.13 63.61 -44.02
C GLY A 511 -16.96 64.86 -44.84
N GLY A 512 -15.75 65.12 -45.28
CA GLY A 512 -15.47 66.34 -46.00
C GLY A 512 -15.26 67.49 -45.06
N GLY A 513 -15.77 68.67 -45.41
CA GLY A 513 -15.61 69.83 -44.55
C GLY A 513 -16.89 70.59 -44.33
N VAL A 514 -16.78 71.84 -43.88
CA VAL A 514 -17.93 72.70 -43.66
C VAL A 514 -18.06 73.63 -44.86
N LEU A 515 -19.22 73.61 -45.50
CA LEU A 515 -19.50 74.47 -46.64
C LEU A 515 -20.47 75.57 -46.18
N ALA A 516 -19.94 76.78 -46.03
CA ALA A 516 -20.75 77.92 -45.61
C ALA A 516 -21.25 78.70 -46.82
N VAL A 517 -22.51 79.13 -46.75
CA VAL A 517 -23.12 79.96 -47.78
C VAL A 517 -23.50 81.27 -47.10
N GLY A 518 -22.72 82.31 -47.33
CA GLY A 518 -22.86 83.51 -46.56
C GLY A 518 -22.35 83.29 -45.15
N GLY A 519 -23.25 83.22 -44.19
CA GLY A 519 -22.87 82.87 -42.83
C GLY A 519 -23.38 81.52 -42.42
N LYS A 520 -24.54 81.13 -42.94
CA LYS A 520 -25.19 79.92 -42.49
C LYS A 520 -24.59 78.69 -43.12
N VAL A 521 -24.51 77.62 -42.32
CA VAL A 521 -23.92 76.36 -42.75
C VAL A 521 -24.86 75.66 -43.72
N ALA A 522 -24.34 75.27 -44.87
CA ALA A 522 -25.14 74.45 -45.77
C ALA A 522 -25.16 73.00 -45.32
N MET A 523 -23.98 72.42 -45.07
CA MET A 523 -23.88 71.06 -44.55
C MET A 523 -22.50 70.88 -43.92
N MET A 524 -22.49 70.24 -42.74
CA MET A 524 -21.37 69.97 -41.87
C MET A 524 -21.32 68.47 -41.61
N PRO A 525 -20.14 67.89 -41.39
CA PRO A 525 -20.07 66.45 -41.08
C PRO A 525 -20.76 66.09 -39.77
N ILE A 526 -21.71 65.18 -39.87
CA ILE A 526 -22.54 64.77 -38.75
C ILE A 526 -21.80 63.68 -37.99
N ALA A 527 -21.42 63.95 -36.75
CA ALA A 527 -20.64 63.03 -35.95
C ALA A 527 -21.56 62.20 -35.07
N LEU A 528 -21.51 60.88 -35.23
CA LEU A 528 -22.35 59.97 -34.46
C LEU A 528 -21.66 59.60 -33.16
N GLY A 529 -22.44 59.54 -32.08
CA GLY A 529 -21.90 59.26 -30.77
C GLY A 529 -22.83 58.41 -29.92
N THR A 530 -22.71 58.52 -28.60
CA THR A 530 -23.47 57.65 -27.70
C THR A 530 -24.95 57.99 -27.73
N ALA A 531 -25.28 59.27 -27.79
CA ALA A 531 -26.68 59.69 -27.92
C ALA A 531 -27.26 59.28 -29.26
N ASP A 532 -26.42 59.18 -30.29
CA ASP A 532 -26.87 58.73 -31.60
C ASP A 532 -26.99 57.22 -31.70
N PHE A 533 -26.38 56.50 -30.77
CA PHE A 533 -26.58 55.07 -30.71
C PHE A 533 -27.94 54.74 -30.13
N LEU A 534 -28.33 55.46 -29.08
CA LEU A 534 -29.59 55.20 -28.40
C LEU A 534 -30.77 55.54 -29.30
N ILE A 535 -30.73 56.69 -29.97
CA ILE A 535 -31.87 57.15 -30.73
C ILE A 535 -32.02 56.43 -32.07
N HIS A 536 -30.94 55.88 -32.63
CA HIS A 536 -31.12 54.98 -33.78
C HIS A 536 -31.63 53.61 -33.36
N HIS A 537 -31.44 53.18 -32.12
CA HIS A 537 -32.08 51.95 -31.66
C HIS A 537 -33.44 52.17 -31.03
N ILE A 538 -33.81 53.41 -30.70
CA ILE A 538 -35.22 53.71 -30.46
C ILE A 538 -36.01 53.57 -31.75
N HIS A 539 -35.42 54.02 -32.86
CA HIS A 539 -36.07 53.96 -34.16
C HIS A 539 -36.33 52.53 -34.60
N ALA A 540 -35.38 51.64 -34.38
CA ALA A 540 -35.59 50.24 -34.71
C ALA A 540 -36.64 49.61 -33.81
N PHE A 541 -36.76 50.09 -32.58
CA PHE A 541 -37.79 49.60 -31.67
C PHE A 541 -39.18 50.00 -32.14
N THR A 542 -39.39 51.29 -32.40
CA THR A 542 -40.72 51.75 -32.76
C THR A 542 -41.16 51.34 -34.15
N ILE A 543 -40.23 50.89 -34.99
CA ILE A 543 -40.58 50.35 -36.30
C ILE A 543 -40.91 48.87 -36.24
N HIS A 544 -40.16 48.08 -35.47
CA HIS A 544 -40.49 46.66 -35.32
C HIS A 544 -41.81 46.44 -34.58
N VAL A 545 -42.20 47.36 -33.68
CA VAL A 545 -43.50 47.20 -33.01
C VAL A 545 -44.62 47.54 -33.98
N THR A 546 -44.41 48.53 -34.84
CA THR A 546 -45.40 48.89 -35.85
C THR A 546 -45.59 47.76 -36.86
N VAL A 547 -44.49 47.10 -37.24
CA VAL A 547 -44.57 45.93 -38.10
C VAL A 547 -45.31 44.79 -37.39
N LEU A 548 -45.11 44.66 -36.07
CA LEU A 548 -45.76 43.61 -35.30
C LEU A 548 -47.27 43.74 -35.31
N ILE A 549 -47.78 44.96 -35.33
CA ILE A 549 -49.22 45.16 -35.27
C ILE A 549 -49.83 45.02 -36.65
N LEU A 550 -49.13 45.52 -37.66
CA LEU A 550 -49.65 45.47 -39.02
C LEU A 550 -49.58 44.07 -39.60
N LEU A 551 -48.48 43.36 -39.35
CA LEU A 551 -48.35 42.01 -39.88
C LEU A 551 -49.25 41.02 -39.16
N LYS A 552 -49.56 41.27 -37.89
CA LYS A 552 -50.51 40.42 -37.18
C LYS A 552 -51.91 40.59 -37.73
N GLY A 553 -52.24 41.77 -38.23
CA GLY A 553 -53.49 41.96 -38.91
C GLY A 553 -53.55 41.39 -40.31
N VAL A 554 -52.39 41.05 -40.88
CA VAL A 554 -52.35 40.42 -42.19
C VAL A 554 -52.33 38.91 -42.07
N LEU A 555 -51.55 38.37 -41.13
CA LEU A 555 -51.47 36.92 -41.00
C LEU A 555 -52.70 36.35 -40.33
N PHE A 556 -53.21 37.02 -39.29
CA PHE A 556 -54.42 36.60 -38.60
C PHE A 556 -55.66 37.28 -39.14
N ALA A 557 -55.66 37.64 -40.43
CA ALA A 557 -56.83 38.29 -41.01
C ALA A 557 -57.97 37.30 -41.22
N ARG A 558 -57.64 36.06 -41.59
CA ARG A 558 -58.69 35.11 -41.93
C ARG A 558 -59.14 34.29 -40.74
N SER A 559 -58.22 33.92 -39.85
CA SER A 559 -58.59 33.16 -38.67
C SER A 559 -57.51 33.35 -37.63
N SER A 560 -57.74 32.77 -36.46
CA SER A 560 -56.74 32.63 -35.42
C SER A 560 -57.12 31.39 -34.61
N ARG A 561 -56.47 31.22 -33.46
CA ARG A 561 -56.95 30.21 -32.54
C ARG A 561 -58.18 30.70 -31.77
N LEU A 562 -58.38 32.01 -31.70
CA LEU A 562 -59.54 32.56 -31.01
C LEU A 562 -60.78 32.50 -31.91
N ILE A 563 -60.66 32.98 -33.14
CA ILE A 563 -61.77 33.03 -34.08
C ILE A 563 -61.42 32.20 -35.31
N PRO A 564 -61.93 30.97 -35.44
CA PRO A 564 -61.58 30.14 -36.60
C PRO A 564 -62.22 30.58 -37.90
N ASP A 565 -63.17 31.52 -37.87
CA ASP A 565 -63.89 31.96 -39.06
C ASP A 565 -63.97 33.47 -39.11
N LYS A 566 -62.82 34.12 -38.93
CA LYS A 566 -62.77 35.57 -38.92
C LYS A 566 -63.00 36.17 -40.30
N ALA A 567 -62.61 35.45 -41.36
CA ALA A 567 -62.86 35.94 -42.71
C ALA A 567 -64.32 35.82 -43.10
N ASN A 568 -65.08 34.97 -42.39
CA ASN A 568 -66.52 34.91 -42.60
C ASN A 568 -67.20 36.19 -42.15
N LEU A 569 -66.69 36.82 -41.10
CA LEU A 569 -67.28 38.03 -40.56
C LEU A 569 -66.97 39.24 -41.43
N GLY A 570 -65.72 39.39 -41.84
CA GLY A 570 -65.36 40.48 -42.72
C GLY A 570 -64.03 41.11 -42.37
N PHE A 571 -63.62 42.10 -43.15
CA PHE A 571 -62.43 42.87 -42.82
C PHE A 571 -62.68 43.83 -41.68
N ARG A 572 -63.87 44.41 -41.64
CA ARG A 572 -64.17 45.53 -40.75
C ARG A 572 -65.44 45.19 -39.97
N PHE A 573 -65.25 44.62 -38.80
CA PHE A 573 -66.31 44.30 -37.86
C PHE A 573 -65.77 44.64 -36.48
N PRO A 574 -66.63 45.02 -35.53
CA PRO A 574 -66.12 45.46 -34.23
C PRO A 574 -65.57 44.36 -33.34
N CYS A 575 -66.31 43.27 -33.19
CA CYS A 575 -65.98 42.25 -32.21
C CYS A 575 -66.70 40.97 -32.58
N ASP A 576 -66.63 39.97 -31.71
CA ASP A 576 -67.47 38.79 -31.83
C ASP A 576 -68.19 38.55 -30.50
N GLY A 577 -68.48 39.61 -29.77
CA GLY A 577 -69.23 39.48 -28.56
C GLY A 577 -68.35 39.51 -27.33
N PRO A 578 -68.97 39.55 -26.15
CA PRO A 578 -68.21 39.60 -24.90
C PRO A 578 -67.65 38.26 -24.47
N GLY A 579 -67.96 37.19 -25.17
CA GLY A 579 -67.52 35.88 -24.77
C GLY A 579 -66.08 35.62 -25.09
N ARG A 580 -65.64 34.41 -24.71
CA ARG A 580 -64.25 33.96 -24.78
C ARG A 580 -63.32 34.89 -24.01
N GLY A 581 -63.83 35.48 -22.93
CA GLY A 581 -63.13 36.51 -22.19
C GLY A 581 -63.43 37.90 -22.71
N GLY A 582 -63.69 38.01 -24.01
CA GLY A 582 -63.89 39.27 -24.67
C GLY A 582 -63.10 39.33 -25.96
N THR A 583 -63.77 39.57 -27.08
CA THR A 583 -63.11 39.50 -28.38
C THR A 583 -63.23 40.82 -29.12
N CYS A 584 -63.13 41.94 -28.43
CA CYS A 584 -63.23 43.22 -29.09
C CYS A 584 -61.88 43.67 -29.59
N GLN A 585 -61.87 44.23 -30.81
CA GLN A 585 -60.70 44.52 -31.64
C GLN A 585 -59.92 43.25 -32.00
N VAL A 586 -60.58 42.34 -32.70
CA VAL A 586 -59.93 41.18 -33.30
C VAL A 586 -59.79 41.30 -34.80
N SER A 587 -60.46 42.26 -35.43
CA SER A 587 -60.57 42.28 -36.87
C SER A 587 -59.24 42.73 -37.50
N GLY A 588 -59.20 42.64 -38.83
CA GLY A 588 -58.06 43.19 -39.55
C GLY A 588 -58.09 44.68 -39.67
N TRP A 589 -59.28 45.29 -39.51
CA TRP A 589 -59.37 46.74 -39.50
C TRP A 589 -58.73 47.31 -38.25
N ASP A 590 -58.93 46.63 -37.12
CA ASP A 590 -58.49 47.12 -35.83
C ASP A 590 -56.98 47.08 -35.66
N HIS A 591 -56.29 46.24 -36.41
CA HIS A 591 -54.83 46.26 -36.38
C HIS A 591 -54.28 47.39 -37.23
N VAL A 592 -55.04 47.85 -38.22
CA VAL A 592 -54.69 49.08 -38.90
C VAL A 592 -54.93 50.26 -37.97
N PHE A 593 -55.97 50.16 -37.14
CA PHE A 593 -56.29 51.20 -36.17
C PHE A 593 -55.21 51.36 -35.13
N LEU A 594 -54.70 50.25 -34.60
CA LEU A 594 -53.66 50.31 -33.58
C LEU A 594 -52.30 50.68 -34.15
N GLY A 595 -52.06 50.40 -35.43
CA GLY A 595 -50.78 50.74 -36.03
C GLY A 595 -50.64 52.20 -36.38
N LEU A 596 -51.76 52.92 -36.53
CA LEU A 596 -51.71 54.34 -36.81
C LEU A 596 -51.16 55.13 -35.64
N PHE A 597 -51.32 54.63 -34.42
CA PHE A 597 -50.75 55.29 -33.27
C PHE A 597 -49.25 55.09 -33.21
N TRP A 598 -48.78 53.88 -33.50
CA TRP A 598 -47.36 53.60 -33.46
C TRP A 598 -46.63 54.23 -34.63
N MET A 599 -47.29 54.29 -35.80
CA MET A 599 -46.78 55.12 -36.89
C MET A 599 -46.65 56.56 -36.45
N TYR A 600 -47.66 57.08 -35.75
CA TYR A 600 -47.55 58.41 -35.17
C TYR A 600 -46.45 58.47 -34.13
N ASN A 601 -46.28 57.40 -33.36
CA ASN A 601 -45.24 57.37 -32.34
C ASN A 601 -43.86 57.28 -32.97
N SER A 602 -43.71 56.46 -34.01
CA SER A 602 -42.40 56.25 -34.61
C SER A 602 -41.95 57.48 -35.39
N LEU A 603 -42.83 58.04 -36.21
CA LEU A 603 -42.43 59.15 -37.05
C LEU A 603 -42.25 60.43 -36.27
N SER A 604 -42.84 60.54 -35.09
CA SER A 604 -42.67 61.75 -34.30
C SER A 604 -41.29 61.83 -33.69
N ILE A 605 -40.61 60.69 -33.55
CA ILE A 605 -39.29 60.71 -32.96
C ILE A 605 -38.25 60.90 -34.06
N VAL A 606 -38.54 60.40 -35.26
CA VAL A 606 -37.68 60.62 -36.41
C VAL A 606 -37.59 62.11 -36.73
N ILE A 607 -38.72 62.80 -36.67
CA ILE A 607 -38.72 64.25 -36.90
C ILE A 607 -38.27 65.02 -35.68
N PHE A 608 -38.19 64.40 -34.50
CA PHE A 608 -37.57 65.04 -33.35
C PHE A 608 -36.08 64.79 -33.28
N HIS A 609 -35.64 63.60 -33.71
CA HIS A 609 -34.22 63.35 -33.90
C HIS A 609 -33.65 64.30 -34.93
N PHE A 610 -34.38 64.52 -36.02
CA PHE A 610 -33.91 65.41 -37.08
C PHE A 610 -33.84 66.85 -36.60
N SER A 611 -34.92 67.34 -36.00
CA SER A 611 -35.03 68.76 -35.69
C SER A 611 -34.13 69.22 -34.56
N TRP A 612 -33.46 68.29 -33.87
CA TRP A 612 -32.57 68.69 -32.80
C TRP A 612 -31.13 68.22 -33.00
N LYS A 613 -30.91 67.18 -33.80
CA LYS A 613 -29.54 66.88 -34.21
C LYS A 613 -29.02 67.90 -35.19
N MET A 614 -29.88 68.35 -36.11
CA MET A 614 -29.44 69.31 -37.12
C MET A 614 -29.22 70.67 -36.53
N GLN A 615 -29.99 71.04 -35.50
CA GLN A 615 -29.80 72.34 -34.87
C GLN A 615 -28.61 72.35 -33.93
N SER A 616 -28.31 71.22 -33.30
CA SER A 616 -27.23 71.17 -32.32
C SER A 616 -25.89 70.83 -32.95
N ASP A 617 -25.88 70.09 -34.04
CA ASP A 617 -24.65 69.57 -34.58
C ASP A 617 -24.43 69.85 -36.05
N VAL A 618 -25.36 70.48 -36.76
CA VAL A 618 -25.15 70.82 -38.16
C VAL A 618 -25.33 72.31 -38.41
N TRP A 619 -26.52 72.82 -38.16
CA TRP A 619 -26.90 74.16 -38.58
C TRP A 619 -26.30 75.20 -37.66
N GLY A 620 -26.11 76.40 -38.19
CA GLY A 620 -25.53 77.48 -37.42
C GLY A 620 -24.86 78.49 -38.34
N THR A 621 -24.10 79.38 -37.73
CA THR A 621 -23.43 80.47 -38.42
C THR A 621 -21.92 80.30 -38.34
N VAL A 622 -21.25 80.44 -39.47
CA VAL A 622 -19.79 80.35 -39.53
C VAL A 622 -19.21 81.75 -39.36
N ASP A 623 -18.21 81.88 -38.49
CA ASP A 623 -17.51 83.14 -38.31
C ASP A 623 -16.45 83.33 -39.39
N ALA A 624 -15.56 84.30 -39.20
CA ALA A 624 -14.54 84.59 -40.20
C ALA A 624 -13.48 83.50 -40.25
N ALA A 625 -13.04 83.01 -39.09
CA ALA A 625 -11.96 82.02 -39.03
C ALA A 625 -12.44 80.60 -39.26
N GLY A 626 -13.72 80.39 -39.55
CA GLY A 626 -14.25 79.06 -39.75
C GLY A 626 -14.85 78.42 -38.53
N ASN A 627 -15.01 79.17 -37.43
CA ASN A 627 -15.66 78.63 -36.25
C ASN A 627 -17.17 78.53 -36.47
N VAL A 628 -17.73 77.37 -36.22
CA VAL A 628 -19.14 77.10 -36.50
C VAL A 628 -19.91 77.24 -35.19
N SER A 629 -20.72 78.28 -35.10
CA SER A 629 -21.53 78.56 -33.93
C SER A 629 -22.94 78.04 -34.20
N HIS A 630 -23.30 76.93 -33.55
CA HIS A 630 -24.55 76.24 -33.83
C HIS A 630 -25.74 76.99 -33.25
N ILE A 631 -26.94 76.48 -33.52
CA ILE A 631 -28.16 77.13 -33.06
C ILE A 631 -28.33 76.93 -31.56
N THR A 632 -28.37 75.67 -31.12
CA THR A 632 -28.60 75.37 -29.72
C THR A 632 -27.31 75.19 -28.94
N GLY A 633 -26.18 75.63 -29.48
CA GLY A 633 -24.94 75.61 -28.75
C GLY A 633 -24.27 74.26 -28.61
N GLY A 634 -24.78 73.24 -29.28
CA GLY A 634 -24.19 71.91 -29.17
C GLY A 634 -24.53 71.21 -27.87
N ASN A 635 -25.80 70.88 -27.66
CA ASN A 635 -26.22 70.21 -26.43
C ASN A 635 -26.97 68.91 -26.67
N PHE A 636 -26.91 68.36 -27.88
CA PHE A 636 -27.51 67.05 -28.13
C PHE A 636 -26.74 65.93 -27.47
N ALA A 637 -25.46 66.15 -27.15
CA ALA A 637 -24.59 65.06 -26.72
C ALA A 637 -24.93 64.61 -25.30
N GLN A 638 -25.08 65.56 -24.38
CA GLN A 638 -25.28 65.25 -22.98
C GLN A 638 -26.70 65.45 -22.52
N SER A 639 -27.64 65.70 -23.43
CA SER A 639 -29.03 65.90 -23.05
C SER A 639 -30.01 64.98 -23.78
N ALA A 640 -29.65 64.42 -24.93
CA ALA A 640 -30.50 63.46 -25.62
C ALA A 640 -30.31 62.04 -25.12
N ILE A 641 -29.78 61.88 -23.91
CA ILE A 641 -29.65 60.58 -23.28
C ILE A 641 -30.57 60.42 -22.09
N THR A 642 -31.26 61.48 -21.66
CA THR A 642 -32.22 61.45 -20.57
C THR A 642 -33.55 62.00 -21.06
N ILE A 643 -34.64 61.45 -20.51
CA ILE A 643 -35.98 61.92 -20.87
C ILE A 643 -36.25 63.30 -20.26
N ASN A 644 -35.57 63.65 -19.17
CA ASN A 644 -35.58 65.03 -18.70
C ASN A 644 -34.95 65.95 -19.72
N GLY A 645 -33.89 65.49 -20.40
CA GLY A 645 -33.24 66.34 -21.37
C GLY A 645 -34.04 66.53 -22.64
N TRP A 646 -34.84 65.54 -23.01
CA TRP A 646 -35.75 65.72 -24.13
C TRP A 646 -36.91 66.62 -23.78
N LEU A 647 -37.20 66.77 -22.49
CA LEU A 647 -38.32 67.60 -22.09
C LEU A 647 -37.87 69.04 -21.84
N ARG A 648 -36.69 69.20 -21.26
CA ARG A 648 -36.17 70.50 -20.89
C ARG A 648 -35.65 71.25 -22.11
N ASP A 649 -34.72 70.64 -22.81
CA ASP A 649 -33.96 71.32 -23.85
C ASP A 649 -34.58 71.21 -25.22
N PHE A 650 -35.63 70.41 -25.38
CA PHE A 650 -36.30 70.34 -26.67
C PHE A 650 -37.74 70.82 -26.61
N LEU A 651 -38.59 70.25 -25.76
CA LEU A 651 -39.99 70.66 -25.78
C LEU A 651 -40.21 71.96 -25.02
N TRP A 652 -39.53 72.14 -23.89
CA TRP A 652 -39.73 73.35 -23.11
C TRP A 652 -38.95 74.53 -23.70
N ALA A 653 -37.70 74.30 -24.09
CA ALA A 653 -36.83 75.41 -24.46
C ALA A 653 -37.12 75.93 -25.85
N GLN A 654 -37.56 75.07 -26.76
CA GLN A 654 -37.82 75.50 -28.12
C GLN A 654 -39.24 75.99 -28.32
N ALA A 655 -40.10 75.87 -27.32
CA ALA A 655 -41.45 76.40 -27.43
C ALA A 655 -41.55 77.84 -26.97
N SER A 656 -40.42 78.48 -26.66
CA SER A 656 -40.42 79.88 -26.27
C SER A 656 -40.64 80.83 -27.42
N GLN A 657 -40.65 80.34 -28.66
CA GLN A 657 -41.00 81.17 -29.81
C GLN A 657 -42.42 80.96 -30.29
N VAL A 658 -43.07 79.86 -29.90
CA VAL A 658 -44.41 79.60 -30.40
C VAL A 658 -45.49 80.16 -29.46
N ILE A 659 -45.23 80.22 -28.16
CA ILE A 659 -46.23 80.74 -27.24
C ILE A 659 -46.02 82.20 -26.92
N ASN A 660 -44.85 82.76 -27.19
CA ASN A 660 -44.61 84.18 -27.04
C ASN A 660 -44.95 84.95 -28.31
N SER A 661 -45.58 84.28 -29.27
CA SER A 661 -45.88 84.89 -30.57
C SER A 661 -47.32 85.37 -30.64
N TYR A 662 -47.65 86.35 -29.80
CA TYR A 662 -48.88 87.12 -29.97
C TYR A 662 -48.52 88.57 -30.26
N GLY A 663 -49.34 89.20 -31.09
CA GLY A 663 -49.06 90.55 -31.51
C GLY A 663 -48.01 90.66 -32.60
N SER A 664 -47.65 89.54 -33.23
CA SER A 664 -46.65 89.51 -34.28
C SER A 664 -47.16 88.63 -35.40
N ALA A 665 -46.33 88.47 -36.43
CA ALA A 665 -46.72 87.75 -37.63
C ALA A 665 -46.83 86.25 -37.43
N LEU A 666 -46.24 85.70 -36.36
CA LEU A 666 -46.33 84.29 -36.03
C LEU A 666 -47.51 83.99 -35.12
N SER A 667 -48.56 84.81 -35.17
CA SER A 667 -49.69 84.66 -34.27
C SER A 667 -50.52 83.44 -34.60
N ALA A 668 -50.60 83.07 -35.88
CA ALA A 668 -51.39 81.92 -36.28
C ALA A 668 -50.77 80.62 -35.80
N TYR A 669 -49.44 80.56 -35.73
CA TYR A 669 -48.80 79.38 -35.18
C TYR A 669 -48.98 79.32 -33.67
N GLY A 670 -49.17 80.46 -33.01
CA GLY A 670 -49.58 80.43 -31.62
C GLY A 670 -50.99 79.92 -31.45
N LEU A 671 -51.88 80.22 -32.41
CA LEU A 671 -53.24 79.75 -32.30
C LEU A 671 -53.39 78.31 -32.75
N MET A 672 -52.60 77.87 -33.72
CA MET A 672 -52.65 76.47 -34.12
C MET A 672 -51.91 75.57 -33.15
N PHE A 673 -51.04 76.12 -32.31
CA PHE A 673 -50.41 75.31 -31.28
C PHE A 673 -51.40 74.97 -30.19
N LEU A 674 -52.15 75.96 -29.72
CA LEU A 674 -53.19 75.69 -28.74
C LEU A 674 -54.38 74.98 -29.36
N GLY A 675 -54.77 75.36 -30.57
CA GLY A 675 -55.90 74.75 -31.22
C GLY A 675 -55.72 73.30 -31.56
N ALA A 676 -54.48 72.84 -31.71
CA ALA A 676 -54.22 71.43 -31.97
C ALA A 676 -54.05 70.61 -30.70
N HIS A 677 -53.62 71.23 -29.60
CA HIS A 677 -53.74 70.61 -28.28
C HIS A 677 -55.20 70.33 -27.94
N PHE A 678 -56.13 71.14 -28.44
CA PHE A 678 -57.54 70.92 -28.18
C PHE A 678 -58.05 69.68 -28.91
N VAL A 679 -57.83 69.62 -30.22
CA VAL A 679 -58.40 68.56 -31.06
C VAL A 679 -57.81 67.20 -30.71
N TRP A 680 -56.56 67.19 -30.26
CA TRP A 680 -55.95 65.98 -29.72
C TRP A 680 -56.71 65.48 -28.50
N ALA A 681 -56.89 66.36 -27.52
CA ALA A 681 -57.64 66.05 -26.31
C ALA A 681 -59.10 65.74 -26.58
N PHE A 682 -59.66 66.31 -27.64
CA PHE A 682 -61.05 66.03 -27.99
C PHE A 682 -61.24 64.61 -28.48
N SER A 683 -60.21 64.03 -29.10
CA SER A 683 -60.29 62.69 -29.67
C SER A 683 -60.43 61.61 -28.62
N LEU A 684 -60.03 61.90 -27.38
CA LEU A 684 -60.07 60.89 -26.33
C LEU A 684 -61.48 60.57 -25.89
N MET A 685 -62.45 61.45 -26.19
CA MET A 685 -63.84 61.18 -25.87
C MET A 685 -64.38 60.03 -26.70
N PHE A 686 -63.85 59.85 -27.90
CA PHE A 686 -64.26 58.77 -28.77
C PHE A 686 -63.50 57.49 -28.50
N LEU A 687 -62.22 57.61 -28.14
CA LEU A 687 -61.39 56.44 -27.92
C LEU A 687 -61.71 55.75 -26.61
N PHE A 688 -61.86 56.52 -25.53
CA PHE A 688 -62.01 55.91 -24.21
C PHE A 688 -63.42 55.38 -24.00
N SER A 689 -64.42 56.17 -24.34
CA SER A 689 -65.80 55.79 -24.12
C SER A 689 -66.23 54.76 -25.14
N GLY A 690 -67.45 54.24 -24.94
CA GLY A 690 -68.01 53.23 -25.81
C GLY A 690 -69.29 53.74 -26.45
N ARG A 691 -69.78 52.96 -27.40
CA ARG A 691 -70.99 53.35 -28.13
C ARG A 691 -72.22 53.25 -27.25
N GLY A 692 -72.32 52.21 -26.43
CA GLY A 692 -73.54 51.94 -25.71
C GLY A 692 -73.86 52.93 -24.62
N TYR A 693 -72.90 53.73 -24.19
CA TYR A 693 -73.23 54.88 -23.33
C TYR A 693 -73.99 55.92 -24.12
N TRP A 694 -73.46 56.31 -25.27
CA TRP A 694 -73.97 57.44 -26.01
C TRP A 694 -75.30 57.17 -26.67
N GLN A 695 -75.64 55.92 -26.93
CA GLN A 695 -76.98 55.62 -27.42
C GLN A 695 -78.01 55.82 -26.33
N GLU A 696 -77.66 55.52 -25.08
CA GLU A 696 -78.57 55.72 -23.97
C GLU A 696 -78.82 57.20 -23.70
N LEU A 697 -77.80 58.03 -23.92
CA LEU A 697 -77.93 59.47 -23.68
C LEU A 697 -78.81 60.13 -24.72
N ILE A 698 -78.75 59.67 -25.97
CA ILE A 698 -79.58 60.24 -27.02
C ILE A 698 -81.04 59.91 -26.77
N GLU A 699 -81.33 58.77 -26.14
CA GLU A 699 -82.70 58.39 -25.81
C GLU A 699 -83.35 59.36 -24.83
N SER A 700 -82.55 60.05 -24.03
CA SER A 700 -83.05 61.06 -23.13
C SER A 700 -83.08 62.45 -23.75
N ILE A 701 -82.61 62.58 -24.99
CA ILE A 701 -82.58 63.86 -25.68
C ILE A 701 -83.60 63.79 -26.81
N VAL A 702 -83.83 62.59 -27.33
CA VAL A 702 -84.94 62.36 -28.24
C VAL A 702 -86.27 62.54 -27.52
N TRP A 703 -86.31 62.24 -26.21
CA TRP A 703 -87.52 62.47 -25.41
C TRP A 703 -87.89 63.94 -25.36
N ALA A 704 -86.92 64.80 -25.02
CA ALA A 704 -87.17 66.24 -25.01
C ALA A 704 -87.38 66.79 -26.41
N HIS A 705 -86.90 66.09 -27.43
CA HIS A 705 -87.26 66.39 -28.81
C HIS A 705 -88.60 65.75 -29.21
N ASN A 706 -89.04 64.69 -28.55
CA ASN A 706 -90.38 64.16 -28.79
C ASN A 706 -91.45 64.99 -28.11
N LYS A 707 -91.11 65.64 -27.00
CA LYS A 707 -92.10 66.34 -26.20
C LYS A 707 -92.61 67.59 -26.91
N LEU A 708 -91.70 68.40 -27.44
CA LEU A 708 -92.06 69.64 -28.11
C LEU A 708 -92.35 69.44 -29.59
N LYS A 709 -92.52 68.19 -30.03
CA LYS A 709 -92.85 67.83 -31.42
C LYS A 709 -91.80 68.31 -32.43
N VAL A 710 -90.53 68.11 -32.09
CA VAL A 710 -89.44 68.31 -33.03
C VAL A 710 -88.75 66.98 -33.28
N ALA A 711 -89.53 65.90 -33.25
CA ALA A 711 -89.00 64.57 -33.46
C ALA A 711 -88.55 64.38 -34.90
N PRO A 712 -87.28 64.08 -35.14
CA PRO A 712 -86.81 63.87 -36.52
C PRO A 712 -87.27 62.54 -37.07
N ALA A 713 -87.60 62.54 -38.36
CA ALA A 713 -88.06 61.32 -39.00
C ALA A 713 -86.92 60.33 -39.20
N ILE A 714 -85.74 60.85 -39.52
CA ILE A 714 -84.52 60.04 -39.52
C ILE A 714 -84.03 59.94 -38.08
N GLN A 715 -84.06 58.74 -37.53
CA GLN A 715 -83.80 58.56 -36.10
C GLN A 715 -82.34 58.79 -35.78
N PRO A 716 -82.04 59.49 -34.69
CA PRO A 716 -80.64 59.64 -34.29
C PRO A 716 -80.10 58.35 -33.71
N ARG A 717 -78.87 58.03 -34.08
CA ARG A 717 -78.14 56.91 -33.50
C ARG A 717 -76.77 57.41 -33.12
N ALA A 718 -76.16 56.76 -32.13
CA ALA A 718 -74.77 57.00 -31.86
C ALA A 718 -73.91 56.46 -33.00
N LEU A 719 -72.69 56.98 -33.10
CA LEU A 719 -71.73 56.47 -34.07
C LEU A 719 -71.43 55.01 -33.77
N SER A 720 -71.22 54.21 -34.81
CA SER A 720 -71.01 52.78 -34.63
C SER A 720 -69.67 52.51 -33.95
N ILE A 721 -69.44 51.25 -33.60
CA ILE A 721 -68.26 50.90 -32.81
C ILE A 721 -67.00 51.12 -33.62
N THR A 722 -67.03 50.76 -34.90
CA THR A 722 -65.88 50.98 -35.76
C THR A 722 -65.71 52.46 -36.08
N GLN A 723 -66.81 53.18 -36.23
CA GLN A 723 -66.70 54.60 -36.57
C GLN A 723 -66.22 55.42 -35.38
N GLY A 724 -66.64 55.05 -34.17
CA GLY A 724 -66.18 55.75 -32.99
C GLY A 724 -64.70 55.59 -32.74
N ARG A 725 -64.13 54.47 -33.19
CA ARG A 725 -62.68 54.31 -33.21
C ARG A 725 -62.06 55.14 -34.32
N ALA A 726 -62.72 55.21 -35.48
CA ALA A 726 -62.17 55.92 -36.64
C ALA A 726 -62.19 57.43 -36.44
N VAL A 727 -63.26 57.95 -35.82
CA VAL A 727 -63.31 59.37 -35.47
C VAL A 727 -62.27 59.67 -34.41
N GLY A 728 -62.02 58.74 -33.50
CA GLY A 728 -61.10 58.99 -32.42
C GLY A 728 -59.64 58.89 -32.81
N VAL A 729 -59.34 58.36 -33.98
CA VAL A 729 -57.96 58.29 -34.43
C VAL A 729 -57.72 59.38 -35.47
N ALA A 730 -58.77 59.78 -36.18
CA ALA A 730 -58.62 60.86 -37.13
C ALA A 730 -58.48 62.20 -36.41
N HIS A 731 -59.26 62.42 -35.36
CA HIS A 731 -59.08 63.61 -34.54
C HIS A 731 -57.82 63.52 -33.68
N TYR A 732 -57.28 62.31 -33.48
CA TYR A 732 -56.05 62.15 -32.71
C TYR A 732 -54.83 62.51 -33.55
N LEU A 733 -54.78 61.97 -34.77
CA LEU A 733 -53.66 62.23 -35.67
C LEU A 733 -53.69 63.65 -36.18
N LEU A 734 -54.87 64.26 -36.28
CA LEU A 734 -54.94 65.62 -36.76
C LEU A 734 -54.38 66.59 -35.74
N GLY A 735 -54.77 66.44 -34.47
CA GLY A 735 -54.30 67.38 -33.46
C GLY A 735 -52.91 67.12 -32.99
N GLY A 736 -52.38 65.93 -33.22
CA GLY A 736 -51.04 65.62 -32.75
C GLY A 736 -49.99 66.08 -33.73
N ILE A 737 -50.30 65.97 -35.02
CA ILE A 737 -49.39 66.43 -36.07
C ILE A 737 -49.44 67.94 -36.19
N ALA A 738 -50.64 68.53 -36.12
CA ALA A 738 -50.77 69.98 -36.21
C ALA A 738 -50.17 70.71 -35.03
N THR A 739 -50.01 70.04 -33.89
CA THR A 739 -49.21 70.60 -32.82
C THR A 739 -47.77 70.76 -33.25
N THR A 740 -47.22 69.73 -33.90
CA THR A 740 -45.84 69.72 -34.34
C THR A 740 -45.64 70.61 -35.56
N TRP A 741 -46.65 70.66 -36.44
CA TRP A 741 -46.65 71.57 -37.58
C TRP A 741 -46.50 73.01 -37.13
N ALA A 742 -47.26 73.42 -36.13
CA ALA A 742 -47.21 74.77 -35.60
C ALA A 742 -46.04 74.99 -34.65
N PHE A 743 -45.40 73.93 -34.18
CA PHE A 743 -44.23 74.06 -33.34
C PHE A 743 -42.94 74.14 -34.14
N PHE A 744 -42.84 73.38 -35.22
CA PHE A 744 -41.65 73.44 -36.06
C PHE A 744 -41.56 74.77 -36.79
N HIS A 745 -42.69 75.30 -37.25
CA HIS A 745 -42.66 76.54 -38.02
C HIS A 745 -42.27 77.73 -37.17
N ALA A 746 -42.98 77.96 -36.07
CA ALA A 746 -42.73 79.14 -35.25
C ALA A 746 -41.38 79.10 -34.55
N HIS A 747 -40.77 77.93 -34.43
CA HIS A 747 -39.41 77.88 -33.91
C HIS A 747 -38.39 78.19 -35.00
N ILE A 748 -38.62 77.69 -36.22
CA ILE A 748 -37.60 77.78 -37.26
C ILE A 748 -37.82 78.96 -38.19
N LEU A 749 -39.00 79.59 -38.15
CA LEU A 749 -39.18 80.87 -38.81
C LEU A 749 -38.72 82.03 -37.92
N SER A 750 -38.13 81.75 -36.77
CA SER A 750 -37.60 82.75 -35.87
C SER A 750 -36.09 82.66 -35.70
N VAL A 751 -35.53 81.46 -35.58
CA VAL A 751 -34.09 81.30 -35.41
C VAL A 751 -33.36 81.09 -36.73
N GLY A 752 -34.07 80.81 -37.80
CA GLY A 752 -33.45 80.65 -39.10
C GLY A 752 -33.11 81.99 -39.73
N ALA B 2 -59.52 24.18 -9.78
CA ALA B 2 -60.13 23.35 -8.75
C ALA B 2 -59.52 23.63 -7.39
N THR B 3 -58.86 24.78 -7.26
CA THR B 3 -58.20 25.15 -6.02
C THR B 3 -59.23 25.64 -5.00
N LYS B 4 -58.76 25.88 -3.79
CA LYS B 4 -59.62 26.41 -2.73
C LYS B 4 -59.46 27.91 -2.54
N PHE B 5 -58.71 28.57 -3.41
CA PHE B 5 -58.65 30.02 -3.43
C PHE B 5 -59.40 30.53 -4.65
N PRO B 6 -60.22 31.59 -4.55
CA PRO B 6 -60.60 32.35 -3.35
C PRO B 6 -61.65 31.60 -2.54
N LYS B 7 -61.57 31.77 -1.22
CA LYS B 7 -62.45 31.04 -0.31
C LYS B 7 -63.89 31.47 -0.45
N PHE B 8 -64.11 32.74 -0.77
CA PHE B 8 -65.44 33.33 -0.78
C PHE B 8 -66.23 33.05 -2.05
N SER B 9 -65.72 32.25 -2.97
CA SER B 9 -66.42 32.02 -4.24
C SER B 9 -66.02 30.66 -4.77
N GLN B 10 -67.01 29.81 -5.05
CA GLN B 10 -66.72 28.56 -5.74
C GLN B 10 -66.71 28.73 -7.25
N ASP B 11 -67.34 29.78 -7.76
CA ASP B 11 -67.33 30.02 -9.19
C ASP B 11 -65.99 30.60 -9.66
N LEU B 12 -65.33 31.38 -8.81
CA LEU B 12 -63.99 31.85 -9.16
C LEU B 12 -62.92 30.80 -8.88
N ALA B 13 -63.09 29.99 -7.84
CA ALA B 13 -62.06 29.01 -7.50
C ALA B 13 -62.00 27.84 -8.47
N GLN B 14 -62.98 27.71 -9.36
CA GLN B 14 -63.00 26.69 -10.40
C GLN B 14 -62.65 27.29 -11.76
N ASP B 15 -61.74 28.26 -11.78
CA ASP B 15 -61.33 28.95 -12.99
C ASP B 15 -59.90 28.54 -13.31
N PRO B 16 -59.63 27.91 -14.44
CA PRO B 16 -58.27 27.46 -14.74
C PRO B 16 -57.32 28.56 -15.16
N THR B 17 -57.82 29.75 -15.45
CA THR B 17 -57.01 30.80 -16.05
C THR B 17 -56.45 31.71 -14.97
N THR B 18 -55.83 32.81 -15.40
CA THR B 18 -55.33 33.81 -14.46
C THR B 18 -56.40 34.82 -14.08
N ARG B 19 -57.61 34.69 -14.62
CA ARG B 19 -58.76 35.46 -14.16
C ARG B 19 -59.11 35.16 -12.72
N ARG B 20 -58.80 33.94 -12.25
CA ARG B 20 -58.99 33.55 -10.85
C ARG B 20 -58.22 34.48 -9.92
N ILE B 21 -57.03 34.90 -10.32
CA ILE B 21 -56.18 35.69 -9.44
C ILE B 21 -56.68 37.12 -9.35
N TRP B 22 -57.06 37.70 -10.49
CA TRP B 22 -57.39 39.12 -10.49
C TRP B 22 -58.75 39.41 -9.90
N TYR B 23 -59.72 38.53 -10.13
CA TYR B 23 -61.05 38.76 -9.57
C TYR B 23 -61.14 38.41 -8.10
N ALA B 24 -60.13 37.78 -7.52
CA ALA B 24 -60.11 37.64 -6.07
C ALA B 24 -59.86 38.99 -5.40
N MET B 25 -59.04 39.82 -6.02
CA MET B 25 -58.66 41.10 -5.42
C MET B 25 -59.80 42.09 -5.43
N ALA B 26 -60.55 42.15 -6.52
CA ALA B 26 -61.62 43.13 -6.66
C ALA B 26 -62.97 42.59 -6.24
N MET B 27 -63.02 41.42 -5.61
CA MET B 27 -64.23 40.92 -4.99
C MET B 27 -63.97 40.52 -3.54
N GLY B 28 -62.79 40.83 -3.02
CA GLY B 28 -62.44 40.36 -1.69
C GLY B 28 -63.15 41.13 -0.60
N ASN B 29 -63.13 42.46 -0.68
CA ASN B 29 -63.79 43.27 0.32
C ASN B 29 -65.27 43.49 0.02
N ASP B 30 -65.75 43.02 -1.12
CA ASP B 30 -67.17 43.04 -1.46
C ASP B 30 -67.83 41.93 -0.66
N PHE B 31 -68.27 42.26 0.55
CA PHE B 31 -68.78 41.24 1.46
C PHE B 31 -70.15 40.72 1.03
N GLU B 32 -70.87 41.46 0.18
CA GLU B 32 -72.24 41.12 -0.12
C GLU B 32 -72.36 40.07 -1.21
N SER B 33 -71.29 39.82 -1.96
CA SER B 33 -71.29 38.84 -3.02
C SER B 33 -70.53 37.58 -2.65
N HIS B 34 -70.18 37.41 -1.38
CA HIS B 34 -69.48 36.21 -0.96
C HIS B 34 -70.44 35.03 -0.91
N ASP B 35 -69.87 33.84 -0.87
CA ASP B 35 -70.64 32.61 -0.92
C ASP B 35 -71.27 32.36 0.45
N GLY B 36 -72.60 32.19 0.46
CA GLY B 36 -73.30 31.86 1.68
C GLY B 36 -73.43 32.99 2.69
N MET B 37 -73.14 34.22 2.30
CA MET B 37 -73.23 35.36 3.21
C MET B 37 -74.69 35.67 3.47
N THR B 38 -75.11 35.54 4.73
CA THR B 38 -76.47 35.84 5.12
C THR B 38 -76.56 37.31 5.50
N GLU B 39 -77.70 37.73 6.04
CA GLU B 39 -77.90 39.15 6.31
C GLU B 39 -77.25 39.57 7.62
N GLU B 40 -77.46 38.80 8.69
CA GLU B 40 -76.89 39.20 9.97
C GLU B 40 -75.41 38.92 10.04
N ASN B 41 -74.92 37.96 9.27
CA ASN B 41 -73.49 37.73 9.19
C ASN B 41 -72.79 38.83 8.40
N LEU B 42 -73.53 39.51 7.52
CA LEU B 42 -72.97 40.64 6.79
C LEU B 42 -72.62 41.79 7.72
N TYR B 43 -73.60 42.26 8.51
CA TYR B 43 -73.41 43.41 9.39
C TYR B 43 -72.37 43.15 10.46
N GLN B 44 -72.33 41.94 10.99
CA GLN B 44 -71.37 41.58 12.04
C GLN B 44 -69.95 41.54 11.53
N LYS B 45 -69.77 41.37 10.23
CA LYS B 45 -68.45 41.35 9.61
C LYS B 45 -68.01 42.74 9.18
N ILE B 46 -68.95 43.57 8.76
CA ILE B 46 -68.65 44.95 8.39
C ILE B 46 -68.31 45.76 9.63
N PHE B 47 -68.99 45.48 10.74
CA PHE B 47 -68.79 46.23 11.98
C PHE B 47 -67.41 45.98 12.55
N ALA B 48 -66.93 44.74 12.49
CA ALA B 48 -65.60 44.44 12.98
C ALA B 48 -64.52 44.85 11.99
N THR B 49 -64.84 44.88 10.69
CA THR B 49 -63.94 45.44 9.70
C THR B 49 -63.76 46.93 9.91
N HIS B 50 -64.83 47.62 10.33
CA HIS B 50 -64.75 49.04 10.60
C HIS B 50 -63.88 49.35 11.81
N PHE B 51 -63.61 48.38 12.68
CA PHE B 51 -62.55 48.53 13.67
C PHE B 51 -61.16 48.37 13.07
N GLY B 52 -61.06 47.68 11.94
CA GLY B 52 -59.79 47.51 11.28
C GLY B 52 -59.35 48.76 10.55
N HIS B 53 -60.27 49.42 9.83
CA HIS B 53 -59.90 50.66 9.16
C HIS B 53 -59.72 51.78 10.16
N LEU B 54 -60.39 51.69 11.31
CA LEU B 54 -60.26 52.74 12.31
C LEU B 54 -58.89 52.68 12.97
N ALA B 55 -58.36 51.48 13.14
CA ALA B 55 -57.06 51.33 13.79
C ALA B 55 -55.90 51.53 12.84
N ILE B 56 -56.13 51.49 11.53
CA ILE B 56 -55.12 51.94 10.59
C ILE B 56 -54.90 53.43 10.73
N ILE B 57 -55.97 54.18 10.98
CA ILE B 57 -55.91 55.64 11.05
C ILE B 57 -55.09 56.08 12.26
N PHE B 58 -55.24 55.41 13.40
CA PHE B 58 -54.45 55.79 14.57
C PHE B 58 -53.02 55.30 14.47
N LEU B 59 -52.78 54.16 13.81
CA LEU B 59 -51.41 53.76 13.54
C LEU B 59 -50.76 54.66 12.51
N TRP B 60 -51.54 55.19 11.57
CA TRP B 60 -51.01 56.17 10.63
C TRP B 60 -50.64 57.47 11.33
N ALA B 61 -51.54 57.97 12.19
CA ALA B 61 -51.29 59.26 12.83
C ALA B 61 -50.22 59.17 13.90
N SER B 62 -49.90 57.95 14.35
CA SER B 62 -48.82 57.83 15.32
C SER B 62 -47.46 57.88 14.64
N SER B 63 -47.37 57.42 13.40
CA SER B 63 -46.12 57.55 12.68
C SER B 63 -45.83 58.99 12.27
N LEU B 64 -46.87 59.82 12.17
CA LEU B 64 -46.62 61.24 11.98
C LEU B 64 -45.97 61.85 13.21
N LEU B 65 -46.36 61.39 14.39
CA LEU B 65 -45.81 61.89 15.63
C LEU B 65 -44.41 61.34 15.88
N PHE B 66 -44.20 60.06 15.60
CA PHE B 66 -42.94 59.44 15.94
C PHE B 66 -41.82 59.82 14.98
N HIS B 67 -42.12 59.91 13.69
CA HIS B 67 -41.10 60.28 12.72
C HIS B 67 -40.73 61.76 12.79
N VAL B 68 -41.56 62.59 13.41
CA VAL B 68 -41.22 63.98 13.66
C VAL B 68 -40.44 64.15 14.95
N ALA B 69 -40.82 63.39 15.98
CA ALA B 69 -40.13 63.47 17.27
C ALA B 69 -38.72 62.92 17.19
N TRP B 70 -38.50 61.94 16.32
CA TRP B 70 -37.22 61.25 16.26
C TRP B 70 -36.34 61.72 15.12
N GLN B 71 -36.91 62.21 14.03
CA GLN B 71 -36.14 62.59 12.86
C GLN B 71 -36.36 64.02 12.42
N GLY B 72 -37.35 64.74 12.96
CA GLY B 72 -37.62 66.09 12.55
C GLY B 72 -37.02 67.11 13.50
N ASN B 73 -37.27 68.38 13.20
CA ASN B 73 -36.66 69.48 13.94
C ASN B 73 -37.73 70.34 14.60
N PHE B 74 -38.66 69.71 15.31
CA PHE B 74 -39.80 70.44 15.89
C PHE B 74 -39.34 71.45 16.92
N GLU B 75 -38.43 71.06 17.82
CA GLU B 75 -37.95 71.98 18.84
C GLU B 75 -37.10 73.10 18.26
N GLN B 76 -36.49 72.89 17.10
CA GLN B 76 -35.79 73.95 16.41
C GLN B 76 -36.73 74.80 15.58
N TRP B 77 -37.93 74.31 15.31
CA TRP B 77 -38.94 75.04 14.57
C TRP B 77 -39.74 75.97 15.46
N ILE B 78 -39.75 75.73 16.77
CA ILE B 78 -40.45 76.60 17.72
C ILE B 78 -39.82 77.98 17.75
N LYS B 79 -38.49 78.04 17.61
CA LYS B 79 -37.75 79.28 17.80
C LYS B 79 -38.06 80.29 16.71
N ASP B 80 -38.28 79.82 15.49
CA ASP B 80 -38.57 80.72 14.39
C ASP B 80 -39.37 80.01 13.31
N PRO B 81 -40.70 79.95 13.42
CA PRO B 81 -41.49 79.18 12.44
C PRO B 81 -41.59 79.81 11.08
N LEU B 82 -41.15 81.05 10.90
CA LEU B 82 -41.32 81.74 9.63
C LEU B 82 -40.18 81.51 8.66
N HIS B 83 -39.03 81.03 9.15
CA HIS B 83 -37.90 80.75 8.26
C HIS B 83 -37.36 79.34 8.41
N VAL B 84 -37.49 78.70 9.57
CA VAL B 84 -37.05 77.33 9.73
C VAL B 84 -37.98 76.41 8.98
N ARG B 85 -37.41 75.56 8.15
CA ARG B 85 -38.15 74.79 7.17
C ARG B 85 -38.35 73.38 7.72
N PRO B 86 -39.60 72.92 7.88
CA PRO B 86 -39.87 71.69 8.66
C PRO B 86 -39.31 70.43 8.01
N ILE B 87 -39.33 69.34 8.76
CA ILE B 87 -38.76 68.06 8.33
C ILE B 87 -39.78 66.96 8.59
N ALA B 88 -40.09 66.20 7.54
CA ALA B 88 -41.04 65.10 7.69
C ALA B 88 -40.37 63.85 8.25
N HIS B 89 -39.46 63.27 7.47
CA HIS B 89 -38.71 62.09 7.90
C HIS B 89 -37.34 62.14 7.26
N ALA B 90 -36.57 61.08 7.44
CA ALA B 90 -35.22 61.04 6.90
C ALA B 90 -35.11 59.98 5.81
N ILE B 91 -34.16 60.19 4.91
CA ILE B 91 -33.93 59.28 3.80
C ILE B 91 -32.80 58.32 4.18
N TRP B 92 -33.06 57.03 4.05
CA TRP B 92 -32.01 56.03 3.98
C TRP B 92 -32.18 55.38 2.62
N ASP B 93 -31.50 55.92 1.61
CA ASP B 93 -31.55 55.34 0.28
C ASP B 93 -30.15 54.89 -0.08
N PRO B 94 -29.91 53.60 -0.27
CA PRO B 94 -28.56 53.15 -0.64
C PRO B 94 -28.16 53.57 -2.03
N HIS B 95 -29.12 53.80 -2.91
CA HIS B 95 -28.83 54.09 -4.30
C HIS B 95 -28.40 55.54 -4.51
N PHE B 96 -28.36 56.38 -3.48
CA PHE B 96 -27.92 57.75 -3.63
C PHE B 96 -26.44 57.85 -3.96
N GLY B 97 -26.11 58.84 -4.79
CA GLY B 97 -24.75 59.28 -4.94
C GLY B 97 -24.45 60.39 -3.97
N LYS B 98 -23.16 60.67 -3.83
CA LYS B 98 -22.68 61.69 -2.89
C LYS B 98 -23.14 63.12 -3.20
N PRO B 99 -23.34 63.55 -4.45
CA PRO B 99 -24.01 64.85 -4.64
C PRO B 99 -25.51 64.81 -4.36
N ALA B 100 -26.12 63.65 -4.17
CA ALA B 100 -27.51 63.58 -3.79
C ALA B 100 -27.72 63.30 -2.32
N ILE B 101 -26.64 63.22 -1.53
CA ILE B 101 -26.76 63.29 -0.09
C ILE B 101 -26.53 64.73 0.37
N GLU B 102 -25.65 65.44 -0.34
CA GLU B 102 -25.38 66.84 -0.03
C GLU B 102 -26.55 67.73 -0.41
N ALA B 103 -27.35 67.34 -1.39
CA ALA B 103 -28.46 68.16 -1.82
C ALA B 103 -29.66 68.03 -0.91
N PHE B 104 -29.82 66.89 -0.24
CA PHE B 104 -30.94 66.65 0.65
C PHE B 104 -30.57 66.77 2.11
N THR B 105 -29.30 66.98 2.42
CA THR B 105 -28.92 67.40 3.76
C THR B 105 -29.31 68.86 3.89
N GLN B 106 -30.49 69.10 4.48
CA GLN B 106 -31.06 70.43 4.46
C GLN B 106 -31.78 70.66 5.78
N ALA B 107 -32.24 71.90 5.96
CA ALA B 107 -33.01 72.36 7.12
C ALA B 107 -32.26 72.17 8.44
N GLY B 108 -30.93 72.17 8.39
CA GLY B 108 -30.13 71.98 9.58
C GLY B 108 -30.23 70.58 10.15
N ALA B 109 -29.82 69.58 9.38
CA ALA B 109 -29.89 68.19 9.80
C ALA B 109 -28.59 67.48 9.49
N ASN B 110 -28.42 66.32 10.12
CA ASN B 110 -27.21 65.52 9.92
C ASN B 110 -27.25 64.72 8.64
N GLY B 111 -28.40 64.17 8.27
CA GLY B 111 -28.51 63.34 7.10
C GLY B 111 -29.55 63.88 6.14
N PRO B 112 -29.84 63.11 5.08
CA PRO B 112 -30.88 63.52 4.13
C PRO B 112 -32.26 63.49 4.78
N VAL B 113 -32.98 64.59 4.69
CA VAL B 113 -34.30 64.73 5.29
C VAL B 113 -35.28 65.23 4.25
N ASN B 114 -36.56 64.88 4.44
CA ASN B 114 -37.63 65.35 3.58
C ASN B 114 -38.37 66.50 4.24
N ILE B 115 -38.43 67.62 3.54
CA ILE B 115 -39.12 68.81 4.02
C ILE B 115 -40.62 68.55 4.06
N ALA B 116 -41.22 68.65 5.24
CA ALA B 116 -42.63 68.36 5.42
C ALA B 116 -43.49 69.47 4.81
N TYR B 117 -44.34 69.11 3.85
CA TYR B 117 -45.27 70.05 3.26
C TYR B 117 -46.71 69.72 3.59
N SER B 118 -46.96 69.10 4.73
CA SER B 118 -48.32 68.77 5.14
C SER B 118 -48.78 69.61 6.31
N GLY B 119 -47.93 70.48 6.83
CA GLY B 119 -48.35 71.47 7.80
C GLY B 119 -48.69 70.95 9.17
N VAL B 120 -48.23 69.75 9.52
CA VAL B 120 -48.52 69.22 10.86
C VAL B 120 -47.66 69.84 11.94
N TYR B 121 -46.65 70.63 11.59
CA TYR B 121 -45.99 71.34 12.69
C TYR B 121 -46.82 72.52 13.12
N HIS B 122 -47.60 73.09 12.21
CA HIS B 122 -48.41 74.26 12.55
C HIS B 122 -49.62 73.86 13.38
N TRP B 123 -50.13 72.66 13.18
CA TRP B 123 -51.29 72.22 13.94
C TRP B 123 -50.89 71.76 15.32
N TRP B 124 -49.72 71.16 15.47
CA TRP B 124 -49.28 70.71 16.79
C TRP B 124 -48.77 71.86 17.63
N TYR B 125 -48.18 72.87 17.02
CA TYR B 125 -47.73 74.05 17.75
C TYR B 125 -48.90 74.89 18.22
N THR B 126 -50.00 74.86 17.48
CA THR B 126 -51.17 75.64 17.86
C THR B 126 -51.86 75.05 19.08
N ILE B 127 -51.91 73.72 19.16
CA ILE B 127 -52.71 73.06 20.19
C ILE B 127 -51.89 72.76 21.43
N GLY B 128 -50.71 73.37 21.54
CA GLY B 128 -49.99 73.42 22.80
C GLY B 128 -48.70 72.65 22.86
N MET B 129 -48.40 71.80 21.89
CA MET B 129 -47.25 70.91 21.99
C MET B 129 -45.98 71.69 21.69
N ARG B 130 -44.97 71.55 22.54
CA ARG B 130 -43.80 72.41 22.47
C ARG B 130 -42.47 71.68 22.34
N THR B 131 -42.31 70.51 22.93
CA THR B 131 -41.06 69.79 22.86
C THR B 131 -41.24 68.44 22.20
N ASN B 132 -40.12 67.78 21.93
CA ASN B 132 -40.13 66.48 21.26
C ASN B 132 -40.62 65.34 22.15
N THR B 133 -40.81 65.59 23.45
CA THR B 133 -41.26 64.52 24.32
C THR B 133 -42.78 64.40 24.30
N GLU B 134 -43.50 65.52 24.15
CA GLU B 134 -44.95 65.44 24.01
C GLU B 134 -45.34 64.77 22.70
N LEU B 135 -44.55 64.95 21.65
CA LEU B 135 -44.81 64.26 20.39
C LEU B 135 -44.61 62.76 20.53
N TYR B 136 -43.57 62.36 21.27
CA TYR B 136 -43.34 60.95 21.51
C TYR B 136 -44.39 60.35 22.44
N THR B 137 -44.82 61.12 23.45
CA THR B 137 -45.84 60.63 24.38
C THR B 137 -47.17 60.44 23.67
N GLY B 138 -47.55 61.38 22.82
CA GLY B 138 -48.76 61.20 22.02
C GLY B 138 -48.63 60.13 20.97
N SER B 139 -47.41 59.81 20.55
CA SER B 139 -47.20 58.71 19.62
C SER B 139 -47.48 57.37 20.29
N VAL B 140 -46.88 57.15 21.46
CA VAL B 140 -47.01 55.89 22.19
C VAL B 140 -48.44 55.69 22.68
N PHE B 141 -49.14 56.78 22.99
CA PHE B 141 -50.54 56.69 23.36
C PHE B 141 -51.40 56.18 22.22
N LEU B 142 -51.08 56.58 20.99
CA LEU B 142 -51.85 56.11 19.84
C LEU B 142 -51.49 54.68 19.44
N LEU B 143 -50.35 54.16 19.88
CA LEU B 143 -50.10 52.72 19.73
C LEU B 143 -51.06 51.91 20.59
N LEU B 144 -51.28 52.35 21.82
CA LEU B 144 -52.20 51.67 22.72
C LEU B 144 -53.65 51.94 22.33
N PHE B 145 -53.93 53.12 21.80
CA PHE B 145 -55.29 53.47 21.45
C PHE B 145 -55.72 52.83 20.15
N ALA B 146 -54.77 52.47 19.29
CA ALA B 146 -55.11 51.70 18.10
C ALA B 146 -55.21 50.22 18.39
N SER B 147 -54.47 49.73 19.40
CA SER B 147 -54.62 48.34 19.81
C SER B 147 -55.88 48.13 20.62
N LEU B 148 -56.44 49.19 21.20
CA LEU B 148 -57.72 49.10 21.88
C LEU B 148 -58.86 48.90 20.89
N PHE B 149 -58.69 49.30 19.63
CA PHE B 149 -59.68 49.01 18.61
C PHE B 149 -59.43 47.70 17.89
N LEU B 150 -58.17 47.29 17.76
CA LEU B 150 -57.87 45.98 17.18
C LEU B 150 -58.35 44.86 18.07
N PHE B 151 -58.34 45.06 19.38
CA PHE B 151 -58.91 44.08 20.29
C PHE B 151 -60.43 44.14 20.28
N ALA B 152 -60.99 45.33 20.06
CA ALA B 152 -62.45 45.49 20.08
C ALA B 152 -63.09 44.81 18.88
N GLY B 153 -62.43 44.84 17.73
CA GLY B 153 -62.97 44.16 16.57
C GLY B 153 -62.86 42.65 16.69
N TRP B 154 -61.85 42.16 17.40
CA TRP B 154 -61.77 40.73 17.66
C TRP B 154 -62.82 40.32 18.68
N LEU B 155 -63.07 41.17 19.67
CA LEU B 155 -64.00 40.82 20.74
C LEU B 155 -65.42 40.75 20.22
N HIS B 156 -65.79 41.63 19.31
CA HIS B 156 -67.15 41.66 18.79
C HIS B 156 -67.34 40.75 17.58
N LEU B 157 -66.51 39.71 17.46
CA LEU B 157 -66.75 38.58 16.58
C LEU B 157 -66.90 37.27 17.32
N GLN B 158 -66.85 37.28 18.64
CA GLN B 158 -66.97 36.06 19.42
C GLN B 158 -68.44 35.83 19.76
N PRO B 159 -68.89 34.56 19.87
CA PRO B 159 -70.32 34.26 19.65
C PRO B 159 -71.31 34.89 20.62
N LYS B 160 -71.00 35.04 21.90
CA LYS B 160 -71.97 35.71 22.75
C LYS B 160 -71.66 37.20 22.87
N PHE B 161 -70.52 37.64 22.34
CA PHE B 161 -70.20 39.06 22.22
C PHE B 161 -70.51 39.60 20.85
N ARG B 162 -71.09 38.80 20.01
CA ARG B 162 -71.37 39.19 18.64
C ARG B 162 -72.77 39.77 18.55
N PRO B 163 -72.93 41.00 18.08
CA PRO B 163 -74.23 41.68 18.19
C PRO B 163 -75.26 41.12 17.23
N SER B 164 -76.53 41.20 17.64
CA SER B 164 -77.64 40.66 16.87
C SER B 164 -77.98 41.59 15.71
N LEU B 165 -78.94 41.16 14.89
CA LEU B 165 -79.31 41.94 13.72
C LEU B 165 -80.08 43.20 14.08
N ALA B 166 -80.97 43.10 15.06
CA ALA B 166 -81.78 44.23 15.49
C ALA B 166 -80.96 45.33 16.15
N TRP B 167 -79.76 45.03 16.63
CA TRP B 167 -78.89 46.07 17.17
C TRP B 167 -78.39 46.99 16.07
N PHE B 168 -78.20 46.46 14.86
CA PHE B 168 -77.68 47.29 13.77
C PHE B 168 -78.75 48.18 13.18
N LYS B 169 -79.97 47.67 13.04
CA LYS B 169 -81.06 48.41 12.44
C LYS B 169 -81.81 49.25 13.46
N SER B 170 -81.21 49.56 14.60
CA SER B 170 -81.80 50.49 15.56
C SER B 170 -81.23 51.86 15.24
N ALA B 171 -81.88 52.57 14.32
CA ALA B 171 -81.30 53.78 13.77
C ALA B 171 -81.56 55.00 14.64
N GLU B 172 -82.65 55.02 15.41
CA GLU B 172 -82.91 56.17 16.26
C GLU B 172 -81.97 56.22 17.45
N SER B 173 -81.36 55.11 17.83
CA SER B 173 -80.44 55.10 18.95
C SER B 173 -79.02 55.45 18.56
N ARG B 174 -78.62 55.22 17.30
CA ARG B 174 -77.35 55.75 16.83
C ARG B 174 -77.37 57.27 16.77
N LEU B 175 -78.45 57.84 16.23
CA LEU B 175 -78.53 59.28 16.08
C LEU B 175 -78.56 60.00 17.42
N ASN B 176 -79.11 59.39 18.46
CA ASN B 176 -79.01 60.04 19.76
C ASN B 176 -77.61 59.92 20.34
N HIS B 177 -76.97 58.77 20.21
CA HIS B 177 -75.64 58.62 20.81
C HIS B 177 -74.55 59.27 19.98
N HIS B 178 -74.63 59.20 18.65
CA HIS B 178 -73.53 59.77 17.88
C HIS B 178 -73.59 61.30 17.84
N LEU B 179 -74.79 61.89 17.77
CA LEU B 179 -74.88 63.35 17.78
C LEU B 179 -74.51 63.93 19.13
N ALA B 180 -75.01 63.35 20.21
CA ALA B 180 -74.72 63.90 21.53
C ALA B 180 -73.32 63.52 21.98
N GLY B 181 -72.89 62.28 21.72
CA GLY B 181 -71.63 61.81 22.24
C GLY B 181 -70.45 61.92 21.29
N LEU B 182 -70.60 61.42 20.06
CA LEU B 182 -69.46 61.44 19.15
C LEU B 182 -69.22 62.84 18.61
N PHE B 183 -70.28 63.59 18.34
CA PHE B 183 -70.16 64.96 17.87
C PHE B 183 -70.12 65.97 19.02
N GLY B 184 -71.04 65.85 19.97
CA GLY B 184 -71.21 66.86 20.99
C GLY B 184 -70.22 66.82 22.14
N VAL B 185 -69.99 65.63 22.71
CA VAL B 185 -69.04 65.52 23.82
C VAL B 185 -67.61 65.74 23.32
N SER B 186 -67.31 65.29 22.11
CA SER B 186 -65.96 65.47 21.58
C SER B 186 -65.70 66.92 21.21
N SER B 187 -66.73 67.66 20.81
CA SER B 187 -66.56 69.10 20.65
C SER B 187 -66.46 69.78 22.00
N LEU B 188 -67.14 69.23 23.00
CA LEU B 188 -67.02 69.74 24.36
C LEU B 188 -65.65 69.43 24.94
N ALA B 189 -65.14 68.24 24.66
CA ALA B 189 -63.84 67.84 25.18
C ALA B 189 -62.72 68.65 24.56
N TRP B 190 -62.82 68.95 23.26
CA TRP B 190 -61.79 69.76 22.63
C TRP B 190 -61.83 71.20 23.11
N ALA B 191 -63.02 71.72 23.43
CA ALA B 191 -63.10 73.02 24.09
C ALA B 191 -62.49 72.97 25.47
N GLY B 192 -62.56 71.83 26.14
CA GLY B 192 -61.84 71.67 27.39
C GLY B 192 -60.34 71.57 27.18
N HIS B 193 -59.91 71.08 26.04
CA HIS B 193 -58.48 71.00 25.77
C HIS B 193 -57.90 72.35 25.44
N LEU B 194 -58.66 73.20 24.74
CA LEU B 194 -58.16 74.51 24.38
C LEU B 194 -58.05 75.40 25.61
N ILE B 195 -59.06 75.38 26.47
CA ILE B 195 -59.14 76.31 27.59
C ILE B 195 -58.17 75.93 28.69
N HIS B 196 -58.08 74.64 28.99
CA HIS B 196 -57.17 74.21 30.04
C HIS B 196 -55.71 74.23 29.57
N VAL B 197 -55.45 73.85 28.32
CA VAL B 197 -54.08 73.59 27.86
C VAL B 197 -53.64 74.56 26.78
N ALA B 198 -54.32 74.59 25.63
CA ALA B 198 -53.77 75.21 24.44
C ALA B 198 -53.72 76.72 24.53
N ILE B 199 -54.74 77.34 25.12
CA ILE B 199 -54.74 78.79 25.31
C ILE B 199 -53.74 79.20 26.40
N PRO B 200 -53.57 78.49 27.54
CA PRO B 200 -52.43 78.83 28.40
C PRO B 200 -51.06 78.54 27.79
N GLU B 201 -50.92 77.49 26.97
CA GLU B 201 -49.67 77.31 26.23
C GLU B 201 -49.44 78.42 25.21
N SER B 202 -50.50 79.06 24.74
CA SER B 202 -50.39 80.21 23.86
C SER B 202 -49.89 81.46 24.56
N ARG B 203 -49.78 81.45 25.89
CA ARG B 203 -49.37 82.64 26.62
C ARG B 203 -48.07 82.45 27.38
N GLY B 204 -47.24 81.51 26.97
CA GLY B 204 -45.97 81.28 27.64
C GLY B 204 -46.08 80.59 28.96
N GLN B 205 -47.22 79.97 29.25
CA GLN B 205 -47.52 79.38 30.54
C GLN B 205 -47.70 77.87 30.36
N HIS B 206 -46.73 77.09 30.82
CA HIS B 206 -46.79 75.66 30.60
C HIS B 206 -47.85 74.99 31.46
N VAL B 207 -48.78 74.28 30.82
CA VAL B 207 -49.77 73.45 31.50
C VAL B 207 -49.66 72.06 30.89
N GLY B 208 -49.17 71.11 31.68
CA GLY B 208 -49.04 69.75 31.21
C GLY B 208 -49.92 68.79 31.98
N TRP B 209 -49.63 67.49 31.91
CA TRP B 209 -50.40 66.52 32.70
C TRP B 209 -50.11 66.62 34.18
N ASP B 210 -48.93 67.12 34.56
CA ASP B 210 -48.58 67.18 35.97
C ASP B 210 -49.35 68.28 36.70
N ASN B 211 -49.46 69.46 36.10
CA ASN B 211 -49.99 70.61 36.81
C ASN B 211 -51.27 71.17 36.22
N PHE B 212 -52.12 70.33 35.63
CA PHE B 212 -53.38 70.87 35.14
C PHE B 212 -54.47 70.74 36.19
N LEU B 213 -54.30 69.83 37.14
CA LEU B 213 -55.25 69.74 38.25
C LEU B 213 -55.00 70.82 39.28
N SER B 214 -53.79 71.35 39.35
CA SER B 214 -53.49 72.41 40.30
C SER B 214 -53.84 73.78 39.74
N THR B 215 -53.42 74.05 38.50
CA THR B 215 -53.65 75.35 37.89
C THR B 215 -55.04 75.44 37.28
N ALA B 216 -55.61 76.63 37.36
CA ALA B 216 -56.90 76.94 36.78
C ALA B 216 -56.72 77.76 35.51
N PRO B 217 -57.59 77.59 34.50
CA PRO B 217 -57.46 78.38 33.27
C PRO B 217 -57.78 79.85 33.46
N HIS B 218 -58.52 80.19 34.51
CA HIS B 218 -59.00 81.52 34.76
C HIS B 218 -58.79 81.82 36.24
N PRO B 219 -58.30 83.01 36.59
CA PRO B 219 -58.21 83.35 38.02
C PRO B 219 -59.55 83.50 38.71
N ALA B 220 -60.63 83.72 37.96
CA ALA B 220 -61.96 83.60 38.55
C ALA B 220 -62.24 82.17 38.93
N GLY B 221 -62.06 81.23 38.01
CA GLY B 221 -62.03 79.82 38.36
C GLY B 221 -63.37 79.20 38.67
N LEU B 222 -64.27 79.13 37.69
CA LEU B 222 -65.49 78.31 37.64
C LEU B 222 -66.57 78.82 38.60
N GLN B 223 -66.28 79.81 39.45
CA GLN B 223 -67.32 80.52 40.18
C GLN B 223 -68.24 81.35 39.28
N PRO B 224 -67.77 82.09 38.25
CA PRO B 224 -68.74 82.77 37.37
C PRO B 224 -69.51 81.85 36.45
N PHE B 225 -69.20 80.56 36.41
CA PHE B 225 -69.97 79.66 35.55
C PHE B 225 -71.33 79.36 36.16
N PHE B 226 -71.35 78.87 37.39
CA PHE B 226 -72.59 78.42 37.99
C PHE B 226 -73.47 79.57 38.48
N THR B 227 -72.89 80.74 38.72
CA THR B 227 -73.70 81.87 39.17
C THR B 227 -74.33 82.62 38.02
N GLY B 228 -73.96 82.33 36.78
CA GLY B 228 -74.53 83.01 35.64
C GLY B 228 -73.82 84.28 35.22
N ASN B 229 -72.72 84.63 35.89
CA ASN B 229 -71.93 85.81 35.50
C ASN B 229 -70.90 85.43 34.44
N TRP B 230 -71.42 84.96 33.30
CA TRP B 230 -70.56 84.40 32.26
C TRP B 230 -69.74 85.47 31.53
N GLY B 231 -70.04 86.75 31.72
CA GLY B 231 -69.24 87.80 31.11
C GLY B 231 -67.86 87.98 31.71
N VAL B 232 -67.58 87.33 32.84
CA VAL B 232 -66.24 87.36 33.42
C VAL B 232 -65.28 86.57 32.55
N TYR B 233 -65.78 85.54 31.86
CA TYR B 233 -64.97 84.73 30.97
C TYR B 233 -64.52 85.50 29.74
N ALA B 234 -65.20 86.58 29.39
CA ALA B 234 -64.85 87.44 28.26
C ALA B 234 -64.30 88.78 28.72
N GLN B 235 -63.45 88.77 29.75
CA GLN B 235 -62.70 89.97 30.15
C GLN B 235 -61.51 90.17 29.22
N ASN B 236 -60.51 90.94 29.67
CA ASN B 236 -59.36 91.43 28.92
C ASN B 236 -58.68 90.38 28.05
N PRO B 237 -58.83 90.46 26.74
CA PRO B 237 -58.37 89.39 25.85
C PRO B 237 -56.87 89.55 25.60
N ASP B 238 -56.37 88.67 24.74
CA ASP B 238 -55.02 88.85 24.21
C ASP B 238 -55.04 90.07 23.29
N THR B 239 -54.16 91.02 23.56
CA THR B 239 -54.21 92.31 22.88
C THR B 239 -53.67 92.19 21.46
N ALA B 240 -53.61 93.33 20.77
CA ALA B 240 -53.07 93.37 19.42
C ALA B 240 -51.55 93.36 19.38
N GLY B 241 -50.89 93.32 20.52
CA GLY B 241 -49.44 93.18 20.57
C GLY B 241 -49.04 91.86 21.18
N HIS B 242 -49.95 90.89 21.18
CA HIS B 242 -49.68 89.57 21.74
C HIS B 242 -48.68 88.85 20.84
N ILE B 243 -47.46 88.69 21.32
CA ILE B 243 -46.51 87.81 20.67
C ILE B 243 -46.82 86.38 21.11
N PHE B 244 -47.03 85.49 20.15
CA PHE B 244 -47.59 84.18 20.40
C PHE B 244 -46.64 83.31 21.21
N SER B 245 -47.23 82.51 22.11
CA SER B 245 -46.54 81.64 23.07
C SER B 245 -45.60 82.39 24.00
N THR B 246 -45.84 83.68 24.21
CA THR B 246 -45.12 84.48 25.19
C THR B 246 -46.13 85.20 26.06
N SER B 247 -45.62 85.86 27.10
CA SER B 247 -46.47 86.58 28.04
C SER B 247 -46.68 88.04 27.66
N GLN B 248 -46.11 88.49 26.55
CA GLN B 248 -46.27 89.88 26.12
C GLN B 248 -47.66 90.08 25.55
N GLY B 249 -48.39 91.05 26.08
CA GLY B 249 -49.73 91.34 25.59
C GLY B 249 -50.73 90.24 25.83
N ALA B 250 -50.54 89.45 26.88
CA ALA B 250 -51.40 88.32 27.16
C ALA B 250 -52.71 88.79 27.77
N GLY B 251 -53.62 87.84 28.00
CA GLY B 251 -54.89 88.14 28.61
C GLY B 251 -55.28 87.07 29.59
N THR B 252 -56.43 87.27 30.22
CA THR B 252 -56.98 86.30 31.15
C THR B 252 -58.25 85.64 30.63
N ALA B 253 -58.80 86.11 29.51
CA ALA B 253 -60.05 85.60 28.99
C ALA B 253 -59.87 84.23 28.37
N ILE B 254 -60.89 83.38 28.54
CA ILE B 254 -60.87 82.04 27.98
C ILE B 254 -61.93 81.82 26.92
N LEU B 255 -63.00 82.60 26.91
CA LEU B 255 -64.07 82.49 25.92
C LEU B 255 -64.31 83.90 25.40
N THR B 256 -63.80 84.21 24.22
CA THR B 256 -63.95 85.56 23.72
C THR B 256 -64.49 85.49 22.29
N PHE B 257 -64.92 86.62 21.77
CA PHE B 257 -65.69 86.66 20.54
C PHE B 257 -65.28 87.87 19.69
N LEU B 258 -63.97 88.03 19.51
CA LEU B 258 -63.47 89.15 18.72
C LEU B 258 -63.85 89.00 17.25
N GLY B 259 -63.59 87.84 16.67
CA GLY B 259 -63.77 87.65 15.24
C GLY B 259 -62.62 88.22 14.45
N GLY B 260 -62.25 87.59 13.34
CA GLY B 260 -61.11 88.07 12.60
C GLY B 260 -59.86 87.30 12.95
N PHE B 261 -58.69 87.92 12.81
CA PHE B 261 -57.44 87.19 12.95
C PHE B 261 -56.55 87.77 14.02
N HIS B 262 -55.72 86.90 14.58
CA HIS B 262 -54.62 87.31 15.43
C HIS B 262 -53.67 88.18 14.62
N PRO B 263 -53.13 89.25 15.22
CA PRO B 263 -52.36 90.20 14.40
C PRO B 263 -50.98 89.71 14.00
N GLN B 264 -50.42 88.73 14.70
CA GLN B 264 -49.09 88.23 14.33
C GLN B 264 -49.18 86.95 13.52
N THR B 265 -49.84 85.93 14.08
CA THR B 265 -49.88 84.63 13.41
C THR B 265 -50.80 84.63 12.20
N GLU B 266 -51.70 85.61 12.11
CA GLU B 266 -52.71 85.73 11.06
C GLU B 266 -53.59 84.49 10.99
N SER B 267 -53.87 83.92 12.15
CA SER B 267 -54.79 82.81 12.32
C SER B 267 -55.94 83.28 13.20
N LEU B 268 -56.93 82.41 13.34
CA LEU B 268 -58.05 82.71 14.22
C LEU B 268 -57.59 82.70 15.67
N TRP B 269 -58.26 83.50 16.50
CA TRP B 269 -57.94 83.55 17.92
C TRP B 269 -58.30 82.22 18.57
N LEU B 270 -57.45 81.76 19.49
CA LEU B 270 -57.75 80.53 20.19
C LEU B 270 -58.90 80.70 21.18
N THR B 271 -59.16 81.92 21.63
CA THR B 271 -60.32 82.16 22.46
C THR B 271 -61.61 82.15 21.64
N ASP B 272 -61.51 82.45 20.34
CA ASP B 272 -62.69 82.34 19.49
C ASP B 272 -63.03 80.88 19.23
N MET B 273 -62.02 80.05 19.05
CA MET B 273 -62.25 78.63 18.80
C MET B 273 -62.77 77.93 20.05
N ALA B 274 -62.44 78.46 21.23
CA ALA B 274 -62.88 77.86 22.47
C ALA B 274 -64.37 78.09 22.70
N HIS B 275 -64.86 79.30 22.44
CA HIS B 275 -66.30 79.54 22.51
C HIS B 275 -67.02 78.93 21.33
N HIS B 276 -66.30 78.60 20.24
CA HIS B 276 -66.94 77.95 19.11
C HIS B 276 -67.29 76.51 19.44
N HIS B 277 -66.28 75.69 19.74
CA HIS B 277 -66.51 74.27 20.00
C HIS B 277 -67.28 74.03 21.29
N LEU B 278 -67.35 75.03 22.17
CA LEU B 278 -68.27 74.96 23.30
C LEU B 278 -69.71 75.17 22.84
N ALA B 279 -69.93 76.14 21.95
CA ALA B 279 -71.28 76.41 21.45
C ALA B 279 -71.76 75.32 20.51
N ILE B 280 -70.86 74.74 19.72
CA ILE B 280 -71.20 73.59 18.89
C ILE B 280 -71.60 72.41 19.78
N ALA B 281 -70.96 72.27 20.93
CA ALA B 281 -71.23 71.14 21.81
C ALA B 281 -72.61 71.23 22.44
N VAL B 282 -73.06 72.44 22.76
CA VAL B 282 -74.39 72.60 23.36
C VAL B 282 -75.46 72.37 22.30
N LEU B 283 -75.21 72.81 21.06
CA LEU B 283 -76.17 72.62 19.99
C LEU B 283 -76.31 71.16 19.57
N PHE B 284 -75.33 70.31 19.87
CA PHE B 284 -75.38 68.91 19.48
C PHE B 284 -75.88 67.99 20.58
N ILE B 285 -75.60 68.30 21.85
CA ILE B 285 -76.15 67.50 22.94
C ILE B 285 -77.66 67.74 23.04
N VAL B 286 -78.11 68.96 22.74
CA VAL B 286 -79.53 69.23 22.63
C VAL B 286 -80.11 68.53 21.40
N ALA B 287 -79.35 68.46 20.31
CA ALA B 287 -79.81 67.75 19.13
C ALA B 287 -79.85 66.24 19.32
N GLY B 288 -79.07 65.71 20.25
CA GLY B 288 -79.07 64.29 20.50
C GLY B 288 -80.09 63.81 21.49
N HIS B 289 -81.02 64.67 21.90
CA HIS B 289 -82.11 64.29 22.78
C HIS B 289 -83.45 64.43 22.06
N MET B 290 -83.48 64.06 20.80
CA MET B 290 -84.62 64.27 19.92
C MET B 290 -85.34 62.99 19.52
N TYR B 291 -84.62 61.92 19.28
CA TYR B 291 -85.19 60.73 18.70
C TYR B 291 -85.55 59.70 19.77
N ARG B 292 -86.48 58.83 19.42
CA ARG B 292 -87.09 57.93 20.40
C ARG B 292 -86.25 56.67 20.59
N THR B 293 -85.94 56.38 21.84
CA THR B 293 -85.22 55.18 22.25
C THR B 293 -86.10 54.46 23.25
N ASN B 294 -85.55 53.53 24.03
CA ASN B 294 -86.32 52.73 24.97
C ASN B 294 -86.91 53.52 26.14
N PHE B 295 -86.79 54.85 26.18
CA PHE B 295 -87.29 55.65 27.28
C PHE B 295 -88.62 56.33 26.95
N GLY B 296 -89.30 55.90 25.90
CA GLY B 296 -90.68 56.29 25.64
C GLY B 296 -90.91 57.75 25.37
N ILE B 297 -89.89 58.47 24.90
CA ILE B 297 -89.99 59.90 24.66
C ILE B 297 -89.14 60.22 23.43
N GLY B 298 -89.57 61.22 22.67
CA GLY B 298 -88.81 61.70 21.54
C GLY B 298 -89.51 61.44 20.22
N HIS B 299 -88.95 62.05 19.18
CA HIS B 299 -89.48 61.91 17.83
C HIS B 299 -89.17 60.51 17.29
N SER B 300 -90.03 60.02 16.41
CA SER B 300 -89.85 58.72 15.77
C SER B 300 -89.83 58.91 14.27
N ILE B 301 -88.73 58.49 13.63
CA ILE B 301 -88.50 58.83 12.22
C ILE B 301 -89.46 58.06 11.33
N LYS B 302 -89.78 56.82 11.68
CA LYS B 302 -90.70 56.02 10.88
C LYS B 302 -92.12 56.60 10.94
N GLU B 303 -92.47 57.25 12.04
CA GLU B 303 -93.74 57.95 12.12
C GLU B 303 -93.68 59.32 11.45
N MET B 304 -92.49 59.92 11.37
CA MET B 304 -92.36 61.18 10.66
C MET B 304 -92.44 60.99 9.15
N MET B 305 -92.00 59.84 8.65
CA MET B 305 -92.11 59.56 7.23
C MET B 305 -93.54 59.20 6.84
N ASN B 306 -94.16 58.31 7.60
CA ASN B 306 -95.47 57.76 7.28
C ASN B 306 -96.61 58.67 7.71
N ALA B 307 -96.32 59.89 8.16
CA ALA B 307 -97.39 60.79 8.58
C ALA B 307 -98.11 61.36 7.37
N LYS B 308 -99.43 61.52 7.49
CA LYS B 308 -100.27 61.94 6.39
C LYS B 308 -101.20 63.09 6.77
N THR B 309 -101.01 63.68 7.94
CA THR B 309 -102.00 64.63 8.45
C THR B 309 -101.31 65.83 9.09
N PHE B 310 -101.48 67.00 8.49
CA PHE B 310 -100.91 68.24 8.98
C PHE B 310 -102.02 69.03 9.67
N PHE B 311 -102.13 68.85 10.99
CA PHE B 311 -103.06 69.58 11.86
C PHE B 311 -104.50 69.40 11.41
N GLY B 312 -104.87 68.18 11.05
CA GLY B 312 -106.19 67.87 10.58
C GLY B 312 -106.30 67.84 9.06
N LYS B 313 -105.53 68.66 8.37
CA LYS B 313 -105.55 68.66 6.92
C LYS B 313 -104.89 67.40 6.39
N PRO B 314 -105.57 66.61 5.55
CA PRO B 314 -104.89 65.46 4.94
C PRO B 314 -103.92 65.91 3.86
N VAL B 315 -102.71 65.37 3.91
CA VAL B 315 -101.66 65.66 2.94
C VAL B 315 -101.14 64.33 2.41
N GLU B 316 -100.16 64.42 1.50
CA GLU B 316 -99.48 63.23 1.00
C GLU B 316 -98.30 62.83 1.88
N GLY B 317 -97.85 63.72 2.76
CA GLY B 317 -96.73 63.44 3.61
C GLY B 317 -96.12 64.74 4.11
N PRO B 318 -94.87 64.69 4.57
CA PRO B 318 -94.18 65.92 4.96
C PRO B 318 -93.90 66.78 3.75
N PHE B 319 -94.17 68.09 3.89
CA PHE B 319 -94.13 69.10 2.81
C PHE B 319 -95.10 68.72 1.68
N ASN B 320 -96.17 67.99 2.05
CA ASN B 320 -97.14 67.37 1.14
C ASN B 320 -96.45 66.51 0.07
N MET B 321 -95.32 65.88 0.43
CA MET B 321 -94.54 65.05 -0.45
C MET B 321 -94.53 63.64 0.13
N PRO B 322 -94.74 62.60 -0.69
CA PRO B 322 -94.79 61.26 -0.13
C PRO B 322 -93.42 60.74 0.26
N HIS B 323 -93.10 60.76 1.55
CA HIS B 323 -91.86 60.18 2.03
C HIS B 323 -92.08 58.85 2.74
N GLN B 324 -93.15 58.14 2.44
CA GLN B 324 -93.37 56.86 3.10
C GLN B 324 -92.47 55.79 2.49
N GLY B 325 -92.05 54.85 3.31
CA GLY B 325 -91.16 53.79 2.89
C GLY B 325 -89.70 54.19 2.77
N ILE B 326 -89.35 55.46 2.96
CA ILE B 326 -87.97 55.88 2.87
C ILE B 326 -87.20 55.44 4.11
N TYR B 327 -87.88 55.30 5.24
CA TYR B 327 -87.23 54.76 6.43
C TYR B 327 -86.85 53.30 6.23
N ASP B 328 -87.69 52.54 5.54
CA ASP B 328 -87.37 51.15 5.24
C ASP B 328 -86.50 51.01 4.01
N THR B 329 -86.09 52.12 3.41
CA THR B 329 -85.21 52.15 2.25
C THR B 329 -83.80 52.58 2.63
N TYR B 330 -83.69 53.61 3.46
CA TYR B 330 -82.40 53.99 4.04
C TYR B 330 -81.87 52.88 4.93
N ASN B 331 -82.70 52.41 5.86
CA ASN B 331 -82.19 51.58 6.94
C ASN B 331 -81.98 50.13 6.53
N ASN B 332 -82.80 49.60 5.64
CA ASN B 332 -82.64 48.21 5.22
C ASN B 332 -81.47 48.00 4.28
N SER B 333 -81.15 48.98 3.45
CA SER B 333 -80.06 48.86 2.49
C SER B 333 -78.79 49.46 3.08
N LEU B 334 -77.66 48.85 2.73
CA LEU B 334 -76.36 49.40 3.10
C LEU B 334 -75.72 50.21 1.99
N HIS B 335 -76.11 50.01 0.75
CA HIS B 335 -75.62 50.84 -0.34
C HIS B 335 -76.37 52.16 -0.44
N PHE B 336 -77.61 52.21 0.06
CA PHE B 336 -78.27 53.50 0.16
C PHE B 336 -77.62 54.34 1.25
N GLN B 337 -77.21 53.72 2.34
CA GLN B 337 -76.52 54.44 3.40
C GLN B 337 -75.14 54.88 2.94
N LEU B 338 -74.39 53.95 2.33
CA LEU B 338 -73.02 54.26 1.92
C LEU B 338 -73.01 55.25 0.76
N GLY B 339 -73.96 55.13 -0.16
CA GLY B 339 -74.09 56.12 -1.21
C GLY B 339 -74.52 57.47 -0.69
N TRP B 340 -75.30 57.49 0.40
CA TRP B 340 -75.74 58.75 0.97
C TRP B 340 -74.60 59.45 1.70
N HIS B 341 -73.95 58.75 2.63
CA HIS B 341 -73.02 59.42 3.54
C HIS B 341 -71.73 59.83 2.85
N LEU B 342 -71.41 59.24 1.70
CA LEU B 342 -70.29 59.74 0.92
C LEU B 342 -70.60 61.09 0.30
N ALA B 343 -71.86 61.32 -0.07
CA ALA B 343 -72.27 62.64 -0.51
C ALA B 343 -72.22 63.64 0.62
N CYS B 344 -72.57 63.20 1.83
CA CYS B 344 -72.48 64.08 2.99
C CYS B 344 -71.04 64.37 3.35
N LEU B 345 -70.19 63.35 3.31
CA LEU B 345 -68.79 63.55 3.61
C LEU B 345 -68.07 64.22 2.45
N GLY B 346 -68.59 64.07 1.23
CA GLY B 346 -67.97 64.71 0.09
C GLY B 346 -68.24 66.19 0.01
N VAL B 347 -69.39 66.63 0.54
CA VAL B 347 -69.68 68.06 0.59
C VAL B 347 -68.78 68.75 1.61
N VAL B 348 -68.67 68.17 2.81
CA VAL B 348 -67.93 68.80 3.88
C VAL B 348 -66.43 68.78 3.63
N THR B 349 -65.93 67.82 2.83
CA THR B 349 -64.50 67.70 2.57
C THR B 349 -64.00 68.87 1.73
N SER B 350 -64.73 69.20 0.69
CA SER B 350 -64.44 70.41 -0.07
C SER B 350 -64.75 71.65 0.74
N TRP B 351 -65.74 71.58 1.61
CA TRP B 351 -66.11 72.70 2.47
C TRP B 351 -65.06 72.96 3.53
N VAL B 352 -64.31 71.92 3.92
CA VAL B 352 -63.11 72.11 4.72
C VAL B 352 -62.09 72.93 3.95
N ALA B 353 -61.85 72.57 2.68
CA ALA B 353 -60.79 73.19 1.91
C ALA B 353 -61.11 74.62 1.54
N GLN B 354 -62.40 74.94 1.35
CA GLN B 354 -62.78 76.30 1.00
C GLN B 354 -62.59 77.27 2.15
N HIS B 355 -62.60 76.79 3.38
CA HIS B 355 -62.55 77.67 4.54
C HIS B 355 -61.21 77.62 5.28
N MET B 356 -60.23 76.89 4.76
CA MET B 356 -58.92 76.84 5.40
C MET B 356 -57.84 77.66 4.71
N TYR B 357 -58.08 78.14 3.49
CA TYR B 357 -57.13 79.10 2.94
C TYR B 357 -57.54 80.53 3.27
N SER B 358 -58.85 80.77 3.32
CA SER B 358 -59.36 82.10 3.62
C SER B 358 -59.39 82.36 5.11
N LEU B 359 -59.72 81.35 5.91
CA LEU B 359 -59.76 81.47 7.36
C LEU B 359 -58.75 80.49 7.94
N PRO B 360 -57.47 80.86 7.99
CA PRO B 360 -56.48 79.97 8.59
C PRO B 360 -56.68 79.92 10.09
N SER B 361 -56.54 78.73 10.65
CA SER B 361 -56.72 78.55 12.08
C SER B 361 -55.46 78.07 12.77
N TYR B 362 -54.32 78.05 12.09
CA TYR B 362 -53.11 77.50 12.64
C TYR B 362 -52.04 78.58 12.65
N ALA B 363 -51.22 78.55 13.69
CA ALA B 363 -50.21 79.57 13.90
C ALA B 363 -49.17 79.52 12.80
N PHE B 364 -48.98 80.66 12.13
CA PHE B 364 -47.90 80.88 11.15
C PHE B 364 -48.06 79.99 9.93
N ILE B 365 -49.29 79.65 9.56
CA ILE B 365 -49.53 78.80 8.40
C ILE B 365 -49.87 79.64 7.17
N ALA B 366 -50.27 80.89 7.34
CA ALA B 366 -50.52 81.75 6.20
C ALA B 366 -49.26 82.25 5.54
N LYS B 367 -48.12 82.15 6.22
CA LYS B 367 -46.85 82.57 5.64
C LYS B 367 -45.97 81.43 5.19
N ASP B 368 -46.30 80.19 5.55
CA ASP B 368 -45.62 79.03 5.00
C ASP B 368 -46.46 78.54 3.83
N TYR B 369 -46.03 78.93 2.63
CA TYR B 369 -46.89 78.91 1.44
C TYR B 369 -47.15 77.50 0.92
N THR B 370 -46.09 76.69 0.78
CA THR B 370 -46.23 75.39 0.14
C THR B 370 -47.05 74.43 0.99
N THR B 371 -47.01 74.59 2.32
CA THR B 371 -47.88 73.80 3.18
C THR B 371 -49.33 74.18 3.01
N GLN B 372 -49.60 75.42 2.58
CA GLN B 372 -50.98 75.86 2.41
C GLN B 372 -51.50 75.53 1.01
N ALA B 373 -50.60 75.52 0.02
CA ALA B 373 -51.01 75.15 -1.32
C ALA B 373 -51.26 73.65 -1.43
N ALA B 374 -50.63 72.85 -0.58
CA ALA B 374 -50.84 71.42 -0.64
C ALA B 374 -52.10 70.99 0.09
N LEU B 375 -52.45 71.67 1.17
CA LEU B 375 -53.63 71.27 1.95
C LEU B 375 -54.93 71.59 1.24
N TYR B 376 -54.94 72.63 0.40
CA TYR B 376 -56.14 72.90 -0.40
C TYR B 376 -56.33 71.81 -1.45
N THR B 377 -55.28 71.51 -2.21
CA THR B 377 -55.36 70.56 -3.30
C THR B 377 -55.55 69.14 -2.82
N HIS B 378 -55.07 68.83 -1.61
CA HIS B 378 -55.27 67.50 -1.06
C HIS B 378 -56.74 67.24 -0.78
N HIS B 379 -57.36 68.05 0.08
CA HIS B 379 -58.75 67.82 0.46
C HIS B 379 -59.72 68.17 -0.65
N GLN B 380 -59.28 68.82 -1.73
CA GLN B 380 -60.15 68.92 -2.90
C GLN B 380 -60.20 67.60 -3.67
N TYR B 381 -59.06 66.93 -3.86
CA TYR B 381 -59.12 65.65 -4.59
C TYR B 381 -59.77 64.56 -3.75
N ILE B 382 -59.66 64.63 -2.43
CA ILE B 382 -60.38 63.69 -1.58
C ILE B 382 -61.88 63.90 -1.73
N ALA B 383 -62.31 65.16 -1.81
CA ALA B 383 -63.72 65.47 -2.02
C ALA B 383 -64.23 65.04 -3.38
N ILE B 384 -63.33 64.86 -4.34
CA ILE B 384 -63.71 64.40 -5.67
C ILE B 384 -64.15 62.95 -5.64
N PHE B 385 -63.33 62.07 -5.05
CA PHE B 385 -63.67 60.66 -5.04
C PHE B 385 -64.87 60.39 -4.15
N LEU B 386 -65.03 61.13 -3.07
CA LEU B 386 -66.16 60.92 -2.18
C LEU B 386 -67.48 61.31 -2.84
N MET B 387 -67.44 62.23 -3.81
CA MET B 387 -68.66 62.56 -4.54
C MET B 387 -68.93 61.61 -5.71
N VAL B 388 -67.88 61.11 -6.36
CA VAL B 388 -68.09 60.13 -7.42
C VAL B 388 -68.55 58.81 -6.84
N GLY B 389 -68.02 58.44 -5.68
CA GLY B 389 -68.47 57.22 -5.03
C GLY B 389 -69.82 57.34 -4.37
N ALA B 390 -70.30 58.57 -4.16
CA ALA B 390 -71.66 58.76 -3.69
C ALA B 390 -72.67 58.34 -4.74
N PHE B 391 -72.44 58.76 -5.98
CA PHE B 391 -73.29 58.33 -7.07
C PHE B 391 -73.03 56.89 -7.47
N ALA B 392 -71.80 56.42 -7.26
CA ALA B 392 -71.48 55.03 -7.60
C ALA B 392 -72.18 54.07 -6.68
N HIS B 393 -72.03 54.25 -5.37
CA HIS B 393 -72.73 53.39 -4.43
C HIS B 393 -74.21 53.71 -4.34
N GLY B 394 -74.64 54.87 -4.83
CA GLY B 394 -76.06 55.12 -4.99
C GLY B 394 -76.65 54.34 -6.14
N ALA B 395 -75.86 54.09 -7.17
CA ALA B 395 -76.32 53.32 -8.32
C ALA B 395 -76.20 51.82 -8.13
N ILE B 396 -75.39 51.37 -7.19
CA ILE B 396 -75.40 49.96 -6.82
C ILE B 396 -76.68 49.66 -6.06
N PHE B 397 -77.19 50.64 -5.32
CA PHE B 397 -78.48 50.51 -4.64
C PHE B 397 -79.62 50.25 -5.61
N LEU B 398 -79.68 50.98 -6.71
CA LEU B 398 -80.80 50.85 -7.63
C LEU B 398 -80.76 49.54 -8.40
N VAL B 399 -79.59 48.98 -8.62
CA VAL B 399 -79.50 47.67 -9.28
C VAL B 399 -79.86 46.56 -8.32
N ARG B 400 -79.20 46.55 -7.15
CA ARG B 400 -79.19 45.38 -6.28
C ARG B 400 -80.24 45.46 -5.18
N ASP B 401 -80.25 46.54 -4.42
CA ASP B 401 -81.04 46.63 -3.20
C ASP B 401 -82.44 47.19 -3.41
N TYR B 402 -82.68 47.89 -4.51
CA TYR B 402 -83.91 48.65 -4.69
C TYR B 402 -85.11 47.74 -4.95
N ASP B 403 -86.23 48.08 -4.32
CA ASP B 403 -87.48 47.33 -4.46
C ASP B 403 -88.57 48.33 -4.79
N PRO B 404 -89.17 48.25 -5.98
CA PRO B 404 -90.16 49.27 -6.37
C PRO B 404 -91.49 49.11 -5.67
N GLU B 405 -91.77 47.95 -5.06
CA GLU B 405 -93.05 47.76 -4.40
C GLU B 405 -93.07 48.39 -3.02
N GLN B 406 -91.98 48.21 -2.25
CA GLN B 406 -91.84 48.91 -0.98
C GLN B 406 -91.73 50.41 -1.18
N ASN B 407 -91.09 50.83 -2.27
CA ASN B 407 -90.90 52.24 -2.61
C ASN B 407 -91.93 52.73 -3.61
N LYS B 408 -93.18 52.28 -3.51
CA LYS B 408 -94.18 52.62 -4.51
C LYS B 408 -94.88 53.92 -4.14
N GLY B 409 -94.90 54.86 -5.09
CA GLY B 409 -95.62 56.11 -4.93
C GLY B 409 -94.90 57.20 -4.18
N ASN B 410 -93.73 56.93 -3.62
CA ASN B 410 -93.05 57.91 -2.79
C ASN B 410 -92.21 58.85 -3.64
N VAL B 411 -91.36 59.65 -3.00
CA VAL B 411 -90.60 60.65 -3.73
C VAL B 411 -89.47 60.03 -4.52
N LEU B 412 -88.97 58.88 -4.09
CA LEU B 412 -87.90 58.24 -4.84
C LEU B 412 -88.45 57.47 -6.03
N GLU B 413 -89.74 57.14 -6.00
CA GLU B 413 -90.37 56.59 -7.19
C GLU B 413 -90.66 57.67 -8.22
N ARG B 414 -91.02 58.87 -7.77
CA ARG B 414 -91.37 59.94 -8.70
C ARG B 414 -90.16 60.52 -9.42
N VAL B 415 -88.95 60.30 -8.91
CA VAL B 415 -87.76 60.71 -9.65
C VAL B 415 -87.54 59.76 -10.83
N LEU B 416 -87.78 58.47 -10.63
CA LEU B 416 -87.61 57.50 -11.70
C LEU B 416 -88.66 57.61 -12.79
N GLN B 417 -89.79 58.28 -12.53
CA GLN B 417 -90.74 58.55 -13.61
C GLN B 417 -90.20 59.62 -14.55
N HIS B 418 -89.85 60.81 -14.02
CA HIS B 418 -89.49 61.92 -14.89
C HIS B 418 -87.99 62.00 -15.13
N LYS B 419 -87.30 60.85 -15.16
CA LYS B 419 -85.87 60.80 -15.30
C LYS B 419 -85.38 61.25 -16.67
N GLU B 420 -86.22 61.18 -17.69
CA GLU B 420 -85.81 61.72 -18.98
C GLU B 420 -85.89 63.24 -19.02
N ALA B 421 -86.62 63.85 -18.09
CA ALA B 421 -86.62 65.30 -17.97
C ALA B 421 -85.46 65.80 -17.13
N ILE B 422 -84.93 64.98 -16.24
CA ILE B 422 -83.75 65.37 -15.48
C ILE B 422 -82.51 65.36 -16.37
N ILE B 423 -82.34 64.30 -17.16
CA ILE B 423 -81.15 64.14 -17.99
C ILE B 423 -81.16 65.13 -19.14
N SER B 424 -82.34 65.48 -19.65
CA SER B 424 -82.42 66.45 -20.74
C SER B 424 -82.00 67.84 -20.30
N HIS B 425 -82.53 68.33 -19.18
CA HIS B 425 -82.14 69.64 -18.69
C HIS B 425 -80.74 69.66 -18.08
N LEU B 426 -80.20 68.50 -17.67
CA LEU B 426 -78.77 68.42 -17.36
C LEU B 426 -77.92 68.46 -18.62
N SER B 427 -78.38 67.83 -19.69
CA SER B 427 -77.70 67.91 -20.97
C SER B 427 -77.79 69.31 -21.57
N TRP B 428 -78.78 70.10 -21.18
CA TRP B 428 -78.89 71.45 -21.70
C TRP B 428 -77.83 72.36 -21.11
N VAL B 429 -77.71 72.38 -19.77
CA VAL B 429 -76.81 73.30 -19.07
C VAL B 429 -75.35 72.97 -19.37
N SER B 430 -75.03 71.69 -19.56
CA SER B 430 -73.69 71.29 -19.94
C SER B 430 -73.34 71.83 -21.32
N LEU B 431 -74.28 71.79 -22.25
CA LEU B 431 -74.05 72.35 -23.58
C LEU B 431 -74.22 73.86 -23.61
N PHE B 432 -75.11 74.41 -22.79
CA PHE B 432 -75.31 75.85 -22.76
C PHE B 432 -74.11 76.57 -22.17
N LEU B 433 -73.45 75.97 -21.19
CA LEU B 433 -72.23 76.57 -20.65
C LEU B 433 -71.04 76.35 -21.58
N GLY B 434 -70.89 75.13 -22.09
CA GLY B 434 -69.70 74.80 -22.86
C GLY B 434 -69.62 75.51 -24.19
N PHE B 435 -70.76 75.69 -24.86
CA PHE B 435 -70.79 76.42 -26.12
C PHE B 435 -70.45 77.89 -25.94
N HIS B 436 -70.69 78.45 -24.75
CA HIS B 436 -70.50 79.87 -24.55
C HIS B 436 -69.35 80.22 -23.61
N THR B 437 -68.79 79.25 -22.89
CA THR B 437 -67.60 79.52 -22.10
C THR B 437 -66.34 79.28 -22.92
N LEU B 438 -66.29 78.16 -23.63
CA LEU B 438 -65.23 77.92 -24.61
C LEU B 438 -65.27 78.96 -25.72
N GLY B 439 -66.47 79.43 -26.08
CA GLY B 439 -66.58 80.46 -27.10
C GLY B 439 -65.93 81.77 -26.68
N LEU B 440 -66.01 82.11 -25.39
CA LEU B 440 -65.42 83.38 -24.97
C LEU B 440 -63.94 83.30 -24.65
N TYR B 441 -63.40 82.11 -24.41
CA TYR B 441 -61.95 82.01 -24.32
C TYR B 441 -61.31 82.09 -25.69
N VAL B 442 -61.87 81.37 -26.66
CA VAL B 442 -61.35 81.37 -28.03
C VAL B 442 -61.56 82.73 -28.67
N HIS B 443 -62.64 83.42 -28.33
CA HIS B 443 -62.82 84.80 -28.74
C HIS B 443 -61.70 85.68 -28.20
N ASN B 444 -61.35 85.51 -26.92
CA ASN B 444 -60.29 86.32 -26.35
C ASN B 444 -58.91 85.88 -26.83
N ASP B 445 -58.78 84.62 -27.24
CA ASP B 445 -57.51 84.14 -27.77
C ASP B 445 -57.21 84.75 -29.12
N VAL B 446 -58.19 84.75 -30.03
CA VAL B 446 -58.00 85.30 -31.36
C VAL B 446 -57.80 86.80 -31.31
N VAL B 447 -58.55 87.48 -30.45
CA VAL B 447 -58.51 88.94 -30.33
C VAL B 447 -57.17 89.42 -29.79
N VAL B 448 -56.60 88.72 -28.82
CA VAL B 448 -55.27 89.09 -28.33
C VAL B 448 -54.20 88.74 -29.36
N ALA B 449 -54.36 87.61 -30.06
CA ALA B 449 -53.39 87.17 -31.05
C ALA B 449 -53.30 88.14 -32.23
N PHE B 450 -54.39 88.80 -32.56
CA PHE B 450 -54.39 89.77 -33.63
C PHE B 450 -53.95 91.14 -33.18
N GLY B 451 -53.35 91.26 -31.99
CA GLY B 451 -52.74 92.49 -31.56
C GLY B 451 -53.68 93.57 -31.11
N THR B 452 -54.99 93.29 -31.05
CA THR B 452 -56.00 94.26 -30.64
C THR B 452 -56.75 93.73 -29.42
N PRO B 453 -56.10 93.70 -28.25
CA PRO B 453 -56.69 92.97 -27.11
C PRO B 453 -57.86 93.68 -26.44
N GLU B 454 -58.16 94.91 -26.84
CA GLU B 454 -59.30 95.65 -26.30
C GLU B 454 -60.64 95.10 -26.75
N LYS B 455 -60.66 94.26 -27.78
CA LYS B 455 -61.89 93.67 -28.27
C LYS B 455 -62.30 92.42 -27.49
N GLN B 456 -61.64 92.17 -26.36
CA GLN B 456 -62.02 91.08 -25.46
C GLN B 456 -63.41 91.28 -24.87
N ILE B 457 -64.09 90.16 -24.62
CA ILE B 457 -65.38 90.16 -23.96
C ILE B 457 -65.11 89.86 -22.49
N LEU B 458 -65.01 90.93 -21.69
CA LEU B 458 -64.70 90.83 -20.27
C LEU B 458 -65.92 91.22 -19.47
N ILE B 459 -66.35 90.34 -18.57
CA ILE B 459 -67.53 90.56 -17.75
C ILE B 459 -67.08 90.61 -16.29
N GLU B 460 -67.38 91.71 -15.62
CA GLU B 460 -67.19 91.77 -14.18
C GLU B 460 -68.17 90.83 -13.49
N PRO B 461 -67.74 90.11 -12.47
CA PRO B 461 -68.66 89.21 -11.76
C PRO B 461 -69.54 89.97 -10.76
N VAL B 462 -70.46 90.77 -11.27
CA VAL B 462 -71.19 91.76 -10.48
C VAL B 462 -72.18 91.15 -9.50
N PHE B 463 -72.38 89.84 -9.55
CA PHE B 463 -73.24 89.18 -8.58
C PHE B 463 -72.45 88.57 -7.44
N ALA B 464 -71.14 88.40 -7.60
CA ALA B 464 -70.25 88.07 -6.51
C ALA B 464 -69.40 89.25 -6.07
N GLN B 465 -69.38 90.34 -6.85
CA GLN B 465 -68.92 91.61 -6.33
C GLN B 465 -69.78 92.08 -5.18
N PHE B 466 -71.08 91.83 -5.28
CA PHE B 466 -72.04 92.32 -4.31
C PHE B 466 -71.90 91.60 -2.97
N ILE B 467 -71.73 90.27 -3.00
CA ILE B 467 -71.67 89.48 -1.78
C ILE B 467 -70.45 89.83 -0.95
N GLN B 468 -69.32 90.09 -1.61
CA GLN B 468 -68.13 90.51 -0.89
C GLN B 468 -68.30 91.92 -0.35
N ALA B 469 -69.12 92.75 -1.00
CA ALA B 469 -69.46 94.04 -0.44
C ALA B 469 -70.65 93.98 0.50
N ALA B 470 -71.48 92.93 0.41
CA ALA B 470 -72.50 92.66 1.41
C ALA B 470 -71.94 91.88 2.59
N HIS B 471 -70.63 91.67 2.64
CA HIS B 471 -69.96 91.12 3.80
C HIS B 471 -68.96 92.09 4.39
N GLY B 472 -68.74 93.24 3.75
CA GLY B 472 -68.01 94.31 4.38
C GLY B 472 -66.73 94.73 3.71
N LYS B 473 -66.62 94.59 2.39
CA LYS B 473 -65.43 95.04 1.68
C LYS B 473 -65.72 96.41 1.07
N VAL B 474 -64.94 97.40 1.48
CA VAL B 474 -65.12 98.77 1.01
C VAL B 474 -64.55 98.95 -0.39
N LEU B 475 -63.72 97.99 -0.85
CA LEU B 475 -62.86 98.16 -2.02
C LEU B 475 -63.64 98.33 -3.32
N TYR B 476 -64.91 97.92 -3.36
CA TYR B 476 -65.67 98.09 -4.59
C TYR B 476 -66.63 99.27 -4.53
N GLY B 477 -67.01 99.73 -3.34
CA GLY B 477 -67.90 100.86 -3.23
C GLY B 477 -69.35 100.56 -3.58
N LEU B 478 -69.85 99.39 -3.21
CA LEU B 478 -71.26 99.11 -3.39
C LEU B 478 -72.10 99.73 -2.29
N ASP B 479 -71.54 99.78 -1.07
CA ASP B 479 -72.13 100.45 0.11
C ASP B 479 -73.49 99.87 0.48
N THR B 480 -73.48 98.57 0.79
CA THR B 480 -74.62 97.85 1.34
C THR B 480 -74.14 97.02 2.51
N LEU B 481 -75.07 96.70 3.41
CA LEU B 481 -75.14 95.44 4.19
C LEU B 481 -73.81 95.03 4.80
N LEU B 482 -73.43 95.75 5.86
CA LEU B 482 -72.20 95.66 6.69
C LEU B 482 -71.03 96.37 6.02
N SER B 483 -71.19 96.89 4.81
CA SER B 483 -70.31 97.93 4.31
C SER B 483 -70.99 99.28 4.29
N ASN B 484 -72.31 99.30 4.44
CA ASN B 484 -73.06 100.51 4.69
C ASN B 484 -73.14 100.70 6.20
N PRO B 485 -72.46 101.68 6.78
CA PRO B 485 -72.50 101.83 8.24
C PRO B 485 -73.82 102.37 8.78
N ASP B 486 -74.78 102.69 7.92
CA ASP B 486 -76.12 103.08 8.33
C ASP B 486 -77.12 101.94 8.23
N SER B 487 -76.64 100.73 7.94
CA SER B 487 -77.55 99.64 7.66
C SER B 487 -78.13 99.06 8.93
N VAL B 488 -79.29 98.42 8.78
CA VAL B 488 -79.90 97.71 9.90
C VAL B 488 -79.08 96.46 10.21
N ALA B 489 -78.53 95.82 9.17
CA ALA B 489 -77.69 94.65 9.37
C ALA B 489 -76.34 95.02 9.95
N TYR B 490 -75.86 96.23 9.68
CA TYR B 490 -74.57 96.65 10.23
C TYR B 490 -74.69 96.92 11.72
N THR B 491 -75.81 97.52 12.14
CA THR B 491 -75.94 97.96 13.52
C THR B 491 -76.60 96.94 14.42
N ALA B 492 -77.36 95.99 13.86
CA ALA B 492 -78.20 95.04 14.60
C ALA B 492 -79.16 95.79 15.52
N TYR B 493 -80.10 96.48 14.86
CA TYR B 493 -80.87 97.58 15.44
C TYR B 493 -81.55 97.36 16.80
N PRO B 494 -82.21 96.22 17.12
CA PRO B 494 -82.81 96.16 18.45
C PRO B 494 -81.81 95.93 19.58
N ASN B 495 -80.70 95.24 19.31
CA ASN B 495 -79.82 94.79 20.39
C ASN B 495 -78.37 95.24 20.31
N TYR B 496 -77.88 95.62 19.13
CA TYR B 496 -76.53 96.19 18.91
C TYR B 496 -75.41 95.23 19.31
N ALA B 497 -75.63 93.92 19.20
CA ALA B 497 -74.73 92.93 19.76
C ALA B 497 -73.73 92.39 18.74
N ASN B 498 -73.35 93.19 17.74
CA ASN B 498 -72.31 92.80 16.78
C ASN B 498 -70.95 92.91 17.44
N VAL B 499 -70.61 91.89 18.23
CA VAL B 499 -69.30 91.87 18.87
C VAL B 499 -68.24 91.47 17.87
N TRP B 500 -68.58 90.55 16.96
CA TRP B 500 -67.63 90.04 15.99
C TRP B 500 -67.24 91.07 14.95
N LEU B 501 -68.11 92.03 14.68
CA LEU B 501 -68.04 92.89 13.51
C LEU B 501 -66.88 93.90 13.46
N PRO B 502 -66.44 94.54 14.56
CA PRO B 502 -65.20 95.33 14.45
C PRO B 502 -63.96 94.52 14.13
N GLY B 503 -63.88 93.27 14.60
CA GLY B 503 -62.77 92.42 14.24
C GLY B 503 -62.90 91.75 12.90
N TRP B 504 -64.12 91.60 12.40
CA TRP B 504 -64.31 91.03 11.08
C TRP B 504 -63.95 92.03 9.98
N LEU B 505 -64.36 93.30 10.14
CA LEU B 505 -64.11 94.29 9.11
C LEU B 505 -62.65 94.71 9.03
N ASP B 506 -61.87 94.47 10.09
CA ASP B 506 -60.43 94.68 9.98
C ASP B 506 -59.80 93.60 9.12
N ALA B 507 -60.28 92.36 9.22
CA ALA B 507 -59.69 91.27 8.48
C ALA B 507 -60.07 91.31 7.01
N ILE B 508 -61.32 91.62 6.70
CA ILE B 508 -61.77 91.54 5.31
C ILE B 508 -61.29 92.74 4.49
N ASN B 509 -60.95 93.85 5.13
CA ASN B 509 -60.53 95.04 4.42
C ASN B 509 -59.03 95.19 4.31
N SER B 510 -58.26 94.17 4.68
CA SER B 510 -56.83 94.18 4.50
C SER B 510 -56.47 93.38 3.26
N GLY B 511 -55.42 93.81 2.56
CA GLY B 511 -54.98 93.11 1.37
C GLY B 511 -53.84 92.17 1.64
N THR B 512 -53.73 91.71 2.90
CA THR B 512 -52.64 90.86 3.33
C THR B 512 -53.10 89.47 3.75
N ASN B 513 -54.27 89.04 3.27
CA ASN B 513 -54.74 87.70 3.57
C ASN B 513 -55.57 87.18 2.40
N SER B 514 -55.97 85.92 2.52
CA SER B 514 -56.79 85.27 1.50
C SER B 514 -58.27 85.35 1.81
N LEU B 515 -58.65 86.27 2.69
CA LEU B 515 -60.05 86.39 3.12
C LEU B 515 -60.81 87.22 2.11
N PHE B 516 -61.67 86.55 1.32
CA PHE B 516 -62.51 87.16 0.28
C PHE B 516 -61.66 87.95 -0.71
N LEU B 517 -60.91 87.20 -1.50
CA LEU B 517 -59.97 87.76 -2.45
C LEU B 517 -60.65 88.67 -3.47
N THR B 518 -59.91 89.65 -3.95
CA THR B 518 -60.43 90.59 -4.93
C THR B 518 -60.63 89.89 -6.26
N ILE B 519 -61.83 89.98 -6.82
CA ILE B 519 -62.19 89.24 -8.02
C ILE B 519 -62.41 90.21 -9.17
N GLY B 520 -62.16 89.72 -10.39
CA GLY B 520 -62.27 90.50 -11.59
C GLY B 520 -62.77 89.66 -12.75
N PRO B 521 -62.60 90.15 -13.98
CA PRO B 521 -63.16 89.44 -15.14
C PRO B 521 -62.48 88.12 -15.44
N GLY B 522 -61.25 87.91 -14.98
CA GLY B 522 -60.64 86.60 -15.12
C GLY B 522 -61.29 85.56 -14.23
N ASP B 523 -61.90 85.99 -13.13
CA ASP B 523 -62.57 85.06 -12.23
C ASP B 523 -64.01 84.78 -12.65
N PHE B 524 -64.55 85.59 -13.56
CA PHE B 524 -65.87 85.32 -14.10
C PHE B 524 -65.88 84.04 -14.92
N LEU B 525 -64.89 83.90 -15.80
CA LEU B 525 -64.90 82.81 -16.77
C LEU B 525 -64.59 81.47 -16.13
N VAL B 526 -63.78 81.47 -15.07
CA VAL B 526 -63.39 80.20 -14.49
C VAL B 526 -64.46 79.62 -13.57
N HIS B 527 -65.24 80.46 -12.86
CA HIS B 527 -66.36 79.93 -12.09
C HIS B 527 -67.46 79.41 -13.00
N HIS B 528 -67.63 79.99 -14.18
CA HIS B 528 -68.52 79.36 -15.15
C HIS B 528 -67.87 78.17 -15.84
N ALA B 529 -66.54 78.05 -15.79
CA ALA B 529 -65.90 76.82 -16.26
C ALA B 529 -65.99 75.73 -15.22
N ILE B 530 -65.97 76.09 -13.94
CA ILE B 530 -66.23 75.14 -12.86
C ILE B 530 -67.67 74.63 -12.95
N ALA B 531 -68.62 75.53 -13.21
CA ALA B 531 -70.02 75.14 -13.33
C ALA B 531 -70.26 74.27 -14.55
N LEU B 532 -69.40 74.39 -15.56
CA LEU B 532 -69.41 73.42 -16.65
C LEU B 532 -69.01 72.04 -16.17
N GLY B 533 -68.02 71.97 -15.28
CA GLY B 533 -67.53 70.69 -14.82
C GLY B 533 -68.40 70.02 -13.78
N LEU B 534 -69.16 70.79 -13.01
CA LEU B 534 -70.02 70.18 -12.00
C LEU B 534 -71.30 69.66 -12.62
N HIS B 535 -71.92 70.42 -13.54
CA HIS B 535 -73.14 69.95 -14.19
C HIS B 535 -72.86 68.83 -15.19
N THR B 536 -71.63 68.66 -15.66
CA THR B 536 -71.36 67.62 -16.64
C THR B 536 -70.95 66.31 -15.96
N THR B 537 -70.21 66.41 -14.86
CA THR B 537 -69.89 65.22 -14.09
C THR B 537 -71.15 64.66 -13.43
N THR B 538 -72.04 65.54 -12.98
CA THR B 538 -73.32 65.12 -12.44
C THR B 538 -74.19 64.49 -13.52
N LEU B 539 -74.09 64.98 -14.75
CA LEU B 539 -74.85 64.42 -15.88
C LEU B 539 -74.52 62.96 -16.10
N ILE B 540 -73.25 62.59 -16.00
CA ILE B 540 -72.83 61.22 -16.26
C ILE B 540 -73.26 60.32 -15.11
N LEU B 541 -73.14 60.83 -13.90
CA LEU B 541 -73.39 60.03 -12.70
C LEU B 541 -74.87 59.83 -12.44
N VAL B 542 -75.69 60.85 -12.67
CA VAL B 542 -77.13 60.73 -12.47
C VAL B 542 -77.74 59.85 -13.55
N LYS B 543 -77.30 60.02 -14.79
CA LYS B 543 -77.82 59.21 -15.90
C LYS B 543 -77.42 57.75 -15.75
N GLY B 544 -76.25 57.49 -15.17
CA GLY B 544 -75.89 56.11 -14.88
C GLY B 544 -76.63 55.57 -13.68
N ALA B 545 -77.02 56.45 -12.75
CA ALA B 545 -77.82 56.00 -11.62
C ALA B 545 -79.25 55.72 -12.05
N LEU B 546 -79.86 56.61 -12.84
CA LEU B 546 -81.26 56.44 -13.16
C LEU B 546 -81.51 55.36 -14.21
N ASP B 547 -80.62 55.24 -15.21
CA ASP B 547 -80.74 54.18 -16.21
C ASP B 547 -80.10 52.88 -15.77
N ALA B 548 -79.83 52.71 -14.48
CA ALA B 548 -79.18 51.50 -14.00
C ALA B 548 -80.09 50.29 -14.01
N ARG B 549 -81.41 50.49 -14.05
CA ARG B 549 -82.33 49.38 -14.05
C ARG B 549 -82.88 49.04 -15.42
N GLY B 550 -82.32 49.61 -16.48
CA GLY B 550 -82.73 49.28 -17.82
C GLY B 550 -83.29 50.47 -18.57
N SER B 551 -83.30 50.35 -19.89
CA SER B 551 -83.79 51.41 -20.77
C SER B 551 -84.13 50.80 -22.12
N LYS B 552 -84.23 51.65 -23.15
CA LYS B 552 -84.69 51.22 -24.46
C LYS B 552 -83.70 50.33 -25.19
N LEU B 553 -82.43 50.72 -25.24
CA LEU B 553 -81.40 49.91 -25.90
C LEU B 553 -81.18 48.60 -25.18
N MET B 554 -81.29 48.59 -23.88
CA MET B 554 -81.17 47.36 -23.13
C MET B 554 -82.08 47.41 -21.92
N PRO B 555 -83.23 46.74 -21.95
CA PRO B 555 -83.96 46.51 -20.70
C PRO B 555 -83.24 45.50 -19.82
N ASP B 556 -83.86 45.21 -18.69
CA ASP B 556 -83.44 44.32 -17.59
C ASP B 556 -81.93 44.30 -17.33
N LYS B 557 -81.32 45.48 -17.24
CA LYS B 557 -79.91 45.59 -16.86
C LYS B 557 -79.67 45.21 -15.41
N LYS B 558 -80.74 45.11 -14.62
CA LYS B 558 -80.61 44.65 -13.24
C LYS B 558 -80.31 43.16 -13.16
N ASP B 559 -80.60 42.40 -14.23
CA ASP B 559 -80.34 40.97 -14.21
C ASP B 559 -78.86 40.66 -14.41
N PHE B 560 -78.08 41.64 -14.86
CA PHE B 560 -76.68 41.46 -15.18
C PHE B 560 -75.75 42.06 -14.13
N GLY B 561 -76.29 42.56 -13.04
CA GLY B 561 -75.46 43.12 -12.00
C GLY B 561 -75.01 44.53 -12.33
N TYR B 562 -73.98 44.96 -11.62
CA TYR B 562 -73.52 46.33 -11.73
C TYR B 562 -72.39 46.50 -12.75
N ALA B 563 -71.44 45.56 -12.79
CA ALA B 563 -70.30 45.66 -13.70
C ALA B 563 -70.30 44.47 -14.64
N PHE B 564 -70.76 44.70 -15.87
CA PHE B 564 -70.67 43.75 -16.96
C PHE B 564 -70.22 44.51 -18.20
N PRO B 565 -69.47 43.85 -19.12
CA PRO B 565 -68.84 44.60 -20.22
C PRO B 565 -69.80 45.25 -21.19
N CYS B 566 -70.64 44.43 -21.81
CA CYS B 566 -71.51 44.86 -22.89
C CYS B 566 -72.60 43.82 -23.06
N ASP B 567 -73.35 43.92 -24.15
CA ASP B 567 -74.33 42.92 -24.54
C ASP B 567 -74.07 42.45 -25.97
N GLY B 568 -72.86 42.65 -26.45
CA GLY B 568 -72.47 42.15 -27.74
C GLY B 568 -72.41 43.23 -28.79
N PRO B 569 -72.13 42.85 -30.03
CA PRO B 569 -72.19 43.82 -31.13
C PRO B 569 -73.59 44.02 -31.68
N GLY B 570 -74.57 43.29 -31.15
CA GLY B 570 -75.92 43.42 -31.65
C GLY B 570 -76.55 44.75 -31.27
N ARG B 571 -77.62 45.08 -31.99
CA ARG B 571 -78.37 46.33 -31.85
C ARG B 571 -77.47 47.54 -32.05
N GLY B 572 -76.49 47.42 -32.95
CA GLY B 572 -75.50 48.45 -33.13
C GLY B 572 -74.33 48.39 -32.18
N GLY B 573 -74.36 47.48 -31.22
CA GLY B 573 -73.29 47.39 -30.25
C GLY B 573 -73.64 48.09 -28.95
N THR B 574 -73.08 47.59 -27.85
CA THR B 574 -73.42 48.10 -26.53
C THR B 574 -72.17 48.30 -25.70
N CYS B 575 -71.12 48.86 -26.29
CA CYS B 575 -69.87 49.07 -25.56
C CYS B 575 -70.05 50.15 -24.51
N ASP B 576 -69.63 49.88 -23.27
CA ASP B 576 -69.77 50.76 -22.10
C ASP B 576 -71.23 51.11 -21.83
N ILE B 577 -72.07 50.09 -21.68
CA ILE B 577 -73.48 50.30 -21.44
C ILE B 577 -73.87 50.20 -19.96
N SER B 578 -73.07 49.51 -19.14
CA SER B 578 -73.48 49.18 -17.79
C SER B 578 -73.44 50.41 -16.88
N ALA B 579 -74.08 50.28 -15.72
CA ALA B 579 -74.07 51.34 -14.74
C ALA B 579 -72.68 51.56 -14.14
N TRP B 580 -71.82 50.54 -14.17
CA TRP B 580 -70.44 50.73 -13.77
C TRP B 580 -69.70 51.61 -14.76
N ASP B 581 -70.10 51.54 -16.04
CA ASP B 581 -69.39 52.28 -17.07
C ASP B 581 -69.68 53.77 -17.02
N SER B 582 -70.72 54.16 -16.29
CA SER B 582 -71.02 55.57 -16.11
C SER B 582 -70.38 56.13 -14.85
N PHE B 583 -70.05 55.27 -13.89
CA PHE B 583 -68.99 55.61 -12.94
C PHE B 583 -67.71 55.90 -13.67
N TYR B 584 -67.40 55.08 -14.67
CA TYR B 584 -66.07 55.07 -15.27
C TYR B 584 -65.80 56.33 -16.07
N LEU B 585 -66.78 56.80 -16.84
CA LEU B 585 -66.57 57.98 -17.68
C LEU B 585 -66.47 59.24 -16.84
N SER B 586 -67.11 59.23 -15.66
CA SER B 586 -67.20 60.43 -14.86
C SER B 586 -65.91 60.77 -14.13
N LEU B 587 -65.07 59.78 -13.86
CA LEU B 587 -63.84 60.08 -13.13
C LEU B 587 -62.78 60.72 -14.03
N PHE B 588 -62.98 60.74 -15.34
CA PHE B 588 -62.18 61.61 -16.19
C PHE B 588 -62.59 63.06 -16.01
N TRP B 589 -63.89 63.31 -15.90
CA TRP B 589 -64.40 64.65 -15.68
C TRP B 589 -64.11 65.16 -14.29
N ALA B 590 -64.22 64.27 -13.30
CA ALA B 590 -64.02 64.69 -11.92
C ALA B 590 -62.57 65.04 -11.66
N LEU B 591 -61.63 64.31 -12.27
CA LEU B 591 -60.23 64.71 -12.22
C LEU B 591 -59.97 65.96 -13.04
N ASN B 592 -60.75 66.15 -14.12
CA ASN B 592 -60.61 67.35 -14.92
C ASN B 592 -61.05 68.59 -14.18
N THR B 593 -62.27 68.55 -13.62
CA THR B 593 -62.88 69.70 -12.99
C THR B 593 -62.06 70.17 -11.79
N VAL B 594 -61.52 69.22 -11.04
CA VAL B 594 -60.67 69.60 -9.93
C VAL B 594 -59.31 70.04 -10.41
N GLY B 595 -58.95 69.74 -11.66
CA GLY B 595 -57.80 70.39 -12.24
C GLY B 595 -58.06 71.88 -12.42
N TRP B 596 -59.22 72.21 -12.99
CA TRP B 596 -59.62 73.60 -13.21
C TRP B 596 -59.74 74.37 -11.90
N VAL B 597 -60.30 73.74 -10.85
CA VAL B 597 -60.43 74.47 -9.59
C VAL B 597 -59.11 74.58 -8.85
N THR B 598 -58.10 73.79 -9.21
CA THR B 598 -56.80 73.89 -8.56
C THR B 598 -55.71 74.47 -9.45
N PHE B 599 -55.92 74.54 -10.76
CA PHE B 599 -55.08 75.43 -11.54
C PHE B 599 -55.43 76.88 -11.25
N TYR B 600 -56.72 77.17 -11.10
CA TYR B 600 -57.17 78.52 -10.81
C TYR B 600 -56.88 78.94 -9.38
N TRP B 601 -56.94 78.01 -8.43
CA TRP B 601 -56.54 78.33 -7.06
C TRP B 601 -55.07 78.69 -7.00
N HIS B 602 -54.25 77.92 -7.71
CA HIS B 602 -52.81 78.01 -7.53
C HIS B 602 -52.25 79.26 -8.20
N TRP B 603 -52.83 79.66 -9.32
CA TRP B 603 -52.27 80.78 -10.06
C TRP B 603 -52.78 82.12 -9.58
N LYS B 604 -53.93 82.16 -8.90
CA LYS B 604 -54.35 83.40 -8.28
C LYS B 604 -53.50 83.71 -7.06
N HIS B 605 -53.04 82.67 -6.36
CA HIS B 605 -52.22 82.86 -5.17
C HIS B 605 -50.75 83.05 -5.50
N LEU B 606 -50.29 82.62 -6.66
CA LEU B 606 -48.92 82.94 -7.08
C LEU B 606 -48.77 84.42 -7.42
N GLY B 607 -49.87 85.14 -7.66
CA GLY B 607 -49.79 86.57 -7.77
C GLY B 607 -49.85 87.28 -6.43
N ILE B 608 -50.56 86.71 -5.48
CA ILE B 608 -50.66 87.31 -4.15
C ILE B 608 -49.36 87.09 -3.38
N TRP B 609 -48.77 85.90 -3.50
CA TRP B 609 -47.57 85.56 -2.76
C TRP B 609 -46.33 86.25 -3.33
N GLN B 610 -46.36 86.68 -4.58
CA GLN B 610 -45.24 87.36 -5.18
C GLN B 610 -45.46 88.86 -5.35
N GLY B 611 -46.65 89.35 -5.02
CA GLY B 611 -46.94 90.76 -5.16
C GLY B 611 -47.32 91.21 -6.55
N ASN B 612 -47.57 90.29 -7.47
CA ASN B 612 -47.90 90.62 -8.86
C ASN B 612 -49.32 90.17 -9.13
N VAL B 613 -50.29 91.00 -8.72
CA VAL B 613 -51.68 90.68 -9.03
C VAL B 613 -52.03 90.99 -10.47
N ALA B 614 -51.26 91.86 -11.14
CA ALA B 614 -51.57 92.26 -12.50
C ALA B 614 -51.29 91.16 -13.52
N GLN B 615 -50.48 90.17 -13.18
CA GLN B 615 -50.19 89.09 -14.12
C GLN B 615 -51.40 88.19 -14.30
N PHE B 616 -52.12 87.92 -13.22
CA PHE B 616 -53.28 87.06 -13.33
C PHE B 616 -54.46 87.80 -13.96
N ASN B 617 -54.68 89.06 -13.59
CA ASN B 617 -55.89 89.74 -14.02
C ASN B 617 -55.85 90.10 -15.49
N GLU B 618 -54.66 90.29 -16.05
CA GLU B 618 -54.57 90.51 -17.49
C GLU B 618 -54.67 89.21 -18.27
N ASN B 619 -53.97 88.18 -17.82
CA ASN B 619 -53.68 87.02 -18.65
C ASN B 619 -54.60 85.83 -18.43
N SER B 620 -55.49 85.86 -17.45
CA SER B 620 -56.39 84.75 -17.20
C SER B 620 -57.71 84.88 -17.91
N THR B 621 -57.81 85.75 -18.90
CA THR B 621 -59.03 85.86 -19.67
C THR B 621 -58.96 85.07 -20.96
N TYR B 622 -57.75 84.81 -21.45
CA TYR B 622 -57.50 84.06 -22.66
C TYR B 622 -56.57 82.88 -22.35
N LEU B 623 -56.73 81.79 -23.09
CA LEU B 623 -56.15 80.50 -22.70
C LEU B 623 -54.67 80.37 -23.03
N MET B 624 -54.05 81.35 -23.67
CA MET B 624 -52.60 81.30 -23.76
C MET B 624 -51.95 81.74 -22.47
N GLY B 625 -52.54 82.71 -21.77
CA GLY B 625 -51.97 83.18 -20.53
C GLY B 625 -52.00 82.15 -19.42
N TRP B 626 -52.99 81.25 -19.47
CA TRP B 626 -52.94 80.06 -18.62
C TRP B 626 -51.81 79.15 -19.04
N PHE B 627 -51.67 78.93 -20.34
CA PHE B 627 -50.69 78.00 -20.88
C PHE B 627 -49.27 78.54 -20.76
N ARG B 628 -49.09 79.84 -20.98
CA ARG B 628 -47.75 80.42 -20.95
C ARG B 628 -47.34 80.83 -19.55
N ASP B 629 -48.10 81.72 -18.93
CA ASP B 629 -47.66 82.33 -17.69
C ASP B 629 -47.84 81.45 -16.47
N TYR B 630 -48.50 80.30 -16.59
CA TYR B 630 -48.63 79.38 -15.47
C TYR B 630 -47.99 78.03 -15.73
N LEU B 631 -48.33 77.36 -16.82
CA LEU B 631 -47.76 76.04 -17.08
C LEU B 631 -46.33 76.13 -17.57
N TRP B 632 -46.07 77.05 -18.50
CA TRP B 632 -44.72 77.13 -19.08
C TRP B 632 -43.75 77.82 -18.15
N ALA B 633 -44.17 78.91 -17.50
CA ALA B 633 -43.22 79.76 -16.80
C ALA B 633 -42.85 79.18 -15.44
N ASN B 634 -43.76 78.46 -14.79
CA ASN B 634 -43.50 77.95 -13.45
C ASN B 634 -42.72 76.65 -13.43
N SER B 635 -42.70 75.91 -14.54
CA SER B 635 -42.00 74.63 -14.59
C SER B 635 -40.55 74.77 -14.99
N ALA B 636 -39.93 75.93 -14.75
CA ALA B 636 -38.51 76.10 -15.02
C ALA B 636 -37.66 75.73 -13.81
N GLN B 637 -38.14 76.01 -12.60
CA GLN B 637 -37.45 75.55 -11.40
C GLN B 637 -37.56 74.04 -11.26
N LEU B 638 -38.68 73.47 -11.70
CA LEU B 638 -38.94 72.05 -11.51
C LEU B 638 -38.04 71.21 -12.40
N ILE B 639 -38.10 71.44 -13.71
CA ILE B 639 -37.42 70.61 -14.70
C ILE B 639 -35.91 70.70 -14.60
N ASN B 640 -35.37 71.79 -14.06
CA ASN B 640 -33.95 71.88 -13.75
C ASN B 640 -33.59 71.29 -12.39
N GLY B 641 -34.40 70.36 -11.88
CA GLY B 641 -34.04 69.65 -10.68
C GLY B 641 -32.81 68.79 -10.86
N TYR B 642 -32.62 68.23 -12.05
CA TYR B 642 -31.37 67.57 -12.38
C TYR B 642 -31.08 67.81 -13.85
N ASN B 643 -29.87 68.26 -14.13
CA ASN B 643 -29.41 68.64 -15.45
C ASN B 643 -27.95 68.16 -15.54
N PRO B 644 -27.26 68.24 -16.68
CA PRO B 644 -25.85 67.81 -16.70
C PRO B 644 -24.88 68.66 -15.88
N TYR B 645 -25.34 69.67 -15.14
CA TYR B 645 -24.48 70.46 -14.28
C TYR B 645 -24.51 70.01 -12.84
N GLY B 646 -25.61 69.40 -12.40
CA GLY B 646 -25.69 68.90 -11.03
C GLY B 646 -27.13 68.63 -10.65
N VAL B 647 -27.36 68.54 -9.34
CA VAL B 647 -28.69 68.34 -8.76
C VAL B 647 -28.93 69.37 -7.68
N ASN B 648 -30.15 69.36 -7.16
CA ASN B 648 -30.51 70.14 -5.99
C ASN B 648 -31.60 69.37 -5.24
N ASN B 649 -32.27 70.03 -4.31
CA ASN B 649 -33.27 69.34 -3.49
C ASN B 649 -34.60 69.13 -4.20
N LEU B 650 -34.76 69.62 -5.42
CA LEU B 650 -35.98 69.43 -6.18
C LEU B 650 -35.91 68.24 -7.12
N SER B 651 -34.86 67.42 -7.03
CA SER B 651 -34.66 66.38 -8.02
C SER B 651 -35.57 65.19 -7.83
N VAL B 652 -36.18 65.03 -6.66
CA VAL B 652 -37.23 64.03 -6.52
C VAL B 652 -38.47 64.49 -7.26
N TRP B 653 -38.83 65.75 -7.08
CA TRP B 653 -40.02 66.29 -7.71
C TRP B 653 -39.82 66.42 -9.21
N ALA B 654 -38.59 66.64 -9.65
CA ALA B 654 -38.30 66.58 -11.08
C ALA B 654 -38.37 65.16 -11.60
N TRP B 655 -38.09 64.18 -10.75
CA TRP B 655 -38.16 62.78 -11.17
C TRP B 655 -39.59 62.28 -11.10
N MET B 656 -40.34 62.72 -10.09
CA MET B 656 -41.73 62.30 -9.93
C MET B 656 -42.62 62.95 -10.97
N PHE B 657 -42.23 64.13 -11.46
CA PHE B 657 -42.98 64.80 -12.53
C PHE B 657 -42.90 64.01 -13.82
N LEU B 658 -41.71 63.51 -14.15
CA LEU B 658 -41.57 62.62 -15.30
C LEU B 658 -42.22 61.27 -15.04
N PHE B 659 -42.14 60.79 -13.81
CA PHE B 659 -42.80 59.54 -13.43
C PHE B 659 -44.30 59.64 -13.59
N GLY B 660 -44.88 60.81 -13.31
CA GLY B 660 -46.31 60.97 -13.44
C GLY B 660 -46.76 61.03 -14.89
N HIS B 661 -45.97 61.68 -15.74
CA HIS B 661 -46.23 61.68 -17.18
C HIS B 661 -46.18 60.27 -17.79
N LEU B 662 -45.45 59.34 -17.18
CA LEU B 662 -45.32 57.98 -17.71
C LEU B 662 -46.42 57.05 -17.24
N VAL B 663 -46.85 57.16 -15.97
CA VAL B 663 -47.98 56.35 -15.51
C VAL B 663 -49.26 56.80 -16.20
N TRP B 664 -49.38 58.09 -16.45
CA TRP B 664 -50.55 58.64 -17.14
C TRP B 664 -50.64 58.10 -18.57
N ALA B 665 -49.52 58.13 -19.29
CA ALA B 665 -49.49 57.66 -20.67
C ALA B 665 -49.60 56.16 -20.78
N THR B 666 -49.23 55.42 -19.73
CA THR B 666 -49.35 53.97 -19.78
C THR B 666 -50.80 53.54 -19.75
N GLY B 667 -51.63 54.31 -19.06
CA GLY B 667 -53.04 53.99 -18.95
C GLY B 667 -53.83 54.17 -20.22
N PHE B 668 -53.25 54.82 -21.22
CA PHE B 668 -53.94 54.90 -22.51
C PHE B 668 -53.93 53.55 -23.20
N MET B 669 -52.92 52.71 -22.93
CA MET B 669 -52.78 51.43 -23.61
C MET B 669 -53.92 50.49 -23.27
N PHE B 670 -54.45 50.61 -22.07
CA PHE B 670 -55.54 49.76 -21.64
C PHE B 670 -56.88 50.27 -22.13
N LEU B 671 -56.93 51.46 -22.72
CA LEU B 671 -58.20 52.10 -23.07
C LEU B 671 -58.40 52.25 -24.57
N ILE B 672 -57.38 52.68 -25.30
CA ILE B 672 -57.47 52.66 -26.76
C ILE B 672 -57.50 51.22 -27.26
N SER B 673 -56.50 50.43 -26.91
CA SER B 673 -56.47 49.04 -27.31
C SER B 673 -57.33 48.22 -26.36
N TRP B 674 -58.14 47.34 -26.92
CA TRP B 674 -59.03 46.53 -26.10
C TRP B 674 -58.60 45.07 -26.20
N ARG B 675 -59.41 44.18 -25.64
CA ARG B 675 -58.93 42.86 -25.21
C ARG B 675 -58.53 41.97 -26.37
N GLY B 676 -59.35 41.90 -27.41
CA GLY B 676 -59.21 40.84 -28.41
C GLY B 676 -57.96 40.93 -29.25
N TYR B 677 -57.31 42.09 -29.29
CA TYR B 677 -55.96 42.15 -29.84
C TYR B 677 -54.99 41.34 -29.01
N TRP B 678 -55.17 41.35 -27.69
CA TRP B 678 -54.17 40.83 -26.78
C TRP B 678 -54.33 39.36 -26.48
N GLN B 679 -55.54 38.82 -26.59
CA GLN B 679 -55.70 37.38 -26.46
C GLN B 679 -55.11 36.64 -27.66
N GLU B 680 -55.17 37.26 -28.84
CA GLU B 680 -54.51 36.70 -30.01
C GLU B 680 -53.01 36.91 -30.01
N LEU B 681 -52.47 37.71 -29.10
CA LEU B 681 -51.03 37.87 -28.97
C LEU B 681 -50.47 36.90 -27.95
N ILE B 682 -51.20 36.66 -26.86
CA ILE B 682 -50.76 35.74 -25.83
C ILE B 682 -50.80 34.30 -26.33
N GLU B 683 -51.72 33.98 -27.24
CA GLU B 683 -51.77 32.65 -27.83
C GLU B 683 -50.60 32.33 -28.75
N THR B 684 -49.79 33.32 -29.12
CA THR B 684 -48.52 33.04 -29.79
C THR B 684 -47.38 32.87 -28.80
N LEU B 685 -47.50 33.43 -27.61
CA LEU B 685 -46.50 33.21 -26.57
C LEU B 685 -46.70 31.89 -25.86
N VAL B 686 -47.95 31.43 -25.76
CA VAL B 686 -48.23 30.10 -25.27
C VAL B 686 -47.66 29.06 -26.23
N TRP B 687 -47.70 29.34 -27.53
CA TRP B 687 -47.11 28.46 -28.53
C TRP B 687 -45.60 28.39 -28.38
N ALA B 688 -44.93 29.55 -28.39
CA ALA B 688 -43.48 29.59 -28.38
C ALA B 688 -42.86 29.37 -27.01
N HIS B 689 -43.63 28.90 -26.04
CA HIS B 689 -43.08 28.42 -24.78
C HIS B 689 -43.11 26.91 -24.68
N GLU B 690 -44.08 26.28 -25.32
CA GLU B 690 -44.16 24.83 -25.39
C GLU B 690 -43.24 24.24 -26.46
N ARG B 691 -42.60 25.08 -27.27
CA ARG B 691 -41.73 24.63 -28.34
C ARG B 691 -40.26 24.87 -28.04
N THR B 692 -39.95 25.86 -27.21
CA THR B 692 -38.59 26.13 -26.79
C THR B 692 -38.07 24.96 -25.96
N PRO B 693 -36.91 24.38 -26.29
CA PRO B 693 -36.59 23.05 -25.75
C PRO B 693 -36.15 23.04 -24.31
N ILE B 694 -35.42 24.02 -23.82
CA ILE B 694 -35.01 23.98 -22.42
C ILE B 694 -36.06 24.62 -21.54
N ALA B 695 -36.70 25.69 -22.00
CA ALA B 695 -37.62 26.45 -21.18
C ALA B 695 -39.00 25.81 -21.07
N ASN B 696 -39.27 24.68 -21.70
CA ASN B 696 -40.54 24.01 -21.46
C ASN B 696 -40.44 22.92 -20.40
N LEU B 697 -39.35 22.90 -19.65
CA LEU B 697 -39.33 22.11 -18.42
C LEU B 697 -40.32 22.66 -17.42
N VAL B 698 -40.46 23.98 -17.37
CA VAL B 698 -41.39 24.62 -16.49
C VAL B 698 -42.64 24.98 -17.28
N ARG B 699 -43.76 25.10 -16.57
CA ARG B 699 -45.03 25.37 -17.21
C ARG B 699 -45.95 25.97 -16.17
N TRP B 700 -46.86 26.82 -16.63
CA TRP B 700 -47.82 27.50 -15.77
C TRP B 700 -48.75 26.53 -15.07
N LYS B 701 -49.26 26.94 -13.92
CA LYS B 701 -50.41 26.29 -13.32
C LYS B 701 -51.71 26.93 -13.79
N ASP B 702 -51.74 28.26 -13.91
CA ASP B 702 -52.88 28.99 -14.43
C ASP B 702 -52.62 29.38 -15.89
N LYS B 703 -53.58 29.06 -16.75
CA LYS B 703 -53.46 29.36 -18.17
C LYS B 703 -53.45 30.86 -18.41
N PRO B 704 -52.47 31.40 -19.13
CA PRO B 704 -52.41 32.86 -19.33
C PRO B 704 -53.48 33.31 -20.30
N VAL B 705 -54.34 34.23 -19.82
CA VAL B 705 -55.34 34.86 -20.66
C VAL B 705 -55.17 36.37 -20.51
N ALA B 706 -55.69 37.10 -21.49
CA ALA B 706 -55.61 38.55 -21.43
C ALA B 706 -56.59 39.10 -20.41
N LEU B 707 -56.37 40.36 -20.02
CA LEU B 707 -57.20 41.00 -19.01
C LEU B 707 -58.61 41.19 -19.53
N SER B 708 -59.60 41.02 -18.66
CA SER B 708 -60.97 41.08 -19.15
C SER B 708 -61.37 42.52 -19.42
N ILE B 709 -62.57 42.67 -19.99
CA ILE B 709 -63.01 43.95 -20.51
C ILE B 709 -63.24 44.95 -19.39
N VAL B 710 -63.89 44.50 -18.32
CA VAL B 710 -64.12 45.40 -17.19
C VAL B 710 -62.84 45.59 -16.40
N GLN B 711 -61.92 44.63 -16.47
CA GLN B 711 -60.71 44.71 -15.66
C GLN B 711 -59.75 45.77 -16.18
N ALA B 712 -59.50 45.82 -17.48
CA ALA B 712 -58.55 46.82 -17.93
C ALA B 712 -59.18 48.18 -18.16
N ARG B 713 -60.45 48.35 -17.82
CA ARG B 713 -60.99 49.68 -17.59
C ARG B 713 -60.74 50.13 -16.16
N VAL B 714 -60.64 49.19 -15.22
CA VAL B 714 -60.14 49.50 -13.89
C VAL B 714 -58.66 49.81 -13.95
N VAL B 715 -57.88 48.91 -14.56
CA VAL B 715 -56.43 49.06 -14.62
C VAL B 715 -56.05 50.25 -15.50
N GLY B 716 -56.86 50.55 -16.52
CA GLY B 716 -56.62 51.74 -17.31
C GLY B 716 -56.92 53.01 -16.57
N LEU B 717 -57.96 53.01 -15.76
CA LEU B 717 -58.27 54.18 -14.95
C LEU B 717 -57.33 54.32 -13.77
N ALA B 718 -56.72 53.22 -13.33
CA ALA B 718 -55.79 53.29 -12.21
C ALA B 718 -54.47 53.95 -12.63
N HIS B 719 -53.91 53.56 -13.78
CA HIS B 719 -52.72 54.25 -14.26
C HIS B 719 -53.01 55.70 -14.64
N PHE B 720 -54.23 55.98 -15.10
CA PHE B 720 -54.61 57.34 -15.47
C PHE B 720 -54.68 58.23 -14.24
N THR B 721 -55.31 57.75 -13.17
CA THR B 721 -55.57 58.57 -12.00
C THR B 721 -54.32 58.78 -11.16
N VAL B 722 -53.51 57.72 -10.99
CA VAL B 722 -52.25 57.83 -10.26
C VAL B 722 -51.29 58.78 -10.97
N GLY B 723 -51.23 58.71 -12.29
CA GLY B 723 -50.39 59.63 -13.03
C GLY B 723 -50.91 61.04 -13.08
N TYR B 724 -52.23 61.22 -12.97
CA TYR B 724 -52.81 62.56 -12.91
C TYR B 724 -52.47 63.22 -11.58
N VAL B 725 -52.49 62.45 -10.50
CA VAL B 725 -52.22 62.96 -9.17
C VAL B 725 -50.74 63.32 -9.03
N LEU B 726 -49.86 62.37 -9.35
CA LEU B 726 -48.43 62.53 -9.11
C LEU B 726 -47.80 63.59 -10.00
N THR B 727 -48.39 63.87 -11.16
CA THR B 727 -47.82 64.90 -12.03
C THR B 727 -48.06 66.28 -11.44
N TYR B 728 -49.30 66.55 -11.05
CA TYR B 728 -49.63 67.86 -10.51
C TYR B 728 -49.06 68.06 -9.13
N ALA B 729 -49.04 67.00 -8.31
CA ALA B 729 -48.47 67.11 -6.98
C ALA B 729 -46.97 67.31 -6.99
N ALA B 730 -46.29 66.97 -8.09
CA ALA B 730 -44.89 67.33 -8.20
C ALA B 730 -44.72 68.73 -8.75
N PHE B 731 -45.70 69.20 -9.51
CA PHE B 731 -45.68 70.57 -10.01
C PHE B 731 -46.17 71.57 -8.98
N LEU B 732 -47.15 71.19 -8.16
CA LEU B 732 -47.69 72.08 -7.14
C LEU B 732 -46.65 72.38 -6.08
N ILE B 733 -45.92 71.37 -5.64
CA ILE B 733 -44.95 71.54 -4.57
C ILE B 733 -43.74 72.34 -5.04
N ALA B 734 -43.07 71.85 -6.09
CA ALA B 734 -41.77 72.40 -6.44
C ALA B 734 -41.84 73.76 -7.13
N SER B 735 -42.95 74.09 -7.78
CA SER B 735 -43.10 75.45 -8.29
C SER B 735 -43.39 76.44 -7.18
N THR B 736 -43.91 75.97 -6.05
CA THR B 736 -44.15 76.83 -4.90
C THR B 736 -42.98 76.78 -3.93
N ALA B 737 -42.45 75.59 -3.66
CA ALA B 737 -41.31 75.45 -2.76
C ALA B 737 -39.99 75.80 -3.41
N GLY B 738 -39.97 76.11 -4.69
CA GLY B 738 -38.80 76.65 -5.32
C GLY B 738 -38.81 78.15 -5.45
N LYS B 739 -39.92 78.79 -5.10
CA LYS B 739 -40.03 80.24 -5.25
C LYS B 739 -40.33 80.92 -3.91
N PHE B 740 -41.09 80.23 -3.07
CA PHE B 740 -41.58 80.71 -1.77
C PHE B 740 -42.38 82.01 -1.93
N SER C 2 -70.36 27.03 -16.82
CA SER C 2 -70.55 27.61 -18.14
C SER C 2 -71.51 28.77 -18.10
N HIS C 3 -71.98 29.19 -19.26
CA HIS C 3 -72.92 30.30 -19.34
C HIS C 3 -74.34 29.75 -19.23
N THR C 4 -75.32 30.63 -19.40
CA THR C 4 -76.72 30.27 -19.20
C THR C 4 -77.54 30.84 -20.36
N VAL C 5 -78.21 29.97 -21.09
CA VAL C 5 -78.97 30.37 -22.27
C VAL C 5 -80.45 30.18 -21.96
N LYS C 6 -81.15 31.29 -21.75
CA LYS C 6 -82.59 31.28 -21.49
C LYS C 6 -83.32 31.60 -22.77
N ILE C 7 -84.31 30.80 -23.11
CA ILE C 7 -85.13 31.01 -24.30
C ILE C 7 -86.57 31.20 -23.85
N TYR C 8 -87.11 32.38 -24.12
CA TYR C 8 -88.46 32.72 -23.72
C TYR C 8 -89.45 32.22 -24.75
N ASP C 9 -90.73 32.42 -24.49
CA ASP C 9 -91.78 31.82 -25.31
C ASP C 9 -92.24 32.75 -26.43
N THR C 10 -91.47 33.79 -26.74
CA THR C 10 -91.93 34.76 -27.71
C THR C 10 -91.39 34.52 -29.11
N CYS C 11 -90.47 33.57 -29.30
CA CYS C 11 -89.88 33.43 -30.62
C CYS C 11 -90.83 32.69 -31.55
N ILE C 12 -90.51 32.76 -32.83
CA ILE C 12 -91.40 32.36 -33.90
C ILE C 12 -90.86 31.15 -34.64
N GLY C 13 -89.78 30.55 -34.16
CA GLY C 13 -89.17 29.46 -34.90
C GLY C 13 -88.46 29.92 -36.15
N CYS C 14 -87.72 31.03 -36.05
CA CYS C 14 -87.09 31.60 -37.23
C CYS C 14 -85.88 30.80 -37.68
N THR C 15 -85.29 30.01 -36.78
CA THR C 15 -84.08 29.21 -37.00
C THR C 15 -82.89 30.06 -37.44
N GLN C 16 -82.85 31.31 -37.01
CA GLN C 16 -81.70 32.17 -37.25
C GLN C 16 -80.70 32.09 -36.11
N CYS C 17 -81.16 31.73 -34.92
CA CYS C 17 -80.25 31.62 -33.78
C CYS C 17 -79.54 30.27 -33.78
N VAL C 18 -80.19 29.22 -34.27
CA VAL C 18 -79.54 27.91 -34.36
C VAL C 18 -78.47 27.93 -35.44
N ARG C 19 -78.71 28.64 -36.54
CA ARG C 19 -77.77 28.77 -37.63
C ARG C 19 -76.74 29.85 -37.40
N ALA C 20 -76.54 30.29 -36.16
CA ALA C 20 -75.54 31.30 -35.85
C ALA C 20 -74.67 30.96 -34.65
N CYS C 21 -75.10 30.10 -33.75
CA CYS C 21 -74.26 29.72 -32.62
C CYS C 21 -73.14 28.83 -33.12
N PRO C 22 -71.87 29.24 -33.00
CA PRO C 22 -70.81 28.49 -33.66
C PRO C 22 -70.36 27.24 -32.92
N THR C 23 -70.74 27.05 -31.67
CA THR C 23 -70.44 25.78 -31.03
C THR C 23 -71.63 24.83 -31.02
N ASP C 24 -72.70 25.18 -31.73
CA ASP C 24 -73.91 24.38 -31.92
C ASP C 24 -74.53 23.99 -30.57
N VAL C 25 -74.85 25.02 -29.79
CA VAL C 25 -75.54 24.81 -28.54
C VAL C 25 -77.03 24.65 -28.79
N LEU C 26 -77.55 25.34 -29.78
CA LEU C 26 -78.98 25.48 -29.96
C LEU C 26 -79.51 24.42 -30.93
N GLU C 27 -80.76 24.03 -30.71
CA GLU C 27 -81.46 23.15 -31.64
C GLU C 27 -82.96 23.41 -31.52
N MET C 28 -83.67 23.05 -32.59
CA MET C 28 -85.11 23.26 -32.66
C MET C 28 -85.85 22.03 -32.17
N VAL C 29 -86.81 22.25 -31.28
CA VAL C 29 -87.70 21.18 -30.85
C VAL C 29 -89.12 21.56 -31.28
N PRO C 30 -89.99 20.59 -31.57
CA PRO C 30 -91.36 20.95 -31.97
C PRO C 30 -92.17 21.46 -30.77
N TRP C 31 -93.02 22.43 -31.05
CA TRP C 31 -93.76 23.13 -29.99
C TRP C 31 -94.96 23.78 -30.63
N ASP C 32 -96.16 23.38 -30.20
CA ASP C 32 -97.41 23.75 -30.87
C ASP C 32 -97.80 25.22 -30.72
N GLY C 33 -96.99 26.06 -30.09
CA GLY C 33 -97.34 27.45 -29.92
C GLY C 33 -97.30 28.27 -31.19
N CYS C 34 -96.11 28.51 -31.74
CA CYS C 34 -95.94 29.55 -32.75
C CYS C 34 -96.45 29.09 -34.12
N LYS C 35 -96.32 29.99 -35.10
CA LYS C 35 -96.82 29.71 -36.43
C LYS C 35 -95.96 28.66 -37.14
N ALA C 36 -94.64 28.73 -36.95
CA ALA C 36 -93.75 27.72 -37.52
C ALA C 36 -93.67 26.46 -36.68
N ALA C 37 -94.34 26.44 -35.53
CA ALA C 37 -94.57 25.25 -34.70
C ALA C 37 -93.28 24.63 -34.19
N GLN C 38 -92.32 25.48 -33.83
CA GLN C 38 -91.07 25.02 -33.24
C GLN C 38 -90.44 26.15 -32.44
N VAL C 39 -89.79 25.79 -31.35
CA VAL C 39 -89.13 26.75 -30.48
C VAL C 39 -87.66 26.36 -30.41
N ALA C 40 -86.79 27.35 -30.24
CA ALA C 40 -85.38 27.07 -30.03
C ALA C 40 -85.17 26.49 -28.64
N SER C 41 -84.21 25.58 -28.52
CA SER C 41 -83.86 24.99 -27.25
C SER C 41 -82.34 24.87 -27.16
N SER C 42 -81.82 24.97 -25.94
CA SER C 42 -80.37 24.97 -25.68
C SER C 42 -80.00 23.81 -24.76
N PRO C 43 -79.88 22.59 -25.30
CA PRO C 43 -79.58 21.44 -24.43
C PRO C 43 -78.10 21.26 -24.14
N ARG C 44 -77.22 22.06 -24.74
CA ARG C 44 -75.78 21.85 -24.65
C ARG C 44 -75.08 23.12 -24.22
N THR C 45 -75.56 23.74 -23.15
CA THR C 45 -75.02 25.02 -22.71
C THR C 45 -73.67 24.92 -22.03
N GLU C 46 -73.12 23.72 -21.87
CA GLU C 46 -71.74 23.62 -21.41
C GLU C 46 -70.76 23.91 -22.53
N ASP C 47 -71.23 23.96 -23.78
CA ASP C 47 -70.39 24.31 -24.92
C ASP C 47 -70.47 25.78 -25.29
N CYS C 48 -71.33 26.56 -24.65
CA CYS C 48 -71.55 27.93 -25.09
C CYS C 48 -70.39 28.80 -24.66
N VAL C 49 -69.92 29.62 -25.58
CA VAL C 49 -68.74 30.44 -25.38
C VAL C 49 -69.09 31.89 -25.14
N GLY C 50 -70.37 32.20 -24.93
CA GLY C 50 -70.76 33.57 -24.65
C GLY C 50 -70.67 34.51 -25.83
N CYS C 51 -70.72 33.98 -27.05
CA CYS C 51 -70.45 34.76 -28.25
C CYS C 51 -71.52 35.82 -28.50
N LYS C 52 -72.76 35.55 -28.08
CA LYS C 52 -73.94 36.38 -28.33
C LYS C 52 -74.17 36.64 -29.81
N ARG C 53 -73.76 35.70 -30.66
CA ARG C 53 -74.23 35.68 -32.03
C ARG C 53 -75.70 35.28 -32.09
N CYS C 54 -76.13 34.50 -31.10
CA CYS C 54 -77.52 34.03 -31.05
C CYS C 54 -78.47 35.15 -30.65
N GLU C 55 -78.00 36.11 -29.85
CA GLU C 55 -78.85 37.26 -29.53
C GLU C 55 -78.88 38.27 -30.67
N THR C 56 -77.82 38.32 -31.48
CA THR C 56 -77.77 39.27 -32.59
C THR C 56 -78.72 38.87 -33.70
N ALA C 57 -78.92 37.57 -33.91
CA ALA C 57 -79.66 37.07 -35.06
C ALA C 57 -81.16 36.91 -34.78
N CYS C 58 -81.59 37.06 -33.54
CA CYS C 58 -83.00 36.84 -33.22
C CYS C 58 -83.82 38.05 -33.64
N PRO C 59 -84.95 37.86 -34.34
CA PRO C 59 -85.73 39.01 -34.79
C PRO C 59 -86.50 39.70 -33.68
N THR C 60 -87.11 38.93 -32.78
CA THR C 60 -88.21 39.42 -31.95
C THR C 60 -87.77 40.48 -30.97
N ASP C 61 -88.64 41.47 -30.77
CA ASP C 61 -88.39 42.57 -29.84
C ASP C 61 -89.34 42.41 -28.65
N PHE C 62 -88.78 42.20 -27.45
CA PHE C 62 -87.35 42.13 -27.20
C PHE C 62 -86.93 40.67 -27.37
N LEU C 63 -85.66 40.36 -27.14
CA LEU C 63 -85.06 39.10 -27.56
C LEU C 63 -85.66 37.92 -26.82
N SER C 64 -86.01 36.89 -27.58
CA SER C 64 -86.51 35.67 -26.97
C SER C 64 -85.40 34.85 -26.37
N ILE C 65 -84.19 34.99 -26.89
CA ILE C 65 -83.03 34.25 -26.39
C ILE C 65 -82.15 35.23 -25.64
N ARG C 66 -81.53 34.76 -24.57
CA ARG C 66 -80.64 35.61 -23.79
C ARG C 66 -79.52 34.76 -23.22
N VAL C 67 -78.30 35.27 -23.28
CA VAL C 67 -77.14 34.59 -22.74
C VAL C 67 -76.71 35.32 -21.48
N TYR C 68 -76.76 34.62 -20.35
CA TYR C 68 -76.29 35.15 -19.09
C TYR C 68 -74.88 34.64 -18.86
N LEU C 69 -73.93 35.56 -18.74
CA LEU C 69 -72.53 35.19 -18.64
C LEU C 69 -72.24 34.70 -17.22
N GLY C 70 -71.82 33.44 -17.10
CA GLY C 70 -71.58 32.84 -15.81
C GLY C 70 -70.13 32.46 -15.56
N ALA C 71 -69.91 31.39 -14.80
CA ALA C 71 -68.56 30.94 -14.48
C ALA C 71 -67.88 30.36 -15.71
N GLU C 72 -66.62 30.73 -15.90
CA GLU C 72 -65.92 30.52 -17.17
C GLU C 72 -64.94 29.37 -17.02
N THR C 73 -65.28 28.22 -17.59
CA THR C 73 -64.42 27.05 -17.61
C THR C 73 -63.53 27.10 -18.85
N THR C 74 -62.87 25.98 -19.17
CA THR C 74 -61.93 25.97 -20.29
C THR C 74 -62.68 25.99 -21.62
N ARG C 75 -63.84 25.32 -21.69
CA ARG C 75 -64.58 25.30 -22.95
C ARG C 75 -65.21 26.65 -23.27
N SER C 76 -65.52 27.44 -22.25
CA SER C 76 -66.16 28.73 -22.50
C SER C 76 -65.16 29.88 -22.59
N MET C 77 -63.91 29.67 -22.19
CA MET C 77 -62.89 30.68 -22.44
C MET C 77 -62.38 30.67 -23.86
N GLY C 78 -62.59 29.60 -24.60
CA GLY C 78 -62.08 29.52 -25.95
C GLY C 78 -60.58 29.35 -26.00
N LEU C 79 -60.06 28.45 -25.18
CA LEU C 79 -58.62 28.21 -25.09
C LEU C 79 -58.28 26.93 -25.82
N ALA C 80 -57.36 27.03 -26.78
CA ALA C 80 -56.84 25.85 -27.45
C ALA C 80 -55.74 25.16 -26.67
N TYR C 81 -55.41 25.65 -25.49
CA TYR C 81 -54.30 25.15 -24.70
C TYR C 81 -54.69 24.80 -23.28
N GLU D 27 -54.88 14.84 -28.32
CA GLU D 27 -55.84 15.09 -29.38
C GLU D 27 -57.27 15.01 -28.84
N LYS D 28 -58.18 15.77 -29.45
CA LYS D 28 -59.56 15.86 -29.00
C LYS D 28 -60.40 16.35 -30.17
N TYR D 29 -61.68 15.95 -30.18
CA TYR D 29 -62.68 16.40 -31.15
C TYR D 29 -62.29 16.08 -32.60
N ALA D 30 -62.25 14.79 -32.91
CA ALA D 30 -62.04 14.42 -34.30
C ALA D 30 -63.26 14.78 -35.14
N ILE D 31 -63.03 15.23 -36.37
CA ILE D 31 -64.09 15.48 -37.33
C ILE D 31 -63.85 14.62 -38.56
N THR D 32 -64.89 13.91 -38.99
CA THR D 32 -64.85 13.06 -40.16
C THR D 32 -65.84 13.57 -41.19
N TRP D 33 -65.49 13.47 -42.46
CA TRP D 33 -66.44 13.77 -43.53
C TRP D 33 -66.09 12.94 -44.76
N THR D 34 -67.10 12.66 -45.56
CA THR D 34 -66.95 11.88 -46.78
C THR D 34 -67.02 12.83 -47.98
N SER D 35 -65.98 12.81 -48.79
CA SER D 35 -65.96 13.74 -49.90
C SER D 35 -66.21 13.02 -51.22
N PRO D 36 -66.84 13.68 -52.19
CA PRO D 36 -67.00 13.05 -53.51
C PRO D 36 -65.70 12.95 -54.29
N LYS D 37 -64.77 13.86 -54.04
CA LYS D 37 -63.53 13.95 -54.80
C LYS D 37 -62.47 14.62 -53.92
N ALA D 38 -61.37 15.05 -54.53
CA ALA D 38 -60.34 15.79 -53.84
C ALA D 38 -60.38 17.25 -54.27
N GLN D 39 -60.22 18.16 -53.31
CA GLN D 39 -60.17 19.59 -53.57
C GLN D 39 -59.53 20.30 -52.38
N VAL D 40 -59.04 21.50 -52.64
CA VAL D 40 -58.28 22.27 -51.65
C VAL D 40 -59.26 23.08 -50.82
N PHE D 41 -59.23 22.87 -49.52
CA PHE D 41 -60.02 23.63 -48.58
C PHE D 41 -59.10 24.45 -47.68
N GLU D 42 -59.67 25.12 -46.70
CA GLU D 42 -58.93 25.97 -45.78
C GLU D 42 -59.03 25.40 -44.37
N LEU D 43 -57.88 25.08 -43.78
CA LEU D 43 -57.85 24.54 -42.43
C LEU D 43 -58.24 25.61 -41.42
N PRO D 44 -58.96 25.24 -40.36
CA PRO D 44 -59.31 26.22 -39.33
C PRO D 44 -58.13 26.69 -38.52
N THR D 45 -57.04 25.93 -38.50
CA THR D 45 -55.83 26.31 -37.81
C THR D 45 -54.94 27.24 -38.62
N GLY D 46 -55.40 27.68 -39.80
CA GLY D 46 -54.64 28.59 -40.63
C GLY D 46 -53.83 27.87 -41.68
N GLY D 47 -54.13 28.12 -42.95
CA GLY D 47 -53.49 27.43 -44.05
C GLY D 47 -54.46 26.55 -44.82
N ALA D 48 -54.01 26.14 -46.00
CA ALA D 48 -54.82 25.35 -46.91
C ALA D 48 -54.25 23.94 -47.05
N ALA D 49 -55.12 22.95 -46.93
CA ALA D 49 -54.79 21.54 -47.12
C ALA D 49 -55.60 21.00 -48.29
N THR D 50 -55.51 19.70 -48.51
CA THR D 50 -56.21 19.06 -49.62
C THR D 50 -56.86 17.79 -49.11
N MET D 51 -58.19 17.75 -49.11
CA MET D 51 -58.90 16.55 -48.67
C MET D 51 -58.71 15.42 -49.67
N HIS D 52 -58.85 14.20 -49.20
CA HIS D 52 -58.83 13.04 -50.08
C HIS D 52 -60.20 12.88 -50.71
N GLU D 53 -60.32 11.87 -51.57
CA GLU D 53 -61.62 11.37 -51.97
C GLU D 53 -62.03 10.27 -51.00
N GLY D 54 -63.26 10.36 -50.49
CA GLY D 54 -63.72 9.39 -49.54
C GLY D 54 -63.73 9.92 -48.12
N GLU D 55 -63.57 9.03 -47.15
CA GLU D 55 -63.67 9.43 -45.75
C GLU D 55 -62.41 10.17 -45.33
N ASN D 56 -62.59 11.31 -44.69
CA ASN D 56 -61.49 12.12 -44.20
C ASN D 56 -61.49 12.15 -42.68
N LEU D 57 -60.43 12.72 -42.13
CA LEU D 57 -60.24 12.76 -40.69
C LEU D 57 -59.30 13.91 -40.37
N LEU D 58 -59.69 14.75 -39.41
CA LEU D 58 -58.89 15.91 -39.04
C LEU D 58 -58.95 16.07 -37.53
N TYR D 59 -57.79 16.07 -36.89
CA TYR D 59 -57.71 16.32 -35.46
C TYR D 59 -57.52 17.80 -35.21
N ILE D 60 -58.52 18.41 -34.57
CA ILE D 60 -58.53 19.84 -34.32
C ILE D 60 -58.43 20.05 -32.81
N ALA D 61 -58.45 21.30 -32.37
CA ALA D 61 -58.24 21.56 -30.96
C ALA D 61 -59.57 21.69 -30.22
N ARG D 62 -60.55 22.34 -30.84
CA ARG D 62 -61.82 22.67 -30.19
C ARG D 62 -62.96 22.45 -31.15
N LYS D 63 -64.16 22.32 -30.57
CA LYS D 63 -65.41 22.14 -31.32
C LYS D 63 -65.74 23.35 -32.18
N GLU D 64 -65.33 24.54 -31.74
CA GLU D 64 -65.50 25.77 -32.51
C GLU D 64 -64.80 25.70 -33.86
N TYR D 65 -63.69 24.96 -33.96
CA TYR D 65 -63.05 24.78 -35.26
C TYR D 65 -63.88 23.90 -36.18
N GLY D 66 -64.56 22.89 -35.61
CA GLY D 66 -65.22 21.89 -36.42
C GLY D 66 -66.50 22.40 -37.06
N ILE D 67 -67.17 23.34 -36.42
CA ILE D 67 -68.36 23.91 -37.03
C ILE D 67 -67.95 25.01 -38.00
N ALA D 68 -66.87 25.74 -37.70
CA ALA D 68 -66.35 26.72 -38.63
C ALA D 68 -65.73 26.05 -39.85
N LEU D 69 -65.30 24.79 -39.70
CA LEU D 69 -64.97 23.98 -40.85
C LEU D 69 -66.21 23.37 -41.47
N GLY D 70 -67.18 22.97 -40.65
CA GLY D 70 -68.39 22.33 -41.16
C GLY D 70 -69.24 23.24 -42.00
N GLY D 71 -69.15 24.56 -41.80
CA GLY D 71 -69.80 25.49 -42.70
C GLY D 71 -69.01 25.75 -43.95
N GLN D 72 -67.69 25.56 -43.90
CA GLN D 72 -66.86 25.67 -45.09
C GLN D 72 -67.07 24.48 -46.02
N LEU D 73 -67.47 23.34 -45.46
CA LEU D 73 -67.90 22.20 -46.26
C LEU D 73 -69.22 22.44 -46.97
N ARG D 74 -70.07 23.34 -46.46
CA ARG D 74 -71.39 23.55 -47.03
C ARG D 74 -71.32 24.18 -48.41
N LYS D 75 -70.31 25.02 -48.64
CA LYS D 75 -70.11 25.55 -49.97
C LYS D 75 -69.52 24.52 -50.93
N PHE D 76 -68.99 23.42 -50.40
CA PHE D 76 -68.58 22.28 -51.21
C PHE D 76 -69.69 21.24 -51.34
N LYS D 77 -70.90 21.57 -50.87
CA LYS D 77 -72.09 20.71 -50.93
C LYS D 77 -71.88 19.39 -50.19
N ILE D 78 -71.31 19.48 -48.98
CA ILE D 78 -71.08 18.31 -48.14
C ILE D 78 -71.77 18.57 -46.81
N THR D 79 -72.69 17.69 -46.43
CA THR D 79 -73.42 17.76 -45.17
C THR D 79 -73.40 16.41 -44.47
N ASN D 80 -72.23 15.78 -44.41
CA ASN D 80 -72.09 14.47 -43.83
C ASN D 80 -71.00 14.44 -42.77
N TYR D 81 -70.84 15.53 -42.03
CA TYR D 81 -69.71 15.70 -41.14
C TYR D 81 -70.10 15.36 -39.71
N LYS D 82 -69.17 14.73 -38.99
CA LYS D 82 -69.42 14.18 -37.66
C LYS D 82 -68.29 14.60 -36.73
N ILE D 83 -68.59 15.39 -35.72
CA ILE D 83 -67.60 15.80 -34.73
C ILE D 83 -67.66 14.86 -33.54
N TYR D 84 -66.54 14.25 -33.21
CA TYR D 84 -66.43 13.35 -32.09
C TYR D 84 -65.93 14.13 -30.87
N ARG D 85 -65.57 13.41 -29.82
CA ARG D 85 -64.94 14.02 -28.65
C ARG D 85 -63.99 13.00 -28.03
N ILE D 86 -62.70 13.11 -28.37
CA ILE D 86 -61.70 12.16 -27.92
C ILE D 86 -61.14 12.62 -26.58
N LEU D 87 -61.54 11.92 -25.53
CA LEU D 87 -61.01 12.15 -24.19
C LEU D 87 -59.61 11.57 -24.08
N PRO D 88 -58.80 12.04 -23.12
CA PRO D 88 -57.44 11.48 -22.97
C PRO D 88 -57.40 10.04 -22.50
N SER D 89 -58.50 9.54 -21.93
CA SER D 89 -58.58 8.13 -21.58
C SER D 89 -58.78 7.22 -22.78
N GLY D 90 -59.15 7.78 -23.92
CA GLY D 90 -59.49 7.01 -25.09
C GLY D 90 -60.98 6.91 -25.39
N GLU D 91 -61.80 7.69 -24.72
CA GLU D 91 -63.24 7.67 -24.94
C GLU D 91 -63.60 8.64 -26.05
N THR D 92 -64.35 8.15 -27.04
CA THR D 92 -64.75 8.91 -28.20
C THR D 92 -66.26 9.06 -28.19
N THR D 93 -66.74 10.27 -27.88
CA THR D 93 -68.15 10.55 -27.71
C THR D 93 -68.67 11.30 -28.93
N PHE D 94 -69.67 10.74 -29.60
CA PHE D 94 -70.27 11.34 -30.77
C PHE D 94 -71.23 12.44 -30.31
N ILE D 95 -70.91 13.69 -30.60
CA ILE D 95 -71.64 14.83 -30.06
C ILE D 95 -72.33 15.68 -31.12
N HIS D 96 -72.09 15.42 -32.40
CA HIS D 96 -72.78 16.18 -33.45
C HIS D 96 -72.96 15.30 -34.69
N PRO D 97 -74.21 15.06 -35.14
CA PRO D 97 -75.52 15.43 -34.57
C PRO D 97 -75.91 14.62 -33.35
N ALA D 98 -77.13 14.83 -32.86
CA ALA D 98 -77.60 14.05 -31.71
C ALA D 98 -78.19 12.72 -32.15
N ASP D 99 -78.89 12.70 -33.28
CA ASP D 99 -79.54 11.49 -33.76
C ASP D 99 -78.57 10.49 -34.39
N VAL E 2 -106.96 43.00 -34.61
CA VAL E 2 -108.17 43.75 -34.96
C VAL E 2 -108.50 43.48 -36.43
N GLN E 3 -107.90 44.24 -37.33
CA GLN E 3 -108.11 44.09 -38.76
C GLN E 3 -106.95 44.73 -39.49
N ARG E 4 -106.78 44.33 -40.75
CA ARG E 4 -105.60 44.70 -41.53
C ARG E 4 -105.66 46.16 -41.90
N GLY E 5 -105.00 47.01 -41.11
CA GLY E 5 -104.99 48.44 -41.33
C GLY E 5 -105.39 49.26 -40.12
N SER E 6 -105.56 48.65 -38.96
CA SER E 6 -106.01 49.36 -37.77
C SER E 6 -104.82 49.85 -36.97
N LYS E 7 -104.77 51.16 -36.73
CA LYS E 7 -103.73 51.74 -35.89
C LYS E 7 -103.92 51.28 -34.46
N VAL E 8 -102.89 50.71 -33.85
CA VAL E 8 -102.93 50.29 -32.45
C VAL E 8 -101.80 50.94 -31.69
N ARG E 9 -101.79 50.72 -30.39
CA ARG E 9 -100.72 51.17 -29.50
C ARG E 9 -100.17 49.99 -28.73
N ILE E 10 -98.99 50.18 -28.16
CA ILE E 10 -98.26 49.10 -27.52
C ILE E 10 -98.12 49.41 -26.03
N LEU E 11 -98.37 48.41 -25.19
CA LEU E 11 -98.22 48.54 -23.76
C LEU E 11 -97.16 47.62 -23.18
N ARG E 12 -96.45 46.86 -24.01
CA ARG E 12 -95.39 45.99 -23.53
C ARG E 12 -94.16 46.82 -23.17
N PRO E 13 -93.72 46.83 -21.91
CA PRO E 13 -92.68 47.77 -21.49
C PRO E 13 -91.31 47.43 -22.06
N GLU E 14 -91.00 46.14 -22.21
CA GLU E 14 -89.71 45.75 -22.74
C GLU E 14 -89.60 45.97 -24.23
N SER E 15 -90.72 46.22 -24.92
CA SER E 15 -90.69 46.45 -26.35
C SER E 15 -90.11 47.81 -26.68
N TYR E 16 -89.58 47.95 -27.89
CA TYR E 16 -89.01 49.22 -28.31
C TYR E 16 -90.10 50.25 -28.60
N TRP E 17 -91.19 49.83 -29.22
CA TRP E 17 -92.23 50.79 -29.61
C TRP E 17 -93.28 50.93 -28.52
N PHE E 18 -92.84 51.13 -27.28
CA PHE E 18 -93.76 51.26 -26.15
C PHE E 18 -94.43 52.62 -26.23
N GLN E 19 -95.77 52.62 -26.12
CA GLN E 19 -96.61 53.82 -26.25
C GLN E 19 -96.39 54.52 -27.59
N ASP E 20 -96.35 53.73 -28.66
CA ASP E 20 -96.21 54.26 -30.02
C ASP E 20 -97.32 53.67 -30.89
N VAL E 21 -97.54 54.29 -32.03
CA VAL E 21 -98.65 53.95 -32.91
C VAL E 21 -98.15 52.98 -33.97
N GLY E 22 -98.79 51.82 -34.07
CA GLY E 22 -98.47 50.84 -35.06
C GLY E 22 -99.54 50.72 -36.12
N THR E 23 -99.47 49.64 -36.88
CA THR E 23 -100.46 49.34 -37.92
C THR E 23 -100.52 47.83 -38.06
N VAL E 24 -101.70 47.27 -37.81
CA VAL E 24 -101.84 45.81 -37.81
C VAL E 24 -101.78 45.30 -39.24
N ALA E 25 -100.85 44.37 -39.49
CA ALA E 25 -100.69 43.84 -40.83
C ALA E 25 -101.47 42.55 -41.05
N SER E 26 -101.52 41.68 -40.05
CA SER E 26 -102.28 40.44 -40.11
C SER E 26 -102.50 39.92 -38.70
N VAL E 27 -103.65 39.32 -38.48
CA VAL E 27 -103.99 38.69 -37.20
C VAL E 27 -104.22 37.21 -37.47
N ASP E 28 -103.54 36.36 -36.70
CA ASP E 28 -103.66 34.92 -36.86
C ASP E 28 -104.87 34.42 -36.08
N GLN E 29 -105.03 33.09 -36.03
CA GLN E 29 -106.28 32.49 -35.55
C GLN E 29 -106.08 31.64 -34.30
N SER E 30 -105.14 30.70 -34.32
CA SER E 30 -104.95 29.81 -33.17
C SER E 30 -103.46 29.53 -33.05
N GLY E 31 -102.81 30.18 -32.09
CA GLY E 31 -101.37 30.08 -31.95
C GLY E 31 -100.65 31.00 -32.91
N ILE E 32 -99.63 31.75 -32.49
CA ILE E 32 -99.04 31.83 -31.15
C ILE E 32 -99.96 32.62 -30.22
N LYS E 33 -99.69 32.56 -28.90
CA LYS E 33 -100.31 33.43 -27.92
C LYS E 33 -100.18 34.92 -28.24
N TYR E 34 -99.26 35.31 -29.12
CA TYR E 34 -99.08 36.68 -29.57
C TYR E 34 -99.39 36.78 -31.07
N PRO E 35 -100.65 36.61 -31.49
CA PRO E 35 -100.92 36.34 -32.91
C PRO E 35 -101.08 37.58 -33.78
N VAL E 36 -100.68 38.77 -33.35
CA VAL E 36 -100.99 40.00 -34.08
C VAL E 36 -99.69 40.57 -34.64
N ILE E 37 -99.58 40.59 -35.95
CA ILE E 37 -98.43 41.19 -36.62
C ILE E 37 -98.70 42.68 -36.80
N VAL E 38 -97.82 43.52 -36.27
CA VAL E 38 -98.00 44.96 -36.32
C VAL E 38 -96.83 45.56 -37.08
N ARG E 39 -97.09 46.10 -38.26
CA ARG E 39 -96.06 46.71 -39.07
C ARG E 39 -95.85 48.15 -38.62
N PHE E 40 -94.79 48.40 -37.86
CA PHE E 40 -94.51 49.73 -37.39
C PHE E 40 -93.91 50.58 -38.51
N ASP E 41 -93.79 51.87 -38.24
CA ASP E 41 -93.28 52.81 -39.24
C ASP E 41 -91.87 53.26 -38.97
N LYS E 42 -91.41 53.22 -37.72
CA LYS E 42 -90.04 53.52 -37.36
C LYS E 42 -89.35 52.25 -36.86
N VAL E 43 -88.04 52.18 -37.07
CA VAL E 43 -87.29 50.96 -36.84
C VAL E 43 -86.61 51.01 -35.48
N ASN E 44 -86.38 49.82 -34.91
CA ASN E 44 -85.68 49.70 -33.65
C ASN E 44 -84.17 49.67 -33.91
N TYR E 45 -83.41 49.28 -32.88
CA TYR E 45 -81.96 49.25 -33.02
C TYR E 45 -81.52 48.10 -33.90
N ALA E 46 -82.32 47.04 -33.97
CA ALA E 46 -81.99 45.91 -34.82
C ALA E 46 -82.24 46.22 -36.29
N GLY E 47 -83.02 47.26 -36.56
CA GLY E 47 -83.32 47.65 -37.92
C GLY E 47 -84.66 47.16 -38.43
N ILE E 48 -85.36 46.31 -37.70
CA ILE E 48 -86.62 45.75 -38.15
C ILE E 48 -87.75 46.70 -37.76
N ASN E 49 -88.94 46.48 -38.32
CA ASN E 49 -90.09 47.28 -37.95
C ASN E 49 -91.37 46.46 -37.86
N THR E 50 -91.28 45.19 -37.49
CA THR E 50 -92.44 44.35 -37.31
C THR E 50 -92.24 43.50 -36.07
N ASN E 51 -93.35 43.08 -35.46
CA ASN E 51 -93.30 42.32 -34.22
C ASN E 51 -94.63 41.63 -34.04
N ASN E 52 -94.68 40.69 -33.09
CA ASN E 52 -95.89 39.98 -32.74
C ASN E 52 -96.36 40.41 -31.35
N PHE E 53 -97.68 40.55 -31.19
CA PHE E 53 -98.24 41.01 -29.93
C PHE E 53 -99.50 40.24 -29.60
N ALA E 54 -99.83 40.22 -28.31
CA ALA E 54 -101.04 39.54 -27.86
C ALA E 54 -102.28 40.35 -28.23
N VAL E 55 -103.45 39.74 -28.00
CA VAL E 55 -104.70 40.40 -28.34
C VAL E 55 -105.00 41.52 -27.35
N ASP E 56 -104.82 41.24 -26.05
CA ASP E 56 -105.03 42.23 -25.00
C ASP E 56 -103.87 43.20 -24.85
N GLU E 57 -102.83 43.06 -25.64
CA GLU E 57 -101.68 43.93 -25.49
C GLU E 57 -101.91 45.29 -26.13
N LEU E 58 -102.83 45.36 -27.09
CA LEU E 58 -102.95 46.53 -27.93
C LEU E 58 -104.06 47.46 -27.44
N ILE E 59 -103.97 48.72 -27.88
CA ILE E 59 -105.01 49.72 -27.64
C ILE E 59 -105.39 50.29 -29.00
N GLU E 60 -106.60 49.98 -29.45
CA GLU E 60 -107.06 50.49 -30.74
C GLU E 60 -107.34 51.98 -30.64
N VAL E 61 -106.84 52.74 -31.62
CA VAL E 61 -107.06 54.18 -31.69
C VAL E 61 -107.76 54.60 -32.98
N GLU E 62 -108.38 53.67 -33.69
CA GLU E 62 -109.19 54.02 -34.85
C GLU E 62 -110.57 53.38 -34.80
N GLY F 25 -66.68 98.75 -9.00
CA GLY F 25 -65.40 98.09 -8.80
C GLY F 25 -65.27 96.87 -9.67
N ALA F 26 -64.05 96.37 -9.88
CA ALA F 26 -62.83 96.90 -9.29
C ALA F 26 -62.20 97.95 -10.19
N ASP F 27 -62.28 99.21 -9.73
CA ASP F 27 -61.75 100.39 -10.41
C ASP F 27 -62.37 100.56 -11.80
N LEU F 28 -63.70 100.52 -11.85
CA LEU F 28 -64.42 100.71 -13.12
C LEU F 28 -64.72 102.18 -13.35
N THR F 29 -63.68 102.99 -13.29
CA THR F 29 -63.76 104.36 -13.79
C THR F 29 -63.85 104.34 -15.31
N PRO F 30 -64.61 105.25 -15.91
CA PRO F 30 -64.86 105.17 -17.36
C PRO F 30 -63.61 105.38 -18.19
N CYS F 31 -63.67 104.86 -19.43
CA CYS F 31 -62.46 104.70 -20.23
C CYS F 31 -61.91 106.04 -20.72
N ALA F 32 -62.75 107.06 -20.79
CA ALA F 32 -62.31 108.37 -21.25
C ALA F 32 -61.36 109.05 -20.26
N GLU F 33 -61.37 108.63 -18.99
CA GLU F 33 -60.54 109.25 -17.97
C GLU F 33 -59.22 108.52 -17.74
N ASN F 34 -59.05 107.33 -18.29
CA ASN F 34 -57.94 106.46 -17.90
C ASN F 34 -56.63 106.93 -18.53
N PRO F 35 -55.53 106.94 -17.77
CA PRO F 35 -54.22 107.01 -18.41
C PRO F 35 -53.88 105.75 -19.18
N ALA F 36 -54.46 104.61 -18.80
CA ALA F 36 -54.16 103.35 -19.46
C ALA F 36 -54.91 103.20 -20.77
N PHE F 37 -56.15 103.66 -20.83
CA PHE F 37 -56.91 103.56 -22.08
C PHE F 37 -56.40 104.57 -23.11
N GLN F 38 -55.89 105.71 -22.65
CA GLN F 38 -55.28 106.66 -23.57
C GLN F 38 -53.88 106.25 -23.98
N ALA F 39 -53.21 105.43 -23.18
CA ALA F 39 -51.92 104.88 -23.60
C ALA F 39 -52.11 103.77 -24.61
N LEU F 40 -53.20 103.02 -24.51
CA LEU F 40 -53.54 102.03 -25.52
C LEU F 40 -54.15 102.65 -26.76
N ALA F 41 -54.45 103.95 -26.72
CA ALA F 41 -54.99 104.65 -27.88
C ALA F 41 -53.91 105.18 -28.81
N LYS F 42 -52.66 105.21 -28.37
CA LYS F 42 -51.59 105.78 -29.17
C LYS F 42 -50.90 104.77 -30.07
N ASN F 43 -51.00 103.48 -29.77
CA ASN F 43 -50.37 102.44 -30.57
C ASN F 43 -51.41 101.54 -31.21
N ALA F 44 -52.41 102.17 -31.82
CA ALA F 44 -53.56 101.47 -32.37
C ALA F 44 -53.18 100.59 -33.55
N ARG F 45 -53.80 99.42 -33.60
CA ARG F 45 -53.66 98.51 -34.72
C ARG F 45 -54.92 98.58 -35.56
N ASN F 46 -54.75 98.85 -36.85
CA ASN F 46 -55.89 98.97 -37.75
C ASN F 46 -56.55 97.62 -37.95
N THR F 47 -57.85 97.54 -37.67
CA THR F 47 -58.58 96.29 -37.83
C THR F 47 -58.71 95.92 -39.30
N THR F 48 -59.39 96.75 -40.07
CA THR F 48 -59.56 96.60 -41.50
C THR F 48 -58.66 97.65 -42.19
N ALA F 49 -58.48 97.52 -43.51
CA ALA F 49 -57.59 98.37 -44.31
C ALA F 49 -58.05 99.82 -44.40
N ASP F 50 -59.21 100.16 -43.84
CA ASP F 50 -59.54 101.52 -43.44
C ASP F 50 -58.37 102.08 -42.61
N PRO F 51 -57.73 103.17 -43.05
CA PRO F 51 -56.51 103.63 -42.35
C PRO F 51 -56.78 104.24 -40.99
N GLN F 52 -58.03 104.50 -40.63
CA GLN F 52 -58.37 105.00 -39.31
C GLN F 52 -59.34 104.07 -38.59
N SER F 53 -59.32 102.77 -38.94
CA SER F 53 -60.03 101.79 -38.14
C SER F 53 -59.36 101.57 -36.80
N GLY F 54 -58.08 101.92 -36.68
CA GLY F 54 -57.42 101.98 -35.40
C GLY F 54 -57.93 103.04 -34.48
N GLN F 55 -58.38 104.16 -35.03
CA GLN F 55 -58.88 105.25 -34.20
C GLN F 55 -60.38 105.18 -33.96
N LYS F 56 -61.14 104.68 -34.93
CA LYS F 56 -62.60 104.73 -34.85
C LYS F 56 -63.19 103.55 -34.08
N ARG F 57 -62.42 102.95 -33.19
CA ARG F 57 -62.97 102.05 -32.18
C ARG F 57 -62.69 102.52 -30.77
N PHE F 58 -61.66 103.36 -30.58
CA PHE F 58 -61.30 103.78 -29.23
C PHE F 58 -62.19 104.93 -28.76
N GLU F 59 -62.59 105.81 -29.67
CA GLU F 59 -63.57 106.82 -29.33
C GLU F 59 -64.94 106.20 -29.13
N ARG F 60 -65.18 105.06 -29.77
CA ARG F 60 -66.44 104.35 -29.56
C ARG F 60 -66.44 103.57 -28.25
N TYR F 61 -65.26 103.13 -27.80
CA TYR F 61 -65.16 102.40 -26.55
C TYR F 61 -64.94 103.31 -25.34
N SER F 62 -65.12 104.61 -25.50
CA SER F 62 -64.82 105.53 -24.41
C SER F 62 -65.95 105.55 -23.38
N GLN F 63 -67.16 105.19 -23.79
CA GLN F 63 -68.28 105.24 -22.86
C GLN F 63 -68.38 103.98 -22.02
N ALA F 64 -67.60 102.95 -22.36
CA ALA F 64 -67.57 101.74 -21.56
C ALA F 64 -66.72 101.93 -20.31
N LEU F 65 -66.55 100.84 -19.56
CA LEU F 65 -65.83 100.90 -18.30
C LEU F 65 -64.55 100.07 -18.37
N CYS F 66 -63.42 100.75 -18.43
CA CYS F 66 -62.11 100.09 -18.42
C CYS F 66 -61.59 100.06 -17.00
N GLY F 67 -61.13 98.90 -16.56
CA GLY F 67 -60.59 98.75 -15.23
C GLY F 67 -59.19 99.29 -15.10
N PRO F 68 -58.38 98.66 -14.25
CA PRO F 68 -56.97 99.08 -14.15
C PRO F 68 -56.14 98.67 -15.36
N GLU F 69 -56.63 97.71 -16.14
CA GLU F 69 -55.85 97.15 -17.24
C GLU F 69 -55.94 98.02 -18.48
N GLY F 70 -57.06 98.68 -18.68
CA GLY F 70 -57.32 99.43 -19.88
C GLY F 70 -58.27 98.77 -20.85
N TYR F 71 -59.04 97.78 -20.41
CA TYR F 71 -59.91 97.03 -21.29
C TYR F 71 -61.34 97.19 -20.83
N PRO F 72 -62.29 97.42 -21.74
CA PRO F 72 -63.69 97.63 -21.33
C PRO F 72 -64.34 96.37 -20.77
N HIS F 73 -64.79 96.47 -19.53
CA HIS F 73 -65.41 95.36 -18.81
C HIS F 73 -66.91 95.47 -18.96
N LEU F 74 -67.52 94.49 -19.62
CA LEU F 74 -68.94 94.54 -19.90
C LEU F 74 -69.75 94.29 -18.64
N ILE F 75 -70.94 94.87 -18.60
CA ILE F 75 -71.84 94.76 -17.46
C ILE F 75 -73.09 94.04 -17.94
N VAL F 76 -73.30 92.83 -17.44
CA VAL F 76 -74.45 92.03 -17.82
C VAL F 76 -75.56 92.12 -16.77
N ASP F 77 -75.54 93.20 -15.97
CA ASP F 77 -76.49 93.36 -14.87
C ASP F 77 -77.91 93.59 -15.38
N GLY F 78 -78.07 94.45 -16.37
CA GLY F 78 -79.37 94.96 -16.76
C GLY F 78 -79.55 96.44 -16.48
N ARG F 79 -78.49 97.14 -16.09
CA ARG F 79 -78.55 98.59 -15.94
C ARG F 79 -78.74 99.23 -17.31
N LEU F 80 -79.58 100.26 -17.36
CA LEU F 80 -79.95 100.83 -18.65
C LEU F 80 -78.90 101.76 -19.23
N ASP F 81 -77.98 102.26 -18.41
CA ASP F 81 -76.82 102.95 -18.98
C ASP F 81 -75.80 101.97 -19.56
N ARG F 82 -75.95 100.68 -19.26
CA ARG F 82 -75.08 99.62 -19.76
C ARG F 82 -75.90 98.59 -20.53
N ALA F 83 -76.95 99.04 -21.21
CA ALA F 83 -77.82 98.12 -21.95
C ALA F 83 -77.17 97.60 -23.21
N GLY F 84 -76.16 98.29 -23.73
CA GLY F 84 -75.54 97.88 -24.97
C GLY F 84 -74.69 96.64 -24.87
N ASP F 85 -74.23 96.28 -23.67
CA ASP F 85 -73.39 95.10 -23.51
C ASP F 85 -74.19 93.83 -23.71
N PHE F 86 -75.19 93.63 -22.88
CA PHE F 86 -75.92 92.37 -22.82
C PHE F 86 -77.39 92.51 -23.13
N LEU F 87 -78.03 93.62 -22.75
CA LEU F 87 -79.48 93.75 -22.90
C LEU F 87 -79.88 93.84 -24.37
N ILE F 88 -79.23 94.70 -25.13
CA ILE F 88 -79.51 94.86 -26.56
C ILE F 88 -79.14 93.61 -27.37
N PRO F 89 -77.98 92.94 -27.20
CA PRO F 89 -77.77 91.71 -27.98
C PRO F 89 -78.62 90.53 -27.53
N SER F 90 -79.21 90.56 -26.33
CA SER F 90 -80.02 89.43 -25.90
C SER F 90 -81.35 89.38 -26.63
N ILE F 91 -81.99 90.53 -26.82
CA ILE F 91 -83.21 90.58 -27.62
C ILE F 91 -82.88 90.30 -29.08
N LEU F 92 -81.71 90.75 -29.53
CA LEU F 92 -81.30 90.55 -30.92
C LEU F 92 -80.98 89.09 -31.19
N PHE F 93 -80.41 88.39 -30.22
CA PHE F 93 -80.10 86.98 -30.44
C PHE F 93 -81.35 86.11 -30.33
N LEU F 94 -82.16 86.32 -29.29
CA LEU F 94 -83.29 85.42 -29.05
C LEU F 94 -84.40 85.57 -30.07
N TYR F 95 -84.41 86.67 -30.83
CA TYR F 95 -85.30 86.74 -31.98
C TYR F 95 -84.78 85.85 -33.11
N ILE F 96 -83.47 85.85 -33.32
CA ILE F 96 -82.88 85.10 -34.42
C ILE F 96 -82.77 83.61 -34.07
N ALA F 97 -82.55 83.31 -32.79
CA ALA F 97 -82.36 81.92 -32.42
C ALA F 97 -83.70 81.19 -32.27
N GLY F 98 -84.71 81.87 -31.76
CA GLY F 98 -86.03 81.26 -31.71
C GLY F 98 -86.68 81.21 -33.07
N TRP F 99 -86.20 82.04 -34.01
CA TRP F 99 -86.55 81.88 -35.43
C TRP F 99 -86.16 80.50 -35.94
N ILE F 100 -84.87 80.17 -35.84
CA ILE F 100 -84.30 79.01 -36.50
C ILE F 100 -84.89 77.72 -35.92
N GLY F 101 -85.21 77.74 -34.64
CA GLY F 101 -85.95 76.64 -34.07
C GLY F 101 -87.36 76.54 -34.62
N TRP F 102 -88.04 77.68 -34.76
CA TRP F 102 -89.44 77.65 -35.18
C TRP F 102 -89.57 77.27 -36.64
N VAL F 103 -88.62 77.70 -37.47
CA VAL F 103 -88.61 77.29 -38.87
C VAL F 103 -88.32 75.80 -38.98
N GLY F 104 -87.35 75.32 -38.21
CA GLY F 104 -87.04 73.91 -38.22
C GLY F 104 -88.11 73.06 -37.55
N ARG F 105 -88.92 73.66 -36.67
CA ARG F 105 -90.02 72.93 -36.08
C ARG F 105 -91.18 72.82 -37.05
N ALA F 106 -91.56 73.94 -37.68
CA ALA F 106 -92.76 73.95 -38.51
C ALA F 106 -92.56 73.22 -39.82
N TYR F 107 -91.31 73.06 -40.28
CA TYR F 107 -91.06 72.22 -41.44
C TYR F 107 -91.31 70.75 -41.11
N LEU F 108 -90.79 70.29 -39.97
CA LEU F 108 -90.97 68.90 -39.54
C LEU F 108 -92.42 68.59 -39.20
N GLN F 109 -93.22 69.61 -38.88
CA GLN F 109 -94.65 69.40 -38.74
C GLN F 109 -95.29 69.13 -40.09
N ALA F 110 -94.74 69.71 -41.16
CA ALA F 110 -95.35 69.62 -42.47
C ALA F 110 -95.04 68.29 -43.14
N ILE F 111 -93.78 67.85 -43.08
CA ILE F 111 -93.35 66.71 -43.87
C ILE F 111 -93.84 65.39 -43.31
N LYS F 112 -94.26 65.37 -42.03
CA LYS F 112 -94.74 64.15 -41.41
C LYS F 112 -96.01 63.63 -42.07
N LYS F 113 -96.84 64.54 -42.57
CA LYS F 113 -98.05 64.15 -43.30
C LYS F 113 -97.79 64.09 -44.80
N ASP F 114 -96.75 63.37 -45.22
CA ASP F 114 -96.44 63.20 -46.63
C ASP F 114 -96.30 61.73 -46.99
N SER F 115 -95.81 61.46 -48.20
CA SER F 115 -95.73 60.10 -48.70
C SER F 115 -94.61 59.31 -48.04
N ASP F 116 -93.42 59.90 -47.90
CA ASP F 116 -92.27 59.18 -47.38
C ASP F 116 -91.75 59.76 -46.07
N THR F 117 -91.43 61.06 -46.04
CA THR F 117 -90.90 61.95 -44.97
C THR F 117 -89.41 61.71 -44.69
N GLU F 118 -88.81 60.61 -45.12
CA GLU F 118 -87.37 60.47 -44.91
C GLU F 118 -86.56 61.03 -46.05
N GLN F 119 -87.10 60.99 -47.27
CA GLN F 119 -86.46 61.68 -48.38
C GLN F 119 -86.47 63.19 -48.18
N LYS F 120 -87.58 63.73 -47.67
CA LYS F 120 -87.71 65.17 -47.47
C LYS F 120 -86.89 65.70 -46.30
N GLU F 121 -86.18 64.83 -45.58
CA GLU F 121 -85.29 65.19 -44.49
C GLU F 121 -83.88 65.48 -44.99
N ILE F 122 -83.27 64.55 -45.73
CA ILE F 122 -81.93 64.78 -46.28
C ILE F 122 -81.99 65.60 -47.56
N GLN F 123 -83.07 65.46 -48.32
CA GLN F 123 -83.21 66.01 -49.67
C GLN F 123 -84.38 66.96 -49.59
N LEU F 124 -84.08 68.25 -49.43
CA LEU F 124 -85.06 69.20 -48.92
C LEU F 124 -86.15 69.49 -49.93
N ASP F 125 -87.41 69.37 -49.49
CA ASP F 125 -88.54 69.76 -50.31
C ASP F 125 -88.55 71.28 -50.35
N LEU F 126 -87.92 71.84 -51.39
CA LEU F 126 -87.73 73.28 -51.49
C LEU F 126 -89.05 74.01 -51.72
N GLY F 127 -90.06 73.32 -52.27
CA GLY F 127 -91.37 73.92 -52.41
C GLY F 127 -92.12 74.08 -51.11
N ILE F 128 -91.72 73.35 -50.08
CA ILE F 128 -92.37 73.42 -48.77
C ILE F 128 -91.51 74.17 -47.76
N ALA F 129 -90.19 74.09 -47.89
CA ALA F 129 -89.30 74.74 -46.95
C ALA F 129 -89.34 76.26 -47.07
N LEU F 130 -89.52 76.77 -48.28
CA LEU F 130 -89.55 78.21 -48.53
C LEU F 130 -90.78 78.97 -48.05
N PRO F 131 -92.02 78.41 -48.05
CA PRO F 131 -93.09 79.11 -47.34
C PRO F 131 -92.90 79.16 -45.83
N ILE F 132 -92.24 78.17 -45.24
CA ILE F 132 -92.04 78.14 -43.79
C ILE F 132 -91.02 79.19 -43.38
N ILE F 133 -90.04 79.46 -44.23
CA ILE F 133 -88.99 80.43 -43.90
C ILE F 133 -89.55 81.85 -43.91
N ALA F 134 -90.46 82.15 -44.84
CA ALA F 134 -91.03 83.50 -44.90
C ALA F 134 -92.05 83.73 -43.79
N THR F 135 -92.62 82.65 -43.25
CA THR F 135 -93.72 82.73 -42.30
C THR F 135 -93.26 83.27 -40.94
N GLY F 136 -91.96 83.19 -40.66
CA GLY F 136 -91.51 83.01 -39.29
C GLY F 136 -91.70 84.19 -38.36
N PHE F 137 -91.78 85.41 -38.89
CA PHE F 137 -91.57 86.60 -38.06
C PHE F 137 -92.70 86.87 -37.07
N ALA F 138 -93.79 86.12 -37.15
CA ALA F 138 -94.73 86.09 -36.04
C ALA F 138 -94.61 84.80 -35.24
N TRP F 139 -93.41 84.26 -35.06
CA TRP F 139 -93.24 83.13 -34.16
C TRP F 139 -93.52 83.43 -32.68
N PRO F 140 -93.24 84.62 -32.11
CA PRO F 140 -93.77 84.85 -30.75
C PRO F 140 -95.29 84.95 -30.73
N ALA F 141 -95.87 85.47 -31.81
CA ALA F 141 -97.32 85.44 -31.95
C ALA F 141 -97.84 84.05 -32.27
N ALA F 142 -96.97 83.15 -32.74
CA ALA F 142 -97.41 81.79 -33.01
C ALA F 142 -97.08 80.84 -31.86
N ALA F 143 -95.94 81.02 -31.18
CA ALA F 143 -95.58 80.12 -30.10
C ALA F 143 -96.50 80.28 -28.90
N VAL F 144 -96.86 81.52 -28.58
CA VAL F 144 -97.84 81.77 -27.53
C VAL F 144 -99.21 81.25 -27.94
N LYS F 145 -99.54 81.34 -29.24
CA LYS F 145 -100.77 80.72 -29.74
C LYS F 145 -100.70 79.20 -29.66
N GLU F 146 -99.53 78.62 -29.93
CA GLU F 146 -99.38 77.17 -29.79
C GLU F 146 -99.35 76.76 -28.32
N LEU F 147 -98.84 77.63 -27.45
CA LEU F 147 -98.76 77.30 -26.04
C LEU F 147 -100.14 77.25 -25.40
N LEU F 148 -100.96 78.27 -25.64
CA LEU F 148 -102.26 78.37 -25.00
C LEU F 148 -103.27 77.38 -25.58
N SER F 149 -103.07 76.95 -26.83
CA SER F 149 -103.91 75.93 -27.41
C SER F 149 -103.53 74.53 -26.98
N GLY F 150 -102.43 74.37 -26.25
CA GLY F 150 -101.99 73.05 -25.84
C GLY F 150 -101.44 72.19 -26.96
N GLU F 151 -101.05 72.81 -28.07
CA GLU F 151 -100.45 72.09 -29.19
C GLU F 151 -98.95 72.29 -29.28
N LEU F 152 -98.34 72.95 -28.29
CA LEU F 152 -96.89 73.03 -28.26
C LEU F 152 -96.28 71.70 -27.85
N THR F 153 -96.78 71.13 -26.76
CA THR F 153 -96.20 69.93 -26.19
C THR F 153 -96.94 68.69 -26.71
N ALA F 154 -96.59 67.54 -26.13
CA ALA F 154 -97.26 66.30 -26.44
C ALA F 154 -97.68 65.62 -25.15
N LYS F 155 -98.49 64.59 -25.28
CA LYS F 155 -98.95 63.86 -24.10
C LYS F 155 -97.90 62.85 -23.66
N ASP F 156 -97.78 62.66 -22.35
CA ASP F 156 -96.82 61.70 -21.83
C ASP F 156 -97.26 60.26 -22.05
N SER F 157 -98.53 60.03 -22.35
CA SER F 157 -99.00 58.72 -22.74
C SER F 157 -98.75 58.41 -24.20
N GLU F 158 -98.21 59.35 -24.97
CA GLU F 158 -97.97 59.16 -26.39
C GLU F 158 -96.51 59.23 -26.77
N ILE F 159 -95.61 59.42 -25.81
CA ILE F 159 -94.17 59.43 -26.04
C ILE F 159 -93.61 58.11 -25.52
N THR F 160 -92.70 57.51 -26.27
CA THR F 160 -92.02 56.33 -25.79
C THR F 160 -91.10 56.67 -24.62
N VAL F 161 -91.06 55.77 -23.63
CA VAL F 161 -90.26 55.96 -22.44
C VAL F 161 -89.48 54.69 -22.15
N SER F 162 -88.42 54.85 -21.37
CA SER F 162 -87.59 53.73 -20.95
C SER F 162 -88.24 53.02 -19.76
N PRO F 163 -88.03 51.72 -19.62
CA PRO F 163 -88.51 51.01 -18.43
C PRO F 163 -87.76 51.49 -17.18
N ARG F 164 -88.52 51.71 -16.13
CA ARG F 164 -88.03 52.44 -14.96
C ARG F 164 -87.08 51.61 -14.12
N ALA G 13 -30.21 56.67 17.58
CA ALA G 13 -30.20 55.30 17.12
C ALA G 13 -30.60 55.23 15.66
N SER G 14 -29.91 55.98 14.82
CA SER G 14 -30.26 56.05 13.40
C SER G 14 -29.80 54.84 12.60
N PHE G 15 -29.18 53.85 13.25
CA PHE G 15 -28.78 52.63 12.56
C PHE G 15 -29.93 51.67 12.35
N LEU G 16 -31.10 51.95 12.92
CA LEU G 16 -32.25 51.07 12.70
C LEU G 16 -32.78 51.17 11.29
N SER G 17 -32.48 52.27 10.59
CA SER G 17 -32.81 52.39 9.18
C SER G 17 -32.06 51.36 8.34
N SER G 18 -30.84 51.01 8.75
CA SER G 18 -30.07 50.02 8.02
C SER G 18 -30.61 48.61 8.20
N ILE G 19 -31.51 48.38 9.16
CA ILE G 19 -32.01 47.05 9.43
C ILE G 19 -33.52 46.92 9.22
N PHE G 20 -34.27 48.02 9.21
CA PHE G 20 -35.69 47.95 8.87
C PHE G 20 -35.96 48.15 7.38
N VAL G 21 -35.23 49.03 6.72
CA VAL G 21 -35.47 49.32 5.31
C VAL G 21 -35.08 48.14 4.41
N PRO G 22 -33.94 47.45 4.56
CA PRO G 22 -33.73 46.25 3.73
C PRO G 22 -34.66 45.11 4.05
N VAL G 23 -35.16 44.99 5.28
CA VAL G 23 -36.12 43.93 5.58
C VAL G 23 -37.46 44.20 4.90
N ILE G 24 -37.89 45.46 4.90
CA ILE G 24 -39.14 45.80 4.23
C ILE G 24 -38.93 45.90 2.72
N GLY G 25 -37.74 46.27 2.28
CA GLY G 25 -37.45 46.27 0.86
C GLY G 25 -37.28 44.88 0.26
N TRP G 26 -36.59 43.98 0.96
CA TRP G 26 -36.29 42.66 0.44
C TRP G 26 -37.06 41.54 1.14
N VAL G 27 -36.95 41.46 2.47
CA VAL G 27 -37.38 40.27 3.18
C VAL G 27 -38.90 40.21 3.28
N VAL G 28 -39.54 41.37 3.46
CA VAL G 28 -41.00 41.41 3.55
C VAL G 28 -41.71 41.02 2.25
N PRO G 29 -41.31 41.50 1.06
CA PRO G 29 -41.98 40.97 -0.15
C PRO G 29 -41.62 39.54 -0.48
N ILE G 30 -40.38 39.09 -0.21
CA ILE G 30 -40.02 37.70 -0.48
C ILE G 30 -40.81 36.77 0.42
N ALA G 31 -40.99 37.13 1.68
CA ALA G 31 -41.81 36.30 2.56
C ALA G 31 -43.29 36.37 2.21
N THR G 32 -43.75 37.51 1.69
CA THR G 32 -45.16 37.64 1.37
C THR G 32 -45.51 36.95 0.06
N PHE G 33 -44.71 37.19 -0.98
CA PHE G 33 -45.00 36.64 -2.30
C PHE G 33 -44.83 35.13 -2.32
N SER G 34 -43.85 34.60 -1.59
CA SER G 34 -43.66 33.16 -1.52
C SER G 34 -44.74 32.50 -0.68
N PHE G 35 -45.40 33.26 0.20
CA PHE G 35 -46.57 32.69 0.88
C PHE G 35 -47.78 32.71 -0.04
N LEU G 36 -47.98 33.83 -0.73
CA LEU G 36 -49.21 33.99 -1.51
C LEU G 36 -49.20 33.13 -2.76
N PHE G 37 -48.04 32.97 -3.38
CA PHE G 37 -47.93 32.10 -4.55
C PHE G 37 -48.22 30.65 -4.19
N LEU G 38 -47.77 30.20 -3.03
CA LEU G 38 -48.08 28.85 -2.60
C LEU G 38 -49.48 28.74 -2.02
N TYR G 39 -50.14 29.86 -1.73
CA TYR G 39 -51.50 29.81 -1.22
C TYR G 39 -52.53 29.87 -2.34
N ILE G 40 -52.28 30.66 -3.38
CA ILE G 40 -53.23 30.70 -4.48
C ILE G 40 -53.13 29.45 -5.33
N GLU G 41 -51.95 28.82 -5.38
CA GLU G 41 -51.77 27.56 -6.07
C GLU G 41 -51.77 26.40 -5.08
N ARG G 42 -52.94 26.14 -4.51
CA ARG G 42 -53.09 25.17 -3.43
C ARG G 42 -54.45 24.51 -3.60
N GLU G 43 -54.46 23.24 -3.99
CA GLU G 43 -55.70 22.53 -4.28
C GLU G 43 -56.51 22.25 -3.02
N ASP H 6 -86.80 65.37 -67.77
CA ASP H 6 -86.37 66.75 -67.62
C ASP H 6 -85.03 66.80 -66.89
N GLN H 7 -83.98 67.21 -67.62
CA GLN H 7 -82.65 67.25 -67.02
C GLN H 7 -82.51 68.41 -66.05
N SER H 8 -83.31 69.47 -66.21
CA SER H 8 -83.14 70.64 -65.36
C SER H 8 -83.71 70.41 -63.96
N SER H 9 -84.68 69.50 -63.82
CA SER H 9 -85.28 69.24 -62.52
C SER H 9 -84.31 68.50 -61.61
N TYR H 10 -83.36 67.78 -62.19
CA TYR H 10 -82.37 67.04 -61.41
C TYR H 10 -81.33 67.97 -60.82
N LEU H 11 -81.24 69.20 -61.30
CA LEU H 11 -80.31 70.17 -60.76
C LEU H 11 -80.91 70.95 -59.60
N ILE H 12 -82.22 71.19 -59.65
CA ILE H 12 -82.93 71.71 -58.47
C ILE H 12 -82.98 70.64 -57.38
N LYS H 13 -83.15 69.38 -57.79
CA LYS H 13 -83.22 68.30 -56.82
C LYS H 13 -81.85 67.95 -56.25
N PHE H 14 -80.76 68.31 -56.95
CA PHE H 14 -79.42 68.12 -56.40
C PHE H 14 -78.98 69.30 -55.55
N ILE H 15 -79.44 70.51 -55.87
CA ILE H 15 -79.05 71.68 -55.09
C ILE H 15 -79.74 71.71 -53.74
N SER H 16 -80.74 70.86 -53.53
CA SER H 16 -81.48 70.78 -52.28
C SER H 16 -81.30 69.43 -51.60
N THR H 17 -80.09 68.87 -51.64
CA THR H 17 -79.76 67.75 -50.77
C THR H 17 -79.12 68.32 -49.50
N ALA H 18 -78.63 67.45 -48.62
CA ALA H 18 -78.14 67.92 -47.33
C ALA H 18 -76.82 68.70 -47.41
N PRO H 19 -75.73 68.17 -47.99
CA PRO H 19 -74.47 68.95 -47.92
C PRO H 19 -74.42 70.09 -48.89
N VAL H 20 -75.23 70.08 -49.95
CA VAL H 20 -75.17 71.11 -50.98
C VAL H 20 -75.95 72.35 -50.56
N ALA H 21 -77.14 72.15 -49.98
CA ALA H 21 -77.89 73.27 -49.44
C ALA H 21 -77.19 73.88 -48.24
N ALA H 22 -76.64 73.03 -47.36
CA ALA H 22 -75.93 73.54 -46.19
C ALA H 22 -74.58 74.15 -46.54
N THR H 23 -74.04 73.87 -47.73
CA THR H 23 -72.83 74.60 -48.12
C THR H 23 -73.18 75.98 -48.63
N ILE H 24 -74.25 76.10 -49.41
CA ILE H 24 -74.66 77.39 -49.96
C ILE H 24 -75.22 78.29 -48.88
N TRP H 25 -76.06 77.73 -48.00
CA TRP H 25 -76.71 78.53 -46.97
C TRP H 25 -75.72 79.03 -45.93
N LEU H 26 -74.75 78.19 -45.57
CA LEU H 26 -73.70 78.63 -44.65
C LEU H 26 -72.67 79.51 -45.34
N THR H 27 -72.65 79.55 -46.67
CA THR H 27 -71.77 80.49 -47.36
C THR H 27 -72.41 81.87 -47.41
N ILE H 28 -73.72 81.92 -47.67
CA ILE H 28 -74.45 83.18 -47.61
C ILE H 28 -74.48 83.70 -46.18
N THR H 29 -74.62 82.80 -45.20
CA THR H 29 -74.60 83.21 -43.79
C THR H 29 -73.24 83.77 -43.39
N ALA H 30 -72.15 83.07 -43.76
CA ALA H 30 -70.83 83.55 -43.40
C ALA H 30 -70.43 84.80 -44.18
N GLY H 31 -70.93 84.95 -45.40
CA GLY H 31 -70.61 86.12 -46.18
C GLY H 31 -71.29 87.39 -45.67
N ILE H 32 -72.45 87.23 -45.04
CA ILE H 32 -73.12 88.38 -44.42
C ILE H 32 -72.33 88.86 -43.22
N LEU H 33 -71.80 87.94 -42.41
CA LEU H 33 -71.01 88.34 -41.25
C LEU H 33 -69.66 88.92 -41.65
N ILE H 34 -69.12 88.51 -42.78
CA ILE H 34 -67.83 89.03 -43.22
C ILE H 34 -67.98 90.41 -43.84
N GLU H 35 -68.97 90.59 -44.71
CA GLU H 35 -69.15 91.91 -45.31
C GLU H 35 -69.82 92.91 -44.38
N PHE H 36 -70.39 92.46 -43.27
CA PHE H 36 -70.82 93.40 -42.24
C PHE H 36 -69.64 93.87 -41.42
N ASN H 37 -68.57 93.07 -41.35
CA ASN H 37 -67.43 93.38 -40.51
C ASN H 37 -66.31 94.09 -41.23
N ARG H 38 -66.37 94.20 -42.56
CA ARG H 38 -65.41 95.06 -43.24
C ARG H 38 -65.79 96.52 -43.08
N PHE H 39 -67.09 96.82 -43.10
CA PHE H 39 -67.59 98.18 -43.10
C PHE H 39 -67.86 98.70 -41.71
N PHE H 40 -68.37 97.87 -40.81
CA PHE H 40 -68.65 98.25 -39.44
C PHE H 40 -67.89 97.29 -38.53
N PRO H 41 -66.61 97.54 -38.30
CA PRO H 41 -65.81 96.63 -37.49
C PRO H 41 -65.95 96.95 -36.00
N ASP H 42 -65.36 96.09 -35.18
CA ASP H 42 -65.01 96.36 -33.78
C ASP H 42 -66.24 96.56 -32.91
N LEU H 43 -67.38 95.95 -33.27
CA LEU H 43 -68.63 96.17 -32.54
C LEU H 43 -68.66 95.27 -31.31
N LEU H 44 -68.00 95.72 -30.26
CA LEU H 44 -68.01 94.97 -29.00
C LEU H 44 -69.38 95.02 -28.34
N PHE H 45 -70.02 96.18 -28.33
CA PHE H 45 -71.31 96.35 -27.70
C PHE H 45 -72.09 97.40 -28.47
N HIS H 46 -73.39 97.45 -28.22
CA HIS H 46 -74.22 98.44 -28.88
C HIS H 46 -73.99 99.81 -28.26
N PRO H 47 -73.75 100.85 -29.07
CA PRO H 47 -73.27 102.13 -28.51
C PRO H 47 -74.32 102.95 -27.77
N LEU H 48 -75.60 102.61 -27.90
CA LEU H 48 -76.74 103.35 -27.30
C LEU H 48 -76.78 104.83 -27.70
N TRP I 16 -11.90 60.35 -75.72
CA TRP I 16 -10.90 60.83 -76.67
C TRP I 16 -10.50 59.70 -77.61
N SER I 17 -11.52 58.96 -78.05
CA SER I 17 -11.37 57.86 -79.00
C SER I 17 -12.12 58.23 -80.28
N PRO I 18 -11.47 58.92 -81.23
CA PRO I 18 -12.09 59.16 -82.52
C PRO I 18 -12.20 57.87 -83.33
N THR I 19 -13.07 57.91 -84.33
CA THR I 19 -13.31 56.72 -85.16
C THR I 19 -12.08 56.44 -86.01
N VAL I 20 -11.31 55.45 -85.58
CA VAL I 20 -10.22 54.91 -86.37
C VAL I 20 -10.86 53.88 -87.29
N GLY I 21 -10.14 53.44 -88.32
CA GLY I 21 -10.66 52.41 -89.20
C GLY I 21 -10.85 51.07 -88.51
N ILE I 22 -10.15 50.83 -87.40
CA ILE I 22 -10.16 49.56 -86.69
C ILE I 22 -11.00 49.65 -85.43
N ILE I 23 -11.97 50.58 -85.40
CA ILE I 23 -12.87 50.66 -84.25
C ILE I 23 -14.15 49.86 -84.51
N MET I 24 -14.13 48.93 -85.47
CA MET I 24 -15.25 47.99 -85.59
C MET I 24 -15.09 46.81 -84.62
N VAL I 25 -14.73 47.14 -83.37
CA VAL I 25 -14.88 46.24 -82.25
C VAL I 25 -16.34 45.91 -82.05
N ILE I 26 -17.21 46.90 -82.27
CA ILE I 26 -18.65 46.69 -82.14
C ILE I 26 -19.16 45.77 -83.25
N ALA I 27 -18.48 45.75 -84.41
CA ALA I 27 -18.86 44.81 -85.46
C ALA I 27 -18.54 43.38 -85.07
N ASN I 28 -17.51 43.17 -84.24
CA ASN I 28 -17.32 41.88 -83.61
C ASN I 28 -18.38 41.63 -82.55
N VAL I 29 -18.69 42.66 -81.75
CA VAL I 29 -19.62 42.52 -80.63
C VAL I 29 -21.04 42.25 -81.12
N ILE I 30 -21.44 42.90 -82.21
CA ILE I 30 -22.71 42.56 -82.85
C ILE I 30 -22.66 41.14 -83.40
N ALA I 31 -21.55 40.77 -84.04
CA ALA I 31 -21.41 39.41 -84.57
C ALA I 31 -21.29 38.36 -83.47
N ILE I 32 -20.87 38.76 -82.27
CA ILE I 32 -20.97 37.88 -81.12
C ILE I 32 -22.42 37.59 -80.79
N THR I 33 -23.28 38.61 -80.88
CA THR I 33 -24.60 38.56 -80.25
C THR I 33 -25.55 37.63 -80.99
N PHE I 34 -25.74 37.85 -82.30
CA PHE I 34 -26.65 36.96 -83.01
C PHE I 34 -26.02 35.61 -83.33
N GLY I 35 -24.71 35.46 -83.16
CA GLY I 35 -24.13 34.14 -83.09
C GLY I 35 -24.38 33.48 -81.75
N ARG I 36 -24.55 34.29 -80.70
CA ARG I 36 -24.92 33.78 -79.39
C ARG I 36 -26.40 33.50 -79.31
N GLN I 37 -27.22 34.49 -79.64
CA GLN I 37 -28.61 34.51 -79.25
C GLN I 37 -29.52 33.82 -80.26
N THR I 38 -28.98 33.34 -81.38
CA THR I 38 -29.76 32.51 -82.30
C THR I 38 -30.18 31.20 -81.63
N ILE I 39 -29.29 30.60 -80.85
CA ILE I 39 -29.57 29.31 -80.23
C ILE I 39 -30.23 29.50 -78.86
N LYS I 40 -30.54 30.74 -78.51
CA LYS I 40 -30.99 31.05 -77.16
C LYS I 40 -32.34 31.72 -77.07
N TYR I 41 -32.94 32.17 -78.19
CA TYR I 41 -34.30 32.68 -78.12
C TYR I 41 -35.30 31.54 -77.92
N PRO I 42 -36.41 31.80 -77.23
CA PRO I 42 -37.48 30.79 -77.16
C PRO I 42 -38.38 30.78 -78.39
N SER I 43 -38.63 31.94 -78.98
CA SER I 43 -39.63 32.06 -80.03
C SER I 43 -39.01 32.36 -81.39
N ALA I 44 -38.25 33.46 -81.50
CA ALA I 44 -37.27 33.73 -82.55
C ALA I 44 -37.82 33.93 -83.97
N GLU I 45 -39.12 33.75 -84.19
CA GLU I 45 -39.72 34.01 -85.51
C GLU I 45 -41.18 34.47 -85.36
N PRO I 46 -41.40 35.66 -84.73
CA PRO I 46 -42.78 36.05 -84.38
C PRO I 46 -43.70 36.39 -85.54
N ALA I 47 -43.31 37.38 -86.35
CA ALA I 47 -44.07 38.01 -87.43
C ALA I 47 -43.15 39.05 -88.04
N LEU I 48 -43.54 39.52 -89.24
CA LEU I 48 -42.82 40.50 -90.05
C LEU I 48 -41.39 40.04 -90.29
N PRO I 49 -41.15 39.06 -91.15
CA PRO I 49 -39.78 38.56 -91.33
C PRO I 49 -39.00 39.43 -92.30
N SER I 50 -37.70 39.14 -92.37
CA SER I 50 -36.80 39.76 -93.33
C SER I 50 -36.52 38.71 -94.40
N ALA I 51 -37.37 38.67 -95.42
CA ALA I 51 -37.37 37.60 -96.42
C ALA I 51 -36.58 38.06 -97.64
N LYS I 52 -35.48 37.37 -97.94
CA LYS I 52 -34.94 36.27 -97.12
C LYS I 52 -33.62 36.69 -96.48
N PHE I 53 -33.25 35.98 -95.43
CA PHE I 53 -32.07 36.33 -94.63
C PHE I 53 -31.62 35.08 -93.89
N PHE I 54 -30.30 34.87 -93.86
CA PHE I 54 -29.76 33.67 -93.23
C PHE I 54 -29.89 33.75 -91.71
N GLY I 55 -30.18 32.61 -91.10
CA GLY I 55 -30.47 32.57 -89.68
C GLY I 55 -31.96 32.63 -89.44
N GLY I 56 -32.45 31.83 -88.49
CA GLY I 56 -33.88 31.78 -88.22
C GLY I 56 -34.39 32.99 -87.46
N PHE I 57 -34.40 34.14 -88.10
CA PHE I 57 -34.82 35.40 -87.48
C PHE I 57 -36.02 35.99 -88.18
N GLY I 58 -36.87 36.64 -87.40
CA GLY I 58 -37.72 37.68 -87.90
C GLY I 58 -36.99 38.99 -87.85
N ALA I 59 -37.60 40.02 -88.43
CA ALA I 59 -37.01 41.35 -88.35
C ALA I 59 -36.90 41.93 -86.93
N PRO I 60 -37.88 41.83 -86.01
CA PRO I 60 -37.63 42.35 -84.66
C PRO I 60 -36.60 41.55 -83.87
N ALA I 61 -36.44 40.25 -84.14
CA ALA I 61 -35.44 39.48 -83.44
C ALA I 61 -34.02 39.84 -83.88
N LEU I 62 -33.83 40.19 -85.15
CA LEU I 62 -32.49 40.54 -85.60
C LEU I 62 -32.13 41.96 -85.22
N LEU I 63 -33.11 42.86 -85.13
CA LEU I 63 -32.80 44.20 -84.63
C LEU I 63 -32.84 44.26 -83.11
N ALA I 64 -33.02 43.12 -82.45
CA ALA I 64 -32.71 43.02 -81.02
C ALA I 64 -31.22 42.76 -80.81
N THR I 65 -30.67 41.81 -81.56
CA THR I 65 -29.27 41.44 -81.42
C THR I 65 -28.35 42.54 -81.90
N THR I 66 -28.71 43.22 -82.99
CA THR I 66 -27.91 44.34 -83.44
C THR I 66 -28.07 45.56 -82.54
N ALA I 67 -29.15 45.64 -81.78
CA ALA I 67 -29.30 46.70 -80.80
C ALA I 67 -28.59 46.35 -79.50
N PHE I 68 -28.60 45.06 -79.13
CA PHE I 68 -27.87 44.65 -77.93
C PHE I 68 -26.37 44.69 -78.15
N GLY I 69 -25.93 44.30 -79.34
CA GLY I 69 -24.52 44.43 -79.68
C GLY I 69 -24.07 45.86 -79.83
N HIS I 70 -24.97 46.77 -80.16
CA HIS I 70 -24.61 48.18 -80.27
C HIS I 70 -24.57 48.82 -78.88
N ILE I 71 -25.14 48.14 -77.88
CA ILE I 71 -25.06 48.54 -76.47
C ILE I 71 -23.97 47.77 -75.73
N LEU I 72 -23.79 46.50 -76.06
CA LEU I 72 -22.67 45.74 -75.51
C LEU I 72 -21.34 46.23 -76.05
N GLY I 73 -21.34 46.87 -77.21
CA GLY I 73 -20.13 47.39 -77.81
C GLY I 73 -19.78 48.80 -77.38
N VAL I 74 -20.75 49.58 -76.92
CA VAL I 74 -20.43 50.94 -76.52
C VAL I 74 -19.77 50.96 -75.15
N GLY I 75 -20.09 50.01 -74.27
CA GLY I 75 -19.45 49.95 -72.98
C GLY I 75 -18.05 49.40 -73.07
N LEU I 76 -17.79 48.65 -74.14
CA LEU I 76 -16.50 47.99 -74.31
C LEU I 76 -15.45 48.97 -74.82
N VAL I 77 -15.82 49.80 -75.81
CA VAL I 77 -14.90 50.79 -76.35
C VAL I 77 -14.56 51.84 -75.31
N LEU I 78 -15.55 52.25 -74.52
CA LEU I 78 -15.30 53.16 -73.42
C LEU I 78 -14.56 52.49 -72.27
N GLY I 79 -14.66 51.17 -72.15
CA GLY I 79 -13.84 50.46 -71.19
C GLY I 79 -12.38 50.46 -71.57
N LEU I 80 -12.09 50.36 -72.86
CA LEU I 80 -10.73 50.42 -73.37
C LEU I 80 -10.19 51.84 -73.50
N HIS I 81 -10.96 52.83 -73.07
CA HIS I 81 -10.62 54.26 -73.11
C HIS I 81 -10.24 54.76 -74.49
N LEU J 33 -44.15 21.63 -36.68
CA LEU J 33 -43.42 21.19 -37.85
C LEU J 33 -41.95 20.94 -37.51
N GLU J 34 -41.10 20.81 -38.52
CA GLU J 34 -39.76 20.27 -38.32
C GLU J 34 -38.77 20.96 -39.26
N THR J 35 -37.75 21.58 -38.68
CA THR J 35 -36.79 22.39 -39.43
C THR J 35 -35.38 21.87 -39.25
N PRO J 36 -34.40 22.37 -40.02
CA PRO J 36 -33.00 22.16 -39.65
C PRO J 36 -32.50 22.96 -38.45
N VAL J 37 -33.37 23.68 -37.73
CA VAL J 37 -32.97 24.26 -36.46
C VAL J 37 -33.43 23.40 -35.30
N ASN J 38 -34.68 22.94 -35.30
CA ASN J 38 -35.14 22.08 -34.22
C ASN J 38 -34.79 20.62 -34.41
N ALA J 39 -34.28 20.22 -35.58
CA ALA J 39 -34.08 18.78 -35.79
C ALA J 39 -32.83 18.40 -36.57
N SER J 40 -31.87 19.30 -36.75
CA SER J 40 -30.61 18.86 -37.32
C SER J 40 -29.86 18.04 -36.29
N PRO J 41 -29.21 16.95 -36.69
CA PRO J 41 -28.60 16.04 -35.70
C PRO J 41 -27.44 16.64 -34.93
N LEU J 42 -26.86 17.75 -35.40
CA LEU J 42 -25.91 18.47 -34.57
C LEU J 42 -26.59 19.12 -33.37
N VAL J 43 -27.84 19.56 -33.54
CA VAL J 43 -28.59 20.22 -32.47
C VAL J 43 -29.28 19.21 -31.57
N LYS J 44 -29.80 18.12 -32.15
CA LYS J 44 -30.36 17.03 -31.35
C LYS J 44 -29.32 16.41 -30.45
N TRP J 45 -28.08 16.28 -30.93
CA TRP J 45 -27.01 15.72 -30.10
C TRP J 45 -26.61 16.68 -29.00
N PHE J 46 -26.77 17.98 -29.25
CA PHE J 46 -26.35 18.97 -28.27
C PHE J 46 -27.33 19.06 -27.12
N ILE J 47 -28.61 19.28 -27.44
CA ILE J 47 -29.65 19.51 -26.43
C ILE J 47 -29.89 18.26 -25.59
N ASN J 48 -29.69 17.08 -26.16
CA ASN J 48 -29.79 15.85 -25.40
C ASN J 48 -28.54 15.56 -24.56
N ASN J 49 -27.55 16.45 -24.57
CA ASN J 49 -26.37 16.30 -23.74
C ASN J 49 -26.18 17.47 -22.78
N LEU J 50 -27.12 18.40 -22.72
CA LEU J 50 -27.10 19.35 -21.63
C LEU J 50 -27.47 18.62 -20.34
N PRO J 51 -26.97 19.07 -19.18
CA PRO J 51 -27.28 18.39 -17.92
C PRO J 51 -28.73 18.42 -17.52
N ALA J 52 -29.56 19.30 -18.11
CA ALA J 52 -30.99 19.20 -17.90
C ALA J 52 -31.60 17.98 -18.56
N TYR J 53 -30.94 17.40 -19.56
CA TYR J 53 -31.54 16.32 -20.33
C TYR J 53 -30.66 15.09 -20.51
N ARG J 54 -29.47 15.06 -19.94
CA ARG J 54 -28.55 13.96 -20.18
C ARG J 54 -29.04 12.70 -19.48
N PRO J 55 -29.09 11.55 -20.16
CA PRO J 55 -29.66 10.36 -19.53
C PRO J 55 -28.76 9.78 -18.45
N GLY J 56 -29.40 9.20 -17.44
CA GLY J 56 -28.70 8.59 -16.33
C GLY J 56 -28.00 9.59 -15.42
N LEU J 57 -28.76 10.47 -14.79
CA LEU J 57 -28.21 11.40 -13.82
C LEU J 57 -29.17 11.56 -12.65
N THR J 58 -28.61 11.53 -11.44
CA THR J 58 -29.33 11.91 -10.25
C THR J 58 -29.73 13.39 -10.36
N PRO J 59 -30.92 13.78 -9.89
CA PRO J 59 -31.27 15.20 -9.92
C PRO J 59 -30.38 16.09 -9.06
N PHE J 60 -29.62 15.55 -8.11
CA PHE J 60 -28.54 16.32 -7.53
C PHE J 60 -27.42 16.54 -8.53
N ARG J 61 -27.17 15.57 -9.42
CA ARG J 61 -26.09 15.74 -10.37
C ARG J 61 -26.48 16.71 -11.47
N ARG J 62 -27.76 16.75 -11.82
CA ARG J 62 -28.23 17.68 -12.84
C ARG J 62 -28.15 19.12 -12.37
N GLY J 63 -28.59 19.39 -11.14
CA GLY J 63 -28.47 20.73 -10.61
C GLY J 63 -27.07 21.14 -10.24
N LEU J 64 -26.13 20.20 -10.24
CA LEU J 64 -24.76 20.52 -9.91
C LEU J 64 -24.04 21.15 -11.09
N GLU J 65 -24.28 20.65 -12.30
CA GLU J 65 -23.63 21.23 -13.48
C GLU J 65 -24.38 22.46 -13.97
N VAL J 66 -25.71 22.48 -13.84
CA VAL J 66 -26.49 23.68 -14.13
C VAL J 66 -26.13 24.81 -13.18
N GLY J 67 -25.84 24.47 -11.93
CA GLY J 67 -25.50 25.50 -10.96
C GLY J 67 -24.13 26.10 -11.19
N MET J 68 -23.13 25.25 -11.45
CA MET J 68 -21.76 25.70 -11.66
C MET J 68 -21.63 26.53 -12.93
N ALA J 69 -22.42 26.20 -13.95
CA ALA J 69 -22.39 26.97 -15.19
C ALA J 69 -23.00 28.35 -14.99
N HIS J 70 -24.21 28.41 -14.42
CA HIS J 70 -24.86 29.69 -14.22
C HIS J 70 -24.27 30.48 -13.08
N GLY J 71 -23.53 29.86 -12.18
CA GLY J 71 -22.83 30.68 -11.23
C GLY J 71 -21.53 31.26 -11.76
N TYR J 72 -21.05 30.76 -12.90
CA TYR J 72 -19.75 31.18 -13.40
C TYR J 72 -19.84 32.47 -14.19
N PHE J 73 -20.79 32.57 -15.12
CA PHE J 73 -20.84 33.79 -15.92
C PHE J 73 -21.56 34.92 -15.22
N LEU J 74 -22.45 34.62 -14.28
CA LEU J 74 -23.13 35.69 -13.55
C LEU J 74 -22.21 36.46 -12.62
N PHE J 75 -20.99 35.99 -12.37
CA PHE J 75 -19.98 36.84 -11.77
C PHE J 75 -19.64 38.01 -12.69
N GLY J 76 -19.80 37.84 -13.99
CA GLY J 76 -19.42 38.80 -14.99
C GLY J 76 -20.05 40.19 -14.90
N PRO J 77 -21.37 40.29 -15.12
CA PRO J 77 -21.99 41.61 -15.18
C PRO J 77 -22.12 42.32 -13.85
N PHE J 78 -21.84 41.68 -12.72
CA PHE J 78 -21.78 42.43 -11.48
C PHE J 78 -20.42 43.01 -11.22
N ALA J 79 -19.36 42.33 -11.65
CA ALA J 79 -18.01 42.75 -11.28
C ALA J 79 -17.54 43.93 -12.10
N LYS J 80 -17.71 43.88 -13.41
CA LYS J 80 -17.17 44.89 -14.31
C LYS J 80 -18.19 45.92 -14.73
N LEU J 81 -19.44 45.79 -14.29
CA LEU J 81 -20.48 46.75 -14.61
C LEU J 81 -21.17 47.30 -13.38
N GLY J 82 -20.81 46.85 -12.18
CA GLY J 82 -21.52 47.24 -11.00
C GLY J 82 -21.17 48.65 -10.54
N PRO J 83 -21.72 49.04 -9.39
CA PRO J 83 -21.50 50.42 -8.93
C PRO J 83 -20.12 50.69 -8.40
N LEU J 84 -19.44 49.69 -7.84
CA LEU J 84 -18.09 49.86 -7.33
C LEU J 84 -17.07 49.18 -8.22
N ARG J 85 -17.27 49.24 -9.53
CA ARG J 85 -16.42 48.53 -10.48
C ARG J 85 -15.07 49.18 -10.66
N ASP J 86 -14.87 50.41 -10.21
CA ASP J 86 -13.56 51.04 -10.32
C ASP J 86 -12.75 50.94 -9.05
N ALA J 87 -13.37 50.55 -7.94
CA ALA J 87 -12.68 50.51 -6.66
C ALA J 87 -11.77 49.30 -6.58
N ALA J 88 -11.00 49.22 -5.50
CA ALA J 88 -10.12 48.07 -5.28
C ALA J 88 -10.91 46.81 -4.93
N ASN J 89 -12.15 46.95 -4.49
CA ASN J 89 -13.03 45.82 -4.19
C ASN J 89 -14.03 45.60 -5.30
N ALA J 90 -13.59 45.76 -6.55
CA ALA J 90 -14.51 45.62 -7.68
C ALA J 90 -14.91 44.17 -7.89
N ASN J 91 -13.97 43.25 -7.75
CA ASN J 91 -14.29 41.84 -7.95
C ASN J 91 -15.07 41.28 -6.78
N LEU J 92 -14.91 41.85 -5.59
CA LEU J 92 -15.70 41.41 -4.45
C LEU J 92 -17.13 41.93 -4.51
N ALA J 93 -17.33 43.06 -5.21
CA ALA J 93 -18.68 43.52 -5.52
C ALA J 93 -19.38 42.55 -6.46
N GLY J 94 -18.62 41.92 -7.35
CA GLY J 94 -19.20 40.94 -8.24
C GLY J 94 -19.40 39.59 -7.60
N LEU J 95 -18.65 39.29 -6.55
CA LEU J 95 -18.80 38.00 -5.90
C LEU J 95 -20.03 37.97 -5.02
N LEU J 96 -20.22 38.99 -4.18
CA LEU J 96 -21.36 39.02 -3.28
C LEU J 96 -22.67 39.24 -4.03
N GLY J 97 -22.60 39.93 -5.18
CA GLY J 97 -23.79 40.08 -5.99
C GLY J 97 -24.18 38.81 -6.70
N ALA J 98 -23.21 38.07 -7.22
CA ALA J 98 -23.52 36.85 -7.95
C ALA J 98 -23.96 35.73 -7.01
N ILE J 99 -23.32 35.62 -5.84
CA ILE J 99 -23.75 34.66 -4.84
C ILE J 99 -25.15 35.02 -4.33
N GLY J 100 -25.39 36.31 -4.08
CA GLY J 100 -26.64 36.77 -3.56
C GLY J 100 -27.82 36.66 -4.51
N LEU J 101 -27.57 36.33 -5.78
CA LEU J 101 -28.62 36.14 -6.76
C LEU J 101 -28.81 34.68 -7.14
N VAL J 102 -27.79 33.84 -6.91
CA VAL J 102 -27.98 32.40 -6.91
C VAL J 102 -28.89 31.98 -5.78
N VAL J 103 -28.81 32.67 -4.63
CA VAL J 103 -29.71 32.42 -3.51
C VAL J 103 -31.14 32.81 -3.87
N LEU J 104 -31.30 33.86 -4.68
CA LEU J 104 -32.64 34.21 -5.14
C LEU J 104 -33.20 33.19 -6.12
N PHE J 105 -32.36 32.62 -7.00
CA PHE J 105 -32.85 31.58 -7.89
C PHE J 105 -33.21 30.31 -7.14
N THR J 106 -32.42 29.99 -6.11
CA THR J 106 -32.63 28.76 -5.34
C THR J 106 -33.95 28.81 -4.57
N LEU J 107 -34.37 30.02 -4.18
CA LEU J 107 -35.72 30.18 -3.65
C LEU J 107 -36.76 29.90 -4.72
N ALA J 108 -36.57 30.47 -5.92
CA ALA J 108 -37.53 30.30 -7.00
C ALA J 108 -37.61 28.85 -7.47
N LEU J 109 -36.51 28.11 -7.41
CA LEU J 109 -36.58 26.68 -7.65
C LEU J 109 -37.41 25.97 -6.58
N SER J 110 -37.20 26.35 -5.32
CA SER J 110 -37.98 25.75 -4.24
C SER J 110 -39.39 26.30 -4.17
N LEU J 111 -39.64 27.51 -4.70
CA LEU J 111 -41.00 27.97 -4.87
C LEU J 111 -41.71 27.22 -5.99
N TYR J 112 -40.98 26.87 -7.05
CA TYR J 112 -41.60 26.11 -8.11
C TYR J 112 -41.78 24.65 -7.71
N ALA J 113 -40.89 24.15 -6.85
CA ALA J 113 -40.98 22.77 -6.37
C ALA J 113 -42.22 22.56 -5.52
N ASN J 114 -42.43 23.44 -4.54
CA ASN J 114 -43.45 23.29 -3.52
C ASN J 114 -44.84 23.66 -4.00
N SER J 115 -45.02 23.91 -5.29
CA SER J 115 -46.29 24.37 -5.84
C SER J 115 -47.02 23.27 -6.58
N ASN J 116 -46.63 21.99 -6.37
CA ASN J 116 -47.11 20.80 -7.07
C ASN J 116 -46.98 21.00 -8.57
N PRO J 117 -45.76 20.96 -9.12
CA PRO J 117 -45.55 21.48 -10.46
C PRO J 117 -46.10 20.53 -11.51
N PRO J 118 -46.50 21.03 -12.68
CA PRO J 118 -46.97 20.15 -13.75
C PRO J 118 -45.82 19.44 -14.42
N THR J 119 -46.16 18.35 -15.10
CA THR J 119 -45.15 17.50 -15.73
C THR J 119 -44.54 18.20 -16.94
N ALA J 120 -43.25 17.96 -17.16
CA ALA J 120 -42.50 18.69 -18.17
C ALA J 120 -42.88 18.24 -19.58
N LEU J 121 -42.49 19.06 -20.56
CA LEU J 121 -42.86 18.85 -21.95
C LEU J 121 -41.87 17.95 -22.66
N ALA J 122 -42.28 17.47 -23.83
CA ALA J 122 -41.46 16.63 -24.69
C ALA J 122 -41.54 17.17 -26.10
N SER J 123 -40.46 17.78 -26.56
CA SER J 123 -40.44 18.50 -27.84
C SER J 123 -40.03 17.55 -28.96
N VAL J 124 -39.76 18.12 -30.13
CA VAL J 124 -39.33 17.32 -31.27
C VAL J 124 -37.83 17.09 -31.25
N THR J 125 -37.07 17.89 -30.50
CA THR J 125 -35.64 17.64 -30.36
C THR J 125 -35.30 16.78 -29.16
N VAL J 126 -36.17 16.74 -28.15
CA VAL J 126 -35.97 15.91 -26.96
C VAL J 126 -37.21 15.03 -26.79
N PRO J 127 -37.15 13.75 -27.15
CA PRO J 127 -38.37 12.94 -27.14
C PRO J 127 -38.87 12.54 -25.77
N ASN J 128 -38.06 12.66 -24.71
CA ASN J 128 -38.55 12.29 -23.39
C ASN J 128 -38.01 13.23 -22.31
N PRO J 129 -38.79 13.47 -21.28
CA PRO J 129 -38.28 14.22 -20.13
C PRO J 129 -37.30 13.37 -19.34
N PRO J 130 -36.42 13.98 -18.54
CA PRO J 130 -35.45 13.20 -17.76
C PRO J 130 -36.00 12.55 -16.50
N ASP J 131 -37.32 12.50 -16.32
CA ASP J 131 -38.08 11.71 -15.34
C ASP J 131 -37.88 12.14 -13.90
N ALA J 132 -37.00 13.10 -13.62
CA ALA J 132 -36.81 13.62 -12.27
C ALA J 132 -37.46 14.97 -12.08
N PHE J 133 -38.17 15.47 -13.10
CA PHE J 133 -38.74 16.80 -13.09
C PHE J 133 -40.26 16.77 -13.01
N GLN J 134 -40.82 15.68 -12.50
CA GLN J 134 -42.26 15.59 -12.29
C GLN J 134 -42.64 15.44 -10.82
N SER J 135 -41.72 15.00 -9.99
CA SER J 135 -41.96 14.86 -8.56
C SER J 135 -41.49 16.11 -7.83
N LYS J 136 -42.18 16.44 -6.75
CA LYS J 136 -41.74 17.52 -5.86
C LYS J 136 -40.39 17.19 -5.23
N GLU J 137 -40.13 15.90 -5.00
CA GLU J 137 -38.89 15.46 -4.38
C GLU J 137 -37.70 15.69 -5.32
N GLY J 138 -37.94 15.65 -6.62
CA GLY J 138 -36.84 15.77 -7.57
C GLY J 138 -36.42 17.21 -7.80
N TRP J 139 -37.38 18.14 -7.73
CA TRP J 139 -37.03 19.54 -7.90
C TRP J 139 -36.32 20.08 -6.66
N ASN J 140 -36.56 19.47 -5.51
CA ASN J 140 -35.88 19.90 -4.29
C ASN J 140 -34.41 19.49 -4.32
N ASN J 141 -34.11 18.33 -4.92
CA ASN J 141 -32.72 17.93 -5.10
C ASN J 141 -32.05 18.80 -6.14
N PHE J 142 -32.79 19.17 -7.17
CA PHE J 142 -32.29 20.09 -8.19
C PHE J 142 -32.04 21.47 -7.61
N ALA J 143 -32.84 21.87 -6.63
CA ALA J 143 -32.73 23.22 -6.07
C ALA J 143 -31.48 23.37 -5.23
N SER J 144 -31.15 22.35 -4.43
CA SER J 144 -30.02 22.46 -3.52
C SER J 144 -28.69 22.44 -4.26
N ALA J 145 -28.59 21.61 -5.29
CA ALA J 145 -27.34 21.49 -6.01
C ALA J 145 -27.05 22.72 -6.85
N PHE J 146 -28.09 23.45 -7.22
CA PHE J 146 -27.90 24.76 -7.83
C PHE J 146 -27.23 25.71 -6.85
N LEU J 147 -27.59 25.63 -5.56
CA LEU J 147 -26.99 26.53 -4.60
C LEU J 147 -25.56 26.15 -4.30
N ILE J 148 -25.29 24.85 -4.21
CA ILE J 148 -23.93 24.37 -3.94
C ILE J 148 -23.02 24.65 -5.13
N GLY J 149 -23.53 24.44 -6.34
CA GLY J 149 -22.74 24.72 -7.52
C GLY J 149 -22.68 26.19 -7.90
N GLY J 150 -23.76 26.93 -7.67
CA GLY J 150 -23.79 28.33 -8.03
C GLY J 150 -22.89 29.20 -7.19
N ILE J 151 -22.70 28.83 -5.92
CA ILE J 151 -21.75 29.56 -5.09
C ILE J 151 -20.33 29.21 -5.48
N GLY J 152 -20.06 27.93 -5.74
CA GLY J 152 -18.72 27.52 -6.11
C GLY J 152 -18.29 28.01 -7.48
N GLY J 153 -19.24 28.15 -8.41
CA GLY J 153 -18.92 28.71 -9.70
C GLY J 153 -18.59 30.19 -9.63
N ALA J 154 -19.18 30.91 -8.69
CA ALA J 154 -18.88 32.33 -8.54
C ALA J 154 -17.56 32.55 -7.83
N VAL J 155 -17.20 31.67 -6.90
CA VAL J 155 -15.94 31.81 -6.18
C VAL J 155 -14.75 31.54 -7.10
N VAL J 156 -14.87 30.56 -7.99
CA VAL J 156 -13.75 30.24 -8.87
C VAL J 156 -13.59 31.34 -9.94
N ALA J 157 -14.68 32.01 -10.31
CA ALA J 157 -14.54 33.16 -11.20
C ALA J 157 -13.95 34.34 -10.46
N TYR J 158 -14.21 34.45 -9.17
CA TYR J 158 -13.51 35.43 -8.35
C TYR J 158 -12.05 35.08 -8.19
N PHE J 159 -11.73 33.79 -8.19
CA PHE J 159 -10.35 33.36 -8.03
C PHE J 159 -9.56 33.58 -9.31
N LEU J 160 -10.19 33.39 -10.47
CA LEU J 160 -9.45 33.50 -11.72
C LEU J 160 -9.28 34.94 -12.19
N THR J 161 -10.20 35.82 -11.85
CA THR J 161 -10.06 37.21 -12.28
C THR J 161 -9.22 38.03 -11.33
N SER J 162 -9.11 37.63 -10.07
CA SER J 162 -8.19 38.30 -9.16
C SER J 162 -6.76 37.82 -9.33
N ASN J 163 -6.56 36.67 -9.97
CA ASN J 163 -5.23 36.08 -10.10
C ASN J 163 -4.87 35.92 -11.57
N LEU J 164 -5.07 36.98 -12.35
CA LEU J 164 -4.72 36.97 -13.76
C LEU J 164 -3.22 36.86 -13.96
N ALA J 165 -2.45 37.70 -13.25
CA ALA J 165 -1.00 37.69 -13.42
C ALA J 165 -0.35 36.46 -12.79
N LEU J 166 -1.07 35.75 -11.90
CA LEU J 166 -0.62 34.46 -11.43
C LEU J 166 -0.59 33.45 -12.57
N ILE J 167 -1.71 33.36 -13.31
CA ILE J 167 -1.87 32.37 -14.37
C ILE J 167 -0.91 32.69 -15.53
N GLN J 168 -0.75 33.96 -15.85
CA GLN J 168 0.11 34.33 -16.96
C GLN J 168 1.59 34.34 -16.59
N GLY J 169 1.93 34.03 -15.33
CA GLY J 169 3.28 33.61 -15.02
C GLY J 169 3.43 32.10 -15.06
N LEU J 170 2.36 31.38 -14.74
CA LEU J 170 2.31 29.93 -14.95
C LEU J 170 2.20 29.55 -16.42
N VAL J 171 2.01 30.53 -17.29
CA VAL J 171 2.00 30.31 -18.73
C VAL J 171 3.13 31.09 -19.40
N GLY J 172 3.20 32.39 -19.17
CA GLY J 172 4.27 33.20 -19.75
C GLY J 172 3.83 34.54 -20.30
N SER K 11 -33.19 65.50 19.47
CA SER K 11 -34.25 64.52 19.24
C SER K 11 -34.52 63.72 20.50
N ILE K 12 -35.28 62.63 20.37
CA ILE K 12 -35.50 61.75 21.51
C ILE K 12 -34.28 60.85 21.70
N SER K 13 -34.18 60.28 22.91
CA SER K 13 -33.00 59.51 23.27
C SER K 13 -33.01 58.17 22.55
N ASP K 14 -31.85 57.49 22.60
CA ASP K 14 -31.73 56.20 21.94
C ASP K 14 -32.52 55.14 22.68
N THR K 15 -32.73 55.31 23.99
CA THR K 15 -33.49 54.35 24.79
C THR K 15 -34.95 54.34 24.38
N GLN K 16 -35.55 55.53 24.22
CA GLN K 16 -36.98 55.67 23.98
C GLN K 16 -37.43 55.07 22.66
N VAL K 17 -36.52 54.90 21.69
CA VAL K 17 -36.90 54.27 20.43
C VAL K 17 -37.21 52.80 20.63
N TYR K 18 -36.50 52.13 21.54
CA TYR K 18 -36.74 50.72 21.78
C TYR K 18 -38.01 50.46 22.55
N ILE K 19 -38.43 51.40 23.41
CA ILE K 19 -39.74 51.28 24.05
C ILE K 19 -40.85 51.36 23.01
N ALA K 20 -40.70 52.27 22.04
CA ALA K 20 -41.68 52.39 20.98
C ALA K 20 -41.76 51.15 20.10
N LEU K 21 -40.65 50.43 19.94
CA LEU K 21 -40.68 49.21 19.14
C LEU K 21 -41.33 48.07 19.89
N VAL K 22 -41.11 47.97 21.20
CA VAL K 22 -41.67 46.87 21.97
C VAL K 22 -43.17 47.07 22.19
N VAL K 23 -43.58 48.31 22.44
CA VAL K 23 -45.00 48.63 22.54
C VAL K 23 -45.71 48.38 21.22
N ALA K 24 -45.04 48.60 20.09
CA ALA K 24 -45.62 48.35 18.77
C ALA K 24 -45.83 46.88 18.46
N LEU K 25 -45.27 45.97 19.24
CA LEU K 25 -45.58 44.56 19.06
C LEU K 25 -46.96 44.21 19.59
N ILE K 26 -47.51 45.03 20.48
CA ILE K 26 -48.83 44.78 21.05
C ILE K 26 -49.92 44.99 20.01
N PRO K 27 -49.96 46.06 19.18
CA PRO K 27 -50.89 46.03 18.05
C PRO K 27 -50.44 45.09 16.94
N GLY K 28 -49.15 44.79 16.84
CA GLY K 28 -48.71 43.85 15.82
C GLY K 28 -49.18 42.44 16.09
N LEU K 29 -49.28 42.08 17.37
CA LEU K 29 -49.86 40.79 17.73
C LEU K 29 -51.37 40.80 17.53
N LEU K 30 -52.04 41.88 17.94
CA LEU K 30 -53.49 41.96 17.87
C LEU K 30 -54.00 42.13 16.43
N ALA K 31 -53.19 42.74 15.55
CA ALA K 31 -53.58 42.81 14.15
C ALA K 31 -53.51 41.43 13.50
N TRP K 32 -52.58 40.59 13.94
CA TRP K 32 -52.51 39.23 13.42
C TRP K 32 -53.66 38.39 13.94
N ARG K 33 -54.19 38.72 15.12
CA ARG K 33 -55.32 37.97 15.65
C ARG K 33 -56.61 38.38 14.97
N LEU K 34 -56.77 39.66 14.67
CA LEU K 34 -57.99 40.13 14.02
C LEU K 34 -58.04 39.72 12.55
N ALA K 35 -56.90 39.80 11.86
CA ALA K 35 -56.88 39.49 10.44
C ALA K 35 -57.00 38.01 10.16
N THR K 36 -56.81 37.17 11.18
CA THR K 36 -57.05 35.74 11.02
C THR K 36 -58.36 35.30 11.65
N GLU K 37 -58.97 36.12 12.49
CA GLU K 37 -60.33 35.83 12.93
C GLU K 37 -61.32 36.17 11.84
N LEU K 38 -61.13 37.29 11.15
CA LEU K 38 -61.62 37.44 9.79
C LEU K 38 -60.94 36.38 8.94
N TYR K 39 -61.70 35.61 8.17
CA TYR K 39 -61.27 34.27 7.77
C TYR K 39 -60.17 34.30 6.72
N LYS K 40 -59.72 33.09 6.34
CA LYS K 40 -58.52 32.88 5.53
C LYS K 40 -58.61 33.45 4.12
N PRO L 16 -105.29 71.39 -13.44
CA PRO L 16 -105.69 72.35 -12.40
C PRO L 16 -104.68 73.47 -12.23
N PRO L 17 -105.12 74.63 -11.72
CA PRO L 17 -104.16 75.65 -11.29
C PRO L 17 -103.37 75.14 -10.09
N TYR L 18 -102.08 74.93 -10.31
CA TYR L 18 -101.24 74.24 -9.34
C TYR L 18 -100.91 75.21 -8.21
N THR L 19 -101.71 75.13 -7.13
CA THR L 19 -101.58 76.10 -6.06
C THR L 19 -100.34 75.84 -5.21
N PHE L 20 -100.07 74.57 -4.90
CA PHE L 20 -98.96 74.26 -4.02
C PHE L 20 -97.61 74.40 -4.71
N ARG L 21 -97.56 74.15 -6.02
CA ARG L 21 -96.31 74.35 -6.76
C ARG L 21 -96.02 75.83 -6.92
N THR L 22 -96.97 76.60 -7.46
CA THR L 22 -96.78 78.02 -7.67
C THR L 22 -96.72 78.81 -6.37
N GLY L 23 -97.24 78.25 -5.28
CA GLY L 23 -97.15 78.94 -4.00
C GLY L 23 -95.73 79.03 -3.49
N TRP L 24 -94.94 77.97 -3.67
CA TRP L 24 -93.56 77.99 -3.22
C TRP L 24 -92.60 78.57 -4.25
N ALA L 25 -92.95 78.53 -5.54
CA ALA L 25 -92.11 79.16 -6.54
C ALA L 25 -92.18 80.68 -6.44
N LEU L 26 -93.36 81.23 -6.12
CA LEU L 26 -93.48 82.65 -5.89
C LEU L 26 -92.88 83.09 -4.57
N LEU L 27 -92.78 82.17 -3.60
CA LEU L 27 -92.05 82.49 -2.37
C LEU L 27 -90.56 82.59 -2.63
N LEU L 28 -90.00 81.63 -3.38
CA LEU L 28 -88.58 81.66 -3.68
C LEU L 28 -88.22 82.80 -4.61
N LEU L 29 -89.10 83.13 -5.56
CA LEU L 29 -88.83 84.24 -6.46
C LEU L 29 -88.95 85.58 -5.74
N ALA L 30 -89.75 85.64 -4.67
CA ALA L 30 -89.77 86.83 -3.84
C ALA L 30 -88.48 86.99 -3.05
N VAL L 31 -87.76 85.89 -2.80
CA VAL L 31 -86.45 85.99 -2.19
C VAL L 31 -85.42 86.44 -3.23
N ASN L 32 -85.60 86.03 -4.50
CA ASN L 32 -84.73 86.49 -5.58
C ASN L 32 -84.88 87.99 -5.81
N PHE L 33 -86.08 88.52 -5.66
CA PHE L 33 -86.32 89.94 -5.87
C PHE L 33 -85.94 90.79 -4.67
N LEU L 34 -85.95 90.19 -3.47
CA LEU L 34 -85.61 90.95 -2.27
C LEU L 34 -84.11 91.23 -2.20
N VAL L 35 -83.29 90.25 -2.56
CA VAL L 35 -81.84 90.43 -2.52
C VAL L 35 -81.40 91.40 -3.61
N ALA L 36 -82.09 91.42 -4.74
CA ALA L 36 -81.80 92.38 -5.80
C ALA L 36 -82.18 93.79 -5.40
N ALA L 37 -83.12 93.94 -4.46
CA ALA L 37 -83.46 95.27 -3.96
C ALA L 37 -82.34 95.85 -3.11
N TYR L 38 -81.60 95.00 -2.40
CA TYR L 38 -80.39 95.44 -1.73
C TYR L 38 -79.31 95.82 -2.72
N TYR L 39 -79.24 95.08 -3.83
CA TYR L 39 -78.21 95.31 -4.85
C TYR L 39 -78.54 96.50 -5.73
N PHE L 40 -79.82 96.86 -5.86
CA PHE L 40 -80.24 98.05 -6.58
C PHE L 40 -80.53 99.23 -5.68
N HIS L 41 -80.19 99.12 -4.39
CA HIS L 41 -80.38 100.14 -3.36
C HIS L 41 -81.83 100.59 -3.20
N ILE L 42 -82.78 99.72 -3.54
CA ILE L 42 -84.18 100.04 -3.29
C ILE L 42 -84.48 99.96 -1.80
N ILE L 43 -83.94 98.94 -1.13
CA ILE L 43 -84.11 98.76 0.31
C ILE L 43 -82.72 98.87 0.94
N GLN L 44 -82.62 99.58 2.05
CA GLN L 44 -81.36 99.70 2.77
C GLN L 44 -81.58 99.79 4.27
N ARG M 14 -72.22 33.38 66.87
CA ARG M 14 -72.67 31.99 66.90
C ARG M 14 -71.71 31.13 67.73
N VAL M 15 -71.65 31.41 69.02
CA VAL M 15 -70.77 30.69 69.94
C VAL M 15 -71.57 29.60 70.62
N ILE M 16 -71.24 28.35 70.33
CA ILE M 16 -71.78 27.21 71.03
C ILE M 16 -70.61 26.39 71.57
N VAL M 17 -70.67 26.05 72.86
CA VAL M 17 -69.54 25.51 73.61
C VAL M 17 -70.02 24.31 74.41
N ASP M 18 -69.35 23.17 74.26
CA ASP M 18 -69.67 21.99 75.05
C ASP M 18 -69.26 22.20 76.51
N LYS M 19 -70.00 21.58 77.41
CA LYS M 19 -69.79 21.71 78.86
C LYS M 19 -69.17 20.42 79.38
N ASP M 20 -67.91 20.51 79.82
CA ASP M 20 -67.08 19.46 80.42
C ASP M 20 -67.02 18.18 79.57
N PRO M 21 -66.29 18.17 78.46
CA PRO M 21 -66.16 16.92 77.70
C PRO M 21 -65.20 15.94 78.35
N VAL M 22 -64.07 16.44 78.83
CA VAL M 22 -62.96 15.63 79.28
C VAL M 22 -62.75 15.88 80.77
N PRO M 23 -62.79 14.86 81.62
CA PRO M 23 -62.53 15.06 83.05
C PRO M 23 -61.05 15.25 83.33
N THR M 24 -60.72 16.22 84.17
CA THR M 24 -59.34 16.45 84.57
C THR M 24 -58.92 15.43 85.62
N SER M 25 -58.03 14.53 85.26
CA SER M 25 -57.60 13.47 86.17
C SER M 25 -56.18 13.05 85.82
N PHE M 26 -55.52 12.43 86.78
CA PHE M 26 -54.20 11.86 86.57
C PHE M 26 -54.26 10.40 86.15
N GLU M 27 -55.43 9.95 85.68
CA GLU M 27 -55.63 8.57 85.26
C GLU M 27 -54.75 8.22 84.08
N LYS M 28 -54.82 9.01 83.02
CA LYS M 28 -54.10 8.69 81.79
C LYS M 28 -52.64 9.10 81.84
N TRP M 29 -52.20 9.81 82.88
CA TRP M 29 -50.76 10.01 83.05
C TRP M 29 -50.08 8.72 83.50
N ALA M 30 -50.85 7.83 84.14
CA ALA M 30 -50.27 6.59 84.63
C ALA M 30 -49.94 5.65 83.48
N GLN M 31 -50.96 5.24 82.70
CA GLN M 31 -50.59 4.39 81.58
C GLN M 31 -50.09 5.23 80.43
N PRO M 32 -48.94 4.91 79.85
CA PRO M 32 -48.42 5.69 78.73
C PRO M 32 -48.98 5.18 77.41
N GLY M 33 -49.11 6.08 76.45
CA GLY M 33 -49.60 5.72 75.14
C GLY M 33 -51.08 5.38 75.12
N HIS M 34 -51.89 6.12 75.87
CA HIS M 34 -53.32 5.86 75.96
C HIS M 34 -54.07 6.25 74.69
N PHE M 35 -53.45 7.03 73.81
CA PHE M 35 -54.20 7.70 72.76
C PHE M 35 -54.60 6.76 71.62
N ASP M 36 -53.74 5.81 71.27
CA ASP M 36 -54.01 4.92 70.15
C ASP M 36 -54.41 3.55 70.66
N ARG M 37 -55.37 2.91 69.98
CA ARG M 37 -55.89 1.64 70.47
C ARG M 37 -54.88 0.52 70.31
N THR M 38 -54.12 0.53 69.21
CA THR M 38 -53.11 -0.51 69.00
C THR M 38 -51.93 -0.33 69.93
N LEU M 39 -51.55 0.92 70.19
CA LEU M 39 -50.35 1.21 70.96
C LEU M 39 -50.58 1.14 72.46
N ALA M 40 -51.83 1.11 72.92
CA ALA M 40 -52.12 1.11 74.34
C ALA M 40 -52.14 -0.28 74.96
N ARG M 41 -52.06 -1.35 74.16
CA ARG M 41 -52.14 -2.69 74.70
C ARG M 41 -50.89 -3.11 75.45
N GLY M 42 -49.80 -2.34 75.35
CA GLY M 42 -48.59 -2.63 76.05
C GLY M 42 -47.43 -2.85 75.12
N PRO M 43 -46.21 -2.59 75.60
CA PRO M 43 -45.03 -2.80 74.75
C PRO M 43 -44.65 -4.26 74.67
N LYS M 44 -44.19 -4.65 73.49
CA LYS M 44 -43.58 -5.95 73.29
C LYS M 44 -42.14 -5.88 72.82
N THR M 45 -41.79 -4.90 72.01
CA THR M 45 -40.41 -4.64 71.58
C THR M 45 -40.07 -3.20 71.94
N THR M 46 -38.86 -2.78 71.56
CA THR M 46 -38.49 -1.38 71.74
C THR M 46 -39.02 -0.49 70.63
N THR M 47 -39.72 -1.06 69.64
CA THR M 47 -40.38 -0.26 68.64
C THR M 47 -41.51 0.56 69.27
N TRP M 48 -42.16 0.01 70.30
CA TRP M 48 -43.25 0.71 70.99
C TRP M 48 -42.78 1.98 71.67
N ILE M 49 -41.53 2.00 72.13
CA ILE M 49 -41.00 3.17 72.81
C ILE M 49 -40.85 4.33 71.86
N TRP M 50 -40.44 4.05 70.62
CA TRP M 50 -40.26 5.15 69.68
C TRP M 50 -41.58 5.57 69.03
N ASN M 51 -42.56 4.68 68.93
CA ASN M 51 -43.84 5.07 68.37
C ASN M 51 -44.69 5.86 69.34
N LEU M 52 -44.39 5.79 70.63
CA LEU M 52 -45.08 6.66 71.57
C LEU M 52 -44.69 8.11 71.38
N HIS M 53 -43.40 8.38 71.21
CA HIS M 53 -42.95 9.74 71.02
C HIS M 53 -43.16 10.24 69.59
N ALA M 54 -43.45 9.35 68.65
CA ALA M 54 -43.67 9.74 67.26
C ALA M 54 -45.14 10.03 66.95
N LEU M 55 -46.05 9.18 67.40
CA LEU M 55 -47.48 9.37 67.19
C LEU M 55 -48.13 10.23 68.26
N ALA M 56 -47.33 11.00 69.00
CA ALA M 56 -47.82 11.66 70.20
C ALA M 56 -48.73 12.84 69.85
N HIS M 57 -48.19 13.82 69.14
CA HIS M 57 -48.93 15.02 68.78
C HIS M 57 -49.54 14.90 67.40
N ASP M 58 -49.82 13.69 66.96
CA ASP M 58 -50.49 13.42 65.69
C ASP M 58 -51.94 13.11 66.02
N PHE M 59 -52.74 14.16 66.21
CA PHE M 59 -54.09 13.96 66.71
C PHE M 59 -55.06 13.48 65.63
N ASP M 60 -54.64 13.46 64.37
CA ASP M 60 -55.52 13.15 63.25
C ASP M 60 -55.70 11.66 63.02
N THR M 61 -54.79 10.83 63.51
CA THR M 61 -54.83 9.40 63.23
C THR M 61 -55.89 8.66 64.03
N HIS M 62 -56.49 9.29 65.03
CA HIS M 62 -57.32 8.58 65.99
C HIS M 62 -58.69 8.25 65.42
N THR M 63 -59.48 9.27 65.11
CA THR M 63 -60.86 9.10 64.74
C THR M 63 -61.12 9.77 63.39
N SER M 64 -62.40 9.80 63.01
CA SER M 64 -62.88 10.59 61.91
C SER M 64 -63.64 11.84 62.38
N ASP M 65 -63.80 12.01 63.68
CA ASP M 65 -64.55 13.12 64.24
C ASP M 65 -63.68 14.37 64.18
N LEU M 66 -63.99 15.26 63.24
CA LEU M 66 -63.22 16.50 63.11
C LEU M 66 -63.50 17.46 64.26
N GLU M 67 -64.66 17.33 64.90
CA GLU M 67 -64.97 18.13 66.08
C GLU M 67 -64.06 17.78 67.25
N ASP M 68 -63.78 16.50 67.45
CA ASP M 68 -62.97 16.06 68.59
C ASP M 68 -61.50 16.37 68.39
N ILE M 69 -61.02 16.30 67.15
CA ILE M 69 -59.61 16.57 66.88
C ILE M 69 -59.31 18.05 67.03
N SER M 70 -60.24 18.90 66.61
CA SER M 70 -60.02 20.34 66.57
C SER M 70 -59.92 20.95 67.96
N ARG M 71 -60.58 20.33 68.95
CA ARG M 71 -60.48 20.82 70.32
C ARG M 71 -59.12 20.55 70.92
N LYS M 72 -58.53 19.39 70.59
CA LYS M 72 -57.16 19.09 71.01
C LYS M 72 -56.17 20.04 70.37
N ILE M 73 -56.43 20.43 69.13
CA ILE M 73 -55.50 21.27 68.38
C ILE M 73 -55.51 22.69 68.94
N PHE M 74 -56.69 23.24 69.22
CA PHE M 74 -56.79 24.60 69.72
C PHE M 74 -56.27 24.72 71.14
N ALA M 75 -56.38 23.67 71.96
CA ALA M 75 -55.91 23.74 73.34
C ALA M 75 -54.40 23.57 73.44
N ALA M 76 -53.83 22.71 72.60
CA ALA M 76 -52.38 22.55 72.55
C ALA M 76 -51.70 23.82 72.08
N HIS M 77 -52.39 24.62 71.27
CA HIS M 77 -51.87 25.90 70.83
C HIS M 77 -51.78 26.90 71.96
N PHE M 78 -52.53 26.73 73.04
CA PHE M 78 -52.25 27.49 74.25
C PHE M 78 -51.02 26.98 74.96
N GLY M 79 -50.68 25.70 74.76
CA GLY M 79 -49.46 25.17 75.35
C GLY M 79 -48.21 25.75 74.76
N HIS M 80 -48.19 25.95 73.43
CA HIS M 80 -47.00 26.55 72.83
C HIS M 80 -46.93 28.03 73.10
N LEU M 81 -48.06 28.68 73.38
CA LEU M 81 -48.01 30.10 73.71
C LEU M 81 -47.46 30.32 75.12
N ALA M 82 -47.61 29.34 76.00
CA ALA M 82 -47.06 29.46 77.34
C ALA M 82 -45.55 29.37 77.32
N VAL M 83 -45.00 28.41 76.56
CA VAL M 83 -43.56 28.19 76.58
C VAL M 83 -42.81 29.27 75.82
N VAL M 84 -43.46 30.00 74.92
CA VAL M 84 -42.83 31.15 74.30
C VAL M 84 -42.79 32.32 75.28
N THR M 85 -43.86 32.48 76.07
CA THR M 85 -43.93 33.59 77.02
C THR M 85 -43.00 33.36 78.21
N ILE M 86 -42.89 32.11 78.67
CA ILE M 86 -41.91 31.75 79.68
C ILE M 86 -40.49 32.01 79.18
N TRP M 87 -40.24 31.65 77.92
CA TRP M 87 -38.96 31.96 77.29
C TRP M 87 -38.73 33.46 77.19
N LEU M 88 -39.74 34.21 76.76
CA LEU M 88 -39.56 35.63 76.49
C LEU M 88 -39.43 36.42 77.79
N SER M 89 -40.27 36.12 78.78
CA SER M 89 -40.11 36.77 80.07
C SER M 89 -38.88 36.27 80.80
N GLY M 90 -38.35 35.11 80.44
CA GLY M 90 -37.07 34.70 80.96
C GLY M 90 -35.93 35.54 80.44
N MET M 91 -35.99 35.90 79.16
CA MET M 91 -34.92 36.70 78.57
C MET M 91 -34.92 38.12 79.10
N ILE M 92 -36.07 38.61 79.53
CA ILE M 92 -36.14 39.93 80.14
C ILE M 92 -35.67 39.86 81.59
N PHE M 93 -36.00 38.75 82.27
CA PHE M 93 -35.58 38.59 83.66
C PHE M 93 -34.09 38.34 83.78
N HIS M 94 -33.55 37.48 82.92
CA HIS M 94 -32.10 37.30 82.87
C HIS M 94 -31.39 38.57 82.44
N GLY M 95 -32.02 39.38 81.60
CA GLY M 95 -31.48 40.68 81.29
C GLY M 95 -31.72 41.74 82.35
N ALA M 96 -32.57 41.45 83.34
CA ALA M 96 -32.76 42.37 84.45
C ALA M 96 -31.69 42.17 85.51
N LYS M 97 -31.56 40.94 86.02
CA LYS M 97 -30.54 40.66 87.03
C LYS M 97 -29.17 40.52 86.40
N PHE M 98 -28.99 39.54 85.53
CA PHE M 98 -27.68 39.11 85.06
C PHE M 98 -27.38 39.75 83.72
N SER M 99 -27.11 41.05 83.74
CA SER M 99 -26.77 41.76 82.51
C SER M 99 -26.06 43.06 82.87
N ASN M 100 -25.53 43.71 81.85
CA ASN M 100 -24.94 45.04 81.97
C ASN M 100 -25.73 46.05 81.15
N TYR M 101 -27.06 45.99 81.24
CA TYR M 101 -27.92 46.83 80.42
C TYR M 101 -27.81 48.30 80.81
N GLU M 102 -27.66 48.59 82.10
CA GLU M 102 -27.54 49.98 82.52
C GLU M 102 -26.16 50.54 82.26
N ALA M 103 -25.15 49.68 82.12
CA ALA M 103 -23.85 50.15 81.69
C ALA M 103 -23.72 50.16 80.18
N TRP M 104 -24.61 49.45 79.48
CA TRP M 104 -24.60 49.48 78.03
C TRP M 104 -25.22 50.76 77.49
N LEU M 105 -26.27 51.27 78.15
CA LEU M 105 -26.92 52.50 77.73
C LEU M 105 -26.01 53.71 77.78
N SER M 106 -25.03 53.73 78.67
CA SER M 106 -24.16 54.89 78.78
C SER M 106 -23.13 54.92 77.67
N ASP M 107 -22.73 53.77 77.14
CA ASP M 107 -21.75 53.72 76.05
C ASP M 107 -22.00 52.47 75.22
N PRO M 108 -22.93 52.53 74.27
CA PRO M 108 -23.13 51.37 73.39
C PRO M 108 -22.01 51.18 72.37
N LEU M 109 -21.16 52.18 72.19
CA LEU M 109 -20.05 52.05 71.25
C LEU M 109 -18.92 51.21 71.82
N ASN M 110 -18.88 51.00 73.12
CA ASN M 110 -17.76 50.28 73.72
C ASN M 110 -18.19 49.11 74.59
N VAL M 111 -19.28 49.24 75.33
CA VAL M 111 -19.74 48.16 76.20
C VAL M 111 -20.41 47.10 75.36
N ARG M 112 -20.01 45.85 75.55
CA ARG M 112 -20.53 44.76 74.74
C ARG M 112 -21.79 44.20 75.39
N PRO M 113 -22.79 43.83 74.60
CA PRO M 113 -24.04 43.30 75.16
C PRO M 113 -23.81 41.93 75.80
N SER M 114 -24.13 41.81 77.08
CA SER M 114 -23.80 40.59 77.79
C SER M 114 -24.88 40.22 78.80
N ALA M 115 -25.18 38.93 78.84
CA ALA M 115 -25.96 38.31 79.90
C ALA M 115 -25.31 36.96 80.19
N GLN M 116 -26.03 36.11 80.93
CA GLN M 116 -25.64 34.72 81.20
C GLN M 116 -24.27 34.65 81.89
N VAL M 117 -24.27 35.08 83.16
CA VAL M 117 -23.10 34.88 83.99
C VAL M 117 -22.98 33.40 84.32
N VAL M 118 -21.80 32.84 84.15
CA VAL M 118 -21.57 31.40 84.30
C VAL M 118 -21.16 31.12 85.73
N TRP M 119 -21.75 30.08 86.32
CA TRP M 119 -21.31 29.55 87.60
C TRP M 119 -19.85 29.09 87.51
N PRO M 120 -19.06 29.31 88.55
CA PRO M 120 -17.60 29.21 88.41
C PRO M 120 -16.99 27.84 88.65
N ILE M 121 -17.72 26.73 88.52
CA ILE M 121 -17.36 25.50 89.22
C ILE M 121 -16.08 24.85 88.65
N VAL M 122 -16.09 24.42 87.39
CA VAL M 122 -15.06 23.51 86.90
C VAL M 122 -14.01 24.25 86.07
N GLY M 123 -13.83 25.53 86.28
CA GLY M 123 -12.99 26.31 85.41
C GLY M 123 -13.73 26.94 84.26
N GLN M 124 -15.04 26.75 84.18
CA GLN M 124 -15.87 27.39 83.17
C GLN M 124 -16.18 28.84 83.51
N ASP M 125 -15.60 29.37 84.58
CA ASP M 125 -15.58 30.79 84.88
C ASP M 125 -14.71 31.58 83.90
N ILE M 126 -13.89 30.89 83.09
CA ILE M 126 -13.15 31.57 82.04
C ILE M 126 -14.08 31.98 80.91
N LEU M 127 -15.28 31.38 80.83
CA LEU M 127 -16.27 31.84 79.88
C LEU M 127 -16.86 33.18 80.26
N ASN M 128 -16.81 33.54 81.55
CA ASN M 128 -17.18 34.88 82.00
C ASN M 128 -16.01 35.82 81.70
N GLY M 129 -15.93 36.26 80.44
CA GLY M 129 -14.90 37.18 80.03
C GLY M 129 -15.32 38.61 80.21
N ASP M 130 -14.35 39.52 80.11
CA ASP M 130 -14.62 40.94 80.38
C ASP M 130 -15.24 41.57 79.15
N VAL M 131 -16.53 41.89 79.24
CA VAL M 131 -17.26 42.53 78.16
C VAL M 131 -17.24 44.05 78.25
N GLY M 132 -16.72 44.61 79.33
CA GLY M 132 -16.78 46.04 79.51
C GLY M 132 -17.84 46.43 80.52
N GLY M 133 -17.53 47.45 81.32
CA GLY M 133 -18.45 47.91 82.34
C GLY M 133 -18.31 47.22 83.68
N GLY M 134 -17.13 46.68 84.00
CA GLY M 134 -16.93 45.98 85.25
C GLY M 134 -17.71 44.71 85.37
N PHE M 135 -18.05 44.08 84.26
CA PHE M 135 -18.98 42.96 84.22
C PHE M 135 -18.35 41.82 83.44
N HIS M 136 -18.52 40.60 83.96
CA HIS M 136 -17.94 39.42 83.35
C HIS M 136 -19.07 38.46 82.98
N GLY M 137 -19.16 38.12 81.70
CA GLY M 137 -20.21 37.23 81.26
C GLY M 137 -20.06 36.92 79.79
N ILE M 138 -21.04 36.21 79.27
CA ILE M 138 -21.04 35.78 77.88
C ILE M 138 -21.63 36.90 77.03
N GLN M 139 -20.86 37.38 76.06
CA GLN M 139 -21.31 38.41 75.14
C GLN M 139 -22.43 37.87 74.27
N ILE M 140 -23.65 38.36 74.51
CA ILE M 140 -24.80 37.87 73.77
C ILE M 140 -24.81 38.46 72.36
N THR M 141 -25.47 37.76 71.45
CA THR M 141 -25.64 38.23 70.08
C THR M 141 -27.09 38.30 69.67
N SER M 142 -28.03 38.04 70.56
CA SER M 142 -29.42 38.01 70.17
C SER M 142 -30.02 39.40 69.98
N GLY M 143 -29.34 40.45 70.45
CA GLY M 143 -29.80 41.79 70.22
C GLY M 143 -30.96 42.25 71.06
N LEU M 144 -31.06 41.74 72.28
CA LEU M 144 -32.15 42.17 73.14
C LEU M 144 -31.92 43.54 73.74
N PHE M 145 -30.68 44.02 73.77
CA PHE M 145 -30.45 45.36 74.31
C PHE M 145 -30.89 46.41 73.32
N GLN M 146 -30.80 46.11 72.02
CA GLN M 146 -31.34 47.00 71.00
C GLN M 146 -32.86 47.03 71.05
N VAL M 147 -33.50 45.91 71.41
CA VAL M 147 -34.95 45.88 71.46
C VAL M 147 -35.47 46.67 72.65
N TRP M 148 -34.80 46.51 73.80
CA TRP M 148 -35.27 47.14 75.03
C TRP M 148 -35.04 48.64 74.99
N ARG M 149 -33.96 49.08 74.37
CA ARG M 149 -33.79 50.51 74.12
C ARG M 149 -34.79 51.00 73.08
N GLY M 150 -35.09 50.17 72.08
CA GLY M 150 -36.12 50.51 71.12
C GLY M 150 -37.50 50.55 71.72
N TRP M 151 -37.71 49.83 72.82
CA TRP M 151 -38.95 49.96 73.58
C TRP M 151 -38.92 51.16 74.51
N GLY M 152 -37.73 51.62 74.86
CA GLY M 152 -37.59 52.74 75.75
C GLY M 152 -37.31 52.41 77.21
N ILE M 153 -36.95 51.17 77.53
CA ILE M 153 -36.61 50.81 78.90
C ILE M 153 -35.32 51.50 79.31
N THR M 154 -35.36 52.16 80.47
CA THR M 154 -34.25 52.94 81.00
C THR M 154 -33.53 52.26 82.15
N ASN M 155 -34.27 51.72 83.11
CA ASN M 155 -33.68 51.13 84.31
C ASN M 155 -34.08 49.65 84.43
N SER M 156 -33.60 49.02 85.51
CA SER M 156 -33.84 47.60 85.72
C SER M 156 -35.26 47.30 86.14
N PHE M 157 -35.90 48.21 86.88
CA PHE M 157 -37.21 47.94 87.44
C PHE M 157 -38.27 47.83 86.35
N GLN M 158 -38.08 48.52 85.23
CA GLN M 158 -38.96 48.33 84.08
C GLN M 158 -38.76 46.97 83.44
N LEU M 159 -37.61 46.34 83.62
CA LEU M 159 -37.41 44.99 83.12
C LEU M 159 -37.99 43.96 84.08
N TYR M 160 -38.00 44.24 85.39
CA TYR M 160 -38.59 43.31 86.34
C TYR M 160 -40.09 43.21 86.15
N CYS M 161 -40.78 44.36 86.10
CA CYS M 161 -42.24 44.35 86.01
C CYS M 161 -42.71 43.86 84.65
N THR M 162 -41.87 43.97 83.62
CA THR M 162 -42.17 43.33 82.35
C THR M 162 -42.04 41.82 82.45
N ALA M 163 -40.96 41.34 83.07
CA ALA M 163 -40.73 39.90 83.18
C ALA M 163 -41.71 39.26 84.16
N ILE M 164 -41.99 39.92 85.29
CA ILE M 164 -43.02 39.43 86.21
C ILE M 164 -44.39 39.54 85.56
N GLY M 165 -44.60 40.57 84.74
CA GLY M 165 -45.82 40.65 83.96
C GLY M 165 -45.92 39.59 82.89
N GLY M 166 -44.78 39.15 82.35
CA GLY M 166 -44.80 38.05 81.40
C GLY M 166 -45.12 36.72 82.05
N LEU M 167 -44.68 36.52 83.29
CA LEU M 167 -44.96 35.27 83.99
C LEU M 167 -46.43 35.16 84.38
N VAL M 168 -47.10 36.29 84.60
CA VAL M 168 -48.55 36.27 84.79
C VAL M 168 -49.24 35.96 83.47
N LEU M 169 -48.79 36.59 82.39
CA LEU M 169 -49.36 36.37 81.06
C LEU M 169 -49.05 34.98 80.52
N ALA M 170 -47.99 34.34 81.02
CA ALA M 170 -47.76 32.94 80.68
C ALA M 170 -48.71 32.03 81.45
N GLY M 171 -49.24 32.49 82.57
CA GLY M 171 -50.17 31.67 83.34
C GLY M 171 -51.59 31.73 82.84
N LEU M 172 -51.95 32.83 82.17
CA LEU M 172 -53.29 32.92 81.60
C LEU M 172 -53.43 32.05 80.35
N PHE M 173 -52.36 31.94 79.56
CA PHE M 173 -52.37 31.05 78.42
C PHE M 173 -52.45 29.59 78.85
N LEU M 174 -51.75 29.24 79.92
CA LEU M 174 -51.76 27.86 80.40
C LEU M 174 -53.06 27.53 81.11
N PHE M 175 -53.71 28.52 81.74
CA PHE M 175 -55.00 28.25 82.36
C PHE M 175 -56.10 28.10 81.33
N ALA M 176 -56.07 28.91 80.26
CA ALA M 176 -57.10 28.86 79.24
C ALA M 176 -57.00 27.59 78.41
N GLY M 177 -55.80 27.03 78.29
CA GLY M 177 -55.66 25.76 77.62
C GLY M 177 -56.31 24.63 78.40
N TRP M 178 -56.24 24.69 79.73
CA TRP M 178 -57.06 23.78 80.53
C TRP M 178 -58.53 24.08 80.36
N PHE M 179 -58.88 25.37 80.37
CA PHE M 179 -60.28 25.77 80.44
C PHE M 179 -61.00 25.47 79.14
N HIS M 180 -60.40 25.84 78.02
CA HIS M 180 -61.07 25.64 76.75
C HIS M 180 -60.99 24.22 76.22
N TYR M 181 -60.38 23.28 76.96
CA TYR M 181 -60.43 21.86 76.61
C TYR M 181 -61.11 21.03 77.68
N HIS M 182 -60.60 21.05 78.91
CA HIS M 182 -61.10 20.16 79.95
C HIS M 182 -62.39 20.69 80.57
N LYS M 183 -62.72 21.97 80.40
CA LYS M 183 -63.89 22.55 81.03
C LYS M 183 -64.94 23.04 80.03
N ARG M 184 -64.58 23.95 79.12
CA ARG M 184 -65.55 24.55 78.19
C ARG M 184 -65.00 24.45 76.78
N ALA M 185 -65.35 23.39 76.07
CA ALA M 185 -64.71 23.26 74.77
C ALA M 185 -65.65 23.65 73.64
N PRO M 186 -65.14 24.33 72.61
CA PRO M 186 -65.99 24.76 71.51
C PRO M 186 -66.50 23.60 70.67
N LYS M 187 -67.55 23.88 69.90
CA LYS M 187 -68.10 22.92 68.96
C LYS M 187 -67.33 23.01 67.65
N LEU M 188 -67.76 22.27 66.63
CA LEU M 188 -67.05 22.29 65.35
C LEU M 188 -67.26 23.60 64.61
N GLU M 189 -68.51 24.06 64.52
CA GLU M 189 -68.85 25.22 63.69
C GLU M 189 -68.29 26.52 64.21
N TRP M 190 -67.80 26.56 65.45
CA TRP M 190 -67.03 27.72 65.89
C TRP M 190 -65.72 27.84 65.15
N PHE M 191 -65.13 26.71 64.75
CA PHE M 191 -63.83 26.74 64.10
C PHE M 191 -63.92 27.11 62.63
N GLN M 192 -65.00 26.71 61.96
CA GLN M 192 -65.15 26.92 60.53
C GLN M 192 -65.73 28.28 60.17
N ASN M 193 -65.67 29.25 61.10
CA ASN M 193 -66.06 30.63 60.81
C ASN M 193 -64.83 31.42 60.38
N VAL M 194 -64.24 30.99 59.28
CA VAL M 194 -63.00 31.60 58.79
C VAL M 194 -63.21 33.00 58.27
N GLU M 195 -64.44 33.36 57.89
CA GLU M 195 -64.73 34.76 57.65
C GLU M 195 -64.74 35.54 58.94
N SER M 196 -65.29 34.96 60.00
CA SER M 196 -65.29 35.62 61.30
C SER M 196 -63.94 35.60 61.97
N MET M 197 -63.09 34.62 61.63
CA MET M 197 -61.74 34.57 62.20
C MET M 197 -60.86 35.63 61.61
N LEU M 198 -60.88 35.76 60.28
CA LEU M 198 -60.07 36.74 59.58
C LEU M 198 -60.45 38.17 59.92
N ASN M 199 -61.70 38.40 60.30
CA ASN M 199 -62.08 39.77 60.66
C ASN M 199 -61.53 40.15 62.02
N HIS M 200 -61.55 39.22 62.99
CA HIS M 200 -60.99 39.53 64.30
C HIS M 200 -59.47 39.53 64.28
N HIS M 201 -58.85 38.60 63.56
CA HIS M 201 -57.39 38.47 63.61
C HIS M 201 -56.67 39.53 62.78
N LEU M 202 -57.30 40.07 61.74
CA LEU M 202 -56.65 41.14 60.98
C LEU M 202 -56.83 42.50 61.63
N GLN M 203 -57.97 42.73 62.28
CA GLN M 203 -58.28 44.00 62.90
C GLN M 203 -57.73 44.11 64.32
N VAL M 204 -58.11 43.18 65.18
CA VAL M 204 -57.82 43.35 66.60
C VAL M 204 -56.38 42.93 66.89
N LEU M 205 -55.90 41.86 66.27
CA LEU M 205 -54.55 41.41 66.55
C LEU M 205 -53.53 42.27 65.83
N LEU M 206 -53.64 42.38 64.51
CA LEU M 206 -52.65 43.08 63.71
C LEU M 206 -52.90 44.58 63.66
N GLY M 207 -54.14 44.99 63.38
CA GLY M 207 -54.42 46.41 63.23
C GLY M 207 -54.41 47.14 64.56
N CYS M 208 -55.21 46.68 65.52
CA CYS M 208 -55.20 47.27 66.85
C CYS M 208 -53.92 47.01 67.61
N GLY M 209 -53.19 45.95 67.28
CA GLY M 209 -51.90 45.73 67.91
C GLY M 209 -50.87 46.73 67.45
N SER M 210 -50.89 47.07 66.16
CA SER M 210 -49.99 48.08 65.62
C SER M 210 -50.51 49.50 65.80
N LEU M 211 -51.80 49.67 66.10
CA LEU M 211 -52.28 51.00 66.49
C LEU M 211 -51.90 51.31 67.92
N GLY M 212 -52.02 50.32 68.81
CA GLY M 212 -51.60 50.50 70.18
C GLY M 212 -50.11 50.69 70.29
N TRP M 213 -49.34 49.95 69.48
CA TRP M 213 -47.90 50.12 69.49
C TRP M 213 -47.49 51.45 68.85
N ALA M 214 -48.29 51.94 67.91
CA ALA M 214 -48.05 53.29 67.39
C ALA M 214 -48.27 54.34 68.47
N GLY M 215 -49.19 54.09 69.39
CA GLY M 215 -49.33 54.97 70.55
C GLY M 215 -48.19 54.86 71.52
N HIS M 216 -47.43 53.77 71.47
CA HIS M 216 -46.32 53.60 72.40
C HIS M 216 -45.06 54.30 71.91
N LEU M 217 -44.90 54.47 70.59
CA LEU M 217 -43.72 55.22 70.17
C LEU M 217 -43.93 56.70 70.33
N ILE M 218 -45.14 57.18 70.10
CA ILE M 218 -45.38 58.61 70.04
C ILE M 218 -45.38 59.21 71.43
N HIS M 219 -46.10 58.58 72.36
CA HIS M 219 -46.18 59.13 73.71
C HIS M 219 -44.97 58.73 74.55
N VAL M 220 -44.31 57.60 74.26
CA VAL M 220 -43.32 57.05 75.17
C VAL M 220 -41.93 56.90 74.55
N SER M 221 -41.81 56.10 73.48
CA SER M 221 -40.50 55.62 73.05
C SER M 221 -39.69 56.69 72.34
N ALA M 222 -40.25 57.27 71.28
CA ALA M 222 -39.56 58.34 70.57
C ALA M 222 -39.27 59.62 71.37
N PRO M 223 -40.02 59.99 72.42
CA PRO M 223 -39.46 61.02 73.31
C PRO M 223 -38.21 60.58 74.05
N ILE M 224 -38.14 59.33 74.48
CA ILE M 224 -36.96 58.87 75.21
C ILE M 224 -35.77 58.70 74.28
N ASN M 225 -36.00 58.12 73.09
CA ASN M 225 -34.91 57.92 72.14
C ASN M 225 -34.42 59.22 71.52
N LYS M 226 -35.21 60.29 71.60
CA LYS M 226 -34.71 61.59 71.16
C LYS M 226 -33.87 62.24 72.25
N LEU M 227 -34.22 62.03 73.52
CA LEU M 227 -33.39 62.51 74.60
C LEU M 227 -32.09 61.70 74.72
N MET M 228 -32.11 60.45 74.27
CA MET M 228 -30.88 59.66 74.24
C MET M 228 -29.92 60.16 73.17
N ASP M 229 -30.45 60.56 72.01
CA ASP M 229 -29.60 61.03 70.92
C ASP M 229 -28.97 62.38 71.21
N ALA M 230 -29.58 63.18 72.10
CA ALA M 230 -28.94 64.41 72.53
C ALA M 230 -27.77 64.14 73.47
N GLY M 231 -27.69 62.95 74.04
CA GLY M 231 -26.62 62.63 74.97
C GLY M 231 -26.79 63.29 76.31
N VAL M 232 -27.99 63.28 76.86
CA VAL M 232 -28.27 64.02 78.09
C VAL M 232 -27.71 63.25 79.27
N ALA M 233 -28.30 62.09 79.56
CA ALA M 233 -27.93 61.16 80.62
C ALA M 233 -28.81 59.93 80.43
N VAL M 234 -28.75 59.01 81.39
CA VAL M 234 -29.69 57.91 81.47
C VAL M 234 -30.68 58.09 82.61
N LYS M 235 -30.19 58.53 83.78
CA LYS M 235 -31.08 58.73 84.93
C LYS M 235 -31.85 60.04 84.81
N ASP M 236 -31.23 61.07 84.25
CA ASP M 236 -31.85 62.39 84.19
C ASP M 236 -33.02 62.44 83.20
N ILE M 237 -33.08 61.53 82.25
CA ILE M 237 -34.27 61.39 81.41
C ILE M 237 -35.45 60.97 82.28
N PRO M 238 -36.57 61.67 82.23
CA PRO M 238 -37.67 61.38 83.16
C PRO M 238 -38.35 60.06 82.84
N LEU M 239 -39.18 59.65 83.78
CA LEU M 239 -39.97 58.44 83.63
C LEU M 239 -41.02 58.65 82.54
N PRO M 240 -41.32 57.61 81.75
CA PRO M 240 -42.18 57.81 80.57
C PRO M 240 -43.65 58.03 80.88
N HIS M 241 -44.08 57.89 82.13
CA HIS M 241 -45.42 58.34 82.48
C HIS M 241 -45.44 59.81 82.87
N GLU M 242 -44.28 60.43 83.06
CA GLU M 242 -44.22 61.86 83.25
C GLU M 242 -44.30 62.62 81.93
N PHE M 243 -44.07 61.92 80.82
CA PHE M 243 -44.29 62.51 79.50
C PHE M 243 -45.77 62.67 79.21
N ILE M 244 -46.61 61.82 79.77
CA ILE M 244 -48.05 61.95 79.60
C ILE M 244 -48.61 62.98 80.57
N LEU M 245 -48.14 62.98 81.81
CA LEU M 245 -48.60 63.96 82.80
C LEU M 245 -48.10 65.35 82.47
N ASN M 246 -46.78 65.54 82.46
CA ASN M 246 -46.20 66.84 82.22
C ASN M 246 -46.06 67.02 80.72
N LYS M 247 -47.07 67.66 80.10
CA LYS M 247 -47.12 67.87 78.66
C LYS M 247 -46.09 68.89 78.17
N SER M 248 -45.45 69.62 79.09
CA SER M 248 -44.43 70.60 78.71
C SER M 248 -43.15 69.96 78.21
N LEU M 249 -42.97 68.66 78.43
CA LEU M 249 -41.79 67.98 77.90
C LEU M 249 -42.04 67.34 76.55
N LEU M 250 -43.30 67.16 76.16
CA LEU M 250 -43.63 66.84 74.78
C LEU M 250 -43.78 68.08 73.92
N ILE M 251 -43.31 69.24 74.37
CA ILE M 251 -43.35 70.44 73.56
C ILE M 251 -41.98 71.11 73.47
N ASP M 252 -41.05 70.77 74.38
CA ASP M 252 -39.66 71.15 74.17
C ASP M 252 -39.08 70.39 72.99
N LEU M 253 -39.25 69.08 72.98
CA LEU M 253 -39.12 68.27 71.78
C LEU M 253 -40.49 68.07 71.17
N PHE M 254 -40.52 67.79 69.87
CA PHE M 254 -41.71 67.61 69.03
C PHE M 254 -42.64 68.81 69.14
N PRO M 255 -42.32 69.95 68.51
CA PRO M 255 -43.11 71.16 68.74
C PRO M 255 -44.49 71.12 68.12
N GLY M 256 -44.80 70.16 67.25
CA GLY M 256 -46.13 70.06 66.67
C GLY M 256 -47.11 69.30 67.53
N PHE M 257 -47.12 69.61 68.82
CA PHE M 257 -47.88 68.87 69.81
C PHE M 257 -48.82 69.75 70.61
N ALA M 258 -48.57 71.06 70.65
CA ALA M 258 -49.41 71.99 71.42
C ALA M 258 -50.79 72.14 70.79
N ALA M 259 -50.91 71.87 69.49
CA ALA M 259 -52.20 71.93 68.81
C ALA M 259 -53.13 70.82 69.30
N GLY M 260 -52.58 69.75 69.85
CA GLY M 260 -53.38 68.77 70.54
C GLY M 260 -54.10 67.81 69.62
N LEU M 261 -55.33 67.49 69.97
CA LEU M 261 -56.04 66.40 69.32
C LEU M 261 -56.91 66.88 68.17
N THR M 262 -57.23 68.17 68.12
CA THR M 262 -58.09 68.69 67.07
C THR M 262 -57.53 68.67 65.64
N PRO M 263 -56.21 68.79 65.34
CA PRO M 263 -55.79 68.61 63.94
C PRO M 263 -55.99 67.21 63.37
N PHE M 264 -56.22 66.20 64.22
CA PHE M 264 -56.58 64.90 63.69
C PHE M 264 -57.97 64.91 63.08
N PHE M 265 -58.90 65.65 63.70
CA PHE M 265 -60.31 65.58 63.34
C PHE M 265 -60.76 66.69 62.42
N THR M 266 -59.98 67.75 62.25
CA THR M 266 -60.24 68.71 61.20
C THR M 266 -59.42 68.43 59.95
N LEU M 267 -58.80 67.24 59.89
CA LEU M 267 -57.98 66.78 58.75
C LEU M 267 -56.79 67.70 58.48
N ASN M 268 -56.30 68.36 59.52
CA ASN M 268 -55.07 69.15 59.44
C ASN M 268 -53.91 68.25 59.87
N TRP M 269 -53.70 67.20 59.08
CA TRP M 269 -52.69 66.21 59.40
C TRP M 269 -51.27 66.70 59.12
N GLY M 270 -51.12 67.82 58.42
CA GLY M 270 -49.80 68.41 58.29
C GLY M 270 -49.31 69.10 59.53
N GLN M 271 -50.18 69.29 60.53
CA GLN M 271 -49.76 69.86 61.81
C GLN M 271 -48.87 68.89 62.56
N TYR M 272 -49.06 67.58 62.34
CA TYR M 272 -48.33 66.52 63.02
C TYR M 272 -47.03 66.16 62.33
N ALA M 273 -46.43 67.09 61.60
CA ALA M 273 -45.28 66.77 60.76
C ALA M 273 -43.96 66.71 61.54
N ASP M 274 -43.98 66.87 62.85
CA ASP M 274 -42.74 66.80 63.61
C ASP M 274 -42.48 65.39 64.12
N PHE M 275 -43.53 64.60 64.31
CA PHE M 275 -43.39 63.30 64.97
C PHE M 275 -44.11 62.18 64.23
N LEU M 276 -44.55 62.42 62.99
CA LEU M 276 -44.98 61.37 62.07
C LEU M 276 -44.31 61.56 60.72
N THR M 277 -42.99 61.74 60.75
CA THR M 277 -42.26 62.16 59.57
C THR M 277 -42.15 61.05 58.52
N PHE M 278 -41.51 61.41 57.41
CA PHE M 278 -41.17 60.53 56.31
C PHE M 278 -39.71 60.77 55.93
N LYS M 279 -38.82 60.69 56.93
CA LYS M 279 -37.42 61.04 56.72
C LYS M 279 -36.74 60.10 55.74
N GLY M 280 -37.04 58.80 55.84
CA GLY M 280 -36.59 57.82 54.87
C GLY M 280 -35.09 57.60 54.84
N GLY M 281 -34.54 57.00 55.88
CA GLY M 281 -33.11 56.75 55.91
C GLY M 281 -32.66 56.26 57.27
N LEU M 282 -31.41 56.52 57.62
CA LEU M 282 -30.86 56.10 58.89
C LEU M 282 -30.53 57.31 59.75
N ASN M 283 -30.77 57.16 61.05
CA ASN M 283 -30.41 58.18 62.02
C ASN M 283 -28.90 58.27 62.12
N PRO M 284 -28.30 59.45 61.92
CA PRO M 284 -26.83 59.54 61.97
C PRO M 284 -26.22 59.37 63.34
N VAL M 285 -27.01 59.33 64.41
CA VAL M 285 -26.46 59.15 65.75
C VAL M 285 -26.41 57.68 66.10
N THR M 286 -27.52 56.96 65.95
CA THR M 286 -27.57 55.55 66.29
C THR M 286 -27.21 54.62 65.14
N GLY M 287 -27.43 55.05 63.90
CA GLY M 287 -27.35 54.11 62.80
C GLY M 287 -28.55 53.21 62.71
N GLY M 288 -29.67 53.63 63.31
CA GLY M 288 -30.92 52.92 63.17
C GLY M 288 -31.91 53.77 62.40
N LEU M 289 -33.13 53.24 62.29
CA LEU M 289 -34.18 54.00 61.65
C LEU M 289 -34.63 55.15 62.54
N TRP M 290 -35.22 56.16 61.93
CA TRP M 290 -35.81 57.26 62.69
C TRP M 290 -37.01 56.75 63.44
N MET M 291 -37.10 57.09 64.73
CA MET M 291 -38.21 56.63 65.55
C MET M 291 -39.52 57.29 65.15
N THR M 292 -39.46 58.46 64.53
CA THR M 292 -40.68 59.11 64.06
C THR M 292 -41.21 58.44 62.80
N ASP M 293 -40.31 57.86 61.99
CA ASP M 293 -40.76 57.16 60.80
C ASP M 293 -41.47 55.85 61.15
N ILE M 294 -41.01 55.18 62.20
CA ILE M 294 -41.64 53.95 62.66
C ILE M 294 -42.99 54.28 63.29
N ALA M 295 -43.13 55.48 63.85
CA ALA M 295 -44.41 55.91 64.39
C ALA M 295 -45.44 56.12 63.29
N HIS M 296 -45.06 56.81 62.21
CA HIS M 296 -45.98 56.96 61.08
C HIS M 296 -46.11 55.67 60.29
N HIS M 297 -45.15 54.74 60.43
CA HIS M 297 -45.30 53.44 59.79
C HIS M 297 -46.42 52.66 60.45
N HIS M 298 -46.24 52.30 61.73
CA HIS M 298 -47.18 51.44 62.44
C HIS M 298 -48.56 52.09 62.59
N LEU M 299 -48.66 53.40 62.45
CA LEU M 299 -49.99 54.01 62.37
C LEU M 299 -50.61 53.79 61.01
N ALA M 300 -49.84 53.98 59.93
CA ALA M 300 -50.37 53.77 58.59
C ALA M 300 -50.57 52.29 58.29
N ILE M 301 -49.76 51.44 58.90
CA ILE M 301 -50.02 50.00 58.88
C ILE M 301 -51.37 49.71 59.51
N ALA M 302 -51.68 50.39 60.62
CA ALA M 302 -52.86 50.04 61.42
C ALA M 302 -54.15 50.45 60.74
N VAL M 303 -54.15 51.55 59.99
CA VAL M 303 -55.37 51.98 59.31
C VAL M 303 -55.73 51.01 58.20
N VAL M 304 -54.72 50.48 57.50
CA VAL M 304 -54.97 49.56 56.39
C VAL M 304 -55.55 48.23 56.88
N PHE M 305 -55.11 47.76 58.05
CA PHE M 305 -55.62 46.49 58.56
C PHE M 305 -57.03 46.58 59.12
N ILE M 306 -57.39 47.71 59.73
CA ILE M 306 -58.73 47.84 60.30
C ILE M 306 -59.74 48.01 59.17
N ILE M 307 -59.35 48.66 58.08
CA ILE M 307 -60.22 48.75 56.91
C ILE M 307 -60.40 47.38 56.27
N ALA M 308 -59.28 46.71 55.95
CA ALA M 308 -59.31 45.43 55.24
C ALA M 308 -59.83 44.29 56.09
N GLY M 309 -59.96 44.46 57.39
CA GLY M 309 -60.61 43.43 58.15
C GLY M 309 -62.11 43.53 58.20
N HIS M 310 -62.70 44.55 57.57
CA HIS M 310 -64.15 44.65 57.42
C HIS M 310 -64.63 44.03 56.12
N GLN M 311 -63.91 43.04 55.59
CA GLN M 311 -64.16 42.53 54.25
C GLN M 311 -65.08 41.34 54.21
N TYR M 312 -64.89 40.38 55.11
CA TYR M 312 -65.54 39.09 54.99
C TYR M 312 -66.86 39.09 55.75
N ARG M 313 -67.82 38.34 55.23
CA ARG M 313 -69.18 38.41 55.73
C ARG M 313 -69.33 37.71 57.07
N THR M 314 -70.04 38.38 57.98
CA THR M 314 -70.39 37.84 59.29
C THR M 314 -71.90 37.89 59.43
N ASN M 315 -72.39 37.84 60.67
CA ASN M 315 -73.82 37.82 60.99
C ASN M 315 -74.61 39.01 60.46
N TRP M 316 -73.97 40.08 59.96
CA TRP M 316 -74.68 41.27 59.54
C TRP M 316 -74.67 41.46 58.02
N GLY M 317 -74.82 40.40 57.25
CA GLY M 317 -75.18 40.51 55.85
C GLY M 317 -74.15 41.04 54.87
N ILE M 318 -73.60 42.23 55.16
CA ILE M 318 -72.62 42.85 54.28
C ILE M 318 -71.32 42.05 54.33
N GLY M 319 -70.53 42.18 53.27
CA GLY M 319 -69.24 41.53 53.23
C GLY M 319 -69.09 40.47 52.17
N HIS M 320 -67.84 40.20 51.82
CA HIS M 320 -67.49 39.17 50.85
C HIS M 320 -67.63 37.79 51.44
N SER M 321 -67.86 36.80 50.59
CA SER M 321 -67.87 35.41 50.96
C SER M 321 -66.80 34.67 50.18
N ILE M 322 -65.96 33.92 50.89
CA ILE M 322 -64.79 33.31 50.26
C ILE M 322 -65.20 32.16 49.35
N LYS M 323 -66.31 31.48 49.66
CA LYS M 323 -66.83 30.49 48.75
C LYS M 323 -67.40 31.11 47.47
N GLU M 324 -67.71 32.41 47.50
CA GLU M 324 -68.18 33.13 46.33
C GLU M 324 -67.09 33.98 45.67
N ILE M 325 -65.96 34.21 46.34
CA ILE M 325 -64.83 34.84 45.68
C ILE M 325 -64.08 33.84 44.81
N LEU M 326 -63.81 32.66 45.38
CA LEU M 326 -62.95 31.68 44.70
C LEU M 326 -63.66 31.06 43.50
N GLU M 327 -64.97 30.86 43.58
CA GLU M 327 -65.65 30.18 42.50
C GLU M 327 -65.94 31.08 41.31
N ASN M 328 -65.76 32.39 41.45
CA ASN M 328 -65.89 33.26 40.29
C ASN M 328 -64.60 33.31 39.48
N HIS M 329 -63.45 33.27 40.15
CA HIS M 329 -62.16 33.33 39.47
C HIS M 329 -61.89 31.99 38.80
N LYS M 330 -62.32 31.85 37.56
CA LYS M 330 -62.00 30.68 36.74
C LYS M 330 -61.86 31.12 35.29
N GLY M 331 -61.03 30.44 34.53
CA GLY M 331 -60.71 30.90 33.21
C GLY M 331 -60.94 29.88 32.12
N PRO M 332 -60.42 30.17 30.92
CA PRO M 332 -60.50 29.17 29.85
C PRO M 332 -59.47 28.07 30.00
N PHE M 333 -58.29 28.38 30.51
CA PHE M 333 -57.25 27.37 30.64
C PHE M 333 -57.54 26.42 31.79
N THR M 334 -58.03 26.94 32.91
CA THR M 334 -58.05 26.17 34.13
C THR M 334 -59.42 25.63 34.51
N GLY M 335 -60.34 25.52 33.54
CA GLY M 335 -61.59 24.80 33.74
C GLY M 335 -62.54 25.36 34.78
N GLU M 336 -62.65 24.67 35.92
CA GLU M 336 -63.45 25.18 37.01
C GLU M 336 -62.68 26.11 37.92
N GLY M 337 -61.37 26.24 37.71
CA GLY M 337 -60.62 27.28 38.40
C GLY M 337 -60.43 26.96 39.86
N HIS M 338 -60.71 27.93 40.72
CA HIS M 338 -60.55 27.78 42.15
C HIS M 338 -61.81 27.26 42.83
N LYS M 339 -62.63 26.50 42.12
CA LYS M 339 -63.88 25.96 42.68
C LYS M 339 -63.59 24.65 43.38
N GLY M 340 -63.63 24.67 44.70
CA GLY M 340 -63.43 23.45 45.46
C GLY M 340 -62.31 23.59 46.46
N LEU M 341 -61.56 24.67 46.35
CA LEU M 341 -60.46 24.91 47.27
C LEU M 341 -60.93 25.48 48.60
N TYR M 342 -62.21 25.85 48.70
CA TYR M 342 -62.73 26.26 50.00
C TYR M 342 -62.91 25.06 50.90
N GLU M 343 -63.44 23.97 50.37
CA GLU M 343 -63.67 22.76 51.15
C GLU M 343 -62.38 22.06 51.53
N ASN M 344 -61.29 22.30 50.80
CA ASN M 344 -60.00 21.75 51.22
C ASN M 344 -59.44 22.51 52.41
N LEU M 345 -59.65 23.82 52.44
CA LEU M 345 -59.08 24.69 53.45
C LEU M 345 -60.00 24.92 54.64
N THR M 346 -61.22 24.39 54.63
CA THR M 346 -62.11 24.51 55.76
C THR M 346 -62.42 23.17 56.42
N THR M 347 -61.96 22.07 55.85
CA THR M 347 -62.10 20.76 56.47
C THR M 347 -60.78 20.17 56.93
N SER M 348 -59.75 20.22 56.11
CA SER M 348 -58.46 19.62 56.44
C SER M 348 -57.63 20.60 57.26
N TRP M 349 -56.94 20.06 58.27
CA TRP M 349 -56.04 20.88 59.06
C TRP M 349 -54.65 20.96 58.45
N HIS M 350 -54.28 19.98 57.64
CA HIS M 350 -52.97 20.04 57.01
C HIS M 350 -52.95 21.01 55.84
N ALA M 351 -54.09 21.20 55.18
CA ALA M 351 -54.16 22.18 54.11
C ALA M 351 -54.00 23.59 54.65
N GLN M 352 -54.52 23.85 55.85
CA GLN M 352 -54.22 25.09 56.53
C GLN M 352 -52.77 25.13 56.98
N LEU M 353 -52.27 24.02 57.52
CA LEU M 353 -50.90 24.01 58.04
C LEU M 353 -49.87 24.08 56.93
N ALA M 354 -50.17 23.56 55.74
CA ALA M 354 -49.25 23.74 54.63
C ALA M 354 -49.23 25.19 54.16
N THR M 355 -50.38 25.84 54.17
CA THR M 355 -50.47 27.21 53.67
C THR M 355 -49.90 28.21 54.66
N ASN M 356 -50.19 28.04 55.95
CA ASN M 356 -49.73 29.01 56.93
C ASN M 356 -48.26 28.87 57.26
N LEU M 357 -47.57 27.89 56.71
CA LEU M 357 -46.19 27.60 57.07
C LEU M 357 -45.22 27.83 55.93
N ALA M 358 -45.65 27.58 54.69
CA ALA M 358 -44.84 27.93 53.52
C ALA M 358 -44.86 29.43 53.27
N PHE M 359 -45.86 30.15 53.75
CA PHE M 359 -45.95 31.59 53.58
C PHE M 359 -45.56 32.37 54.81
N LEU M 360 -45.41 31.72 55.96
CA LEU M 360 -44.76 32.35 57.10
C LEU M 360 -43.28 32.05 57.10
N GLY M 361 -42.87 30.92 56.54
CA GLY M 361 -41.45 30.65 56.39
C GLY M 361 -40.83 31.50 55.29
N SER M 362 -41.58 31.75 54.23
CA SER M 362 -41.10 32.66 53.19
C SER M 362 -41.14 34.09 53.66
N LEU M 363 -42.00 34.40 54.63
CA LEU M 363 -42.05 35.73 55.21
C LEU M 363 -40.84 35.99 56.09
N THR M 364 -40.35 34.95 56.78
CA THR M 364 -39.25 35.09 57.72
C THR M 364 -37.94 35.39 57.01
N ILE M 365 -37.78 34.88 55.78
CA ILE M 365 -36.60 35.20 54.98
C ILE M 365 -36.67 36.63 54.49
N ILE M 366 -37.87 37.14 54.23
CA ILE M 366 -38.04 38.52 53.82
C ILE M 366 -37.73 39.47 54.97
N ILE M 367 -38.07 39.05 56.19
CA ILE M 367 -37.72 39.82 57.39
C ILE M 367 -36.22 39.94 57.55
N ALA M 368 -35.49 38.86 57.25
CA ALA M 368 -34.03 38.86 57.40
C ALA M 368 -33.38 39.79 56.38
N HIS M 369 -33.90 39.86 55.17
CA HIS M 369 -33.37 40.79 54.17
C HIS M 369 -33.76 42.23 54.45
N HIS M 370 -34.94 42.44 55.03
CA HIS M 370 -35.41 43.79 55.31
C HIS M 370 -34.94 44.31 56.66
N MET M 371 -34.02 43.61 57.33
CA MET M 371 -33.47 44.09 58.59
C MET M 371 -31.97 44.28 58.59
N TYR M 372 -31.23 43.78 57.60
CA TYR M 372 -29.81 44.07 57.61
C TYR M 372 -29.54 45.39 56.90
N ALA M 373 -30.36 45.71 55.89
CA ALA M 373 -30.17 46.93 55.13
C ALA M 373 -30.86 48.11 55.79
N MET M 374 -31.97 47.85 56.47
CA MET M 374 -32.72 48.87 57.20
C MET M 374 -32.70 48.46 58.67
N PRO M 375 -31.65 48.79 59.42
CA PRO M 375 -31.58 48.37 60.81
C PRO M 375 -32.55 49.15 61.66
N PRO M 376 -33.55 48.49 62.24
CA PRO M 376 -34.67 49.21 62.88
C PRO M 376 -34.48 49.55 64.35
N TYR M 377 -33.28 49.39 64.90
CA TYR M 377 -33.07 49.53 66.32
C TYR M 377 -31.89 50.43 66.59
N PRO M 378 -31.85 51.09 67.75
CA PRO M 378 -30.70 51.96 68.06
C PRO M 378 -29.45 51.13 68.31
N TYR M 379 -28.38 51.48 67.59
CA TYR M 379 -27.08 50.80 67.61
C TYR M 379 -27.21 49.33 67.24
N LEU M 380 -27.88 49.02 66.13
CA LEU M 380 -27.91 47.66 65.62
C LEU M 380 -26.84 47.44 64.57
N ALA M 381 -26.74 48.36 63.61
CA ALA M 381 -25.70 48.28 62.59
C ALA M 381 -24.33 48.64 63.14
N THR M 382 -24.26 49.27 64.31
CA THR M 382 -22.99 49.51 64.97
C THR M 382 -22.35 48.21 65.41
N ASP M 383 -23.15 47.29 65.94
CA ASP M 383 -22.64 46.00 66.43
C ASP M 383 -22.71 45.01 65.28
N TYR M 384 -21.56 44.72 64.69
CA TYR M 384 -21.48 43.73 63.61
C TYR M 384 -21.78 42.34 64.12
N ALA M 385 -21.48 42.08 65.39
CA ALA M 385 -21.69 40.76 65.98
C ALA M 385 -23.16 40.46 66.15
N THR M 386 -24.00 41.48 66.25
CA THR M 386 -25.43 41.25 66.39
C THR M 386 -26.09 41.10 65.04
N GLN M 387 -25.73 41.96 64.09
CA GLN M 387 -26.44 42.05 62.81
C GLN M 387 -26.17 40.84 61.93
N LEU M 388 -24.99 40.23 62.05
CA LEU M 388 -24.71 39.00 61.34
C LEU M 388 -25.55 37.85 61.86
N CYS M 389 -25.83 37.83 63.16
CA CYS M 389 -26.48 36.67 63.75
C CYS M 389 -27.99 36.76 63.68
N ILE M 390 -28.56 37.96 63.57
CA ILE M 390 -30.00 38.08 63.41
C ILE M 390 -30.41 37.63 62.02
N PHE M 391 -29.62 37.95 61.01
CA PHE M 391 -29.86 37.49 59.65
C PHE M 391 -29.83 35.97 59.59
N THR M 392 -28.67 35.38 59.94
CA THR M 392 -28.46 33.95 59.86
C THR M 392 -29.36 33.14 60.77
N HIS M 393 -29.95 33.75 61.80
CA HIS M 393 -30.92 33.01 62.61
C HIS M 393 -32.22 32.81 61.85
N HIS M 394 -32.88 33.91 61.48
CA HIS M 394 -34.20 33.84 60.84
C HIS M 394 -34.14 33.32 59.41
N ILE M 395 -32.96 33.25 58.79
CA ILE M 395 -32.80 32.50 57.54
C ILE M 395 -33.12 31.03 57.76
N TRP M 396 -32.51 30.41 58.78
CA TRP M 396 -32.73 28.99 59.00
C TRP M 396 -34.15 28.72 59.50
N ILE M 397 -34.66 29.60 60.37
CA ILE M 397 -36.03 29.45 60.87
C ILE M 397 -37.03 29.57 59.74
N GLY M 398 -36.76 30.45 58.77
CA GLY M 398 -37.63 30.54 57.61
C GLY M 398 -37.53 29.34 56.69
N GLY M 399 -36.36 28.71 56.63
CA GLY M 399 -36.17 27.62 55.70
C GLY M 399 -36.75 26.31 56.15
N PHE M 400 -36.75 26.04 57.47
CA PHE M 400 -37.38 24.82 57.97
C PHE M 400 -38.89 24.86 57.77
N LEU M 401 -39.50 26.03 57.83
CA LEU M 401 -40.95 26.10 57.74
C LEU M 401 -41.44 25.91 56.31
N ILE M 402 -40.64 26.30 55.32
CA ILE M 402 -41.01 26.07 53.93
C ILE M 402 -40.97 24.58 53.61
N VAL M 403 -40.00 23.87 54.16
CA VAL M 403 -39.95 22.42 54.02
C VAL M 403 -41.12 21.79 54.78
N GLY M 404 -41.53 22.41 55.88
CA GLY M 404 -42.68 21.91 56.62
C GLY M 404 -43.99 22.13 55.89
N GLY M 405 -44.13 23.27 55.21
CA GLY M 405 -45.30 23.48 54.36
C GLY M 405 -45.33 22.51 53.22
N ALA M 406 -44.16 22.13 52.69
CA ALA M 406 -44.10 21.08 51.69
C ALA M 406 -44.39 19.71 52.28
N ALA M 407 -44.08 19.52 53.56
CA ALA M 407 -44.34 18.23 54.19
C ALA M 407 -45.82 18.03 54.45
N HIS M 408 -46.44 18.99 55.11
CA HIS M 408 -47.85 18.89 55.47
C HIS M 408 -48.79 19.16 54.30
N ALA M 409 -48.27 19.45 53.11
CA ALA M 409 -49.05 19.43 51.88
C ALA M 409 -49.09 18.03 51.28
N ALA M 410 -48.01 17.28 51.42
CA ALA M 410 -48.01 15.89 50.98
C ALA M 410 -48.90 15.03 51.87
N ILE M 411 -49.05 15.41 53.15
CA ILE M 411 -49.94 14.67 54.04
C ILE M 411 -51.39 14.97 53.68
N PHE M 412 -51.65 16.17 53.18
CA PHE M 412 -52.99 16.51 52.69
C PHE M 412 -53.39 15.64 51.53
N MET M 413 -52.46 15.37 50.61
CA MET M 413 -52.77 14.62 49.40
C MET M 413 -53.07 13.16 49.70
N VAL M 414 -52.52 12.62 50.78
CA VAL M 414 -52.71 11.22 51.07
C VAL M 414 -54.00 11.00 51.87
N ARG M 415 -54.15 11.71 52.98
CA ARG M 415 -55.28 11.48 53.87
C ARG M 415 -56.51 12.31 53.49
N ASP M 416 -56.33 13.60 53.24
CA ASP M 416 -57.44 14.53 53.18
C ASP M 416 -57.88 14.90 51.78
N TYR M 417 -57.18 14.43 50.75
CA TYR M 417 -57.59 14.70 49.37
C TYR M 417 -58.85 13.92 49.04
N ASP M 418 -59.79 14.59 48.37
CA ASP M 418 -61.06 14.01 48.00
C ASP M 418 -61.27 14.22 46.50
N PRO M 419 -61.59 13.17 45.75
CA PRO M 419 -61.79 13.34 44.31
C PRO M 419 -63.08 14.05 43.96
N VAL M 420 -64.12 13.91 44.79
CA VAL M 420 -65.43 14.45 44.47
C VAL M 420 -65.43 15.97 44.54
N VAL M 421 -64.83 16.53 45.59
CA VAL M 421 -64.73 17.98 45.73
C VAL M 421 -63.77 18.54 44.68
N ASN M 422 -62.59 17.93 44.57
CA ASN M 422 -61.50 18.47 43.76
C ASN M 422 -61.56 17.92 42.33
N GLN M 423 -62.71 18.05 41.71
CA GLN M 423 -62.91 17.60 40.35
C GLN M 423 -62.74 18.79 39.40
N ASN M 424 -61.73 18.70 38.53
CA ASN M 424 -61.43 19.61 37.42
C ASN M 424 -61.09 21.03 37.89
N ASN M 425 -60.76 21.22 39.16
CA ASN M 425 -60.28 22.50 39.64
C ASN M 425 -58.77 22.59 39.46
N VAL M 426 -58.18 23.71 39.88
CA VAL M 426 -56.76 23.93 39.66
C VAL M 426 -55.88 23.01 40.49
N LEU M 427 -56.42 22.38 41.53
CA LEU M 427 -55.66 21.32 42.20
C LEU M 427 -55.66 20.06 41.36
N ASP M 428 -56.75 19.82 40.63
CA ASP M 428 -56.84 18.61 39.82
C ASP M 428 -56.01 18.76 38.56
N ARG M 429 -55.92 19.98 38.03
CA ARG M 429 -55.26 20.20 36.75
C ARG M 429 -53.74 20.22 36.85
N VAL M 430 -53.17 20.24 38.07
CA VAL M 430 -51.73 20.07 38.19
C VAL M 430 -51.36 18.60 38.37
N ILE M 431 -52.33 17.72 38.55
CA ILE M 431 -52.03 16.30 38.64
C ILE M 431 -52.19 15.64 37.27
N ARG M 432 -52.94 16.26 36.36
CA ARG M 432 -52.90 15.79 34.98
C ARG M 432 -51.55 16.06 34.34
N HIS M 433 -51.00 17.26 34.49
CA HIS M 433 -49.79 17.61 33.77
C HIS M 433 -48.58 17.63 34.69
N ARG M 434 -48.60 16.80 35.73
CA ARG M 434 -47.49 16.72 36.69
C ARG M 434 -46.22 16.18 36.07
N ASP M 435 -46.32 15.45 34.95
CA ASP M 435 -45.13 15.05 34.23
C ASP M 435 -44.54 16.22 33.46
N ALA M 436 -45.38 17.15 33.00
CA ALA M 436 -44.89 18.33 32.33
C ALA M 436 -44.33 19.34 33.31
N ILE M 437 -44.82 19.35 34.55
CA ILE M 437 -44.30 20.27 35.55
C ILE M 437 -42.91 19.85 35.99
N ILE M 438 -42.74 18.56 36.30
CA ILE M 438 -41.49 18.07 36.87
C ILE M 438 -40.39 18.06 35.83
N SER M 439 -40.68 17.54 34.63
CA SER M 439 -39.65 17.38 33.63
C SER M 439 -39.21 18.70 33.03
N HIS M 440 -40.08 19.71 33.02
CA HIS M 440 -39.62 21.05 32.72
C HIS M 440 -38.91 21.68 33.90
N LEU M 441 -39.19 21.25 35.12
CA LEU M 441 -38.41 21.72 36.26
C LEU M 441 -37.10 20.96 36.38
N ASN M 442 -37.09 19.70 35.97
CA ASN M 442 -35.87 18.90 35.92
C ASN M 442 -34.86 19.51 34.96
N TRP M 443 -35.34 20.13 33.87
CA TRP M 443 -34.42 20.75 32.92
C TRP M 443 -33.77 22.00 33.50
N VAL M 444 -34.52 22.82 34.23
CA VAL M 444 -33.99 24.09 34.72
C VAL M 444 -32.98 23.85 35.82
N CYS M 445 -33.22 22.83 36.66
CA CYS M 445 -32.26 22.45 37.68
C CYS M 445 -30.95 21.96 37.06
N ILE M 446 -31.05 21.26 35.92
CA ILE M 446 -29.85 20.87 35.20
C ILE M 446 -29.23 22.04 34.46
N PHE M 447 -30.06 22.88 33.85
CA PHE M 447 -29.56 24.07 33.15
C PHE M 447 -28.87 25.03 34.10
N LEU M 448 -29.44 25.26 35.27
CA LEU M 448 -28.78 26.12 36.24
C LEU M 448 -27.59 25.45 36.88
N GLY M 449 -27.50 24.12 36.84
CA GLY M 449 -26.35 23.46 37.44
C GLY M 449 -25.10 23.68 36.64
N PHE M 450 -25.19 23.56 35.32
CA PHE M 450 -24.02 23.76 34.49
C PHE M 450 -23.68 25.23 34.35
N HIS M 451 -24.64 26.07 34.04
CA HIS M 451 -24.33 27.46 33.72
C HIS M 451 -24.18 28.35 34.94
N SER M 452 -24.19 27.80 36.15
CA SER M 452 -23.83 28.59 37.33
C SER M 452 -22.68 27.99 38.12
N PHE M 453 -22.75 26.70 38.43
CA PHE M 453 -21.66 26.06 39.14
C PHE M 453 -20.48 25.73 38.22
N GLY M 454 -20.75 25.37 36.97
CA GLY M 454 -19.68 25.10 36.03
C GLY M 454 -18.89 26.32 35.62
N LEU M 455 -19.40 27.52 35.90
CA LEU M 455 -18.61 28.73 35.74
C LEU M 455 -17.67 28.97 36.90
N TYR M 456 -17.82 28.22 38.00
CA TYR M 456 -16.80 28.17 39.03
C TYR M 456 -15.74 27.14 38.70
N ILE M 457 -16.16 25.99 38.17
CA ILE M 457 -15.23 24.96 37.75
C ILE M 457 -14.42 25.41 36.56
N HIS M 458 -15.04 26.23 35.70
CA HIS M 458 -14.30 26.90 34.64
C HIS M 458 -13.23 27.83 35.23
N ASN M 459 -13.56 28.57 36.28
CA ASN M 459 -12.63 29.54 36.84
C ASN M 459 -11.60 28.88 37.75
N ASP M 460 -11.94 27.74 38.36
CA ASP M 460 -10.94 26.97 39.08
C ASP M 460 -9.84 26.49 38.16
N THR M 461 -10.22 26.02 36.98
CA THR M 461 -9.27 25.43 36.06
C THR M 461 -8.46 26.49 35.33
N MET M 462 -9.08 27.61 34.97
CA MET M 462 -8.35 28.65 34.25
C MET M 462 -7.32 29.32 35.14
N ARG M 463 -7.58 29.42 36.44
CA ARG M 463 -6.57 30.00 37.30
C ARG M 463 -5.48 28.98 37.61
N ALA M 464 -5.83 27.71 37.67
CA ALA M 464 -4.84 26.67 37.94
C ALA M 464 -3.96 26.43 36.72
N LEU M 465 -4.50 26.57 35.53
CA LEU M 465 -3.72 26.45 34.30
C LEU M 465 -2.94 27.72 33.98
N GLY M 466 -2.91 28.70 34.87
CA GLY M 466 -2.17 29.92 34.61
C GLY M 466 -2.75 30.78 33.52
N ARG M 467 -4.07 30.70 33.32
CA ARG M 467 -4.77 31.45 32.27
C ARG M 467 -5.78 32.37 32.96
N PRO M 468 -5.33 33.48 33.57
CA PRO M 468 -6.30 34.35 34.27
C PRO M 468 -7.10 35.22 33.34
N GLN M 469 -6.73 35.32 32.07
CA GLN M 469 -7.47 36.14 31.12
C GLN M 469 -8.67 35.43 30.54
N ASP M 470 -8.89 34.16 30.88
CA ASP M 470 -9.99 33.39 30.35
C ASP M 470 -11.08 33.14 31.38
N MET M 471 -11.08 33.92 32.46
CA MET M 471 -11.95 33.68 33.60
C MET M 471 -13.16 34.58 33.53
N PHE M 472 -14.21 34.21 34.26
CA PHE M 472 -15.42 35.02 34.37
C PHE M 472 -15.28 35.93 35.59
N SER M 473 -14.51 36.99 35.43
CA SER M 473 -14.23 37.88 36.54
C SER M 473 -14.53 39.32 36.13
N ASP M 474 -14.28 40.25 37.05
CA ASP M 474 -14.41 41.67 36.75
C ASP M 474 -13.38 42.16 35.74
N THR M 475 -12.28 41.44 35.55
CA THR M 475 -11.23 41.87 34.65
C THR M 475 -11.30 41.21 33.28
N ALA M 476 -11.50 39.89 33.24
CA ALA M 476 -11.28 39.15 31.99
C ALA M 476 -12.53 39.04 31.13
N ILE M 477 -13.56 38.38 31.64
CA ILE M 477 -14.82 38.23 30.91
C ILE M 477 -15.93 38.69 31.83
N GLN M 478 -16.54 39.82 31.51
CA GLN M 478 -17.59 40.40 32.32
C GLN M 478 -18.84 39.53 32.28
N LEU M 479 -19.54 39.48 33.40
CA LEU M 479 -20.89 38.93 33.48
C LEU M 479 -21.77 39.84 34.31
N GLN M 480 -21.75 41.14 34.00
CA GLN M 480 -22.31 42.16 34.88
C GLN M 480 -23.81 42.01 35.05
N PRO M 481 -24.32 42.08 36.27
CA PRO M 481 -25.75 41.93 36.50
C PRO M 481 -26.52 43.17 36.11
N VAL M 482 -26.92 43.26 34.84
CA VAL M 482 -27.54 44.48 34.32
C VAL M 482 -28.90 44.72 34.97
N PHE M 483 -29.67 43.66 35.21
CA PHE M 483 -31.04 43.83 35.67
C PHE M 483 -31.13 44.09 37.16
N ALA M 484 -30.03 44.01 37.90
CA ALA M 484 -30.01 44.40 39.30
C ALA M 484 -29.16 45.62 39.57
N GLN M 485 -28.22 45.95 38.67
CA GLN M 485 -27.58 47.26 38.72
C GLN M 485 -28.54 48.37 38.31
N TRP M 486 -29.58 48.03 37.54
CA TRP M 486 -30.55 49.03 37.13
C TRP M 486 -31.53 49.34 38.24
N VAL M 487 -32.00 48.32 38.95
CA VAL M 487 -33.00 48.50 40.00
C VAL M 487 -32.40 49.25 41.19
N GLN M 488 -31.10 49.10 41.43
CA GLN M 488 -30.43 49.93 42.42
C GLN M 488 -30.39 51.39 42.02
N ASN M 489 -30.29 51.66 40.72
CA ASN M 489 -30.25 53.05 40.27
C ASN M 489 -31.63 53.68 40.28
N LEU M 490 -32.69 52.87 40.29
CA LEU M 490 -34.03 53.43 40.43
C LEU M 490 -34.35 53.76 41.87
N HIS M 491 -33.93 52.90 42.79
CA HIS M 491 -34.19 53.10 44.20
C HIS M 491 -33.24 54.11 44.83
N THR M 492 -32.15 54.45 44.14
CA THR M 492 -31.28 55.53 44.57
C THR M 492 -31.91 56.87 44.23
N LEU M 493 -32.54 56.96 43.07
CA LEU M 493 -33.05 58.22 42.54
C LEU M 493 -34.52 58.44 42.85
N ALA M 494 -35.10 57.61 43.71
CA ALA M 494 -36.51 57.76 44.10
C ALA M 494 -36.84 58.97 44.99
N PRO M 495 -35.98 59.46 45.90
CA PRO M 495 -36.31 60.73 46.56
C PRO M 495 -36.23 61.91 45.59
N GLY M 496 -37.29 62.71 45.58
CA GLY M 496 -37.44 63.78 44.63
C GLY M 496 -38.10 63.38 43.33
N GLY M 497 -38.03 62.10 42.96
CA GLY M 497 -38.61 61.62 41.73
C GLY M 497 -39.91 60.88 41.93
N THR M 498 -39.84 59.55 41.92
CA THR M 498 -41.06 58.74 42.02
C THR M 498 -41.63 58.69 43.42
N ALA M 499 -40.87 59.13 44.42
CA ALA M 499 -41.39 59.38 45.76
C ALA M 499 -40.78 60.67 46.24
N PRO M 500 -41.45 61.80 45.98
CA PRO M 500 -40.81 63.11 46.23
C PRO M 500 -40.69 63.46 47.70
N ASN M 501 -41.48 62.83 48.56
CA ASN M 501 -41.58 63.20 49.96
C ASN M 501 -40.46 62.64 50.80
N ALA M 502 -39.71 61.67 50.29
CA ALA M 502 -38.58 61.13 51.00
C ALA M 502 -37.38 62.07 50.90
N LEU M 503 -36.34 61.76 51.67
CA LEU M 503 -35.11 62.53 51.61
C LEU M 503 -33.92 61.70 51.16
N GLU M 504 -33.66 60.57 51.80
CA GLU M 504 -32.67 59.59 51.40
C GLU M 504 -33.44 58.37 50.93
N PRO M 505 -32.78 57.37 50.31
CA PRO M 505 -33.54 56.17 49.88
C PRO M 505 -34.12 55.32 51.00
N VAL M 506 -34.77 54.22 50.62
CA VAL M 506 -35.35 53.29 51.59
C VAL M 506 -34.25 52.67 52.44
N SER M 507 -33.09 52.44 51.85
CA SER M 507 -31.89 52.06 52.58
C SER M 507 -30.68 52.56 51.82
N TYR M 508 -29.53 52.49 52.48
CA TYR M 508 -28.28 52.82 51.82
C TYR M 508 -27.65 51.64 51.12
N ALA M 509 -28.32 50.49 51.10
CA ALA M 509 -27.78 49.34 50.39
C ALA M 509 -27.86 49.53 48.88
N PHE M 510 -28.79 50.36 48.41
CA PHE M 510 -28.91 50.62 46.99
C PHE M 510 -27.93 51.69 46.54
N GLY M 511 -28.07 52.87 47.09
CA GLY M 511 -27.20 53.99 46.77
C GLY M 511 -27.04 54.88 47.98
N GLY M 512 -27.00 56.18 47.75
CA GLY M 512 -26.77 57.10 48.84
C GLY M 512 -25.29 57.21 49.16
N GLY M 513 -24.96 57.30 50.45
CA GLY M 513 -23.57 57.39 50.84
C GLY M 513 -23.19 56.45 51.96
N VAL M 514 -22.07 56.73 52.61
CA VAL M 514 -21.60 55.93 53.73
C VAL M 514 -22.00 56.63 55.02
N LEU M 515 -22.74 55.94 55.89
CA LEU M 515 -23.15 56.48 57.17
C LEU M 515 -22.33 55.80 58.26
N ALA M 516 -21.38 56.54 58.83
CA ALA M 516 -20.53 56.01 59.88
C ALA M 516 -21.09 56.37 61.25
N VAL M 517 -21.03 55.41 62.18
CA VAL M 517 -21.44 55.62 63.56
C VAL M 517 -20.20 55.38 64.41
N GLY M 518 -19.61 56.47 64.89
CA GLY M 518 -18.31 56.36 65.51
C GLY M 518 -17.26 56.10 64.46
N GLY M 519 -16.73 54.88 64.43
CA GLY M 519 -15.80 54.50 63.38
C GLY M 519 -16.41 53.47 62.44
N LYS M 520 -17.26 52.61 62.98
CA LYS M 520 -17.77 51.48 62.23
C LYS M 520 -18.89 51.90 61.28
N VAL M 521 -18.89 51.29 60.09
CA VAL M 521 -19.86 51.58 59.05
C VAL M 521 -21.21 51.02 59.45
N ALA M 522 -22.25 51.86 59.41
CA ALA M 522 -23.59 51.34 59.61
C ALA M 522 -24.11 50.68 58.35
N MET M 523 -24.06 51.38 57.21
CA MET M 523 -24.44 50.82 55.92
C MET M 523 -23.78 51.63 54.82
N MET M 524 -23.26 50.93 53.81
CA MET M 524 -22.53 51.40 52.65
C MET M 524 -23.22 50.87 51.40
N PRO M 525 -23.17 51.58 50.28
CA PRO M 525 -23.78 51.07 49.05
C PRO M 525 -23.12 49.80 48.55
N ILE M 526 -23.93 48.76 48.39
CA ILE M 526 -23.47 47.43 48.01
C ILE M 526 -23.40 47.39 46.50
N ALA M 527 -22.19 47.24 45.96
CA ALA M 527 -21.98 47.25 44.52
C ALA M 527 -21.97 45.83 43.98
N LEU M 528 -22.87 45.54 43.05
CA LEU M 528 -22.99 44.22 42.46
C LEU M 528 -22.08 44.10 41.26
N GLY M 529 -21.43 42.95 41.12
CA GLY M 529 -20.47 42.72 40.06
C GLY M 529 -20.51 41.30 39.52
N THR M 530 -19.39 40.84 38.95
CA THR M 530 -19.37 39.54 38.29
C THR M 530 -19.48 38.41 39.30
N ALA M 531 -18.81 38.56 40.45
CA ALA M 531 -18.93 37.57 41.51
C ALA M 531 -20.34 37.55 42.10
N ASP M 532 -21.03 38.69 42.07
CA ASP M 532 -22.40 38.77 42.55
C ASP M 532 -23.41 38.25 41.54
N PHE M 533 -23.01 38.12 40.28
CA PHE M 533 -23.86 37.49 39.29
C PHE M 533 -23.87 35.98 39.48
N LEU M 534 -22.70 35.41 39.74
CA LEU M 534 -22.58 33.97 39.89
C LEU M 534 -23.30 33.47 41.13
N ILE M 535 -23.13 34.17 42.25
CA ILE M 535 -23.66 33.68 43.51
C ILE M 535 -25.16 33.94 43.64
N HIS M 536 -25.71 34.93 42.96
CA HIS M 536 -27.18 35.02 42.89
C HIS M 536 -27.78 33.99 41.95
N HIS M 537 -27.03 33.46 40.98
CA HIS M 537 -27.54 32.35 40.19
C HIS M 537 -27.18 30.98 40.76
N ILE M 538 -26.26 30.90 41.72
CA ILE M 538 -26.16 29.70 42.54
C ILE M 538 -27.40 29.58 43.41
N HIS M 539 -27.88 30.71 43.94
CA HIS M 539 -29.05 30.72 44.81
C HIS M 539 -30.29 30.26 44.08
N ALA M 540 -30.48 30.69 42.84
CA ALA M 540 -31.62 30.24 42.06
C ALA M 540 -31.51 28.76 41.72
N PHE M 541 -30.28 28.26 41.60
CA PHE M 541 -30.08 26.83 41.34
C PHE M 541 -30.47 26.00 42.55
N THR M 542 -29.94 26.32 43.73
CA THR M 542 -30.21 25.50 44.90
C THR M 542 -31.62 25.64 45.43
N ILE M 543 -32.35 26.66 45.00
CA ILE M 543 -33.76 26.79 45.38
C ILE M 543 -34.66 26.03 44.42
N HIS M 544 -34.40 26.08 43.11
CA HIS M 544 -35.20 25.30 42.16
C HIS M 544 -35.01 23.79 42.34
N VAL M 545 -33.84 23.34 42.80
CA VAL M 545 -33.68 21.91 43.05
C VAL M 545 -34.44 21.50 44.30
N THR M 546 -34.47 22.36 45.31
CA THR M 546 -35.23 22.09 46.52
C THR M 546 -36.72 22.04 46.24
N VAL M 547 -37.20 22.93 45.37
CA VAL M 547 -38.59 22.89 44.92
C VAL M 547 -38.87 21.61 44.14
N LEU M 548 -37.89 21.15 43.36
CA LEU M 548 -38.04 19.93 42.56
C LEU M 548 -38.28 18.70 43.43
N ILE M 549 -37.65 18.65 44.58
CA ILE M 549 -37.77 17.48 45.43
C ILE M 549 -39.04 17.54 46.26
N LEU M 550 -39.39 18.74 46.72
CA LEU M 550 -40.57 18.89 47.56
C LEU M 550 -41.85 18.79 46.75
N LEU M 551 -41.87 19.38 45.55
CA LEU M 551 -43.06 19.33 44.72
C LEU M 551 -43.28 17.94 44.14
N LYS M 552 -42.21 17.19 43.90
CA LYS M 552 -42.35 15.81 43.43
C LYS M 552 -42.94 14.93 44.52
N GLY M 553 -42.68 15.24 45.78
CA GLY M 553 -43.35 14.54 46.86
C GLY M 553 -44.78 14.95 47.09
N VAL M 554 -45.20 16.07 46.52
CA VAL M 554 -46.58 16.51 46.60
C VAL M 554 -47.40 16.00 45.43
N LEU M 555 -46.85 16.08 44.21
CA LEU M 555 -47.61 15.65 43.05
C LEU M 555 -47.66 14.13 42.95
N PHE M 556 -46.55 13.45 43.24
CA PHE M 556 -46.51 11.99 43.23
C PHE M 556 -46.76 11.40 44.60
N ALA M 557 -47.54 12.08 45.43
CA ALA M 557 -47.83 11.56 46.77
C ALA M 557 -48.80 10.40 46.70
N ARG M 558 -49.77 10.46 45.79
CA ARG M 558 -50.81 9.45 45.76
C ARG M 558 -50.48 8.29 44.86
N SER M 559 -49.83 8.54 43.72
CA SER M 559 -49.44 7.48 42.82
C SER M 559 -48.31 7.98 41.95
N SER M 560 -47.80 7.07 41.11
CA SER M 560 -46.88 7.42 40.04
C SER M 560 -47.07 6.36 38.96
N ARG M 561 -46.16 6.34 37.99
CA ARG M 561 -46.14 5.21 37.09
C ARG M 561 -45.49 3.99 37.71
N LEU M 562 -44.69 4.18 38.76
CA LEU M 562 -44.06 3.06 39.44
C LEU M 562 -45.02 2.41 40.42
N ILE M 563 -45.67 3.20 41.27
CA ILE M 563 -46.59 2.70 42.29
C ILE M 563 -47.97 3.28 42.04
N PRO M 564 -48.91 2.54 41.45
CA PRO M 564 -50.24 3.11 41.18
C PRO M 564 -51.11 3.30 42.41
N ASP M 565 -50.72 2.77 43.56
CA ASP M 565 -51.51 2.82 44.78
C ASP M 565 -50.64 3.24 45.96
N LYS M 566 -49.90 4.33 45.79
CA LYS M 566 -49.00 4.80 46.83
C LYS M 566 -49.76 5.41 48.00
N ALA M 567 -50.94 5.99 47.74
CA ALA M 567 -51.74 6.53 48.82
C ALA M 567 -52.40 5.44 49.65
N ASN M 568 -52.51 4.23 49.10
CA ASN M 568 -52.99 3.10 49.87
C ASN M 568 -52.00 2.71 50.96
N LEU M 569 -50.70 2.86 50.69
CA LEU M 569 -49.66 2.49 51.65
C LEU M 569 -49.55 3.50 52.78
N GLY M 570 -49.54 4.79 52.44
CA GLY M 570 -49.50 5.82 53.45
C GLY M 570 -48.60 6.97 53.09
N PHE M 571 -48.53 7.97 53.96
CA PHE M 571 -47.57 9.06 53.78
C PHE M 571 -46.15 8.62 54.11
N ARG M 572 -46.01 7.78 55.13
CA ARG M 572 -44.71 7.48 55.71
C ARG M 572 -44.55 5.96 55.75
N PHE M 573 -43.95 5.41 54.70
CA PHE M 573 -43.62 4.01 54.57
C PHE M 573 -42.24 3.94 53.94
N PRO M 574 -41.45 2.91 54.24
CA PRO M 574 -40.08 2.90 53.74
C PRO M 574 -39.94 2.63 52.25
N CYS M 575 -40.62 1.61 51.74
CA CYS M 575 -40.40 1.13 50.38
C CYS M 575 -41.62 0.29 49.97
N ASP M 576 -41.52 -0.33 48.80
CA ASP M 576 -42.49 -1.35 48.40
C ASP M 576 -41.75 -2.62 47.99
N GLY M 577 -40.60 -2.87 48.61
CA GLY M 577 -39.88 -4.08 48.34
C GLY M 577 -38.74 -3.88 47.37
N PRO M 578 -37.92 -4.92 47.20
CA PRO M 578 -36.78 -4.82 46.29
C PRO M 578 -37.14 -4.94 44.83
N GLY M 579 -38.39 -5.22 44.50
CA GLY M 579 -38.78 -5.43 43.13
C GLY M 579 -38.90 -4.16 42.36
N ARG M 580 -39.26 -4.33 41.08
CA ARG M 580 -39.31 -3.26 40.07
C ARG M 580 -37.97 -2.54 39.95
N GLY M 581 -36.87 -3.28 40.15
CA GLY M 581 -35.55 -2.70 40.24
C GLY M 581 -35.16 -2.31 41.64
N GLY M 582 -36.16 -1.91 42.43
CA GLY M 582 -35.96 -1.40 43.77
C GLY M 582 -36.76 -0.15 43.98
N THR M 583 -37.61 -0.12 45.00
CA THR M 583 -38.53 0.98 45.19
C THR M 583 -38.35 1.62 46.56
N CYS M 584 -37.11 1.74 47.02
CA CYS M 584 -36.88 2.34 48.32
C CYS M 584 -36.73 3.84 48.20
N GLN M 585 -37.34 4.55 49.14
CA GLN M 585 -37.58 6.00 49.14
C GLN M 585 -38.46 6.44 47.97
N VAL M 586 -39.69 5.90 47.95
CA VAL M 586 -40.72 6.38 47.03
C VAL M 586 -41.78 7.21 47.71
N SER M 587 -41.83 7.21 49.04
CA SER M 587 -42.95 7.78 49.76
C SER M 587 -42.91 9.31 49.70
N GLY M 588 -43.98 9.92 50.20
CA GLY M 588 -43.99 11.36 50.34
C GLY M 588 -43.20 11.84 51.53
N TRP M 589 -42.94 10.96 52.50
CA TRP M 589 -42.07 11.31 53.62
C TRP M 589 -40.64 11.47 53.16
N ASP M 590 -40.21 10.59 52.26
CA ASP M 590 -38.82 10.53 51.82
C ASP M 590 -38.43 11.71 50.95
N HIS M 591 -39.39 12.38 50.31
CA HIS M 591 -39.06 13.59 49.58
C HIS M 591 -38.93 14.77 50.51
N VAL M 592 -39.57 14.72 51.67
CA VAL M 592 -39.29 15.69 52.72
C VAL M 592 -37.91 15.43 53.29
N PHE M 593 -37.53 14.16 53.38
CA PHE M 593 -36.21 13.77 53.88
C PHE M 593 -35.10 14.27 52.97
N LEU M 594 -35.26 14.12 51.66
CA LEU M 594 -34.22 14.56 50.73
C LEU M 594 -34.18 16.06 50.57
N GLY M 595 -35.29 16.76 50.81
CA GLY M 595 -35.29 18.21 50.69
C GLY M 595 -34.67 18.93 51.86
N LEU M 596 -34.57 18.27 53.02
CA LEU M 596 -33.92 18.87 54.18
C LEU M 596 -32.43 19.05 53.96
N PHE M 597 -31.83 18.22 53.12
CA PHE M 597 -30.42 18.37 52.80
C PHE M 597 -30.20 19.55 51.87
N TRP M 598 -31.06 19.71 50.88
CA TRP M 598 -30.93 20.80 49.94
C TRP M 598 -31.31 22.13 50.55
N MET M 599 -32.30 22.12 51.44
CA MET M 599 -32.56 23.28 52.29
C MET M 599 -31.32 23.64 53.09
N TYR M 600 -30.67 22.64 53.67
CA TYR M 600 -29.39 22.87 54.34
C TYR M 600 -28.33 23.35 53.36
N ASN M 601 -28.35 22.82 52.14
CA ASN M 601 -27.38 23.23 51.15
C ASN M 601 -27.65 24.64 50.66
N SER M 602 -28.92 24.98 50.44
CA SER M 602 -29.26 26.29 49.90
C SER M 602 -29.03 27.39 50.92
N LEU M 603 -29.50 27.19 52.15
CA LEU M 603 -29.40 28.24 53.14
C LEU M 603 -28.00 28.43 53.66
N SER M 604 -27.12 27.44 53.50
CA SER M 604 -25.76 27.60 53.96
C SER M 604 -24.97 28.51 53.04
N ILE M 605 -25.41 28.67 51.80
CA ILE M 605 -24.69 29.53 50.88
C ILE M 605 -25.22 30.95 50.99
N VAL M 606 -26.51 31.09 51.31
CA VAL M 606 -27.11 32.41 51.55
C VAL M 606 -26.44 33.06 52.74
N ILE M 607 -26.19 32.30 53.81
CA ILE M 607 -25.50 32.85 54.96
C ILE M 607 -24.00 32.92 54.77
N PHE M 608 -23.46 32.27 53.74
CA PHE M 608 -22.05 32.46 53.39
C PHE M 608 -21.86 33.61 52.42
N HIS M 609 -22.82 33.80 51.51
CA HIS M 609 -22.84 35.01 50.70
C HIS M 609 -22.96 36.24 51.58
N PHE M 610 -23.82 36.18 52.59
CA PHE M 610 -24.01 37.32 53.48
C PHE M 610 -22.76 37.60 54.29
N SER M 611 -22.21 36.58 54.94
CA SER M 611 -21.14 36.77 55.91
C SER M 611 -19.82 37.17 55.28
N TRP M 612 -19.69 37.14 53.96
CA TRP M 612 -18.44 37.53 53.31
C TRP M 612 -18.61 38.68 52.34
N LYS M 613 -19.81 38.92 51.81
CA LYS M 613 -20.05 40.16 51.07
C LYS M 613 -20.09 41.34 52.02
N MET M 614 -20.71 41.18 53.18
CA MET M 614 -20.83 42.28 54.12
C MET M 614 -19.49 42.62 54.76
N GLN M 615 -18.63 41.62 54.96
CA GLN M 615 -17.33 41.91 55.54
C GLN M 615 -16.36 42.48 54.53
N SER M 616 -16.49 42.10 53.26
CA SER M 616 -15.56 42.56 52.24
C SER M 616 -15.98 43.86 51.59
N ASP M 617 -17.27 44.13 51.53
CA ASP M 617 -17.76 45.25 50.75
C ASP M 617 -18.69 46.18 51.51
N VAL M 618 -19.03 45.91 52.78
CA VAL M 618 -19.88 46.81 53.54
C VAL M 618 -19.21 47.23 54.84
N TRP M 619 -18.95 46.27 55.71
CA TRP M 619 -18.53 46.55 57.07
C TRP M 619 -17.08 46.96 57.13
N GLY M 620 -16.74 47.72 58.15
CA GLY M 620 -15.38 48.18 58.32
C GLY M 620 -15.36 49.47 59.14
N THR M 621 -14.19 50.11 59.14
CA THR M 621 -13.95 51.31 59.91
C THR M 621 -13.70 52.50 58.99
N VAL M 622 -14.35 53.62 59.25
CA VAL M 622 -14.17 54.83 58.48
C VAL M 622 -13.09 55.68 59.15
N ASP M 623 -12.14 56.17 58.35
CA ASP M 623 -11.09 57.06 58.85
C ASP M 623 -11.62 58.48 58.94
N ALA M 624 -10.72 59.44 59.12
CA ALA M 624 -11.11 60.83 59.26
C ALA M 624 -11.60 61.42 57.95
N ALA M 625 -10.92 61.13 56.84
CA ALA M 625 -11.24 61.71 55.56
C ALA M 625 -12.38 60.97 54.84
N GLY M 626 -12.97 59.97 55.46
CA GLY M 626 -14.03 59.20 54.84
C GLY M 626 -13.59 57.95 54.12
N ASN M 627 -12.32 57.55 54.27
CA ASN M 627 -11.86 56.31 53.67
C ASN M 627 -12.38 55.13 54.46
N VAL M 628 -13.00 54.18 53.77
CA VAL M 628 -13.64 53.05 54.40
C VAL M 628 -12.71 51.86 54.31
N SER M 629 -12.17 51.44 55.45
CA SER M 629 -11.24 50.31 55.53
C SER M 629 -12.04 49.09 55.99
N HIS M 630 -12.26 48.16 55.07
CA HIS M 630 -13.14 47.03 55.31
C HIS M 630 -12.47 45.99 56.20
N ILE M 631 -13.24 44.96 56.56
CA ILE M 631 -12.72 43.93 57.44
C ILE M 631 -11.71 43.05 56.71
N THR M 632 -12.14 42.43 55.61
CA THR M 632 -11.28 41.52 54.87
C THR M 632 -10.52 42.20 53.75
N GLY M 633 -10.46 43.53 53.74
CA GLY M 633 -9.66 44.25 52.77
C GLY M 633 -10.24 44.33 51.38
N GLY M 634 -11.48 43.89 51.17
CA GLY M 634 -12.07 43.93 49.85
C GLY M 634 -11.55 42.85 48.93
N ASN M 635 -11.84 41.58 49.23
CA ASN M 635 -11.37 40.47 48.39
C ASN M 635 -12.48 39.56 47.92
N PHE M 636 -13.74 39.99 48.02
CA PHE M 636 -14.84 39.20 47.48
C PHE M 636 -14.85 39.21 45.95
N ALA M 637 -14.22 40.21 45.33
CA ALA M 637 -14.36 40.41 43.90
C ALA M 637 -13.61 39.37 43.10
N GLN M 638 -12.35 39.10 43.47
CA GLN M 638 -11.50 38.22 42.71
C GLN M 638 -11.29 36.86 43.38
N SER M 639 -12.03 36.58 44.44
CA SER M 639 -11.90 35.29 45.12
C SER M 639 -13.19 34.52 45.25
N ALA M 640 -14.35 35.17 45.17
CA ALA M 640 -15.63 34.46 45.21
C ALA M 640 -16.06 33.96 43.84
N ILE M 641 -15.11 33.83 42.91
CA ILE M 641 -15.37 33.26 41.60
C ILE M 641 -14.74 31.89 41.42
N THR M 642 -13.90 31.46 42.36
CA THR M 642 -13.27 30.15 42.33
C THR M 642 -13.58 29.42 43.63
N ILE M 643 -13.69 28.09 43.53
CA ILE M 643 -13.95 27.27 44.71
C ILE M 643 -12.70 27.19 45.60
N ASN M 644 -11.52 27.37 45.02
CA ASN M 644 -10.32 27.57 45.84
C ASN M 644 -10.43 28.85 46.66
N GLY M 645 -11.03 29.89 46.09
CA GLY M 645 -11.15 31.14 46.81
C GLY M 645 -12.17 31.09 47.92
N TRP M 646 -13.21 30.29 47.77
CA TRP M 646 -14.16 30.07 48.85
C TRP M 646 -13.56 29.20 49.95
N LEU M 647 -12.53 28.44 49.63
CA LEU M 647 -11.92 27.56 50.64
C LEU M 647 -10.80 28.28 51.36
N ARG M 648 -10.02 29.05 50.62
CA ARG M 648 -8.84 29.72 51.16
C ARG M 648 -9.23 30.93 52.00
N ASP M 649 -9.96 31.85 51.38
CA ASP M 649 -10.20 33.16 51.97
C ASP M 649 -11.46 33.21 52.82
N PHE M 650 -12.27 32.15 52.83
CA PHE M 650 -13.45 32.15 53.69
C PHE M 650 -13.39 31.06 54.74
N LEU M 651 -13.23 29.80 54.37
CA LEU M 651 -13.28 28.74 55.38
C LEU M 651 -11.96 28.62 56.12
N TRP M 652 -10.84 28.74 55.40
CA TRP M 652 -9.55 28.60 56.05
C TRP M 652 -9.14 29.87 56.78
N ALA M 653 -9.33 31.03 56.17
CA ALA M 653 -8.78 32.26 56.71
C ALA M 653 -9.61 32.80 57.87
N GLN M 654 -10.91 32.57 57.85
CA GLN M 654 -11.76 33.09 58.91
C GLN M 654 -11.90 32.14 60.08
N ALA M 655 -11.36 30.92 59.99
CA ALA M 655 -11.39 30.00 61.10
C ALA M 655 -10.19 30.16 62.01
N SER M 656 -9.35 31.17 61.78
CA SER M 656 -8.20 31.40 62.63
C SER M 656 -8.57 32.03 63.97
N GLN M 657 -9.83 32.43 64.17
CA GLN M 657 -10.28 32.90 65.46
C GLN M 657 -11.05 31.85 66.23
N VAL M 658 -11.54 30.80 65.59
CA VAL M 658 -12.35 29.82 66.29
C VAL M 658 -11.49 28.66 66.82
N ILE M 659 -10.40 28.31 66.16
CA ILE M 659 -9.57 27.22 66.63
C ILE M 659 -8.39 27.69 67.47
N ASN M 660 -8.04 28.98 67.40
CA ASN M 660 -7.03 29.54 68.27
C ASN M 660 -7.62 30.05 69.57
N SER M 661 -8.88 29.76 69.83
CA SER M 661 -9.58 30.27 71.01
C SER M 661 -9.63 29.22 72.12
N TYR M 662 -8.46 28.88 72.64
CA TYR M 662 -8.35 28.16 73.90
C TYR M 662 -7.64 29.03 74.92
N GLY M 663 -8.06 28.90 76.18
CA GLY M 663 -7.52 29.74 77.22
C GLY M 663 -8.09 31.14 77.26
N SER M 664 -9.19 31.38 76.52
CA SER M 664 -9.83 32.68 76.46
C SER M 664 -11.33 32.49 76.57
N ALA M 665 -12.07 33.60 76.50
CA ALA M 665 -13.50 33.59 76.70
C ALA M 665 -14.26 32.95 75.55
N LEU M 666 -13.65 32.80 74.38
CA LEU M 666 -14.26 32.15 73.24
C LEU M 666 -13.97 30.66 73.21
N SER M 667 -13.72 30.05 74.36
CA SER M 667 -13.33 28.65 74.41
C SER M 667 -14.49 27.73 74.08
N ALA M 668 -15.71 28.13 74.42
CA ALA M 668 -16.87 27.28 74.15
C ALA M 668 -17.16 27.20 72.67
N TYR M 669 -16.88 28.27 71.92
CA TYR M 669 -17.04 28.20 70.48
C TYR M 669 -15.95 27.36 69.84
N GLY M 670 -14.79 27.24 70.49
CA GLY M 670 -13.80 26.27 70.06
C GLY M 670 -14.25 24.85 70.32
N LEU M 671 -14.98 24.63 71.40
CA LEU M 671 -15.46 23.28 71.71
C LEU M 671 -16.69 22.92 70.92
N MET M 672 -17.55 23.90 70.63
CA MET M 672 -18.71 23.61 69.80
C MET M 672 -18.36 23.51 68.33
N PHE M 673 -17.22 24.05 67.91
CA PHE M 673 -16.78 23.87 66.54
C PHE M 673 -16.33 22.43 66.29
N LEU M 674 -15.51 21.90 67.21
CA LEU M 674 -15.12 20.51 67.09
C LEU M 674 -16.25 19.57 67.45
N GLY M 675 -17.05 19.90 68.45
CA GLY M 675 -18.13 19.04 68.87
C GLY M 675 -19.24 18.92 67.86
N ALA M 676 -19.39 19.88 66.95
CA ALA M 676 -20.38 19.78 65.90
C ALA M 676 -19.86 19.11 64.65
N HIS M 677 -18.55 19.18 64.40
CA HIS M 677 -17.93 18.29 63.41
C HIS M 677 -18.11 16.83 63.78
N PHE M 678 -18.19 16.52 65.07
CA PHE M 678 -18.40 15.14 65.50
C PHE M 678 -19.82 14.66 65.17
N VAL M 679 -20.83 15.41 65.61
CA VAL M 679 -22.22 14.99 65.49
C VAL M 679 -22.65 14.92 64.03
N TRP M 680 -22.07 15.77 63.19
CA TRP M 680 -22.26 15.67 61.74
C TRP M 680 -21.77 14.34 61.21
N ALA M 681 -20.51 14.01 61.52
CA ALA M 681 -19.90 12.74 61.13
C ALA M 681 -20.58 11.54 61.76
N PHE M 682 -21.18 11.71 62.93
CA PHE M 682 -21.89 10.63 63.59
C PHE M 682 -23.16 10.25 62.85
N SER M 683 -23.79 11.22 62.17
CA SER M 683 -25.04 10.99 61.49
C SER M 683 -24.90 10.08 60.28
N LEU M 684 -23.69 9.94 59.74
CA LEU M 684 -23.49 9.14 58.55
C LEU M 684 -23.62 7.66 58.83
N MET M 685 -23.52 7.24 60.10
CA MET M 685 -23.70 5.85 60.47
C MET M 685 -25.15 5.41 60.26
N PHE M 686 -26.08 6.34 60.39
CA PHE M 686 -27.48 6.06 60.19
C PHE M 686 -27.89 6.20 58.73
N LEU M 687 -27.29 7.14 58.02
CA LEU M 687 -27.66 7.38 56.64
C LEU M 687 -27.12 6.31 55.71
N PHE M 688 -25.86 5.95 55.86
CA PHE M 688 -25.22 5.05 54.90
C PHE M 688 -25.66 3.60 55.13
N SER M 689 -25.64 3.15 56.38
CA SER M 689 -25.96 1.77 56.68
C SER M 689 -27.47 1.55 56.60
N GLY M 690 -27.86 0.29 56.74
CA GLY M 690 -29.25 -0.09 56.67
C GLY M 690 -29.68 -0.74 57.98
N ARG M 691 -30.99 -0.97 58.08
CA ARG M 691 -31.55 -1.53 59.29
C ARG M 691 -31.18 -2.99 59.45
N GLY M 692 -31.18 -3.75 58.36
CA GLY M 692 -31.03 -5.18 58.45
C GLY M 692 -29.65 -5.65 58.86
N TYR M 693 -28.64 -4.78 58.79
CA TYR M 693 -27.37 -5.10 59.41
C TYR M 693 -27.48 -5.07 60.92
N TRP M 694 -28.05 -3.99 61.45
CA TRP M 694 -28.03 -3.75 62.88
C TRP M 694 -28.97 -4.66 63.65
N GLN M 695 -29.99 -5.21 63.00
CA GLN M 695 -30.80 -6.20 63.68
C GLN M 695 -30.05 -7.49 63.87
N GLU M 696 -29.19 -7.84 62.91
CA GLU M 696 -28.38 -9.05 63.01
C GLU M 696 -27.34 -8.93 64.11
N LEU M 697 -26.81 -7.72 64.31
CA LEU M 697 -25.79 -7.50 65.32
C LEU M 697 -26.36 -7.57 66.73
N ILE M 698 -27.59 -7.10 66.91
CA ILE M 698 -28.24 -7.15 68.23
C ILE M 698 -28.52 -8.60 68.61
N GLU M 699 -28.77 -9.47 67.63
CA GLU M 699 -29.01 -10.89 67.91
C GLU M 699 -27.80 -11.58 68.50
N SER M 700 -26.60 -11.05 68.25
CA SER M 700 -25.39 -11.57 68.85
C SER M 700 -25.06 -10.89 70.17
N ILE M 701 -25.84 -9.90 70.58
CA ILE M 701 -25.60 -9.18 71.82
C ILE M 701 -26.71 -9.56 72.79
N VAL M 702 -27.88 -9.88 72.24
CA VAL M 702 -28.95 -10.47 73.04
C VAL M 702 -28.54 -11.86 73.53
N TRP M 703 -27.71 -12.57 72.74
CA TRP M 703 -27.19 -13.88 73.16
C TRP M 703 -26.34 -13.76 74.42
N ALA M 704 -25.37 -12.84 74.41
CA ALA M 704 -24.54 -12.62 75.60
C ALA M 704 -25.34 -12.00 76.73
N HIS M 705 -26.46 -11.35 76.43
CA HIS M 705 -27.42 -10.95 77.45
C HIS M 705 -28.37 -12.07 77.84
N ASN M 706 -28.59 -13.07 76.97
CA ASN M 706 -29.35 -14.25 77.37
C ASN M 706 -28.54 -15.21 78.21
N LYS M 707 -27.22 -15.21 78.03
CA LYS M 707 -26.36 -16.20 78.69
C LYS M 707 -26.27 -15.93 80.18
N LEU M 708 -26.01 -14.68 80.56
CA LEU M 708 -25.85 -14.30 81.96
C LEU M 708 -27.17 -13.95 82.63
N LYS M 709 -28.30 -14.26 81.98
CA LYS M 709 -29.66 -14.04 82.50
C LYS M 709 -29.94 -12.56 82.78
N VAL M 710 -29.56 -11.70 81.84
CA VAL M 710 -29.96 -10.29 81.85
C VAL M 710 -30.82 -10.01 80.63
N ALA M 711 -31.59 -11.01 80.22
CA ALA M 711 -32.45 -10.88 79.05
C ALA M 711 -33.60 -9.91 79.34
N PRO M 712 -33.71 -8.82 78.58
CA PRO M 712 -34.81 -7.88 78.81
C PRO M 712 -36.13 -8.43 78.30
N ALA M 713 -37.20 -8.13 79.03
CA ALA M 713 -38.52 -8.60 78.66
C ALA M 713 -39.04 -7.85 77.44
N ILE M 714 -38.76 -6.55 77.36
CA ILE M 714 -38.99 -5.79 76.15
C ILE M 714 -37.84 -6.03 75.19
N GLN M 715 -38.15 -6.68 74.07
CA GLN M 715 -37.11 -7.15 73.17
C GLN M 715 -36.42 -5.99 72.47
N PRO M 716 -35.11 -6.01 72.34
CA PRO M 716 -34.43 -4.98 71.56
C PRO M 716 -34.65 -5.18 70.08
N ARG M 717 -34.89 -4.08 69.39
CA ARG M 717 -34.98 -4.06 67.94
C ARG M 717 -34.11 -2.92 67.44
N ALA M 718 -33.61 -3.06 66.21
CA ALA M 718 -32.98 -1.92 65.57
C ALA M 718 -34.03 -0.87 65.24
N LEU M 719 -33.55 0.36 65.05
CA LEU M 719 -34.42 1.45 64.62
C LEU M 719 -35.01 1.13 63.26
N SER M 720 -36.26 1.53 63.03
CA SER M 720 -36.93 1.19 61.79
C SER M 720 -36.31 1.93 60.61
N ILE M 721 -36.76 1.58 59.40
CA ILE M 721 -36.13 2.12 58.19
C ILE M 721 -36.37 3.61 58.09
N THR M 722 -37.59 4.05 58.39
CA THR M 722 -37.91 5.46 58.37
C THR M 722 -37.23 6.19 59.52
N GLN M 723 -37.12 5.56 60.68
CA GLN M 723 -36.50 6.24 61.82
C GLN M 723 -35.00 6.35 61.64
N GLY M 724 -34.36 5.34 61.06
CA GLY M 724 -32.94 5.42 60.81
C GLY M 724 -32.55 6.51 59.84
N ARG M 725 -33.46 6.85 58.91
CA ARG M 725 -33.30 8.03 58.08
C ARG M 725 -33.53 9.30 58.88
N ALA M 726 -34.53 9.27 59.78
CA ALA M 726 -34.89 10.47 60.53
C ALA M 726 -33.83 10.83 61.57
N VAL M 727 -33.24 9.81 62.22
CA VAL M 727 -32.14 10.04 63.14
C VAL M 727 -30.92 10.54 62.36
N GLY M 728 -30.73 10.05 61.15
CA GLY M 728 -29.56 10.42 60.38
C GLY M 728 -29.64 11.79 59.75
N VAL M 729 -30.80 12.41 59.73
CA VAL M 729 -30.92 13.75 59.17
C VAL M 729 -31.03 14.75 60.32
N ALA M 730 -31.54 14.31 61.46
CA ALA M 730 -31.59 15.18 62.62
C ALA M 730 -30.21 15.39 63.22
N HIS M 731 -29.41 14.33 63.30
CA HIS M 731 -28.03 14.47 63.72
C HIS M 731 -27.17 15.12 62.63
N TYR M 732 -27.63 15.12 61.39
CA TYR M 732 -26.91 15.76 60.30
C TYR M 732 -27.10 17.27 60.33
N LEU M 733 -28.35 17.69 60.44
CA LEU M 733 -28.67 19.11 60.47
C LEU M 733 -28.22 19.75 61.77
N LEU M 734 -28.17 18.99 62.86
CA LEU M 734 -27.73 19.56 64.11
C LEU M 734 -26.25 19.87 64.08
N GLY M 735 -25.43 18.93 63.62
CA GLY M 735 -24.00 19.15 63.63
C GLY M 735 -23.51 20.03 62.50
N GLY M 736 -24.31 20.22 61.46
CA GLY M 736 -23.87 21.04 60.36
C GLY M 736 -24.15 22.51 60.59
N ILE M 737 -25.27 22.79 61.25
CA ILE M 737 -25.63 24.15 61.60
C ILE M 737 -24.82 24.64 62.79
N ALA M 738 -24.64 23.77 63.80
CA ALA M 738 -23.88 24.15 64.99
C ALA M 738 -22.40 24.35 64.69
N THR M 739 -21.89 23.77 63.61
CA THR M 739 -20.57 24.12 63.13
C THR M 739 -20.53 25.58 62.72
N THR M 740 -21.55 26.01 61.98
CA THR M 740 -21.62 27.37 61.47
C THR M 740 -21.99 28.36 62.57
N TRP M 741 -22.84 27.91 63.51
CA TRP M 741 -23.17 28.71 64.68
C TRP M 741 -21.93 29.08 65.48
N ALA M 742 -21.06 28.10 65.72
CA ALA M 742 -19.82 28.33 66.45
C ALA M 742 -18.73 28.95 65.61
N PHE M 743 -18.88 28.95 64.29
CA PHE M 743 -17.92 29.61 63.41
C PHE M 743 -18.23 31.07 63.18
N PHE M 744 -19.52 31.41 63.05
CA PHE M 744 -19.89 32.80 62.87
C PHE M 744 -19.64 33.60 64.13
N HIS M 745 -19.90 33.02 65.30
CA HIS M 745 -19.75 33.77 66.55
C HIS M 745 -18.30 34.08 66.84
N ALA M 746 -17.45 33.06 66.88
CA ALA M 746 -16.05 33.26 67.26
C ALA M 746 -15.27 34.08 66.24
N HIS M 747 -15.75 34.17 65.01
CA HIS M 747 -15.13 35.07 64.05
C HIS M 747 -15.59 36.50 64.27
N ILE M 748 -16.88 36.71 64.54
CA ILE M 748 -17.43 38.06 64.56
C ILE M 748 -17.48 38.65 65.97
N LEU M 749 -17.31 37.83 67.00
CA LEU M 749 -17.07 38.37 68.34
C LEU M 749 -15.61 38.71 68.57
N SER M 750 -14.77 38.60 67.54
CA SER M 750 -13.37 38.96 67.61
C SER M 750 -12.98 40.12 66.72
N VAL M 751 -13.50 40.17 65.49
CA VAL M 751 -13.19 41.25 64.57
C VAL M 751 -14.19 42.39 64.63
N GLY M 752 -15.34 42.19 65.27
CA GLY M 752 -16.32 43.25 65.41
C GLY M 752 -15.93 44.22 66.51
N ALA N 2 -32.67 -8.95 23.72
CA ALA N 2 -32.48 -10.17 22.95
C ALA N 2 -31.14 -10.18 22.24
N THR N 3 -30.23 -9.33 22.71
CA THR N 3 -28.90 -9.23 22.11
C THR N 3 -28.03 -10.40 22.53
N LYS N 4 -26.84 -10.48 21.93
CA LYS N 4 -25.89 -11.51 22.29
C LYS N 4 -24.81 -11.00 23.22
N PHE N 5 -24.94 -9.78 23.73
CA PHE N 5 -24.06 -9.29 24.79
C PHE N 5 -24.85 -9.21 26.08
N PRO N 6 -24.30 -9.62 27.24
CA PRO N 6 -23.00 -10.26 27.45
C PRO N 6 -23.01 -11.73 27.06
N LYS N 7 -21.88 -12.21 26.55
CA LYS N 7 -21.80 -13.57 26.06
C LYS N 7 -21.92 -14.59 27.18
N PHE N 8 -21.45 -14.24 28.36
CA PHE N 8 -21.36 -15.18 29.47
C PHE N 8 -22.66 -15.37 30.23
N SER N 9 -23.77 -14.77 29.79
CA SER N 9 -25.02 -14.86 30.53
C SER N 9 -26.18 -14.69 29.56
N GLN N 10 -27.09 -15.66 29.55
CA GLN N 10 -28.31 -15.48 28.79
C GLN N 10 -29.38 -14.74 29.58
N ASP N 11 -29.27 -14.72 30.91
CA ASP N 11 -30.24 -14.00 31.72
C ASP N 11 -29.99 -12.50 31.68
N LEU N 12 -28.73 -12.08 31.54
CA LEU N 12 -28.46 -10.66 31.37
C LEU N 12 -28.66 -10.20 29.94
N ALA N 13 -28.37 -11.06 28.95
CA ALA N 13 -28.50 -10.64 27.56
C ALA N 13 -29.95 -10.51 27.11
N GLN N 14 -30.91 -10.98 27.90
CA GLN N 14 -32.32 -10.83 27.62
C GLN N 14 -32.95 -9.75 28.49
N ASP N 15 -32.20 -8.69 28.75
CA ASP N 15 -32.65 -7.58 29.59
C ASP N 15 -32.86 -6.37 28.71
N PRO N 16 -34.08 -5.83 28.61
CA PRO N 16 -34.30 -4.68 27.73
C PRO N 16 -33.79 -3.36 28.26
N THR N 17 -33.38 -3.28 29.51
CA THR N 17 -33.07 -2.02 30.15
C THR N 17 -31.57 -1.76 30.06
N THR N 18 -31.12 -0.71 30.76
CA THR N 18 -29.70 -0.40 30.83
C THR N 18 -29.00 -1.16 31.94
N ARG N 19 -29.73 -1.99 32.70
CA ARG N 19 -29.15 -2.92 33.65
C ARG N 19 -28.27 -3.96 32.95
N ARG N 20 -28.59 -4.27 31.69
CA ARG N 20 -27.77 -5.18 30.87
C ARG N 20 -26.34 -4.67 30.76
N ILE N 21 -26.16 -3.36 30.64
CA ILE N 21 -24.85 -2.80 30.41
C ILE N 21 -24.01 -2.83 31.68
N TRP N 22 -24.61 -2.46 32.81
CA TRP N 22 -23.83 -2.30 34.03
C TRP N 22 -23.46 -3.63 34.66
N TYR N 23 -24.36 -4.61 34.60
CA TYR N 23 -24.06 -5.91 35.19
C TYR N 23 -23.15 -6.75 34.33
N ALA N 24 -22.87 -6.34 33.09
CA ALA N 24 -21.83 -7.03 32.33
C ALA N 24 -20.45 -6.70 32.90
N MET N 25 -20.28 -5.48 33.39
CA MET N 25 -18.97 -5.04 33.87
C MET N 25 -18.60 -5.70 35.19
N ALA N 26 -19.56 -5.82 36.10
CA ALA N 26 -19.29 -6.36 37.42
C ALA N 26 -19.55 -7.86 37.52
N MET N 27 -19.78 -8.52 36.38
CA MET N 27 -19.83 -9.97 36.36
C MET N 27 -18.90 -10.53 35.29
N GLY N 28 -18.07 -9.67 34.69
CA GLY N 28 -17.25 -10.11 33.57
C GLY N 28 -16.08 -10.96 34.01
N ASN N 29 -15.35 -10.51 35.02
CA ASN N 29 -14.21 -11.27 35.50
C ASN N 29 -14.61 -12.32 36.55
N ASP N 30 -15.88 -12.35 36.95
CA ASP N 30 -16.40 -13.39 37.83
C ASP N 30 -16.58 -14.64 36.98
N PHE N 31 -15.53 -15.45 36.91
CA PHE N 31 -15.54 -16.60 36.01
C PHE N 31 -16.45 -17.72 36.50
N GLU N 32 -16.79 -17.71 37.79
CA GLU N 32 -17.51 -18.83 38.37
C GLU N 32 -19.01 -18.77 38.13
N SER N 33 -19.52 -17.61 37.74
CA SER N 33 -20.94 -17.44 37.50
C SER N 33 -21.26 -17.33 36.01
N HIS N 34 -20.31 -17.66 35.15
CA HIS N 34 -20.57 -17.63 33.72
C HIS N 34 -21.42 -18.82 33.30
N ASP N 35 -22.00 -18.71 32.12
CA ASP N 35 -22.92 -19.71 31.62
C ASP N 35 -22.14 -20.93 31.14
N GLY N 36 -22.48 -22.10 31.68
CA GLY N 36 -21.87 -23.34 31.25
C GLY N 36 -20.45 -23.56 31.70
N MET N 37 -19.95 -22.77 32.64
CA MET N 37 -18.59 -22.90 33.12
C MET N 37 -18.48 -24.16 33.96
N THR N 38 -17.65 -25.11 33.52
CA THR N 38 -17.44 -26.35 34.26
C THR N 38 -16.27 -26.14 35.23
N GLU N 39 -15.84 -27.21 35.87
CA GLU N 39 -14.82 -27.07 36.90
C GLU N 39 -13.42 -26.98 36.29
N GLU N 40 -13.09 -27.87 35.36
CA GLU N 40 -11.74 -27.86 34.80
C GLU N 40 -11.57 -26.72 33.81
N ASN N 41 -12.65 -26.25 33.19
CA ASN N 41 -12.57 -25.08 32.33
C ASN N 41 -12.38 -23.81 33.15
N LEU N 42 -12.80 -23.82 34.42
CA LEU N 42 -12.58 -22.69 35.31
C LEU N 42 -11.10 -22.47 35.56
N TYR N 43 -10.40 -23.49 36.06
CA TYR N 43 -8.98 -23.38 36.42
C TYR N 43 -8.10 -23.07 35.22
N GLN N 44 -8.41 -23.64 34.06
CA GLN N 44 -7.63 -23.41 32.86
C GLN N 44 -7.78 -21.99 32.33
N LYS N 45 -8.85 -21.31 32.70
CA LYS N 45 -9.07 -19.94 32.29
C LYS N 45 -8.50 -18.95 33.29
N ILE N 46 -8.51 -19.31 34.58
CA ILE N 46 -7.90 -18.47 35.61
C ILE N 46 -6.38 -18.49 35.48
N PHE N 47 -5.83 -19.65 35.13
CA PHE N 47 -4.38 -19.80 35.03
C PHE N 47 -3.81 -18.97 33.89
N ALA N 48 -4.51 -18.92 32.76
CA ALA N 48 -4.06 -18.10 31.65
C ALA N 48 -4.36 -16.63 31.85
N THR N 49 -5.41 -16.31 32.61
CA THR N 49 -5.67 -14.94 33.02
C THR N 49 -4.58 -14.43 33.93
N HIS N 50 -4.05 -15.30 34.79
CA HIS N 50 -2.96 -14.93 35.68
C HIS N 50 -1.67 -14.64 34.94
N PHE N 51 -1.52 -15.10 33.69
CA PHE N 51 -0.46 -14.61 32.83
C PHE N 51 -0.76 -13.22 32.28
N GLY N 52 -2.02 -12.84 32.22
CA GLY N 52 -2.40 -11.52 31.75
C GLY N 52 -2.12 -10.46 32.78
N HIS N 53 -2.47 -10.70 34.05
CA HIS N 53 -2.16 -9.72 35.08
C HIS N 53 -0.68 -9.67 35.37
N LEU N 54 0.03 -10.78 35.13
CA LEU N 54 1.46 -10.80 35.40
C LEU N 54 2.20 -9.97 34.38
N ALA N 55 1.72 -9.95 33.14
CA ALA N 55 2.39 -9.21 32.08
C ALA N 55 1.99 -7.74 32.06
N ILE N 56 0.91 -7.36 32.74
CA ILE N 56 0.65 -5.94 32.98
C ILE N 56 1.71 -5.36 33.92
N ILE N 57 2.13 -6.15 34.90
CA ILE N 57 3.09 -5.69 35.91
C ILE N 57 4.44 -5.41 35.29
N PHE N 58 4.89 -6.26 34.35
CA PHE N 58 6.18 -5.99 33.72
C PHE N 58 6.09 -4.89 32.69
N LEU N 59 4.95 -4.75 32.02
CA LEU N 59 4.76 -3.59 31.14
C LEU N 59 4.62 -2.31 31.94
N TRP N 60 4.06 -2.39 33.15
CA TRP N 60 4.03 -1.22 34.03
C TRP N 60 5.42 -0.84 34.49
N ALA N 61 6.21 -1.82 34.93
CA ALA N 61 7.53 -1.52 35.47
C ALA N 61 8.52 -1.11 34.39
N SER N 62 8.21 -1.42 33.13
CA SER N 62 9.09 -0.98 32.05
C SER N 62 8.86 0.48 31.71
N SER N 63 7.64 0.98 31.89
CA SER N 63 7.40 2.40 31.67
C SER N 63 8.00 3.25 32.78
N LEU N 64 8.23 2.67 33.95
CA LEU N 64 8.98 3.40 34.97
C LEU N 64 10.43 3.57 34.55
N LEU N 65 10.99 2.58 33.87
CA LEU N 65 12.36 2.65 33.41
C LEU N 65 12.49 3.55 32.20
N PHE N 66 11.55 3.47 31.27
CA PHE N 66 11.69 4.19 30.01
C PHE N 66 11.40 5.67 30.17
N HIS N 67 10.38 6.02 30.95
CA HIS N 67 10.06 7.43 31.14
C HIS N 67 11.08 8.15 32.02
N VAL N 68 11.89 7.42 32.78
CA VAL N 68 12.99 8.02 33.53
C VAL N 68 14.25 8.15 32.68
N ALA N 69 14.52 7.14 31.85
CA ALA N 69 15.70 7.17 31.00
C ALA N 69 15.58 8.21 29.91
N TRP N 70 14.36 8.50 29.45
CA TRP N 70 14.15 9.40 28.33
C TRP N 70 13.71 10.79 28.74
N GLN N 71 13.05 10.94 29.88
CA GLN N 71 12.53 12.23 30.30
C GLN N 71 13.00 12.68 31.67
N GLY N 72 13.66 11.82 32.45
CA GLY N 72 14.11 12.18 33.77
C GLY N 72 15.57 12.57 33.80
N ASN N 73 16.04 12.89 35.00
CA ASN N 73 17.40 13.40 35.18
C ASN N 73 18.22 12.48 36.05
N PHE N 74 18.21 11.17 35.75
CA PHE N 74 18.87 10.19 36.60
C PHE N 74 20.37 10.41 36.65
N GLU N 75 21.01 10.66 35.50
CA GLU N 75 22.45 10.88 35.49
C GLU N 75 22.84 12.19 36.15
N GLN N 76 21.93 13.15 36.20
CA GLN N 76 22.17 14.39 36.95
C GLN N 76 21.85 14.22 38.42
N TRP N 77 21.10 13.18 38.77
CA TRP N 77 20.77 12.88 40.16
C TRP N 77 21.87 12.10 40.86
N ILE N 78 22.75 11.42 40.09
CA ILE N 78 23.86 10.68 40.67
C ILE N 78 24.83 11.62 41.35
N LYS N 79 25.02 12.82 40.79
CA LYS N 79 26.07 13.72 41.26
C LYS N 79 25.76 14.27 42.64
N ASP N 80 24.49 14.47 42.96
CA ASP N 80 24.12 14.99 44.26
C ASP N 80 22.69 14.60 44.61
N PRO N 81 22.49 13.41 45.19
CA PRO N 81 21.12 12.95 45.46
C PRO N 81 20.41 13.67 46.58
N LEU N 82 21.12 14.49 47.36
CA LEU N 82 20.52 15.13 48.51
C LEU N 82 19.84 16.45 48.20
N HIS N 83 20.15 17.06 47.06
CA HIS N 83 19.52 18.31 46.66
C HIS N 83 18.90 18.28 45.29
N VAL N 84 19.39 17.45 44.37
CA VAL N 84 18.78 17.34 43.05
C VAL N 84 17.45 16.61 43.18
N ARG N 85 16.41 17.21 42.64
CA ARG N 85 15.04 16.79 42.87
C ARG N 85 14.59 15.94 41.68
N PRO N 86 14.19 14.68 41.90
CA PRO N 86 14.01 13.74 40.78
C PRO N 86 12.86 14.12 39.86
N ILE N 87 12.79 13.43 38.72
CA ILE N 87 11.79 13.71 37.69
C ILE N 87 11.12 12.41 37.26
N ALA N 88 9.79 12.39 37.32
CA ALA N 88 9.06 11.18 36.92
C ALA N 88 8.87 11.12 35.41
N HIS N 89 8.11 12.06 34.86
CA HIS N 89 7.88 12.14 33.42
C HIS N 89 7.69 13.60 33.06
N ALA N 90 7.33 13.84 31.81
CA ALA N 90 7.15 15.20 31.34
C ALA N 90 5.71 15.46 30.99
N ILE N 91 5.32 16.72 31.06
CA ILE N 91 3.95 17.14 30.77
C ILE N 91 3.89 17.63 29.33
N TRP N 92 2.97 17.08 28.55
CA TRP N 92 2.52 17.70 27.31
C TRP N 92 1.05 17.97 27.53
N ASP N 93 0.72 19.14 28.02
CA ASP N 93 -0.68 19.52 28.22
C ASP N 93 -0.94 20.73 27.33
N PRO N 94 -1.83 20.63 26.34
CA PRO N 94 -2.12 21.80 25.50
C PRO N 94 -2.86 22.88 26.22
N HIS N 95 -3.59 22.53 27.28
CA HIS N 95 -4.43 23.48 27.97
C HIS N 95 -3.66 24.38 28.93
N PHE N 96 -2.34 24.21 29.05
CA PHE N 96 -1.54 25.07 29.93
C PHE N 96 -1.45 26.49 29.40
N GLY N 97 -1.43 27.44 30.33
CA GLY N 97 -1.03 28.79 30.03
C GLY N 97 0.45 28.95 30.28
N LYS N 98 0.99 30.03 29.77
CA LYS N 98 2.41 30.34 29.86
C LYS N 98 2.95 30.52 31.28
N PRO N 99 2.19 31.05 32.27
CA PRO N 99 2.70 30.95 33.65
C PRO N 99 2.60 29.56 34.25
N ALA N 100 1.92 28.60 33.61
CA ALA N 100 1.91 27.24 34.09
C ALA N 100 2.85 26.33 33.34
N ILE N 101 3.60 26.85 32.38
CA ILE N 101 4.75 26.13 31.86
C ILE N 101 6.02 26.56 32.59
N GLU N 102 6.06 27.82 33.01
CA GLU N 102 7.19 28.35 33.75
C GLU N 102 7.21 27.81 35.18
N ALA N 103 6.05 27.45 35.72
CA ALA N 103 5.99 26.96 37.09
C ALA N 103 6.39 25.49 37.19
N PHE N 104 6.19 24.72 36.13
CA PHE N 104 6.52 23.30 36.11
C PHE N 104 7.80 23.00 35.37
N THR N 105 8.41 23.99 34.74
CA THR N 105 9.78 23.84 34.27
C THR N 105 10.68 23.89 35.49
N GLN N 106 11.05 22.72 36.00
CA GLN N 106 11.72 22.64 37.27
C GLN N 106 12.74 21.51 37.22
N ALA N 107 13.53 21.42 38.29
CA ALA N 107 14.56 20.39 38.51
C ALA N 107 15.61 20.37 37.40
N GLY N 108 15.84 21.52 36.76
CA GLY N 108 16.80 21.60 35.68
C GLY N 108 16.39 20.84 34.43
N ALA N 109 15.27 21.23 33.83
CA ALA N 109 14.75 20.56 32.66
C ALA N 109 14.34 21.57 31.61
N ASN N 110 14.15 21.09 30.38
CA ASN N 110 13.75 21.95 29.28
C ASN N 110 12.27 22.25 29.27
N GLY N 111 11.43 21.27 29.61
CA GLY N 111 10.01 21.45 29.58
C GLY N 111 9.38 21.18 30.92
N PRO N 112 8.05 21.17 30.97
CA PRO N 112 7.35 20.85 32.22
C PRO N 112 7.56 19.39 32.59
N VAL N 113 8.02 19.16 33.83
CA VAL N 113 8.31 17.82 34.32
C VAL N 113 7.60 17.60 35.65
N ASN N 114 7.30 16.35 35.95
CA ASN N 114 6.70 15.97 37.22
C ASN N 114 7.75 15.39 38.15
N ILE N 115 7.87 16.01 39.33
CA ILE N 115 8.82 15.57 40.34
C ILE N 115 8.41 14.21 40.87
N ALA N 116 9.27 13.21 40.72
CA ALA N 116 8.95 11.85 41.16
C ALA N 116 8.97 11.75 42.67
N TYR N 117 7.84 11.34 43.25
CA TYR N 117 7.76 11.12 44.70
C TYR N 117 7.55 9.65 45.02
N SER N 118 8.01 8.74 44.18
CA SER N 118 7.86 7.32 44.44
C SER N 118 9.18 6.65 44.77
N GLY N 119 10.28 7.40 44.75
CA GLY N 119 11.53 6.92 45.28
C GLY N 119 12.23 5.87 44.44
N VAL N 120 11.86 5.73 43.17
CA VAL N 120 12.52 4.72 42.33
C VAL N 120 13.90 5.16 41.87
N TYR N 121 14.32 6.40 42.10
CA TYR N 121 15.71 6.68 41.81
C TYR N 121 16.61 6.14 42.91
N HIS N 122 16.09 6.06 44.14
CA HIS N 122 16.89 5.59 45.25
C HIS N 122 17.05 4.08 45.20
N TRP N 123 16.07 3.37 44.66
CA TRP N 123 16.17 1.93 44.57
C TRP N 123 17.05 1.50 43.41
N TRP N 124 17.03 2.24 42.31
CA TRP N 124 17.87 1.88 41.17
C TRP N 124 19.33 2.28 41.39
N TYR N 125 19.56 3.36 42.12
CA TYR N 125 20.93 3.77 42.43
C TYR N 125 21.57 2.83 43.44
N THR N 126 20.75 2.22 44.30
CA THR N 126 21.29 1.30 45.30
C THR N 126 21.74 0.01 44.66
N ILE N 127 20.99 -0.48 43.67
CA ILE N 127 21.24 -1.82 43.13
C ILE N 127 22.18 -1.76 41.94
N GLY N 128 22.86 -0.65 41.74
CA GLY N 128 24.01 -0.59 40.87
C GLY N 128 23.86 0.24 39.62
N MET N 129 22.65 0.67 39.27
CA MET N 129 22.43 1.32 37.98
C MET N 129 22.92 2.76 38.05
N ARG N 130 23.68 3.19 37.06
CA ARG N 130 24.37 4.47 37.14
C ARG N 130 24.10 5.42 35.99
N THR N 131 23.88 4.93 34.78
CA THR N 131 23.64 5.80 33.64
C THR N 131 22.28 5.54 33.03
N ASN N 132 21.89 6.41 32.10
CA ASN N 132 20.59 6.29 31.44
C ASN N 132 20.51 5.14 30.45
N THR N 133 21.62 4.48 30.15
CA THR N 133 21.57 3.38 29.20
C THR N 133 21.18 2.07 29.88
N GLU N 134 21.60 1.87 31.14
CA GLU N 134 21.15 0.70 31.88
C GLU N 134 19.66 0.75 32.15
N LEU N 135 19.11 1.95 32.36
CA LEU N 135 17.68 2.08 32.54
C LEU N 135 16.92 1.72 31.27
N TYR N 136 17.45 2.15 30.13
CA TYR N 136 16.84 1.80 28.85
C TYR N 136 16.99 0.33 28.53
N THR N 137 18.15 -0.25 28.86
CA THR N 137 18.38 -1.67 28.59
C THR N 137 17.45 -2.54 29.44
N GLY N 138 17.29 -2.20 30.71
CA GLY N 138 16.33 -2.90 31.54
C GLY N 138 14.89 -2.65 31.15
N SER N 139 14.62 -1.53 30.48
CA SER N 139 13.27 -1.28 29.98
C SER N 139 12.93 -2.21 28.83
N VAL N 140 13.83 -2.30 27.84
CA VAL N 140 13.61 -3.12 26.65
C VAL N 140 13.59 -4.60 27.00
N PHE N 141 14.35 -5.00 28.03
CA PHE N 141 14.31 -6.38 28.50
C PHE N 141 12.94 -6.74 29.06
N LEU N 142 12.29 -5.79 29.74
CA LEU N 142 10.97 -6.07 30.30
C LEU N 142 9.87 -6.03 29.25
N LEU N 143 10.12 -5.42 28.08
CA LEU N 143 9.19 -5.57 26.97
C LEU N 143 9.18 -7.02 26.48
N LEU N 144 10.37 -7.62 26.35
CA LEU N 144 10.47 -9.00 25.91
C LEU N 144 10.05 -9.96 27.01
N PHE N 145 10.29 -9.60 28.27
CA PHE N 145 9.96 -10.50 29.36
C PHE N 145 8.48 -10.46 29.68
N ALA N 146 7.79 -9.38 29.32
CA ALA N 146 6.33 -9.37 29.45
C ALA N 146 5.66 -10.04 28.28
N SER N 147 6.29 -10.02 27.10
CA SER N 147 5.74 -10.74 25.96
C SER N 147 5.99 -12.24 26.08
N LEU N 148 6.98 -12.63 26.89
CA LEU N 148 7.18 -14.04 27.16
C LEU N 148 6.08 -14.62 28.03
N PHE N 149 5.38 -13.79 28.80
CA PHE N 149 4.21 -14.27 29.55
C PHE N 149 2.92 -14.12 28.77
N LEU N 150 2.82 -13.13 27.89
CA LEU N 150 1.65 -13.02 27.03
C LEU N 150 1.57 -14.16 26.03
N PHE N 151 2.71 -14.66 25.60
CA PHE N 151 2.71 -15.86 24.75
C PHE N 151 2.44 -17.12 25.57
N ALA N 152 2.88 -17.13 26.84
CA ALA N 152 2.70 -18.31 27.67
C ALA N 152 1.24 -18.53 28.03
N GLY N 153 0.49 -17.45 28.22
CA GLY N 153 -0.92 -17.58 28.51
C GLY N 153 -1.72 -18.01 27.29
N TRP N 154 -1.27 -17.62 26.10
CA TRP N 154 -1.90 -18.10 24.89
C TRP N 154 -1.56 -19.56 24.64
N LEU N 155 -0.33 -19.97 24.97
CA LEU N 155 0.10 -21.33 24.71
C LEU N 155 -0.62 -22.32 25.59
N HIS N 156 -0.86 -21.95 26.85
CA HIS N 156 -1.53 -22.85 27.78
C HIS N 156 -3.04 -22.74 27.73
N LEU N 157 -3.59 -22.31 26.61
CA LEU N 157 -5.01 -22.46 26.28
C LEU N 157 -5.25 -23.31 25.06
N GLN N 158 -4.20 -23.86 24.46
CA GLN N 158 -4.36 -24.68 23.27
C GLN N 158 -4.52 -26.15 23.68
N PRO N 159 -5.28 -26.95 22.93
CA PRO N 159 -5.93 -28.16 23.52
C PRO N 159 -4.99 -29.23 24.05
N LYS N 160 -3.84 -29.49 23.44
CA LYS N 160 -2.97 -30.48 24.05
C LYS N 160 -1.92 -29.83 24.94
N PHE N 161 -1.84 -28.50 24.92
CA PHE N 161 -1.02 -27.75 25.86
C PHE N 161 -1.82 -27.22 27.03
N ARG N 162 -3.06 -27.57 27.11
CA ARG N 162 -3.96 -27.08 28.14
C ARG N 162 -3.94 -28.06 29.33
N PRO N 163 -3.59 -27.60 30.52
CA PRO N 163 -3.37 -28.54 31.63
C PRO N 163 -4.66 -29.14 32.16
N SER N 164 -4.53 -30.36 32.68
CA SER N 164 -5.67 -31.12 33.18
C SER N 164 -6.08 -30.61 34.55
N LEU N 165 -7.16 -31.18 35.09
CA LEU N 165 -7.68 -30.72 36.37
C LEU N 165 -6.78 -31.16 37.53
N ALA N 166 -6.25 -32.38 37.47
CA ALA N 166 -5.40 -32.90 38.52
C ALA N 166 -4.06 -32.18 38.64
N TRP N 167 -3.65 -31.46 37.59
CA TRP N 167 -2.44 -30.66 37.68
C TRP N 167 -2.64 -29.47 38.60
N PHE N 168 -3.85 -28.93 38.65
CA PHE N 168 -4.09 -27.76 39.48
C PHE N 168 -4.23 -28.13 40.95
N LYS N 169 -4.89 -29.24 41.24
CA LYS N 169 -5.12 -29.67 42.61
C LYS N 169 -3.99 -30.51 43.17
N SER N 170 -2.79 -30.42 42.58
CA SER N 170 -1.60 -31.06 43.13
C SER N 170 -0.91 -30.01 44.01
N ALA N 171 -1.34 -29.94 45.26
CA ALA N 171 -0.91 -28.84 46.11
C ALA N 171 0.43 -29.08 46.77
N GLU N 172 0.84 -30.33 46.98
CA GLU N 172 2.13 -30.59 47.58
C GLU N 172 3.28 -30.31 46.62
N SER N 173 3.01 -30.31 45.32
CA SER N 173 4.06 -30.03 44.36
C SER N 173 4.24 -28.55 44.07
N ARG N 174 3.21 -27.73 44.26
CA ARG N 174 3.42 -26.29 44.23
C ARG N 174 4.27 -25.81 45.38
N LEU N 175 3.99 -26.31 46.59
CA LEU N 175 4.72 -25.88 47.77
C LEU N 175 6.19 -26.28 47.71
N ASN N 176 6.51 -27.39 47.07
CA ASN N 176 7.94 -27.69 46.93
C ASN N 176 8.59 -26.81 45.87
N HIS N 177 7.92 -26.57 44.75
CA HIS N 177 8.56 -25.77 43.71
C HIS N 177 8.53 -24.28 44.00
N HIS N 178 7.44 -23.77 44.59
CA HIS N 178 7.39 -22.32 44.80
C HIS N 178 8.26 -21.89 45.98
N LEU N 179 8.32 -22.69 47.05
CA LEU N 179 9.19 -22.33 48.18
C LEU N 179 10.67 -22.44 47.83
N ALA N 180 11.06 -23.53 47.17
CA ALA N 180 12.46 -23.71 46.82
C ALA N 180 12.85 -22.85 45.64
N GLY N 181 12.00 -22.75 44.64
CA GLY N 181 12.36 -22.06 43.42
C GLY N 181 11.93 -20.61 43.34
N LEU N 182 10.65 -20.33 43.58
CA LEU N 182 10.17 -18.96 43.43
C LEU N 182 10.65 -18.09 44.58
N PHE N 183 10.68 -18.63 45.79
CA PHE N 183 11.17 -17.91 46.96
C PHE N 183 12.66 -18.08 47.16
N GLY N 184 13.15 -19.32 47.13
CA GLY N 184 14.51 -19.61 47.49
C GLY N 184 15.57 -19.32 46.45
N VAL N 185 15.35 -19.73 45.20
CA VAL N 185 16.33 -19.47 44.16
C VAL N 185 16.36 -17.97 43.82
N SER N 186 15.20 -17.31 43.87
CA SER N 186 15.16 -15.88 43.56
C SER N 186 15.81 -15.06 44.67
N SER N 187 15.73 -15.52 45.92
CA SER N 187 16.50 -14.87 46.96
C SER N 187 17.97 -15.19 46.82
N LEU N 188 18.29 -16.37 46.30
CA LEU N 188 19.68 -16.72 46.02
C LEU N 188 20.22 -15.93 44.85
N ALA N 189 19.37 -15.72 43.82
CA ALA N 189 19.81 -14.99 42.65
C ALA N 189 20.03 -13.53 42.96
N TRP N 190 19.18 -12.94 43.81
CA TRP N 190 19.37 -11.55 44.17
C TRP N 190 20.61 -11.36 45.04
N ALA N 191 20.92 -12.34 45.89
CA ALA N 191 22.20 -12.31 46.60
C ALA N 191 23.37 -12.43 45.64
N GLY N 192 23.19 -13.13 44.52
CA GLY N 192 24.20 -13.14 43.49
C GLY N 192 24.28 -11.81 42.75
N HIS N 193 23.17 -11.08 42.68
CA HIS N 193 23.20 -9.80 42.02
C HIS N 193 23.87 -8.74 42.89
N LEU N 194 23.69 -8.81 44.19
CA LEU N 194 24.29 -7.83 45.08
C LEU N 194 25.81 -8.02 45.13
N ILE N 195 26.26 -9.26 45.24
CA ILE N 195 27.67 -9.55 45.48
C ILE N 195 28.48 -9.34 44.22
N HIS N 196 27.97 -9.79 43.08
CA HIS N 196 28.70 -9.62 41.84
C HIS N 196 28.64 -8.18 41.33
N VAL N 197 27.48 -7.52 41.47
CA VAL N 197 27.24 -6.24 40.79
C VAL N 197 27.08 -5.09 41.77
N ALA N 198 26.07 -5.14 42.64
CA ALA N 198 25.62 -3.96 43.36
C ALA N 198 26.61 -3.50 44.41
N ILE N 199 27.24 -4.43 45.12
CA ILE N 199 28.26 -4.09 46.11
C ILE N 199 29.55 -3.61 45.42
N PRO N 200 30.03 -4.17 44.31
CA PRO N 200 31.13 -3.49 43.60
C PRO N 200 30.76 -2.17 42.97
N GLU N 201 29.52 -1.99 42.49
CA GLU N 201 29.07 -0.67 42.05
C GLU N 201 28.99 0.31 43.20
N SER N 202 28.81 -0.18 44.43
CA SER N 202 28.84 0.66 45.62
C SER N 202 30.23 1.14 45.98
N ARG N 203 31.28 0.64 45.33
CA ARG N 203 32.64 1.02 45.68
C ARG N 203 33.36 1.72 44.54
N GLY N 204 32.64 2.32 43.60
CA GLY N 204 33.27 3.02 42.50
C GLY N 204 33.87 2.12 41.44
N GLN N 205 33.50 0.85 41.43
CA GLN N 205 34.09 -0.16 40.57
C GLN N 205 33.00 -0.70 39.64
N HIS N 206 33.08 -0.33 38.36
CA HIS N 206 32.03 -0.70 37.42
C HIS N 206 32.10 -2.19 37.09
N VAL N 207 30.99 -2.89 37.32
CA VAL N 207 30.82 -4.28 36.90
C VAL N 207 29.54 -4.35 36.09
N GLY N 208 29.67 -4.58 34.78
CA GLY N 208 28.52 -4.67 33.91
C GLY N 208 28.38 -6.04 33.31
N TRP N 209 27.59 -6.17 32.23
CA TRP N 209 27.47 -7.45 31.56
C TRP N 209 28.74 -7.84 30.82
N ASP N 210 29.56 -6.87 30.42
CA ASP N 210 30.76 -7.19 29.66
C ASP N 210 31.84 -7.82 30.54
N ASN N 211 32.06 -7.29 31.74
CA ASN N 211 33.20 -7.72 32.54
C ASN N 211 32.82 -8.36 33.86
N PHE N 212 31.69 -9.05 33.93
CA PHE N 212 31.39 -9.73 35.19
C PHE N 212 31.91 -11.16 35.18
N LEU N 213 32.13 -11.72 33.99
CA LEU N 213 32.76 -13.05 33.90
C LEU N 213 34.26 -12.97 34.12
N SER N 214 34.86 -11.81 33.86
CA SER N 214 36.29 -11.67 34.08
C SER N 214 36.61 -11.29 35.52
N THR N 215 35.89 -10.31 36.06
CA THR N 215 36.16 -9.83 37.41
C THR N 215 35.47 -10.71 38.44
N ALA N 216 36.13 -10.86 39.59
CA ALA N 216 35.61 -11.59 40.72
C ALA N 216 35.16 -10.62 41.80
N PRO N 217 34.10 -10.96 42.57
CA PRO N 217 33.65 -10.06 43.62
C PRO N 217 34.60 -9.97 44.79
N HIS N 218 35.49 -10.95 44.95
CA HIS N 218 36.38 -11.06 46.07
C HIS N 218 37.75 -11.46 45.53
N PRO N 219 38.84 -10.85 45.99
CA PRO N 219 40.17 -11.30 45.57
C PRO N 219 40.53 -12.69 46.05
N ALA N 220 39.87 -13.20 47.09
CA ALA N 220 39.99 -14.61 47.41
C ALA N 220 39.38 -15.47 46.32
N GLY N 221 38.14 -15.18 45.95
CA GLY N 221 37.56 -15.73 44.74
C GLY N 221 37.17 -17.20 44.80
N LEU N 222 36.19 -17.53 45.64
CA LEU N 222 35.42 -18.79 45.68
C LEU N 222 36.26 -19.97 46.17
N GLN N 223 37.57 -19.81 46.38
CA GLN N 223 38.35 -20.80 47.10
C GLN N 223 37.97 -20.92 48.59
N PRO N 224 37.72 -19.84 49.35
CA PRO N 224 37.25 -20.05 50.73
C PRO N 224 35.83 -20.56 50.85
N PHE N 225 35.07 -20.68 49.76
CA PHE N 225 33.72 -21.21 49.85
C PHE N 225 33.74 -22.71 50.05
N PHE N 226 34.41 -23.43 49.15
CA PHE N 226 34.36 -24.89 49.18
C PHE N 226 35.26 -25.49 50.25
N THR N 227 36.26 -24.76 50.72
CA THR N 227 37.12 -25.30 51.75
C THR N 227 36.57 -25.09 53.16
N GLY N 228 35.50 -24.31 53.30
CA GLY N 228 34.92 -24.08 54.60
C GLY N 228 35.50 -22.90 55.37
N ASN N 229 36.43 -22.16 54.78
CA ASN N 229 36.99 -20.98 55.42
C ASN N 229 36.14 -19.75 55.10
N TRP N 230 34.87 -19.82 55.51
CA TRP N 230 33.91 -18.80 55.14
C TRP N 230 34.14 -17.46 55.83
N GLY N 231 35.00 -17.41 56.85
CA GLY N 231 35.32 -16.14 57.50
C GLY N 231 36.15 -15.20 56.67
N VAL N 232 36.70 -15.66 55.55
CA VAL N 232 37.43 -14.79 54.63
C VAL N 232 36.46 -13.83 53.95
N TYR N 233 35.22 -14.25 53.76
CA TYR N 233 34.21 -13.41 53.14
C TYR N 233 33.79 -12.25 54.03
N ALA N 234 34.05 -12.34 55.33
CA ALA N 234 33.74 -11.28 56.29
C ALA N 234 35.02 -10.61 56.80
N GLN N 235 35.98 -10.36 55.91
CA GLN N 235 37.15 -9.55 56.23
C GLN N 235 36.79 -8.07 56.20
N ASN N 236 37.80 -7.19 56.06
CA ASN N 236 37.73 -5.75 56.18
C ASN N 236 36.55 -5.11 55.44
N PRO N 237 35.57 -4.62 56.17
CA PRO N 237 34.33 -4.16 55.54
C PRO N 237 34.51 -2.74 55.02
N ASP N 238 33.42 -2.19 54.50
CA ASP N 238 33.39 -0.78 54.19
C ASP N 238 33.40 -0.01 55.50
N THR N 239 34.36 0.91 55.65
CA THR N 239 34.58 1.55 56.93
C THR N 239 33.52 2.61 57.19
N ALA N 240 33.68 3.32 58.32
CA ALA N 240 32.77 4.39 58.68
C ALA N 240 33.03 5.68 57.93
N GLY N 241 34.03 5.71 57.06
CA GLY N 241 34.25 6.86 56.20
C GLY N 241 34.02 6.53 54.75
N HIS N 242 33.26 5.46 54.50
CA HIS N 242 32.95 5.05 53.13
C HIS N 242 32.02 6.06 52.49
N ILE N 243 32.53 6.84 51.55
CA ILE N 243 31.67 7.65 50.71
C ILE N 243 31.12 6.77 49.60
N PHE N 244 29.79 6.76 49.48
CA PHE N 244 29.07 5.76 48.68
C PHE N 244 29.38 5.94 47.20
N SER N 245 29.48 4.81 46.50
CA SER N 245 29.83 4.69 45.08
C SER N 245 31.19 5.29 44.76
N THR N 246 32.09 5.39 45.73
CA THR N 246 33.47 5.79 45.52
C THR N 246 34.38 4.78 46.18
N SER N 247 35.67 4.93 45.95
CA SER N 247 36.66 4.02 46.49
C SER N 247 37.21 4.46 47.85
N GLN N 248 36.74 5.57 48.39
CA GLN N 248 37.21 6.04 49.69
C GLN N 248 36.60 5.20 50.80
N GLY N 249 37.46 4.64 51.65
CA GLY N 249 36.99 3.82 52.74
C GLY N 249 36.32 2.54 52.32
N ALA N 250 36.70 1.99 51.18
CA ALA N 250 36.06 0.80 50.66
C ALA N 250 36.57 -0.44 51.40
N GLY N 251 36.00 -1.59 51.05
CA GLY N 251 36.40 -2.85 51.64
C GLY N 251 36.44 -3.94 50.60
N THR N 252 36.82 -5.12 51.05
CA THR N 252 36.85 -6.30 50.20
C THR N 252 35.80 -7.33 50.58
N ALA N 253 35.11 -7.15 51.70
CA ALA N 253 34.15 -8.13 52.19
C ALA N 253 32.89 -8.12 51.35
N ILE N 254 32.31 -9.30 51.17
CA ILE N 254 31.08 -9.44 50.41
C ILE N 254 29.91 -9.93 51.26
N LEU N 255 30.17 -10.59 52.38
CA LEU N 255 29.12 -11.08 53.28
C LEU N 255 29.51 -10.62 54.67
N THR N 256 28.89 -9.57 55.17
CA THR N 256 29.28 -9.06 56.48
C THR N 256 28.02 -8.90 57.32
N PHE N 257 28.21 -8.69 58.61
CA PHE N 257 27.13 -8.76 59.57
C PHE N 257 27.27 -7.68 60.63
N LEU N 258 27.49 -6.44 60.18
CA LEU N 258 27.64 -5.33 61.11
C LEU N 258 26.34 -5.04 61.84
N GLY N 259 25.25 -4.91 61.11
CA GLY N 259 23.99 -4.48 61.70
C GLY N 259 23.95 -2.98 61.89
N GLY N 260 22.78 -2.38 61.73
CA GLY N 260 22.71 -0.93 61.85
C GLY N 260 22.78 -0.27 60.49
N PHE N 261 23.26 0.96 60.42
CA PHE N 261 23.18 1.73 59.19
C PHE N 261 24.54 2.18 58.70
N HIS N 262 24.60 2.36 57.38
CA HIS N 262 25.73 3.03 56.75
C HIS N 262 25.82 4.46 57.28
N PRO N 263 27.02 4.98 57.53
CA PRO N 263 27.11 6.27 58.22
C PRO N 263 26.79 7.46 57.33
N GLN N 264 26.85 7.33 56.01
CA GLN N 264 26.52 8.45 55.15
C GLN N 264 25.10 8.35 54.59
N THR N 265 24.79 7.24 53.92
CA THR N 265 23.48 7.10 53.28
C THR N 265 22.37 6.87 54.28
N GLU N 266 22.71 6.47 55.51
CA GLU N 266 21.76 6.12 56.57
C GLU N 266 20.80 5.03 56.12
N SER N 267 21.30 4.10 55.32
CA SER N 267 20.59 2.91 54.90
C SER N 267 21.32 1.69 55.43
N LEU N 268 20.72 0.53 55.22
CA LEU N 268 21.36 -0.71 55.62
C LEU N 268 22.57 -0.97 54.73
N TRP N 269 23.55 -1.66 55.29
CA TRP N 269 24.75 -2.02 54.54
C TRP N 269 24.39 -3.02 53.45
N LEU N 270 24.99 -2.85 52.27
CA LEU N 270 24.74 -3.79 51.19
C LEU N 270 25.38 -5.15 51.45
N THR N 271 26.41 -5.19 52.29
CA THR N 271 26.97 -6.48 52.68
C THR N 271 26.08 -7.19 53.68
N ASP N 272 25.27 -6.44 54.44
CA ASP N 272 24.31 -7.08 55.33
C ASP N 272 23.17 -7.69 54.55
N MET N 273 22.73 -7.01 53.49
CA MET N 273 21.64 -7.53 52.67
C MET N 273 22.09 -8.73 51.87
N ALA N 274 23.38 -8.83 51.56
CA ALA N 274 23.89 -9.94 50.79
C ALA N 274 23.92 -11.23 51.60
N HIS N 275 24.35 -11.15 52.87
CA HIS N 275 24.27 -12.32 53.74
C HIS N 275 22.83 -12.59 54.17
N HIS N 276 21.95 -11.59 54.05
CA HIS N 276 20.54 -11.82 54.39
C HIS N 276 19.87 -12.70 53.36
N HIS N 277 19.81 -12.23 52.11
CA HIS N 277 19.11 -12.97 51.06
C HIS N 277 19.82 -14.27 50.69
N LEU N 278 21.09 -14.42 51.07
CA LEU N 278 21.73 -15.72 50.99
C LEU N 278 21.24 -16.66 52.07
N ALA N 279 21.08 -16.15 53.30
CA ALA N 279 20.59 -16.99 54.39
C ALA N 279 19.11 -17.30 54.26
N ILE N 280 18.32 -16.36 53.73
CA ILE N 280 16.93 -16.63 53.41
C ILE N 280 16.81 -17.71 52.35
N ALA N 281 17.76 -17.74 51.41
CA ALA N 281 17.72 -18.71 50.32
C ALA N 281 17.98 -20.12 50.80
N VAL N 282 18.87 -20.28 51.78
CA VAL N 282 19.16 -21.60 52.29
C VAL N 282 18.00 -22.11 53.14
N LEU N 283 17.36 -21.21 53.89
CA LEU N 283 16.22 -21.59 54.70
C LEU N 283 14.99 -21.97 53.88
N PHE N 284 14.91 -21.53 52.63
CA PHE N 284 13.76 -21.83 51.80
C PHE N 284 13.96 -23.02 50.88
N ILE N 285 15.18 -23.26 50.39
CA ILE N 285 15.44 -24.46 49.60
C ILE N 285 15.36 -25.69 50.49
N VAL N 286 15.78 -25.57 51.75
CA VAL N 286 15.57 -26.63 52.72
C VAL N 286 14.09 -26.78 53.04
N ALA N 287 13.35 -25.67 53.08
CA ALA N 287 11.91 -25.74 53.32
C ALA N 287 11.15 -26.32 52.14
N GLY N 288 11.70 -26.24 50.93
CA GLY N 288 11.05 -26.78 49.78
C GLY N 288 11.32 -28.23 49.50
N HIS N 289 11.98 -28.93 50.42
CA HIS N 289 12.21 -30.37 50.29
C HIS N 289 11.49 -31.12 51.39
N MET N 290 10.27 -30.70 51.69
CA MET N 290 9.49 -31.20 52.82
C MET N 290 8.28 -32.01 52.41
N TYR N 291 7.60 -31.62 51.35
CA TYR N 291 6.31 -32.22 51.02
C TYR N 291 6.46 -33.29 49.96
N ARG N 292 5.48 -34.20 49.94
CA ARG N 292 5.57 -35.42 49.15
C ARG N 292 5.13 -35.18 47.72
N THR N 293 5.99 -35.56 46.78
CA THR N 293 5.73 -35.50 45.36
C THR N 293 5.89 -36.92 44.82
N ASN N 294 6.05 -37.07 43.51
CA ASN N 294 6.15 -38.39 42.88
C ASN N 294 7.42 -39.17 43.23
N PHE N 295 8.27 -38.68 44.14
CA PHE N 295 9.50 -39.36 44.50
C PHE N 295 9.40 -40.12 45.82
N GLY N 296 8.18 -40.35 46.31
CA GLY N 296 7.95 -41.28 47.41
C GLY N 296 8.57 -40.90 48.73
N ILE N 297 8.84 -39.62 48.96
CA ILE N 297 9.50 -39.17 50.18
C ILE N 297 8.91 -37.80 50.53
N GLY N 298 8.83 -37.52 51.81
CA GLY N 298 8.38 -36.23 52.30
C GLY N 298 7.07 -36.31 53.05
N HIS N 299 6.74 -35.19 53.69
CA HIS N 299 5.50 -35.08 54.45
C HIS N 299 4.31 -34.99 53.50
N SER N 300 3.16 -35.47 53.96
CA SER N 300 1.92 -35.42 53.19
C SER N 300 0.88 -34.68 53.99
N ILE N 301 0.34 -33.60 53.41
CA ILE N 301 -0.50 -32.68 54.17
C ILE N 301 -1.85 -33.31 54.48
N LYS N 302 -2.38 -34.12 53.57
CA LYS N 302 -3.65 -34.77 53.80
C LYS N 302 -3.55 -35.82 54.91
N GLU N 303 -2.37 -36.41 55.08
CA GLU N 303 -2.14 -37.30 56.20
C GLU N 303 -1.82 -36.54 57.48
N MET N 304 -1.29 -35.32 57.36
CA MET N 304 -1.06 -34.50 58.56
C MET N 304 -2.36 -33.96 59.12
N MET N 305 -3.36 -33.71 58.26
CA MET N 305 -4.64 -33.25 58.74
C MET N 305 -5.44 -34.39 59.37
N ASN N 306 -5.50 -35.52 58.69
CA ASN N 306 -6.34 -36.64 59.10
C ASN N 306 -5.69 -37.53 60.14
N ALA N 307 -4.56 -37.11 60.70
CA ALA N 307 -3.89 -37.92 61.71
C ALA N 307 -4.63 -37.81 63.04
N LYS N 308 -4.70 -38.93 63.77
CA LYS N 308 -5.46 -39.01 65.00
C LYS N 308 -4.66 -39.63 66.14
N THR N 309 -3.36 -39.81 65.98
CA THR N 309 -2.59 -40.58 66.94
C THR N 309 -1.25 -39.93 67.19
N PHE N 310 -1.04 -39.44 68.42
CA PHE N 310 0.20 -38.80 68.83
C PHE N 310 0.99 -39.80 69.67
N PHE N 311 1.88 -40.54 69.00
CA PHE N 311 2.81 -41.50 69.62
C PHE N 311 2.07 -42.57 70.42
N GLY N 312 0.99 -43.09 69.85
CA GLY N 312 0.17 -44.08 70.50
C GLY N 312 -1.04 -43.51 71.22
N LYS N 313 -0.93 -42.30 71.74
CA LYS N 313 -2.07 -41.66 72.41
C LYS N 313 -3.10 -41.26 71.36
N PRO N 314 -4.36 -41.67 71.50
CA PRO N 314 -5.39 -41.19 70.57
C PRO N 314 -5.76 -39.76 70.90
N VAL N 315 -5.81 -38.92 69.87
CA VAL N 315 -6.19 -37.52 69.98
C VAL N 315 -7.29 -37.24 68.97
N GLU N 316 -7.75 -36.00 68.95
CA GLU N 316 -8.72 -35.55 67.96
C GLU N 316 -8.05 -35.07 66.67
N GLY N 317 -6.74 -34.82 66.71
CA GLY N 317 -6.02 -34.34 65.56
C GLY N 317 -4.75 -33.65 66.00
N PRO N 318 -4.17 -32.84 65.12
CA PRO N 318 -2.99 -32.05 65.51
C PRO N 318 -3.35 -31.00 66.55
N PHE N 319 -2.51 -30.90 67.59
CA PHE N 319 -2.74 -30.08 68.79
C PHE N 319 -4.03 -30.51 69.51
N ASN N 320 -4.39 -31.79 69.35
CA ASN N 320 -5.66 -32.39 69.78
C ASN N 320 -6.88 -31.59 69.27
N MET N 321 -6.74 -30.99 68.08
CA MET N 321 -7.78 -30.19 67.46
C MET N 321 -8.18 -30.86 66.15
N PRO N 322 -9.46 -31.00 65.86
CA PRO N 322 -9.86 -31.70 64.64
C PRO N 322 -9.59 -30.87 63.39
N HIS N 323 -8.52 -31.18 62.67
CA HIS N 323 -8.26 -30.52 61.40
C HIS N 323 -8.55 -31.43 60.21
N GLN N 324 -9.42 -32.42 60.36
CA GLN N 324 -9.71 -33.28 59.23
C GLN N 324 -10.65 -32.57 58.26
N GLY N 325 -10.49 -32.88 56.97
CA GLY N 325 -11.29 -32.25 55.93
C GLY N 325 -10.85 -30.86 55.55
N ILE N 326 -9.88 -30.27 56.24
CA ILE N 326 -9.42 -28.92 55.89
C ILE N 326 -8.57 -28.97 54.62
N TYR N 327 -7.92 -30.09 54.35
CA TYR N 327 -7.18 -30.24 53.11
C TYR N 327 -8.13 -30.28 51.91
N ASP N 328 -9.29 -30.91 52.07
CA ASP N 328 -10.30 -30.92 51.02
C ASP N 328 -11.17 -29.68 51.04
N THR N 329 -10.90 -28.73 51.92
CA THR N 329 -11.59 -27.47 52.02
C THR N 329 -10.77 -26.31 51.45
N TYR N 330 -9.48 -26.28 51.78
CA TYR N 330 -8.55 -25.35 51.16
C TYR N 330 -8.44 -25.63 49.68
N ASN N 331 -8.16 -26.88 49.33
CA ASN N 331 -7.71 -27.20 47.98
C ASN N 331 -8.85 -27.27 46.98
N ASN N 332 -10.03 -27.73 47.40
CA ASN N 332 -11.15 -27.83 46.48
C ASN N 332 -11.78 -26.48 46.14
N SER N 333 -11.78 -25.54 47.08
CA SER N 333 -12.37 -24.23 46.88
C SER N 333 -11.31 -23.25 46.41
N LEU N 334 -11.71 -22.32 45.55
CA LEU N 334 -10.85 -21.23 45.13
C LEU N 334 -11.08 -19.95 45.91
N HIS N 335 -12.27 -19.79 46.51
CA HIS N 335 -12.51 -18.63 47.36
C HIS N 335 -11.94 -18.83 48.75
N PHE N 336 -11.77 -20.07 49.20
CA PHE N 336 -11.04 -20.28 50.44
C PHE N 336 -9.57 -19.96 50.25
N GLN N 337 -9.01 -20.31 49.10
CA GLN N 337 -7.62 -19.98 48.82
C GLN N 337 -7.45 -18.47 48.65
N LEU N 338 -8.32 -17.86 47.86
CA LEU N 338 -8.20 -16.42 47.58
C LEU N 338 -8.49 -15.59 48.83
N GLY N 339 -9.48 -16.02 49.62
CA GLY N 339 -9.71 -15.35 50.89
C GLY N 339 -8.58 -15.54 51.87
N TRP N 340 -7.88 -16.67 51.80
CA TRP N 340 -6.76 -16.92 52.70
C TRP N 340 -5.56 -16.08 52.32
N HIS N 341 -5.13 -16.16 51.06
CA HIS N 341 -3.85 -15.58 50.67
C HIS N 341 -3.87 -14.07 50.63
N LEU N 342 -5.06 -13.46 50.55
CA LEU N 342 -5.14 -12.01 50.70
C LEU N 342 -4.88 -11.59 52.14
N ALA N 343 -5.27 -12.42 53.11
CA ALA N 343 -4.91 -12.16 54.49
C ALA N 343 -3.41 -12.32 54.69
N CYS N 344 -2.80 -13.29 54.01
CA CYS N 344 -1.36 -13.48 54.10
C CYS N 344 -0.62 -12.34 53.42
N LEU N 345 -1.10 -11.91 52.26
CA LEU N 345 -0.48 -10.80 51.57
C LEU N 345 -0.84 -9.47 52.22
N GLY N 346 -1.98 -9.41 52.91
CA GLY N 346 -2.35 -8.18 53.58
C GLY N 346 -1.57 -7.93 54.86
N VAL N 347 -1.12 -8.99 55.52
CA VAL N 347 -0.29 -8.83 56.71
C VAL N 347 1.09 -8.33 56.31
N VAL N 348 1.70 -8.95 55.29
CA VAL N 348 3.06 -8.61 54.91
C VAL N 348 3.14 -7.23 54.24
N THR N 349 2.04 -6.76 53.64
CA THR N 349 2.06 -5.47 52.94
C THR N 349 2.20 -4.32 53.92
N SER N 350 1.45 -4.37 55.02
CA SER N 350 1.64 -3.42 56.09
C SER N 350 2.96 -3.66 56.81
N TRP N 351 3.40 -4.91 56.87
CA TRP N 351 4.66 -5.26 57.51
C TRP N 351 5.84 -4.78 56.69
N VAL N 352 5.67 -4.64 55.38
CA VAL N 352 6.64 -3.92 54.56
C VAL N 352 6.73 -2.47 54.99
N ALA N 353 5.58 -1.82 55.16
CA ALA N 353 5.55 -0.39 55.43
C ALA N 353 6.07 -0.06 56.83
N GLN N 354 5.86 -0.96 57.79
CA GLN N 354 6.33 -0.72 59.15
C GLN N 354 7.85 -0.77 59.26
N HIS N 355 8.52 -1.48 58.36
CA HIS N 355 9.95 -1.69 58.46
C HIS N 355 10.74 -0.91 57.42
N MET N 356 10.10 -0.07 56.63
CA MET N 356 10.83 0.73 55.64
C MET N 356 11.00 2.19 56.01
N TYR N 357 10.29 2.68 57.03
CA TYR N 357 10.63 4.02 57.50
C TYR N 357 11.65 3.96 58.62
N SER N 358 11.59 2.92 59.45
CA SER N 358 12.51 2.75 60.55
C SER N 358 13.83 2.14 60.10
N LEU N 359 13.78 1.20 59.16
CA LEU N 359 14.96 0.55 58.61
C LEU N 359 15.03 0.84 57.13
N PRO N 360 15.54 2.01 56.73
CA PRO N 360 15.66 2.30 55.31
C PRO N 360 16.76 1.45 54.70
N SER N 361 16.50 0.96 53.49
CA SER N 361 17.46 0.11 52.82
C SER N 361 17.96 0.71 51.52
N TYR N 362 17.64 1.96 51.24
CA TYR N 362 17.97 2.58 49.97
C TYR N 362 18.85 3.80 50.24
N ALA N 363 19.80 4.01 49.34
CA ALA N 363 20.77 5.07 49.49
C ALA N 363 20.08 6.43 49.41
N PHE N 364 20.29 7.24 50.46
CA PHE N 364 19.87 8.64 50.52
C PHE N 364 18.36 8.79 50.48
N ILE N 365 17.63 7.82 51.01
CA ILE N 365 16.17 7.88 51.02
C ILE N 365 15.65 8.40 52.36
N ALA N 366 16.46 8.36 53.42
CA ALA N 366 16.04 8.92 54.70
C ALA N 366 16.08 10.44 54.71
N LYS N 367 16.77 11.07 53.76
CA LYS N 367 16.83 12.51 53.69
C LYS N 367 15.96 13.11 52.61
N ASP N 368 15.43 12.30 51.69
CA ASP N 368 14.44 12.76 50.73
C ASP N 368 13.08 12.44 51.32
N TYR N 369 12.45 13.44 51.92
CA TYR N 369 11.37 13.25 52.87
C TYR N 369 10.06 12.84 52.19
N THR N 370 9.68 13.54 51.13
CA THR N 370 8.36 13.31 50.52
C THR N 370 8.29 11.96 49.83
N THR N 371 9.43 11.45 49.34
CA THR N 371 9.46 10.09 48.81
C THR N 371 9.26 9.06 49.91
N GLN N 372 9.61 9.39 51.15
CA GLN N 372 9.47 8.44 52.24
C GLN N 372 8.10 8.54 52.88
N ALA N 373 7.50 9.73 52.87
CA ALA N 373 6.15 9.88 53.40
C ALA N 373 5.12 9.26 52.47
N ALA N 374 5.42 9.17 51.18
CA ALA N 374 4.47 8.59 50.24
C ALA N 374 4.53 7.08 50.24
N LEU N 375 5.71 6.49 50.44
CA LEU N 375 5.85 5.03 50.38
C LEU N 375 5.24 4.36 51.60
N TYR N 376 5.20 5.04 52.74
CA TYR N 376 4.51 4.47 53.90
C TYR N 376 3.01 4.45 53.66
N THR N 377 2.45 5.58 53.25
CA THR N 377 1.02 5.71 53.08
C THR N 377 0.50 4.90 51.90
N HIS N 378 1.33 4.68 50.89
CA HIS N 378 0.93 3.86 49.76
C HIS N 378 0.70 2.42 50.19
N HIS N 379 1.73 1.76 50.72
CA HIS N 379 1.61 0.35 51.08
C HIS N 379 0.77 0.13 52.32
N GLN N 380 0.42 1.18 53.06
CA GLN N 380 -0.61 1.01 54.08
C GLN N 380 -2.00 0.91 53.49
N TYR N 381 -2.33 1.75 52.49
CA TYR N 381 -3.67 1.64 51.91
C TYR N 381 -3.81 0.39 51.06
N ILE N 382 -2.72 -0.09 50.46
CA ILE N 382 -2.76 -1.36 49.75
C ILE N 382 -3.05 -2.49 50.72
N ALA N 383 -2.44 -2.43 51.92
CA ALA N 383 -2.69 -3.44 52.95
C ALA N 383 -4.10 -3.38 53.49
N ILE N 384 -4.79 -2.26 53.33
CA ILE N 384 -6.16 -2.12 53.77
C ILE N 384 -7.10 -2.93 52.91
N PHE N 385 -7.00 -2.78 51.59
CA PHE N 385 -7.91 -3.49 50.70
C PHE N 385 -7.63 -4.99 50.71
N LEU N 386 -6.36 -5.38 50.86
CA LEU N 386 -6.02 -6.80 50.88
C LEU N 386 -6.56 -7.50 52.13
N MET N 387 -6.76 -6.75 53.21
CA MET N 387 -7.37 -7.34 54.40
C MET N 387 -8.88 -7.33 54.35
N VAL N 388 -9.49 -6.32 53.75
CA VAL N 388 -10.94 -6.30 53.61
C VAL N 388 -11.38 -7.36 52.60
N GLY N 389 -10.60 -7.56 51.54
CA GLY N 389 -10.90 -8.59 50.57
C GLY N 389 -10.59 -9.98 51.06
N ALA N 390 -9.79 -10.10 52.11
CA ALA N 390 -9.57 -11.40 52.72
C ALA N 390 -10.83 -11.90 53.39
N PHE N 391 -11.51 -11.03 54.12
CA PHE N 391 -12.78 -11.40 54.74
C PHE N 391 -13.90 -11.43 53.71
N ALA N 392 -13.77 -10.63 52.65
CA ALA N 392 -14.81 -10.62 51.62
C ALA N 392 -14.81 -11.93 50.85
N HIS N 393 -13.66 -12.33 50.32
CA HIS N 393 -13.59 -13.61 49.61
C HIS N 393 -13.61 -14.79 50.56
N GLY N 394 -13.38 -14.56 51.85
CA GLY N 394 -13.63 -15.62 52.81
C GLY N 394 -15.10 -15.84 53.06
N ALA N 395 -15.91 -14.79 52.93
CA ALA N 395 -17.35 -14.89 53.11
C ALA N 395 -18.08 -15.33 51.85
N ILE N 396 -17.46 -15.20 50.68
CA ILE N 396 -18.03 -15.81 49.48
C ILE N 396 -17.86 -17.32 49.56
N PHE N 397 -16.80 -17.79 50.23
CA PHE N 397 -16.60 -19.21 50.47
C PHE N 397 -17.73 -19.82 51.28
N LEU N 398 -18.16 -19.15 52.35
CA LEU N 398 -19.17 -19.72 53.22
C LEU N 398 -20.55 -19.75 52.58
N VAL N 399 -20.83 -18.82 51.67
CA VAL N 399 -22.10 -18.85 50.97
C VAL N 399 -22.08 -19.92 49.88
N ARG N 400 -21.07 -19.90 49.02
CA ARG N 400 -21.09 -20.63 47.76
C ARG N 400 -20.40 -21.99 47.85
N ASP N 401 -19.15 -22.00 48.33
CA ASP N 401 -18.32 -23.20 48.25
C ASP N 401 -18.42 -24.11 49.47
N TYR N 402 -18.90 -23.60 50.60
CA TYR N 402 -18.83 -24.34 51.86
C TYR N 402 -19.80 -25.50 51.89
N ASP N 403 -19.33 -26.61 52.43
CA ASP N 403 -20.14 -27.83 52.57
C ASP N 403 -20.01 -28.29 54.01
N PRO N 404 -21.10 -28.29 54.78
CA PRO N 404 -20.98 -28.65 56.20
C PRO N 404 -20.80 -30.13 56.44
N GLU N 405 -21.08 -30.98 55.47
CA GLU N 405 -20.93 -32.42 55.68
C GLU N 405 -19.47 -32.85 55.54
N GLN N 406 -18.78 -32.35 54.52
CA GLN N 406 -17.35 -32.58 54.39
C GLN N 406 -16.58 -31.94 55.54
N ASN N 407 -17.05 -30.79 56.02
CA ASN N 407 -16.42 -30.05 57.11
C ASN N 407 -17.12 -30.33 58.44
N LYS N 408 -17.55 -31.55 58.69
CA LYS N 408 -18.32 -31.84 59.89
C LYS N 408 -17.40 -32.21 61.05
N GLY N 409 -17.56 -31.51 62.17
CA GLY N 409 -16.84 -31.81 63.38
C GLY N 409 -15.45 -31.20 63.49
N ASN N 410 -14.95 -30.55 62.45
CA ASN N 410 -13.59 -30.05 62.46
C ASN N 410 -13.52 -28.68 63.13
N VAL N 411 -12.38 -28.02 62.99
CA VAL N 411 -12.18 -26.74 63.68
C VAL N 411 -12.95 -25.63 63.01
N LEU N 412 -13.21 -25.74 61.70
CA LEU N 412 -13.97 -24.70 61.04
C LEU N 412 -15.46 -24.87 61.27
N GLU N 413 -15.89 -26.07 61.66
CA GLU N 413 -17.27 -26.23 62.10
C GLU N 413 -17.47 -25.69 63.51
N ARG N 414 -16.48 -25.83 64.38
CA ARG N 414 -16.62 -25.38 65.76
C ARG N 414 -16.60 -23.87 65.90
N VAL N 415 -16.08 -23.14 64.90
CA VAL N 415 -16.19 -21.69 64.93
C VAL N 415 -17.62 -21.26 64.64
N LEU N 416 -18.29 -21.95 63.71
CA LEU N 416 -19.67 -21.61 63.39
C LEU N 416 -20.65 -21.98 64.50
N GLN N 417 -20.28 -22.85 65.44
CA GLN N 417 -21.14 -23.07 66.60
C GLN N 417 -21.11 -21.88 67.55
N HIS N 418 -19.93 -21.47 68.00
CA HIS N 418 -19.86 -20.43 69.03
C HIS N 418 -19.70 -19.03 68.44
N LYS N 419 -20.28 -18.79 67.26
CA LYS N 419 -20.14 -17.54 66.56
C LYS N 419 -20.83 -16.38 67.25
N GLU N 420 -21.84 -16.64 68.08
CA GLU N 420 -22.44 -15.56 68.86
C GLU N 420 -21.56 -15.15 70.03
N ALA N 421 -20.62 -16.00 70.44
CA ALA N 421 -19.66 -15.63 71.46
C ALA N 421 -18.49 -14.85 70.88
N ILE N 422 -18.18 -15.05 69.60
CA ILE N 422 -17.12 -14.30 68.95
C ILE N 422 -17.58 -12.85 68.72
N ILE N 423 -18.79 -12.69 68.20
CA ILE N 423 -19.29 -11.36 67.85
C ILE N 423 -19.60 -10.54 69.10
N SER N 424 -20.01 -11.21 70.19
CA SER N 424 -20.29 -10.49 71.43
C SER N 424 -19.03 -9.91 72.05
N HIS N 425 -17.97 -10.71 72.18
CA HIS N 425 -16.73 -10.21 72.73
C HIS N 425 -15.96 -9.30 71.77
N LEU N 426 -16.25 -9.37 70.46
CA LEU N 426 -15.77 -8.34 69.55
C LEU N 426 -16.55 -7.04 69.70
N SER N 427 -17.86 -7.14 69.94
CA SER N 427 -18.66 -5.98 70.24
C SER N 427 -18.31 -5.36 71.58
N TRP N 428 -17.73 -6.12 72.49
CA TRP N 428 -17.34 -5.57 73.78
C TRP N 428 -16.12 -4.67 73.65
N VAL N 429 -15.06 -5.17 73.02
CA VAL N 429 -13.79 -4.44 72.93
C VAL N 429 -13.92 -3.18 72.08
N SER N 430 -14.78 -3.22 71.06
CA SER N 430 -15.05 -2.04 70.26
C SER N 430 -15.72 -0.95 71.09
N LEU N 431 -16.66 -1.34 71.95
CA LEU N 431 -17.31 -0.39 72.85
C LEU N 431 -16.46 -0.06 74.06
N PHE N 432 -15.67 -1.02 74.55
CA PHE N 432 -14.81 -0.75 75.71
C PHE N 432 -13.69 0.20 75.38
N LEU N 433 -13.16 0.15 74.16
CA LEU N 433 -12.15 1.11 73.74
C LEU N 433 -12.77 2.45 73.40
N GLY N 434 -13.86 2.45 72.63
CA GLY N 434 -14.43 3.69 72.15
C GLY N 434 -15.02 4.56 73.22
N PHE N 435 -15.65 3.96 74.23
CA PHE N 435 -16.19 4.73 75.34
C PHE N 435 -15.11 5.38 76.19
N HIS N 436 -13.90 4.81 76.19
CA HIS N 436 -12.86 5.32 77.06
C HIS N 436 -11.69 5.96 76.31
N THR N 437 -11.60 5.81 75.00
CA THR N 437 -10.59 6.55 74.25
C THR N 437 -11.12 7.91 73.80
N LEU N 438 -12.35 7.92 73.26
CA LEU N 438 -13.03 9.18 73.00
C LEU N 438 -13.28 9.96 74.27
N GLY N 439 -13.51 9.26 75.38
CA GLY N 439 -13.70 9.93 76.65
C GLY N 439 -12.47 10.69 77.11
N LEU N 440 -11.27 10.15 76.82
CA LEU N 440 -10.07 10.83 77.28
C LEU N 440 -9.60 11.91 76.33
N TYR N 441 -10.01 11.91 75.08
CA TYR N 441 -9.70 13.05 74.23
C TYR N 441 -10.60 14.23 74.57
N VAL N 442 -11.89 13.96 74.76
CA VAL N 442 -12.85 15.01 75.11
C VAL N 442 -12.58 15.55 76.50
N HIS N 443 -12.11 14.69 77.41
CA HIS N 443 -11.63 15.14 78.70
C HIS N 443 -10.47 16.11 78.55
N ASN N 444 -9.52 15.78 77.68
CA ASN N 444 -8.37 16.66 77.49
C ASN N 444 -8.74 17.89 76.68
N ASP N 445 -9.78 17.82 75.86
CA ASP N 445 -10.23 18.98 75.11
C ASP N 445 -10.86 20.02 76.00
N VAL N 446 -11.75 19.60 76.90
CA VAL N 446 -12.42 20.52 77.82
C VAL N 446 -11.44 21.13 78.80
N VAL N 447 -10.51 20.31 79.29
CA VAL N 447 -9.55 20.73 80.30
C VAL N 447 -8.58 21.77 79.75
N VAL N 448 -8.13 21.61 78.50
CA VAL N 448 -7.27 22.61 77.89
C VAL N 448 -8.06 23.87 77.55
N ALA N 449 -9.32 23.69 77.11
CA ALA N 449 -10.16 24.84 76.74
C ALA N 449 -10.46 25.72 77.93
N PHE N 450 -10.54 25.16 79.12
CA PHE N 450 -10.79 25.93 80.32
C PHE N 450 -9.52 26.52 80.91
N GLY N 451 -8.42 26.53 80.17
CA GLY N 451 -7.22 27.22 80.57
C GLY N 451 -6.42 26.54 81.65
N THR N 452 -6.79 25.33 82.07
CA THR N 452 -6.10 24.60 83.11
C THR N 452 -5.61 23.27 82.56
N PRO N 453 -4.60 23.27 81.68
CA PRO N 453 -4.26 22.04 80.94
C PRO N 453 -3.56 20.98 81.76
N GLU N 454 -3.18 21.28 83.00
CA GLU N 454 -2.54 20.30 83.87
C GLU N 454 -3.48 19.21 84.34
N LYS N 455 -4.79 19.40 84.19
CA LYS N 455 -5.77 18.40 84.59
C LYS N 455 -5.99 17.34 83.52
N GLN N 456 -5.14 17.30 82.49
CA GLN N 456 -5.16 16.26 81.48
C GLN N 456 -4.86 14.88 82.07
N ILE N 457 -5.47 13.86 81.47
CA ILE N 457 -5.21 12.47 81.83
C ILE N 457 -4.19 11.95 80.82
N LEU N 458 -2.92 11.99 81.20
CA LEU N 458 -1.81 11.60 80.34
C LEU N 458 -1.20 10.33 80.89
N ILE N 459 -1.11 9.30 80.04
CA ILE N 459 -0.57 8.01 80.44
C ILE N 459 0.66 7.75 79.60
N GLU N 460 1.79 7.52 80.27
CA GLU N 460 2.98 7.07 79.57
C GLU N 460 2.77 5.65 79.07
N PRO N 461 3.21 5.34 77.86
CA PRO N 461 3.03 3.96 77.35
C PRO N 461 4.09 3.01 77.90
N VAL N 462 3.99 2.70 79.19
CA VAL N 462 5.06 2.04 79.94
C VAL N 462 5.25 0.58 79.55
N PHE N 463 4.39 0.04 78.71
CA PHE N 463 4.57 -1.32 78.21
C PHE N 463 5.25 -1.36 76.85
N ALA N 464 5.28 -0.23 76.15
CA ALA N 464 6.11 -0.07 74.96
C ALA N 464 7.32 0.81 75.22
N GLN N 465 7.37 1.50 76.35
CA GLN N 465 8.64 2.05 76.83
C GLN N 465 9.63 0.95 77.10
N PHE N 466 9.15 -0.18 77.63
CA PHE N 466 10.01 -1.27 78.02
C PHE N 466 10.64 -1.96 76.83
N ILE N 467 9.86 -2.22 75.78
CA ILE N 467 10.34 -2.96 74.61
C ILE N 467 11.43 -2.19 73.89
N GLN N 468 11.30 -0.86 73.81
CA GLN N 468 12.34 -0.07 73.20
C GLN N 468 13.58 -0.02 74.10
N ALA N 469 13.41 -0.16 75.40
CA ALA N 469 14.56 -0.31 76.28
C ALA N 469 15.01 -1.75 76.41
N ALA N 470 14.16 -2.72 76.09
CA ALA N 470 14.57 -4.12 75.96
C ALA N 470 15.11 -4.41 74.58
N HIS N 471 15.29 -3.39 73.74
CA HIS N 471 15.98 -3.52 72.48
C HIS N 471 17.23 -2.64 72.44
N GLY N 472 17.46 -1.83 73.46
CA GLY N 472 18.74 -1.17 73.59
C GLY N 472 18.72 0.34 73.57
N LYS N 473 17.64 0.97 73.99
CA LYS N 473 17.58 2.43 74.05
C LYS N 473 17.88 2.88 75.48
N VAL N 474 18.95 3.65 75.63
CA VAL N 474 19.36 4.13 76.95
C VAL N 474 18.50 5.29 77.42
N LEU N 475 17.74 5.90 76.49
CA LEU N 475 17.10 7.19 76.71
C LEU N 475 16.04 7.17 77.81
N TYR N 476 15.51 6.00 78.17
CA TYR N 476 14.51 5.96 79.22
C TYR N 476 15.08 5.48 80.55
N GLY N 477 16.20 4.78 80.55
CA GLY N 477 16.78 4.31 81.78
C GLY N 477 16.06 3.17 82.44
N LEU N 478 15.53 2.22 81.66
CA LEU N 478 14.95 1.03 82.26
C LEU N 478 16.02 0.02 82.64
N ASP N 479 17.10 -0.05 81.86
CA ASP N 479 18.30 -0.86 82.13
C ASP N 479 17.97 -2.35 82.21
N THR N 480 17.43 -2.86 81.12
CA THR N 480 17.20 -4.29 80.90
C THR N 480 17.70 -4.66 79.52
N LEU N 481 18.03 -5.96 79.36
CA LEU N 481 17.86 -6.74 78.13
C LEU N 481 18.35 -6.02 76.86
N LEU N 482 19.68 -5.95 76.74
CA LEU N 482 20.51 -5.31 75.69
C LEU N 482 20.65 -3.82 75.91
N SER N 483 20.00 -3.25 76.92
CA SER N 483 20.40 -1.97 77.47
C SER N 483 21.07 -2.13 78.82
N ASN N 484 20.93 -3.30 79.43
CA ASN N 484 21.71 -3.67 80.61
C ASN N 484 22.96 -4.36 80.11
N PRO N 485 24.15 -3.75 80.22
CA PRO N 485 25.37 -4.40 79.71
C PRO N 485 25.84 -5.58 80.54
N ASP N 486 25.18 -5.91 81.65
CA ASP N 486 25.47 -7.10 82.42
C ASP N 486 24.51 -8.23 82.12
N SER N 487 23.66 -8.07 81.13
CA SER N 487 22.60 -9.04 80.89
C SER N 487 23.13 -10.28 80.20
N VAL N 488 22.40 -11.37 80.37
CA VAL N 488 22.72 -12.60 79.64
C VAL N 488 22.37 -12.44 78.17
N ALA N 489 21.30 -11.70 77.89
CA ALA N 489 20.91 -11.44 76.51
C ALA N 489 21.84 -10.45 75.84
N TYR N 490 22.46 -9.56 76.61
CA TYR N 490 23.39 -8.60 76.03
C TYR N 490 24.69 -9.28 75.64
N THR N 491 25.15 -10.23 76.45
CA THR N 491 26.46 -10.82 76.23
C THR N 491 26.41 -12.09 75.40
N ALA N 492 25.26 -12.76 75.34
CA ALA N 492 25.10 -14.09 74.72
C ALA N 492 26.07 -15.09 75.35
N TYR N 493 25.79 -15.37 76.63
CA TYR N 493 26.74 -15.94 77.58
C TYR N 493 27.54 -17.18 77.14
N PRO N 494 26.98 -18.23 76.50
CA PRO N 494 27.85 -19.36 76.16
C PRO N 494 28.78 -19.09 74.98
N ASN N 495 28.38 -18.24 74.03
CA ASN N 495 29.12 -18.12 72.77
C ASN N 495 29.61 -16.73 72.41
N TYR N 496 29.01 -15.68 72.98
CA TYR N 496 29.45 -14.27 72.81
C TYR N 496 29.41 -13.80 71.35
N ALA N 497 28.49 -14.34 70.56
CA ALA N 497 28.52 -14.12 69.11
C ALA N 497 27.59 -12.98 68.67
N ASN N 498 27.38 -11.98 69.51
CA ASN N 498 26.60 -10.80 69.13
C ASN N 498 27.45 -9.91 68.22
N VAL N 499 27.51 -10.29 66.95
CA VAL N 499 28.26 -9.49 65.99
C VAL N 499 27.44 -8.26 65.61
N TRP N 500 26.12 -8.42 65.51
CA TRP N 500 25.25 -7.34 65.08
C TRP N 500 25.15 -6.24 66.11
N LEU N 501 25.35 -6.55 67.37
CA LEU N 501 24.95 -5.71 68.50
C LEU N 501 25.75 -4.41 68.68
N PRO N 502 27.07 -4.33 68.44
CA PRO N 502 27.70 -3.00 68.46
C PRO N 502 27.22 -2.06 67.37
N GLY N 503 26.84 -2.59 66.21
CA GLY N 503 26.28 -1.74 65.17
C GLY N 503 24.81 -1.45 65.34
N TRP N 504 24.09 -2.30 66.07
CA TRP N 504 22.69 -2.04 66.34
C TRP N 504 22.52 -0.95 67.38
N LEU N 505 23.32 -0.98 68.45
CA LEU N 505 23.15 -0.01 69.51
C LEU N 505 23.64 1.38 69.13
N ASP N 506 24.47 1.50 68.09
CA ASP N 506 24.79 2.81 67.57
C ASP N 506 23.61 3.40 66.83
N ALA N 507 22.85 2.58 66.12
CA ALA N 507 21.72 3.08 65.34
C ALA N 507 20.54 3.43 66.21
N ILE N 508 20.22 2.61 67.21
CA ILE N 508 19.02 2.82 68.00
C ILE N 508 19.19 3.95 69.01
N ASN N 509 20.43 4.30 69.37
CA ASN N 509 20.67 5.33 70.36
C ASN N 509 20.98 6.68 69.76
N SER N 510 20.80 6.85 68.46
CA SER N 510 20.95 8.15 67.82
C SER N 510 19.58 8.76 67.60
N GLY N 511 19.50 10.09 67.70
CA GLY N 511 18.24 10.78 67.50
C GLY N 511 18.11 11.33 66.09
N THR N 512 18.83 10.73 65.16
CA THR N 512 18.87 11.19 63.78
C THR N 512 18.26 10.20 62.80
N ASN N 513 17.41 9.29 63.28
CA ASN N 513 16.75 8.35 62.39
C ASN N 513 15.37 8.02 62.94
N SER N 514 14.62 7.25 62.16
CA SER N 514 13.28 6.83 62.54
C SER N 514 13.29 5.46 63.20
N LEU N 515 14.44 5.02 63.69
CA LEU N 515 14.58 3.70 64.29
C LEU N 515 14.13 3.76 65.75
N PHE N 516 12.95 3.19 66.03
CA PHE N 516 12.35 3.12 67.37
C PHE N 516 12.22 4.52 67.97
N LEU N 517 11.30 5.28 67.38
CA LEU N 517 11.08 6.67 67.75
C LEU N 517 10.70 6.82 69.22
N THR N 518 11.07 7.97 69.78
CA THR N 518 10.77 8.25 71.18
C THR N 518 9.28 8.47 71.35
N ILE N 519 8.67 7.73 72.28
CA ILE N 519 7.22 7.75 72.45
C ILE N 519 6.86 8.36 73.78
N GLY N 520 5.68 8.96 73.83
CA GLY N 520 5.19 9.65 75.01
C GLY N 520 3.69 9.50 75.15
N PRO N 521 3.07 10.34 75.98
CA PRO N 521 1.62 10.17 76.25
C PRO N 521 0.73 10.48 75.07
N GLY N 522 1.21 11.24 74.09
CA GLY N 522 0.44 11.42 72.87
C GLY N 522 0.37 10.17 72.04
N ASP N 523 1.36 9.28 72.16
CA ASP N 523 1.37 8.04 71.41
C ASP N 523 0.60 6.94 72.12
N PHE N 524 0.27 7.13 73.38
CA PHE N 524 -0.57 6.17 74.09
C PHE N 524 -1.98 6.15 73.52
N LEU N 525 -2.55 7.33 73.32
CA LEU N 525 -3.96 7.43 72.95
C LEU N 525 -4.19 7.01 71.51
N VAL N 526 -3.22 7.19 70.63
CA VAL N 526 -3.46 6.89 69.24
C VAL N 526 -3.30 5.41 68.94
N HIS N 527 -2.40 4.70 69.63
CA HIS N 527 -2.34 3.24 69.46
C HIS N 527 -3.58 2.56 70.04
N HIS N 528 -4.18 3.12 71.08
CA HIS N 528 -5.48 2.62 71.49
C HIS N 528 -6.61 3.11 70.60
N ALA N 529 -6.38 4.16 69.82
CA ALA N 529 -7.34 4.54 68.79
C ALA N 529 -7.22 3.67 67.56
N ILE N 530 -6.01 3.22 67.25
CA ILE N 530 -5.79 2.24 66.20
C ILE N 530 -6.45 0.92 66.58
N ALA N 531 -6.29 0.50 67.84
CA ALA N 531 -6.90 -0.75 68.32
C ALA N 531 -8.41 -0.66 68.34
N LEU N 532 -8.96 0.55 68.44
CA LEU N 532 -10.38 0.75 68.22
C LEU N 532 -10.76 0.45 66.78
N GLY N 533 -9.91 0.85 65.84
CA GLY N 533 -10.22 0.67 64.43
C GLY N 533 -10.00 -0.73 63.91
N LEU N 534 -9.09 -1.48 64.52
CA LEU N 534 -8.85 -2.84 64.06
C LEU N 534 -9.89 -3.81 64.59
N HIS N 535 -10.27 -3.67 65.86
CA HIS N 535 -11.29 -4.55 66.41
C HIS N 535 -12.68 -4.21 65.91
N THR N 536 -12.90 -3.01 65.38
CA THR N 536 -14.23 -2.67 64.89
C THR N 536 -14.41 -3.02 63.43
N THR N 537 -13.37 -2.86 62.63
CA THR N 537 -13.41 -3.30 61.24
C THR N 537 -13.49 -4.82 61.17
N THR N 538 -12.78 -5.50 62.08
CA THR N 538 -12.87 -6.95 62.17
C THR N 538 -14.26 -7.39 62.61
N LEU N 539 -14.90 -6.60 63.48
CA LEU N 539 -16.25 -6.91 63.94
C LEU N 539 -17.24 -6.98 62.79
N ILE N 540 -17.13 -6.06 61.84
CA ILE N 540 -18.08 -6.02 60.73
C ILE N 540 -17.81 -7.16 59.77
N LEU N 541 -16.54 -7.46 59.54
CA LEU N 541 -16.13 -8.44 58.55
C LEU N 541 -16.36 -9.87 59.03
N VAL N 542 -16.07 -10.14 60.31
CA VAL N 542 -16.27 -11.47 60.85
C VAL N 542 -17.76 -11.77 60.98
N LYS N 543 -18.54 -10.80 61.44
CA LYS N 543 -19.97 -10.99 61.59
C LYS N 543 -20.67 -11.15 60.25
N GLY N 544 -20.15 -10.50 59.21
CA GLY N 544 -20.67 -10.76 57.88
C GLY N 544 -20.21 -12.07 57.31
N ALA N 545 -19.04 -12.55 57.75
CA ALA N 545 -18.59 -13.87 57.32
C ALA N 545 -19.37 -14.97 58.02
N LEU N 546 -19.57 -14.85 59.33
CA LEU N 546 -20.19 -15.94 60.07
C LEU N 546 -21.70 -16.01 59.86
N ASP N 547 -22.38 -14.86 59.76
CA ASP N 547 -23.81 -14.82 59.48
C ASP N 547 -24.13 -14.87 58.00
N ALA N 548 -23.18 -15.27 57.16
CA ALA N 548 -23.40 -15.31 55.73
C ALA N 548 -24.31 -16.45 55.30
N ARG N 549 -24.49 -17.47 56.13
CA ARG N 549 -25.33 -18.60 55.77
C ARG N 549 -26.71 -18.54 56.41
N GLY N 550 -27.07 -17.42 57.02
CA GLY N 550 -28.40 -17.27 57.57
C GLY N 550 -28.37 -17.04 59.07
N SER N 551 -29.47 -16.49 59.58
CA SER N 551 -29.61 -16.18 61.00
C SER N 551 -31.10 -16.06 61.32
N LYS N 552 -31.40 -15.42 62.45
CA LYS N 552 -32.77 -15.35 62.96
C LYS N 552 -33.67 -14.46 62.12
N LEU N 553 -33.21 -13.25 61.80
CA LEU N 553 -34.02 -12.34 60.98
C LEU N 553 -34.21 -12.87 59.57
N MET N 554 -33.22 -13.55 59.05
CA MET N 554 -33.37 -14.16 57.73
C MET N 554 -32.56 -15.45 57.68
N PRO N 555 -33.21 -16.61 57.78
CA PRO N 555 -32.54 -17.85 57.43
C PRO N 555 -32.32 -17.94 55.92
N ASP N 556 -31.74 -19.06 55.52
CA ASP N 556 -31.33 -19.47 54.16
C ASP N 556 -30.86 -18.33 53.27
N LYS N 557 -29.94 -17.49 53.79
CA LYS N 557 -29.32 -16.43 52.99
C LYS N 557 -28.37 -17.00 51.95
N LYS N 558 -28.02 -18.29 52.06
CA LYS N 558 -27.21 -18.94 51.04
C LYS N 558 -27.98 -19.17 49.75
N ASP N 559 -29.32 -19.17 49.81
CA ASP N 559 -30.11 -19.40 48.61
C ASP N 559 -30.18 -18.15 47.73
N PHE N 560 -29.77 -17.00 48.27
CA PHE N 560 -29.85 -15.72 47.56
C PHE N 560 -28.50 -15.23 47.08
N GLY N 561 -27.45 -16.02 47.24
CA GLY N 561 -26.15 -15.62 46.76
C GLY N 561 -25.48 -14.66 47.73
N TYR N 562 -24.45 -13.99 47.21
CA TYR N 562 -23.63 -13.12 48.04
C TYR N 562 -24.11 -11.69 48.05
N ALA N 563 -24.51 -11.15 46.90
CA ALA N 563 -24.93 -9.75 46.80
C ALA N 563 -26.38 -9.69 46.34
N PHE N 564 -27.28 -9.46 47.28
CA PHE N 564 -28.68 -9.18 47.03
C PHE N 564 -29.09 -8.01 47.91
N PRO N 565 -30.06 -7.17 47.46
CA PRO N 565 -30.33 -5.93 48.18
C PRO N 565 -30.89 -6.11 49.58
N CYS N 566 -32.02 -6.78 49.68
CA CYS N 566 -32.78 -6.89 50.91
C CYS N 566 -33.74 -8.05 50.76
N ASP N 567 -34.68 -8.17 51.71
CA ASP N 567 -35.77 -9.12 51.63
C ASP N 567 -37.11 -8.40 51.78
N GLY N 568 -37.13 -7.11 51.54
CA GLY N 568 -38.36 -6.36 51.55
C GLY N 568 -38.50 -5.51 52.78
N PRO N 569 -39.64 -4.83 52.92
CA PRO N 569 -39.92 -4.09 54.15
C PRO N 569 -40.51 -4.97 55.24
N GLY N 570 -40.73 -6.25 54.97
CA GLY N 570 -41.30 -7.13 55.97
C GLY N 570 -40.32 -7.42 57.09
N ARG N 571 -40.90 -7.90 58.20
CA ARG N 571 -40.19 -8.20 59.45
C ARG N 571 -39.43 -7.00 59.98
N GLY N 572 -40.01 -5.82 59.79
CA GLY N 572 -39.34 -4.58 60.14
C GLY N 572 -38.42 -4.05 59.08
N GLY N 573 -38.21 -4.77 57.99
CA GLY N 573 -37.31 -4.34 56.95
C GLY N 573 -35.96 -5.00 57.07
N THR N 574 -35.30 -5.16 55.94
CA THR N 574 -34.03 -5.89 55.89
C THR N 574 -33.01 -5.15 55.04
N CYS N 575 -32.94 -3.83 55.18
CA CYS N 575 -32.00 -3.05 54.39
C CYS N 575 -30.56 -3.34 54.82
N ASP N 576 -29.69 -3.63 53.85
CA ASP N 576 -28.28 -4.00 54.05
C ASP N 576 -28.14 -5.24 54.93
N ILE N 577 -28.81 -6.32 54.51
CA ILE N 577 -28.78 -7.56 55.29
C ILE N 577 -27.76 -8.56 54.74
N SER N 578 -27.38 -8.48 53.47
CA SER N 578 -26.61 -9.52 52.83
C SER N 578 -25.17 -9.53 53.32
N ALA N 579 -24.47 -10.63 53.02
CA ALA N 579 -23.06 -10.73 53.36
C ALA N 579 -22.20 -9.77 52.57
N TRP N 580 -22.67 -9.35 51.38
CA TRP N 580 -21.97 -8.29 50.65
C TRP N 580 -22.07 -6.97 51.37
N ASP N 581 -23.18 -6.75 52.09
CA ASP N 581 -23.40 -5.47 52.73
C ASP N 581 -22.52 -5.29 53.96
N SER N 582 -21.92 -6.37 54.46
CA SER N 582 -21.00 -6.26 55.58
C SER N 582 -19.55 -6.13 55.11
N PHE N 583 -19.26 -6.55 53.87
CA PHE N 583 -18.12 -5.98 53.16
C PHE N 583 -18.25 -4.48 53.06
N TYR N 584 -19.46 -4.02 52.75
CA TYR N 584 -19.67 -2.64 52.34
C TYR N 584 -19.48 -1.67 53.49
N LEU N 585 -19.99 -1.99 54.67
CA LEU N 585 -19.89 -1.09 55.80
C LEU N 585 -18.46 -1.01 56.32
N SER N 586 -17.68 -2.06 56.11
CA SER N 586 -16.35 -2.15 56.69
C SER N 586 -15.34 -1.28 55.97
N LEU N 587 -15.55 -0.99 54.68
CA LEU N 587 -14.57 -0.19 53.96
C LEU N 587 -14.67 1.29 54.30
N PHE N 588 -15.72 1.71 55.01
CA PHE N 588 -15.70 3.04 55.62
C PHE N 588 -14.77 3.04 56.82
N TRP N 589 -14.78 1.97 57.61
CA TRP N 589 -13.91 1.86 58.77
C TRP N 589 -12.47 1.64 58.38
N ALA N 590 -12.26 0.83 57.34
CA ALA N 590 -10.91 0.51 56.93
C ALA N 590 -10.20 1.72 56.34
N LEU N 591 -10.92 2.56 55.60
CA LEU N 591 -10.37 3.83 55.18
C LEU N 591 -10.22 4.80 56.33
N ASN N 592 -11.07 4.69 57.33
CA ASN N 592 -10.97 5.53 58.52
C ASN N 592 -9.72 5.19 59.34
N THR N 593 -9.57 3.92 59.66
CA THR N 593 -8.49 3.46 60.54
C THR N 593 -7.13 3.76 59.95
N VAL N 594 -7.00 3.59 58.63
CA VAL N 594 -5.75 3.91 57.99
C VAL N 594 -5.59 5.42 57.85
N GLY N 595 -6.66 6.19 57.99
CA GLY N 595 -6.50 7.62 58.16
C GLY N 595 -5.79 7.91 59.47
N TRP N 596 -6.27 7.30 60.56
CA TRP N 596 -5.69 7.49 61.87
C TRP N 596 -4.24 7.04 61.93
N VAL N 597 -3.90 5.91 61.27
CA VAL N 597 -2.52 5.44 61.31
C VAL N 597 -1.61 6.26 60.41
N THR N 598 -2.17 7.03 59.48
CA THR N 598 -1.35 7.86 58.61
C THR N 598 -1.48 9.34 58.88
N PHE N 599 -2.50 9.79 59.62
CA PHE N 599 -2.40 11.12 60.21
C PHE N 599 -1.37 11.12 61.32
N TYR N 600 -1.34 10.07 62.13
CA TYR N 600 -0.40 9.97 63.22
C TYR N 600 1.02 9.70 62.75
N TRP N 601 1.20 8.94 61.67
CA TRP N 601 2.53 8.75 61.10
C TRP N 601 3.07 10.07 60.59
N HIS N 602 2.23 10.85 59.92
CA HIS N 602 2.70 12.02 59.18
C HIS N 602 3.04 13.15 60.12
N TRP N 603 2.31 13.30 61.22
CA TRP N 603 2.51 14.45 62.09
C TRP N 603 3.59 14.20 63.13
N LYS N 604 3.91 12.94 63.43
CA LYS N 604 5.06 12.70 64.29
C LYS N 604 6.35 12.95 63.54
N HIS N 605 6.35 12.71 62.23
CA HIS N 605 7.56 12.93 61.43
C HIS N 605 7.71 14.36 60.98
N LEU N 606 6.63 15.14 60.93
CA LEU N 606 6.78 16.57 60.68
C LEU N 606 7.43 17.30 61.85
N GLY N 607 7.45 16.70 63.04
CA GLY N 607 8.25 17.26 64.10
C GLY N 607 9.70 16.82 64.08
N ILE N 608 9.96 15.61 63.58
CA ILE N 608 11.32 15.12 63.47
C ILE N 608 12.04 15.81 62.33
N TRP N 609 11.36 15.99 61.20
CA TRP N 609 11.96 16.58 60.02
C TRP N 609 12.19 18.07 60.15
N GLN N 610 11.46 18.73 61.04
CA GLN N 610 11.62 20.17 61.25
C GLN N 610 12.35 20.50 62.54
N GLY N 611 12.66 19.51 63.36
CA GLY N 611 13.35 19.76 64.61
C GLY N 611 12.46 20.19 65.76
N ASN N 612 11.14 20.11 65.61
CA ASN N 612 10.21 20.56 66.64
C ASN N 612 9.44 19.34 67.15
N VAL N 613 10.06 18.61 68.07
CA VAL N 613 9.36 17.48 68.66
C VAL N 613 8.37 17.93 69.71
N ALA N 614 8.52 19.14 70.27
CA ALA N 614 7.64 19.60 71.33
C ALA N 614 6.25 19.96 70.83
N GLN N 615 6.08 20.19 69.53
CA GLN N 615 4.76 20.53 69.01
C GLN N 615 3.84 19.32 69.03
N PHE N 616 4.38 18.14 68.71
CA PHE N 616 3.55 16.95 68.71
C PHE N 616 3.27 16.47 70.13
N ASN N 617 4.27 16.51 71.00
CA ASN N 617 4.11 15.88 72.31
C ASN N 617 3.19 16.68 73.22
N GLU N 618 3.10 17.99 73.00
CA GLU N 618 2.14 18.78 73.76
C GLU N 618 0.73 18.64 73.20
N ASN N 619 0.60 18.72 71.88
CA ASN N 619 -0.68 18.99 71.24
C ASN N 619 -1.41 17.75 70.74
N SER N 620 -0.80 16.57 70.76
CA SER N 620 -1.46 15.37 70.28
C SER N 620 -2.18 14.62 71.37
N THR N 621 -2.45 15.24 72.49
CA THR N 621 -3.22 14.60 73.54
C THR N 621 -4.68 14.99 73.49
N TYR N 622 -4.98 16.15 72.91
CA TYR N 622 -6.32 16.67 72.76
C TYR N 622 -6.60 16.95 71.29
N LEU N 623 -7.86 16.81 70.89
CA LEU N 623 -8.22 16.75 69.48
C LEU N 623 -8.26 18.09 68.77
N MET N 624 -8.05 19.20 69.47
CA MET N 624 -7.87 20.45 68.75
C MET N 624 -6.47 20.56 68.16
N GLY N 625 -5.47 20.04 68.88
CA GLY N 625 -4.11 20.09 68.39
C GLY N 625 -3.88 19.27 67.15
N TRP N 626 -4.64 18.18 66.99
CA TRP N 626 -4.69 17.49 65.71
C TRP N 626 -5.34 18.36 64.65
N PHE N 627 -6.45 18.99 65.00
CA PHE N 627 -7.24 19.76 64.06
C PHE N 627 -6.55 21.07 63.69
N ARG N 628 -5.89 21.72 64.65
CA ARG N 628 -5.27 23.01 64.39
C ARG N 628 -3.85 22.85 63.86
N ASP N 629 -2.99 22.19 64.64
CA ASP N 629 -1.57 22.20 64.31
C ASP N 629 -1.19 21.23 63.21
N TYR N 630 -2.11 20.39 62.75
CA TYR N 630 -1.81 19.50 61.64
C TYR N 630 -2.70 19.74 60.43
N LEU N 631 -4.02 19.74 60.58
CA LEU N 631 -4.90 19.94 59.44
C LEU N 631 -4.94 21.39 59.01
N TRP N 632 -5.06 22.31 59.97
CA TRP N 632 -5.20 23.72 59.61
C TRP N 632 -3.87 24.33 59.21
N ALA N 633 -2.80 24.01 59.94
CA ALA N 633 -1.55 24.75 59.77
C ALA N 633 -0.77 24.28 58.56
N ASN N 634 -0.88 23.02 58.19
CA ASN N 634 -0.10 22.48 57.08
C ASN N 634 -0.71 22.73 55.72
N SER N 635 -2.01 23.02 55.66
CA SER N 635 -2.68 23.24 54.38
C SER N 635 -2.61 24.69 53.93
N ALA N 636 -1.62 25.44 54.38
CA ALA N 636 -1.43 26.81 53.91
C ALA N 636 -0.56 26.87 52.67
N GLN N 637 0.45 26.01 52.57
CA GLN N 637 1.24 25.93 51.35
C GLN N 637 0.43 25.31 50.22
N LEU N 638 -0.48 24.39 50.56
CA LEU N 638 -1.24 23.66 49.55
C LEU N 638 -2.26 24.55 48.87
N ILE N 639 -3.15 25.16 49.66
CA ILE N 639 -4.28 25.92 49.15
C ILE N 639 -3.85 27.18 48.41
N ASN N 640 -2.67 27.72 48.71
CA ASN N 640 -2.10 28.80 47.92
C ASN N 640 -1.33 28.32 46.70
N GLY N 641 -1.65 27.13 46.19
CA GLY N 641 -1.07 26.68 44.94
C GLY N 641 -1.48 27.53 43.76
N TYR N 642 -2.70 28.05 43.79
CA TYR N 642 -3.11 29.05 42.82
C TYR N 642 -4.06 30.03 43.51
N ASN N 643 -3.76 31.30 43.36
CA ASN N 643 -4.48 32.40 43.99
C ASN N 643 -4.53 33.52 42.94
N PRO N 644 -5.24 34.64 43.16
CA PRO N 644 -5.23 35.71 42.14
C PRO N 644 -3.91 36.41 41.92
N TYR N 645 -2.81 36.00 42.57
CA TYR N 645 -1.51 36.58 42.34
C TYR N 645 -0.66 35.77 41.37
N GLY N 646 -0.90 34.46 41.27
CA GLY N 646 -0.15 33.64 40.35
C GLY N 646 -0.30 32.16 40.69
N VAL N 647 0.62 31.36 40.16
CA VAL N 647 0.67 29.92 40.42
C VAL N 647 2.09 29.55 40.83
N ASN N 648 2.25 28.29 41.20
CA ASN N 648 3.56 27.69 41.44
C ASN N 648 3.46 26.21 41.09
N ASN N 649 4.44 25.43 41.50
CA ASN N 649 4.47 24.01 41.13
C ASN N 649 3.53 23.14 41.96
N LEU N 650 2.84 23.71 42.94
CA LEU N 650 1.91 22.96 43.75
C LEU N 650 0.47 23.08 43.25
N SER N 651 0.26 23.68 42.09
CA SER N 651 -1.10 23.98 41.66
C SER N 651 -1.85 22.76 41.14
N VAL N 652 -1.15 21.67 40.81
CA VAL N 652 -1.85 20.42 40.53
C VAL N 652 -2.39 19.85 41.83
N TRP N 653 -1.56 19.86 42.87
CA TRP N 653 -1.95 19.30 44.14
C TRP N 653 -3.00 20.17 44.81
N ALA N 654 -2.98 21.48 44.55
CA ALA N 654 -4.06 22.34 44.99
C ALA N 654 -5.33 22.09 44.21
N TRP N 655 -5.21 21.64 42.97
CA TRP N 655 -6.39 21.35 42.17
C TRP N 655 -6.91 19.95 42.47
N MET N 656 -6.01 19.01 42.72
CA MET N 656 -6.41 17.65 43.05
C MET N 656 -7.00 17.56 44.44
N PHE N 657 -6.60 18.46 45.33
CA PHE N 657 -7.16 18.52 46.68
C PHE N 657 -8.63 18.92 46.64
N LEU N 658 -8.96 19.91 45.81
CA LEU N 658 -10.35 20.28 45.60
C LEU N 658 -11.09 19.21 44.81
N PHE N 659 -10.41 18.58 43.86
CA PHE N 659 -11.00 17.48 43.10
C PHE N 659 -11.35 16.32 44.01
N GLY N 660 -10.53 16.06 45.04
CA GLY N 660 -10.84 14.96 45.93
C GLY N 660 -12.01 15.25 46.85
N HIS N 661 -12.13 16.50 47.31
CA HIS N 661 -13.29 16.91 48.08
C HIS N 661 -14.60 16.81 47.29
N LEU N 662 -14.55 16.87 45.96
CA LEU N 662 -15.74 16.80 45.12
C LEU N 662 -16.15 15.38 44.78
N VAL N 663 -15.19 14.47 44.51
CA VAL N 663 -15.53 13.08 44.28
C VAL N 663 -16.05 12.44 45.55
N TRP N 664 -15.49 12.84 46.70
CA TRP N 664 -15.94 12.34 47.99
C TRP N 664 -17.38 12.74 48.27
N ALA N 665 -17.70 14.01 48.05
CA ALA N 665 -19.05 14.51 48.30
C ALA N 665 -20.06 14.02 47.29
N THR N 666 -19.62 13.63 46.09
CA THR N 666 -20.55 13.12 45.10
C THR N 666 -21.07 11.76 45.51
N GLY N 667 -20.24 10.98 46.18
CA GLY N 667 -20.62 9.65 46.60
C GLY N 667 -21.64 9.61 47.70
N PHE N 668 -21.92 10.74 48.35
CA PHE N 668 -23.01 10.76 49.31
C PHE N 668 -24.35 10.68 48.62
N MET N 669 -24.44 11.14 47.37
CA MET N 669 -25.72 11.17 46.66
C MET N 669 -26.24 9.78 46.39
N PHE N 670 -25.33 8.84 46.19
CA PHE N 670 -25.73 7.46 45.94
C PHE N 670 -26.08 6.71 47.21
N LEU N 671 -25.82 7.30 48.38
CA LEU N 671 -25.95 6.58 49.64
C LEU N 671 -27.07 7.13 50.52
N ILE N 672 -27.18 8.45 50.66
CA ILE N 672 -28.34 9.02 51.33
C ILE N 672 -29.59 8.78 50.51
N SER N 673 -29.60 9.22 49.27
CA SER N 673 -30.75 9.00 48.39
C SER N 673 -30.67 7.61 47.80
N TRP N 674 -31.78 6.90 47.80
CA TRP N 674 -31.81 5.55 47.30
C TRP N 674 -32.68 5.51 46.04
N ARG N 675 -32.95 4.30 45.53
CA ARG N 675 -33.31 4.12 44.13
C ARG N 675 -34.66 4.71 43.78
N GLY N 676 -35.67 4.46 44.61
CA GLY N 676 -37.05 4.71 44.18
C GLY N 676 -37.41 6.16 44.01
N TYR N 677 -36.62 7.08 44.56
CA TYR N 677 -36.74 8.48 44.18
C TYR N 677 -36.39 8.67 42.71
N TRP N 678 -35.39 7.94 42.23
CA TRP N 678 -34.80 8.21 40.93
C TRP N 678 -35.50 7.50 39.78
N GLN N 679 -36.15 6.37 40.04
CA GLN N 679 -36.93 5.74 38.99
C GLN N 679 -38.19 6.55 38.69
N GLU N 680 -38.75 7.21 39.70
CA GLU N 680 -39.86 8.12 39.48
C GLU N 680 -39.43 9.45 38.88
N LEU N 681 -38.15 9.74 38.80
CA LEU N 681 -37.67 10.93 38.12
C LEU N 681 -37.35 10.65 36.66
N ILE N 682 -36.78 9.48 36.38
CA ILE N 682 -36.46 9.11 35.00
C ILE N 682 -37.72 8.87 34.19
N GLU N 683 -38.80 8.40 34.83
CA GLU N 683 -40.06 8.22 34.13
C GLU N 683 -40.73 9.53 33.71
N THR N 684 -40.27 10.67 34.20
CA THR N 684 -40.70 11.95 33.65
C THR N 684 -39.82 12.42 32.51
N LEU N 685 -38.58 11.95 32.45
CA LEU N 685 -37.70 12.26 31.33
C LEU N 685 -37.99 11.37 30.14
N VAL N 686 -38.44 10.14 30.38
CA VAL N 686 -38.91 9.28 29.31
C VAL N 686 -40.17 9.88 28.68
N TRP N 687 -41.01 10.50 29.50
CA TRP N 687 -42.20 11.17 28.98
C TRP N 687 -41.82 12.37 28.11
N ALA N 688 -41.01 13.28 28.64
CA ALA N 688 -40.70 14.52 27.92
C ALA N 688 -39.64 14.35 26.85
N HIS N 689 -39.31 13.12 26.46
CA HIS N 689 -38.52 12.89 25.26
C HIS N 689 -39.36 12.36 24.11
N GLU N 690 -40.43 11.64 24.42
CA GLU N 690 -41.37 11.17 23.42
C GLU N 690 -42.37 12.23 23.00
N ARG N 691 -42.36 13.38 23.66
CA ARG N 691 -43.29 14.47 23.36
C ARG N 691 -42.63 15.65 22.66
N THR N 692 -41.33 15.83 22.87
CA THR N 692 -40.57 16.88 22.20
C THR N 692 -40.54 16.59 20.71
N PRO N 693 -40.92 17.53 19.84
CA PRO N 693 -41.23 17.15 18.45
C PRO N 693 -40.04 16.87 17.58
N ILE N 694 -38.91 17.57 17.72
CA ILE N 694 -37.78 17.27 16.86
C ILE N 694 -36.91 16.18 17.47
N ALA N 695 -36.76 16.19 18.79
CA ALA N 695 -35.85 15.26 19.45
C ALA N 695 -36.40 13.86 19.62
N ASN N 696 -37.64 13.58 19.21
CA ASN N 696 -38.10 12.20 19.24
C ASN N 696 -37.92 11.49 17.92
N LEU N 697 -37.13 12.05 17.01
CA LEU N 697 -36.65 11.28 15.88
C LEU N 697 -35.74 10.16 16.34
N VAL N 698 -34.93 10.43 17.36
CA VAL N 698 -34.04 9.44 17.90
C VAL N 698 -34.69 8.86 19.15
N ARG N 699 -34.29 7.63 19.48
CA ARG N 699 -34.88 6.93 20.61
C ARG N 699 -33.89 5.87 21.06
N TRP N 700 -33.92 5.57 22.35
CA TRP N 700 -33.02 4.58 22.95
C TRP N 700 -33.25 3.19 22.38
N LYS N 701 -32.21 2.38 22.45
CA LYS N 701 -32.36 0.94 22.29
C LYS N 701 -32.59 0.25 23.62
N ASP N 702 -31.89 0.68 24.66
CA ASP N 702 -32.08 0.18 26.02
C ASP N 702 -32.92 1.17 26.82
N LYS N 703 -33.97 0.65 27.45
CA LYS N 703 -34.88 1.49 28.24
C LYS N 703 -34.15 2.05 29.45
N PRO N 704 -34.20 3.36 29.69
CA PRO N 704 -33.47 3.94 30.81
C PRO N 704 -34.15 3.60 32.13
N VAL N 705 -33.41 2.95 33.03
CA VAL N 705 -33.87 2.68 34.37
C VAL N 705 -32.82 3.21 35.33
N ALA N 706 -33.24 3.43 36.57
CA ALA N 706 -32.32 3.92 37.58
C ALA N 706 -31.38 2.80 38.03
N LEU N 707 -30.28 3.19 38.67
CA LEU N 707 -29.27 2.23 39.11
C LEU N 707 -29.84 1.34 40.19
N SER N 708 -29.47 0.07 40.18
CA SER N 708 -30.07 -0.85 41.13
C SER N 708 -29.50 -0.62 42.53
N ILE N 709 -30.08 -1.33 43.49
CA ILE N 709 -29.80 -1.08 44.90
C ILE N 709 -28.38 -1.47 45.25
N VAL N 710 -27.94 -2.63 44.78
CA VAL N 710 -26.58 -3.08 45.04
C VAL N 710 -25.60 -2.28 44.19
N GLN N 711 -26.05 -1.77 43.05
CA GLN N 711 -25.15 -1.09 42.14
C GLN N 711 -24.71 0.27 42.67
N ALA N 712 -25.65 1.08 43.16
CA ALA N 712 -25.21 2.38 43.62
C ALA N 712 -24.69 2.36 45.05
N ARG N 713 -24.57 1.20 45.67
CA ARG N 713 -23.71 1.04 46.81
C ARG N 713 -22.27 0.75 46.39
N VAL N 714 -22.11 0.13 45.22
CA VAL N 714 -20.78 0.05 44.61
C VAL N 714 -20.34 1.41 44.11
N VAL N 715 -21.21 2.07 43.34
CA VAL N 715 -20.88 3.36 42.74
C VAL N 715 -20.78 4.44 43.82
N GLY N 716 -21.54 4.31 44.89
CA GLY N 716 -21.40 5.22 46.01
C GLY N 716 -20.11 5.02 46.77
N LEU N 717 -19.70 3.78 46.95
CA LEU N 717 -18.42 3.52 47.61
C LEU N 717 -17.24 3.82 46.71
N ALA N 718 -17.44 3.80 45.39
CA ALA N 718 -16.35 4.11 44.47
C ALA N 718 -16.02 5.59 44.49
N HIS N 719 -17.03 6.47 44.43
CA HIS N 719 -16.76 7.90 44.55
C HIS N 719 -16.25 8.26 45.95
N PHE N 720 -16.67 7.53 46.97
CA PHE N 720 -16.21 7.80 48.32
C PHE N 720 -14.74 7.45 48.48
N THR N 721 -14.32 6.29 47.96
CA THR N 721 -12.97 5.80 48.18
C THR N 721 -11.94 6.54 47.32
N VAL N 722 -12.30 6.82 46.07
CA VAL N 722 -11.42 7.59 45.18
C VAL N 722 -11.21 9.00 45.72
N GLY N 723 -12.27 9.62 46.23
CA GLY N 723 -12.12 10.94 46.81
C GLY N 723 -11.40 10.95 48.14
N TYR N 724 -11.48 9.85 48.89
CA TYR N 724 -10.74 9.74 50.14
C TYR N 724 -9.24 9.62 49.88
N VAL N 725 -8.88 8.89 48.83
CA VAL N 725 -7.48 8.68 48.49
C VAL N 725 -6.87 9.97 47.93
N LEU N 726 -7.52 10.56 46.93
CA LEU N 726 -6.95 11.72 46.23
C LEU N 726 -6.89 12.97 47.09
N THR N 727 -7.72 13.07 48.11
CA THR N 727 -7.67 14.25 48.97
C THR N 727 -6.45 14.21 49.86
N TYR N 728 -6.21 13.06 50.50
CA TYR N 728 -5.08 12.94 51.40
C TYR N 728 -3.77 12.85 50.64
N ALA N 729 -3.78 12.20 49.48
CA ALA N 729 -2.56 12.11 48.68
C ALA N 729 -2.16 13.44 48.09
N ALA N 730 -3.08 14.40 47.97
CA ALA N 730 -2.67 15.73 47.59
C ALA N 730 -2.22 16.55 48.78
N PHE N 731 -2.73 16.21 49.98
CA PHE N 731 -2.29 16.87 51.19
C PHE N 731 -0.98 16.30 51.72
N LEU N 732 -0.78 14.98 51.56
CA LEU N 732 0.45 14.36 52.04
C LEU N 732 1.66 14.83 51.27
N ILE N 733 1.53 14.95 49.95
CA ILE N 733 2.66 15.34 49.11
C ILE N 733 3.00 16.81 49.31
N ALA N 734 2.04 17.70 49.08
CA ALA N 734 2.35 19.12 48.98
C ALA N 734 2.62 19.77 50.33
N SER N 735 2.09 19.23 51.42
CA SER N 735 2.48 19.74 52.73
C SER N 735 3.88 19.30 53.13
N THR N 736 4.38 18.22 52.53
CA THR N 736 5.73 17.77 52.78
C THR N 736 6.69 18.30 51.72
N ALA N 737 6.28 18.26 50.45
CA ALA N 737 7.12 18.77 49.37
C ALA N 737 7.09 20.29 49.26
N GLY N 738 6.28 20.96 50.05
CA GLY N 738 6.36 22.40 50.13
C GLY N 738 7.14 22.90 51.31
N LYS N 739 7.59 22.01 52.19
CA LYS N 739 8.32 22.41 53.38
C LYS N 739 9.70 21.78 53.44
N PHE N 740 9.80 20.55 52.93
CA PHE N 740 10.99 19.70 52.97
C PHE N 740 11.50 19.48 54.40
N SER O 2 -38.28 -13.93 34.61
CA SER O 2 -39.03 -13.34 35.71
C SER O 2 -38.48 -13.80 37.04
N HIS O 3 -39.26 -13.57 38.10
CA HIS O 3 -38.86 -13.98 39.43
C HIS O 3 -39.35 -15.39 39.69
N THR O 4 -39.15 -15.88 40.90
CA THR O 4 -39.48 -17.26 41.26
C THR O 4 -40.20 -17.27 42.58
N VAL O 5 -41.42 -17.79 42.60
CA VAL O 5 -42.26 -17.82 43.79
C VAL O 5 -42.39 -19.26 44.25
N LYS O 6 -41.71 -19.60 45.34
CA LYS O 6 -41.78 -20.92 45.94
C LYS O 6 -42.74 -20.88 47.11
N ILE O 7 -43.67 -21.83 47.14
CA ILE O 7 -44.64 -21.94 48.22
C ILE O 7 -44.44 -23.29 48.89
N TYR O 8 -44.07 -23.26 50.17
CA TYR O 8 -43.79 -24.47 50.92
C TYR O 8 -45.10 -25.02 51.49
N ASP O 9 -45.01 -26.16 52.17
CA ASP O 9 -46.20 -26.87 52.60
C ASP O 9 -46.62 -26.49 54.01
N THR O 10 -46.13 -25.38 54.54
CA THR O 10 -46.41 -25.03 55.92
C THR O 10 -47.56 -24.05 56.07
N CYS O 11 -48.09 -23.50 54.98
CA CYS O 11 -49.11 -22.48 55.16
C CYS O 11 -50.46 -23.12 55.48
N ILE O 12 -51.37 -22.26 55.93
CA ILE O 12 -52.62 -22.68 56.53
C ILE O 12 -53.82 -22.30 55.67
N GLY O 13 -53.58 -21.78 54.48
CA GLY O 13 -54.68 -21.29 53.68
C GLY O 13 -55.27 -20.00 54.21
N CYS O 14 -54.41 -19.06 54.63
CA CYS O 14 -54.89 -17.84 55.25
C CYS O 14 -55.49 -16.88 54.24
N THR O 15 -55.13 -17.02 52.96
CA THR O 15 -55.54 -16.15 51.85
C THR O 15 -55.18 -14.69 52.08
N GLN O 16 -54.10 -14.44 52.82
CA GLN O 16 -53.58 -13.11 52.98
C GLN O 16 -52.53 -12.77 51.93
N CYS O 17 -51.88 -13.79 51.37
CA CYS O 17 -50.88 -13.54 50.34
C CYS O 17 -51.53 -13.37 48.98
N VAL O 18 -52.65 -14.04 48.73
CA VAL O 18 -53.36 -13.87 47.47
C VAL O 18 -54.01 -12.49 47.40
N ARG O 19 -54.51 -12.01 48.54
CA ARG O 19 -55.13 -10.69 48.64
C ARG O 19 -54.12 -9.57 48.83
N ALA O 20 -52.85 -9.81 48.52
CA ALA O 20 -51.84 -8.78 48.65
C ALA O 20 -50.92 -8.65 47.44
N CYS O 21 -50.79 -9.68 46.61
CA CYS O 21 -49.95 -9.57 45.43
C CYS O 21 -50.66 -8.70 44.41
N PRO O 22 -50.10 -7.55 44.04
CA PRO O 22 -50.85 -6.59 43.23
C PRO O 22 -50.91 -6.93 41.76
N THR O 23 -50.11 -7.85 41.24
CA THR O 23 -50.27 -8.28 39.87
C THR O 23 -51.04 -9.58 39.74
N ASP O 24 -51.60 -10.08 40.86
CA ASP O 24 -52.44 -11.27 40.93
C ASP O 24 -51.71 -12.50 40.38
N VAL O 25 -50.56 -12.77 40.97
CA VAL O 25 -49.81 -13.97 40.61
C VAL O 25 -50.38 -15.17 41.34
N LEU O 26 -50.86 -14.97 42.56
CA LEU O 26 -51.20 -16.06 43.45
C LEU O 26 -52.66 -16.42 43.34
N GLU O 27 -52.96 -17.70 43.59
CA GLU O 27 -54.33 -18.16 43.68
C GLU O 27 -54.38 -19.40 44.57
N MET O 28 -55.55 -19.65 45.12
CA MET O 28 -55.75 -20.77 46.03
C MET O 28 -56.23 -22.01 45.27
N VAL O 29 -55.58 -23.13 45.52
CA VAL O 29 -56.02 -24.41 44.98
C VAL O 29 -56.40 -25.30 46.16
N PRO O 30 -57.35 -26.22 46.00
CA PRO O 30 -57.71 -27.09 47.12
C PRO O 30 -56.63 -28.12 47.39
N TRP O 31 -56.43 -28.42 48.67
CA TRP O 31 -55.33 -29.28 49.10
C TRP O 31 -55.67 -29.81 50.47
N ASP O 32 -55.79 -31.14 50.59
CA ASP O 32 -56.34 -31.78 51.78
C ASP O 32 -55.44 -31.72 53.01
N GLY O 33 -54.30 -31.04 52.95
CA GLY O 33 -53.42 -30.97 54.10
C GLY O 33 -53.95 -30.13 55.25
N CYS O 34 -54.02 -28.82 55.07
CA CYS O 34 -54.18 -27.92 56.21
C CYS O 34 -55.62 -27.90 56.71
N LYS O 35 -55.86 -27.09 57.73
CA LYS O 35 -57.17 -27.02 58.35
C LYS O 35 -58.18 -26.32 57.45
N ALA O 36 -57.75 -25.26 56.76
CA ALA O 36 -58.61 -24.58 55.81
C ALA O 36 -58.66 -25.27 54.45
N ALA O 37 -57.89 -26.35 54.27
CA ALA O 37 -57.98 -27.27 53.14
C ALA O 37 -57.68 -26.60 51.80
N GLN O 38 -56.73 -25.67 51.81
CA GLN O 38 -56.30 -25.01 50.58
C GLN O 38 -54.89 -24.47 50.77
N VAL O 39 -54.12 -24.49 49.70
CA VAL O 39 -52.75 -24.00 49.71
C VAL O 39 -52.64 -22.91 48.65
N ALA O 40 -51.77 -21.95 48.89
CA ALA O 40 -51.50 -20.93 47.88
C ALA O 40 -50.71 -21.54 46.74
N SER O 41 -50.98 -21.07 45.53
CA SER O 41 -50.22 -21.50 44.35
C SER O 41 -49.95 -20.29 43.48
N SER O 42 -48.83 -20.35 42.74
CA SER O 42 -48.36 -19.23 41.91
C SER O 42 -48.23 -19.68 40.46
N PRO O 43 -49.34 -19.74 39.71
CA PRO O 43 -49.26 -20.22 38.34
C PRO O 43 -48.88 -19.15 37.33
N ARG O 44 -48.72 -17.89 37.75
CA ARG O 44 -48.51 -16.78 36.84
C ARG O 44 -47.30 -15.97 37.25
N THR O 45 -46.17 -16.65 37.50
CA THR O 45 -44.98 -15.97 37.99
C THR O 45 -44.25 -15.15 36.94
N GLU O 46 -44.72 -15.14 35.70
CA GLU O 46 -44.15 -14.19 34.74
C GLU O 46 -44.70 -12.79 34.94
N ASP O 47 -45.73 -12.64 35.75
CA ASP O 47 -46.29 -11.33 36.09
C ASP O 47 -45.74 -10.77 37.40
N CYS O 48 -44.94 -11.53 38.14
CA CYS O 48 -44.52 -11.10 39.46
C CYS O 48 -43.46 -10.02 39.36
N VAL O 49 -43.64 -8.96 40.13
CA VAL O 49 -42.77 -7.80 40.06
C VAL O 49 -41.80 -7.74 41.22
N GLY O 50 -41.70 -8.81 42.00
CA GLY O 50 -40.76 -8.83 43.10
C GLY O 50 -41.12 -7.96 44.27
N CYS O 51 -42.40 -7.64 44.42
CA CYS O 51 -42.86 -6.65 45.40
C CYS O 51 -42.63 -7.10 46.83
N LYS O 52 -42.68 -8.42 47.07
CA LYS O 52 -42.62 -9.05 48.41
C LYS O 52 -43.69 -8.51 49.35
N ARG O 53 -44.83 -8.11 48.81
CA ARG O 53 -46.02 -7.92 49.62
C ARG O 53 -46.55 -9.26 50.07
N CYS O 54 -46.32 -10.31 49.29
CA CYS O 54 -46.81 -11.64 49.61
C CYS O 54 -46.02 -12.27 50.74
N GLU O 55 -44.74 -11.92 50.89
CA GLU O 55 -43.98 -12.40 52.03
C GLU O 55 -44.29 -11.61 53.29
N THR O 56 -44.71 -10.36 53.16
CA THR O 56 -45.03 -9.55 54.32
C THR O 56 -46.32 -9.99 54.98
N ALA O 57 -47.28 -10.48 54.19
CA ALA O 57 -48.61 -10.78 54.69
C ALA O 57 -48.76 -12.21 55.19
N CYS O 58 -47.77 -13.07 54.99
CA CYS O 58 -47.91 -14.46 55.40
C CYS O 58 -47.70 -14.59 56.89
N PRO O 59 -48.57 -15.30 57.61
CA PRO O 59 -48.39 -15.41 59.07
C PRO O 59 -47.27 -16.32 59.49
N THR O 60 -47.11 -17.47 58.82
CA THR O 60 -46.38 -18.60 59.39
C THR O 60 -44.90 -18.30 59.53
N ASP O 61 -44.32 -18.82 60.62
CA ASP O 61 -42.91 -18.68 60.92
C ASP O 61 -42.23 -20.02 60.76
N PHE O 62 -41.30 -20.14 59.81
CA PHE O 62 -40.87 -19.05 58.93
C PHE O 62 -41.78 -19.09 57.70
N LEU O 63 -41.54 -18.21 56.73
CA LEU O 63 -42.50 -17.92 55.67
C LEU O 63 -42.72 -19.13 54.76
N SER O 64 -43.98 -19.42 54.48
CA SER O 64 -44.30 -20.49 53.57
C SER O 64 -44.10 -20.07 52.12
N ILE O 65 -44.19 -18.77 51.85
CA ILE O 65 -44.02 -18.24 50.51
C ILE O 65 -42.68 -17.50 50.48
N ARG O 66 -41.99 -17.59 49.35
CA ARG O 66 -40.72 -16.91 49.21
C ARG O 66 -40.56 -16.48 47.76
N VAL O 67 -40.07 -15.27 47.56
CA VAL O 67 -39.83 -14.72 46.24
C VAL O 67 -38.33 -14.67 46.01
N TYR O 68 -37.86 -15.43 45.04
CA TYR O 68 -36.45 -15.40 44.65
C TYR O 68 -36.31 -14.47 43.45
N LEU O 69 -35.51 -13.42 43.62
CA LEU O 69 -35.37 -12.40 42.60
C LEU O 69 -34.48 -12.92 41.47
N GLY O 70 -35.05 -13.03 40.27
CA GLY O 70 -34.32 -13.56 39.13
C GLY O 70 -34.08 -12.56 38.02
N ALA O 71 -34.07 -13.04 36.78
CA ALA O 71 -33.82 -12.18 35.63
C ALA O 71 -35.01 -11.27 35.38
N GLU O 72 -34.71 -10.00 35.12
CA GLU O 72 -35.70 -8.93 35.15
C GLU O 72 -36.07 -8.52 33.73
N THR O 73 -37.26 -8.93 33.29
CA THR O 73 -37.79 -8.56 31.99
C THR O 73 -38.57 -7.26 32.12
N THR O 74 -39.36 -6.92 31.09
CA THR O 74 -40.08 -5.66 31.11
C THR O 74 -41.26 -5.69 32.06
N ARG O 75 -41.92 -6.85 32.18
CA ARG O 75 -43.07 -6.95 33.07
C ARG O 75 -42.65 -6.92 34.53
N SER O 76 -41.44 -7.37 34.85
CA SER O 76 -41.00 -7.40 36.24
C SER O 76 -40.22 -6.16 36.64
N MET O 77 -39.80 -5.33 35.69
CA MET O 77 -39.22 -4.04 36.04
C MET O 77 -40.25 -3.00 36.39
N GLY O 78 -41.50 -3.20 36.02
CA GLY O 78 -42.53 -2.21 36.29
C GLY O 78 -42.38 -0.98 35.43
N LEU O 79 -42.16 -1.17 34.14
CA LEU O 79 -41.96 -0.07 33.21
C LEU O 79 -43.23 0.13 32.39
N ALA O 80 -43.75 1.35 32.42
CA ALA O 80 -44.87 1.70 31.57
C ALA O 80 -44.46 2.07 30.15
N TYR O 81 -43.17 1.99 29.85
CA TYR O 81 -42.64 2.45 28.58
C TYR O 81 -41.78 1.39 27.88
N THR P 4 -64.82 -8.66 21.03
CA THR P 4 -64.34 -7.31 21.26
C THR P 4 -64.48 -6.92 22.71
N LEU P 5 -64.45 -5.61 22.98
CA LEU P 5 -64.50 -5.10 24.35
C LEU P 5 -65.75 -4.28 24.62
N SER P 6 -65.99 -3.23 23.82
CA SER P 6 -67.26 -2.48 23.75
C SER P 6 -67.66 -1.88 25.09
N GLY P 7 -66.84 -0.94 25.56
CA GLY P 7 -67.12 -0.24 26.79
C GLY P 7 -67.06 1.26 26.62
N LYS P 8 -67.72 1.96 27.54
CA LYS P 8 -67.70 3.41 27.56
C LYS P 8 -66.41 3.91 28.20
N THR P 9 -66.03 5.12 27.84
CA THR P 9 -64.81 5.74 28.33
C THR P 9 -65.14 6.79 29.38
N PRO P 10 -64.49 6.78 30.54
CA PRO P 10 -64.84 7.71 31.62
C PRO P 10 -64.53 9.16 31.28
N LEU P 11 -65.11 10.06 32.08
CA LEU P 11 -65.07 11.50 31.82
C LEU P 11 -63.85 12.11 32.49
N PHE P 12 -62.82 12.37 31.70
CA PHE P 12 -61.72 13.19 32.18
C PHE P 12 -61.08 13.85 30.98
N ALA P 13 -60.40 14.97 31.23
CA ALA P 13 -59.91 15.84 30.17
C ALA P 13 -58.59 15.37 29.56
N GLY P 14 -58.18 14.14 29.83
CA GLY P 14 -56.91 13.67 29.31
C GLY P 14 -55.83 13.88 30.36
N SER P 15 -54.85 12.99 30.36
CA SER P 15 -53.73 13.10 31.27
C SER P 15 -52.43 13.03 30.49
N THR P 16 -51.35 13.38 31.15
CA THR P 16 -50.03 13.09 30.62
C THR P 16 -49.54 11.71 31.00
N GLY P 17 -50.22 11.04 31.92
CA GLY P 17 -49.89 9.66 32.22
C GLY P 17 -50.28 8.74 31.08
N GLY P 18 -51.59 8.55 30.92
CA GLY P 18 -52.24 7.84 29.84
C GLY P 18 -51.61 6.55 29.34
N LEU P 19 -51.41 6.47 28.03
CA LEU P 19 -50.71 5.38 27.38
C LEU P 19 -49.48 5.92 26.67
N LEU P 20 -48.51 5.03 26.46
CA LEU P 20 -47.24 5.40 25.87
C LEU P 20 -46.92 4.55 24.65
N THR P 21 -45.66 4.59 24.21
CA THR P 21 -45.22 3.89 23.01
C THR P 21 -45.31 2.37 23.15
N LYS P 22 -45.25 1.85 24.39
CA LYS P 22 -45.44 0.41 24.63
C LYS P 22 -46.81 -0.08 24.15
N ALA P 23 -47.83 0.77 24.24
CA ALA P 23 -49.18 0.41 23.78
C ALA P 23 -49.22 0.20 22.27
N VAL P 24 -48.28 0.77 21.53
CA VAL P 24 -48.11 0.46 20.13
C VAL P 24 -47.20 -0.76 19.93
N GLU P 25 -46.20 -0.94 20.79
CA GLU P 25 -45.10 -1.85 20.51
C GLU P 25 -45.22 -3.21 21.20
N GLU P 26 -45.29 -3.25 22.53
CA GLU P 26 -45.11 -4.53 23.23
C GLU P 26 -46.44 -5.13 23.66
N GLU P 27 -47.22 -4.43 24.48
CA GLU P 27 -48.59 -4.84 24.84
C GLU P 27 -49.33 -3.65 25.41
N LYS P 28 -50.56 -3.91 25.85
CA LYS P 28 -51.49 -2.92 26.39
C LYS P 28 -52.63 -3.66 27.07
N TYR P 29 -53.03 -3.18 28.24
CA TYR P 29 -54.10 -3.81 28.99
C TYR P 29 -55.35 -2.95 28.94
N ALA P 30 -56.47 -3.54 29.38
CA ALA P 30 -57.76 -2.87 29.36
C ALA P 30 -58.70 -3.53 30.36
N ILE P 31 -59.33 -2.71 31.20
CA ILE P 31 -60.19 -3.17 32.28
C ILE P 31 -61.62 -2.72 32.02
N THR P 32 -62.57 -3.66 32.10
CA THR P 32 -63.99 -3.36 31.90
C THR P 32 -64.76 -3.62 33.19
N TRP P 33 -65.66 -2.70 33.53
CA TRP P 33 -66.53 -2.91 34.68
C TRP P 33 -67.89 -2.29 34.38
N THR P 34 -68.94 -2.95 34.88
CA THR P 34 -70.30 -2.48 34.73
C THR P 34 -70.73 -1.80 36.03
N SER P 35 -70.90 -0.48 35.97
CA SER P 35 -71.15 0.42 37.08
C SER P 35 -72.65 0.57 37.33
N PRO P 36 -73.05 0.69 38.60
CA PRO P 36 -74.47 0.94 38.88
C PRO P 36 -74.91 2.34 38.52
N LYS P 37 -74.03 3.32 38.64
CA LYS P 37 -74.38 4.72 38.41
C LYS P 37 -73.13 5.48 37.98
N ALA P 38 -73.29 6.77 37.76
CA ALA P 38 -72.19 7.66 37.41
C ALA P 38 -71.70 8.37 38.66
N GLN P 39 -70.39 8.29 38.90
CA GLN P 39 -69.80 8.93 40.06
C GLN P 39 -68.32 9.16 39.79
N VAL P 40 -67.65 9.79 40.75
CA VAL P 40 -66.26 10.19 40.60
C VAL P 40 -65.36 9.13 41.21
N PHE P 41 -64.38 8.66 40.45
CA PHE P 41 -63.35 7.76 40.94
C PHE P 41 -62.00 8.35 40.59
N GLU P 42 -60.93 7.59 40.82
CA GLU P 42 -59.59 8.05 40.53
C GLU P 42 -58.95 7.21 39.44
N LEU P 43 -58.18 7.85 38.62
CA LEU P 43 -57.41 7.14 37.64
C LEU P 43 -56.06 6.75 38.24
N PRO P 44 -55.57 5.54 37.95
CA PRO P 44 -54.20 5.19 38.36
C PRO P 44 -53.16 5.88 37.52
N THR P 45 -53.53 6.37 36.34
CA THR P 45 -52.67 7.26 35.58
C THR P 45 -52.47 8.60 36.28
N GLY P 46 -53.45 9.04 37.06
CA GLY P 46 -53.38 10.27 37.84
C GLY P 46 -54.62 11.12 37.62
N GLY P 47 -55.15 11.64 38.73
CA GLY P 47 -56.29 12.54 38.68
C GLY P 47 -57.62 11.86 38.97
N ALA P 48 -58.68 12.65 38.85
CA ALA P 48 -60.04 12.18 39.04
C ALA P 48 -60.74 12.01 37.70
N ALA P 49 -61.77 11.16 37.68
CA ALA P 49 -62.54 10.93 36.47
C ALA P 49 -64.01 10.75 36.83
N THR P 50 -64.82 10.29 35.88
CA THR P 50 -66.23 10.05 36.15
C THR P 50 -66.68 8.85 35.33
N MET P 51 -67.06 7.79 36.01
CA MET P 51 -67.57 6.60 35.33
C MET P 51 -68.96 6.85 34.80
N HIS P 52 -69.36 6.02 33.84
CA HIS P 52 -70.69 6.07 33.26
C HIS P 52 -71.62 5.14 34.04
N GLU P 53 -72.80 4.91 33.48
CA GLU P 53 -73.70 3.87 33.98
C GLU P 53 -73.65 2.69 33.00
N GLY P 54 -73.50 1.49 33.52
CA GLY P 54 -73.35 0.33 32.67
C GLY P 54 -71.90 0.03 32.40
N GLU P 55 -71.62 -0.60 31.25
CA GLU P 55 -70.28 -1.09 30.98
C GLU P 55 -69.32 0.05 30.68
N ASN P 56 -68.17 0.03 31.35
CA ASN P 56 -67.10 1.01 31.19
C ASN P 56 -65.89 0.32 30.57
N LEU P 57 -64.85 1.13 30.30
CA LEU P 57 -63.63 0.66 29.68
C LEU P 57 -62.53 1.68 29.92
N LEU P 58 -61.37 1.20 30.33
CA LEU P 58 -60.21 2.07 30.57
C LEU P 58 -58.98 1.34 30.04
N TYR P 59 -58.37 1.87 28.99
CA TYR P 59 -57.13 1.32 28.46
C TYR P 59 -55.99 1.77 29.36
N ILE P 60 -55.36 0.81 30.03
CA ILE P 60 -54.31 1.07 31.00
C ILE P 60 -52.97 0.61 30.45
N ALA P 61 -51.90 1.03 31.09
CA ALA P 61 -50.55 0.71 30.61
C ALA P 61 -50.08 -0.66 31.05
N ARG P 62 -50.26 -1.02 32.32
CA ARG P 62 -49.77 -2.27 32.88
C ARG P 62 -50.89 -2.99 33.61
N LYS P 63 -50.64 -4.27 33.93
CA LYS P 63 -51.61 -5.06 34.69
C LYS P 63 -51.70 -4.60 36.13
N GLU P 64 -50.60 -4.06 36.66
CA GLU P 64 -50.55 -3.50 38.01
C GLU P 64 -51.57 -2.38 38.21
N TYR P 65 -51.88 -1.61 37.16
CA TYR P 65 -52.83 -0.51 37.27
C TYR P 65 -54.25 -1.02 37.47
N GLY P 66 -54.64 -2.07 36.75
CA GLY P 66 -56.03 -2.50 36.78
C GLY P 66 -56.42 -3.21 38.06
N ILE P 67 -55.45 -3.83 38.73
CA ILE P 67 -55.72 -4.48 40.01
C ILE P 67 -55.58 -3.49 41.15
N ALA P 68 -54.74 -2.46 40.99
CA ALA P 68 -54.77 -1.35 41.92
C ALA P 68 -56.04 -0.53 41.77
N LEU P 69 -56.58 -0.45 40.55
CA LEU P 69 -57.85 0.22 40.37
C LEU P 69 -59.01 -0.62 40.87
N GLY P 70 -58.92 -1.94 40.69
CA GLY P 70 -60.01 -2.81 41.11
C GLY P 70 -60.19 -2.87 42.62
N GLY P 71 -59.12 -2.62 43.38
CA GLY P 71 -59.27 -2.44 44.80
C GLY P 71 -59.93 -1.13 45.16
N GLN P 72 -59.74 -0.11 44.32
CA GLN P 72 -60.40 1.17 44.53
C GLN P 72 -61.88 1.08 44.15
N LEU P 73 -62.21 0.24 43.16
CA LEU P 73 -63.58 -0.04 42.79
C LEU P 73 -64.30 -0.95 43.77
N ARG P 74 -63.57 -1.65 44.64
CA ARG P 74 -64.23 -2.56 45.57
C ARG P 74 -64.99 -1.79 46.64
N LYS P 75 -64.54 -0.59 46.99
CA LYS P 75 -65.26 0.25 47.93
C LYS P 75 -66.37 1.06 47.26
N PHE P 76 -66.71 0.74 46.01
CA PHE P 76 -67.88 1.27 45.33
C PHE P 76 -68.93 0.21 45.09
N LYS P 77 -68.76 -0.97 45.68
CA LYS P 77 -69.55 -2.18 45.41
C LYS P 77 -69.50 -2.47 43.90
N ILE P 78 -68.28 -2.69 43.42
CA ILE P 78 -68.00 -3.06 42.03
C ILE P 78 -66.96 -4.16 42.11
N THR P 79 -67.40 -5.42 41.98
CA THR P 79 -66.49 -6.55 41.96
C THR P 79 -66.62 -7.32 40.65
N ASN P 80 -66.70 -6.60 39.54
CA ASN P 80 -66.96 -7.22 38.24
C ASN P 80 -65.87 -6.90 37.23
N TYR P 81 -64.72 -6.42 37.68
CA TYR P 81 -63.74 -5.88 36.76
C TYR P 81 -62.91 -6.99 36.12
N LYS P 82 -62.71 -6.89 34.81
CA LYS P 82 -62.04 -7.90 34.03
C LYS P 82 -60.96 -7.24 33.17
N ILE P 83 -59.72 -7.61 33.39
CA ILE P 83 -58.59 -7.05 32.65
C ILE P 83 -58.27 -7.96 31.47
N TYR P 84 -58.11 -7.37 30.29
CA TYR P 84 -57.65 -8.08 29.11
C TYR P 84 -56.21 -7.70 28.82
N ARG P 85 -55.56 -8.48 27.96
CA ARG P 85 -54.21 -8.19 27.49
C ARG P 85 -54.29 -8.03 25.98
N ILE P 86 -54.19 -6.80 25.50
CA ILE P 86 -54.38 -6.49 24.09
C ILE P 86 -53.01 -6.35 23.44
N LEU P 87 -52.61 -7.37 22.71
CA LEU P 87 -51.35 -7.36 22.00
C LEU P 87 -51.47 -6.51 20.74
N PRO P 88 -50.34 -5.94 20.27
CA PRO P 88 -50.39 -5.10 19.05
C PRO P 88 -50.73 -5.86 17.77
N SER P 89 -50.70 -7.19 17.78
CA SER P 89 -51.22 -7.96 16.67
C SER P 89 -52.73 -8.14 16.73
N GLY P 90 -53.40 -7.52 17.70
CA GLY P 90 -54.83 -7.66 17.89
C GLY P 90 -55.24 -8.81 18.78
N GLU P 91 -54.29 -9.51 19.39
CA GLU P 91 -54.59 -10.67 20.20
C GLU P 91 -55.01 -10.22 21.59
N THR P 92 -56.30 -10.35 21.88
CA THR P 92 -56.86 -10.00 23.19
C THR P 92 -56.88 -11.25 24.06
N THR P 93 -56.24 -11.17 25.22
CA THR P 93 -56.14 -12.31 26.13
C THR P 93 -56.84 -11.96 27.44
N PHE P 94 -57.86 -12.73 27.77
CA PHE P 94 -58.53 -12.64 29.07
C PHE P 94 -57.59 -13.18 30.14
N ILE P 95 -57.21 -12.32 31.09
CA ILE P 95 -56.27 -12.71 32.13
C ILE P 95 -56.82 -12.59 33.54
N HIS P 96 -57.79 -11.71 33.80
CA HIS P 96 -58.35 -11.57 35.14
C HIS P 96 -59.86 -11.67 35.02
N PRO P 97 -60.51 -12.63 35.71
CA PRO P 97 -59.95 -13.69 36.53
C PRO P 97 -59.38 -14.87 35.74
N ALA P 98 -59.16 -15.98 36.42
CA ALA P 98 -58.62 -17.17 35.75
C ALA P 98 -59.71 -17.94 35.02
N ASP P 99 -60.91 -17.99 35.59
CA ASP P 99 -62.02 -18.68 34.94
C ASP P 99 -62.61 -17.86 33.79
N VAL Q 2 -49.41 -32.45 72.37
CA VAL Q 2 -49.46 -33.10 73.66
C VAL Q 2 -50.83 -32.84 74.29
N GLN Q 3 -50.98 -31.71 74.97
CA GLN Q 3 -52.24 -31.35 75.60
C GLN Q 3 -52.23 -29.84 75.84
N ARG Q 4 -53.43 -29.29 76.03
CA ARG Q 4 -53.61 -27.85 76.08
C ARG Q 4 -53.05 -27.29 77.38
N GLY Q 5 -51.81 -26.81 77.33
CA GLY Q 5 -51.14 -26.27 78.49
C GLY Q 5 -49.78 -26.87 78.76
N SER Q 6 -49.26 -27.71 77.87
CA SER Q 6 -47.97 -28.37 78.08
C SER Q 6 -46.85 -27.53 77.51
N LYS Q 7 -45.87 -27.20 78.35
CA LYS Q 7 -44.69 -26.48 77.89
C LYS Q 7 -43.85 -27.40 77.01
N VAL Q 8 -43.53 -26.94 75.80
CA VAL Q 8 -42.69 -27.69 74.88
C VAL Q 8 -41.51 -26.84 74.47
N ARG Q 9 -40.60 -27.46 73.72
CA ARG Q 9 -39.46 -26.79 73.14
C ARG Q 9 -39.44 -26.99 71.64
N ILE Q 10 -38.67 -26.18 70.95
CA ILE Q 10 -38.67 -26.15 69.50
C ILE Q 10 -37.29 -26.56 68.99
N LEU Q 11 -37.26 -27.43 67.98
CA LEU Q 11 -36.03 -27.86 67.37
C LEU Q 11 -35.93 -27.49 65.89
N ARG Q 12 -36.90 -26.76 65.36
CA ARG Q 12 -36.85 -26.31 63.97
C ARG Q 12 -35.85 -25.18 63.84
N PRO Q 13 -34.77 -25.33 63.06
CA PRO Q 13 -33.71 -24.32 63.07
C PRO Q 13 -34.10 -23.02 62.40
N GLU Q 14 -34.94 -23.08 61.36
CA GLU Q 14 -35.35 -21.87 60.66
C GLU Q 14 -36.39 -21.09 61.46
N SER Q 15 -36.97 -21.68 62.50
CA SER Q 15 -37.96 -20.97 63.29
C SER Q 15 -37.31 -19.92 64.18
N TYR Q 16 -38.09 -18.93 64.57
CA TYR Q 16 -37.56 -17.87 65.43
C TYR Q 16 -37.38 -18.36 66.86
N TRP Q 17 -38.31 -19.17 67.36
CA TRP Q 17 -38.24 -19.60 68.76
C TRP Q 17 -37.48 -20.91 68.89
N PHE Q 18 -36.31 -21.01 68.26
CA PHE Q 18 -35.51 -22.22 68.31
C PHE Q 18 -34.89 -22.36 69.68
N GLN Q 19 -35.03 -23.54 70.29
CA GLN Q 19 -34.59 -23.84 71.66
C GLN Q 19 -35.20 -22.87 72.68
N ASP Q 20 -36.50 -22.62 72.55
CA ASP Q 20 -37.23 -21.78 73.48
C ASP Q 20 -38.46 -22.53 73.96
N VAL Q 21 -39.03 -22.05 75.06
CA VAL Q 21 -40.12 -22.73 75.73
C VAL Q 21 -41.43 -22.15 75.25
N GLY Q 22 -42.31 -23.01 74.73
CA GLY Q 22 -43.62 -22.62 74.29
C GLY Q 22 -44.72 -23.12 75.20
N THR Q 23 -45.94 -23.07 74.69
CA THR Q 23 -47.11 -23.56 75.42
C THR Q 23 -48.12 -24.02 74.38
N VAL Q 24 -48.48 -25.30 74.42
CA VAL Q 24 -49.36 -25.87 73.41
C VAL Q 24 -50.77 -25.36 73.63
N ALA Q 25 -51.35 -24.75 72.61
CA ALA Q 25 -52.70 -24.21 72.72
C ALA Q 25 -53.76 -25.18 72.24
N SER Q 26 -53.49 -25.89 71.15
CA SER Q 26 -54.41 -26.90 70.63
C SER Q 26 -53.64 -27.84 69.72
N VAL Q 27 -54.03 -29.10 69.73
CA VAL Q 27 -53.46 -30.11 68.85
C VAL Q 27 -54.58 -30.65 67.97
N ASP Q 28 -54.36 -30.65 66.66
CA ASP Q 28 -55.36 -31.12 65.72
C ASP Q 28 -55.25 -32.64 65.57
N GLN Q 29 -56.02 -33.21 64.65
CA GLN Q 29 -56.22 -34.64 64.58
C GLN Q 29 -55.70 -35.27 63.29
N SER Q 30 -56.11 -34.75 62.14
CA SER Q 30 -55.69 -35.34 60.86
C SER Q 30 -55.50 -34.20 59.88
N GLY Q 31 -54.24 -33.85 59.61
CA GLY Q 31 -53.93 -32.71 58.78
C GLY Q 31 -54.01 -31.41 59.55
N ILE Q 32 -53.05 -30.49 59.42
CA ILE Q 32 -51.86 -30.53 58.58
C ILE Q 32 -50.82 -31.47 59.20
N LYS Q 33 -49.77 -31.80 58.44
CA LYS Q 33 -48.59 -32.49 58.96
C LYS Q 33 -47.94 -31.79 60.15
N TYR Q 34 -48.24 -30.51 60.38
CA TYR Q 34 -47.76 -29.75 61.52
C TYR Q 34 -48.93 -29.36 62.41
N PRO Q 35 -49.58 -30.30 63.11
CA PRO Q 35 -50.91 -30.02 63.67
C PRO Q 35 -50.90 -29.41 65.06
N VAL Q 36 -49.79 -28.89 65.57
CA VAL Q 36 -49.68 -28.47 66.95
C VAL Q 36 -49.56 -26.96 67.01
N ILE Q 37 -50.57 -26.30 67.57
CA ILE Q 37 -50.53 -24.85 67.75
C ILE Q 37 -49.84 -24.56 69.07
N VAL Q 38 -48.78 -23.78 69.04
CA VAL Q 38 -47.99 -23.47 70.23
C VAL Q 38 -48.03 -21.97 70.44
N ARG Q 39 -48.68 -21.53 71.51
CA ARG Q 39 -48.78 -20.11 71.82
C ARG Q 39 -47.54 -19.70 72.60
N PHE Q 40 -46.62 -19.04 71.92
CA PHE Q 40 -45.40 -18.59 72.58
C PHE Q 40 -45.67 -17.35 73.42
N ASP Q 41 -44.67 -16.96 74.20
CA ASP Q 41 -44.82 -15.83 75.11
C ASP Q 41 -44.09 -14.59 74.64
N LYS Q 42 -43.05 -14.75 73.83
CA LYS Q 42 -42.34 -13.63 73.21
C LYS Q 42 -42.57 -13.63 71.71
N VAL Q 43 -42.54 -12.45 71.12
CA VAL Q 43 -42.95 -12.28 69.72
C VAL Q 43 -41.72 -12.27 68.82
N ASN Q 44 -41.94 -12.67 67.57
CA ASN Q 44 -40.89 -12.63 66.55
C ASN Q 44 -40.84 -11.24 65.91
N TYR Q 45 -40.12 -11.14 64.80
CA TYR Q 45 -40.00 -9.85 64.13
C TYR Q 45 -41.29 -9.46 63.44
N ALA Q 46 -42.11 -10.43 63.08
CA ALA Q 46 -43.39 -10.13 62.45
C ALA Q 46 -44.41 -9.64 63.46
N GLY Q 47 -44.14 -9.87 64.74
CA GLY Q 47 -45.05 -9.44 65.80
C GLY Q 47 -45.97 -10.50 66.32
N ILE Q 48 -46.02 -11.68 65.69
CA ILE Q 48 -46.93 -12.74 66.09
C ILE Q 48 -46.27 -13.57 67.17
N ASN Q 49 -47.06 -14.42 67.84
CA ASN Q 49 -46.49 -15.32 68.83
C ASN Q 49 -47.13 -16.70 68.81
N THR Q 50 -47.58 -17.17 67.64
CA THR Q 50 -48.14 -18.49 67.50
C THR Q 50 -47.63 -19.10 66.21
N ASN Q 51 -47.60 -20.43 66.17
CA ASN Q 51 -47.05 -21.14 65.02
C ASN Q 51 -47.56 -22.57 65.07
N ASN Q 52 -47.37 -23.29 63.96
CA ASN Q 52 -47.74 -24.69 63.86
C ASN Q 52 -46.48 -25.54 63.79
N PHE Q 53 -46.49 -26.69 64.46
CA PHE Q 53 -45.34 -27.57 64.52
C PHE Q 53 -45.76 -29.02 64.41
N ALA Q 54 -44.82 -29.85 63.97
CA ALA Q 54 -45.07 -31.27 63.85
C ALA Q 54 -45.12 -31.93 65.23
N VAL Q 55 -45.49 -33.21 65.24
CA VAL Q 55 -45.60 -33.94 66.50
C VAL Q 55 -44.21 -34.29 67.03
N ASP Q 56 -43.32 -34.76 66.15
CA ASP Q 56 -41.95 -35.08 66.53
C ASP Q 56 -41.04 -33.86 66.62
N GLU Q 57 -41.57 -32.67 66.36
CA GLU Q 57 -40.73 -31.48 66.38
C GLU Q 57 -40.48 -31.01 67.81
N LEU Q 58 -41.35 -31.36 68.73
CA LEU Q 58 -41.35 -30.76 70.04
C LEU Q 58 -40.60 -31.63 71.06
N ILE Q 59 -40.19 -30.99 72.16
CA ILE Q 59 -39.60 -31.66 73.30
C ILE Q 59 -40.41 -31.24 74.52
N GLU Q 60 -41.16 -32.18 75.09
CA GLU Q 60 -41.96 -31.88 76.27
C GLU Q 60 -41.06 -31.71 77.49
N VAL Q 61 -41.29 -30.65 78.26
CA VAL Q 61 -40.53 -30.36 79.47
C VAL Q 61 -41.42 -30.29 80.70
N GLU Q 62 -42.65 -30.80 80.62
CA GLU Q 62 -43.50 -30.90 81.81
C GLU Q 62 -44.09 -32.28 81.98
N LEU R 24 11.23 8.30 85.17
CA LEU R 24 12.09 7.19 85.59
C LEU R 24 11.90 5.74 85.02
N GLY R 25 10.72 5.19 84.73
CA GLY R 25 9.38 5.75 84.79
C GLY R 25 8.49 5.89 83.55
N ALA R 26 8.93 6.40 82.39
CA ALA R 26 10.21 7.08 82.15
C ALA R 26 10.05 8.32 81.28
N ASP R 27 11.16 9.03 81.09
CA ASP R 27 11.21 10.48 80.77
C ASP R 27 10.39 11.28 81.78
N LEU R 28 10.49 10.89 83.05
CA LEU R 28 9.63 11.42 84.10
C LEU R 28 10.48 11.85 85.29
N THR R 29 10.79 13.12 85.33
CA THR R 29 11.24 13.75 86.56
C THR R 29 10.02 14.01 87.43
N PRO R 30 10.18 14.09 88.75
CA PRO R 30 9.07 14.52 89.60
C PRO R 30 8.72 15.98 89.34
N CYS R 31 7.44 16.30 89.55
CA CYS R 31 6.94 17.62 89.19
C CYS R 31 7.50 18.70 90.11
N ALA R 32 7.85 18.33 91.35
CA ALA R 32 8.41 19.30 92.28
C ALA R 32 9.83 19.72 91.94
N GLU R 33 10.48 19.01 91.01
CA GLU R 33 11.83 19.35 90.59
C GLU R 33 11.90 20.08 89.26
N ASN R 34 10.77 20.17 88.53
CA ASN R 34 10.78 20.72 87.18
C ASN R 34 10.68 22.24 87.21
N PRO R 35 11.53 22.95 86.47
CA PRO R 35 11.30 24.40 86.30
C PRO R 35 10.13 24.69 85.38
N ALA R 36 9.73 23.75 84.54
CA ALA R 36 8.56 23.96 83.69
C ALA R 36 7.26 23.86 84.49
N PHE R 37 7.22 22.95 85.48
CA PHE R 37 6.04 22.84 86.32
C PHE R 37 5.93 24.03 87.26
N GLN R 38 7.06 24.50 87.79
CA GLN R 38 7.03 25.67 88.66
C GLN R 38 6.77 26.95 87.87
N ALA R 39 7.03 26.96 86.57
CA ALA R 39 6.61 28.09 85.74
C ALA R 39 5.11 28.08 85.52
N LEU R 40 4.52 26.88 85.37
CA LEU R 40 3.06 26.78 85.35
C LEU R 40 2.46 27.02 86.73
N ALA R 41 3.25 26.94 87.80
CA ALA R 41 2.73 27.21 89.12
C ALA R 41 2.49 28.70 89.35
N LYS R 42 3.29 29.55 88.73
CA LYS R 42 3.19 30.99 88.94
C LYS R 42 2.01 31.63 88.23
N ASN R 43 1.36 30.90 87.32
CA ASN R 43 0.24 31.44 86.55
C ASN R 43 -0.98 30.55 86.71
N ALA R 44 -1.30 30.21 87.95
CA ALA R 44 -2.38 29.29 88.23
C ALA R 44 -3.74 29.93 87.95
N ARG R 45 -4.61 29.17 87.31
CA ARG R 45 -5.98 29.59 87.05
C ARG R 45 -6.89 28.89 88.04
N ASN R 46 -7.77 29.65 88.67
CA ASN R 46 -8.61 29.11 89.73
C ASN R 46 -9.72 28.26 89.15
N THR R 47 -9.84 27.02 89.63
CA THR R 47 -10.89 26.13 89.15
C THR R 47 -12.26 26.59 89.61
N THR R 48 -12.47 26.64 90.92
CA THR R 48 -13.71 27.08 91.52
C THR R 48 -13.46 28.49 92.08
N ALA R 49 -14.54 29.17 92.55
CA ALA R 49 -14.49 30.52 93.10
C ALA R 49 -13.63 30.65 94.36
N ASP R 50 -13.17 29.54 94.94
CA ASP R 50 -12.08 29.50 95.91
C ASP R 50 -10.88 30.27 95.37
N PRO R 51 -10.43 31.32 96.04
CA PRO R 51 -9.36 32.18 95.47
C PRO R 51 -8.00 31.52 95.42
N GLN R 52 -7.77 30.47 96.21
CA GLN R 52 -6.51 29.74 96.20
C GLN R 52 -6.67 28.33 95.62
N SER R 53 -7.75 28.09 94.87
CA SER R 53 -7.94 26.80 94.23
C SER R 53 -6.95 26.58 93.09
N GLY R 54 -6.37 27.63 92.55
CA GLY R 54 -5.29 27.46 91.60
C GLY R 54 -4.00 27.03 92.27
N GLN R 55 -3.80 27.44 93.52
CA GLN R 55 -2.56 27.15 94.23
C GLN R 55 -2.59 25.80 94.92
N LYS R 56 -3.71 25.44 95.56
CA LYS R 56 -3.83 24.14 96.19
C LYS R 56 -3.87 23.00 95.17
N ARG R 57 -4.13 23.31 93.89
CA ARG R 57 -4.08 22.30 92.84
C ARG R 57 -2.66 21.80 92.62
N PHE R 58 -1.68 22.69 92.72
CA PHE R 58 -0.30 22.37 92.35
C PHE R 58 0.53 21.84 93.50
N GLU R 59 0.10 21.99 94.74
CA GLU R 59 0.82 21.36 95.83
C GLU R 59 0.49 19.87 95.90
N ARG R 60 -0.63 19.46 95.32
CA ARG R 60 -0.96 18.06 95.21
C ARG R 60 -0.39 17.44 93.94
N TYR R 61 -0.23 18.23 92.88
CA TYR R 61 0.41 17.73 91.67
C TYR R 61 1.92 17.70 91.74
N SER R 62 2.51 18.13 92.85
CA SER R 62 3.96 18.12 93.00
C SER R 62 4.52 16.72 93.19
N GLN R 63 3.70 15.78 93.62
CA GLN R 63 4.12 14.40 93.85
C GLN R 63 3.98 13.52 92.61
N ALA R 64 3.37 14.02 91.55
CA ALA R 64 3.27 13.24 90.33
C ALA R 64 4.58 13.32 89.55
N LEU R 65 4.58 12.78 88.35
CA LEU R 65 5.77 12.77 87.50
C LEU R 65 5.48 13.61 86.26
N CYS R 66 5.99 14.84 86.24
CA CYS R 66 5.80 15.70 85.09
C CYS R 66 7.00 15.59 84.15
N GLY R 67 6.73 15.43 82.86
CA GLY R 67 7.77 15.28 81.88
C GLY R 67 8.44 16.58 81.51
N PRO R 68 8.86 16.70 80.24
CA PRO R 68 9.55 17.93 79.82
C PRO R 68 8.61 19.12 79.67
N GLU R 69 7.30 18.89 79.69
CA GLU R 69 6.34 19.95 79.41
C GLU R 69 5.83 20.59 80.68
N GLY R 70 5.85 19.87 81.78
CA GLY R 70 5.26 20.32 83.01
C GLY R 70 3.88 19.79 83.27
N TYR R 71 3.50 18.69 82.67
CA TYR R 71 2.19 18.11 82.88
C TYR R 71 2.32 16.73 83.52
N PRO R 72 1.47 16.41 84.49
CA PRO R 72 1.57 15.11 85.18
C PRO R 72 1.22 13.96 84.25
N HIS R 73 2.17 13.04 84.09
CA HIS R 73 1.97 11.82 83.31
C HIS R 73 1.66 10.69 84.27
N LEU R 74 0.53 10.02 84.06
CA LEU R 74 0.12 9.00 85.00
C LEU R 74 0.83 7.69 84.72
N ILE R 75 0.80 6.80 85.71
CA ILE R 75 1.46 5.50 85.65
C ILE R 75 0.42 4.44 85.95
N VAL R 76 0.04 3.67 84.94
CA VAL R 76 -0.97 2.65 85.07
C VAL R 76 -0.34 1.27 85.28
N ASP R 77 0.89 1.25 85.79
CA ASP R 77 1.68 0.03 85.85
C ASP R 77 1.17 -0.91 86.93
N GLY R 78 1.06 -0.42 88.15
CA GLY R 78 0.77 -1.28 89.28
C GLY R 78 1.80 -1.06 90.37
N ARG R 79 2.66 -0.07 90.18
CA ARG R 79 3.64 0.28 91.19
C ARG R 79 2.95 0.92 92.38
N LEU R 80 3.32 0.48 93.59
CA LEU R 80 2.62 0.92 94.79
C LEU R 80 3.01 2.33 95.22
N ASP R 81 4.00 2.94 94.59
CA ASP R 81 4.22 4.36 94.79
C ASP R 81 3.45 5.22 93.80
N ARG R 82 2.89 4.60 92.76
CA ARG R 82 2.05 5.27 91.79
C ARG R 82 0.68 4.63 91.74
N ALA R 83 0.22 4.11 92.88
CA ALA R 83 -1.07 3.44 92.97
C ALA R 83 -2.24 4.40 92.91
N GLY R 84 -2.04 5.67 93.25
CA GLY R 84 -3.11 6.63 93.19
C GLY R 84 -3.53 7.00 91.79
N ASP R 85 -2.69 6.73 90.78
CA ASP R 85 -3.06 7.03 89.40
C ASP R 85 -4.17 6.11 88.93
N PHE R 86 -3.93 4.81 88.97
CA PHE R 86 -4.82 3.87 88.32
C PHE R 86 -5.23 2.72 89.23
N LEU R 87 -4.41 2.38 90.22
CA LEU R 87 -4.75 1.25 91.09
C LEU R 87 -5.91 1.59 92.03
N ILE R 88 -5.85 2.76 92.67
CA ILE R 88 -6.92 3.22 93.54
C ILE R 88 -8.20 3.53 92.76
N PRO R 89 -8.22 4.27 91.63
CA PRO R 89 -9.51 4.50 90.96
C PRO R 89 -10.09 3.28 90.27
N SER R 90 -9.30 2.24 90.00
CA SER R 90 -9.85 1.05 89.37
C SER R 90 -10.67 0.22 90.36
N ILE R 91 -10.22 0.14 91.61
CA ILE R 91 -10.98 -0.56 92.63
C ILE R 91 -12.25 0.20 92.95
N LEU R 92 -12.16 1.54 92.99
CA LEU R 92 -13.32 2.37 93.30
C LEU R 92 -14.34 2.34 92.17
N PHE R 93 -13.89 2.19 90.93
CA PHE R 93 -14.83 2.12 89.81
C PHE R 93 -15.53 0.78 89.78
N LEU R 94 -14.76 -0.32 89.82
CA LEU R 94 -15.31 -1.65 89.61
C LEU R 94 -16.26 -2.07 90.71
N TYR R 95 -16.17 -1.47 91.89
CA TYR R 95 -17.18 -1.71 92.90
C TYR R 95 -18.50 -1.05 92.52
N ILE R 96 -18.44 0.11 91.89
CA ILE R 96 -19.65 0.86 91.59
C ILE R 96 -20.33 0.34 90.33
N ALA R 97 -19.56 0.18 89.25
CA ALA R 97 -20.15 -0.15 87.95
C ALA R 97 -20.64 -1.58 87.88
N GLY R 98 -20.01 -2.48 88.62
CA GLY R 98 -20.56 -3.82 88.74
C GLY R 98 -21.83 -3.82 89.55
N TRP R 99 -21.95 -2.87 90.49
CA TRP R 99 -23.14 -2.79 91.32
C TRP R 99 -24.29 -2.15 90.58
N ILE R 100 -23.99 -1.30 89.61
CA ILE R 100 -25.03 -0.83 88.68
C ILE R 100 -25.59 -2.01 87.90
N GLY R 101 -24.73 -2.89 87.41
CA GLY R 101 -25.19 -4.03 86.64
C GLY R 101 -25.66 -5.20 87.47
N TRP R 102 -25.26 -5.27 88.74
CA TRP R 102 -25.76 -6.36 89.57
C TRP R 102 -27.19 -6.11 90.02
N VAL R 103 -27.50 -4.86 90.36
CA VAL R 103 -28.85 -4.49 90.74
C VAL R 103 -29.80 -4.63 89.55
N GLY R 104 -29.36 -4.18 88.37
CA GLY R 104 -30.17 -4.32 87.18
C GLY R 104 -30.35 -5.76 86.72
N ARG R 105 -29.48 -6.65 87.16
CA ARG R 105 -29.67 -8.07 86.88
C ARG R 105 -30.69 -8.69 87.84
N ALA R 106 -30.62 -8.32 89.13
CA ALA R 106 -31.51 -8.91 90.11
C ALA R 106 -32.93 -8.41 89.99
N TYR R 107 -33.13 -7.24 89.39
CA TYR R 107 -34.49 -6.75 89.20
C TYR R 107 -35.15 -7.41 87.99
N LEU R 108 -34.38 -7.74 86.97
CA LEU R 108 -34.93 -8.43 85.80
C LEU R 108 -35.20 -9.89 86.10
N GLN R 109 -34.56 -10.45 87.13
CA GLN R 109 -34.93 -11.78 87.59
C GLN R 109 -36.26 -11.74 88.34
N ALA R 110 -36.52 -10.65 89.08
CA ALA R 110 -37.72 -10.55 89.90
C ALA R 110 -38.95 -10.37 89.05
N ILE R 111 -38.92 -9.43 88.10
CA ILE R 111 -40.12 -9.08 87.34
C ILE R 111 -40.40 -10.06 86.21
N LYS R 112 -39.55 -11.06 85.99
CA LYS R 112 -39.88 -12.08 85.01
C LYS R 112 -40.98 -13.00 85.50
N LYS R 113 -41.04 -13.22 86.81
CA LYS R 113 -42.06 -14.06 87.42
C LYS R 113 -43.26 -13.26 87.90
N ASP R 114 -43.82 -12.41 87.04
CA ASP R 114 -44.98 -11.60 87.38
C ASP R 114 -45.99 -11.70 86.24
N SER R 115 -47.13 -11.03 86.43
CA SER R 115 -48.22 -11.17 85.47
C SER R 115 -47.99 -10.33 84.23
N ASP R 116 -47.53 -9.09 84.40
CA ASP R 116 -47.37 -8.20 83.26
C ASP R 116 -46.04 -8.41 82.55
N THR R 117 -44.94 -8.18 83.25
CA THR R 117 -43.52 -8.38 82.91
C THR R 117 -43.03 -7.32 81.88
N GLU R 118 -43.92 -6.61 81.20
CA GLU R 118 -43.51 -5.50 80.36
C GLU R 118 -44.00 -4.16 80.86
N GLN R 119 -45.02 -4.12 81.71
CA GLN R 119 -45.32 -2.88 82.41
C GLN R 119 -44.21 -2.54 83.39
N LYS R 120 -43.62 -3.55 84.02
CA LYS R 120 -42.64 -3.29 85.07
C LYS R 120 -41.29 -2.88 84.50
N GLU R 121 -41.15 -2.93 83.17
CA GLU R 121 -39.89 -2.57 82.52
C GLU R 121 -39.84 -1.07 82.22
N ILE R 122 -40.91 -0.52 81.66
CA ILE R 122 -40.93 0.92 81.40
C ILE R 122 -41.48 1.68 82.61
N GLN R 123 -42.33 1.06 83.40
CA GLN R 123 -43.04 1.70 84.49
C GLN R 123 -42.64 0.95 85.75
N LEU R 124 -41.67 1.50 86.48
CA LEU R 124 -40.88 0.72 87.44
C LEU R 124 -41.71 0.31 88.64
N ASP R 125 -41.66 -0.98 88.96
CA ASP R 125 -42.27 -1.47 90.19
C ASP R 125 -41.36 -1.02 91.34
N LEU R 126 -41.69 0.13 91.93
CA LEU R 126 -40.79 0.77 92.88
C LEU R 126 -40.76 0.04 94.21
N GLY R 127 -41.81 -0.72 94.53
CA GLY R 127 -41.82 -1.52 95.74
C GLY R 127 -40.96 -2.77 95.66
N ILE R 128 -40.55 -3.15 94.45
CA ILE R 128 -39.68 -4.29 94.25
C ILE R 128 -38.27 -3.78 93.96
N ALA R 129 -38.19 -2.62 93.29
CA ALA R 129 -36.90 -2.10 92.84
C ALA R 129 -36.05 -1.61 94.01
N LEU R 130 -36.65 -0.90 94.95
CA LEU R 130 -35.90 -0.38 96.10
C LEU R 130 -35.36 -1.44 97.05
N PRO R 131 -36.01 -2.60 97.29
CA PRO R 131 -35.28 -3.66 98.00
C PRO R 131 -34.16 -4.28 97.20
N ILE R 132 -34.20 -4.21 95.86
CA ILE R 132 -33.08 -4.72 95.08
C ILE R 132 -31.90 -3.76 95.14
N ILE R 133 -32.17 -2.45 95.17
CA ILE R 133 -31.11 -1.45 95.13
C ILE R 133 -30.34 -1.43 96.43
N ALA R 134 -31.05 -1.42 97.56
CA ALA R 134 -30.38 -1.31 98.86
C ALA R 134 -29.66 -2.58 99.27
N THR R 135 -30.02 -3.72 98.67
CA THR R 135 -29.42 -4.99 99.10
C THR R 135 -28.04 -5.19 98.49
N GLY R 136 -27.90 -4.93 97.20
CA GLY R 136 -26.80 -5.47 96.43
C GLY R 136 -25.41 -4.90 96.61
N PHE R 137 -25.18 -4.12 97.67
CA PHE R 137 -23.86 -3.53 97.89
C PHE R 137 -22.81 -4.57 98.28
N ALA R 138 -23.23 -5.77 98.68
CA ALA R 138 -22.31 -6.87 98.93
C ALA R 138 -22.34 -7.86 97.77
N TRP R 139 -22.43 -7.36 96.54
CA TRP R 139 -22.39 -8.20 95.36
C TRP R 139 -21.13 -9.02 95.12
N PRO R 140 -19.91 -8.66 95.59
CA PRO R 140 -18.83 -9.66 95.48
C PRO R 140 -19.04 -10.84 96.41
N ALA R 141 -19.68 -10.63 97.55
CA ALA R 141 -20.13 -11.75 98.35
C ALA R 141 -21.30 -12.47 97.68
N ALA R 142 -22.05 -11.79 96.83
CA ALA R 142 -23.15 -12.43 96.12
C ALA R 142 -22.66 -13.14 94.87
N ALA R 143 -22.02 -12.41 93.95
CA ALA R 143 -21.79 -12.88 92.58
C ALA R 143 -20.88 -14.09 92.48
N VAL R 144 -20.11 -14.39 93.53
CA VAL R 144 -19.37 -15.64 93.57
C VAL R 144 -20.32 -16.81 93.85
N LYS R 145 -21.36 -16.60 94.65
CA LYS R 145 -22.25 -17.68 95.04
C LYS R 145 -23.10 -18.16 93.87
N GLU R 146 -23.48 -17.26 92.96
CA GLU R 146 -24.15 -17.73 91.74
C GLU R 146 -23.17 -18.39 90.80
N LEU R 147 -21.90 -17.99 90.83
CA LEU R 147 -20.90 -18.60 89.97
C LEU R 147 -20.58 -20.02 90.41
N LEU R 148 -20.26 -20.20 91.69
CA LEU R 148 -19.91 -21.51 92.21
C LEU R 148 -21.09 -22.47 92.22
N SER R 149 -22.31 -21.97 92.25
CA SER R 149 -23.49 -22.80 92.11
C SER R 149 -23.98 -22.91 90.68
N GLY R 150 -23.34 -22.19 89.75
CA GLY R 150 -23.71 -22.25 88.35
C GLY R 150 -25.02 -21.61 87.99
N GLU R 151 -25.60 -20.81 88.88
CA GLU R 151 -26.82 -20.07 88.59
C GLU R 151 -26.53 -18.75 87.87
N LEU R 152 -25.26 -18.42 87.67
CA LEU R 152 -24.91 -17.18 87.00
C LEU R 152 -25.23 -17.24 85.52
N THR R 153 -25.01 -18.38 84.90
CA THR R 153 -25.16 -18.53 83.46
C THR R 153 -26.38 -19.38 83.14
N ALA R 154 -26.60 -19.59 81.85
CA ALA R 154 -27.69 -20.42 81.37
C ALA R 154 -27.13 -21.51 80.46
N LYS R 155 -27.90 -22.58 80.29
CA LYS R 155 -27.48 -23.68 79.44
C LYS R 155 -27.55 -23.27 77.99
N ASP R 156 -26.57 -23.71 77.20
CA ASP R 156 -26.56 -23.40 75.76
C ASP R 156 -27.61 -24.19 74.99
N SER R 157 -28.20 -25.21 75.60
CA SER R 157 -29.36 -25.88 75.04
C SER R 157 -30.66 -25.20 75.45
N GLU R 158 -30.61 -23.99 75.99
CA GLU R 158 -31.79 -23.25 76.38
C GLU R 158 -31.80 -21.81 75.87
N ILE R 159 -30.85 -21.45 75.00
CA ILE R 159 -30.74 -20.12 74.42
C ILE R 159 -30.95 -20.24 72.92
N THR R 160 -31.68 -19.30 72.34
CA THR R 160 -31.89 -19.32 70.90
C THR R 160 -30.60 -18.98 70.15
N VAL R 161 -30.35 -19.71 69.06
CA VAL R 161 -29.16 -19.51 68.25
C VAL R 161 -29.55 -19.43 66.78
N SER R 162 -28.70 -18.80 66.02
CA SER R 162 -28.90 -18.63 64.59
C SER R 162 -28.66 -19.93 63.85
N PRO R 163 -29.31 -20.15 62.72
CA PRO R 163 -28.93 -21.26 61.85
C PRO R 163 -27.52 -21.07 61.31
N ARG R 164 -26.74 -22.15 61.36
CA ARG R 164 -25.29 -22.07 61.17
C ARG R 164 -24.93 -21.82 59.72
N ALA S 13 13.82 13.05 20.66
CA ALA S 13 12.63 12.87 19.84
C ALA S 13 11.39 13.14 20.65
N SER S 14 11.32 14.34 21.25
CA SER S 14 10.21 14.70 22.12
C SER S 14 8.95 15.08 21.36
N PHE S 15 8.97 15.03 20.03
CA PHE S 15 7.78 15.31 19.23
C PHE S 15 6.81 14.14 19.19
N LEU S 16 7.19 12.98 19.71
CA LEU S 16 6.27 11.85 19.73
C LEU S 16 5.13 12.06 20.72
N SER S 17 5.32 12.95 21.70
CA SER S 17 4.23 13.32 22.59
C SER S 17 3.12 14.03 21.84
N SER S 18 3.46 14.79 20.79
CA SER S 18 2.43 15.47 20.01
C SER S 18 1.62 14.52 19.15
N ILE S 19 2.04 13.27 18.99
CA ILE S 19 1.35 12.32 18.12
C ILE S 19 0.82 11.11 18.88
N PHE S 20 1.33 10.80 20.07
CA PHE S 20 0.74 9.73 20.87
C PHE S 20 -0.34 10.21 21.82
N VAL S 21 -0.16 11.39 22.42
CA VAL S 21 -1.13 11.90 23.39
C VAL S 21 -2.47 12.28 22.73
N PRO S 22 -2.55 12.97 21.58
CA PRO S 22 -3.87 13.17 20.97
C PRO S 22 -4.49 11.91 20.44
N VAL S 23 -3.71 10.90 20.04
CA VAL S 23 -4.30 9.64 19.60
C VAL S 23 -4.94 8.90 20.78
N ILE S 24 -4.26 8.90 21.92
CA ILE S 24 -4.82 8.24 23.10
C ILE S 24 -5.88 9.11 23.75
N GLY S 25 -5.76 10.43 23.64
CA GLY S 25 -6.81 11.31 24.13
C GLY S 25 -8.07 11.31 23.30
N TRP S 26 -7.94 11.31 21.97
CA TRP S 26 -9.08 11.42 21.07
C TRP S 26 -9.36 10.13 20.32
N VAL S 27 -8.38 9.61 19.59
CA VAL S 27 -8.63 8.56 18.60
C VAL S 27 -8.88 7.22 19.27
N VAL S 28 -8.16 6.94 20.36
CA VAL S 28 -8.36 5.68 21.07
C VAL S 28 -9.74 5.53 21.72
N PRO S 29 -10.29 6.56 22.43
CA PRO S 29 -11.67 6.36 22.90
C PRO S 29 -12.73 6.39 21.81
N ILE S 30 -12.55 7.19 20.76
CA ILE S 30 -13.51 7.21 19.66
C ILE S 30 -13.56 5.87 18.96
N ALA S 31 -12.38 5.26 18.74
CA ALA S 31 -12.36 3.93 18.13
C ALA S 31 -12.88 2.86 19.08
N THR S 32 -12.70 3.02 20.39
CA THR S 32 -13.13 2.01 21.33
C THR S 32 -14.63 2.10 21.59
N PHE S 33 -15.13 3.32 21.83
CA PHE S 33 -16.54 3.49 22.17
C PHE S 33 -17.44 3.20 20.98
N SER S 34 -17.00 3.55 19.77
CA SER S 34 -17.78 3.25 18.59
C SER S 34 -17.73 1.77 18.25
N PHE S 35 -16.73 1.04 18.73
CA PHE S 35 -16.78 -0.40 18.58
C PHE S 35 -17.70 -1.02 19.61
N LEU S 36 -17.61 -0.56 20.86
CA LEU S 36 -18.35 -1.20 21.94
C LEU S 36 -19.83 -0.89 21.87
N PHE S 37 -20.19 0.32 21.45
CA PHE S 37 -21.60 0.67 21.29
C PHE S 37 -22.26 -0.16 20.19
N LEU S 38 -21.53 -0.42 19.10
CA LEU S 38 -22.08 -1.27 18.07
C LEU S 38 -21.97 -2.75 18.41
N TYR S 39 -21.21 -3.11 19.44
CA TYR S 39 -21.11 -4.50 19.85
C TYR S 39 -22.14 -4.86 20.90
N ILE S 40 -22.42 -3.95 21.84
CA ILE S 40 -23.43 -4.25 22.85
C ILE S 40 -24.82 -4.15 22.25
N GLU S 41 -25.00 -3.31 21.23
CA GLU S 41 -26.27 -3.24 20.51
C GLU S 41 -26.19 -4.01 19.20
N ARG S 42 -26.15 -5.33 19.33
CA ARG S 42 -25.95 -6.22 18.20
C ARG S 42 -26.73 -7.49 18.46
N GLU S 43 -27.80 -7.70 17.71
CA GLU S 43 -28.69 -8.83 17.92
C GLU S 43 -28.05 -10.16 17.54
N ASP T 6 -58.10 6.44 94.15
CA ASP T 6 -57.06 7.15 94.88
C ASP T 6 -56.22 7.98 93.93
N GLN T 7 -56.32 9.31 94.03
CA GLN T 7 -55.59 10.18 93.13
C GLN T 7 -54.10 10.22 93.46
N SER T 8 -53.74 9.94 94.71
CA SER T 8 -52.34 10.04 95.11
C SER T 8 -51.51 8.88 94.59
N SER T 9 -52.14 7.72 94.34
CA SER T 9 -51.41 6.56 93.85
C SER T 9 -50.96 6.75 92.41
N TYR T 10 -51.68 7.60 91.66
CA TYR T 10 -51.34 7.87 90.27
C TYR T 10 -50.12 8.76 90.16
N LEU T 11 -49.73 9.43 91.25
CA LEU T 11 -48.54 10.27 91.24
C LEU T 11 -47.29 9.46 91.59
N ILE T 12 -47.43 8.45 92.46
CA ILE T 12 -46.34 7.49 92.64
C ILE T 12 -46.17 6.64 91.39
N LYS T 13 -47.27 6.31 90.73
CA LYS T 13 -47.18 5.49 89.53
C LYS T 13 -46.70 6.30 88.32
N PHE T 14 -46.81 7.63 88.37
CA PHE T 14 -46.26 8.46 87.31
C PHE T 14 -44.79 8.81 87.57
N ILE T 15 -44.39 8.92 88.83
CA ILE T 15 -43.01 9.27 89.15
C ILE T 15 -42.07 8.09 88.90
N SER T 16 -42.62 6.90 88.68
CA SER T 16 -41.84 5.70 88.42
C SER T 16 -42.11 5.15 87.02
N THR T 17 -42.25 6.02 86.03
CA THR T 17 -42.19 5.58 84.64
C THR T 17 -40.75 5.72 84.16
N ALA T 18 -40.51 5.48 82.88
CA ALA T 18 -39.13 5.47 82.39
C ALA T 18 -38.47 6.86 82.34
N PRO T 19 -39.04 7.88 81.66
CA PRO T 19 -38.27 9.13 81.58
C PRO T 19 -38.31 9.96 82.85
N VAL T 20 -39.28 9.74 83.72
CA VAL T 20 -39.44 10.55 84.92
C VAL T 20 -38.52 10.08 86.02
N ALA T 21 -38.42 8.77 86.21
CA ALA T 21 -37.47 8.21 87.16
C ALA T 21 -36.03 8.46 86.71
N ALA T 22 -35.76 8.29 85.42
CA ALA T 22 -34.42 8.51 84.90
C ALA T 22 -34.06 9.99 84.83
N THR T 23 -35.04 10.89 84.90
CA THR T 23 -34.69 12.31 85.01
C THR T 23 -34.29 12.65 86.44
N ILE T 24 -35.03 12.11 87.41
CA ILE T 24 -34.76 12.41 88.81
C ILE T 24 -33.48 11.72 89.27
N TRP T 25 -33.30 10.46 88.88
CA TRP T 25 -32.14 9.70 89.33
C TRP T 25 -30.86 10.22 88.72
N LEU T 26 -30.89 10.62 87.44
CA LEU T 26 -29.73 11.24 86.84
C LEU T 26 -29.52 12.68 87.29
N THR T 27 -30.52 13.30 87.91
CA THR T 27 -30.32 14.63 88.47
C THR T 27 -29.64 14.53 89.83
N ILE T 28 -30.06 13.55 90.64
CA ILE T 28 -29.39 13.27 91.90
C ILE T 28 -27.98 12.78 91.66
N THR T 29 -27.78 11.95 90.62
CA THR T 29 -26.45 11.47 90.26
C THR T 29 -25.55 12.62 89.82
N ALA T 30 -26.05 13.48 88.93
CA ALA T 30 -25.22 14.59 88.45
C ALA T 30 -24.99 15.63 89.53
N GLY T 31 -25.95 15.80 90.45
CA GLY T 31 -25.77 16.78 91.51
C GLY T 31 -24.74 16.34 92.54
N ILE T 32 -24.56 15.03 92.72
CA ILE T 32 -23.52 14.54 93.61
C ILE T 32 -22.15 14.83 93.03
N LEU T 33 -21.98 14.65 91.73
CA LEU T 33 -20.70 14.91 91.08
C LEU T 33 -20.39 16.40 91.02
N ILE T 34 -21.42 17.24 90.96
CA ILE T 34 -21.20 18.68 90.90
C ILE T 34 -20.86 19.23 92.28
N GLU T 35 -21.62 18.84 93.31
CA GLU T 35 -21.32 19.35 94.64
C GLU T 35 -20.11 18.67 95.29
N PHE T 36 -19.64 17.55 94.73
CA PHE T 36 -18.36 17.03 95.17
C PHE T 36 -17.20 17.81 94.55
N ASN T 37 -17.44 18.44 93.40
CA ASN T 37 -16.38 19.12 92.67
C ASN T 37 -16.30 20.60 92.98
N ARG T 38 -17.27 21.17 93.68
CA ARG T 38 -17.09 22.54 94.15
C ARG T 38 -16.15 22.58 95.34
N PHE T 39 -16.24 21.58 96.22
CA PHE T 39 -15.51 21.57 97.48
C PHE T 39 -14.16 20.87 97.37
N PHE T 40 -14.07 19.80 96.59
CA PHE T 40 -12.83 19.07 96.38
C PHE T 40 -12.56 19.02 94.89
N PRO T 41 -12.00 20.07 94.32
CA PRO T 41 -11.78 20.12 92.87
C PRO T 41 -10.46 19.44 92.52
N ASP T 42 -10.25 19.32 91.20
CA ASP T 42 -8.93 19.07 90.59
C ASP T 42 -8.36 17.70 90.96
N LEU T 43 -9.23 16.72 91.24
CA LEU T 43 -8.77 15.41 91.69
C LEU T 43 -8.37 14.57 90.49
N LEU T 44 -7.15 14.80 90.01
CA LEU T 44 -6.64 14.01 88.90
C LEU T 44 -6.37 12.57 89.31
N PHE T 45 -5.77 12.38 90.48
CA PHE T 45 -5.43 11.05 90.97
C PHE T 45 -5.54 11.04 92.48
N HIS T 46 -5.56 9.84 93.05
CA HIS T 46 -5.63 9.74 94.50
C HIS T 46 -4.27 10.07 95.11
N PRO T 47 -4.21 10.94 96.13
CA PRO T 47 -2.93 11.47 96.56
C PRO T 47 -2.05 10.52 97.36
N LEU T 48 -2.60 9.38 97.81
CA LEU T 48 -1.90 8.38 98.65
C LEU T 48 -1.32 8.96 99.94
N TRP U 16 -53.03 71.30 56.23
CA TRP U 16 -53.33 72.69 56.50
C TRP U 16 -54.66 73.07 55.90
N SER U 17 -55.62 72.17 56.06
CA SER U 17 -57.00 72.37 55.58
C SER U 17 -57.92 72.39 56.79
N PRO U 18 -58.14 73.56 57.40
CA PRO U 18 -59.13 73.65 58.48
C PRO U 18 -60.54 73.50 57.94
N THR U 19 -61.47 73.20 58.84
CA THR U 19 -62.85 72.98 58.45
C THR U 19 -63.48 74.29 57.99
N VAL U 20 -63.59 74.45 56.69
CA VAL U 20 -64.34 75.54 56.10
C VAL U 20 -65.79 75.06 56.05
N GLY U 21 -66.73 75.98 55.84
CA GLY U 21 -68.12 75.58 55.71
C GLY U 21 -68.41 74.71 54.51
N ILE U 22 -67.55 74.76 53.50
CA ILE U 22 -67.75 74.05 52.24
C ILE U 22 -66.83 72.83 52.16
N ILE U 23 -66.44 72.28 53.31
CA ILE U 23 -65.65 71.05 53.31
C ILE U 23 -66.55 69.83 53.48
N MET U 24 -67.85 69.96 53.20
CA MET U 24 -68.70 68.77 53.12
C MET U 24 -68.60 68.12 51.73
N VAL U 25 -67.36 67.99 51.24
CA VAL U 25 -67.04 67.10 50.14
C VAL U 25 -67.34 65.68 50.54
N ILE U 26 -67.07 65.34 51.81
CA ILE U 26 -67.36 64.01 52.32
C ILE U 26 -68.86 63.76 52.37
N ALA U 27 -69.66 64.81 52.53
CA ALA U 27 -71.11 64.65 52.50
C ALA U 27 -71.59 64.30 51.10
N ASN U 28 -70.88 64.76 50.07
CA ASN U 28 -71.11 64.24 48.72
C ASN U 28 -70.61 62.81 48.61
N VAL U 29 -69.43 62.53 49.16
CA VAL U 29 -68.79 61.23 49.02
C VAL U 29 -69.58 60.15 49.75
N ILE U 30 -70.14 60.47 50.92
CA ILE U 30 -71.06 59.56 51.59
C ILE U 30 -72.32 59.39 50.77
N ALA U 31 -72.85 60.49 50.20
CA ALA U 31 -74.05 60.41 49.36
C ALA U 31 -73.78 59.70 48.04
N ILE U 32 -72.53 59.68 47.59
CA ILE U 32 -72.15 58.83 46.47
C ILE U 32 -72.33 57.37 46.83
N THR U 33 -71.94 56.99 48.06
CA THR U 33 -71.71 55.59 48.39
C THR U 33 -73.01 54.81 48.52
N PHE U 34 -73.95 55.28 49.36
CA PHE U 34 -75.18 54.52 49.47
C PHE U 34 -76.12 54.76 48.29
N GLY U 35 -75.85 55.76 47.45
CA GLY U 35 -76.47 55.80 46.15
C GLY U 35 -75.85 54.82 45.19
N ARG U 36 -74.58 54.49 45.41
CA ARG U 36 -73.91 53.45 44.62
C ARG U 36 -74.27 52.07 45.13
N GLN U 37 -74.10 51.83 46.42
CA GLN U 37 -74.02 50.49 46.95
C GLN U 37 -75.38 49.93 47.33
N THR U 38 -76.46 50.71 47.22
CA THR U 38 -77.81 50.19 47.39
C THR U 38 -78.12 49.13 46.33
N ILE U 39 -77.71 49.36 45.09
CA ILE U 39 -78.03 48.46 44.00
C ILE U 39 -76.96 47.38 43.87
N LYS U 40 -75.99 47.35 44.79
CA LYS U 40 -74.83 46.49 44.63
C LYS U 40 -74.61 45.52 45.77
N TYR U 41 -75.33 45.64 46.90
CA TYR U 41 -75.21 44.61 47.92
C TYR U 41 -75.91 43.31 47.49
N PRO U 42 -75.40 42.16 47.94
CA PRO U 42 -76.13 40.91 47.68
C PRO U 42 -77.26 40.66 48.67
N SER U 43 -77.08 41.07 49.92
CA SER U 43 -78.02 40.69 50.98
C SER U 43 -78.80 41.90 51.50
N ALA U 44 -78.10 42.93 51.98
CA ALA U 44 -78.61 44.30 52.17
C ALA U 44 -79.69 44.50 53.22
N GLU U 45 -80.21 43.44 53.84
CA GLU U 45 -81.20 43.57 54.92
C GLU U 45 -81.06 42.42 55.91
N PRO U 46 -79.91 42.33 56.63
CA PRO U 46 -79.65 41.14 57.44
C PRO U 46 -80.51 40.96 58.69
N ALA U 47 -80.51 41.94 59.59
CA ALA U 47 -81.11 41.95 60.91
C ALA U 47 -80.83 43.32 61.50
N LEU U 48 -81.54 43.66 62.58
CA LEU U 48 -81.49 44.92 63.31
C LEU U 48 -81.68 46.09 62.35
N PRO U 49 -82.90 46.36 61.89
CA PRO U 49 -83.11 47.43 60.92
C PRO U 49 -83.22 48.78 61.61
N SER U 50 -83.20 49.83 60.78
CA SER U 50 -83.45 51.19 61.21
C SER U 50 -84.86 51.55 60.77
N ALA U 51 -85.84 51.24 61.63
CA ALA U 51 -87.24 51.34 61.28
C ALA U 51 -87.81 52.67 61.76
N LYS U 52 -88.26 53.52 60.83
CA LYS U 52 -88.17 53.27 59.39
C LYS U 52 -87.19 54.26 58.75
N PHE U 53 -86.71 53.90 57.57
CA PHE U 53 -85.67 54.67 56.89
C PHE U 53 -85.73 54.35 55.40
N PHE U 54 -85.61 55.39 54.57
CA PHE U 54 -85.72 55.21 53.13
C PHE U 54 -84.50 54.46 52.58
N GLY U 55 -84.75 53.60 51.60
CA GLY U 55 -83.71 52.74 51.08
C GLY U 55 -83.75 51.38 51.76
N GLY U 56 -83.55 50.32 51.00
CA GLY U 56 -83.62 48.98 51.55
C GLY U 56 -82.40 48.59 52.36
N PHE U 57 -82.22 49.23 53.52
CA PHE U 57 -81.07 49.00 54.37
C PHE U 57 -81.48 48.48 55.73
N GLY U 58 -80.63 47.61 56.28
CA GLY U 58 -80.56 47.44 57.71
C GLY U 58 -79.62 48.46 58.30
N ALA U 59 -79.57 48.50 59.62
CA ALA U 59 -78.62 49.39 60.29
C ALA U 59 -77.14 49.07 60.03
N PRO U 60 -76.66 47.81 60.03
CA PRO U 60 -75.23 47.61 59.68
C PRO U 60 -74.91 47.90 58.23
N ALA U 61 -75.86 47.74 57.31
CA ALA U 61 -75.57 48.05 55.92
C ALA U 61 -75.46 49.54 55.67
N LEU U 62 -76.23 50.36 56.41
CA LEU U 62 -76.14 51.79 56.21
C LEU U 62 -74.93 52.39 56.91
N LEU U 63 -74.51 51.81 58.03
CA LEU U 63 -73.27 52.27 58.64
C LEU U 63 -72.05 51.61 58.02
N ALA U 64 -72.22 50.81 56.97
CA ALA U 64 -71.11 50.45 56.11
C ALA U 64 -70.83 51.53 55.08
N THR U 65 -71.89 52.01 54.43
CA THR U 65 -71.75 53.03 53.39
C THR U 65 -71.32 54.37 53.97
N THR U 66 -71.84 54.73 55.14
CA THR U 66 -71.39 55.97 55.76
C THR U 66 -69.99 55.82 56.36
N ALA U 67 -69.54 54.60 56.62
CA ALA U 67 -68.16 54.40 57.03
C ALA U 67 -67.22 54.34 55.84
N PHE U 68 -67.68 53.77 54.73
CA PHE U 68 -66.86 53.75 53.53
C PHE U 68 -66.75 55.13 52.91
N GLY U 69 -67.84 55.89 52.92
CA GLY U 69 -67.78 57.26 52.46
C GLY U 69 -66.97 58.17 53.37
N HIS U 70 -66.85 57.82 54.65
CA HIS U 70 -66.04 58.61 55.55
C HIS U 70 -64.57 58.26 55.40
N ILE U 71 -64.28 57.14 54.73
CA ILE U 71 -62.92 56.73 54.36
C ILE U 71 -62.60 57.10 52.91
N LEU U 72 -63.58 56.99 52.02
CA LEU U 72 -63.39 57.47 50.66
C LEU U 72 -63.29 58.98 50.60
N GLY U 73 -63.84 59.68 51.60
CA GLY U 73 -63.78 61.12 51.63
C GLY U 73 -62.55 61.69 52.32
N VAL U 74 -61.90 60.90 53.18
CA VAL U 74 -60.72 61.43 53.85
C VAL U 74 -59.51 61.42 52.92
N GLY U 75 -59.44 60.48 51.98
CA GLY U 75 -58.34 60.45 51.05
C GLY U 75 -58.50 61.51 49.98
N LEU U 76 -59.74 61.95 49.77
CA LEU U 76 -60.03 62.90 48.72
C LEU U 76 -59.67 64.32 49.15
N VAL U 77 -60.03 64.69 50.38
CA VAL U 77 -59.71 66.02 50.90
C VAL U 77 -58.20 66.19 51.05
N LEU U 78 -57.51 65.14 51.50
CA LEU U 78 -56.06 65.17 51.56
C LEU U 78 -55.43 65.10 50.19
N GLY U 79 -56.13 64.55 49.20
CA GLY U 79 -55.64 64.61 47.84
C GLY U 79 -55.69 66.02 47.27
N LEU U 80 -56.71 66.77 47.63
CA LEU U 80 -56.86 68.16 47.21
C LEU U 80 -56.01 69.12 48.06
N HIS U 81 -55.22 68.60 49.00
CA HIS U 81 -54.34 69.35 49.90
C HIS U 81 -55.08 70.41 50.70
N LEU V 11 -59.60 38.91 28.39
CA LEU V 11 -59.54 39.04 26.95
C LEU V 11 -60.34 37.93 26.29
N PRO V 12 -61.66 37.95 26.47
CA PRO V 12 -62.46 36.71 26.46
C PRO V 12 -62.50 35.98 25.11
N SER V 13 -62.09 34.70 25.13
CA SER V 13 -61.72 33.98 23.91
C SER V 13 -62.90 33.39 23.13
N ASP V 14 -63.58 32.39 23.69
CA ASP V 14 -64.79 31.97 23.01
C ASP V 14 -66.10 32.18 23.80
N PRO V 15 -66.40 33.37 24.36
CA PRO V 15 -65.59 34.35 25.08
C PRO V 15 -65.54 34.16 26.60
N ARG V 16 -66.66 33.93 27.28
CA ARG V 16 -66.55 33.56 28.70
C ARG V 16 -66.21 32.08 28.82
N ASN V 17 -66.64 31.31 27.84
CA ASN V 17 -66.36 29.90 27.63
C ASN V 17 -65.20 29.82 26.63
N ARG V 18 -64.65 28.64 26.28
CA ARG V 18 -64.86 27.33 26.86
C ARG V 18 -63.58 26.76 27.52
N GLU V 19 -62.51 26.59 26.74
CA GLU V 19 -61.35 25.80 27.08
C GLU V 19 -60.30 25.84 25.99
N VAL V 20 -59.04 25.65 26.37
CA VAL V 20 -58.04 24.94 25.56
C VAL V 20 -57.15 24.18 26.53
N VAL V 21 -57.49 22.89 26.78
CA VAL V 21 -56.61 21.70 26.82
C VAL V 21 -57.45 20.47 26.41
N PHE V 22 -58.09 20.53 25.25
CA PHE V 22 -58.77 19.32 24.80
C PHE V 22 -57.75 18.20 24.53
N PRO V 23 -58.07 16.95 24.85
CA PRO V 23 -57.04 15.90 24.83
C PRO V 23 -56.71 15.41 23.43
N ALA V 24 -55.59 14.69 23.34
CA ALA V 24 -54.92 14.40 22.07
C ALA V 24 -55.68 13.35 21.28
N GLY V 25 -56.28 13.78 20.17
CA GLY V 25 -56.98 12.86 19.29
C GLY V 25 -58.29 12.36 19.85
N ARG V 26 -58.89 13.09 20.79
CA ARG V 26 -60.14 12.77 21.48
C ARG V 26 -60.10 11.43 22.21
N ASP V 27 -58.92 10.94 22.54
CA ASP V 27 -58.78 9.77 23.42
C ASP V 27 -58.06 10.26 24.67
N PRO V 28 -58.77 10.49 25.77
CA PRO V 28 -58.13 10.99 26.99
C PRO V 28 -57.17 10.01 27.64
N GLN V 29 -57.28 8.73 27.33
CA GLN V 29 -56.45 7.69 27.93
C GLN V 29 -55.09 7.57 27.27
N TRP V 30 -54.79 8.39 26.28
CA TRP V 30 -53.45 8.56 25.75
C TRP V 30 -52.75 9.66 26.53
N GLY V 31 -51.45 9.49 26.74
CA GLY V 31 -50.73 10.36 27.65
C GLY V 31 -50.30 11.69 27.06
N ASN V 32 -51.19 12.40 26.41
CA ASN V 32 -50.82 13.62 25.72
C ASN V 32 -52.05 14.50 25.58
N LEU V 33 -51.81 15.80 25.43
CA LEU V 33 -52.84 16.83 25.44
C LEU V 33 -52.57 17.84 24.33
N GLU V 34 -53.62 18.56 23.92
CA GLU V 34 -53.48 19.59 22.90
C GLU V 34 -53.53 20.94 23.62
N THR V 35 -52.41 21.63 23.64
CA THR V 35 -52.25 22.91 24.29
C THR V 35 -51.99 23.99 23.25
N PRO V 36 -52.01 25.27 23.64
CA PRO V 36 -51.55 26.33 22.71
C PRO V 36 -50.06 26.30 22.37
N VAL V 37 -49.28 25.33 22.83
CA VAL V 37 -47.91 25.15 22.38
C VAL V 37 -47.89 23.92 21.49
N ASN V 38 -48.84 23.01 21.69
CA ASN V 38 -48.96 21.86 20.83
C ASN V 38 -49.57 22.22 19.47
N ALA V 39 -50.80 22.74 19.47
CA ALA V 39 -51.58 22.78 18.24
C ALA V 39 -52.00 24.19 17.84
N SER V 40 -51.33 25.20 18.33
CA SER V 40 -51.56 26.54 17.80
C SER V 40 -51.04 26.58 16.38
N PRO V 41 -51.87 26.93 15.39
CA PRO V 41 -51.54 26.61 13.99
C PRO V 41 -50.39 27.41 13.40
N LEU V 42 -49.81 28.34 14.15
CA LEU V 42 -48.55 28.94 13.72
C LEU V 42 -47.39 28.06 14.16
N VAL V 43 -47.51 27.40 15.31
CA VAL V 43 -46.48 26.50 15.79
C VAL V 43 -46.52 25.18 15.03
N LYS V 44 -47.71 24.66 14.77
CA LYS V 44 -47.87 23.42 14.03
C LYS V 44 -47.40 23.58 12.58
N TRP V 45 -47.58 24.77 12.02
CA TRP V 45 -47.10 25.03 10.66
C TRP V 45 -45.58 25.16 10.64
N PHE V 46 -45.00 25.64 11.73
CA PHE V 46 -43.55 25.83 11.76
C PHE V 46 -42.83 24.50 11.84
N ILE V 47 -43.16 23.69 12.85
CA ILE V 47 -42.48 22.42 13.11
C ILE V 47 -42.68 21.42 11.98
N ASN V 48 -43.86 21.38 11.37
CA ASN V 48 -44.08 20.50 10.22
C ASN V 48 -43.27 20.91 9.00
N ASN V 49 -42.78 22.13 8.95
CA ASN V 49 -42.02 22.58 7.79
C ASN V 49 -40.55 22.80 8.08
N LEU V 50 -40.03 22.29 9.19
CA LEU V 50 -38.58 22.17 9.29
C LEU V 50 -38.11 21.09 8.34
N PRO V 51 -36.86 21.15 7.87
CA PRO V 51 -36.38 20.14 6.92
C PRO V 51 -36.30 18.73 7.46
N ALA V 52 -36.44 18.53 8.76
CA ALA V 52 -36.63 17.17 9.25
C ALA V 52 -38.03 16.65 8.94
N TYR V 53 -39.00 17.53 8.71
CA TYR V 53 -40.40 17.13 8.67
C TYR V 53 -41.16 17.54 7.43
N ARG V 54 -40.54 18.29 6.53
CA ARG V 54 -41.22 18.84 5.36
C ARG V 54 -41.58 17.72 4.38
N PRO V 55 -42.77 17.76 3.81
CA PRO V 55 -43.10 16.77 2.78
C PRO V 55 -42.33 17.05 1.50
N GLY V 56 -42.07 15.98 0.76
CA GLY V 56 -41.42 16.09 -0.52
C GLY V 56 -39.94 16.35 -0.44
N LEU V 57 -39.20 15.55 0.33
CA LEU V 57 -37.76 15.70 0.44
C LEU V 57 -37.10 14.33 0.46
N THR V 58 -36.02 14.20 -0.31
CA THR V 58 -35.11 13.09 -0.21
C THR V 58 -34.43 13.11 1.16
N PRO V 59 -34.15 11.94 1.75
CA PRO V 59 -33.35 11.93 2.99
C PRO V 59 -31.96 12.54 2.85
N PHE V 60 -31.36 12.54 1.66
CA PHE V 60 -30.18 13.35 1.45
C PHE V 60 -30.53 14.83 1.43
N ARG V 61 -31.73 15.16 0.98
CA ARG V 61 -32.14 16.55 0.89
C ARG V 61 -32.49 17.11 2.26
N ARG V 62 -33.00 16.26 3.16
CA ARG V 62 -33.33 16.69 4.51
C ARG V 62 -32.08 17.03 5.30
N GLY V 63 -31.08 16.16 5.28
CA GLY V 63 -29.85 16.44 6.00
C GLY V 63 -29.00 17.52 5.39
N LEU V 64 -29.30 17.92 4.16
CA LEU V 64 -28.50 18.96 3.53
C LEU V 64 -28.83 20.32 4.12
N GLU V 65 -30.10 20.59 4.41
CA GLU V 65 -30.46 21.86 5.04
C GLU V 65 -30.14 21.85 6.54
N VAL V 66 -30.33 20.71 7.20
CA VAL V 66 -30.02 20.58 8.62
C VAL V 66 -28.53 20.74 8.86
N GLY V 67 -27.69 20.27 7.93
CA GLY V 67 -26.27 20.43 8.11
C GLY V 67 -25.80 21.85 7.87
N MET V 68 -26.41 22.54 6.90
CA MET V 68 -26.05 23.92 6.62
C MET V 68 -26.48 24.85 7.74
N ALA V 69 -27.55 24.51 8.46
CA ALA V 69 -28.00 25.35 9.55
C ALA V 69 -27.17 25.13 10.80
N HIS V 70 -26.99 23.86 11.21
CA HIS V 70 -26.21 23.60 12.41
C HIS V 70 -24.73 23.84 12.20
N GLY V 71 -24.23 23.65 10.99
CA GLY V 71 -22.85 24.01 10.76
C GLY V 71 -22.60 25.50 10.68
N TYR V 72 -23.65 26.31 10.61
CA TYR V 72 -23.51 27.75 10.43
C TYR V 72 -23.22 28.44 11.75
N PHE V 73 -24.08 28.25 12.75
CA PHE V 73 -23.89 29.00 13.98
C PHE V 73 -22.80 28.43 14.87
N LEU V 74 -22.36 27.20 14.61
CA LEU V 74 -21.28 26.64 15.43
C LEU V 74 -19.93 27.24 15.09
N PHE V 75 -19.83 28.07 14.07
CA PHE V 75 -18.66 28.92 13.93
C PHE V 75 -18.59 29.94 15.06
N GLY V 76 -19.76 30.32 15.59
CA GLY V 76 -19.88 31.41 16.54
C GLY V 76 -19.13 31.28 17.84
N PRO V 77 -19.49 30.32 18.70
CA PRO V 77 -18.89 30.28 20.04
C PRO V 77 -17.43 29.86 20.06
N PHE V 78 -16.94 29.18 19.03
CA PHE V 78 -15.51 28.90 19.00
C PHE V 78 -14.70 30.13 18.64
N ALA V 79 -15.19 30.93 17.68
CA ALA V 79 -14.39 32.03 17.17
C ALA V 79 -14.35 33.23 18.12
N LYS V 80 -15.40 33.44 18.90
CA LYS V 80 -15.47 34.59 19.77
C LYS V 80 -15.28 34.27 21.25
N LEU V 81 -15.28 33.00 21.63
CA LEU V 81 -15.01 32.64 23.01
C LEU V 81 -13.87 31.65 23.18
N GLY V 82 -13.26 31.18 22.09
CA GLY V 82 -12.21 30.21 22.19
C GLY V 82 -10.92 30.81 22.71
N PRO V 83 -9.87 29.99 22.78
CA PRO V 83 -8.62 30.45 23.40
C PRO V 83 -7.84 31.41 22.53
N LEU V 84 -7.98 31.34 21.21
CA LEU V 84 -7.21 32.15 20.29
C LEU V 84 -7.93 33.43 19.88
N ARG V 85 -8.90 33.88 20.69
CA ARG V 85 -9.80 34.93 20.24
C ARG V 85 -9.19 36.31 20.26
N ASP V 86 -7.96 36.47 20.71
CA ASP V 86 -7.27 37.75 20.59
C ASP V 86 -6.22 37.77 19.50
N ALA V 87 -5.86 36.62 18.93
CA ALA V 87 -4.76 36.53 18.00
C ALA V 87 -5.23 36.86 16.58
N ALA V 88 -4.28 36.78 15.64
CA ALA V 88 -4.59 36.96 14.23
C ALA V 88 -5.40 35.80 13.66
N ASN V 89 -5.27 34.61 14.25
CA ASN V 89 -6.03 33.43 13.83
C ASN V 89 -7.30 33.26 14.64
N ALA V 90 -7.91 34.38 15.07
CA ALA V 90 -9.08 34.31 15.93
C ALA V 90 -10.28 33.71 15.21
N ASN V 91 -10.42 33.97 13.92
CA ASN V 91 -11.52 33.41 13.16
C ASN V 91 -11.18 32.06 12.55
N LEU V 92 -9.90 31.79 12.29
CA LEU V 92 -9.51 30.47 11.81
C LEU V 92 -9.60 29.43 12.91
N ALA V 93 -9.44 29.85 14.17
CA ALA V 93 -9.65 28.94 15.28
C ALA V 93 -11.11 28.56 15.44
N GLY V 94 -12.01 29.45 15.04
CA GLY V 94 -13.42 29.10 15.05
C GLY V 94 -13.88 28.30 13.86
N LEU V 95 -13.10 28.32 12.78
CA LEU V 95 -13.45 27.51 11.62
C LEU V 95 -13.04 26.06 11.83
N LEU V 96 -11.86 25.82 12.39
CA LEU V 96 -11.42 24.44 12.61
C LEU V 96 -12.17 23.80 13.76
N GLY V 97 -12.63 24.59 14.74
CA GLY V 97 -13.46 24.04 15.80
C GLY V 97 -14.84 23.67 15.33
N ALA V 98 -15.41 24.46 14.42
CA ALA V 98 -16.75 24.18 13.92
C ALA V 98 -16.75 23.00 12.95
N ILE V 99 -15.77 22.97 12.04
CA ILE V 99 -15.62 21.82 11.14
C ILE V 99 -15.25 20.58 11.94
N GLY V 100 -14.38 20.73 12.94
CA GLY V 100 -13.95 19.62 13.76
C GLY V 100 -15.03 19.02 14.64
N LEU V 101 -16.15 19.71 14.84
CA LEU V 101 -17.23 19.22 15.66
C LEU V 101 -18.44 18.76 14.86
N VAL V 102 -18.56 19.17 13.60
CA VAL V 102 -19.52 18.52 12.71
C VAL V 102 -19.09 17.08 12.44
N VAL V 103 -17.78 16.85 12.35
CA VAL V 103 -17.25 15.50 12.14
C VAL V 103 -17.54 14.61 13.33
N LEU V 104 -17.46 15.17 14.54
CA LEU V 104 -17.89 14.44 15.73
C LEU V 104 -19.39 14.20 15.75
N PHE V 105 -20.16 15.01 15.04
CA PHE V 105 -21.59 14.74 14.90
C PHE V 105 -21.88 13.82 13.73
N THR V 106 -21.00 13.81 12.72
CA THR V 106 -21.17 12.89 11.60
C THR V 106 -20.90 11.46 12.04
N LEU V 107 -19.98 11.27 12.99
CA LEU V 107 -19.80 9.97 13.62
C LEU V 107 -21.06 9.54 14.34
N ALA V 108 -21.57 10.39 15.23
CA ALA V 108 -22.73 10.08 16.05
C ALA V 108 -23.98 9.83 15.22
N LEU V 109 -24.11 10.42 14.04
CA LEU V 109 -25.21 10.04 13.16
C LEU V 109 -24.97 8.67 12.55
N SER V 110 -23.74 8.40 12.10
CA SER V 110 -23.43 7.10 11.54
C SER V 110 -23.38 6.03 12.61
N LEU V 111 -22.97 6.39 13.83
CA LEU V 111 -23.01 5.44 14.93
C LEU V 111 -24.42 5.11 15.34
N TYR V 112 -25.32 6.10 15.30
CA TYR V 112 -26.72 5.84 15.60
C TYR V 112 -27.36 5.02 14.49
N ALA V 113 -26.95 5.22 13.25
CA ALA V 113 -27.62 4.60 12.12
C ALA V 113 -27.27 3.12 12.01
N ASN V 114 -26.06 2.75 12.37
CA ASN V 114 -25.59 1.38 12.19
C ASN V 114 -25.99 0.48 13.33
N SER V 115 -26.61 1.00 14.37
CA SER V 115 -26.95 0.23 15.56
C SER V 115 -28.37 -0.33 15.49
N ASN V 116 -28.91 -0.53 14.28
CA ASN V 116 -30.27 -0.95 13.97
C ASN V 116 -31.27 -0.04 14.70
N PRO V 117 -31.41 1.21 14.28
CA PRO V 117 -32.04 2.22 15.11
C PRO V 117 -33.54 2.03 15.17
N PRO V 118 -34.19 2.46 16.25
CA PRO V 118 -35.63 2.28 16.36
C PRO V 118 -36.40 3.22 15.44
N THR V 119 -37.70 2.96 15.35
CA THR V 119 -38.56 3.75 14.48
C THR V 119 -38.86 5.10 15.10
N ALA V 120 -39.01 6.10 14.24
CA ALA V 120 -39.24 7.47 14.70
C ALA V 120 -40.68 7.63 15.19
N LEU V 121 -40.86 8.60 16.09
CA LEU V 121 -42.14 8.79 16.77
C LEU V 121 -43.08 9.64 15.91
N ALA V 122 -44.33 9.72 16.36
CA ALA V 122 -45.36 10.53 15.72
C ALA V 122 -46.06 11.33 16.80
N SER V 123 -45.69 12.59 16.95
CA SER V 123 -46.19 13.44 18.02
C SER V 123 -47.55 14.01 17.62
N VAL V 124 -48.02 15.01 18.38
CA VAL V 124 -49.29 15.65 18.05
C VAL V 124 -49.13 16.86 17.14
N THR V 125 -47.99 17.54 17.19
CA THR V 125 -47.76 18.59 16.22
C THR V 125 -47.26 18.06 14.89
N VAL V 126 -46.79 16.82 14.85
CA VAL V 126 -46.30 16.20 13.61
C VAL V 126 -47.00 14.86 13.46
N PRO V 127 -48.02 14.74 12.60
CA PRO V 127 -48.82 13.51 12.58
C PRO V 127 -48.15 12.33 11.89
N ASN V 128 -47.03 12.50 11.20
CA ASN V 128 -46.31 11.33 10.75
C ASN V 128 -44.80 11.52 10.79
N PRO V 129 -44.04 10.48 11.10
CA PRO V 129 -42.62 10.51 10.81
C PRO V 129 -42.40 10.54 9.30
N PRO V 130 -41.34 11.17 8.84
CA PRO V 130 -41.23 11.48 7.40
C PRO V 130 -40.79 10.32 6.50
N ASP V 131 -40.89 9.08 6.99
CA ASP V 131 -40.76 7.81 6.26
C ASP V 131 -39.34 7.46 5.85
N ALA V 132 -38.39 8.37 6.01
CA ALA V 132 -37.00 8.11 5.70
C ALA V 132 -36.17 7.83 6.93
N PHE V 133 -36.82 7.75 8.09
CA PHE V 133 -36.16 7.64 9.38
C PHE V 133 -36.54 6.33 10.06
N GLN V 134 -36.73 5.27 9.28
CA GLN V 134 -36.99 3.95 9.83
C GLN V 134 -36.06 2.89 9.27
N SER V 135 -35.18 3.24 8.34
CA SER V 135 -34.26 2.30 7.74
C SER V 135 -32.84 2.78 7.97
N LYS V 136 -31.94 1.82 8.12
CA LYS V 136 -30.52 2.10 8.25
C LYS V 136 -29.97 2.86 7.05
N GLU V 137 -30.48 2.54 5.85
CA GLU V 137 -30.08 3.26 4.65
C GLU V 137 -30.65 4.68 4.64
N GLY V 138 -31.80 4.88 5.28
CA GLY V 138 -32.38 6.20 5.34
C GLY V 138 -31.62 7.12 6.26
N TRP V 139 -31.17 6.62 7.41
CA TRP V 139 -30.41 7.44 8.34
C TRP V 139 -28.99 7.67 7.85
N ASN V 140 -28.50 6.83 6.93
CA ASN V 140 -27.13 7.01 6.44
C ASN V 140 -27.03 8.12 5.42
N ASN V 141 -28.07 8.31 4.60
CA ASN V 141 -28.09 9.44 3.67
C ASN V 141 -28.19 10.76 4.43
N PHE V 142 -28.95 10.77 5.52
CA PHE V 142 -29.01 11.93 6.40
C PHE V 142 -27.65 12.24 7.02
N ALA V 143 -26.83 11.23 7.25
CA ALA V 143 -25.53 11.42 7.86
C ALA V 143 -24.50 11.91 6.84
N SER V 144 -24.60 11.43 5.60
CA SER V 144 -23.66 11.85 4.56
C SER V 144 -23.92 13.27 4.11
N ALA V 145 -25.19 13.69 4.15
CA ALA V 145 -25.53 15.06 3.81
C ALA V 145 -25.11 16.04 4.89
N PHE V 146 -25.14 15.60 6.15
CA PHE V 146 -24.84 16.48 7.26
C PHE V 146 -23.37 16.89 7.29
N LEU V 147 -22.48 16.00 6.86
CA LEU V 147 -21.06 16.34 6.83
C LEU V 147 -20.75 17.31 5.70
N ILE V 148 -21.42 17.14 4.55
CA ILE V 148 -21.19 18.04 3.42
C ILE V 148 -21.73 19.42 3.73
N GLY V 149 -22.98 19.50 4.20
CA GLY V 149 -23.57 20.78 4.51
C GLY V 149 -23.03 21.42 5.77
N GLY V 150 -22.52 20.60 6.69
CA GLY V 150 -21.98 21.15 7.92
C GLY V 150 -20.64 21.85 7.73
N ILE V 151 -19.79 21.27 6.89
CA ILE V 151 -18.51 21.90 6.59
C ILE V 151 -18.72 23.14 5.74
N GLY V 152 -19.61 23.07 4.76
CA GLY V 152 -19.87 24.21 3.89
C GLY V 152 -20.57 25.34 4.60
N GLY V 153 -21.44 25.02 5.57
CA GLY V 153 -22.12 26.05 6.32
C GLY V 153 -21.23 26.80 7.29
N ALA V 154 -20.08 26.22 7.65
CA ALA V 154 -19.13 26.90 8.52
C ALA V 154 -18.14 27.74 7.74
N VAL V 155 -17.92 27.42 6.47
CA VAL V 155 -17.05 28.24 5.63
C VAL V 155 -17.74 29.57 5.31
N VAL V 156 -19.04 29.52 5.05
CA VAL V 156 -19.74 30.75 4.70
C VAL V 156 -19.96 31.62 5.93
N ALA V 157 -19.90 31.04 7.12
CA ALA V 157 -19.83 31.86 8.33
C ALA V 157 -18.44 32.41 8.54
N TYR V 158 -17.42 31.68 8.08
CA TYR V 158 -16.06 32.18 8.14
C TYR V 158 -15.82 33.27 7.11
N PHE V 159 -16.49 33.19 5.96
CA PHE V 159 -16.27 34.19 4.92
C PHE V 159 -16.90 35.52 5.28
N LEU V 160 -18.05 35.52 5.95
CA LEU V 160 -18.75 36.76 6.23
C LEU V 160 -18.12 37.51 7.40
N THR V 161 -17.84 36.82 8.51
CA THR V 161 -17.40 37.49 9.72
C THR V 161 -15.95 37.92 9.67
N SER V 162 -15.15 37.34 8.77
CA SER V 162 -13.73 37.67 8.75
C SER V 162 -13.47 39.06 8.19
N ASN V 163 -14.38 39.58 7.37
CA ASN V 163 -14.33 40.95 6.88
C ASN V 163 -15.68 41.62 7.07
N LEU V 164 -15.95 42.09 8.29
CA LEU V 164 -17.22 42.75 8.53
C LEU V 164 -17.26 44.18 8.03
N ALA V 165 -16.10 44.83 7.91
CA ALA V 165 -16.07 46.18 7.36
C ALA V 165 -16.31 46.18 5.85
N LEU V 166 -16.02 45.07 5.17
CA LEU V 166 -16.12 45.08 3.71
C LEU V 166 -17.56 44.93 3.23
N ILE V 167 -18.33 44.00 3.79
CA ILE V 167 -19.72 43.82 3.38
C ILE V 167 -20.54 45.05 3.73
N GLN V 168 -20.25 45.70 4.86
CA GLN V 168 -20.97 46.91 5.25
C GLN V 168 -20.61 48.09 4.35
N GLY V 169 -19.37 48.13 3.85
CA GLY V 169 -19.03 49.15 2.87
C GLY V 169 -19.59 48.86 1.50
N LEU V 170 -19.69 47.58 1.14
CA LEU V 170 -20.22 47.15 -0.15
C LEU V 170 -21.74 47.09 -0.19
N VAL V 171 -22.40 47.26 0.96
CA VAL V 171 -23.85 47.46 1.02
C VAL V 171 -24.12 48.95 1.22
N SER W 11 20.08 12.46 28.09
CA SER W 11 19.12 11.38 28.02
C SER W 11 19.55 10.33 27.01
N ILE W 12 18.65 9.43 26.64
CA ILE W 12 18.95 8.45 25.61
C ILE W 12 18.79 9.11 24.24
N SER W 13 19.39 8.48 23.24
CA SER W 13 19.43 9.06 21.90
C SER W 13 18.07 8.98 21.23
N ASP W 14 17.91 9.71 20.14
CA ASP W 14 16.64 9.72 19.42
C ASP W 14 16.42 8.39 18.71
N THR W 15 17.50 7.69 18.35
CA THR W 15 17.39 6.39 17.68
C THR W 15 16.79 5.35 18.60
N GLN W 16 17.26 5.28 19.85
CA GLN W 16 16.88 4.23 20.78
C GLN W 16 15.42 4.26 21.18
N VAL W 17 14.74 5.41 21.00
CA VAL W 17 13.31 5.47 21.31
C VAL W 17 12.52 4.67 20.30
N TYR W 18 12.96 4.65 19.04
CA TYR W 18 12.24 3.91 18.01
C TYR W 18 12.44 2.41 18.13
N ILE W 19 13.58 1.97 18.65
CA ILE W 19 13.76 0.54 18.94
C ILE W 19 12.80 0.10 20.03
N ALA W 20 12.60 0.95 21.06
CA ALA W 20 11.67 0.63 22.13
C ALA W 20 10.23 0.58 21.65
N LEU W 21 9.89 1.37 20.62
CA LEU W 21 8.53 1.32 20.10
C LEU W 21 8.28 0.08 19.26
N VAL W 22 9.29 -0.34 18.48
CA VAL W 22 9.11 -1.50 17.61
C VAL W 22 9.10 -2.80 18.42
N VAL W 23 9.96 -2.87 19.44
CA VAL W 23 9.98 -4.00 20.35
C VAL W 23 8.66 -4.09 21.12
N ALA W 24 8.05 -2.94 21.44
CA ALA W 24 6.78 -2.92 22.15
C ALA W 24 5.60 -3.40 21.32
N LEU W 25 5.76 -3.57 20.01
CA LEU W 25 4.70 -4.18 19.22
C LEU W 25 4.64 -5.68 19.43
N ILE W 26 5.72 -6.29 19.92
CA ILE W 26 5.75 -7.73 20.14
C ILE W 26 4.86 -8.12 21.33
N PRO W 27 4.87 -7.44 22.50
CA PRO W 27 3.79 -7.72 23.44
C PRO W 27 2.46 -7.14 23.03
N GLY W 28 2.43 -6.10 22.20
CA GLY W 28 1.17 -5.56 21.74
C GLY W 28 0.44 -6.51 20.83
N LEU W 29 1.18 -7.28 20.04
CA LEU W 29 0.57 -8.33 19.24
C LEU W 29 0.13 -9.50 20.09
N LEU W 30 0.98 -9.91 21.04
CA LEU W 30 0.69 -11.06 21.88
C LEU W 30 -0.41 -10.80 22.90
N ALA W 31 -0.57 -9.54 23.33
CA ALA W 31 -1.69 -9.21 24.21
C ALA W 31 -3.01 -9.29 23.45
N TRP W 32 -2.99 -8.96 22.16
CA TRP W 32 -4.20 -9.08 21.37
C TRP W 32 -4.54 -10.55 21.10
N ARG W 33 -3.53 -11.41 21.08
CA ARG W 33 -3.79 -12.84 20.87
C ARG W 33 -4.32 -13.49 22.14
N LEU W 34 -3.81 -13.09 23.30
CA LEU W 34 -4.26 -13.68 24.56
C LEU W 34 -5.65 -13.18 24.93
N ALA W 35 -5.92 -11.90 24.72
CA ALA W 35 -7.20 -11.33 25.13
C ALA W 35 -8.33 -11.77 24.21
N THR W 36 -8.02 -12.33 23.05
CA THR W 36 -9.05 -12.89 22.19
C THR W 36 -9.09 -14.40 22.25
N GLU W 37 -8.05 -15.04 22.78
CA GLU W 37 -8.15 -16.47 23.07
C GLU W 37 -8.99 -16.71 24.32
N LEU W 38 -8.80 -15.89 25.35
CA LEU W 38 -9.85 -15.65 26.32
C LEU W 38 -11.02 -15.01 25.58
N TYR W 39 -12.23 -15.55 25.75
CA TYR W 39 -13.25 -15.42 24.72
C TYR W 39 -13.85 -14.01 24.64
N LYS W 40 -14.78 -13.84 23.71
CA LYS W 40 -15.30 -12.53 23.31
C LYS W 40 -16.07 -11.80 24.39
N PRO X 16 -15.63 -32.01 83.02
CA PRO X 16 -14.33 -32.50 83.49
C PRO X 16 -13.34 -31.37 83.76
N PRO X 17 -12.37 -31.59 84.64
CA PRO X 17 -11.26 -30.63 84.74
C PRO X 17 -10.44 -30.65 83.45
N TYR X 18 -10.50 -29.53 82.74
CA TYR X 18 -9.96 -29.45 81.38
C TYR X 18 -8.45 -29.36 81.46
N THR X 19 -7.78 -30.51 81.34
CA THR X 19 -6.34 -30.56 81.55
C THR X 19 -5.58 -29.96 80.37
N PHE X 20 -6.02 -30.26 79.14
CA PHE X 20 -5.29 -29.81 77.98
C PHE X 20 -5.51 -28.32 77.70
N ARG X 21 -6.68 -27.79 78.05
CA ARG X 21 -6.93 -26.37 77.90
C ARG X 21 -6.14 -25.56 78.94
N THR X 22 -6.31 -25.90 80.22
CA THR X 22 -5.62 -25.19 81.29
C THR X 22 -4.12 -25.46 81.29
N GLY X 23 -3.67 -26.54 80.66
CA GLY X 23 -2.24 -26.80 80.58
C GLY X 23 -1.52 -25.78 79.73
N TRP X 24 -2.12 -25.38 78.61
CA TRP X 24 -1.50 -24.40 77.74
C TRP X 24 -1.80 -22.96 78.14
N ALA X 25 -2.91 -22.73 78.83
CA ALA X 25 -3.18 -21.38 79.33
C ALA X 25 -2.24 -21.01 80.45
N LEU X 26 -1.89 -21.96 81.31
CA LEU X 26 -0.91 -21.71 82.36
C LEU X 26 0.51 -21.64 81.82
N LEU X 27 0.77 -22.26 80.67
CA LEU X 27 2.06 -22.07 80.01
C LEU X 27 2.19 -20.66 79.45
N LEU X 28 1.15 -20.17 78.77
CA LEU X 28 1.20 -18.83 78.21
C LEU X 28 1.18 -17.76 79.28
N LEU X 29 0.45 -18.00 80.38
CA LEU X 29 0.43 -17.03 81.48
C LEU X 29 1.76 -17.01 82.22
N ALA X 30 2.48 -18.13 82.21
CA ALA X 30 3.83 -18.13 82.77
C ALA X 30 4.78 -17.32 81.91
N VAL X 31 4.49 -17.18 80.61
CA VAL X 31 5.28 -16.29 79.77
C VAL X 31 4.90 -14.84 80.04
N ASN X 32 3.62 -14.57 80.36
CA ASN X 32 3.19 -13.23 80.73
C ASN X 32 3.85 -12.78 82.03
N PHE X 33 4.05 -13.70 82.98
CA PHE X 33 4.66 -13.35 84.26
C PHE X 33 6.18 -13.28 84.19
N LEU X 34 6.78 -13.99 83.22
CA LEU X 34 8.23 -13.98 83.11
C LEU X 34 8.74 -12.65 82.55
N VAL X 35 8.04 -12.11 81.55
CA VAL X 35 8.44 -10.85 80.94
C VAL X 35 8.23 -9.70 81.92
N ALA X 36 7.20 -9.81 82.77
CA ALA X 36 6.97 -8.79 83.79
C ALA X 36 8.03 -8.83 84.88
N ALA X 37 8.68 -9.98 85.06
CA ALA X 37 9.79 -10.07 86.02
C ALA X 37 11.01 -9.30 85.52
N TYR X 38 11.23 -9.25 84.21
CA TYR X 38 12.24 -8.37 83.65
C TYR X 38 11.86 -6.92 83.82
N TYR X 39 10.57 -6.62 83.70
CA TYR X 39 10.09 -5.25 83.80
C TYR X 39 10.01 -4.76 85.24
N PHE X 40 9.89 -5.67 86.20
CA PHE X 40 9.90 -5.33 87.62
C PHE X 40 11.26 -5.59 88.26
N HIS X 41 12.29 -5.90 87.45
CA HIS X 41 13.66 -6.17 87.89
C HIS X 41 13.77 -7.33 88.87
N ILE X 42 12.82 -8.27 88.85
CA ILE X 42 12.94 -9.45 89.67
C ILE X 42 14.03 -10.37 89.12
N ILE X 43 14.07 -10.53 87.80
CA ILE X 43 15.08 -11.34 87.14
C ILE X 43 15.90 -10.41 86.25
N GLN X 44 17.21 -10.57 86.27
CA GLN X 44 18.09 -9.78 85.41
C GLN X 44 19.30 -10.58 84.96
N ARG Y 14 23.38 -75.28 69.69
CA ARG Y 14 22.88 -76.40 68.91
C ARG Y 14 24.01 -77.13 68.21
N VAL Y 15 24.88 -77.76 68.98
CA VAL Y 15 26.04 -78.48 68.46
C VAL Y 15 25.69 -79.95 68.38
N ILE Y 16 25.61 -80.47 67.16
CA ILE Y 16 25.47 -81.89 66.91
C ILE Y 16 26.61 -82.32 66.00
N VAL Y 17 27.30 -83.39 66.39
CA VAL Y 17 28.57 -83.80 65.80
C VAL Y 17 28.53 -85.30 65.53
N ASP Y 18 28.83 -85.69 64.31
CA ASP Y 18 28.90 -87.11 63.97
C ASP Y 18 30.13 -87.74 64.61
N LYS Y 19 30.01 -89.03 64.94
CA LYS Y 19 31.07 -89.78 65.63
C LYS Y 19 31.70 -90.74 64.63
N ASP Y 20 32.98 -90.47 64.29
CA ASP Y 20 33.86 -91.24 63.40
C ASP Y 20 33.24 -91.52 62.04
N PRO Y 21 33.14 -90.53 61.15
CA PRO Y 21 32.62 -90.83 59.80
C PRO Y 21 33.65 -91.54 58.93
N VAL Y 22 34.88 -91.07 58.98
CA VAL Y 22 35.95 -91.46 58.06
C VAL Y 22 37.03 -92.18 58.86
N PRO Y 23 37.39 -93.41 58.51
CA PRO Y 23 38.48 -94.09 59.23
C PRO Y 23 39.84 -93.58 58.77
N THR Y 24 40.72 -93.34 59.74
CA THR Y 24 42.08 -92.92 59.43
C THR Y 24 42.91 -94.11 58.98
N SER Y 25 43.30 -94.12 57.72
CA SER Y 25 44.04 -95.25 57.17
C SER Y 25 44.90 -94.76 56.01
N PHE Y 26 45.93 -95.54 55.68
CA PHE Y 26 46.77 -95.27 54.52
C PHE Y 26 46.27 -95.99 53.28
N GLU Y 27 45.01 -96.44 53.30
CA GLU Y 27 44.43 -97.17 52.17
C GLU Y 27 44.37 -96.31 50.92
N LYS Y 28 43.77 -95.13 51.04
CA LYS Y 28 43.56 -94.28 49.88
C LYS Y 28 44.79 -93.48 49.50
N TRP Y 29 45.86 -93.49 50.31
CA TRP Y 29 47.11 -92.91 49.83
C TRP Y 29 47.75 -93.80 48.78
N ALA Y 30 47.44 -95.10 48.80
CA ALA Y 30 48.02 -96.03 47.83
C ALA Y 30 47.46 -95.78 46.44
N GLN Y 31 46.15 -95.95 46.26
CA GLN Y 31 45.65 -95.66 44.92
C GLN Y 31 45.46 -94.16 44.75
N PRO Y 32 45.99 -93.57 43.68
CA PRO Y 32 45.80 -92.13 43.47
C PRO Y 32 44.50 -91.85 42.74
N GLY Y 33 43.93 -90.68 43.01
CA GLY Y 33 42.70 -90.27 42.36
C GLY Y 33 41.49 -91.06 42.81
N HIS Y 34 41.40 -91.35 44.10
CA HIS Y 34 40.29 -92.12 44.64
C HIS Y 34 38.99 -91.35 44.69
N PHE Y 35 39.04 -90.02 44.55
CA PHE Y 35 37.89 -89.19 44.90
C PHE Y 35 36.79 -89.25 43.86
N ASP Y 36 37.13 -89.33 42.58
CA ASP Y 36 36.12 -89.30 41.53
C ASP Y 36 35.94 -90.70 40.95
N ARG Y 37 34.70 -91.05 40.63
CA ARG Y 37 34.42 -92.41 40.17
C ARG Y 37 34.98 -92.67 38.77
N THR Y 38 34.92 -91.66 37.90
CA THR Y 38 35.44 -91.83 36.55
C THR Y 38 36.97 -91.85 36.55
N LEU Y 39 37.58 -91.05 37.42
CA LEU Y 39 39.03 -90.88 37.41
C LEU Y 39 39.75 -91.98 38.18
N ALA Y 40 39.04 -92.76 38.97
CA ALA Y 40 39.67 -93.79 39.80
C ALA Y 40 39.86 -95.12 39.08
N ARG Y 41 39.29 -95.28 37.88
CA ARG Y 41 39.38 -96.56 37.18
C ARG Y 41 40.78 -96.84 36.63
N GLY Y 42 41.66 -95.84 36.63
CA GLY Y 42 43.00 -96.02 36.16
C GLY Y 42 43.33 -95.13 34.99
N PRO Y 43 44.61 -94.78 34.83
CA PRO Y 43 45.00 -93.93 33.71
C PRO Y 43 45.07 -94.69 32.41
N LYS Y 44 44.67 -94.03 31.33
CA LYS Y 44 44.86 -94.53 29.99
C LYS Y 44 45.73 -93.64 29.12
N THR Y 45 45.63 -92.32 29.29
CA THR Y 45 46.48 -91.35 28.61
C THR Y 45 47.16 -90.49 29.67
N THR Y 46 47.93 -89.50 29.22
CA THR Y 46 48.51 -88.54 30.16
C THR Y 46 47.54 -87.45 30.54
N THR Y 47 46.32 -87.46 29.99
CA THR Y 47 45.28 -86.54 30.43
C THR Y 47 44.89 -86.83 31.87
N TRP Y 48 44.92 -88.10 32.28
CA TRP Y 48 44.57 -88.50 33.63
C TRP Y 48 45.52 -87.91 34.66
N ILE Y 49 46.77 -87.71 34.30
CA ILE Y 49 47.75 -87.17 35.24
C ILE Y 49 47.44 -85.72 35.56
N TRP Y 50 46.98 -84.96 34.57
CA TRP Y 50 46.69 -83.56 34.84
C TRP Y 50 45.32 -83.37 35.47
N ASN Y 51 44.37 -84.28 35.24
CA ASN Y 51 43.07 -84.16 35.88
C ASN Y 51 43.09 -84.58 37.33
N LEU Y 52 44.10 -85.33 37.76
CA LEU Y 52 44.22 -85.63 39.18
C LEU Y 52 44.60 -84.38 39.97
N HIS Y 53 45.55 -83.61 39.47
CA HIS Y 53 45.96 -82.40 40.15
C HIS Y 53 45.00 -81.24 39.94
N ALA Y 54 44.08 -81.34 38.99
CA ALA Y 54 43.12 -80.27 38.71
C ALA Y 54 41.82 -80.44 39.49
N LEU Y 55 41.26 -81.65 39.52
CA LEU Y 55 40.04 -81.94 40.25
C LEU Y 55 40.27 -82.30 41.70
N ALA Y 56 41.46 -81.96 42.23
CA ALA Y 56 41.87 -82.47 43.53
C ALA Y 56 41.09 -81.81 44.66
N HIS Y 57 41.22 -80.50 44.79
CA HIS Y 57 40.57 -79.76 45.85
C HIS Y 57 39.23 -79.18 45.41
N ASP Y 58 38.59 -79.82 44.45
CA ASP Y 58 37.27 -79.43 43.97
C ASP Y 58 36.29 -80.42 44.59
N PHE Y 59 35.90 -80.15 45.83
CA PHE Y 59 35.11 -81.11 46.59
C PHE Y 59 33.65 -81.12 46.18
N ASP Y 60 33.21 -80.17 45.37
CA ASP Y 60 31.81 -80.00 45.03
C ASP Y 60 31.33 -80.91 43.92
N THR Y 61 32.24 -81.43 43.09
CA THR Y 61 31.87 -82.21 41.93
C THR Y 61 31.42 -83.63 42.27
N HIS Y 62 31.64 -84.08 43.51
CA HIS Y 62 31.47 -85.49 43.83
C HIS Y 62 30.00 -85.86 43.98
N THR Y 63 29.32 -85.29 44.96
CA THR Y 63 27.98 -85.69 45.33
C THR Y 63 27.06 -84.49 45.30
N SER Y 64 25.83 -84.72 45.76
CA SER Y 64 24.88 -83.67 46.07
C SER Y 64 24.73 -83.44 47.56
N ASP Y 65 25.40 -84.22 48.38
CA ASP Y 65 25.30 -84.13 49.83
C ASP Y 65 26.11 -82.92 50.30
N LEU Y 66 25.41 -81.85 50.66
CA LEU Y 66 26.07 -80.65 51.14
C LEU Y 66 26.68 -80.85 52.53
N GLU Y 67 26.14 -81.79 53.30
CA GLU Y 67 26.70 -82.14 54.60
C GLU Y 67 28.08 -82.76 54.46
N ASP Y 68 28.25 -83.63 53.47
CA ASP Y 68 29.52 -84.34 53.30
C ASP Y 68 30.60 -83.45 52.73
N ILE Y 69 30.23 -82.51 51.85
CA ILE Y 69 31.20 -81.62 51.24
C ILE Y 69 31.72 -80.61 52.26
N SER Y 70 30.84 -80.13 53.14
CA SER Y 70 31.17 -79.06 54.07
C SER Y 70 32.16 -79.51 55.14
N ARG Y 71 32.16 -80.81 55.47
CA ARG Y 71 33.13 -81.33 56.43
C ARG Y 71 34.53 -81.37 55.86
N LYS Y 72 34.64 -81.70 54.56
CA LYS Y 72 35.94 -81.65 53.89
C LYS Y 72 36.46 -80.22 53.79
N ILE Y 73 35.55 -79.27 53.62
CA ILE Y 73 35.93 -77.87 53.44
C ILE Y 73 36.44 -77.28 54.74
N PHE Y 74 35.74 -77.55 55.85
CA PHE Y 74 36.15 -77.01 57.14
C PHE Y 74 37.44 -77.64 57.66
N ALA Y 75 37.70 -78.90 57.33
CA ALA Y 75 38.91 -79.55 57.81
C ALA Y 75 40.14 -79.15 57.00
N ALA Y 76 39.97 -78.96 55.70
CA ALA Y 76 41.07 -78.48 54.86
C ALA Y 76 41.47 -77.07 55.23
N HIS Y 77 40.54 -76.29 55.77
CA HIS Y 77 40.85 -74.96 56.26
C HIS Y 77 41.73 -74.98 57.50
N PHE Y 78 41.77 -76.08 58.25
CA PHE Y 78 42.82 -76.23 59.23
C PHE Y 78 44.16 -76.56 58.60
N GLY Y 79 44.14 -77.14 57.40
CA GLY Y 79 45.39 -77.42 56.71
C GLY Y 79 46.09 -76.16 56.25
N HIS Y 80 45.33 -75.18 55.76
CA HIS Y 80 45.98 -73.94 55.33
C HIS Y 80 46.39 -73.09 56.53
N LEU Y 81 45.74 -73.28 57.68
CA LEU Y 81 46.16 -72.53 58.85
C LEU Y 81 47.47 -73.07 59.42
N ALA Y 82 47.75 -74.35 59.20
CA ALA Y 82 49.02 -74.91 59.66
C ALA Y 82 50.19 -74.38 58.85
N VAL Y 83 50.04 -74.31 57.52
CA VAL Y 83 51.15 -73.91 56.67
C VAL Y 83 51.42 -72.42 56.73
N VAL Y 84 50.45 -71.61 57.17
CA VAL Y 84 50.72 -70.21 57.42
C VAL Y 84 51.49 -70.05 58.72
N THR Y 85 51.15 -70.85 59.72
CA THR Y 85 51.81 -70.75 61.03
C THR Y 85 53.23 -71.30 60.98
N ILE Y 86 53.43 -72.39 60.23
CA ILE Y 86 54.77 -72.90 59.97
C ILE Y 86 55.61 -71.86 59.23
N TRP Y 87 55.01 -71.19 58.25
CA TRP Y 87 55.68 -70.09 57.56
C TRP Y 87 55.98 -68.95 58.51
N LEU Y 88 55.02 -68.55 59.34
CA LEU Y 88 55.19 -67.38 60.17
C LEU Y 88 56.16 -67.62 61.31
N SER Y 89 56.07 -68.78 61.96
CA SER Y 89 57.05 -69.13 62.99
C SER Y 89 58.40 -69.44 62.38
N GLY Y 90 58.45 -69.79 61.08
CA GLY Y 90 59.73 -69.90 60.41
C GLY Y 90 60.41 -68.56 60.24
N MET Y 91 59.63 -67.52 59.92
CA MET Y 91 60.23 -66.20 59.71
C MET Y 91 60.73 -65.60 61.01
N ILE Y 92 60.13 -65.99 62.13
CA ILE Y 92 60.61 -65.53 63.43
C ILE Y 92 61.85 -66.32 63.83
N PHE Y 93 61.88 -67.62 63.50
CA PHE Y 93 63.00 -68.46 63.85
C PHE Y 93 64.23 -68.13 63.00
N HIS Y 94 64.02 -67.94 61.69
CA HIS Y 94 65.11 -67.48 60.84
C HIS Y 94 65.57 -66.08 61.24
N GLY Y 95 64.67 -65.25 61.73
CA GLY Y 95 65.07 -63.97 62.29
C GLY Y 95 65.66 -64.05 63.68
N ALA Y 96 65.55 -65.19 64.35
CA ALA Y 96 66.18 -65.36 65.64
C ALA Y 96 67.64 -65.76 65.48
N LYS Y 97 67.90 -66.86 64.76
CA LYS Y 97 69.27 -67.30 64.53
C LYS Y 97 69.97 -66.46 63.48
N PHE Y 98 69.45 -66.49 62.25
CA PHE Y 98 70.15 -65.98 61.08
C PHE Y 98 69.65 -64.57 60.78
N SER Y 99 70.03 -63.61 61.61
CA SER Y 99 69.66 -62.22 61.38
C SER Y 99 70.59 -61.31 62.17
N ASN Y 100 70.47 -60.03 61.91
CA ASN Y 100 71.18 -58.99 62.66
C ASN Y 100 70.18 -58.10 63.39
N TYR Y 101 69.19 -58.71 64.03
CA TYR Y 101 68.12 -57.95 64.68
C TYR Y 101 68.63 -57.19 65.89
N GLU Y 102 69.56 -57.76 66.64
CA GLU Y 102 70.08 -57.07 67.81
C GLU Y 102 71.08 -55.99 67.44
N ALA Y 103 71.68 -56.08 66.25
CA ALA Y 103 72.51 -54.99 65.76
C ALA Y 103 71.69 -53.97 64.98
N TRP Y 104 70.49 -54.34 64.56
CA TRP Y 104 69.62 -53.39 63.89
C TRP Y 104 68.97 -52.43 64.87
N LEU Y 105 68.62 -52.92 66.07
CA LEU Y 105 67.99 -52.09 67.09
C LEU Y 105 68.89 -50.95 67.57
N SER Y 106 70.21 -51.14 67.53
CA SER Y 106 71.10 -50.10 68.02
C SER Y 106 71.25 -48.97 67.02
N ASP Y 107 71.10 -49.25 65.72
CA ASP Y 107 71.21 -48.21 64.70
C ASP Y 107 70.36 -48.61 63.50
N PRO Y 108 69.05 -48.31 63.53
CA PRO Y 108 68.21 -48.60 62.36
C PRO Y 108 68.45 -47.65 61.21
N LEU Y 109 69.14 -46.53 61.44
CA LEU Y 109 69.44 -45.60 60.37
C LEU Y 109 70.56 -46.08 59.48
N ASN Y 110 71.35 -47.04 59.92
CA ASN Y 110 72.50 -47.47 59.13
C ASN Y 110 72.55 -48.96 58.89
N VAL Y 111 72.15 -49.77 59.86
CA VAL Y 111 72.18 -51.22 59.71
C VAL Y 111 71.01 -51.65 58.85
N ARG Y 112 71.29 -52.44 57.83
CA ARG Y 112 70.25 -52.86 56.89
C ARG Y 112 69.58 -54.13 57.40
N PRO Y 113 68.27 -54.26 57.23
CA PRO Y 113 67.56 -55.45 57.70
C PRO Y 113 67.95 -56.67 56.89
N SER Y 114 68.45 -57.70 57.57
CA SER Y 114 68.99 -58.85 56.86
C SER Y 114 68.71 -60.15 57.57
N ALA Y 115 68.33 -61.14 56.79
CA ALA Y 115 68.28 -62.54 57.21
C ALA Y 115 68.79 -63.37 56.05
N GLN Y 116 68.57 -64.68 56.12
CA GLN Y 116 68.86 -65.64 55.04
C GLN Y 116 70.35 -65.61 54.66
N VAL Y 117 71.17 -66.12 55.57
CA VAL Y 117 72.57 -66.34 55.25
C VAL Y 117 72.67 -67.49 54.26
N VAL Y 118 73.43 -67.29 53.19
CA VAL Y 118 73.52 -68.25 52.10
C VAL Y 118 74.68 -69.20 52.38
N TRP Y 119 74.44 -70.50 52.17
CA TRP Y 119 75.49 -71.50 52.19
C TRP Y 119 76.53 -71.20 51.10
N PRO Y 120 77.81 -71.40 51.37
CA PRO Y 120 78.85 -70.82 50.53
C PRO Y 120 79.31 -71.65 49.34
N ILE Y 121 78.52 -72.59 48.82
CA ILE Y 121 79.07 -73.72 48.06
C ILE Y 121 79.65 -73.29 46.70
N VAL Y 122 78.83 -72.78 45.79
CA VAL Y 122 79.24 -72.67 44.39
C VAL Y 122 79.65 -71.24 44.03
N GLY Y 123 80.08 -70.46 45.00
CA GLY Y 123 80.31 -69.06 44.76
C GLY Y 123 79.12 -68.18 45.02
N GLN Y 124 78.01 -68.77 45.48
CA GLN Y 124 76.82 -68.02 45.87
C GLN Y 124 76.97 -67.39 47.24
N ASP Y 125 78.14 -67.49 47.86
CA ASP Y 125 78.51 -66.73 49.04
C ASP Y 125 78.71 -65.25 48.73
N ILE Y 126 78.78 -64.87 47.45
CA ILE Y 126 78.81 -63.46 47.10
C ILE Y 126 77.44 -62.82 47.31
N LEU Y 127 76.38 -63.63 47.40
CA LEU Y 127 75.08 -63.10 47.77
C LEU Y 127 75.03 -62.68 49.23
N ASN Y 128 75.89 -63.24 50.08
CA ASN Y 128 76.03 -62.78 51.46
C ASN Y 128 76.89 -61.52 51.44
N GLY Y 129 76.25 -60.40 51.12
CA GLY Y 129 76.92 -59.13 51.11
C GLY Y 129 76.87 -58.43 52.45
N ASP Y 130 77.70 -57.40 52.61
CA ASP Y 130 77.83 -56.73 53.91
C ASP Y 130 76.67 -55.76 54.09
N VAL Y 131 75.75 -56.11 54.99
CA VAL Y 131 74.61 -55.26 55.29
C VAL Y 131 74.86 -54.31 56.45
N GLY Y 132 76.00 -54.43 57.13
CA GLY Y 132 76.25 -53.61 58.30
C GLY Y 132 76.06 -54.41 59.57
N GLY Y 133 76.93 -54.13 60.54
CA GLY Y 133 76.87 -54.83 61.81
C GLY Y 133 77.70 -56.09 61.88
N GLY Y 134 78.75 -56.19 61.08
CA GLY Y 134 79.58 -57.38 61.04
C GLY Y 134 78.89 -58.62 60.55
N PHE Y 135 77.86 -58.44 59.71
CA PHE Y 135 76.97 -59.52 59.34
C PHE Y 135 76.85 -59.54 57.82
N HIS Y 136 76.89 -60.74 57.25
CA HIS Y 136 76.81 -60.93 55.80
C HIS Y 136 75.58 -61.76 55.47
N GLY Y 137 74.71 -61.21 54.65
CA GLY Y 137 73.50 -61.92 54.29
C GLY Y 137 72.69 -61.12 53.30
N ILE Y 138 71.51 -61.65 52.99
CA ILE Y 138 70.62 -61.03 52.02
C ILE Y 138 69.77 -59.98 52.72
N GLN Y 139 69.86 -58.74 52.24
CA GLN Y 139 69.09 -57.63 52.79
C GLN Y 139 67.61 -57.87 52.53
N ILE Y 140 66.85 -58.17 53.57
CA ILE Y 140 65.44 -58.46 53.41
C ILE Y 140 64.66 -57.17 53.19
N THR Y 141 63.50 -57.31 52.56
CA THR Y 141 62.60 -56.18 52.34
C THR Y 141 61.21 -56.42 52.89
N SER Y 142 60.98 -57.53 53.58
CA SER Y 142 59.63 -57.84 54.04
C SER Y 142 59.24 -57.03 55.26
N GLY Y 143 60.18 -56.38 55.92
CA GLY Y 143 59.84 -55.50 57.03
C GLY Y 143 59.51 -56.20 58.32
N LEU Y 144 60.10 -57.34 58.58
CA LEU Y 144 59.82 -58.03 59.83
C LEU Y 144 60.54 -57.41 61.01
N PHE Y 145 61.58 -56.64 60.77
CA PHE Y 145 62.26 -56.01 61.91
C PHE Y 145 61.44 -54.84 62.42
N GLN Y 146 60.70 -54.17 61.54
CA GLN Y 146 59.77 -53.14 61.98
C GLN Y 146 58.59 -53.72 62.76
N VAL Y 147 58.18 -54.94 62.41
CA VAL Y 147 57.06 -55.57 63.11
C VAL Y 147 57.48 -56.00 64.50
N TRP Y 148 58.66 -56.59 64.61
CA TRP Y 148 59.12 -57.13 65.88
C TRP Y 148 59.47 -56.03 66.87
N ARG Y 149 60.00 -54.91 66.37
CA ARG Y 149 60.16 -53.75 67.21
C ARG Y 149 58.81 -53.14 67.56
N GLY Y 150 57.86 -53.16 66.63
CA GLY Y 150 56.51 -52.71 66.92
C GLY Y 150 55.79 -53.61 67.90
N TRP Y 151 56.20 -54.88 67.99
CA TRP Y 151 55.71 -55.75 69.04
C TRP Y 151 56.44 -55.54 70.35
N GLY Y 152 57.65 -54.99 70.30
CA GLY Y 152 58.44 -54.76 71.47
C GLY Y 152 59.48 -55.81 71.79
N ILE Y 153 59.82 -56.70 70.85
CA ILE Y 153 60.86 -57.68 71.06
C ILE Y 153 62.21 -57.00 71.15
N THR Y 154 62.97 -57.31 72.20
CA THR Y 154 64.26 -56.69 72.50
C THR Y 154 65.43 -57.61 72.20
N ASN Y 155 65.37 -58.87 72.62
CA ASN Y 155 66.47 -59.81 72.46
C ASN Y 155 66.06 -61.02 71.63
N SER Y 156 67.00 -61.95 71.44
CA SER Y 156 66.77 -63.11 70.62
C SER Y 156 65.85 -64.13 71.28
N PHE Y 157 65.92 -64.24 72.61
CA PHE Y 157 65.19 -65.29 73.31
C PHE Y 157 63.68 -65.08 73.22
N GLN Y 158 63.24 -63.83 73.10
CA GLN Y 158 61.84 -63.56 72.85
C GLN Y 158 61.42 -63.96 71.44
N LEU Y 159 62.37 -64.06 70.51
CA LEU Y 159 62.05 -64.57 69.19
C LEU Y 159 62.04 -66.08 69.16
N TYR Y 160 62.86 -66.74 69.98
CA TYR Y 160 62.86 -68.20 70.04
C TYR Y 160 61.54 -68.71 70.61
N CYS Y 161 61.12 -68.18 71.76
CA CYS Y 161 59.92 -68.69 72.41
C CYS Y 161 58.66 -68.33 71.63
N THR Y 162 58.72 -67.28 70.81
CA THR Y 162 57.63 -67.00 69.88
C THR Y 162 57.61 -68.02 68.76
N ALA Y 163 58.77 -68.32 68.19
CA ALA Y 163 58.83 -69.26 67.07
C ALA Y 163 58.58 -70.70 67.53
N ILE Y 164 59.13 -71.09 68.68
CA ILE Y 164 58.81 -72.39 69.26
C ILE Y 164 57.35 -72.44 69.69
N GLY Y 165 56.82 -71.31 70.15
CA GLY Y 165 55.39 -71.23 70.44
C GLY Y 165 54.53 -71.29 69.20
N GLY Y 166 55.05 -70.80 68.07
CA GLY Y 166 54.33 -70.92 66.82
C GLY Y 166 54.30 -72.35 66.30
N LEU Y 167 55.37 -73.11 66.53
CA LEU Y 167 55.41 -74.49 66.08
C LEU Y 167 54.47 -75.38 66.89
N VAL Y 168 54.22 -75.03 68.15
CA VAL Y 168 53.20 -75.72 68.92
C VAL Y 168 51.82 -75.35 68.41
N LEU Y 169 51.60 -74.06 68.13
CA LEU Y 169 50.32 -73.57 67.62
C LEU Y 169 50.07 -74.04 66.19
N ALA Y 170 51.12 -74.37 65.44
CA ALA Y 170 50.92 -75.00 64.14
C ALA Y 170 50.52 -76.46 64.29
N GLY Y 171 50.84 -77.08 65.42
CA GLY Y 171 50.48 -78.47 65.63
C GLY Y 171 49.06 -78.65 66.13
N LEU Y 172 48.50 -77.64 66.79
CA LEU Y 172 47.12 -77.73 67.23
C LEU Y 172 46.15 -77.57 66.07
N PHE Y 173 46.50 -76.72 65.10
CA PHE Y 173 45.68 -76.59 63.90
C PHE Y 173 45.70 -77.86 63.07
N LEU Y 174 46.86 -78.51 62.98
CA LEU Y 174 46.97 -79.73 62.20
C LEU Y 174 46.33 -80.91 62.92
N PHE Y 175 46.32 -80.90 64.25
CA PHE Y 175 45.65 -81.97 64.97
C PHE Y 175 44.14 -81.83 64.90
N ALA Y 176 43.62 -80.61 64.98
CA ALA Y 176 42.18 -80.39 64.96
C ALA Y 176 41.60 -80.66 63.58
N GLY Y 177 42.41 -80.49 62.54
CA GLY Y 177 41.95 -80.87 61.21
C GLY Y 177 41.77 -82.36 61.07
N TRP Y 178 42.63 -83.15 61.70
CA TRP Y 178 42.37 -84.58 61.81
C TRP Y 178 41.14 -84.83 62.67
N PHE Y 179 41.03 -84.11 63.78
CA PHE Y 179 40.02 -84.43 64.78
C PHE Y 179 38.63 -84.08 64.29
N HIS Y 180 38.48 -82.89 63.74
CA HIS Y 180 37.15 -82.45 63.32
C HIS Y 180 36.72 -83.04 61.97
N TYR Y 181 37.52 -83.90 61.35
CA TYR Y 181 37.10 -84.64 60.17
C TYR Y 181 37.11 -86.15 60.38
N HIS Y 182 38.25 -86.71 60.74
CA HIS Y 182 38.37 -88.16 60.82
C HIS Y 182 37.80 -88.71 62.12
N LYS Y 183 37.60 -87.88 63.14
CA LYS Y 183 37.12 -88.34 64.43
C LYS Y 183 35.76 -87.78 64.82
N ARG Y 184 35.60 -86.46 64.89
CA ARG Y 184 34.36 -85.84 65.35
C ARG Y 184 33.93 -84.78 64.35
N ALA Y 185 33.08 -85.17 63.40
CA ALA Y 185 32.79 -84.18 62.38
C ALA Y 185 31.42 -83.55 62.59
N PRO Y 186 31.29 -82.25 62.34
CA PRO Y 186 30.00 -81.58 62.55
C PRO Y 186 28.95 -82.01 61.53
N LYS Y 187 27.70 -81.75 61.88
CA LYS Y 187 26.58 -82.00 61.00
C LYS Y 187 26.40 -80.80 60.07
N LEU Y 188 25.35 -80.80 59.25
CA LEU Y 188 25.14 -79.70 58.32
C LEU Y 188 24.69 -78.43 59.03
N GLU Y 189 23.72 -78.54 59.93
CA GLU Y 189 23.09 -77.38 60.54
C GLU Y 189 24.01 -76.63 61.49
N TRP Y 190 25.15 -77.20 61.87
CA TRP Y 190 26.17 -76.43 62.56
C TRP Y 190 26.77 -75.37 61.65
N PHE Y 191 26.85 -75.64 60.36
CA PHE Y 191 27.48 -74.70 59.44
C PHE Y 191 26.57 -73.55 59.06
N GLN Y 192 25.27 -73.79 58.97
CA GLN Y 192 24.30 -72.80 58.52
C GLN Y 192 23.81 -71.89 59.63
N ASN Y 193 24.53 -71.83 60.75
CA ASN Y 193 24.23 -70.87 61.81
C ASN Y 193 25.03 -69.59 61.60
N VAL Y 194 24.78 -68.95 60.47
CA VAL Y 194 25.53 -67.76 60.09
C VAL Y 194 25.23 -66.57 60.98
N GLU Y 195 24.08 -66.56 61.66
CA GLU Y 195 23.88 -65.57 62.70
C GLU Y 195 24.76 -65.89 63.91
N SER Y 196 24.89 -67.17 64.25
CA SER Y 196 25.75 -67.56 65.36
C SER Y 196 27.23 -67.49 65.00
N MET Y 197 27.57 -67.59 63.71
CA MET Y 197 28.96 -67.48 63.30
C MET Y 197 29.43 -66.04 63.38
N LEU Y 198 28.63 -65.12 62.84
CA LEU Y 198 28.97 -63.70 62.84
C LEU Y 198 29.04 -63.12 64.24
N ASN Y 199 28.32 -63.69 65.20
CA ASN Y 199 28.42 -63.15 66.55
C ASN Y 199 29.73 -63.57 67.22
N HIS Y 200 30.17 -64.81 67.00
CA HIS Y 200 31.44 -65.23 67.58
C HIS Y 200 32.63 -64.63 66.85
N HIS Y 201 32.57 -64.55 65.51
CA HIS Y 201 33.72 -64.11 64.74
C HIS Y 201 33.92 -62.59 64.78
N LEU Y 202 32.87 -61.80 64.98
CA LEU Y 202 33.06 -60.36 65.09
C LEU Y 202 33.48 -59.94 66.49
N GLN Y 203 33.00 -60.64 67.51
CA GLN Y 203 33.29 -60.31 68.90
C GLN Y 203 34.59 -60.93 69.38
N VAL Y 204 34.70 -62.25 69.30
CA VAL Y 204 35.81 -62.93 69.95
C VAL Y 204 37.06 -62.85 69.10
N LEU Y 205 36.92 -62.97 67.78
CA LEU Y 205 38.11 -62.94 66.94
C LEU Y 205 38.59 -61.51 66.73
N LEU Y 206 37.71 -60.64 66.23
CA LEU Y 206 38.10 -59.28 65.89
C LEU Y 206 38.05 -58.34 67.09
N GLY Y 207 36.96 -58.38 67.86
CA GLY Y 207 36.83 -57.44 68.97
C GLY Y 207 37.74 -57.80 70.14
N CYS Y 208 37.63 -59.04 70.63
CA CYS Y 208 38.51 -59.48 71.70
C CYS Y 208 39.94 -59.65 71.26
N GLY Y 209 40.19 -59.86 69.96
CA GLY Y 209 41.55 -59.91 69.48
C GLY Y 209 42.21 -58.55 69.50
N SER Y 210 41.47 -57.51 69.16
CA SER Y 210 41.97 -56.15 69.21
C SER Y 210 41.85 -55.53 70.59
N LEU Y 211 41.04 -56.10 71.47
CA LEU Y 211 41.06 -55.64 72.86
C LEU Y 211 42.27 -56.21 73.59
N GLY Y 212 42.57 -57.48 73.34
CA GLY Y 212 43.76 -58.07 73.93
C GLY Y 212 45.03 -57.44 73.40
N TRP Y 213 45.05 -57.12 72.11
CA TRP Y 213 46.21 -56.46 71.55
C TRP Y 213 46.31 -55.03 72.01
N ALA Y 214 45.18 -54.39 72.31
CA ALA Y 214 45.22 -53.08 72.95
C ALA Y 214 45.83 -53.14 74.34
N GLY Y 215 45.63 -54.26 75.04
CA GLY Y 215 46.33 -54.46 76.30
C GLY Y 215 47.81 -54.73 76.13
N HIS Y 216 48.23 -55.12 74.94
CA HIS Y 216 49.64 -55.41 74.72
C HIS Y 216 50.42 -54.14 74.38
N LEU Y 217 49.79 -53.12 73.81
CA LEU Y 217 50.54 -51.90 73.60
C LEU Y 217 50.67 -51.09 74.87
N ILE Y 218 49.63 -51.09 75.69
CA ILE Y 218 49.58 -50.20 76.83
C ILE Y 218 50.51 -50.69 77.93
N HIS Y 219 50.42 -51.98 78.26
CA HIS Y 219 51.24 -52.51 79.33
C HIS Y 219 52.66 -52.85 78.86
N VAL Y 220 52.85 -53.16 77.58
CA VAL Y 220 54.12 -53.73 77.13
C VAL Y 220 54.81 -52.89 76.06
N SER Y 221 54.16 -52.70 74.91
CA SER Y 221 54.87 -52.24 73.71
C SER Y 221 55.22 -50.76 73.77
N ALA Y 222 54.21 -49.91 73.95
CA ALA Y 222 54.46 -48.48 74.08
C ALA Y 222 55.33 -48.04 75.26
N PRO Y 223 55.43 -48.75 76.39
CA PRO Y 223 56.52 -48.42 77.31
C PRO Y 223 57.90 -48.68 76.73
N ILE Y 224 58.06 -49.78 75.98
CA ILE Y 224 59.38 -50.10 75.42
C ILE Y 224 59.72 -49.15 74.28
N ASN Y 225 58.76 -48.87 73.39
CA ASN Y 225 59.02 -47.97 72.27
C ASN Y 225 59.18 -46.53 72.70
N LYS Y 226 58.74 -46.16 73.90
CA LYS Y 226 59.04 -44.83 74.42
C LYS Y 226 60.45 -44.77 75.00
N LEU Y 227 60.90 -45.86 75.61
CA LEU Y 227 62.28 -45.92 76.09
C LEU Y 227 63.26 -46.02 74.93
N MET Y 228 62.82 -46.57 73.79
CA MET Y 228 63.67 -46.61 72.61
C MET Y 228 63.84 -45.22 72.01
N ASP Y 229 62.78 -44.42 72.01
CA ASP Y 229 62.85 -43.07 71.42
C ASP Y 229 63.69 -42.13 72.25
N ALA Y 230 63.85 -42.39 73.55
CA ALA Y 230 64.76 -41.61 74.37
C ALA Y 230 66.21 -41.94 74.05
N GLY Y 231 66.48 -43.06 73.40
CA GLY Y 231 67.83 -43.46 73.08
C GLY Y 231 68.60 -43.94 74.30
N VAL Y 232 67.98 -44.78 75.13
CA VAL Y 232 68.59 -45.17 76.39
C VAL Y 232 69.66 -46.22 76.12
N ALA Y 233 69.22 -47.40 75.69
CA ALA Y 233 70.03 -48.56 75.33
C ALA Y 233 69.08 -49.59 74.75
N VAL Y 234 69.59 -50.80 74.51
CA VAL Y 234 68.75 -51.94 74.18
C VAL Y 234 68.70 -52.93 75.35
N LYS Y 235 69.83 -53.20 75.98
CA LYS Y 235 69.86 -54.14 77.09
C LYS Y 235 69.34 -53.50 78.38
N ASP Y 236 69.62 -52.21 78.58
CA ASP Y 236 69.25 -51.53 79.81
C ASP Y 236 67.75 -51.31 79.95
N ILE Y 237 67.01 -51.34 78.85
CA ILE Y 237 65.55 -51.35 78.93
C ILE Y 237 65.10 -52.64 79.59
N PRO Y 238 64.27 -52.57 80.63
CA PRO Y 238 63.92 -53.78 81.39
C PRO Y 238 63.04 -54.72 80.59
N LEU Y 239 62.89 -55.92 81.14
CA LEU Y 239 62.03 -56.92 80.55
C LEU Y 239 60.57 -56.49 80.69
N PRO Y 240 59.73 -56.80 79.71
CA PRO Y 240 58.38 -56.24 79.70
C PRO Y 240 57.43 -56.87 80.72
N HIS Y 241 57.82 -57.92 81.43
CA HIS Y 241 57.03 -58.35 82.57
C HIS Y 241 57.44 -57.64 83.84
N GLU Y 242 58.55 -56.90 83.83
CA GLU Y 242 58.89 -56.04 84.95
C GLU Y 242 58.13 -54.72 84.90
N PHE Y 243 57.54 -54.39 83.75
CA PHE Y 243 56.66 -53.24 83.68
C PHE Y 243 55.33 -53.51 84.36
N ILE Y 244 54.90 -54.77 84.41
CA ILE Y 244 53.69 -55.12 85.12
C ILE Y 244 53.96 -55.27 86.61
N LEU Y 245 55.09 -55.88 86.97
CA LEU Y 245 55.43 -56.04 88.37
C LEU Y 245 55.80 -54.72 89.01
N ASN Y 246 56.85 -54.08 88.51
CA ASN Y 246 57.34 -52.83 89.08
C ASN Y 246 56.55 -51.70 88.42
N LYS Y 247 55.48 -51.27 89.08
CA LYS Y 247 54.60 -50.23 88.58
C LYS Y 247 55.24 -48.84 88.61
N SER Y 248 56.38 -48.69 89.27
CA SER Y 248 57.08 -47.41 89.32
C SER Y 248 57.71 -47.03 88.00
N LEU Y 249 57.81 -47.96 87.05
CA LEU Y 249 58.34 -47.61 85.74
C LEU Y 249 57.25 -47.28 84.74
N LEU Y 250 55.99 -47.63 85.03
CA LEU Y 250 54.87 -47.09 84.30
C LEU Y 250 54.38 -45.76 84.87
N ILE Y 251 55.17 -45.11 85.71
CA ILE Y 251 54.80 -43.80 86.23
C ILE Y 251 55.90 -42.78 86.03
N ASP Y 252 57.14 -43.22 85.76
CA ASP Y 252 58.15 -42.30 85.27
C ASP Y 252 57.80 -41.82 83.86
N LEU Y 253 57.50 -42.76 82.97
CA LEU Y 253 56.79 -42.48 81.75
C LEU Y 253 55.31 -42.75 81.99
N PHE Y 254 54.46 -42.11 81.15
CA PHE Y 254 53.00 -42.16 81.21
C PHE Y 254 52.48 -41.78 82.59
N PRO Y 255 52.51 -40.50 82.97
CA PRO Y 255 52.17 -40.15 84.36
C PRO Y 255 50.69 -40.31 84.71
N GLY Y 256 49.81 -40.52 83.72
CA GLY Y 256 48.41 -40.71 84.02
C GLY Y 256 48.05 -42.15 84.34
N PHE Y 257 48.87 -42.77 85.19
CA PHE Y 257 48.76 -44.19 85.48
C PHE Y 257 48.63 -44.48 86.96
N ALA Y 258 49.01 -43.53 87.83
CA ALA Y 258 48.92 -43.73 89.27
C ALA Y 258 47.48 -43.76 89.75
N ALA Y 259 46.57 -43.15 88.99
CA ALA Y 259 45.15 -43.18 89.34
C ALA Y 259 44.57 -44.58 89.20
N GLY Y 260 45.21 -45.43 88.41
CA GLY Y 260 44.87 -46.84 88.40
C GLY Y 260 43.64 -47.16 87.61
N LEU Y 261 42.83 -48.08 88.12
CA LEU Y 261 41.74 -48.66 87.36
C LEU Y 261 40.42 -47.94 87.59
N THR Y 262 40.31 -47.17 88.67
CA THR Y 262 39.06 -46.48 88.97
C THR Y 262 38.63 -45.37 88.00
N PRO Y 263 39.51 -44.59 87.31
CA PRO Y 263 38.97 -43.64 86.31
C PRO Y 263 38.30 -44.29 85.11
N PHE Y 264 38.49 -45.59 84.88
CA PHE Y 264 37.73 -46.27 83.84
C PHE Y 264 36.27 -46.41 84.23
N PHE Y 265 36.00 -46.66 85.51
CA PHE Y 265 34.67 -47.02 85.97
C PHE Y 265 33.88 -45.86 86.57
N THR Y 266 34.54 -44.76 86.90
CA THR Y 266 33.83 -43.54 87.23
C THR Y 266 33.68 -42.62 86.03
N LEU Y 267 33.98 -43.12 84.83
CA LEU Y 267 33.89 -42.39 83.55
C LEU Y 267 34.77 -41.15 83.53
N ASN Y 268 35.87 -41.19 84.27
CA ASN Y 268 36.88 -40.14 84.23
C ASN Y 268 37.94 -40.56 83.21
N TRP Y 269 37.50 -40.67 81.96
CA TRP Y 269 38.37 -41.15 80.89
C TRP Y 269 39.38 -40.10 80.44
N GLY Y 270 39.22 -38.85 80.85
CA GLY Y 270 40.24 -37.86 80.60
C GLY Y 270 41.47 -38.01 81.45
N GLN Y 271 41.41 -38.85 82.49
CA GLN Y 271 42.57 -39.14 83.31
C GLN Y 271 43.62 -39.92 82.52
N TYR Y 272 43.16 -40.71 81.55
CA TYR Y 272 44.01 -41.58 80.74
C TYR Y 272 44.58 -40.88 79.52
N ALA Y 273 44.73 -39.56 79.56
CA ALA Y 273 45.10 -38.80 78.38
C ALA Y 273 46.59 -38.82 78.07
N ASP Y 274 47.38 -39.57 78.83
CA ASP Y 274 48.81 -39.63 78.52
C ASP Y 274 49.14 -40.79 77.61
N PHE Y 275 48.34 -41.85 77.62
CA PHE Y 275 48.68 -43.07 76.91
C PHE Y 275 47.52 -43.62 76.08
N LEU Y 276 46.47 -42.83 75.89
CA LEU Y 276 45.44 -43.11 74.88
C LEU Y 276 45.18 -41.86 74.06
N THR Y 277 46.25 -41.25 73.57
CA THR Y 277 46.16 -39.93 72.96
C THR Y 277 45.48 -39.96 71.59
N PHE Y 278 45.36 -38.77 71.02
CA PHE Y 278 44.85 -38.52 69.69
C PHE Y 278 45.81 -37.55 68.99
N LYS Y 279 47.10 -37.90 68.97
CA LYS Y 279 48.12 -36.99 68.45
C LYS Y 279 47.93 -36.74 66.96
N GLY Y 280 47.60 -37.77 66.20
CA GLY Y 280 47.25 -37.63 64.80
C GLY Y 280 48.38 -37.18 63.91
N GLY Y 281 49.37 -38.04 63.69
CA GLY Y 281 50.48 -37.67 62.83
C GLY Y 281 51.59 -38.69 62.89
N LEU Y 282 52.82 -38.27 62.65
CA LEU Y 282 53.97 -39.15 62.69
C LEU Y 282 54.91 -38.77 63.82
N ASN Y 283 55.48 -39.78 64.45
CA ASN Y 283 56.48 -39.60 65.49
C ASN Y 283 57.74 -39.01 64.87
N PRO Y 284 58.25 -37.87 65.36
CA PRO Y 284 59.43 -37.27 64.74
C PRO Y 284 60.73 -38.04 64.97
N VAL Y 285 60.74 -39.05 65.83
CA VAL Y 285 61.96 -39.81 66.07
C VAL Y 285 62.03 -41.01 65.13
N THR Y 286 60.96 -41.80 65.06
CA THR Y 286 60.96 -42.98 64.21
C THR Y 286 60.44 -42.72 62.81
N GLY Y 287 59.56 -41.74 62.64
CA GLY Y 287 58.85 -41.62 61.38
C GLY Y 287 57.74 -42.63 61.26
N GLY Y 288 57.27 -43.16 62.38
CA GLY Y 288 56.11 -44.03 62.40
C GLY Y 288 54.97 -43.36 63.14
N LEU Y 289 53.88 -44.10 63.29
CA LEU Y 289 52.75 -43.60 64.05
C LEU Y 289 53.09 -43.58 65.54
N TRP Y 290 52.39 -42.73 66.27
CA TRP Y 290 52.51 -42.71 67.72
C TRP Y 290 51.96 -44.00 68.29
N MET Y 291 52.71 -44.62 69.20
CA MET Y 291 52.27 -45.88 69.79
C MET Y 291 51.08 -45.69 70.71
N THR Y 292 50.90 -44.50 71.26
CA THR Y 292 49.74 -44.23 72.09
C THR Y 292 48.48 -44.08 71.25
N ASP Y 293 48.62 -43.60 70.02
CA ASP Y 293 47.46 -43.48 69.15
C ASP Y 293 46.96 -44.84 68.70
N ILE Y 294 47.87 -45.78 68.48
CA ILE Y 294 47.49 -47.13 68.10
C ILE Y 294 46.85 -47.84 69.28
N ALA Y 295 47.23 -47.45 70.50
CA ALA Y 295 46.61 -48.00 71.69
C ALA Y 295 45.16 -47.56 71.82
N HIS Y 296 44.88 -46.27 71.64
CA HIS Y 296 43.50 -45.79 71.65
C HIS Y 296 42.77 -46.20 70.38
N HIS Y 297 43.47 -46.53 69.31
CA HIS Y 297 42.82 -47.05 68.12
C HIS Y 297 42.23 -48.42 68.39
N HIS Y 298 43.09 -49.41 68.65
CA HIS Y 298 42.68 -50.80 68.82
C HIS Y 298 41.77 -51.00 70.02
N LEU Y 299 41.77 -50.07 70.97
CA LEU Y 299 40.75 -50.13 72.02
C LEU Y 299 39.41 -49.63 71.51
N ALA Y 300 39.39 -48.53 70.76
CA ALA Y 300 38.13 -48.01 70.23
C ALA Y 300 37.61 -48.88 69.10
N ILE Y 301 38.51 -49.53 68.37
CA ILE Y 301 38.11 -50.57 67.43
C ILE Y 301 37.40 -51.69 68.16
N ALA Y 302 37.91 -52.07 69.33
CA ALA Y 302 37.43 -53.25 70.03
C ALA Y 302 36.04 -53.06 70.63
N VAL Y 303 35.73 -51.84 71.08
CA VAL Y 303 34.42 -51.58 71.67
C VAL Y 303 33.34 -51.66 70.60
N VAL Y 304 33.63 -51.19 69.39
CA VAL Y 304 32.67 -51.17 68.30
C VAL Y 304 32.34 -52.60 67.84
N PHE Y 305 33.33 -53.50 67.83
CA PHE Y 305 33.08 -54.86 67.38
C PHE Y 305 32.32 -55.69 68.41
N ILE Y 306 32.55 -55.48 69.69
CA ILE Y 306 31.85 -56.26 70.70
C ILE Y 306 30.39 -55.83 70.78
N ILE Y 307 30.12 -54.54 70.56
CA ILE Y 307 28.74 -54.07 70.49
C ILE Y 307 28.04 -54.63 69.26
N ALA Y 308 28.64 -54.45 68.08
CA ALA Y 308 28.03 -54.86 66.82
C ALA Y 308 27.99 -56.36 66.62
N GLY Y 309 28.70 -57.13 67.43
CA GLY Y 309 28.53 -58.55 67.35
C GLY Y 309 27.37 -59.10 68.16
N HIS Y 310 26.67 -58.24 68.90
CA HIS Y 310 25.45 -58.64 69.60
C HIS Y 310 24.20 -58.41 68.76
N GLN Y 311 24.32 -58.44 67.43
CA GLN Y 311 23.25 -58.01 66.55
C GLN Y 311 22.35 -59.15 66.08
N TYR Y 312 22.93 -60.28 65.73
CA TYR Y 312 22.18 -61.31 65.03
C TYR Y 312 21.61 -62.31 66.02
N ARG Y 313 20.44 -62.85 65.68
CA ARG Y 313 19.67 -63.64 66.63
C ARG Y 313 20.28 -65.02 66.83
N THR Y 314 20.35 -65.43 68.09
CA THR Y 314 20.80 -66.76 68.49
C THR Y 314 19.71 -67.40 69.32
N ASN Y 315 20.07 -68.41 70.11
CA ASN Y 315 19.13 -69.18 70.93
C ASN Y 315 18.33 -68.35 71.94
N TRP Y 316 18.67 -67.08 72.18
CA TRP Y 316 18.01 -66.28 73.20
C TRP Y 316 17.13 -65.19 72.62
N GLY Y 317 16.41 -65.45 71.52
CA GLY Y 317 15.29 -64.62 71.13
C GLY Y 317 15.58 -63.26 70.56
N ILE Y 318 16.33 -62.44 71.31
CA ILE Y 318 16.66 -61.09 70.86
C ILE Y 318 17.60 -61.15 69.68
N GLY Y 319 17.61 -60.07 68.89
CA GLY Y 319 18.52 -59.98 67.78
C GLY Y 319 17.86 -59.95 66.41
N HIS Y 320 18.59 -59.43 65.43
CA HIS Y 320 18.15 -59.35 64.07
C HIS Y 320 18.24 -60.72 63.39
N SER Y 321 17.41 -60.90 62.37
CA SER Y 321 17.45 -62.08 61.53
C SER Y 321 17.74 -61.66 60.10
N ILE Y 322 18.73 -62.28 59.47
CA ILE Y 322 19.20 -61.84 58.16
C ILE Y 322 18.17 -62.18 57.08
N LYS Y 323 17.40 -63.25 57.27
CA LYS Y 323 16.31 -63.54 56.34
C LYS Y 323 15.18 -62.53 56.48
N GLU Y 324 15.11 -61.81 57.60
CA GLU Y 324 14.13 -60.76 57.79
C GLU Y 324 14.69 -59.35 57.58
N ILE Y 325 16.02 -59.20 57.52
CA ILE Y 325 16.59 -57.91 57.13
C ILE Y 325 16.53 -57.74 55.62
N LEU Y 326 16.93 -58.77 54.89
CA LEU Y 326 17.07 -58.65 53.44
C LEU Y 326 15.72 -58.56 52.75
N GLU Y 327 14.72 -59.27 53.27
CA GLU Y 327 13.43 -59.29 52.58
C GLU Y 327 12.60 -58.04 52.83
N ASN Y 328 13.00 -57.19 53.77
CA ASN Y 328 12.31 -55.91 53.92
C ASN Y 328 12.83 -54.88 52.94
N HIS Y 329 14.14 -54.89 52.68
CA HIS Y 329 14.75 -53.91 51.79
C HIS Y 329 14.39 -54.28 50.35
N LYS Y 330 13.28 -53.74 49.86
CA LYS Y 330 12.90 -53.87 48.46
C LYS Y 330 12.18 -52.59 48.03
N GLY Y 331 12.29 -52.24 46.76
CA GLY Y 331 11.80 -50.97 46.31
C GLY Y 331 10.83 -51.03 45.15
N PRO Y 332 10.56 -49.87 44.55
CA PRO Y 332 9.72 -49.89 43.34
C PRO Y 332 10.48 -50.32 42.10
N PHE Y 333 11.77 -49.98 42.01
CA PHE Y 333 12.54 -50.33 40.83
C PHE Y 333 12.87 -51.81 40.82
N THR Y 334 13.24 -52.38 41.97
CA THR Y 334 13.86 -53.68 42.00
C THR Y 334 12.93 -54.80 42.43
N GLY Y 335 11.62 -54.62 42.35
CA GLY Y 335 10.67 -55.70 42.50
C GLY Y 335 10.62 -56.36 43.86
N GLU Y 336 11.13 -57.58 43.95
CA GLU Y 336 11.23 -58.25 45.23
C GLU Y 336 12.50 -57.93 45.98
N GLY Y 337 13.42 -57.20 45.36
CA GLY Y 337 14.56 -56.66 46.08
C GLY Y 337 15.55 -57.74 46.44
N HIS Y 338 15.97 -57.75 47.70
CA HIS Y 338 16.95 -58.70 48.20
C HIS Y 338 16.29 -59.97 48.75
N LYS Y 339 15.11 -60.33 48.24
CA LYS Y 339 14.41 -61.53 48.71
C LYS Y 339 14.89 -62.75 47.95
N GLY Y 340 15.67 -63.60 48.60
CA GLY Y 340 16.13 -64.81 47.97
C GLY Y 340 17.63 -64.92 48.02
N LEU Y 341 18.29 -63.84 48.38
CA LEU Y 341 19.74 -63.86 48.47
C LEU Y 341 20.24 -64.50 49.76
N TYR Y 342 19.35 -64.81 50.69
CA TYR Y 342 19.78 -65.56 51.85
C TYR Y 342 20.03 -67.02 51.49
N GLU Y 343 19.13 -67.61 50.69
CA GLU Y 343 19.29 -69.00 50.28
C GLU Y 343 20.45 -69.22 49.32
N ASN Y 344 20.90 -68.16 48.63
CA ASN Y 344 22.08 -68.31 47.80
C ASN Y 344 23.34 -68.34 48.66
N LEU Y 345 23.36 -67.57 49.73
CA LEU Y 345 24.53 -67.42 50.58
C LEU Y 345 24.55 -68.39 51.77
N THR Y 346 23.51 -69.19 51.95
CA THR Y 346 23.51 -70.19 53.01
C THR Y 346 23.50 -71.61 52.49
N THR Y 347 23.38 -71.81 51.18
CA THR Y 347 23.50 -73.13 50.58
C THR Y 347 24.73 -73.30 49.73
N SER Y 348 25.05 -72.35 48.88
CA SER Y 348 26.19 -72.46 47.98
C SER Y 348 27.46 -72.02 48.68
N TRP Y 349 28.54 -72.75 48.44
CA TRP Y 349 29.83 -72.37 48.99
C TRP Y 349 30.57 -71.40 48.09
N HIS Y 350 30.25 -71.38 46.80
CA HIS Y 350 30.91 -70.43 45.91
C HIS Y 350 30.35 -69.04 46.05
N ALA Y 351 29.06 -68.93 46.43
CA ALA Y 351 28.49 -67.62 46.68
C ALA Y 351 29.11 -66.96 47.90
N GLN Y 352 29.46 -67.76 48.90
CA GLN Y 352 30.27 -67.26 50.00
C GLN Y 352 31.69 -66.96 49.54
N LEU Y 353 32.27 -67.84 48.74
CA LEU Y 353 33.65 -67.67 48.32
C LEU Y 353 33.80 -66.51 47.35
N ALA Y 354 32.79 -66.21 46.54
CA ALA Y 354 32.86 -65.02 45.70
C ALA Y 354 32.78 -63.74 46.53
N THR Y 355 31.96 -63.76 47.58
CA THR Y 355 31.75 -62.58 48.39
C THR Y 355 32.92 -62.33 49.33
N ASN Y 356 33.46 -63.37 49.95
CA ASN Y 356 34.53 -63.17 50.91
C ASN Y 356 35.87 -62.91 50.26
N LEU Y 357 35.97 -62.95 48.94
CA LEU Y 357 37.23 -62.83 48.23
C LEU Y 357 37.33 -61.58 47.38
N ALA Y 358 36.22 -61.13 46.82
CA ALA Y 358 36.19 -59.83 46.14
C ALA Y 358 36.21 -58.68 47.12
N PHE Y 359 35.80 -58.90 48.37
CA PHE Y 359 35.80 -57.86 49.39
C PHE Y 359 36.96 -57.98 50.35
N LEU Y 360 37.69 -59.09 50.36
CA LEU Y 360 38.96 -59.15 51.05
C LEU Y 360 40.10 -58.79 50.12
N GLY Y 361 39.94 -59.01 48.82
CA GLY Y 361 40.93 -58.55 47.87
C GLY Y 361 40.87 -57.05 47.68
N SER Y 362 39.67 -56.48 47.72
CA SER Y 362 39.53 -55.04 47.66
C SER Y 362 39.97 -54.39 48.96
N LEU Y 363 39.91 -55.15 50.05
CA LEU Y 363 40.39 -54.65 51.34
C LEU Y 363 41.90 -54.57 51.36
N THR Y 364 42.57 -55.52 50.69
CA THR Y 364 44.02 -55.60 50.72
C THR Y 364 44.66 -54.44 49.96
N ILE Y 365 43.98 -53.94 48.93
CA ILE Y 365 44.47 -52.77 48.21
C ILE Y 365 44.30 -51.52 49.06
N ILE Y 366 43.26 -51.48 49.89
CA ILE Y 366 43.05 -50.35 50.80
C ILE Y 366 44.11 -50.35 51.89
N ILE Y 367 44.53 -51.53 52.32
CA ILE Y 367 45.62 -51.66 53.30
C ILE Y 367 46.91 -51.10 52.73
N ALA Y 368 47.17 -51.35 51.45
CA ALA Y 368 48.40 -50.88 50.81
C ALA Y 368 48.43 -49.36 50.70
N HIS Y 369 47.29 -48.74 50.44
CA HIS Y 369 47.23 -47.28 50.38
C HIS Y 369 47.26 -46.65 51.76
N HIS Y 370 46.72 -47.33 52.76
CA HIS Y 370 46.68 -46.79 54.11
C HIS Y 370 47.93 -47.13 54.91
N MET Y 371 48.98 -47.68 54.27
CA MET Y 371 50.23 -47.95 54.96
C MET Y 371 51.44 -47.24 54.37
N TYR Y 372 51.35 -46.66 53.18
CA TYR Y 372 52.52 -45.93 52.72
C TYR Y 372 52.46 -44.49 53.21
N ALA Y 373 51.25 -43.95 53.36
CA ALA Y 373 51.10 -42.57 53.81
C ALA Y 373 51.09 -42.48 55.32
N MET Y 374 50.60 -43.52 56.00
CA MET Y 374 50.58 -43.59 57.45
C MET Y 374 51.43 -44.79 57.84
N PRO Y 375 52.74 -44.65 57.94
CA PRO Y 375 53.59 -45.79 58.25
C PRO Y 375 53.44 -46.20 59.70
N PRO Y 376 52.92 -47.39 59.97
CA PRO Y 376 52.52 -47.75 61.34
C PRO Y 376 53.60 -48.38 62.19
N TYR Y 377 54.85 -48.38 61.77
CA TYR Y 377 55.89 -49.13 62.45
C TYR Y 377 57.10 -48.23 62.67
N PRO Y 378 57.91 -48.52 63.69
CA PRO Y 378 59.11 -47.71 63.92
C PRO Y 378 60.14 -47.93 62.82
N TYR Y 379 60.60 -46.83 62.23
CA TYR Y 379 61.54 -46.80 61.10
C TYR Y 379 61.05 -47.60 59.91
N LEU Y 380 59.81 -47.33 59.48
CA LEU Y 380 59.31 -47.93 58.25
C LEU Y 380 59.48 -46.99 57.07
N ALA Y 381 59.09 -45.73 57.24
CA ALA Y 381 59.29 -44.74 56.19
C ALA Y 381 60.74 -44.32 56.06
N THR Y 382 61.57 -44.63 57.06
CA THR Y 382 63.00 -44.39 56.93
C THR Y 382 63.61 -45.30 55.86
N ASP Y 383 63.19 -46.56 55.83
CA ASP Y 383 63.73 -47.52 54.88
C ASP Y 383 62.86 -47.48 53.63
N TYR Y 384 63.37 -46.86 52.58
CA TYR Y 384 62.64 -46.78 51.31
C TYR Y 384 62.55 -48.16 50.66
N ALA Y 385 63.52 -49.02 50.93
CA ALA Y 385 63.54 -50.35 50.35
C ALA Y 385 62.45 -51.23 50.91
N THR Y 386 61.98 -50.93 52.12
CA THR Y 386 60.92 -51.73 52.70
C THR Y 386 59.55 -51.23 52.26
N GLN Y 387 59.37 -49.90 52.28
CA GLN Y 387 58.05 -49.30 52.08
C GLN Y 387 57.58 -49.45 50.64
N LEU Y 388 58.51 -49.47 49.68
CA LEU Y 388 58.14 -49.72 48.29
C LEU Y 388 57.65 -51.15 48.11
N CYS Y 389 58.22 -52.09 48.84
CA CYS Y 389 57.92 -53.49 48.58
C CYS Y 389 56.69 -53.97 49.33
N ILE Y 390 56.34 -53.33 50.45
CA ILE Y 390 55.11 -53.69 51.15
C ILE Y 390 53.89 -53.28 50.36
N PHE Y 391 53.95 -52.10 49.74
CA PHE Y 391 52.87 -51.63 48.86
C PHE Y 391 52.68 -52.59 47.71
N THR Y 392 53.72 -52.75 46.89
CA THR Y 392 53.67 -53.58 45.68
C THR Y 392 53.40 -55.05 45.97
N HIS Y 393 53.64 -55.53 47.18
CA HIS Y 393 53.28 -56.90 47.49
C HIS Y 393 51.77 -57.05 47.61
N HIS Y 394 51.16 -56.34 48.56
CA HIS Y 394 49.73 -56.48 48.84
C HIS Y 394 48.85 -55.90 47.74
N ILE Y 395 49.39 -55.09 46.83
CA ILE Y 395 48.67 -54.73 45.61
C ILE Y 395 48.36 -55.97 44.79
N TRP Y 396 49.38 -56.80 44.52
CA TRP Y 396 49.17 -57.98 43.68
C TRP Y 396 48.31 -59.01 44.41
N ILE Y 397 48.53 -59.18 45.71
CA ILE Y 397 47.75 -60.13 46.49
C ILE Y 397 46.29 -59.71 46.53
N GLY Y 398 46.03 -58.41 46.58
CA GLY Y 398 44.66 -57.94 46.52
C GLY Y 398 44.04 -58.11 45.16
N GLY Y 399 44.84 -58.04 44.10
CA GLY Y 399 44.28 -58.09 42.77
C GLY Y 399 43.94 -59.48 42.29
N PHE Y 400 44.70 -60.49 42.71
CA PHE Y 400 44.35 -61.86 42.37
C PHE Y 400 43.05 -62.30 43.02
N LEU Y 401 42.76 -61.80 44.21
CA LEU Y 401 41.57 -62.25 44.92
C LEU Y 401 40.30 -61.66 44.33
N ILE Y 402 40.37 -60.45 43.78
CA ILE Y 402 39.22 -59.85 43.12
C ILE Y 402 38.86 -60.62 41.85
N VAL Y 403 39.88 -61.08 41.12
CA VAL Y 403 39.64 -61.94 39.97
C VAL Y 403 39.10 -63.28 40.43
N GLY Y 404 39.52 -63.75 41.60
CA GLY Y 404 38.99 -64.98 42.14
C GLY Y 404 37.56 -64.88 42.59
N GLY Y 405 37.18 -63.74 43.17
CA GLY Y 405 35.79 -63.51 43.48
C GLY Y 405 34.93 -63.43 42.24
N ALA Y 406 35.49 -62.90 41.15
CA ALA Y 406 34.81 -62.93 39.87
C ALA Y 406 34.77 -64.32 39.28
N ALA Y 407 35.76 -65.16 39.60
CA ALA Y 407 35.77 -66.52 39.07
C ALA Y 407 34.73 -67.38 39.76
N HIS Y 408 34.76 -67.40 41.09
CA HIS Y 408 33.86 -68.25 41.86
C HIS Y 408 32.44 -67.68 41.95
N ALA Y 409 32.18 -66.53 41.36
CA ALA Y 409 30.82 -66.07 41.13
C ALA Y 409 30.24 -66.61 39.84
N ALA Y 410 31.09 -66.80 38.82
CA ALA Y 410 30.65 -67.44 37.60
C ALA Y 410 30.38 -68.92 37.81
N ILE Y 411 31.08 -69.54 38.77
CA ILE Y 411 30.83 -70.94 39.09
C ILE Y 411 29.51 -71.08 39.83
N PHE Y 412 29.14 -70.06 40.61
CA PHE Y 412 27.84 -70.04 41.27
C PHE Y 412 26.70 -70.02 40.26
N MET Y 413 26.86 -69.25 39.18
CA MET Y 413 25.79 -69.10 38.21
C MET Y 413 25.55 -70.37 37.43
N VAL Y 414 26.57 -71.21 37.27
CA VAL Y 414 26.41 -72.42 36.47
C VAL Y 414 25.85 -73.56 37.30
N ARG Y 415 26.50 -73.86 38.43
CA ARG Y 415 26.11 -75.01 39.23
C ARG Y 415 25.03 -74.69 40.25
N ASP Y 416 25.17 -73.60 40.99
CA ASP Y 416 24.38 -73.38 42.18
C ASP Y 416 23.23 -72.40 41.99
N TYR Y 417 23.11 -71.78 40.83
CA TYR Y 417 21.99 -70.89 40.57
C TYR Y 417 20.69 -71.67 40.45
N ASP Y 418 19.64 -71.16 41.08
CA ASP Y 418 18.34 -71.80 41.08
C ASP Y 418 17.30 -70.78 40.63
N PRO Y 419 16.46 -71.13 39.65
CA PRO Y 419 15.46 -70.16 39.19
C PRO Y 419 14.31 -69.97 40.17
N VAL Y 420 13.99 -70.99 40.97
CA VAL Y 420 12.82 -70.93 41.84
C VAL Y 420 13.06 -69.95 42.98
N VAL Y 421 14.23 -70.03 43.61
CA VAL Y 421 14.57 -69.11 44.70
C VAL Y 421 14.78 -67.71 44.16
N ASN Y 422 15.56 -67.58 43.08
CA ASN Y 422 15.99 -66.29 42.57
C ASN Y 422 15.02 -65.78 41.50
N GLN Y 423 13.74 -65.72 41.87
CA GLN Y 423 12.71 -65.23 40.99
C GLN Y 423 12.43 -63.76 41.32
N ASN Y 424 12.69 -62.87 40.36
CA ASN Y 424 12.36 -61.45 40.36
C ASN Y 424 13.10 -60.68 41.46
N ASN Y 425 14.14 -61.24 42.05
CA ASN Y 425 14.97 -60.50 42.99
C ASN Y 425 16.06 -59.75 42.24
N VAL Y 426 16.92 -59.05 42.98
CA VAL Y 426 17.94 -58.21 42.34
C VAL Y 426 19.02 -59.01 41.64
N LEU Y 427 19.14 -60.31 41.93
CA LEU Y 427 20.00 -61.14 41.11
C LEU Y 427 19.33 -61.44 39.78
N ASP Y 428 18.01 -61.55 39.78
CA ASP Y 428 17.30 -61.88 38.55
C ASP Y 428 17.21 -60.64 37.66
N ARG Y 429 17.12 -59.47 38.26
CA ARG Y 429 16.89 -58.26 37.50
C ARG Y 429 18.15 -57.72 36.84
N VAL Y 430 19.33 -58.26 37.14
CA VAL Y 430 20.52 -57.91 36.38
C VAL Y 430 20.74 -58.85 35.21
N ILE Y 431 19.96 -59.92 35.12
CA ILE Y 431 20.08 -60.81 33.97
C ILE Y 431 19.04 -60.44 32.91
N ARG Y 432 17.98 -59.73 33.29
CA ARG Y 432 17.12 -59.15 32.27
C ARG Y 432 17.84 -58.04 31.51
N HIS Y 433 18.50 -57.11 32.21
CA HIS Y 433 19.07 -55.96 31.54
C HIS Y 433 20.59 -56.07 31.40
N ARG Y 434 21.09 -57.30 31.30
CA ARG Y 434 22.52 -57.53 31.17
C ARG Y 434 23.09 -57.01 29.86
N ASP Y 435 22.24 -56.82 28.85
CA ASP Y 435 22.69 -56.16 27.63
C ASP Y 435 22.84 -54.67 27.84
N ALA Y 436 22.02 -54.09 28.71
CA ALA Y 436 22.15 -52.67 29.02
C ALA Y 436 23.31 -52.42 29.96
N ILE Y 437 23.67 -53.39 30.79
CA ILE Y 437 24.80 -53.23 31.70
C ILE Y 437 26.11 -53.25 30.92
N ILE Y 438 26.27 -54.24 30.04
CA ILE Y 438 27.54 -54.44 29.35
C ILE Y 438 27.77 -53.36 28.32
N SER Y 439 26.75 -53.05 27.51
CA SER Y 439 26.93 -52.12 26.41
C SER Y 439 27.09 -50.69 26.89
N HIS Y 440 26.52 -50.35 28.05
CA HIS Y 440 26.87 -49.08 28.67
C HIS Y 440 28.23 -49.15 29.35
N LEU Y 441 28.68 -50.34 29.75
CA LEU Y 441 30.05 -50.45 30.26
C LEU Y 441 31.05 -50.52 29.13
N ASN Y 442 30.64 -51.10 28.00
CA ASN Y 442 31.48 -51.12 26.80
C ASN Y 442 31.77 -49.71 26.30
N TRP Y 443 30.82 -48.79 26.47
CA TRP Y 443 31.05 -47.42 26.03
C TRP Y 443 32.07 -46.70 26.91
N VAL Y 444 32.01 -46.92 28.23
CA VAL Y 444 32.88 -46.18 29.15
C VAL Y 444 34.33 -46.65 29.00
N CYS Y 445 34.50 -47.96 28.77
CA CYS Y 445 35.84 -48.50 28.50
C CYS Y 445 36.42 -47.93 27.22
N ILE Y 446 35.59 -47.69 26.22
CA ILE Y 446 36.03 -47.04 25.00
C ILE Y 446 36.23 -45.54 25.22
N PHE Y 447 35.31 -44.91 25.94
CA PHE Y 447 35.43 -43.48 26.24
C PHE Y 447 36.67 -43.18 27.08
N LEU Y 448 36.95 -44.01 28.08
CA LEU Y 448 38.17 -43.80 28.85
C LEU Y 448 39.41 -44.20 28.09
N GLY Y 449 39.29 -45.02 27.04
CA GLY Y 449 40.47 -45.39 26.29
C GLY Y 449 41.00 -44.25 25.46
N PHE Y 450 40.11 -43.53 24.80
CA PHE Y 450 40.56 -42.41 23.98
C PHE Y 450 40.93 -41.22 24.84
N HIS Y 451 40.09 -40.83 25.78
CA HIS Y 451 40.31 -39.58 26.49
C HIS Y 451 41.28 -39.72 27.65
N SER Y 452 41.94 -40.85 27.82
CA SER Y 452 43.03 -40.94 28.80
C SER Y 452 44.33 -41.41 28.18
N PHE Y 453 44.31 -42.50 27.40
CA PHE Y 453 45.52 -42.95 26.74
C PHE Y 453 45.84 -42.13 25.51
N GLY Y 454 44.83 -41.68 24.78
CA GLY Y 454 45.07 -40.84 23.62
C GLY Y 454 45.61 -39.47 23.94
N LEU Y 455 45.52 -39.04 25.20
CA LEU Y 455 46.19 -37.82 25.63
C LEU Y 455 47.67 -38.05 25.91
N TYR Y 456 48.12 -39.30 25.95
CA TYR Y 456 49.54 -39.60 25.91
C TYR Y 456 50.05 -39.67 24.49
N ILE Y 457 49.24 -40.26 23.59
CA ILE Y 457 49.60 -40.33 22.18
C ILE Y 457 49.57 -38.94 21.56
N HIS Y 458 48.67 -38.09 22.05
CA HIS Y 458 48.70 -36.68 21.68
C HIS Y 458 50.00 -36.03 22.13
N ASN Y 459 50.47 -36.34 23.34
CA ASN Y 459 51.68 -35.70 23.87
C ASN Y 459 52.95 -36.32 23.32
N ASP Y 460 52.90 -37.59 22.93
CA ASP Y 460 54.03 -38.19 22.22
C ASP Y 460 54.28 -37.49 20.90
N THR Y 461 53.21 -37.19 20.19
CA THR Y 461 53.32 -36.63 18.85
C THR Y 461 53.65 -35.15 18.89
N MET Y 462 53.09 -34.41 19.85
CA MET Y 462 53.37 -32.98 19.92
C MET Y 462 54.80 -32.71 20.33
N ARG Y 463 55.39 -33.57 21.15
CA ARG Y 463 56.78 -33.35 21.50
C ARG Y 463 57.70 -33.80 20.38
N ALA Y 464 57.29 -34.83 19.63
CA ALA Y 464 58.10 -35.31 18.51
C ALA Y 464 58.04 -34.35 17.34
N LEU Y 465 56.90 -33.70 17.14
CA LEU Y 465 56.76 -32.68 16.10
C LEU Y 465 57.34 -31.34 16.49
N GLY Y 466 58.03 -31.25 17.63
CA GLY Y 466 58.61 -29.99 18.05
C GLY Y 466 57.59 -28.95 18.44
N ARG Y 467 56.42 -29.37 18.92
CA ARG Y 467 55.34 -28.48 19.32
C ARG Y 467 55.08 -28.68 20.80
N PRO Y 468 55.92 -28.17 21.70
CA PRO Y 468 55.70 -28.41 23.12
C PRO Y 468 54.62 -27.54 23.72
N GLN Y 469 54.16 -26.51 23.01
CA GLN Y 469 53.11 -25.65 23.52
C GLN Y 469 51.72 -26.21 23.30
N ASP Y 470 51.59 -27.36 22.63
CA ASP Y 470 50.31 -27.96 22.34
C ASP Y 470 50.05 -29.20 23.18
N MET Y 471 50.79 -29.38 24.26
CA MET Y 471 50.77 -30.60 25.04
C MET Y 471 49.88 -30.42 26.26
N PHE Y 472 49.46 -31.54 26.84
CA PHE Y 472 48.67 -31.54 28.06
C PHE Y 472 49.63 -31.67 29.25
N SER Y 473 50.27 -30.56 29.59
CA SER Y 473 51.27 -30.56 30.64
C SER Y 473 50.97 -29.46 31.64
N ASP Y 474 51.84 -29.33 32.65
CA ASP Y 474 51.73 -28.25 33.61
C ASP Y 474 52.01 -26.88 33.00
N THR Y 475 52.66 -26.82 31.84
CA THR Y 475 53.00 -25.55 31.22
C THR Y 475 52.04 -25.14 30.12
N ALA Y 476 51.68 -26.06 29.22
CA ALA Y 476 51.02 -25.68 27.99
C ALA Y 476 49.50 -25.68 28.10
N ILE Y 477 48.91 -26.84 28.36
CA ILE Y 477 47.46 -26.96 28.49
C ILE Y 477 47.19 -27.67 29.81
N GLN Y 478 46.66 -26.94 30.78
CA GLN Y 478 46.40 -27.48 32.10
C GLN Y 478 45.28 -28.52 32.04
N LEU Y 479 45.41 -29.53 32.88
CA LEU Y 479 44.32 -30.47 33.16
C LEU Y 479 44.24 -30.73 34.66
N GLN Y 480 44.23 -29.66 35.45
CA GLN Y 480 44.46 -29.76 36.89
C GLN Y 480 43.35 -30.55 37.59
N PRO Y 481 43.70 -31.49 38.46
CA PRO Y 481 42.69 -32.28 39.15
C PRO Y 481 42.01 -31.51 40.25
N VAL Y 482 40.94 -30.78 39.90
CA VAL Y 482 40.29 -29.88 40.86
C VAL Y 482 39.65 -30.66 41.99
N PHE Y 483 39.04 -31.81 41.69
CA PHE Y 483 38.27 -32.52 42.70
C PHE Y 483 39.13 -33.34 43.65
N ALA Y 484 40.43 -33.44 43.41
CA ALA Y 484 41.35 -34.07 44.34
C ALA Y 484 42.32 -33.10 44.97
N GLN Y 485 42.56 -31.95 44.34
CA GLN Y 485 43.26 -30.86 45.01
C GLN Y 485 42.39 -30.23 46.09
N TRP Y 486 41.07 -30.37 45.98
CA TRP Y 486 40.18 -29.81 46.98
C TRP Y 486 40.12 -30.69 48.22
N VAL Y 487 40.05 -32.01 48.03
CA VAL Y 487 39.92 -32.94 49.14
C VAL Y 487 41.21 -32.98 49.97
N GLN Y 488 42.36 -32.73 49.35
CA GLN Y 488 43.59 -32.55 50.11
C GLN Y 488 43.55 -31.30 50.97
N ASN Y 489 42.88 -30.25 50.50
CA ASN Y 489 42.82 -29.03 51.28
C ASN Y 489 41.82 -29.15 52.43
N LEU Y 490 40.90 -30.10 52.35
CA LEU Y 490 39.99 -30.32 53.47
C LEU Y 490 40.66 -31.16 54.55
N HIS Y 491 41.43 -32.15 54.15
CA HIS Y 491 42.10 -33.03 55.09
C HIS Y 491 43.36 -32.39 55.67
N THR Y 492 43.84 -31.31 55.07
CA THR Y 492 44.92 -30.54 55.66
C THR Y 492 44.39 -29.65 56.79
N LEU Y 493 43.21 -29.09 56.61
CA LEU Y 493 42.64 -28.11 57.53
C LEU Y 493 41.71 -28.74 58.55
N ALA Y 494 41.65 -30.06 58.63
CA ALA Y 494 40.81 -30.75 59.59
C ALA Y 494 41.23 -30.65 61.07
N PRO Y 495 42.52 -30.57 61.46
CA PRO Y 495 42.81 -30.28 62.86
C PRO Y 495 42.43 -28.84 63.23
N GLY Y 496 41.70 -28.70 64.33
CA GLY Y 496 41.14 -27.44 64.73
C GLY Y 496 39.79 -27.14 64.13
N GLY Y 497 39.46 -27.72 62.98
CA GLY Y 497 38.20 -27.47 62.33
C GLY Y 497 37.20 -28.59 62.50
N THR Y 498 37.08 -29.46 61.49
CA THR Y 498 36.09 -30.51 61.52
C THR Y 498 36.47 -31.66 62.44
N ALA Y 499 37.73 -31.72 62.87
CA ALA Y 499 38.16 -32.62 63.93
C ALA Y 499 39.10 -31.83 64.83
N PRO Y 500 38.56 -31.17 65.85
CA PRO Y 500 39.37 -30.21 66.62
C PRO Y 500 40.39 -30.87 67.52
N ASN Y 501 40.21 -32.15 67.84
CA ASN Y 501 41.02 -32.82 68.83
C ASN Y 501 42.35 -33.31 68.27
N ALA Y 502 42.51 -33.33 66.97
CA ALA Y 502 43.77 -33.73 66.35
C ALA Y 502 44.76 -32.57 66.42
N LEU Y 503 46.00 -32.87 66.07
CA LEU Y 503 47.04 -31.85 66.00
C LEU Y 503 47.60 -31.65 64.61
N GLU Y 504 48.05 -32.71 63.95
CA GLU Y 504 48.46 -32.72 62.56
C GLU Y 504 47.41 -33.53 61.82
N PRO Y 505 47.43 -33.56 60.46
CA PRO Y 505 46.42 -34.36 59.75
C PRO Y 505 46.54 -35.87 59.94
N VAL Y 506 45.66 -36.62 59.26
CA VAL Y 506 45.67 -38.07 59.31
C VAL Y 506 46.98 -38.60 58.73
N SER Y 507 47.51 -37.93 57.71
CA SER Y 507 48.85 -38.19 57.21
C SER Y 507 49.40 -36.92 56.63
N TYR Y 508 50.69 -36.94 56.33
CA TYR Y 508 51.32 -35.80 55.67
C TYR Y 508 51.25 -35.91 54.16
N ALA Y 509 50.56 -36.92 53.63
CA ALA Y 509 50.40 -37.02 52.19
C ALA Y 509 49.47 -35.96 51.65
N PHE Y 510 48.55 -35.47 52.48
CA PHE Y 510 47.63 -34.43 52.05
C PHE Y 510 48.26 -33.05 52.15
N GLY Y 511 48.64 -32.67 53.35
CA GLY Y 511 49.28 -31.39 53.60
C GLY Y 511 50.23 -31.51 54.76
N GLY Y 512 50.30 -30.48 55.58
CA GLY Y 512 51.24 -30.47 56.67
C GLY Y 512 52.62 -30.05 56.20
N GLY Y 513 53.67 -30.68 56.71
CA GLY Y 513 55.01 -30.33 56.30
C GLY Y 513 55.86 -31.53 55.95
N VAL Y 514 57.18 -31.33 55.92
CA VAL Y 514 58.13 -32.40 55.65
C VAL Y 514 58.67 -32.91 56.97
N LEU Y 515 58.53 -34.21 57.22
CA LEU Y 515 59.05 -34.83 58.43
C LEU Y 515 60.26 -35.66 58.05
N ALA Y 516 61.44 -35.17 58.41
CA ALA Y 516 62.69 -35.86 58.11
C ALA Y 516 63.12 -36.72 59.29
N VAL Y 517 63.61 -37.92 59.00
CA VAL Y 517 64.14 -38.83 60.00
C VAL Y 517 65.60 -39.06 59.64
N GLY Y 518 66.49 -38.42 60.38
CA GLY Y 518 67.88 -38.38 59.97
C GLY Y 518 68.04 -37.48 58.76
N GLY Y 519 68.28 -38.07 57.60
CA GLY Y 519 68.33 -37.30 56.39
C GLY Y 519 67.17 -37.61 55.48
N LYS Y 520 66.71 -38.85 55.51
CA LYS Y 520 65.71 -39.32 54.56
C LYS Y 520 64.30 -38.86 54.95
N VAL Y 521 63.51 -38.52 53.95
CA VAL Y 521 62.16 -38.02 54.14
C VAL Y 521 61.26 -39.17 54.56
N ALA Y 522 60.53 -38.99 55.66
CA ALA Y 522 59.52 -39.98 56.02
C ALA Y 522 58.27 -39.81 55.18
N MET Y 523 57.72 -38.60 55.13
CA MET Y 523 56.57 -38.29 54.29
C MET Y 523 56.51 -36.79 54.05
N MET Y 524 56.24 -36.41 52.80
CA MET Y 524 56.17 -35.08 52.24
C MET Y 524 54.81 -34.90 51.59
N PRO Y 525 54.26 -33.68 51.56
CA PRO Y 525 52.96 -33.48 50.89
C PRO Y 525 53.02 -33.75 49.40
N ILE Y 526 52.16 -34.65 48.95
CA ILE Y 526 52.13 -35.10 47.57
C ILE Y 526 51.26 -34.14 46.78
N ALA Y 527 51.87 -33.43 45.83
CA ALA Y 527 51.17 -32.42 45.06
C ALA Y 527 50.67 -33.01 43.75
N LEU Y 528 49.37 -32.96 43.53
CA LEU Y 528 48.75 -33.51 42.34
C LEU Y 528 48.74 -32.46 41.24
N GLY Y 529 49.02 -32.90 40.02
CA GLY Y 529 49.10 -32.00 38.88
C GLY Y 529 48.57 -32.60 37.60
N THR Y 530 49.04 -32.12 36.45
CA THR Y 530 48.50 -32.56 35.17
C THR Y 530 48.88 -34.00 34.87
N ALA Y 531 50.11 -34.38 35.20
CA ALA Y 531 50.53 -35.76 35.04
C ALA Y 531 49.79 -36.70 35.98
N ASP Y 532 49.36 -36.19 37.14
CA ASP Y 532 48.58 -36.97 38.08
C ASP Y 532 47.11 -37.06 37.71
N PHE Y 533 46.65 -36.17 36.83
CA PHE Y 533 45.31 -36.30 36.29
C PHE Y 533 45.22 -37.42 35.29
N LEU Y 534 46.23 -37.52 34.42
CA LEU Y 534 46.23 -38.53 33.37
C LEU Y 534 46.36 -39.92 33.95
N ILE Y 535 47.26 -40.11 34.91
CA ILE Y 535 47.55 -41.45 35.41
C ILE Y 535 46.47 -41.94 36.38
N HIS Y 536 45.74 -41.05 37.06
CA HIS Y 536 44.56 -41.51 37.79
C HIS Y 536 43.39 -41.83 36.87
N HIS Y 537 43.33 -41.28 35.67
CA HIS Y 537 42.31 -41.70 34.72
C HIS Y 537 42.76 -42.84 33.82
N ILE Y 538 44.05 -43.15 33.76
CA ILE Y 538 44.48 -44.44 33.22
C ILE Y 538 44.02 -45.56 34.13
N HIS Y 539 44.10 -45.33 35.45
CA HIS Y 539 43.71 -46.32 36.44
C HIS Y 539 42.23 -46.65 36.36
N ALA Y 540 41.40 -45.63 36.17
CA ALA Y 540 39.97 -45.88 36.01
C ALA Y 540 39.66 -46.60 34.71
N PHE Y 541 40.49 -46.38 33.69
CA PHE Y 541 40.32 -47.08 32.42
C PHE Y 541 40.63 -48.56 32.57
N THR Y 542 41.79 -48.90 33.12
CA THR Y 542 42.20 -50.30 33.19
C THR Y 542 41.42 -51.09 34.24
N ILE Y 543 40.71 -50.42 35.13
CA ILE Y 543 39.85 -51.11 36.08
C ILE Y 543 38.47 -51.35 35.51
N HIS Y 544 37.89 -50.38 34.80
CA HIS Y 544 36.59 -50.60 34.16
C HIS Y 544 36.65 -51.64 33.04
N VAL Y 545 37.80 -51.79 32.37
CA VAL Y 545 37.89 -52.84 31.35
C VAL Y 545 37.99 -54.20 32.01
N THR Y 546 38.70 -54.29 33.13
CA THR Y 546 38.80 -55.54 33.87
C THR Y 546 37.44 -55.96 34.43
N VAL Y 547 36.65 -55.00 34.89
CA VAL Y 547 35.27 -55.27 35.32
C VAL Y 547 34.44 -55.73 34.15
N LEU Y 548 34.66 -55.16 32.96
CA LEU Y 548 33.91 -55.52 31.76
C LEU Y 548 34.09 -56.99 31.39
N ILE Y 549 35.29 -57.52 31.59
CA ILE Y 549 35.56 -58.89 31.19
C ILE Y 549 35.06 -59.86 32.24
N LEU Y 550 35.22 -59.50 33.51
CA LEU Y 550 34.81 -60.38 34.60
C LEU Y 550 33.31 -60.42 34.74
N LEU Y 551 32.64 -59.28 34.63
CA LEU Y 551 31.19 -59.25 34.77
C LEU Y 551 30.50 -59.87 33.56
N LYS Y 552 31.11 -59.81 32.39
CA LYS Y 552 30.54 -60.48 31.23
C LYS Y 552 30.61 -61.99 31.38
N GLY Y 553 31.62 -62.48 32.08
CA GLY Y 553 31.65 -63.90 32.40
C GLY Y 553 30.72 -64.32 33.50
N VAL Y 554 30.19 -63.37 34.25
CA VAL Y 554 29.20 -63.67 35.28
C VAL Y 554 27.78 -63.57 34.75
N LEU Y 555 27.50 -62.54 33.95
CA LEU Y 555 26.15 -62.36 33.45
C LEU Y 555 25.86 -63.33 32.31
N PHE Y 556 26.82 -63.53 31.42
CA PHE Y 556 26.66 -64.48 30.32
C PHE Y 556 27.20 -65.86 30.66
N ALA Y 557 27.19 -66.23 31.93
CA ALA Y 557 27.70 -67.55 32.32
C ALA Y 557 26.75 -68.66 31.91
N ARG Y 558 25.44 -68.40 31.98
CA ARG Y 558 24.48 -69.46 31.72
C ARG Y 558 24.05 -69.53 30.28
N SER Y 559 23.91 -68.38 29.61
CA SER Y 559 23.54 -68.36 28.21
C SER Y 559 23.96 -67.02 27.62
N SER Y 560 23.76 -66.91 26.31
CA SER Y 560 23.86 -65.64 25.61
C SER Y 560 22.93 -65.71 24.42
N ARG Y 561 23.06 -64.77 23.50
CA ARG Y 561 22.39 -64.93 22.22
C ARG Y 561 23.12 -65.89 21.32
N LEU Y 562 24.41 -66.13 21.57
CA LEU Y 562 25.17 -67.06 20.77
C LEU Y 562 24.92 -68.50 21.21
N ILE Y 563 25.04 -68.76 22.51
CA ILE Y 563 24.85 -70.10 23.07
C ILE Y 563 23.69 -70.08 24.05
N PRO Y 564 22.50 -70.56 23.67
CA PRO Y 564 21.37 -70.52 24.61
C PRO Y 564 21.45 -71.52 25.75
N ASP Y 565 22.39 -72.46 25.72
CA ASP Y 565 22.52 -73.51 26.72
C ASP Y 565 23.95 -73.66 27.17
N LYS Y 566 24.57 -72.53 27.53
CA LYS Y 566 25.97 -72.53 27.94
C LYS Y 566 26.15 -73.17 29.31
N ALA Y 567 25.15 -73.07 30.18
CA ALA Y 567 25.24 -73.71 31.48
C ALA Y 567 25.09 -75.22 31.39
N ASN Y 568 24.51 -75.72 30.29
CA ASN Y 568 24.46 -77.16 30.05
C ASN Y 568 25.85 -77.72 29.81
N LEU Y 569 26.73 -76.95 29.17
CA LEU Y 569 28.07 -77.41 28.85
C LEU Y 569 28.97 -77.42 30.08
N GLY Y 570 28.93 -76.34 30.86
CA GLY Y 570 29.70 -76.29 32.08
C GLY Y 570 30.35 -74.94 32.31
N PHE Y 571 31.04 -74.80 33.43
CA PHE Y 571 31.82 -73.60 33.69
C PHE Y 571 33.08 -73.56 32.84
N ARG Y 572 33.71 -74.71 32.63
CA ARG Y 572 35.05 -74.78 32.06
C ARG Y 572 35.00 -75.76 30.89
N PHE Y 573 34.78 -75.22 29.70
CA PHE Y 573 34.78 -75.95 28.44
C PHE Y 573 35.47 -75.05 27.43
N PRO Y 574 36.15 -75.63 26.44
CA PRO Y 574 36.93 -74.78 25.52
C PRO Y 574 36.10 -73.96 24.54
N CYS Y 575 35.12 -74.58 23.88
CA CYS Y 575 34.42 -73.94 22.78
C CYS Y 575 33.11 -74.70 22.56
N ASP Y 576 32.41 -74.34 21.50
CA ASP Y 576 31.28 -75.13 21.02
C ASP Y 576 31.45 -75.42 19.53
N GLY Y 577 32.68 -75.54 19.09
CA GLY Y 577 32.95 -75.90 17.72
C GLY Y 577 33.28 -74.71 16.86
N PRO Y 578 33.70 -74.97 15.62
CA PRO Y 578 34.06 -73.89 14.71
C PRO Y 578 32.87 -73.17 14.10
N GLY Y 579 31.66 -73.64 14.34
CA GLY Y 579 30.49 -73.05 13.73
C GLY Y 579 30.09 -71.74 14.35
N ARG Y 580 29.02 -71.18 13.79
CA ARG Y 580 28.50 -69.84 14.12
C ARG Y 580 29.58 -68.76 13.94
N GLY Y 581 30.47 -68.96 12.97
CA GLY Y 581 31.64 -68.13 12.80
C GLY Y 581 32.83 -68.62 13.58
N GLY Y 582 32.58 -69.24 14.72
CA GLY Y 582 33.61 -69.69 15.63
C GLY Y 582 33.27 -69.29 17.05
N THR Y 583 33.20 -70.26 17.96
CA THR Y 583 32.75 -70.00 19.31
C THR Y 583 33.79 -70.38 20.33
N CYS Y 584 35.06 -70.13 20.05
CA CYS Y 584 36.10 -70.46 21.00
C CYS Y 584 36.34 -69.32 21.96
N GLN Y 585 36.52 -69.69 23.24
CA GLN Y 585 36.50 -68.82 24.42
C GLN Y 585 35.15 -68.12 24.61
N VAL Y 586 34.12 -68.93 24.79
CA VAL Y 586 32.80 -68.42 25.20
C VAL Y 586 32.49 -68.72 26.64
N SER Y 587 33.25 -69.59 27.30
CA SER Y 587 32.88 -70.09 28.60
C SER Y 587 33.06 -69.03 29.68
N GLY Y 588 32.60 -69.36 30.89
CA GLY Y 588 32.86 -68.50 32.02
C GLY Y 588 34.26 -68.63 32.56
N TRP Y 589 34.95 -69.74 32.24
CA TRP Y 589 36.34 -69.88 32.62
C TRP Y 589 37.21 -68.94 31.83
N ASP Y 590 36.89 -68.77 30.54
CA ASP Y 590 37.71 -68.00 29.62
C ASP Y 590 37.65 -66.51 29.88
N HIS Y 591 36.59 -66.03 30.53
CA HIS Y 591 36.56 -64.63 30.92
C HIS Y 591 37.37 -64.38 32.18
N VAL Y 592 37.56 -65.41 33.00
CA VAL Y 592 38.54 -65.32 34.07
C VAL Y 592 39.94 -65.33 33.49
N PHE Y 593 40.13 -66.09 32.41
CA PHE Y 593 41.42 -66.15 31.73
C PHE Y 593 41.81 -64.82 31.12
N LEU Y 594 40.88 -64.15 30.47
CA LEU Y 594 41.18 -62.85 29.85
C LEU Y 594 41.31 -61.73 30.87
N GLY Y 595 40.66 -61.85 32.02
CA GLY Y 595 40.77 -60.82 33.03
C GLY Y 595 42.05 -60.84 33.82
N LEU Y 596 42.75 -61.98 33.83
CA LEU Y 596 44.03 -62.08 34.52
C LEU Y 596 45.10 -61.24 33.83
N PHE Y 597 44.97 -61.03 32.53
CA PHE Y 597 45.90 -60.17 31.81
C PHE Y 597 45.66 -58.71 32.13
N TRP Y 598 44.40 -58.31 32.18
CA TRP Y 598 44.07 -56.92 32.48
C TRP Y 598 44.31 -56.59 33.93
N MET Y 599 44.07 -57.54 34.83
CA MET Y 599 44.52 -57.40 36.20
C MET Y 599 46.03 -57.20 36.26
N TYR Y 600 46.78 -57.99 35.48
CA TYR Y 600 48.21 -57.78 35.36
C TYR Y 600 48.51 -56.42 34.73
N ASN Y 601 47.70 -56.01 33.77
CA ASN Y 601 47.91 -54.72 33.13
C ASN Y 601 47.58 -53.58 34.07
N SER Y 602 46.50 -53.70 34.83
CA SER Y 602 46.06 -52.61 35.70
C SER Y 602 46.99 -52.43 36.89
N LEU Y 603 47.34 -53.54 37.55
CA LEU Y 603 48.14 -53.44 38.75
C LEU Y 603 49.59 -53.10 38.45
N SER Y 604 50.06 -53.34 37.23
CA SER Y 604 51.44 -52.99 36.90
C SER Y 604 51.61 -51.49 36.76
N ILE Y 605 50.53 -50.76 36.50
CA ILE Y 605 50.66 -49.32 36.36
C ILE Y 605 50.48 -48.65 37.71
N VAL Y 606 49.67 -49.26 38.58
CA VAL Y 606 49.51 -48.77 39.95
C VAL Y 606 50.85 -48.83 40.67
N ILE Y 607 51.58 -49.93 40.50
CA ILE Y 607 52.89 -50.03 41.13
C ILE Y 607 53.97 -49.29 40.35
N PHE Y 608 53.70 -48.86 39.12
CA PHE Y 608 54.62 -47.97 38.42
C PHE Y 608 54.32 -46.51 38.72
N HIS Y 609 53.04 -46.16 38.89
CA HIS Y 609 52.68 -44.85 39.41
C HIS Y 609 53.28 -44.64 40.78
N PHE Y 610 53.21 -45.65 41.64
CA PHE Y 610 53.74 -45.55 42.99
C PHE Y 610 55.24 -45.39 42.98
N SER Y 611 55.94 -46.28 42.26
CA SER Y 611 57.39 -46.35 42.35
C SER Y 611 58.11 -45.17 41.70
N TRP Y 612 57.40 -44.30 41.00
CA TRP Y 612 58.04 -43.16 40.38
C TRP Y 612 57.46 -41.82 40.85
N LYS Y 613 56.23 -41.80 41.35
CA LYS Y 613 55.76 -40.59 42.03
C LYS Y 613 56.45 -40.42 43.36
N MET Y 614 56.64 -41.52 44.09
CA MET Y 614 57.25 -41.42 45.41
C MET Y 614 58.73 -41.10 45.32
N GLN Y 615 59.40 -41.55 44.27
CA GLN Y 615 60.81 -41.24 44.11
C GLN Y 615 61.04 -39.83 43.60
N SER Y 616 60.13 -39.33 42.78
CA SER Y 616 60.30 -38.01 42.18
C SER Y 616 59.73 -36.89 43.04
N ASP Y 617 58.71 -37.17 43.82
CA ASP Y 617 58.01 -36.12 44.53
C ASP Y 617 57.85 -36.34 46.01
N VAL Y 618 58.31 -37.46 46.57
CA VAL Y 618 58.22 -37.67 48.02
C VAL Y 618 59.58 -37.97 48.62
N TRP Y 619 60.19 -39.07 48.19
CA TRP Y 619 61.37 -39.60 48.85
C TRP Y 619 62.61 -38.79 48.48
N GLY Y 620 63.60 -38.81 49.36
CA GLY Y 620 64.82 -38.09 49.13
C GLY Y 620 65.49 -37.75 50.45
N THR Y 621 66.49 -36.88 50.36
CA THR Y 621 67.29 -36.48 51.50
C THR Y 621 67.09 -35.01 51.80
N VAL Y 622 66.88 -34.68 53.07
CA VAL Y 622 66.70 -33.30 53.52
C VAL Y 622 68.06 -32.76 53.93
N ASP Y 623 68.39 -31.56 53.45
CA ASP Y 623 69.62 -30.87 53.84
C ASP Y 623 69.44 -30.19 55.19
N ALA Y 624 70.39 -29.32 55.54
CA ALA Y 624 70.34 -28.64 56.83
C ALA Y 624 69.23 -27.59 56.87
N ALA Y 625 69.06 -26.82 55.80
CA ALA Y 625 68.10 -25.73 55.77
C ALA Y 625 66.68 -26.20 55.43
N GLY Y 626 66.47 -27.50 55.27
CA GLY Y 626 65.16 -28.01 54.93
C GLY Y 626 64.91 -28.21 53.45
N ASN Y 627 65.95 -28.09 52.62
CA ASN Y 627 65.80 -28.34 51.19
C ASN Y 627 65.72 -29.85 50.96
N VAL Y 628 64.70 -30.27 50.22
CA VAL Y 628 64.43 -31.68 50.00
C VAL Y 628 64.96 -32.05 48.62
N SER Y 629 66.02 -32.84 48.61
CA SER Y 629 66.66 -33.31 47.37
C SER Y 629 66.15 -34.70 47.07
N HIS Y 630 65.31 -34.83 46.06
CA HIS Y 630 64.62 -36.07 45.77
C HIS Y 630 65.55 -37.08 45.10
N ILE Y 631 65.03 -38.28 44.88
CA ILE Y 631 65.84 -39.34 44.29
C ILE Y 631 66.08 -39.07 42.81
N THR Y 632 65.01 -38.94 42.04
CA THR Y 632 65.13 -38.75 40.60
C THR Y 632 65.13 -37.28 40.20
N GLY Y 633 65.34 -36.36 41.15
CA GLY Y 633 65.47 -34.96 40.83
C GLY Y 633 64.19 -34.24 40.51
N GLY Y 634 63.04 -34.87 40.69
CA GLY Y 634 61.78 -34.23 40.38
C GLY Y 634 61.48 -34.15 38.89
N ASN Y 635 61.28 -35.30 38.23
CA ASN Y 635 61.02 -35.32 36.80
C ASN Y 635 59.73 -36.05 36.44
N PHE Y 636 58.85 -36.32 37.40
CA PHE Y 636 57.57 -36.92 37.10
C PHE Y 636 56.64 -35.95 36.39
N ALA Y 637 56.89 -34.64 36.53
CA ALA Y 637 55.93 -33.64 36.06
C ALA Y 637 55.92 -33.54 34.54
N GLN Y 638 57.09 -33.46 33.93
CA GLN Y 638 57.20 -33.23 32.49
C GLN Y 638 57.58 -34.49 31.73
N SER Y 639 57.62 -35.65 32.36
CA SER Y 639 57.97 -36.88 31.69
C SER Y 639 56.94 -37.98 31.81
N ALA Y 640 56.04 -37.94 32.80
CA ALA Y 640 54.98 -38.92 32.91
C ALA Y 640 53.76 -38.54 32.11
N ILE Y 641 53.92 -37.69 31.11
CA ILE Y 641 52.85 -37.32 30.19
C ILE Y 641 53.08 -37.87 28.80
N THR Y 642 54.24 -38.43 28.51
CA THR Y 642 54.56 -39.04 27.23
C THR Y 642 55.01 -40.48 27.46
N ILE Y 643 54.69 -41.35 26.49
CA ILE Y 643 55.11 -42.74 26.58
C ILE Y 643 56.60 -42.89 26.33
N ASN Y 644 57.22 -41.94 25.63
CA ASN Y 644 58.67 -41.87 25.58
C ASN Y 644 59.24 -41.58 26.97
N GLY Y 645 58.56 -40.76 27.76
CA GLY Y 645 59.06 -40.43 29.07
C GLY Y 645 58.93 -41.57 30.06
N TRP Y 646 57.90 -42.41 29.89
CA TRP Y 646 57.79 -43.62 30.70
C TRP Y 646 58.82 -44.65 30.30
N LEU Y 647 59.33 -44.58 29.09
CA LEU Y 647 60.30 -45.56 28.64
C LEU Y 647 61.72 -45.11 28.95
N ARG Y 648 61.99 -43.83 28.79
CA ARG Y 648 63.32 -43.28 28.99
C ARG Y 648 63.67 -43.16 30.45
N ASP Y 649 62.84 -42.43 31.20
CA ASP Y 649 63.17 -42.03 32.55
C ASP Y 649 62.69 -43.02 33.60
N PHE Y 650 61.93 -44.04 33.21
CA PHE Y 650 61.52 -45.04 34.18
C PHE Y 650 62.08 -46.43 33.86
N LEU Y 651 61.81 -46.98 32.68
CA LEU Y 651 62.26 -48.34 32.40
C LEU Y 651 63.73 -48.37 32.02
N TRP Y 652 64.20 -47.41 31.24
CA TRP Y 652 65.59 -47.42 30.82
C TRP Y 652 66.50 -46.89 31.90
N ALA Y 653 66.12 -45.79 32.56
CA ALA Y 653 67.04 -45.12 33.46
C ALA Y 653 67.16 -45.81 34.79
N GLN Y 654 66.09 -46.46 35.26
CA GLN Y 654 66.13 -47.11 36.55
C GLN Y 654 66.61 -48.56 36.48
N ALA Y 655 66.81 -49.09 35.28
CA ALA Y 655 67.36 -50.43 35.14
C ALA Y 655 68.87 -50.44 35.12
N SER Y 656 69.51 -49.30 35.33
CA SER Y 656 70.96 -49.25 35.36
C SER Y 656 71.56 -49.83 36.63
N GLN Y 657 70.74 -50.18 37.63
CA GLN Y 657 71.22 -50.86 38.81
C GLN Y 657 70.95 -52.35 38.79
N VAL Y 658 70.04 -52.82 37.93
CA VAL Y 658 69.71 -54.24 37.93
C VAL Y 658 70.56 -55.02 36.93
N ILE Y 659 70.98 -54.41 35.82
CA ILE Y 659 71.78 -55.11 34.83
C ILE Y 659 73.27 -54.88 35.03
N ASN Y 660 73.67 -53.86 35.76
CA ASN Y 660 75.06 -53.65 36.10
C ASN Y 660 75.45 -54.37 37.38
N SER Y 661 74.57 -55.22 37.90
CA SER Y 661 74.79 -55.89 39.18
C SER Y 661 75.29 -57.32 38.97
N TYR Y 662 76.48 -57.44 38.38
CA TYR Y 662 77.25 -58.68 38.40
C TYR Y 662 78.53 -58.49 39.19
N GLY Y 663 78.94 -59.53 39.90
CA GLY Y 663 80.10 -59.44 40.75
C GLY Y 663 79.84 -58.74 42.07
N SER Y 664 78.57 -58.54 42.43
CA SER Y 664 78.20 -57.88 43.66
C SER Y 664 77.06 -58.65 44.30
N ALA Y 665 76.58 -58.14 45.43
CA ALA Y 665 75.56 -58.83 46.22
C ALA Y 665 74.19 -58.82 45.57
N LEU Y 666 73.95 -57.92 44.60
CA LEU Y 666 72.69 -57.88 43.88
C LEU Y 666 72.72 -58.73 42.62
N SER Y 667 73.54 -59.78 42.61
CA SER Y 667 73.70 -60.59 41.40
C SER Y 667 72.47 -61.45 41.13
N ALA Y 668 71.76 -61.86 42.18
CA ALA Y 668 70.58 -62.69 41.98
C ALA Y 668 69.45 -61.91 41.35
N TYR Y 669 69.35 -60.62 41.65
CA TYR Y 669 68.34 -59.80 40.99
C TYR Y 669 68.71 -59.54 39.54
N GLY Y 670 70.00 -59.58 39.21
CA GLY Y 670 70.39 -59.57 37.82
C GLY Y 670 70.02 -60.85 37.10
N LEU Y 671 70.07 -61.98 37.81
CA LEU Y 671 69.72 -63.25 37.19
C LEU Y 671 68.22 -63.46 37.15
N MET Y 672 67.49 -62.96 38.15
CA MET Y 672 66.04 -63.07 38.10
C MET Y 672 65.42 -62.05 37.16
N PHE Y 673 66.13 -60.99 36.80
CA PHE Y 673 65.62 -60.06 35.80
C PHE Y 673 65.65 -60.69 34.42
N LEU Y 674 66.78 -61.31 34.07
CA LEU Y 674 66.84 -62.01 32.79
C LEU Y 674 66.04 -63.31 32.82
N GLY Y 675 66.07 -64.03 33.93
CA GLY Y 675 65.37 -65.29 34.02
C GLY Y 675 63.86 -65.16 33.98
N ALA Y 676 63.32 -63.99 34.33
CA ALA Y 676 61.89 -63.76 34.23
C ALA Y 676 61.46 -63.20 32.89
N HIS Y 677 62.34 -62.50 32.19
CA HIS Y 677 62.13 -62.22 30.78
C HIS Y 677 62.02 -63.50 29.96
N PHE Y 678 62.70 -64.57 30.38
CA PHE Y 678 62.62 -65.84 29.68
C PHE Y 678 61.26 -66.49 29.84
N VAL Y 679 60.81 -66.65 31.10
CA VAL Y 679 59.59 -67.40 31.40
C VAL Y 679 58.37 -66.67 30.86
N TRP Y 680 58.42 -65.34 30.80
CA TRP Y 680 57.38 -64.56 30.14
C TRP Y 680 57.29 -64.92 28.67
N ALA Y 681 58.43 -64.85 27.96
CA ALA Y 681 58.50 -65.20 26.55
C ALA Y 681 58.20 -66.67 26.29
N PHE Y 682 58.46 -67.53 27.27
CA PHE Y 682 58.16 -68.95 27.12
C PHE Y 682 56.67 -69.21 27.11
N SER Y 683 55.89 -68.39 27.80
CA SER Y 683 54.46 -68.58 27.91
C SER Y 683 53.72 -68.36 26.60
N LEU Y 684 54.32 -67.64 25.66
CA LEU Y 684 53.66 -67.33 24.41
C LEU Y 684 53.55 -68.56 23.52
N MET Y 685 54.35 -69.59 23.76
CA MET Y 685 54.25 -70.83 23.00
C MET Y 685 52.94 -71.54 23.27
N PHE Y 686 52.40 -71.37 24.47
CA PHE Y 686 51.13 -71.97 24.84
C PHE Y 686 49.95 -71.10 24.45
N LEU Y 687 50.11 -69.78 24.51
CA LEU Y 687 49.01 -68.87 24.22
C LEU Y 687 48.74 -68.80 22.72
N PHE Y 688 49.78 -68.64 21.92
CA PHE Y 688 49.59 -68.39 20.49
C PHE Y 688 49.20 -69.66 19.75
N SER Y 689 49.92 -70.75 20.00
CA SER Y 689 49.67 -71.99 19.30
C SER Y 689 48.41 -72.66 19.81
N GLY Y 690 48.02 -73.74 19.14
CA GLY Y 690 46.85 -74.49 19.49
C GLY Y 690 47.20 -75.92 19.85
N ARG Y 691 46.21 -76.63 20.36
CA ARG Y 691 46.43 -78.01 20.79
C ARG Y 691 46.64 -78.94 19.61
N GLY Y 692 45.89 -78.74 18.53
CA GLY Y 692 45.88 -79.70 17.45
C GLY Y 692 47.15 -79.74 16.64
N TYR Y 693 48.01 -78.73 16.76
CA TYR Y 693 49.36 -78.85 16.20
C TYR Y 693 50.17 -79.84 17.00
N TRP Y 694 50.19 -79.67 18.32
CA TRP Y 694 51.10 -80.42 19.17
C TRP Y 694 50.71 -81.87 19.32
N GLN Y 695 49.44 -82.22 19.09
CA GLN Y 695 49.08 -83.63 19.08
C GLN Y 695 49.63 -84.32 17.85
N GLU Y 696 49.68 -83.61 16.73
CA GLU Y 696 50.24 -84.17 15.50
C GLU Y 696 51.73 -84.39 15.61
N LEU Y 697 52.43 -83.51 16.33
CA LEU Y 697 53.86 -83.62 16.48
C LEU Y 697 54.25 -84.78 17.37
N ILE Y 698 53.46 -85.07 18.41
CA ILE Y 698 53.74 -86.18 19.29
C ILE Y 698 53.57 -87.51 18.56
N GLU Y 699 52.66 -87.55 17.57
CA GLU Y 699 52.46 -88.76 16.77
C GLU Y 699 53.69 -89.14 15.96
N SER Y 700 54.54 -88.17 15.65
CA SER Y 700 55.79 -88.44 14.97
C SER Y 700 56.94 -88.69 15.93
N ILE Y 701 56.70 -88.60 17.24
CA ILE Y 701 57.72 -88.82 18.25
C ILE Y 701 57.38 -90.12 18.96
N VAL Y 702 56.09 -90.44 19.03
CA VAL Y 702 55.67 -91.75 19.49
C VAL Y 702 56.11 -92.83 18.50
N TRP Y 703 56.19 -92.48 17.21
CA TRP Y 703 56.69 -93.41 16.19
C TRP Y 703 58.14 -93.81 16.46
N ALA Y 704 59.01 -92.82 16.67
CA ALA Y 704 60.40 -93.12 17.01
C ALA Y 704 60.54 -93.74 18.39
N HIS Y 705 59.56 -93.54 19.26
CA HIS Y 705 59.48 -94.30 20.49
C HIS Y 705 58.81 -95.67 20.30
N ASN Y 706 58.00 -95.85 19.27
CA ASN Y 706 57.48 -97.19 18.95
C ASN Y 706 58.53 -98.05 18.26
N LYS Y 707 59.44 -97.42 17.53
CA LYS Y 707 60.39 -98.18 16.72
C LYS Y 707 61.39 -98.92 17.57
N LEU Y 708 61.99 -98.23 18.55
CA LEU Y 708 63.00 -98.81 19.41
C LEU Y 708 62.41 -99.51 20.64
N LYS Y 709 61.10 -99.74 20.64
CA LYS Y 709 60.38 -100.45 21.71
C LYS Y 709 60.49 -99.75 23.05
N VAL Y 710 60.34 -98.43 23.06
CA VAL Y 710 60.22 -97.67 24.29
C VAL Y 710 58.83 -97.02 24.33
N ALA Y 711 57.85 -97.72 23.78
CA ALA Y 711 56.48 -97.22 23.74
C ALA Y 711 55.87 -97.19 25.13
N PRO Y 712 55.46 -96.03 25.63
CA PRO Y 712 54.86 -95.97 26.97
C PRO Y 712 53.44 -96.52 26.95
N ALA Y 713 53.09 -97.20 28.05
CA ALA Y 713 51.76 -97.78 28.15
C ALA Y 713 50.70 -96.71 28.38
N ILE Y 714 51.05 -95.68 29.15
CA ILE Y 714 50.22 -94.49 29.26
C ILE Y 714 50.52 -93.59 28.06
N GLN Y 715 49.52 -93.43 27.21
CA GLN Y 715 49.74 -92.76 25.92
C GLN Y 715 49.99 -91.28 26.11
N PRO Y 716 50.95 -90.70 25.41
CA PRO Y 716 51.15 -89.26 25.47
C PRO Y 716 50.06 -88.53 24.72
N ARG Y 717 49.59 -87.45 25.32
CA ARG Y 717 48.65 -86.54 24.69
C ARG Y 717 49.16 -85.13 24.87
N ALA Y 718 48.80 -84.25 23.95
CA ALA Y 718 49.05 -82.84 24.17
C ALA Y 718 48.17 -82.32 25.30
N LEU Y 719 48.57 -81.20 25.89
CA LEU Y 719 47.77 -80.54 26.91
C LEU Y 719 46.45 -80.11 26.30
N SER Y 720 45.37 -80.18 27.09
CA SER Y 720 44.05 -79.86 26.57
C SER Y 720 43.92 -78.38 26.26
N ILE Y 721 42.80 -78.01 25.64
CA ILE Y 721 42.62 -76.64 25.15
C ILE Y 721 42.55 -75.68 26.33
N THR Y 722 41.84 -76.05 27.38
CA THR Y 722 41.76 -75.21 28.56
C THR Y 722 43.07 -75.19 29.32
N GLN Y 723 43.78 -76.32 29.36
CA GLN Y 723 45.04 -76.36 30.09
C GLN Y 723 46.13 -75.60 29.37
N GLY Y 724 46.15 -75.64 28.04
CA GLY Y 724 47.13 -74.89 27.30
C GLY Y 724 46.97 -73.39 27.45
N ARG Y 725 45.76 -72.93 27.70
CA ARG Y 725 45.53 -71.55 28.09
C ARG Y 725 45.97 -71.30 29.52
N ALA Y 726 45.74 -72.28 30.41
CA ALA Y 726 46.07 -72.10 31.83
C ALA Y 726 47.57 -72.13 32.06
N VAL Y 727 48.30 -72.99 31.34
CA VAL Y 727 49.75 -72.99 31.41
C VAL Y 727 50.32 -71.70 30.83
N GLY Y 728 49.65 -71.17 29.79
CA GLY Y 728 50.15 -69.99 29.14
C GLY Y 728 49.89 -68.71 29.88
N VAL Y 729 49.04 -68.73 30.90
CA VAL Y 729 48.78 -67.52 31.68
C VAL Y 729 49.51 -67.64 33.01
N ALA Y 730 49.75 -68.86 33.47
CA ALA Y 730 50.51 -69.03 34.69
C ALA Y 730 51.99 -68.74 34.46
N HIS Y 731 52.53 -69.20 33.34
CA HIS Y 731 53.89 -68.85 32.97
C HIS Y 731 53.99 -67.39 32.52
N TYR Y 732 52.87 -66.76 32.16
CA TYR Y 732 52.87 -65.36 31.75
C TYR Y 732 52.93 -64.45 32.97
N LEU Y 733 52.05 -64.72 33.95
CA LEU Y 733 52.00 -63.92 35.16
C LEU Y 733 53.22 -64.15 36.03
N LEU Y 734 53.82 -65.33 35.95
CA LEU Y 734 55.00 -65.59 36.77
C LEU Y 734 56.19 -64.80 36.26
N GLY Y 735 56.43 -64.81 34.96
CA GLY Y 735 57.58 -64.11 34.43
C GLY Y 735 57.41 -62.62 34.31
N GLY Y 736 56.18 -62.14 34.33
CA GLY Y 736 55.96 -60.72 34.21
C GLY Y 736 56.07 -60.00 35.53
N ILE Y 737 55.61 -60.67 36.59
CA ILE Y 737 55.71 -60.11 37.93
C ILE Y 737 57.13 -60.26 38.47
N ALA Y 738 57.77 -61.40 38.23
CA ALA Y 738 59.14 -61.62 38.69
C ALA Y 738 60.15 -60.73 37.99
N THR Y 739 59.82 -60.22 36.81
CA THR Y 739 60.62 -59.17 36.20
C THR Y 739 60.58 -57.93 37.06
N THR Y 740 59.39 -57.56 37.52
CA THR Y 740 59.19 -56.35 38.31
C THR Y 740 59.69 -56.55 39.74
N TRP Y 741 59.53 -57.76 40.27
CA TRP Y 741 60.08 -58.13 41.57
C TRP Y 741 61.59 -57.90 41.62
N ALA Y 742 62.29 -58.37 40.60
CA ALA Y 742 63.74 -58.22 40.52
C ALA Y 742 64.16 -56.84 40.05
N PHE Y 743 63.25 -56.05 39.50
CA PHE Y 743 63.57 -54.69 39.10
C PHE Y 743 63.36 -53.68 40.22
N PHE Y 744 62.30 -53.87 41.02
CA PHE Y 744 62.08 -52.98 42.14
C PHE Y 744 63.14 -53.15 43.21
N HIS Y 745 63.57 -54.39 43.46
CA HIS Y 745 64.53 -54.63 44.53
C HIS Y 745 65.90 -54.05 44.20
N ALA Y 746 66.47 -54.43 43.05
CA ALA Y 746 67.82 -54.00 42.71
C ALA Y 746 67.91 -52.50 42.45
N HIS Y 747 66.81 -51.84 42.17
CA HIS Y 747 66.83 -50.38 42.08
C HIS Y 747 66.78 -49.74 43.46
N ILE Y 748 65.96 -50.28 44.36
CA ILE Y 748 65.71 -49.60 45.63
C ILE Y 748 66.58 -50.14 46.75
N LEU Y 749 67.25 -51.28 46.56
CA LEU Y 749 68.31 -51.68 47.48
C LEU Y 749 69.63 -51.04 47.13
N SER Y 750 69.66 -50.14 46.17
CA SER Y 750 70.86 -49.40 45.78
C SER Y 750 70.76 -47.91 46.02
N VAL Y 751 69.61 -47.29 45.73
CA VAL Y 751 69.45 -45.86 45.94
C VAL Y 751 68.84 -45.53 47.29
N GLY Y 752 68.29 -46.51 47.99
CA GLY Y 752 67.74 -46.27 49.31
C GLY Y 752 68.83 -46.18 50.37
N ALA Z 2 23.19 -60.65 -1.06
CA ALA Z 2 22.72 -60.90 -2.41
C ALA Z 2 23.35 -59.93 -3.40
N THR Z 3 24.45 -59.31 -3.00
CA THR Z 3 25.13 -58.34 -3.85
C THR Z 3 25.93 -59.05 -4.93
N LYS Z 4 26.49 -58.27 -5.84
CA LYS Z 4 27.33 -58.81 -6.90
C LYS Z 4 28.81 -58.66 -6.59
N PHE Z 5 29.17 -58.21 -5.39
CA PHE Z 5 30.56 -58.23 -4.95
C PHE Z 5 30.73 -59.30 -3.90
N PRO Z 6 31.81 -60.11 -3.92
CA PRO Z 6 32.87 -60.16 -4.91
C PRO Z 6 32.45 -60.89 -6.18
N LYS Z 7 32.98 -60.45 -7.31
CA LYS Z 7 32.57 -61.01 -8.59
C LYS Z 7 33.02 -62.44 -8.76
N PHE Z 8 34.16 -62.80 -8.16
CA PHE Z 8 34.78 -64.09 -8.36
C PHE Z 8 34.19 -65.20 -7.51
N SER Z 9 33.14 -64.95 -6.75
CA SER Z 9 32.59 -65.97 -5.85
C SER Z 9 31.11 -65.68 -5.64
N GLN Z 10 30.27 -66.68 -5.91
CA GLN Z 10 28.86 -66.55 -5.56
C GLN Z 10 28.60 -66.97 -4.12
N ASP Z 11 29.50 -67.77 -3.53
CA ASP Z 11 29.30 -68.17 -2.14
C ASP Z 11 29.67 -67.05 -1.18
N LEU Z 12 30.62 -66.20 -1.54
CA LEU Z 12 30.91 -65.04 -0.71
C LEU Z 12 29.95 -63.90 -0.96
N ALA Z 13 29.47 -63.72 -2.20
CA ALA Z 13 28.58 -62.61 -2.48
C ALA Z 13 27.18 -62.79 -1.91
N GLN Z 14 26.84 -63.98 -1.42
CA GLN Z 14 25.58 -64.24 -0.75
C GLN Z 14 25.75 -64.33 0.76
N ASP Z 15 26.64 -63.49 1.30
CA ASP Z 15 26.92 -63.48 2.72
C ASP Z 15 26.39 -62.18 3.31
N PRO Z 16 25.43 -62.23 4.25
CA PRO Z 16 24.86 -60.99 4.77
C PRO Z 16 25.75 -60.25 5.75
N THR Z 17 26.84 -60.84 6.21
CA THR Z 17 27.63 -60.29 7.29
C THR Z 17 28.79 -59.48 6.72
N THR Z 18 29.69 -59.06 7.60
CA THR Z 18 30.89 -58.35 7.18
C THR Z 18 32.02 -59.29 6.82
N ARG Z 19 31.79 -60.60 6.91
CA ARG Z 19 32.71 -61.61 6.40
C ARG Z 19 32.85 -61.52 4.88
N ARG Z 20 31.80 -61.04 4.20
CA ARG Z 20 31.83 -60.81 2.75
C ARG Z 20 32.95 -59.84 2.38
N ILE Z 21 33.19 -58.83 3.20
CA ILE Z 21 34.15 -57.80 2.87
C ILE Z 21 35.57 -58.31 3.06
N TRP Z 22 35.83 -59.02 4.16
CA TRP Z 22 37.20 -59.39 4.47
C TRP Z 22 37.70 -60.53 3.62
N TYR Z 23 36.84 -61.50 3.30
CA TYR Z 23 37.28 -62.61 2.47
C TYR Z 23 37.37 -62.28 1.00
N ALA Z 24 36.89 -61.10 0.58
CA ALA Z 24 37.16 -60.67 -0.78
C ALA Z 24 38.62 -60.29 -0.93
N MET Z 25 39.22 -59.72 0.11
CA MET Z 25 40.59 -59.23 0.03
C MET Z 25 41.59 -60.37 0.00
N ALA Z 26 41.37 -61.40 0.80
CA ALA Z 26 42.32 -62.50 0.90
C ALA Z 26 41.98 -63.66 -0.02
N MET Z 27 41.04 -63.47 -0.94
CA MET Z 27 40.80 -64.43 -2.01
C MET Z 27 40.82 -63.76 -3.37
N GLY Z 28 41.20 -62.49 -3.43
CA GLY Z 28 41.11 -61.76 -4.67
C GLY Z 28 42.20 -62.15 -5.65
N ASN Z 29 43.44 -62.21 -5.19
CA ASN Z 29 44.53 -62.59 -6.07
C ASN Z 29 44.73 -64.10 -6.16
N ASP Z 30 43.97 -64.87 -5.37
CA ASP Z 30 43.97 -66.32 -5.47
C ASP Z 30 43.16 -66.68 -6.71
N PHE Z 31 43.83 -66.77 -7.85
CA PHE Z 31 43.14 -66.97 -9.11
C PHE Z 31 42.58 -68.37 -9.25
N GLU Z 32 43.09 -69.33 -8.48
CA GLU Z 32 42.74 -70.73 -8.69
C GLU Z 32 41.43 -71.10 -8.02
N SER Z 33 40.93 -70.28 -7.11
CA SER Z 33 39.68 -70.56 -6.41
C SER Z 33 38.55 -69.66 -6.89
N HIS Z 34 38.73 -68.96 -8.00
CA HIS Z 34 37.67 -68.13 -8.53
C HIS Z 34 36.60 -68.99 -9.19
N ASP Z 35 35.44 -68.38 -9.39
CA ASP Z 35 34.29 -69.08 -9.93
C ASP Z 35 34.46 -69.29 -11.42
N GLY Z 36 34.37 -70.54 -11.86
CA GLY Z 36 34.44 -70.86 -13.28
C GLY Z 36 35.80 -70.75 -13.92
N MET Z 37 36.86 -70.62 -13.11
CA MET Z 37 38.21 -70.49 -13.65
C MET Z 37 38.65 -71.82 -14.23
N THR Z 38 38.90 -71.86 -15.53
CA THR Z 38 39.37 -73.07 -16.19
C THR Z 38 40.89 -73.10 -16.15
N GLU Z 39 41.50 -74.06 -16.84
CA GLU Z 39 42.94 -74.22 -16.75
C GLU Z 39 43.68 -73.24 -17.63
N GLU Z 40 43.27 -73.11 -18.90
CA GLU Z 40 43.98 -72.22 -19.80
C GLU Z 40 43.68 -70.76 -19.51
N ASN Z 41 42.50 -70.47 -18.94
CA ASN Z 41 42.19 -69.12 -18.53
C ASN Z 41 42.99 -68.72 -17.30
N LEU Z 42 43.43 -69.70 -16.51
CA LEU Z 42 44.28 -69.42 -15.36
C LEU Z 42 45.63 -68.87 -15.78
N TYR Z 43 46.34 -69.60 -16.64
CA TYR Z 43 47.69 -69.21 -17.07
C TYR Z 43 47.71 -67.90 -17.82
N GLN Z 44 46.69 -67.65 -18.66
CA GLN Z 44 46.60 -66.43 -19.43
C GLN Z 44 46.34 -65.21 -18.57
N LYS Z 45 45.81 -65.41 -17.38
CA LYS Z 45 45.55 -64.31 -16.45
C LYS Z 45 46.74 -64.07 -15.53
N ILE Z 46 47.46 -65.14 -15.17
CA ILE Z 46 48.67 -64.99 -14.36
C ILE Z 46 49.78 -64.35 -15.17
N PHE Z 47 49.85 -64.68 -16.45
CA PHE Z 47 50.91 -64.15 -17.31
C PHE Z 47 50.78 -62.66 -17.52
N ALA Z 48 49.55 -62.18 -17.67
CA ALA Z 48 49.33 -60.74 -17.83
C ALA Z 48 49.40 -60.01 -16.50
N THR Z 49 49.08 -60.70 -15.40
CA THR Z 49 49.29 -60.13 -14.07
C THR Z 49 50.77 -59.96 -13.79
N HIS Z 50 51.59 -60.89 -14.28
CA HIS Z 50 53.03 -60.79 -14.11
C HIS Z 50 53.63 -59.62 -14.87
N PHE Z 51 52.95 -59.07 -15.87
CA PHE Z 51 53.32 -57.78 -16.43
C PHE Z 51 52.92 -56.63 -15.53
N GLY Z 52 51.94 -56.83 -14.66
CA GLY Z 52 51.52 -55.79 -13.75
C GLY Z 52 52.50 -55.63 -12.60
N HIS Z 53 52.96 -56.74 -12.01
CA HIS Z 53 53.95 -56.63 -10.95
C HIS Z 53 55.30 -56.21 -11.49
N LEU Z 54 55.57 -56.52 -12.75
CA LEU Z 54 56.86 -56.15 -13.33
C LEU Z 54 56.92 -54.66 -13.56
N ALA Z 55 55.79 -54.04 -13.91
CA ALA Z 55 55.78 -52.62 -14.18
C ALA Z 55 55.64 -51.77 -12.92
N ILE Z 56 55.25 -52.38 -11.80
CA ILE Z 56 55.36 -51.68 -10.52
C ILE Z 56 56.83 -51.49 -10.16
N ILE Z 57 57.65 -52.48 -10.48
CA ILE Z 57 59.08 -52.46 -10.12
C ILE Z 57 59.81 -51.34 -10.86
N PHE Z 58 59.49 -51.13 -12.13
CA PHE Z 58 60.15 -50.06 -12.87
C PHE Z 58 59.59 -48.70 -12.51
N LEU Z 59 58.30 -48.61 -12.17
CA LEU Z 59 57.77 -47.36 -11.65
C LEU Z 59 58.31 -47.07 -10.26
N TRP Z 60 58.58 -48.11 -9.47
CA TRP Z 60 59.25 -47.91 -8.18
C TRP Z 60 60.66 -47.41 -8.35
N ALA Z 61 61.42 -48.03 -9.24
CA ALA Z 61 62.83 -47.67 -9.40
C ALA Z 61 63.00 -46.34 -10.10
N SER Z 62 61.95 -45.85 -10.77
CA SER Z 62 62.06 -44.53 -11.37
C SER Z 62 61.85 -43.43 -10.36
N SER Z 63 61.06 -43.68 -9.32
CA SER Z 63 60.92 -42.69 -8.27
C SER Z 63 62.16 -42.60 -7.39
N LEU Z 64 62.98 -43.64 -7.38
CA LEU Z 64 64.27 -43.51 -6.72
C LEU Z 64 65.18 -42.58 -7.49
N LEU Z 65 65.08 -42.59 -8.81
CA LEU Z 65 65.90 -41.72 -9.64
C LEU Z 65 65.38 -40.29 -9.62
N PHE Z 66 64.06 -40.12 -9.67
CA PHE Z 66 63.51 -38.78 -9.80
C PHE Z 66 63.55 -38.01 -8.50
N HIS Z 67 63.27 -38.66 -7.37
CA HIS Z 67 63.31 -37.97 -6.09
C HIS Z 67 64.73 -37.67 -5.63
N VAL Z 68 65.74 -38.32 -6.21
CA VAL Z 68 67.13 -37.97 -5.93
C VAL Z 68 67.62 -36.86 -6.84
N ALA Z 69 67.21 -36.90 -8.12
CA ALA Z 69 67.62 -35.88 -9.08
C ALA Z 69 67.00 -34.53 -8.76
N TRP Z 70 65.80 -34.52 -8.19
CA TRP Z 70 65.07 -33.30 -7.96
C TRP Z 70 65.15 -32.80 -6.53
N GLN Z 71 65.33 -33.68 -5.56
CA GLN Z 71 65.34 -33.29 -4.15
C GLN Z 71 66.59 -33.68 -3.40
N GLY Z 72 67.48 -34.49 -3.97
CA GLY Z 72 68.68 -34.93 -3.29
C GLY Z 72 69.89 -34.12 -3.70
N ASN Z 73 71.03 -34.49 -3.12
CA ASN Z 73 72.26 -33.75 -3.32
C ASN Z 73 73.33 -34.61 -3.98
N PHE Z 74 72.97 -35.28 -5.08
CA PHE Z 74 73.88 -36.23 -5.72
C PHE Z 74 75.12 -35.54 -6.25
N GLU Z 75 74.96 -34.39 -6.92
CA GLU Z 75 76.11 -33.67 -7.47
C GLU Z 75 76.99 -33.06 -6.38
N GLN Z 76 76.41 -32.81 -5.20
CA GLN Z 76 77.22 -32.38 -4.05
C GLN Z 76 77.83 -33.55 -3.32
N TRP Z 77 77.33 -34.76 -3.56
CA TRP Z 77 77.87 -35.96 -2.96
C TRP Z 77 79.06 -36.51 -3.74
N ILE Z 78 79.20 -36.13 -5.01
CA ILE Z 78 80.34 -36.57 -5.83
C ILE Z 78 81.63 -36.00 -5.29
N LYS Z 79 81.59 -34.77 -4.76
CA LYS Z 79 82.80 -34.07 -4.38
C LYS Z 79 83.47 -34.71 -3.17
N ASP Z 80 82.68 -35.26 -2.26
CA ASP Z 80 83.25 -35.89 -1.08
C ASP Z 80 82.29 -36.93 -0.51
N PRO Z 81 82.34 -38.17 -1.01
CA PRO Z 81 81.36 -39.18 -0.57
C PRO Z 81 81.58 -39.69 0.84
N LEU Z 82 82.69 -39.36 1.48
CA LEU Z 82 83.00 -39.91 2.79
C LEU Z 82 82.46 -39.08 3.93
N HIS Z 83 82.07 -37.83 3.69
CA HIS Z 83 81.50 -37.00 4.73
C HIS Z 83 80.17 -36.38 4.35
N VAL Z 84 79.90 -36.15 3.06
CA VAL Z 84 78.60 -35.62 2.65
C VAL Z 84 77.56 -36.70 2.81
N ARG Z 85 76.48 -36.35 3.50
CA ARG Z 85 75.49 -37.31 3.96
C ARG Z 85 74.31 -37.30 2.99
N PRO Z 86 73.97 -38.42 2.36
CA PRO Z 86 73.03 -38.42 1.23
C PRO Z 86 71.61 -38.02 1.62
N ILE Z 87 70.79 -37.77 0.61
CA ILE Z 87 69.42 -37.30 0.81
C ILE Z 87 68.47 -38.16 -0.04
N ALA Z 88 67.46 -38.73 0.61
CA ALA Z 88 66.49 -39.55 -0.10
C ALA Z 88 65.42 -38.70 -0.77
N HIS Z 89 64.60 -38.02 0.02
CA HIS Z 89 63.57 -37.14 -0.49
C HIS Z 89 63.37 -36.01 0.50
N ALA Z 90 62.37 -35.18 0.25
CA ALA Z 90 62.12 -34.05 1.12
C ALA Z 90 60.79 -34.21 1.84
N ILE Z 91 60.68 -33.56 2.99
CA ILE Z 91 59.49 -33.63 3.83
C ILE Z 91 58.63 -32.41 3.53
N TRP Z 92 57.36 -32.64 3.20
CA TRP Z 92 56.35 -31.61 3.28
C TRP Z 92 55.35 -32.14 4.29
N ASP Z 93 55.54 -31.79 5.56
CA ASP Z 93 54.60 -32.20 6.60
C ASP Z 93 54.01 -30.94 7.19
N PRO Z 94 52.70 -30.72 7.08
CA PRO Z 94 52.11 -29.51 7.67
C PRO Z 94 52.10 -29.55 9.17
N HIS Z 95 52.12 -30.73 9.77
CA HIS Z 95 51.99 -30.87 11.21
C HIS Z 95 53.30 -30.57 11.95
N PHE Z 96 54.39 -30.26 11.24
CA PHE Z 96 55.65 -29.94 11.91
C PHE Z 96 55.58 -28.62 12.65
N GLY Z 97 56.27 -28.58 13.78
CA GLY Z 97 56.58 -27.34 14.45
C GLY Z 97 57.92 -26.81 13.96
N LYS Z 98 58.16 -25.55 14.27
CA LYS Z 98 59.37 -24.86 13.84
C LYS Z 98 60.68 -25.45 14.39
N PRO Z 99 60.75 -26.01 15.62
CA PRO Z 99 61.97 -26.77 15.96
C PRO Z 99 62.08 -28.12 15.27
N ALA Z 100 61.05 -28.59 14.58
CA ALA Z 100 61.16 -29.83 13.82
C ALA Z 100 61.32 -29.59 12.33
N ILE Z 101 61.41 -28.34 11.90
CA ILE Z 101 61.90 -28.03 10.57
C ILE Z 101 63.40 -27.73 10.62
N GLU Z 102 63.83 -27.14 11.72
CA GLU Z 102 65.25 -26.83 11.92
C GLU Z 102 66.05 -28.09 12.19
N ALA Z 103 65.43 -29.13 12.74
CA ALA Z 103 66.15 -30.34 13.06
C ALA Z 103 66.34 -31.24 11.85
N PHE Z 104 65.44 -31.15 10.87
CA PHE Z 104 65.51 -31.96 9.66
C PHE Z 104 66.03 -31.19 8.46
N THR Z 105 66.26 -29.89 8.60
CA THR Z 105 67.03 -29.16 7.60
C THR Z 105 68.48 -29.55 7.78
N GLN Z 106 68.93 -30.51 6.99
CA GLN Z 106 70.23 -31.12 7.21
C GLN Z 106 70.85 -31.46 5.87
N ALA Z 107 72.11 -31.89 5.93
CA ALA Z 107 72.92 -32.31 4.77
C ALA Z 107 73.08 -31.21 3.73
N GLY Z 108 73.01 -29.95 4.16
CA GLY Z 108 73.12 -28.83 3.24
C GLY Z 108 71.94 -28.71 2.29
N ALA Z 109 70.76 -28.50 2.83
CA ALA Z 109 69.55 -28.40 2.02
C ALA Z 109 68.72 -27.21 2.48
N ASN Z 110 67.77 -26.82 1.62
CA ASN Z 110 66.90 -25.69 1.92
C ASN Z 110 65.76 -26.06 2.85
N GLY Z 111 65.19 -27.25 2.70
CA GLY Z 111 64.07 -27.66 3.51
C GLY Z 111 64.35 -28.95 4.25
N PRO Z 112 63.35 -29.50 4.91
CA PRO Z 112 63.50 -30.78 5.60
C PRO Z 112 63.72 -31.91 4.61
N VAL Z 113 64.79 -32.68 4.79
CA VAL Z 113 65.15 -33.77 3.91
C VAL Z 113 65.38 -35.03 4.72
N ASN Z 114 65.16 -36.18 4.08
CA ASN Z 114 65.41 -37.47 4.70
C ASN Z 114 66.73 -38.04 4.22
N ILE Z 115 67.62 -38.34 5.17
CA ILE Z 115 68.92 -38.91 4.86
C ILE Z 115 68.74 -40.32 4.32
N ALA Z 116 69.21 -40.55 3.10
CA ALA Z 116 69.04 -41.86 2.45
C ALA Z 116 69.97 -42.88 3.09
N TYR Z 117 69.39 -43.96 3.62
CA TYR Z 117 70.17 -45.06 4.17
C TYR Z 117 70.01 -46.33 3.35
N SER Z 118 69.75 -46.22 2.06
CA SER Z 118 69.63 -47.39 1.21
C SER Z 118 70.77 -47.54 0.24
N GLY Z 119 71.73 -46.60 0.25
CA GLY Z 119 72.96 -46.78 -0.47
C GLY Z 119 72.87 -46.67 -1.97
N VAL Z 120 71.80 -46.09 -2.51
CA VAL Z 120 71.69 -45.98 -3.95
C VAL Z 120 72.55 -44.86 -4.52
N TYR Z 121 73.15 -44.02 -3.70
CA TYR Z 121 74.12 -43.10 -4.30
C TYR Z 121 75.41 -43.82 -4.60
N HIS Z 122 75.74 -44.85 -3.83
CA HIS Z 122 76.99 -45.58 -4.04
C HIS Z 122 76.90 -46.48 -5.25
N TRP Z 123 75.72 -46.99 -5.55
CA TRP Z 123 75.56 -47.86 -6.71
C TRP Z 123 75.50 -47.06 -8.00
N TRP Z 124 74.91 -45.88 -7.96
CA TRP Z 124 74.84 -45.06 -9.17
C TRP Z 124 76.15 -44.37 -9.48
N TYR Z 125 76.92 -44.03 -8.45
CA TYR Z 125 78.23 -43.43 -8.67
C TYR Z 125 79.23 -44.44 -9.18
N THR Z 126 79.04 -45.71 -8.83
CA THR Z 126 79.94 -46.75 -9.29
C THR Z 126 79.75 -47.03 -10.77
N ILE Z 127 78.50 -47.02 -11.24
CA ILE Z 127 78.20 -47.46 -12.59
C ILE Z 127 78.23 -46.31 -13.59
N GLY Z 128 78.79 -45.17 -13.17
CA GLY Z 128 79.17 -44.14 -14.10
C GLY Z 128 78.40 -42.85 -14.02
N MET Z 129 77.28 -42.80 -13.28
CA MET Z 129 76.41 -41.64 -13.30
C MET Z 129 77.02 -40.53 -12.45
N ARG Z 130 77.07 -39.32 -12.98
CA ARG Z 130 77.82 -38.25 -12.33
C ARG Z 130 77.04 -36.99 -12.04
N THR Z 131 76.06 -36.63 -12.87
CA THR Z 131 75.31 -35.41 -12.65
C THR Z 131 73.83 -35.73 -12.48
N ASN Z 132 73.06 -34.70 -12.10
CA ASN Z 132 71.63 -34.86 -11.87
C ASN Z 132 70.83 -35.02 -13.15
N THR Z 133 71.43 -34.85 -14.32
CA THR Z 133 70.67 -34.98 -15.55
C THR Z 133 70.62 -36.44 -16.01
N GLU Z 134 71.68 -37.21 -15.75
CA GLU Z 134 71.64 -38.64 -16.04
C GLU Z 134 70.64 -39.36 -15.16
N LEU Z 135 70.48 -38.90 -13.92
CA LEU Z 135 69.48 -39.50 -13.03
C LEU Z 135 68.08 -39.20 -13.55
N TYR Z 136 67.85 -37.98 -14.03
CA TYR Z 136 66.56 -37.64 -14.59
C TYR Z 136 66.30 -38.35 -15.91
N THR Z 137 67.33 -38.52 -16.73
CA THR Z 137 67.18 -39.20 -18.01
C THR Z 137 66.85 -40.67 -17.81
N GLY Z 138 67.53 -41.32 -16.86
CA GLY Z 138 67.19 -42.69 -16.53
C GLY Z 138 65.85 -42.83 -15.84
N SER Z 139 65.38 -41.76 -15.20
CA SER Z 139 64.05 -41.80 -14.60
C SER Z 139 62.97 -41.81 -15.67
N VAL Z 140 63.06 -40.89 -16.64
CA VAL Z 140 62.07 -40.76 -17.70
C VAL Z 140 62.08 -41.99 -18.62
N PHE Z 141 63.25 -42.61 -18.79
CA PHE Z 141 63.32 -43.84 -19.55
C PHE Z 141 62.55 -44.97 -18.89
N LEU Z 142 62.58 -45.03 -17.56
CA LEU Z 142 61.84 -46.07 -16.87
C LEU Z 142 60.34 -45.79 -16.80
N LEU Z 143 59.90 -44.55 -17.03
CA LEU Z 143 58.48 -44.30 -17.23
C LEU Z 143 58.00 -44.94 -18.52
N LEU Z 144 58.78 -44.81 -19.59
CA LEU Z 144 58.42 -45.42 -20.86
C LEU Z 144 58.64 -46.92 -20.85
N PHE Z 145 59.63 -47.39 -20.09
CA PHE Z 145 59.92 -48.81 -20.08
C PHE Z 145 58.96 -49.57 -19.19
N ALA Z 146 58.33 -48.89 -18.23
CA ALA Z 146 57.26 -49.51 -17.45
C ALA Z 146 55.94 -49.48 -18.19
N SER Z 147 55.72 -48.47 -19.02
CA SER Z 147 54.52 -48.43 -19.84
C SER Z 147 54.60 -49.40 -21.00
N LEU Z 148 55.80 -49.80 -21.39
CA LEU Z 148 55.96 -50.84 -22.40
C LEU Z 148 55.56 -52.21 -21.88
N PHE Z 149 55.56 -52.41 -20.55
CA PHE Z 149 55.04 -53.65 -19.99
C PHE Z 149 53.58 -53.56 -19.63
N LEU Z 150 53.09 -52.37 -19.27
CA LEU Z 150 51.66 -52.21 -19.03
C LEU Z 150 50.85 -52.37 -20.31
N PHE Z 151 51.42 -51.98 -21.44
CA PHE Z 151 50.77 -52.24 -22.71
C PHE Z 151 50.90 -53.70 -23.12
N ALA Z 152 52.00 -54.34 -22.75
CA ALA Z 152 52.22 -55.74 -23.13
C ALA Z 152 51.26 -56.68 -22.41
N GLY Z 153 50.93 -56.37 -21.17
CA GLY Z 153 49.96 -57.19 -20.45
C GLY Z 153 48.55 -57.01 -20.96
N TRP Z 154 48.24 -55.81 -21.45
CA TRP Z 154 46.94 -55.59 -22.09
C TRP Z 154 46.88 -56.29 -23.43
N LEU Z 155 48.00 -56.28 -24.17
CA LEU Z 155 48.01 -56.85 -25.51
C LEU Z 155 47.85 -58.37 -25.45
N HIS Z 156 48.46 -59.01 -24.49
CA HIS Z 156 48.40 -60.46 -24.38
C HIS Z 156 47.19 -60.94 -23.59
N LEU Z 157 46.12 -60.15 -23.55
CA LEU Z 157 44.81 -60.59 -23.12
C LEU Z 157 43.76 -60.47 -24.22
N GLN Z 158 44.15 -60.05 -25.41
CA GLN Z 158 43.20 -59.89 -26.50
C GLN Z 158 43.16 -61.19 -27.31
N PRO Z 159 41.99 -61.54 -27.90
CA PRO Z 159 41.69 -62.97 -28.19
C PRO Z 159 42.62 -63.66 -29.17
N LYS Z 160 43.13 -63.00 -30.21
CA LYS Z 160 44.05 -63.71 -31.07
C LYS Z 160 45.50 -63.44 -30.68
N PHE Z 161 45.72 -62.52 -29.74
CA PHE Z 161 47.02 -62.31 -29.15
C PHE Z 161 47.16 -63.01 -27.81
N ARG Z 162 46.19 -63.77 -27.43
CA ARG Z 162 46.18 -64.45 -26.15
C ARG Z 162 46.78 -65.84 -26.32
N PRO Z 163 47.83 -66.17 -25.57
CA PRO Z 163 48.57 -67.42 -25.85
C PRO Z 163 47.80 -68.65 -25.42
N SER Z 164 48.06 -69.75 -26.13
CA SER Z 164 47.37 -71.01 -25.90
C SER Z 164 47.95 -71.71 -24.68
N LEU Z 165 47.35 -72.85 -24.32
CA LEU Z 165 47.78 -73.56 -23.12
C LEU Z 165 49.13 -74.25 -23.33
N ALA Z 166 49.35 -74.82 -24.51
CA ALA Z 166 50.60 -75.51 -24.81
C ALA Z 166 51.80 -74.58 -24.86
N TRP Z 167 51.59 -73.27 -25.04
CA TRP Z 167 52.69 -72.34 -24.98
C TRP Z 167 53.25 -72.21 -23.58
N PHE Z 168 52.39 -72.35 -22.56
CA PHE Z 168 52.86 -72.19 -21.19
C PHE Z 168 53.58 -73.43 -20.69
N LYS Z 169 53.10 -74.60 -21.06
CA LYS Z 169 53.69 -75.85 -20.62
C LYS Z 169 54.82 -76.33 -21.52
N SER Z 170 55.42 -75.44 -22.31
CA SER Z 170 56.61 -75.75 -23.08
C SER Z 170 57.80 -75.35 -22.24
N ALA Z 171 58.25 -76.27 -21.38
CA ALA Z 171 59.22 -75.92 -20.36
C ALA Z 171 60.66 -75.97 -20.88
N GLU Z 172 60.94 -76.79 -21.90
CA GLU Z 172 62.29 -76.84 -22.43
C GLU Z 172 62.65 -75.60 -23.23
N SER Z 173 61.65 -74.87 -23.72
CA SER Z 173 61.93 -73.67 -24.49
C SER Z 173 62.08 -72.43 -23.62
N ARG Z 174 61.48 -72.40 -22.42
CA ARG Z 174 61.81 -71.33 -21.48
C ARG Z 174 63.24 -71.43 -20.99
N LEU Z 175 63.69 -72.64 -20.65
CA LEU Z 175 65.02 -72.83 -20.13
C LEU Z 175 66.10 -72.50 -21.16
N ASN Z 176 65.83 -72.70 -22.44
CA ASN Z 176 66.82 -72.25 -23.41
C ASN Z 176 66.80 -70.74 -23.57
N HIS Z 177 65.63 -70.12 -23.60
CA HIS Z 177 65.60 -68.68 -23.82
C HIS Z 177 65.94 -67.89 -22.56
N HIS Z 178 65.51 -68.34 -21.39
CA HIS Z 178 65.77 -67.54 -20.21
C HIS Z 178 67.23 -67.67 -19.74
N LEU Z 179 67.83 -68.85 -19.86
CA LEU Z 179 69.23 -69.01 -19.47
C LEU Z 179 70.16 -68.28 -20.43
N ALA Z 180 69.93 -68.43 -21.74
CA ALA Z 180 70.81 -67.80 -22.71
C ALA Z 180 70.52 -66.30 -22.82
N GLY Z 181 69.24 -65.94 -22.82
CA GLY Z 181 68.88 -64.56 -23.06
C GLY Z 181 68.67 -63.70 -21.83
N LEU Z 182 67.85 -64.17 -20.90
CA LEU Z 182 67.55 -63.34 -19.72
C LEU Z 182 68.73 -63.31 -18.76
N PHE Z 183 69.41 -64.44 -18.60
CA PHE Z 183 70.60 -64.51 -17.76
C PHE Z 183 71.88 -64.18 -18.51
N GLY Z 184 72.08 -64.79 -19.67
CA GLY Z 184 73.35 -64.69 -20.37
C GLY Z 184 73.58 -63.43 -21.15
N VAL Z 185 72.60 -62.99 -21.95
CA VAL Z 185 72.76 -61.76 -22.71
C VAL Z 185 72.77 -60.56 -21.80
N SER Z 186 71.98 -60.59 -20.73
CA SER Z 186 71.94 -59.46 -19.80
C SER Z 186 73.22 -59.37 -18.98
N SER Z 187 73.85 -60.50 -18.69
CA SER Z 187 75.17 -60.44 -18.09
C SER Z 187 76.21 -59.99 -19.11
N LEU Z 188 76.00 -60.33 -20.38
CA LEU Z 188 76.87 -59.84 -21.44
C LEU Z 188 76.68 -58.36 -21.68
N ALA Z 189 75.43 -57.89 -21.60
CA ALA Z 189 75.14 -56.48 -21.83
C ALA Z 189 75.70 -55.62 -20.70
N TRP Z 190 75.61 -56.10 -19.46
CA TRP Z 190 76.16 -55.33 -18.35
C TRP Z 190 77.68 -55.28 -18.40
N ALA Z 191 78.33 -56.35 -18.88
CA ALA Z 191 79.75 -56.29 -19.13
C ALA Z 191 80.08 -55.31 -20.24
N GLY Z 192 79.17 -55.14 -21.20
CA GLY Z 192 79.34 -54.08 -22.18
C GLY Z 192 79.12 -52.71 -21.60
N HIS Z 193 78.29 -52.61 -20.55
CA HIS Z 193 78.08 -51.31 -19.94
C HIS Z 193 79.27 -50.90 -19.08
N LEU Z 194 79.90 -51.86 -18.42
CA LEU Z 194 81.04 -51.54 -17.57
C LEU Z 194 82.23 -51.11 -18.41
N ILE Z 195 82.50 -51.84 -19.49
CA ILE Z 195 83.72 -51.63 -20.27
C ILE Z 195 83.63 -50.38 -21.11
N HIS Z 196 82.46 -50.15 -21.73
CA HIS Z 196 82.32 -48.95 -22.55
C HIS Z 196 82.13 -47.71 -21.70
N VAL Z 197 81.39 -47.79 -20.59
CA VAL Z 197 80.96 -46.61 -19.85
C VAL Z 197 81.56 -46.52 -18.46
N ALA Z 198 81.29 -47.51 -17.61
CA ALA Z 198 81.51 -47.35 -16.17
C ALA Z 198 82.99 -47.33 -15.81
N ILE Z 199 83.80 -48.17 -16.47
CA ILE Z 199 85.25 -48.17 -16.23
C ILE Z 199 85.90 -46.91 -16.83
N PRO Z 200 85.53 -46.39 -18.01
CA PRO Z 200 86.06 -45.07 -18.37
C PRO Z 200 85.54 -43.93 -17.52
N GLU Z 201 84.30 -43.98 -17.02
CA GLU Z 201 83.85 -43.00 -16.04
C GLU Z 201 84.61 -43.11 -14.74
N SER Z 202 85.15 -44.28 -14.42
CA SER Z 202 85.99 -44.47 -13.26
C SER Z 202 87.36 -43.84 -13.40
N ARG Z 203 87.74 -43.36 -14.58
CA ARG Z 203 89.06 -42.80 -14.79
C ARG Z 203 89.03 -41.33 -15.18
N GLY Z 204 87.97 -40.61 -14.82
CA GLY Z 204 87.88 -39.20 -15.14
C GLY Z 204 87.60 -38.90 -16.59
N GLN Z 205 87.14 -39.88 -17.35
CA GLN Z 205 86.96 -39.78 -18.80
C GLN Z 205 85.48 -39.96 -19.10
N HIS Z 206 84.82 -38.87 -19.48
CA HIS Z 206 83.37 -38.92 -19.69
C HIS Z 206 83.04 -39.67 -20.98
N VAL Z 207 82.22 -40.70 -20.85
CA VAL Z 207 81.66 -41.43 -21.99
C VAL Z 207 80.15 -41.45 -21.81
N GLY Z 208 79.44 -40.72 -22.66
CA GLY Z 208 78.00 -40.67 -22.57
C GLY Z 208 77.34 -41.25 -23.81
N TRP Z 209 76.06 -40.95 -24.03
CA TRP Z 209 75.40 -41.43 -25.25
C TRP Z 209 75.90 -40.72 -26.49
N ASP Z 210 76.43 -39.50 -26.36
CA ASP Z 210 76.87 -38.77 -27.54
C ASP Z 210 78.17 -39.33 -28.11
N ASN Z 211 79.14 -39.65 -27.26
CA ASN Z 211 80.47 -40.01 -27.74
C ASN Z 211 80.88 -41.43 -27.40
N PHE Z 212 79.96 -42.38 -27.33
CA PHE Z 212 80.39 -43.75 -27.09
C PHE Z 212 80.61 -44.49 -28.40
N LEU Z 213 80.00 -44.02 -29.48
CA LEU Z 213 80.28 -44.61 -30.79
C LEU Z 213 81.60 -44.11 -31.36
N SER Z 214 82.06 -42.94 -30.92
CA SER Z 214 83.34 -42.44 -31.41
C SER Z 214 84.50 -42.98 -30.59
N THR Z 215 84.39 -42.95 -29.27
CA THR Z 215 85.47 -43.39 -28.41
C THR Z 215 85.45 -44.89 -28.22
N ALA Z 216 86.64 -45.47 -28.11
CA ALA Z 216 86.82 -46.88 -27.87
C ALA Z 216 87.25 -47.11 -26.42
N PRO Z 217 86.84 -48.22 -25.79
CA PRO Z 217 87.24 -48.48 -24.40
C PRO Z 217 88.70 -48.80 -24.25
N HIS Z 218 89.37 -49.21 -25.32
CA HIS Z 218 90.74 -49.65 -25.30
C HIS Z 218 91.44 -49.05 -26.51
N PRO Z 219 92.65 -48.51 -26.37
CA PRO Z 219 93.38 -48.02 -27.55
C PRO Z 219 93.78 -49.12 -28.51
N ALA Z 220 93.83 -50.38 -28.07
CA ALA Z 220 93.95 -51.48 -29.02
C ALA Z 220 92.70 -51.59 -29.88
N GLY Z 221 91.53 -51.64 -29.24
CA GLY Z 221 90.28 -51.46 -29.95
C GLY Z 221 89.83 -52.62 -30.80
N LEU Z 222 89.51 -53.76 -30.18
CA LEU Z 222 88.78 -54.91 -30.71
C LEU Z 222 89.59 -55.70 -31.76
N GLN Z 223 90.76 -55.21 -32.17
CA GLN Z 223 91.70 -56.04 -32.93
C GLN Z 223 92.28 -57.20 -32.12
N PRO Z 224 92.68 -57.08 -30.84
CA PRO Z 224 93.12 -58.28 -30.13
C PRO Z 224 92.01 -59.25 -29.75
N PHE Z 225 90.75 -58.91 -29.99
CA PHE Z 225 89.68 -59.85 -29.68
C PHE Z 225 89.62 -60.97 -30.71
N PHE Z 226 89.51 -60.62 -31.99
CA PHE Z 226 89.31 -61.62 -33.02
C PHE Z 226 90.58 -62.36 -33.38
N THR Z 227 91.75 -61.78 -33.11
CA THR Z 227 93.00 -62.47 -33.43
C THR Z 227 93.43 -63.44 -32.35
N GLY Z 228 92.78 -63.43 -31.19
CA GLY Z 228 93.13 -64.32 -30.12
C GLY Z 228 94.19 -63.81 -29.17
N ASN Z 229 94.67 -62.58 -29.36
CA ASN Z 229 95.65 -61.99 -28.45
C ASN Z 229 94.93 -61.29 -27.29
N TRP Z 230 94.18 -62.10 -26.53
CA TRP Z 230 93.32 -61.55 -25.49
C TRP Z 230 94.09 -61.01 -24.29
N GLY Z 231 95.38 -61.29 -24.17
CA GLY Z 231 96.18 -60.75 -23.09
C GLY Z 231 96.45 -59.26 -23.20
N VAL Z 232 96.15 -58.65 -24.34
CA VAL Z 232 96.27 -57.20 -24.48
C VAL Z 232 95.23 -56.50 -23.63
N TYR Z 233 94.07 -57.14 -23.44
CA TYR Z 233 93.01 -56.57 -22.62
C TYR Z 233 93.37 -56.52 -21.15
N ALA Z 234 94.35 -57.32 -20.72
CA ALA Z 234 94.83 -57.34 -19.34
C ALA Z 234 96.21 -56.73 -19.22
N GLN Z 235 96.46 -55.62 -19.92
CA GLN Z 235 97.67 -54.84 -19.73
C GLN Z 235 97.56 -53.98 -18.49
N ASN Z 236 98.39 -52.91 -18.40
CA ASN Z 236 98.58 -52.05 -17.24
C ASN Z 236 97.29 -51.60 -16.55
N PRO Z 237 97.01 -52.13 -15.37
CA PRO Z 237 95.72 -51.90 -14.73
C PRO Z 237 95.72 -50.55 -14.03
N ASP Z 238 94.62 -50.28 -13.35
CA ASP Z 238 94.58 -49.15 -12.43
C ASP Z 238 95.48 -49.46 -11.25
N THR Z 239 96.43 -48.59 -10.97
CA THR Z 239 97.47 -48.88 -10.00
C THR Z 239 96.93 -48.76 -8.57
N ALA Z 240 97.82 -48.95 -7.60
CA ALA Z 240 97.45 -48.82 -6.20
C ALA Z 240 97.37 -47.38 -5.73
N GLY Z 241 97.62 -46.42 -6.61
CA GLY Z 241 97.43 -45.02 -6.27
C GLY Z 241 96.32 -44.40 -7.09
N HIS Z 242 95.44 -45.24 -7.63
CA HIS Z 242 94.31 -44.76 -8.43
C HIS Z 242 93.32 -44.04 -7.54
N ILE Z 243 93.26 -42.72 -7.67
CA ILE Z 243 92.17 -41.97 -7.06
C ILE Z 243 90.96 -42.08 -7.96
N PHE Z 244 89.84 -42.52 -7.38
CA PHE Z 244 88.67 -42.94 -8.16
C PHE Z 244 88.03 -41.76 -8.88
N SER Z 245 87.55 -42.03 -10.10
CA SER Z 245 86.95 -41.06 -11.03
C SER Z 245 87.89 -39.93 -11.39
N THR Z 246 89.20 -40.15 -11.28
CA THR Z 246 90.21 -39.21 -11.76
C THR Z 246 91.20 -39.96 -12.63
N SER Z 247 92.10 -39.20 -13.25
CA SER Z 247 93.09 -39.77 -14.14
C SER Z 247 94.40 -40.14 -13.44
N GLN Z 248 94.50 -39.92 -12.13
CA GLN Z 248 95.71 -40.26 -11.39
C GLN Z 248 95.79 -41.76 -11.20
N GLY Z 249 96.92 -42.35 -11.62
CA GLY Z 249 97.11 -43.78 -11.48
C GLY Z 249 96.17 -44.62 -12.30
N ALA Z 250 95.70 -44.11 -13.43
CA ALA Z 250 94.74 -44.81 -14.25
C ALA Z 250 95.43 -45.91 -15.04
N GLY Z 251 94.63 -46.67 -15.78
CA GLY Z 251 95.15 -47.74 -16.61
C GLY Z 251 94.41 -47.78 -17.94
N THR Z 252 94.83 -48.71 -18.79
CA THR Z 252 94.19 -48.93 -20.07
C THR Z 252 93.47 -50.27 -20.14
N ALA Z 253 93.64 -51.14 -19.13
CA ALA Z 253 93.05 -52.46 -19.16
C ALA Z 253 91.55 -52.42 -18.95
N ILE Z 254 90.84 -53.31 -19.62
CA ILE Z 254 89.39 -53.39 -19.49
C ILE Z 254 88.93 -54.71 -18.88
N LEU Z 255 89.73 -55.76 -18.96
CA LEU Z 255 89.39 -57.06 -18.39
C LEU Z 255 90.60 -57.49 -17.57
N THR Z 256 90.54 -57.36 -16.26
CA THR Z 256 91.69 -57.71 -15.46
C THR Z 256 91.25 -58.62 -14.33
N PHE Z 257 92.20 -59.24 -13.66
CA PHE Z 257 91.91 -60.32 -12.73
C PHE Z 257 92.81 -60.22 -11.50
N LEU Z 258 92.86 -59.02 -10.91
CA LEU Z 258 93.68 -58.82 -9.72
C LEU Z 258 93.15 -59.60 -8.53
N GLY Z 259 91.85 -59.46 -8.26
CA GLY Z 259 91.28 -60.04 -7.06
C GLY Z 259 91.55 -59.18 -5.84
N GLY Z 260 90.61 -59.12 -4.90
CA GLY Z 260 90.81 -58.26 -3.76
C GLY Z 260 90.12 -56.93 -3.94
N PHE Z 261 90.61 -55.88 -3.31
CA PHE Z 261 89.89 -54.62 -3.29
C PHE Z 261 90.72 -53.48 -3.85
N HIS Z 262 90.00 -52.50 -4.37
CA HIS Z 262 90.58 -51.21 -4.72
C HIS Z 262 91.15 -50.57 -3.46
N PRO Z 263 92.32 -49.91 -3.55
CA PRO Z 263 92.96 -49.45 -2.30
C PRO Z 263 92.32 -48.22 -1.69
N GLN Z 264 91.54 -47.44 -2.46
CA GLN Z 264 90.90 -46.27 -1.87
C GLN Z 264 89.44 -46.53 -1.53
N THR Z 265 88.66 -46.96 -2.51
CA THR Z 265 87.22 -47.14 -2.29
C THR Z 265 86.92 -48.38 -1.44
N GLU Z 266 87.88 -49.29 -1.33
CA GLU Z 266 87.74 -50.57 -0.62
C GLU Z 266 86.57 -51.38 -1.17
N SER Z 267 86.37 -51.29 -2.48
CA SER Z 267 85.41 -52.09 -3.21
C SER Z 267 86.15 -52.96 -4.21
N LEU Z 268 85.41 -53.83 -4.87
CA LEU Z 268 86.00 -54.66 -5.90
C LEU Z 268 86.37 -53.81 -7.10
N TRP Z 269 87.41 -54.23 -7.82
CA TRP Z 269 87.84 -53.53 -9.01
C TRP Z 269 86.78 -53.64 -10.09
N LEU Z 270 86.55 -52.55 -10.82
CA LEU Z 270 85.59 -52.58 -11.91
C LEU Z 270 86.08 -53.40 -13.09
N THR Z 271 87.39 -53.57 -13.22
CA THR Z 271 87.91 -54.46 -14.25
C THR Z 271 87.73 -55.91 -13.87
N ASP Z 272 87.65 -56.21 -12.57
CA ASP Z 272 87.35 -57.58 -12.15
C ASP Z 272 85.90 -57.93 -12.42
N MET Z 273 84.99 -56.97 -12.21
CA MET Z 273 83.58 -57.21 -12.46
C MET Z 273 83.30 -57.33 -13.94
N ALA Z 274 84.13 -56.69 -14.78
CA ALA Z 274 83.91 -56.74 -16.21
C ALA Z 274 84.27 -58.10 -16.78
N HIS Z 275 85.37 -58.70 -16.33
CA HIS Z 275 85.69 -60.06 -16.74
C HIS Z 275 84.80 -61.07 -16.04
N HIS Z 276 84.15 -60.68 -14.94
CA HIS Z 276 83.23 -61.59 -14.26
C HIS Z 276 81.97 -61.78 -15.08
N HIS Z 277 81.22 -60.69 -15.30
CA HIS Z 277 79.95 -60.78 -16.01
C HIS Z 277 80.12 -61.13 -17.47
N LEU Z 278 81.32 -60.99 -18.02
CA LEU Z 278 81.62 -61.55 -19.33
C LEU Z 278 81.76 -63.06 -19.26
N ALA Z 279 82.44 -63.57 -18.23
CA ALA Z 279 82.62 -65.01 -18.09
C ALA Z 279 81.34 -65.70 -17.67
N ILE Z 280 80.52 -65.04 -16.86
CA ILE Z 280 79.20 -65.56 -16.53
C ILE Z 280 78.33 -65.65 -17.78
N ALA Z 281 78.50 -64.69 -18.71
CA ALA Z 281 77.68 -64.66 -19.91
C ALA Z 281 78.01 -65.81 -20.85
N VAL Z 282 79.28 -66.20 -20.92
CA VAL Z 282 79.65 -67.29 -21.79
C VAL Z 282 79.18 -68.61 -21.21
N LEU Z 283 79.25 -68.74 -19.88
CA LEU Z 283 78.79 -69.97 -19.22
C LEU Z 283 77.29 -70.16 -19.29
N PHE Z 284 76.52 -69.10 -19.53
CA PHE Z 284 75.07 -69.21 -19.59
C PHE Z 284 74.53 -69.35 -21.00
N ILE Z 285 75.17 -68.72 -22.00
CA ILE Z 285 74.74 -68.92 -23.38
C ILE Z 285 75.07 -70.33 -23.83
N VAL Z 286 76.17 -70.88 -23.33
CA VAL Z 286 76.46 -72.29 -23.56
C VAL Z 286 75.46 -73.18 -22.80
N ALA Z 287 75.06 -72.75 -21.61
CA ALA Z 287 74.06 -73.49 -20.85
C ALA Z 287 72.68 -73.43 -21.48
N GLY Z 288 72.39 -72.40 -22.25
CA GLY Z 288 71.10 -72.27 -22.89
C GLY Z 288 70.97 -72.96 -24.22
N HIS Z 289 71.96 -73.75 -24.62
CA HIS Z 289 71.89 -74.53 -25.85
C HIS Z 289 71.89 -76.02 -25.53
N MET Z 290 71.16 -76.40 -24.48
CA MET Z 290 71.18 -77.75 -23.95
C MET Z 290 69.87 -78.50 -24.15
N TYR Z 291 68.74 -77.82 -24.03
CA TYR Z 291 67.45 -78.50 -24.00
C TYR Z 291 66.80 -78.49 -25.38
N ARG Z 292 65.90 -79.46 -25.59
CA ARG Z 292 65.35 -79.73 -26.89
C ARG Z 292 64.16 -78.82 -27.19
N THR Z 293 64.22 -78.16 -28.33
CA THR Z 293 63.17 -77.30 -28.84
C THR Z 293 62.79 -77.84 -30.21
N ASN Z 294 62.10 -77.04 -31.03
CA ASN Z 294 61.63 -77.48 -32.35
C ASN Z 294 62.75 -77.74 -33.36
N PHE Z 295 64.03 -77.66 -32.98
CA PHE Z 295 65.13 -77.87 -33.90
C PHE Z 295 65.75 -79.25 -33.80
N GLY Z 296 65.06 -80.19 -33.13
CA GLY Z 296 65.43 -81.60 -33.18
C GLY Z 296 66.77 -81.96 -32.58
N ILE Z 297 67.27 -81.15 -31.67
CA ILE Z 297 68.58 -81.36 -31.06
C ILE Z 297 68.51 -80.91 -29.61
N GLY Z 298 69.26 -81.57 -28.75
CA GLY Z 298 69.35 -81.19 -27.36
C GLY Z 298 68.77 -82.24 -26.42
N HIS Z 299 69.04 -82.04 -25.14
CA HIS Z 299 68.54 -82.91 -24.09
C HIS Z 299 67.04 -82.71 -23.91
N SER Z 300 66.35 -83.77 -23.49
CA SER Z 300 64.92 -83.72 -23.22
C SER Z 300 64.67 -84.14 -21.79
N ILE Z 301 64.04 -83.26 -21.01
CA ILE Z 301 63.95 -83.46 -19.56
C ILE Z 301 63.00 -84.60 -19.23
N LYS Z 302 61.93 -84.76 -20.01
CA LYS Z 302 60.98 -85.84 -19.76
C LYS Z 302 61.61 -87.20 -20.05
N GLU Z 303 62.57 -87.24 -20.98
CA GLU Z 303 63.33 -88.46 -21.21
C GLU Z 303 64.44 -88.65 -20.19
N MET Z 304 64.93 -87.55 -19.61
CA MET Z 304 65.94 -87.69 -18.56
C MET Z 304 65.32 -88.19 -17.26
N MET Z 305 64.06 -87.86 -17.01
CA MET Z 305 63.39 -88.36 -15.82
C MET Z 305 63.01 -89.82 -15.97
N ASN Z 306 62.40 -90.17 -17.10
CA ASN Z 306 61.85 -91.50 -17.32
C ASN Z 306 62.88 -92.50 -17.80
N ALA Z 307 64.17 -92.15 -17.77
CA ALA Z 307 65.21 -93.07 -18.20
C ALA Z 307 65.44 -94.13 -17.14
N LYS Z 308 65.68 -95.36 -17.58
CA LYS Z 308 65.81 -96.51 -16.69
C LYS Z 308 67.06 -97.33 -16.98
N THR Z 309 67.96 -96.85 -17.83
CA THR Z 309 69.06 -97.69 -18.31
C THR Z 309 70.35 -96.89 -18.35
N PHE Z 310 71.31 -97.27 -17.52
CA PHE Z 310 72.61 -96.63 -17.44
C PHE Z 310 73.62 -97.52 -18.16
N PHE Z 311 73.82 -97.23 -19.46
CA PHE Z 311 74.81 -97.91 -20.31
C PHE Z 311 74.58 -99.42 -20.36
N GLY Z 312 73.32 -99.83 -20.50
CA GLY Z 312 72.95 -101.22 -20.52
C GLY Z 312 72.49 -101.75 -19.18
N LYS Z 313 73.06 -101.25 -18.09
CA LYS Z 313 72.63 -101.68 -16.76
C LYS Z 313 71.25 -101.16 -16.46
N PRO Z 314 70.29 -102.00 -16.10
CA PRO Z 314 68.98 -101.49 -15.68
C PRO Z 314 69.06 -100.88 -14.29
N VAL Z 315 68.50 -99.68 -14.14
CA VAL Z 315 68.45 -98.98 -12.88
C VAL Z 315 67.00 -98.57 -12.62
N GLU Z 316 66.79 -97.91 -11.49
CA GLU Z 316 65.48 -97.35 -11.17
C GLU Z 316 65.29 -95.95 -11.74
N GLY Z 317 66.37 -95.30 -12.16
CA GLY Z 317 66.30 -93.97 -12.72
C GLY Z 317 67.65 -93.30 -12.62
N PRO Z 318 67.68 -91.98 -12.70
CA PRO Z 318 68.94 -91.24 -12.52
C PRO Z 318 69.41 -91.35 -11.08
N PHE Z 319 70.72 -91.63 -10.91
CA PHE Z 319 71.37 -91.93 -9.63
C PHE Z 319 70.73 -93.17 -8.98
N ASN Z 320 70.19 -94.06 -9.82
CA ASN Z 320 69.38 -95.22 -9.44
C ASN Z 320 68.21 -94.84 -8.52
N MET Z 321 67.68 -93.63 -8.71
CA MET Z 321 66.58 -93.10 -7.92
C MET Z 321 65.40 -92.86 -8.83
N PRO Z 322 64.19 -93.26 -8.45
CA PRO Z 322 63.05 -93.10 -9.36
C PRO Z 322 62.61 -91.66 -9.47
N HIS Z 323 62.97 -90.98 -10.56
CA HIS Z 323 62.50 -89.63 -10.81
C HIS Z 323 61.44 -89.59 -11.90
N GLN Z 324 60.72 -90.68 -12.14
CA GLN Z 324 59.69 -90.65 -13.16
C GLN Z 324 58.46 -89.92 -12.65
N GLY Z 325 57.76 -89.24 -13.56
CA GLY Z 325 56.60 -88.47 -13.21
C GLY Z 325 56.87 -87.12 -12.57
N ILE Z 326 58.13 -86.79 -12.29
CA ILE Z 326 58.45 -85.51 -11.69
C ILE Z 326 58.35 -84.40 -12.73
N TYR Z 327 58.56 -84.72 -14.00
CA TYR Z 327 58.35 -83.74 -15.05
C TYR Z 327 56.88 -83.36 -15.19
N ASP Z 328 56.00 -84.33 -15.02
CA ASP Z 328 54.57 -84.06 -15.05
C ASP Z 328 54.04 -83.58 -13.71
N THR Z 329 54.91 -83.40 -12.72
CA THR Z 329 54.57 -82.89 -11.40
C THR Z 329 55.02 -81.46 -11.22
N TYR Z 330 56.24 -81.14 -11.66
CA TYR Z 330 56.71 -79.76 -11.72
C TYR Z 330 55.87 -78.96 -12.70
N ASN Z 331 55.72 -79.47 -13.91
CA ASN Z 331 55.22 -78.64 -15.00
C ASN Z 331 53.71 -78.49 -14.98
N ASN Z 332 52.97 -79.52 -14.55
CA ASN Z 332 51.52 -79.42 -14.51
C ASN Z 332 51.00 -78.56 -13.38
N SER Z 333 51.68 -78.53 -12.24
CA SER Z 333 51.26 -77.76 -11.09
C SER Z 333 51.93 -76.40 -11.10
N LEU Z 334 51.20 -75.39 -10.64
CA LEU Z 334 51.77 -74.06 -10.44
C LEU Z 334 52.22 -73.80 -9.02
N HIS Z 335 51.67 -74.53 -8.04
CA HIS Z 335 52.15 -74.40 -6.68
C HIS Z 335 53.41 -75.19 -6.43
N PHE Z 336 53.65 -76.24 -7.21
CA PHE Z 336 54.95 -76.90 -7.13
C PHE Z 336 56.04 -76.00 -7.69
N GLN Z 337 55.73 -75.28 -8.77
CA GLN Z 337 56.69 -74.33 -9.33
C GLN Z 337 56.91 -73.16 -8.38
N LEU Z 338 55.83 -72.57 -7.88
CA LEU Z 338 55.94 -71.41 -7.03
C LEU Z 338 56.56 -71.76 -5.69
N GLY Z 339 56.22 -72.93 -5.14
CA GLY Z 339 56.88 -73.39 -3.94
C GLY Z 339 58.34 -73.70 -4.15
N TRP Z 340 58.71 -74.14 -5.35
CA TRP Z 340 60.10 -74.45 -5.65
C TRP Z 340 60.92 -73.18 -5.79
N HIS Z 341 60.48 -72.26 -6.66
CA HIS Z 341 61.34 -71.14 -7.04
C HIS Z 341 61.48 -70.11 -5.93
N LEU Z 342 60.57 -70.11 -4.94
CA LEU Z 342 60.78 -69.27 -3.77
C LEU Z 342 61.90 -69.81 -2.91
N ALA Z 343 62.09 -71.13 -2.86
CA ALA Z 343 63.25 -71.71 -2.19
C ALA Z 343 64.52 -71.37 -2.93
N CYS Z 344 64.46 -71.34 -4.27
CA CYS Z 344 65.62 -70.97 -5.05
C CYS Z 344 65.94 -69.48 -4.90
N LEU Z 345 64.90 -68.65 -4.90
CA LEU Z 345 65.13 -67.23 -4.72
C LEU Z 345 65.40 -66.89 -3.26
N GLY Z 346 64.93 -67.73 -2.33
CA GLY Z 346 65.20 -67.49 -0.93
C GLY Z 346 66.61 -67.83 -0.52
N VAL Z 347 67.23 -68.80 -1.20
CA VAL Z 347 68.62 -69.12 -0.92
C VAL Z 347 69.53 -68.00 -1.40
N VAL Z 348 69.31 -67.53 -2.62
CA VAL Z 348 70.19 -66.53 -3.22
C VAL Z 348 70.02 -65.17 -2.57
N THR Z 349 68.86 -64.89 -1.98
CA THR Z 349 68.61 -63.58 -1.37
C THR Z 349 69.46 -63.38 -0.12
N SER Z 350 69.52 -64.40 0.73
CA SER Z 350 70.45 -64.39 1.85
C SER Z 350 71.88 -64.49 1.38
N TRP Z 351 72.11 -65.20 0.27
CA TRP Z 351 73.44 -65.34 -0.29
C TRP Z 351 73.93 -64.04 -0.90
N VAL Z 352 73.02 -63.18 -1.34
CA VAL Z 352 73.38 -61.81 -1.67
C VAL Z 352 73.89 -61.08 -0.44
N ALA Z 353 73.18 -61.20 0.68
CA ALA Z 353 73.49 -60.43 1.87
C ALA Z 353 74.79 -60.90 2.53
N GLN Z 354 75.10 -62.20 2.42
CA GLN Z 354 76.32 -62.72 3.02
C GLN Z 354 77.56 -62.25 2.30
N HIS Z 355 77.46 -61.89 1.03
CA HIS Z 355 78.62 -61.53 0.23
C HIS Z 355 78.72 -60.05 -0.07
N MET Z 356 77.83 -59.21 0.48
CA MET Z 356 77.91 -57.78 0.25
C MET Z 356 78.45 -56.99 1.42
N TYR Z 357 78.57 -57.58 2.61
CA TYR Z 357 79.28 -56.86 3.65
C TYR Z 357 80.76 -57.22 3.65
N SER Z 358 81.08 -58.47 3.30
CA SER Z 358 82.46 -58.92 3.26
C SER Z 358 83.14 -58.54 1.96
N LEU Z 359 82.41 -58.59 0.85
CA LEU Z 359 82.93 -58.21 -0.47
C LEU Z 359 82.12 -57.03 -0.98
N PRO Z 360 82.43 -55.81 -0.56
CA PRO Z 360 81.70 -54.65 -1.08
C PRO Z 360 82.09 -54.42 -2.53
N SER Z 361 81.10 -54.07 -3.34
CA SER Z 361 81.33 -53.83 -4.75
C SER Z 361 81.02 -52.41 -5.16
N TYR Z 362 80.75 -51.52 -4.21
CA TYR Z 362 80.33 -50.17 -4.53
C TYR Z 362 81.32 -49.20 -3.94
N ALA Z 363 81.55 -48.11 -4.67
CA ALA Z 363 82.54 -47.12 -4.27
C ALA Z 363 82.13 -46.43 -2.98
N PHE Z 364 83.02 -46.49 -1.99
CA PHE Z 364 82.91 -45.75 -0.73
C PHE Z 364 81.72 -46.21 0.10
N ILE Z 365 81.34 -47.49 -0.02
CA ILE Z 365 80.21 -48.01 0.74
C ILE Z 365 80.67 -48.73 2.00
N ALA Z 366 81.94 -49.11 2.10
CA ALA Z 366 82.46 -49.71 3.31
C ALA Z 366 82.68 -48.70 4.42
N LYS Z 367 82.73 -47.41 4.09
CA LYS Z 367 82.91 -46.38 5.10
C LYS Z 367 81.64 -45.62 5.44
N ASP Z 368 80.58 -45.79 4.67
CA ASP Z 368 79.27 -45.25 5.03
C ASP Z 368 78.51 -46.37 5.72
N TYR Z 369 78.52 -46.32 7.06
CA TYR Z 369 78.22 -47.47 7.89
C TYR Z 369 76.74 -47.82 7.89
N THR Z 370 75.87 -46.82 8.09
CA THR Z 370 74.44 -47.09 8.26
C THR Z 370 73.80 -47.58 6.97
N THR Z 371 74.33 -47.17 5.82
CA THR Z 371 73.86 -47.72 4.55
C THR Z 371 74.24 -49.18 4.41
N GLN Z 372 75.32 -49.61 5.08
CA GLN Z 372 75.75 -51.00 4.97
C GLN Z 372 75.07 -51.87 6.00
N ALA Z 373 74.74 -51.31 7.16
CA ALA Z 373 74.01 -52.07 8.18
C ALA Z 373 72.56 -52.29 7.77
N ALA Z 374 72.01 -51.41 6.94
CA ALA Z 374 70.63 -51.56 6.53
C ALA Z 374 70.48 -52.54 5.38
N LEU Z 375 71.46 -52.61 4.48
CA LEU Z 375 71.34 -53.49 3.32
C LEU Z 375 71.52 -54.95 3.70
N TYR Z 376 72.26 -55.24 4.76
CA TYR Z 376 72.35 -56.62 5.23
C TYR Z 376 71.03 -57.07 5.82
N THR Z 377 70.48 -56.27 6.73
CA THR Z 377 69.26 -56.62 7.44
C THR Z 377 68.04 -56.61 6.52
N HIS Z 378 68.06 -55.79 5.47
CA HIS Z 378 66.96 -55.78 4.53
C HIS Z 378 66.85 -57.09 3.79
N HIS Z 379 67.90 -57.46 3.05
CA HIS Z 379 67.86 -58.68 2.25
C HIS Z 379 67.92 -59.94 3.08
N GLN Z 380 68.22 -59.86 4.38
CA GLN Z 380 68.02 -61.02 5.24
C GLN Z 380 66.55 -61.24 5.54
N TYR Z 381 65.78 -60.17 5.85
CA TYR Z 381 64.37 -60.39 6.14
C TYR Z 381 63.58 -60.74 4.89
N ILE Z 382 64.02 -60.25 3.72
CA ILE Z 382 63.40 -60.66 2.47
C ILE Z 382 63.63 -62.15 2.24
N ALA Z 383 64.83 -62.64 2.55
CA ALA Z 383 65.13 -64.06 2.42
C ALA Z 383 64.36 -64.92 3.40
N ILE Z 384 63.86 -64.33 4.49
CA ILE Z 384 63.07 -65.05 5.47
C ILE Z 384 61.70 -65.40 4.90
N PHE Z 385 61.00 -64.42 4.34
CA PHE Z 385 59.67 -64.67 3.83
C PHE Z 385 59.70 -65.57 2.60
N LEU Z 386 60.74 -65.44 1.78
CA LEU Z 386 60.85 -66.27 0.57
C LEU Z 386 61.09 -67.73 0.92
N MET Z 387 61.68 -68.01 2.08
CA MET Z 387 61.85 -69.39 2.49
C MET Z 387 60.63 -69.94 3.22
N VAL Z 388 59.92 -69.11 3.97
CA VAL Z 388 58.69 -69.58 4.61
C VAL Z 388 57.60 -69.80 3.56
N GLY Z 389 57.55 -68.95 2.54
CA GLY Z 389 56.60 -69.15 1.47
C GLY Z 389 56.96 -70.26 0.53
N ALA Z 390 58.21 -70.70 0.54
CA ALA Z 390 58.60 -71.87 -0.23
C ALA Z 390 57.94 -73.12 0.33
N PHE Z 391 57.97 -73.27 1.66
CA PHE Z 391 57.29 -74.39 2.28
C PHE Z 391 55.79 -74.19 2.32
N ALA Z 392 55.34 -72.94 2.34
CA ALA Z 392 53.90 -72.67 2.35
C ALA Z 392 53.27 -73.05 1.03
N HIS Z 393 53.81 -72.54 -0.08
CA HIS Z 393 53.28 -72.91 -1.38
C HIS Z 393 53.69 -74.31 -1.79
N GLY Z 394 54.68 -74.90 -1.13
CA GLY Z 394 54.93 -76.31 -1.33
C GLY Z 394 53.90 -77.18 -0.67
N ALA Z 395 53.32 -76.71 0.44
CA ALA Z 395 52.28 -77.44 1.15
C ALA Z 395 50.90 -77.22 0.57
N ILE Z 396 50.68 -76.14 -0.19
CA ILE Z 396 49.44 -76.01 -0.94
C ILE Z 396 49.42 -77.00 -2.08
N PHE Z 397 50.61 -77.33 -2.62
CA PHE Z 397 50.73 -78.35 -3.65
C PHE Z 397 50.26 -79.71 -3.17
N LEU Z 398 50.65 -80.11 -1.95
CA LEU Z 398 50.31 -81.44 -1.48
C LEU Z 398 48.84 -81.58 -1.14
N VAL Z 399 48.18 -80.49 -0.75
CA VAL Z 399 46.75 -80.55 -0.50
C VAL Z 399 45.97 -80.56 -1.81
N ARG Z 400 46.26 -79.61 -2.68
CA ARG Z 400 45.38 -79.29 -3.81
C ARG Z 400 45.81 -79.99 -5.10
N ASP Z 401 47.08 -79.82 -5.48
CA ASP Z 401 47.53 -80.25 -6.80
C ASP Z 401 48.08 -81.66 -6.85
N TYR Z 402 48.46 -82.24 -5.71
CA TYR Z 402 49.18 -83.50 -5.69
C TYR Z 402 48.30 -84.68 -6.05
N ASP Z 403 48.85 -85.58 -6.85
CA ASP Z 403 48.15 -86.79 -7.29
C ASP Z 403 49.06 -87.97 -7.00
N PRO Z 404 48.68 -88.88 -6.10
CA PRO Z 404 49.58 -89.98 -5.75
C PRO Z 404 49.69 -91.05 -6.82
N GLU Z 405 48.77 -91.11 -7.78
CA GLU Z 405 48.83 -92.14 -8.81
C GLU Z 405 49.83 -91.78 -9.90
N GLN Z 406 49.83 -90.52 -10.34
CA GLN Z 406 50.86 -90.04 -11.26
C GLN Z 406 52.23 -90.04 -10.62
N ASN Z 407 52.30 -89.77 -9.32
CA ASN Z 407 53.54 -89.73 -8.56
C ASN Z 407 53.77 -91.03 -7.80
N LYS Z 408 53.43 -92.17 -8.37
CA LYS Z 408 53.52 -93.43 -7.63
C LYS Z 408 54.89 -94.06 -7.80
N GLY Z 409 55.53 -94.37 -6.68
CA GLY Z 409 56.79 -95.07 -6.67
C GLY Z 409 58.03 -94.20 -6.84
N ASN Z 410 57.86 -92.91 -7.09
CA ASN Z 410 59.01 -92.06 -7.39
C ASN Z 410 59.64 -91.54 -6.09
N VAL Z 411 60.54 -90.57 -6.21
CA VAL Z 411 61.26 -90.10 -5.04
C VAL Z 411 60.38 -89.22 -4.17
N LEU Z 412 59.38 -88.56 -4.75
CA LEU Z 412 58.51 -87.73 -3.94
C LEU Z 412 57.46 -88.57 -3.24
N GLU Z 413 57.21 -89.78 -3.71
CA GLU Z 413 56.38 -90.71 -2.97
C GLU Z 413 57.13 -91.32 -1.80
N ARG Z 414 58.43 -91.59 -1.97
CA ARG Z 414 59.20 -92.22 -0.92
C ARG Z 414 59.49 -91.30 0.25
N VAL Z 415 59.38 -89.98 0.06
CA VAL Z 415 59.50 -89.07 1.20
C VAL Z 415 58.24 -89.16 2.07
N LEU Z 416 57.08 -89.29 1.44
CA LEU Z 416 55.84 -89.39 2.21
C LEU Z 416 55.68 -90.71 2.93
N GLN Z 417 56.45 -91.74 2.57
CA GLN Z 417 56.45 -92.96 3.37
C GLN Z 417 57.18 -92.77 4.68
N HIS Z 418 58.45 -92.32 4.63
CA HIS Z 418 59.25 -92.27 5.84
C HIS Z 418 59.19 -90.90 6.52
N LYS Z 419 58.05 -90.22 6.41
CA LYS Z 419 57.90 -88.87 6.93
C LYS Z 419 57.92 -88.82 8.46
N GLU Z 420 57.60 -89.91 9.14
CA GLU Z 420 57.73 -89.91 10.59
C GLU Z 420 59.18 -90.06 11.03
N ALA Z 421 60.06 -90.51 10.15
CA ALA Z 421 61.48 -90.54 10.44
C ALA Z 421 62.15 -89.21 10.17
N ILE Z 422 61.59 -88.41 9.27
CA ILE Z 422 62.12 -87.08 9.01
C ILE Z 422 61.81 -86.15 10.17
N ILE Z 423 60.55 -86.17 10.64
CA ILE Z 423 60.11 -85.27 11.69
C ILE Z 423 60.73 -85.64 13.03
N SER Z 424 60.98 -86.93 13.26
CA SER Z 424 61.61 -87.36 14.51
C SER Z 424 63.04 -86.87 14.62
N HIS Z 425 63.85 -87.08 13.59
CA HIS Z 425 65.22 -86.62 13.63
C HIS Z 425 65.35 -85.11 13.45
N LEU Z 426 64.34 -84.43 12.92
CA LEU Z 426 64.29 -82.97 13.02
C LEU Z 426 63.93 -82.52 14.42
N SER Z 427 63.03 -83.24 15.09
CA SER Z 427 62.72 -82.95 16.48
C SER Z 427 63.89 -83.26 17.40
N TRP Z 428 64.81 -84.14 16.99
CA TRP Z 428 65.95 -84.44 17.83
C TRP Z 428 66.95 -83.29 17.84
N VAL Z 429 67.34 -82.80 16.66
CA VAL Z 429 68.38 -81.78 16.53
C VAL Z 429 67.91 -80.45 17.13
N SER Z 430 66.61 -80.15 17.03
CA SER Z 430 66.07 -78.96 17.64
C SER Z 430 66.18 -79.02 19.16
N LEU Z 431 65.91 -80.19 19.74
CA LEU Z 431 66.06 -80.38 21.18
C LEU Z 431 67.51 -80.62 21.59
N PHE Z 432 68.31 -81.26 20.73
CA PHE Z 432 69.70 -81.49 21.07
C PHE Z 432 70.51 -80.21 21.07
N LEU Z 433 70.18 -79.26 20.19
CA LEU Z 433 70.85 -77.97 20.22
C LEU Z 433 70.33 -77.09 21.34
N GLY Z 434 69.00 -77.03 21.50
CA GLY Z 434 68.41 -76.10 22.46
C GLY Z 434 68.71 -76.44 23.90
N PHE Z 435 68.75 -77.73 24.24
CA PHE Z 435 69.09 -78.14 25.59
C PHE Z 435 70.53 -77.83 25.94
N HIS Z 436 71.41 -77.74 24.95
CA HIS Z 436 72.82 -77.55 25.22
C HIS Z 436 73.38 -76.20 24.78
N THR Z 437 72.62 -75.42 24.01
CA THR Z 437 73.06 -74.05 23.70
C THR Z 437 72.54 -73.08 24.75
N LEU Z 438 71.25 -73.19 25.09
CA LEU Z 438 70.71 -72.45 26.22
C LEU Z 438 71.39 -72.85 27.52
N GLY Z 439 71.78 -74.11 27.65
CA GLY Z 439 72.49 -74.55 28.83
C GLY Z 439 73.83 -73.86 29.01
N LEU Z 440 74.53 -73.57 27.91
CA LEU Z 440 75.84 -72.95 28.05
C LEU Z 440 75.78 -71.44 28.16
N TYR Z 441 74.68 -70.80 27.76
CA TYR Z 441 74.55 -69.38 28.06
C TYR Z 441 74.20 -69.16 29.51
N VAL Z 442 73.27 -69.96 30.04
CA VAL Z 442 72.85 -69.85 31.43
C VAL Z 442 73.98 -70.29 32.36
N HIS Z 443 74.79 -71.25 31.92
CA HIS Z 443 76.01 -71.60 32.66
C HIS Z 443 76.95 -70.40 32.73
N ASN Z 444 77.13 -69.70 31.62
CA ASN Z 444 78.03 -68.54 31.62
C ASN Z 444 77.41 -67.36 32.32
N ASP Z 445 76.07 -67.29 32.38
CA ASP Z 445 75.41 -66.20 33.09
C ASP Z 445 75.58 -66.33 34.58
N VAL Z 446 75.39 -67.53 35.12
CA VAL Z 446 75.52 -67.75 36.56
C VAL Z 446 76.97 -67.60 37.00
N VAL Z 447 77.88 -68.09 36.19
CA VAL Z 447 79.31 -68.08 36.51
C VAL Z 447 79.87 -66.67 36.54
N VAL Z 448 79.45 -65.81 35.62
CA VAL Z 448 79.88 -64.42 35.65
C VAL Z 448 79.20 -63.67 36.80
N ALA Z 449 77.92 -63.98 37.06
CA ALA Z 449 77.19 -63.32 38.13
C ALA Z 449 77.78 -63.60 39.50
N PHE Z 450 78.36 -64.77 39.69
CA PHE Z 450 78.99 -65.12 40.95
C PHE Z 450 80.42 -64.61 41.05
N GLY Z 451 80.83 -63.71 40.18
CA GLY Z 451 82.11 -63.04 40.30
C GLY Z 451 83.31 -63.87 39.91
N THR Z 452 83.12 -65.09 39.41
CA THR Z 452 84.20 -65.98 39.03
C THR Z 452 84.08 -66.32 37.55
N PRO Z 453 84.35 -65.37 36.65
CA PRO Z 453 84.01 -65.58 35.23
C PRO Z 453 84.94 -66.54 34.49
N GLU Z 454 86.02 -66.99 35.12
CA GLU Z 454 86.93 -67.95 34.51
C GLU Z 454 86.33 -69.34 34.39
N LYS Z 455 85.24 -69.62 35.08
CA LYS Z 455 84.59 -70.92 35.01
C LYS Z 455 83.63 -71.03 33.83
N GLN Z 456 83.68 -70.08 32.90
CA GLN Z 456 82.92 -70.12 31.67
C GLN Z 456 83.34 -71.31 30.79
N ILE Z 457 82.37 -71.83 30.05
CA ILE Z 457 82.62 -72.89 29.07
C ILE Z 457 82.74 -72.20 27.72
N LEU Z 458 83.98 -71.92 27.32
CA LEU Z 458 84.28 -71.20 26.08
C LEU Z 458 84.93 -72.17 25.10
N ILE Z 459 84.36 -72.27 23.92
CA ILE Z 459 84.86 -73.18 22.89
C ILE Z 459 85.30 -72.34 21.71
N GLU Z 460 86.56 -72.48 21.31
CA GLU Z 460 87.01 -71.88 20.07
C GLU Z 460 86.36 -72.58 18.89
N PRO Z 461 85.94 -71.85 17.87
CA PRO Z 461 85.33 -72.51 16.70
C PRO Z 461 86.37 -73.08 15.76
N VAL Z 462 87.04 -74.16 16.19
CA VAL Z 462 88.25 -74.65 15.54
C VAL Z 462 87.98 -75.30 14.19
N PHE Z 463 86.73 -75.45 13.81
CA PHE Z 463 86.41 -75.97 12.49
C PHE Z 463 86.11 -74.87 11.49
N ALA Z 464 85.84 -73.66 11.96
CA ALA Z 464 85.80 -72.48 11.12
C ALA Z 464 87.00 -71.59 11.30
N GLN Z 465 87.82 -71.83 12.33
CA GLN Z 465 89.18 -71.28 12.35
C GLN Z 465 89.99 -71.80 11.18
N PHE Z 466 89.78 -73.07 10.84
CA PHE Z 466 90.57 -73.73 9.80
C PHE Z 466 90.26 -73.18 8.43
N ILE Z 467 88.97 -72.97 8.12
CA ILE Z 467 88.55 -72.55 6.79
C ILE Z 467 89.07 -71.15 6.48
N GLN Z 468 89.08 -70.26 7.48
CA GLN Z 468 89.64 -68.94 7.28
C GLN Z 468 91.15 -69.00 7.14
N ALA Z 469 91.79 -70.00 7.74
CA ALA Z 469 93.21 -70.22 7.49
C ALA Z 469 93.46 -71.09 6.27
N ALA Z 470 92.48 -71.86 5.82
CA ALA Z 470 92.55 -72.54 4.54
C ALA Z 470 92.11 -71.64 3.39
N HIS Z 471 91.86 -70.37 3.67
CA HIS Z 471 91.63 -69.37 2.64
C HIS Z 471 92.68 -68.28 2.66
N GLY Z 472 93.59 -68.30 3.64
CA GLY Z 472 94.75 -67.46 3.57
C GLY Z 472 94.92 -66.44 4.67
N LYS Z 473 94.40 -66.71 5.86
CA LYS Z 473 94.58 -65.81 6.99
C LYS Z 473 95.73 -66.30 7.86
N VAL Z 474 96.76 -65.47 7.98
CA VAL Z 474 97.95 -65.83 8.75
C VAL Z 474 97.69 -65.68 10.25
N LEU Z 475 96.61 -64.99 10.63
CA LEU Z 475 96.40 -64.51 11.99
C LEU Z 475 96.23 -65.64 13.01
N TYR Z 476 95.88 -66.85 12.57
CA TYR Z 476 95.74 -67.93 13.52
C TYR Z 476 96.92 -68.89 13.54
N GLY Z 477 97.72 -68.92 12.47
CA GLY Z 477 98.87 -69.79 12.43
C GLY Z 477 98.55 -71.27 12.26
N LEU Z 478 97.55 -71.59 11.44
CA LEU Z 478 97.30 -72.99 11.12
C LEU Z 478 98.25 -73.50 10.05
N ASP Z 479 98.62 -72.62 9.10
CA ASP Z 479 99.62 -72.86 8.06
C ASP Z 479 99.23 -74.05 7.17
N THR Z 480 98.07 -73.89 6.53
CA THR Z 480 97.59 -74.79 5.48
C THR Z 480 97.10 -73.97 4.31
N LEU Z 481 97.09 -74.60 3.12
CA LEU Z 481 96.12 -74.39 2.04
C LEU Z 481 95.84 -72.92 1.73
N LEU Z 482 96.81 -72.27 1.09
CA LEU Z 482 96.90 -70.87 0.66
C LEU Z 482 97.34 -69.96 1.80
N SER Z 483 97.50 -70.48 3.01
CA SER Z 483 98.32 -69.82 4.01
C SER Z 483 99.63 -70.54 4.22
N ASN Z 484 99.76 -71.75 3.71
CA ASN Z 484 101.03 -72.45 3.62
C ASN Z 484 101.63 -72.11 2.27
N PRO Z 485 102.71 -71.32 2.21
CA PRO Z 485 103.27 -70.95 0.90
C PRO Z 485 104.00 -72.08 0.19
N ASP Z 486 104.11 -73.26 0.80
CA ASP Z 486 104.66 -74.45 0.15
C ASP Z 486 103.57 -75.38 -0.37
N SER Z 487 102.32 -74.96 -0.31
CA SER Z 487 101.23 -75.87 -0.62
C SER Z 487 101.07 -76.04 -2.12
N VAL Z 488 100.47 -77.17 -2.50
CA VAL Z 488 100.13 -77.39 -3.89
C VAL Z 488 98.98 -76.48 -4.30
N ALA Z 489 98.06 -76.23 -3.38
CA ALA Z 489 96.95 -75.32 -3.65
C ALA Z 489 97.40 -73.87 -3.69
N TYR Z 490 98.47 -73.53 -2.97
CA TYR Z 490 98.97 -72.17 -2.99
C TYR Z 490 99.66 -71.86 -4.31
N THR Z 491 100.40 -72.84 -4.84
CA THR Z 491 101.22 -72.58 -6.01
C THR Z 491 100.53 -72.91 -7.32
N ALA Z 492 99.50 -73.77 -7.28
CA ALA Z 492 98.83 -74.32 -8.47
C ALA Z 492 99.85 -75.01 -9.38
N TYR Z 493 100.37 -76.13 -8.84
CA TYR Z 493 101.62 -76.74 -9.28
C TYR Z 493 101.83 -76.99 -10.77
N PRO Z 494 100.86 -77.49 -11.58
CA PRO Z 494 101.21 -77.68 -13.00
C PRO Z 494 101.27 -76.40 -13.81
N ASN Z 495 100.49 -75.38 -13.44
CA ASN Z 495 100.31 -74.21 -14.31
C ASN Z 495 100.65 -72.86 -13.69
N TYR Z 496 100.67 -72.75 -12.36
CA TYR Z 496 101.07 -71.54 -11.61
C TYR Z 496 100.23 -70.32 -11.94
N ALA Z 497 98.95 -70.52 -12.27
CA ALA Z 497 98.11 -69.44 -12.81
C ALA Z 497 97.27 -68.75 -11.74
N ASN Z 498 97.73 -68.70 -10.50
CA ASN Z 498 97.04 -67.98 -9.43
C ASN Z 498 97.27 -66.49 -9.62
N VAL Z 499 96.51 -65.90 -10.54
CA VAL Z 499 96.61 -64.46 -10.76
C VAL Z 499 95.89 -63.72 -9.65
N TRP Z 500 94.77 -64.27 -9.18
CA TRP Z 500 93.96 -63.61 -8.16
C TRP Z 500 94.64 -63.57 -6.80
N LEU Z 501 95.51 -64.52 -6.54
CA LEU Z 501 96.00 -64.82 -5.20
C LEU Z 501 96.90 -63.76 -4.54
N PRO Z 502 97.81 -63.05 -5.23
CA PRO Z 502 98.48 -61.93 -4.54
C PRO Z 502 97.56 -60.80 -4.14
N GLY Z 503 96.48 -60.55 -4.90
CA GLY Z 503 95.52 -59.55 -4.50
C GLY Z 503 94.50 -60.03 -3.49
N TRP Z 504 94.28 -61.34 -3.43
CA TRP Z 504 93.36 -61.88 -2.43
C TRP Z 504 93.99 -61.88 -1.04
N LEU Z 505 95.27 -62.28 -0.95
CA LEU Z 505 95.91 -62.37 0.35
C LEU Z 505 96.23 -61.02 0.95
N ASP Z 506 96.26 -59.96 0.15
CA ASP Z 506 96.36 -58.63 0.72
C ASP Z 506 95.06 -58.21 1.38
N ALA Z 507 93.93 -58.60 0.78
CA ALA Z 507 92.63 -58.21 1.32
C ALA Z 507 92.27 -58.99 2.57
N ILE Z 508 92.54 -60.30 2.60
CA ILE Z 508 92.09 -61.12 3.71
C ILE Z 508 92.98 -60.94 4.94
N ASN Z 509 94.21 -60.47 4.77
CA ASN Z 509 95.13 -60.32 5.88
C ASN Z 509 95.17 -58.91 6.44
N SER Z 510 94.27 -58.04 6.03
CA SER Z 510 94.17 -56.71 6.61
C SER Z 510 93.03 -56.70 7.62
N GLY Z 511 93.19 -55.91 8.68
CA GLY Z 511 92.17 -55.81 9.69
C GLY Z 511 91.29 -54.59 9.50
N THR Z 512 91.21 -54.12 8.26
CA THR Z 512 90.46 -52.92 7.93
C THR Z 512 89.27 -53.19 7.02
N ASN Z 513 88.77 -54.42 7.01
CA ASN Z 513 87.60 -54.73 6.21
C ASN Z 513 86.81 -55.84 6.89
N SER Z 514 85.64 -56.14 6.32
CA SER Z 514 84.78 -57.19 6.83
C SER Z 514 85.01 -58.51 6.14
N LEU Z 515 86.16 -58.68 5.49
CA LEU Z 515 86.46 -59.89 4.74
C LEU Z 515 87.00 -60.94 5.69
N PHE Z 516 86.17 -61.97 5.97
CA PHE Z 516 86.50 -63.09 6.85
C PHE Z 516 86.94 -62.59 8.23
N LEU Z 517 85.96 -62.07 8.95
CA LEU Z 517 86.18 -61.46 10.25
C LEU Z 517 86.79 -62.45 11.24
N THR Z 518 87.56 -61.90 12.18
CA THR Z 518 88.20 -62.72 13.20
C THR Z 518 87.16 -63.27 14.16
N ILE Z 519 87.15 -64.58 14.35
CA ILE Z 519 86.12 -65.23 15.14
C ILE Z 519 86.73 -65.81 16.40
N GLY Z 520 85.90 -65.91 17.43
CA GLY Z 520 86.32 -66.39 18.73
C GLY Z 520 85.21 -67.16 19.41
N PRO Z 521 85.31 -67.37 20.73
CA PRO Z 521 84.33 -68.21 21.43
C PRO Z 521 82.95 -67.59 21.52
N GLY Z 522 82.82 -66.28 21.39
CA GLY Z 522 81.51 -65.69 21.32
C GLY Z 522 80.78 -66.01 20.02
N ASP Z 523 81.53 -66.30 18.96
CA ASP Z 523 80.93 -66.65 17.69
C ASP Z 523 80.62 -68.12 17.58
N PHE Z 524 81.15 -68.93 18.49
CA PHE Z 524 80.80 -70.35 18.53
C PHE Z 524 79.34 -70.54 18.92
N LEU Z 525 78.91 -69.84 19.97
CA LEU Z 525 77.60 -70.08 20.53
C LEU Z 525 76.48 -69.55 19.65
N VAL Z 526 76.74 -68.48 18.91
CA VAL Z 526 75.67 -67.88 18.14
C VAL Z 526 75.43 -68.61 16.82
N HIS Z 527 76.47 -69.19 16.19
CA HIS Z 527 76.23 -70.02 15.02
C HIS Z 527 75.53 -71.32 15.39
N HIS Z 528 75.75 -71.85 16.59
CA HIS Z 528 74.92 -72.95 17.04
C HIS Z 528 73.55 -72.49 17.52
N ALA Z 529 73.39 -71.19 17.81
CA ALA Z 529 72.05 -70.66 18.08
C ALA Z 529 71.30 -70.41 16.79
N ILE Z 530 72.02 -70.04 15.72
CA ILE Z 530 71.42 -69.95 14.39
C ILE Z 530 70.97 -71.32 13.92
N ALA Z 531 71.80 -72.34 14.14
CA ALA Z 531 71.46 -73.70 13.74
C ALA Z 531 70.29 -74.24 14.54
N LEU Z 532 70.08 -73.72 15.75
CA LEU Z 532 68.85 -74.00 16.47
C LEU Z 532 67.64 -73.42 15.75
N GLY Z 533 67.79 -72.22 15.19
CA GLY Z 533 66.66 -71.57 14.54
C GLY Z 533 66.36 -72.08 13.15
N LEU Z 534 67.35 -72.61 12.45
CA LEU Z 534 67.09 -73.13 11.12
C LEU Z 534 66.47 -74.52 11.16
N HIS Z 535 66.97 -75.39 12.04
CA HIS Z 535 66.39 -76.72 12.15
C HIS Z 535 65.03 -76.72 12.84
N THR Z 536 64.67 -75.66 13.57
CA THR Z 536 63.38 -75.63 14.23
C THR Z 536 62.31 -75.00 13.36
N THR Z 537 62.67 -73.98 12.60
CA THR Z 537 61.74 -73.40 11.63
C THR Z 537 61.45 -74.40 10.52
N THR Z 538 62.46 -75.16 10.12
CA THR Z 538 62.27 -76.22 9.13
C THR Z 538 61.39 -77.33 9.69
N LEU Z 539 61.52 -77.61 10.99
CA LEU Z 539 60.70 -78.62 11.63
C LEU Z 539 59.21 -78.32 11.51
N ILE Z 540 58.84 -77.06 11.69
CA ILE Z 540 57.43 -76.69 11.65
C ILE Z 540 56.91 -76.73 10.22
N LEU Z 541 57.73 -76.29 9.28
CA LEU Z 541 57.33 -76.15 7.89
C LEU Z 541 57.27 -77.50 7.17
N VAL Z 542 58.23 -78.38 7.45
CA VAL Z 542 58.24 -79.70 6.82
C VAL Z 542 57.11 -80.56 7.38
N LYS Z 543 56.90 -80.51 8.70
CA LYS Z 543 55.84 -81.28 9.32
C LYS Z 543 54.46 -80.80 8.88
N GLY Z 544 54.32 -79.50 8.62
CA GLY Z 544 53.07 -79.03 8.06
C GLY Z 544 52.93 -79.36 6.59
N ALA Z 545 54.05 -79.51 5.88
CA ALA Z 545 53.98 -79.94 4.50
C ALA Z 545 53.65 -81.41 4.40
N LEU Z 546 54.30 -82.25 5.21
CA LEU Z 546 54.13 -83.69 5.05
C LEU Z 546 52.80 -84.18 5.63
N ASP Z 547 52.36 -83.62 6.76
CA ASP Z 547 51.07 -83.97 7.35
C ASP Z 547 49.92 -83.18 6.75
N ALA Z 548 50.11 -82.55 5.60
CA ALA Z 548 49.05 -81.74 5.01
C ALA Z 548 47.93 -82.57 4.41
N ARG Z 549 48.17 -83.85 4.13
CA ARG Z 549 47.15 -84.69 3.54
C ARG Z 549 46.47 -85.59 4.55
N GLY Z 550 46.69 -85.38 5.83
CA GLY Z 550 46.00 -86.15 6.85
C GLY Z 550 46.95 -86.94 7.72
N SER Z 551 46.46 -87.33 8.89
CA SER Z 551 47.25 -88.08 9.86
C SER Z 551 46.29 -88.78 10.83
N LYS Z 552 46.82 -89.20 11.98
CA LYS Z 552 46.06 -90.00 12.93
C LYS Z 552 44.96 -89.22 13.62
N LEU Z 553 45.27 -88.03 14.13
CA LEU Z 553 44.25 -87.20 14.81
C LEU Z 553 43.19 -86.74 13.84
N MET Z 554 43.55 -86.48 12.60
CA MET Z 554 42.58 -86.10 11.61
C MET Z 554 43.01 -86.61 10.25
N PRO Z 555 42.43 -87.70 9.76
CA PRO Z 555 42.58 -88.04 8.35
C PRO Z 555 41.83 -87.06 7.47
N ASP Z 556 41.90 -87.32 6.16
CA ASP Z 556 41.36 -86.57 5.02
C ASP Z 556 41.33 -85.04 5.21
N LYS Z 557 42.47 -84.48 5.63
CA LYS Z 557 42.62 -83.03 5.73
C LYS Z 557 42.65 -82.37 4.35
N LYS Z 558 42.83 -83.16 3.29
CA LYS Z 558 42.77 -82.63 1.94
C LYS Z 558 41.35 -82.26 1.53
N ASP Z 559 40.34 -82.81 2.20
CA ASP Z 559 38.96 -82.50 1.86
C ASP Z 559 38.54 -81.14 2.38
N PHE Z 560 39.32 -80.55 3.29
CA PHE Z 560 38.99 -79.29 3.93
C PHE Z 560 39.81 -78.13 3.41
N GLY Z 561 40.64 -78.35 2.40
CA GLY Z 561 41.43 -77.28 1.84
C GLY Z 561 42.66 -77.00 2.67
N TYR Z 562 43.24 -75.83 2.44
CA TYR Z 562 44.49 -75.46 3.07
C TYR Z 562 44.30 -74.69 4.36
N ALA Z 563 43.35 -73.76 4.41
CA ALA Z 563 43.14 -72.93 5.58
C ALA Z 563 41.72 -73.16 6.11
N PHE Z 564 41.62 -73.95 7.17
CA PHE Z 564 40.40 -74.14 7.93
C PHE Z 564 40.75 -74.08 9.40
N PRO Z 565 39.83 -73.61 10.28
CA PRO Z 565 40.21 -73.34 11.67
C PRO Z 565 40.60 -74.57 12.47
N CYS Z 566 39.67 -75.52 12.56
CA CYS Z 566 39.82 -76.68 13.43
C CYS Z 566 38.81 -77.73 12.98
N ASP Z 567 38.65 -78.76 13.79
CA ASP Z 567 37.62 -79.78 13.57
C ASP Z 567 36.75 -79.91 14.82
N GLY Z 568 36.75 -78.90 15.68
CA GLY Z 568 35.88 -78.89 16.82
C GLY Z 568 36.62 -79.17 18.10
N PRO Z 569 35.90 -79.23 19.21
CA PRO Z 569 36.51 -79.64 20.48
C PRO Z 569 36.60 -81.15 20.63
N GLY Z 570 36.10 -81.91 19.67
CA GLY Z 570 36.16 -83.35 19.77
C GLY Z 570 37.56 -83.89 19.62
N ARG Z 571 37.72 -85.14 20.08
CA ARG Z 571 38.99 -85.86 20.10
C ARG Z 571 40.06 -85.11 20.88
N GLY Z 572 39.64 -84.43 21.93
CA GLY Z 572 40.53 -83.57 22.68
C GLY Z 572 40.68 -82.18 22.13
N GLY Z 573 40.09 -81.89 20.98
CA GLY Z 573 40.23 -80.59 20.37
C GLY Z 573 41.28 -80.58 19.28
N THR Z 574 41.09 -79.70 18.30
CA THR Z 574 41.97 -79.67 17.14
C THR Z 574 42.35 -78.24 16.79
N CYS Z 575 42.65 -77.43 17.79
CA CYS Z 575 43.02 -76.04 17.53
C CYS Z 575 44.36 -75.95 16.84
N ASP Z 576 44.42 -75.18 15.74
CA ASP Z 576 45.61 -75.02 14.88
C ASP Z 576 46.10 -76.35 14.32
N ILE Z 577 45.19 -77.06 13.65
CA ILE Z 577 45.53 -78.37 13.09
C ILE Z 577 45.87 -78.30 11.60
N SER Z 578 45.41 -77.28 10.88
CA SER Z 578 45.50 -77.27 9.43
C SER Z 578 46.92 -77.03 8.96
N ALA Z 579 47.16 -77.30 7.68
CA ALA Z 579 48.46 -77.05 7.09
C ALA Z 579 48.77 -75.56 7.00
N TRP Z 580 47.75 -74.71 6.97
CA TRP Z 580 47.97 -73.27 7.06
C TRP Z 580 48.50 -72.89 8.43
N ASP Z 581 48.10 -73.63 9.47
CA ASP Z 581 48.47 -73.28 10.82
C ASP Z 581 49.93 -73.60 11.12
N SER Z 582 50.56 -74.40 10.27
CA SER Z 582 51.98 -74.68 10.42
C SER Z 582 52.84 -73.74 9.60
N PHE Z 583 52.27 -73.11 8.57
CA PHE Z 583 52.82 -71.85 8.11
C PHE Z 583 52.83 -70.83 9.22
N TYR Z 584 51.75 -70.79 9.99
CA TYR Z 584 51.51 -69.70 10.91
C TYR Z 584 52.49 -69.70 12.09
N LEU Z 585 52.75 -70.89 12.65
CA LEU Z 585 53.63 -70.97 13.81
C LEU Z 585 55.07 -70.68 13.42
N SER Z 586 55.43 -70.96 12.17
CA SER Z 586 56.82 -70.86 11.74
C SER Z 586 57.29 -69.44 11.55
N LEU Z 587 56.38 -68.51 11.26
CA LEU Z 587 56.81 -67.14 11.02
C LEU Z 587 57.12 -66.40 12.32
N PHE Z 588 56.78 -66.98 13.48
CA PHE Z 588 57.33 -66.48 14.74
C PHE Z 588 58.79 -66.88 14.87
N TRP Z 589 59.12 -68.11 14.45
CA TRP Z 589 60.49 -68.59 14.51
C TRP Z 589 61.36 -67.93 13.45
N ALA Z 590 60.80 -67.71 12.27
CA ALA Z 590 61.57 -67.15 11.18
C ALA Z 590 61.92 -65.69 11.45
N LEU Z 591 61.02 -64.94 12.06
CA LEU Z 591 61.35 -63.61 12.54
C LEU Z 591 62.29 -63.64 13.72
N ASN Z 592 62.21 -64.69 14.53
CA ASN Z 592 63.12 -64.84 15.66
C ASN Z 592 64.54 -65.11 15.20
N THR Z 593 64.71 -66.11 14.34
CA THR Z 593 66.03 -66.55 13.91
C THR Z 593 66.77 -65.45 13.18
N VAL Z 594 66.06 -64.68 12.38
CA VAL Z 594 66.69 -63.57 11.71
C VAL Z 594 66.93 -62.41 12.67
N GLY Z 595 66.25 -62.41 13.82
CA GLY Z 595 66.68 -61.50 14.87
C GLY Z 595 68.05 -61.86 15.37
N TRP Z 596 68.25 -63.15 15.67
CA TRP Z 596 69.54 -63.65 16.15
C TRP Z 596 70.66 -63.43 15.14
N VAL Z 597 70.39 -63.63 13.85
CA VAL Z 597 71.44 -63.42 12.85
C VAL Z 597 71.71 -61.96 12.58
N THR Z 598 70.80 -61.06 12.98
CA THR Z 598 71.01 -59.64 12.78
C THR Z 598 71.27 -58.87 14.07
N PHE Z 599 70.97 -59.44 15.23
CA PHE Z 599 71.57 -58.90 16.44
C PHE Z 599 73.05 -59.20 16.48
N TYR Z 600 73.42 -60.41 16.07
CA TYR Z 600 74.83 -60.81 16.06
C TYR Z 600 75.63 -60.13 14.95
N TRP Z 601 75.00 -59.89 13.79
CA TRP Z 601 75.69 -59.13 12.75
C TRP Z 601 75.98 -57.72 13.22
N HIS Z 602 75.00 -57.10 13.88
CA HIS Z 602 75.07 -55.68 14.16
C HIS Z 602 76.05 -55.38 15.28
N TRP Z 603 76.15 -56.26 16.26
CA TRP Z 603 76.97 -55.98 17.42
C TRP Z 603 78.43 -56.39 17.21
N LYS Z 604 78.70 -57.30 16.28
CA LYS Z 604 80.10 -57.58 15.95
C LYS Z 604 80.69 -56.42 15.16
N HIS Z 605 79.87 -55.74 14.35
CA HIS Z 605 80.36 -54.63 13.56
C HIS Z 605 80.39 -53.32 14.32
N LEU Z 606 79.61 -53.20 15.40
CA LEU Z 606 79.75 -52.02 16.25
C LEU Z 606 81.05 -52.03 17.02
N GLY Z 607 81.72 -53.18 17.14
CA GLY Z 607 83.06 -53.18 17.68
C GLY Z 607 84.13 -52.90 16.64
N ILE Z 608 83.88 -53.28 15.40
CA ILE Z 608 84.83 -53.02 14.32
C ILE Z 608 84.79 -51.55 13.93
N TRP Z 609 83.59 -50.97 13.87
CA TRP Z 609 83.42 -49.60 13.44
C TRP Z 609 83.86 -48.60 14.49
N GLN Z 610 83.92 -49.00 15.76
CA GLN Z 610 84.34 -48.12 16.84
C GLN Z 610 85.74 -48.44 17.34
N GLY Z 611 86.37 -49.50 16.85
CA GLY Z 611 87.69 -49.87 17.30
C GLY Z 611 87.74 -50.66 18.59
N ASN Z 612 86.60 -51.13 19.09
CA ASN Z 612 86.55 -51.84 20.37
C ASN Z 612 86.10 -53.27 20.08
N VAL Z 613 87.06 -54.12 19.68
CA VAL Z 613 86.72 -55.51 19.47
C VAL Z 613 86.63 -56.28 20.77
N ALA Z 614 87.24 -55.77 21.85
CA ALA Z 614 87.25 -56.47 23.12
C ALA Z 614 85.90 -56.45 23.83
N GLN Z 615 85.00 -55.54 23.45
CA GLN Z 615 83.69 -55.49 24.09
C GLN Z 615 82.83 -56.66 23.65
N PHE Z 616 82.91 -57.03 22.39
CA PHE Z 616 82.11 -58.15 21.91
C PHE Z 616 82.69 -59.47 22.36
N ASN Z 617 84.02 -59.63 22.32
CA ASN Z 617 84.60 -60.94 22.55
C ASN Z 617 84.53 -61.35 24.03
N GLU Z 618 84.50 -60.37 24.93
CA GLU Z 618 84.29 -60.70 26.33
C GLU Z 618 82.84 -60.97 26.64
N ASN Z 619 81.94 -60.12 26.14
CA ASN Z 619 80.58 -60.04 26.66
C ASN Z 619 79.55 -60.82 25.85
N SER Z 620 79.90 -61.38 24.71
CA SER Z 620 78.94 -62.13 23.91
C SER Z 620 78.93 -63.61 24.21
N THR Z 621 79.48 -64.02 25.34
CA THR Z 621 79.42 -65.40 25.73
C THR Z 621 78.30 -65.68 26.71
N TYR Z 622 77.85 -64.65 27.42
CA TYR Z 622 76.77 -64.73 28.39
C TYR Z 622 75.71 -63.71 28.04
N LEU Z 623 74.46 -64.04 28.35
CA LEU Z 623 73.31 -63.31 27.80
C LEU Z 623 73.01 -61.99 28.48
N MET Z 624 73.74 -61.61 29.52
CA MET Z 624 73.60 -60.25 30.01
C MET Z 624 74.36 -59.27 29.14
N GLY Z 625 75.51 -59.68 28.61
CA GLY Z 625 76.30 -58.79 27.76
C GLY Z 625 75.62 -58.47 26.45
N TRP Z 626 74.80 -59.39 25.95
CA TRP Z 626 73.89 -59.06 24.86
C TRP Z 626 72.84 -58.05 25.30
N PHE Z 627 72.27 -58.28 26.47
CA PHE Z 627 71.18 -57.47 26.97
C PHE Z 627 71.66 -56.09 27.42
N ARG Z 628 72.83 -56.03 28.04
CA ARG Z 628 73.33 -54.76 28.56
C ARG Z 628 74.10 -53.99 27.52
N ASP Z 629 75.17 -54.58 26.99
CA ASP Z 629 76.10 -53.82 26.15
C ASP Z 629 75.60 -53.61 24.73
N TYR Z 630 74.49 -54.23 24.33
CA TYR Z 630 73.94 -54.00 23.01
C TYR Z 630 72.55 -53.41 23.04
N LEU Z 631 71.60 -54.03 23.75
CA LEU Z 631 70.24 -53.50 23.77
C LEU Z 631 70.13 -52.27 24.66
N TRP Z 632 70.72 -52.32 25.85
CA TRP Z 632 70.58 -51.21 26.78
C TRP Z 632 71.46 -50.03 26.40
N ALA Z 633 72.70 -50.30 26.00
CA ALA Z 633 73.67 -49.22 25.87
C ALA Z 633 73.50 -48.45 24.57
N ASN Z 634 73.02 -49.10 23.51
CA ASN Z 634 72.90 -48.44 22.21
C ASN Z 634 71.62 -47.65 22.05
N SER Z 635 70.61 -47.92 22.84
CA SER Z 635 69.33 -47.21 22.72
C SER Z 635 69.29 -45.94 23.55
N ALA Z 636 70.44 -45.33 23.84
CA ALA Z 636 70.47 -44.05 24.54
C ALA Z 636 70.40 -42.88 23.57
N GLN Z 637 71.05 -43.01 22.40
CA GLN Z 637 70.90 -41.98 21.38
C GLN Z 637 69.51 -41.98 20.78
N LEU Z 638 68.90 -43.16 20.70
CA LEU Z 638 67.59 -43.30 20.05
C LEU Z 638 66.49 -42.66 20.88
N ILE Z 639 66.35 -43.10 22.12
CA ILE Z 639 65.25 -42.71 22.99
C ILE Z 639 65.29 -41.23 23.36
N ASN Z 640 66.46 -40.60 23.32
CA ASN Z 640 66.57 -39.15 23.48
C ASN Z 640 66.37 -38.41 22.16
N GLY Z 641 65.67 -39.00 21.21
CA GLY Z 641 65.31 -38.28 20.01
C GLY Z 641 64.38 -37.12 20.27
N TYR Z 642 63.50 -37.25 21.24
CA TYR Z 642 62.72 -36.13 21.73
C TYR Z 642 62.51 -36.28 23.22
N ASN Z 643 62.80 -35.23 23.95
CA ASN Z 643 62.77 -35.17 25.40
C ASN Z 643 62.23 -33.79 25.75
N PRO Z 644 61.94 -33.45 27.02
CA PRO Z 644 61.47 -32.09 27.32
C PRO Z 644 62.47 -30.96 27.09
N TYR Z 645 63.66 -31.23 26.57
CA TYR Z 645 64.62 -30.19 26.25
C TYR Z 645 64.60 -29.79 24.79
N GLY Z 646 64.19 -30.68 23.90
CA GLY Z 646 64.12 -30.35 22.49
C GLY Z 646 64.03 -31.61 21.64
N VAL Z 647 64.33 -31.46 20.36
CA VAL Z 647 64.35 -32.55 19.40
C VAL Z 647 65.66 -32.52 18.64
N ASN Z 648 65.86 -33.53 17.80
CA ASN Z 648 66.96 -33.58 16.85
C ASN Z 648 66.48 -34.37 15.65
N ASN Z 649 67.41 -34.78 14.78
CA ASN Z 649 67.03 -35.47 13.56
C ASN Z 649 66.68 -36.94 13.76
N LEU Z 650 66.80 -37.46 14.97
CA LEU Z 650 66.46 -38.84 15.27
C LEU Z 650 65.06 -39.00 15.80
N SER Z 651 64.25 -37.93 15.80
CA SER Z 651 62.96 -37.98 16.47
C SER Z 651 61.92 -38.76 15.68
N VAL Z 652 62.13 -39.00 14.39
CA VAL Z 652 61.26 -39.93 13.68
C VAL Z 652 61.54 -41.35 14.13
N TRP Z 653 62.83 -41.68 14.23
CA TRP Z 653 63.21 -43.03 14.62
C TRP Z 653 62.91 -43.27 16.09
N ALA Z 654 62.93 -42.22 16.91
CA ALA Z 654 62.45 -42.36 18.28
C ALA Z 654 60.94 -42.51 18.33
N TRP Z 655 60.23 -41.96 17.35
CA TRP Z 655 58.79 -42.11 17.32
C TRP Z 655 58.38 -43.43 16.69
N MET Z 656 59.12 -43.87 15.69
CA MET Z 656 58.84 -45.14 15.02
C MET Z 656 59.21 -46.32 15.91
N PHE Z 657 60.18 -46.13 16.81
CA PHE Z 657 60.55 -47.18 17.76
C PHE Z 657 59.43 -47.44 18.74
N LEU Z 658 58.79 -46.38 19.24
CA LEU Z 658 57.61 -46.54 20.07
C LEU Z 658 56.42 -47.03 19.27
N PHE Z 659 56.30 -46.58 18.03
CA PHE Z 659 55.25 -47.05 17.15
C PHE Z 659 55.37 -48.55 16.89
N GLY Z 660 56.59 -49.06 16.79
CA GLY Z 660 56.77 -50.48 16.56
C GLY Z 660 56.45 -51.32 17.76
N HIS Z 661 56.79 -50.83 18.97
CA HIS Z 661 56.38 -51.50 20.20
C HIS Z 661 54.87 -51.57 20.38
N LEU Z 662 54.11 -50.66 19.76
CA LEU Z 662 52.66 -50.63 19.90
C LEU Z 662 51.95 -51.52 18.88
N VAL Z 663 52.43 -51.58 17.63
CA VAL Z 663 51.84 -52.49 16.65
C VAL Z 663 52.14 -53.92 17.04
N TRP Z 664 53.32 -54.17 17.62
CA TRP Z 664 53.69 -55.50 18.08
C TRP Z 664 52.76 -55.97 19.19
N ALA Z 665 52.54 -55.11 20.19
CA ALA Z 665 51.70 -55.46 21.32
C ALA Z 665 50.23 -55.53 20.96
N THR Z 666 49.80 -54.86 19.89
CA THR Z 666 48.40 -54.92 19.49
C THR Z 666 48.07 -56.29 18.94
N GLY Z 667 49.05 -56.92 18.29
CA GLY Z 667 48.83 -58.23 17.68
C GLY Z 667 48.68 -59.34 18.68
N PHE Z 668 49.00 -59.11 19.95
CA PHE Z 668 48.73 -60.13 20.95
C PHE Z 668 47.24 -60.27 21.21
N MET Z 669 46.47 -59.19 21.00
CA MET Z 669 45.05 -59.21 21.31
C MET Z 669 44.30 -60.16 20.39
N PHE Z 670 44.77 -60.32 19.17
CA PHE Z 670 44.13 -61.22 18.23
C PHE Z 670 44.54 -62.67 18.45
N LEU Z 671 45.52 -62.94 19.31
CA LEU Z 671 46.10 -64.26 19.45
C LEU Z 671 45.81 -64.89 20.81
N ILE Z 672 45.98 -64.14 21.89
CA ILE Z 672 45.54 -64.64 23.19
C ILE Z 672 44.02 -64.77 23.23
N SER Z 673 43.32 -63.67 22.97
CA SER Z 673 41.87 -63.71 22.95
C SER Z 673 41.39 -64.22 21.61
N TRP Z 674 40.43 -65.13 21.63
CA TRP Z 674 39.93 -65.71 20.40
C TRP Z 674 38.49 -65.27 20.19
N ARG Z 675 37.83 -65.86 19.20
CA ARG Z 675 36.67 -65.22 18.57
C ARG Z 675 35.46 -65.13 19.49
N GLY Z 676 35.13 -66.21 20.19
CA GLY Z 676 33.84 -66.32 20.83
C GLY Z 676 33.62 -65.37 21.99
N TYR Z 677 34.69 -64.81 22.55
CA TYR Z 677 34.54 -63.68 23.45
C TYR Z 677 33.94 -62.48 22.73
N TRP Z 678 34.34 -62.27 21.48
CA TRP Z 678 34.06 -61.03 20.78
C TRP Z 678 32.74 -61.04 20.05
N GLN Z 679 32.24 -62.22 19.65
CA GLN Z 679 30.91 -62.26 19.07
C GLN Z 679 29.84 -62.03 20.12
N GLU Z 680 30.10 -62.43 21.36
CA GLU Z 680 29.20 -62.12 22.46
C GLU Z 680 29.32 -60.69 22.95
N LEU Z 681 30.33 -59.95 22.50
CA LEU Z 681 30.46 -58.54 22.83
C LEU Z 681 29.78 -57.67 21.77
N ILE Z 682 29.91 -58.05 20.50
CA ILE Z 682 29.29 -57.29 19.42
C ILE Z 682 27.77 -57.42 19.47
N GLU Z 683 27.25 -58.55 19.95
CA GLU Z 683 25.81 -58.72 20.09
C GLU Z 683 25.19 -57.84 21.17
N THR Z 684 26.00 -57.21 22.03
CA THR Z 684 25.48 -56.18 22.92
C THR Z 684 25.55 -54.79 22.30
N LEU Z 685 26.43 -54.59 21.33
CA LEU Z 685 26.47 -53.32 20.59
C LEU Z 685 25.42 -53.26 19.51
N VAL Z 686 25.06 -54.42 18.94
CA VAL Z 686 23.93 -54.49 18.03
C VAL Z 686 22.64 -54.17 18.77
N TRP Z 687 22.55 -54.60 20.03
CA TRP Z 687 21.39 -54.29 20.85
C TRP Z 687 21.30 -52.79 21.13
N ALA Z 688 22.37 -52.20 21.66
CA ALA Z 688 22.35 -50.81 22.08
C ALA Z 688 22.50 -49.82 20.94
N HIS Z 689 22.36 -50.26 19.69
CA HIS Z 689 22.24 -49.35 18.57
C HIS Z 689 20.82 -49.30 18.04
N GLU Z 690 20.07 -50.39 18.17
CA GLU Z 690 18.68 -50.43 17.80
C GLU Z 690 17.76 -49.83 18.87
N ARG Z 691 18.31 -49.48 20.03
CA ARG Z 691 17.53 -48.93 21.12
C ARG Z 691 17.78 -47.45 21.34
N THR Z 692 18.95 -46.95 20.96
CA THR Z 692 19.27 -45.53 21.03
C THR Z 692 18.36 -44.76 20.09
N PRO Z 693 17.65 -43.72 20.56
CA PRO Z 693 16.52 -43.21 19.78
C PRO Z 693 16.89 -42.38 18.57
N ILE Z 694 17.94 -41.57 18.62
CA ILE Z 694 18.29 -40.78 17.44
C ILE Z 694 19.20 -41.56 16.51
N ALA Z 695 20.12 -42.34 17.07
CA ALA Z 695 21.12 -43.02 16.26
C ALA Z 695 20.60 -44.29 15.59
N ASN Z 696 19.35 -44.68 15.77
CA ASN Z 696 18.84 -45.80 15.00
C ASN Z 696 18.09 -45.37 13.75
N LEU Z 697 18.23 -44.09 13.36
CA LEU Z 697 17.82 -43.70 12.02
C LEU Z 697 18.68 -44.39 10.98
N VAL Z 698 19.96 -44.55 11.27
CA VAL Z 698 20.87 -45.22 10.37
C VAL Z 698 21.05 -46.65 10.85
N ARG Z 699 21.41 -47.52 9.92
CA ARG Z 699 21.55 -48.94 10.22
C ARG Z 699 22.47 -49.54 9.17
N TRP Z 700 23.19 -50.58 9.58
CA TRP Z 700 24.13 -51.28 8.72
C TRP Z 700 23.44 -51.94 7.53
N LYS Z 701 24.19 -52.10 6.45
CA LYS Z 701 23.79 -53.02 5.39
C LYS Z 701 24.33 -54.43 5.63
N ASP Z 702 25.57 -54.53 6.10
CA ASP Z 702 26.17 -55.80 6.48
C ASP Z 702 26.11 -55.99 7.98
N LYS Z 703 25.62 -57.14 8.41
CA LYS Z 703 25.48 -57.43 9.83
C LYS Z 703 26.86 -57.56 10.48
N PRO Z 704 27.13 -56.85 11.57
CA PRO Z 704 28.46 -56.90 12.19
C PRO Z 704 28.67 -58.23 12.89
N VAL Z 705 29.72 -58.95 12.48
CA VAL Z 705 30.14 -60.16 13.14
C VAL Z 705 31.61 -60.02 13.49
N ALA Z 706 32.06 -60.83 14.44
CA ALA Z 706 33.45 -60.79 14.83
C ALA Z 706 34.32 -61.46 13.77
N LEU Z 707 35.62 -61.19 13.82
CA LEU Z 707 36.57 -61.71 12.85
C LEU Z 707 36.66 -63.22 12.98
N SER Z 708 36.79 -63.92 11.85
CA SER Z 708 36.78 -65.37 11.93
C SER Z 708 38.10 -65.89 12.48
N ILE Z 709 38.14 -67.20 12.70
CA ILE Z 709 39.24 -67.82 13.42
C ILE Z 709 40.52 -67.76 12.61
N VAL Z 710 40.43 -68.06 11.31
CA VAL Z 710 41.61 -68.00 10.46
C VAL Z 710 41.97 -66.55 10.17
N GLN Z 711 40.98 -65.66 10.22
CA GLN Z 711 41.23 -64.26 9.85
C GLN Z 711 42.05 -63.53 10.89
N ALA Z 712 41.73 -63.68 12.17
CA ALA Z 712 42.51 -62.93 13.14
C ALA Z 712 43.78 -63.65 13.55
N ARG Z 713 44.09 -64.77 12.94
CA ARG Z 713 45.46 -65.28 12.95
C ARG Z 713 46.28 -64.65 11.84
N VAL Z 714 45.64 -64.25 10.74
CA VAL Z 714 46.30 -63.40 9.75
C VAL Z 714 46.51 -62.01 10.32
N VAL Z 715 45.44 -61.40 10.85
CA VAL Z 715 45.50 -60.04 11.36
C VAL Z 715 46.38 -59.97 12.61
N GLY Z 716 46.40 -61.05 13.39
CA GLY Z 716 47.30 -61.09 14.52
C GLY Z 716 48.76 -61.22 14.13
N LEU Z 717 49.03 -61.99 13.09
CA LEU Z 717 50.39 -62.10 12.60
C LEU Z 717 50.82 -60.87 11.82
N ALA Z 718 49.86 -60.12 11.28
CA ALA Z 718 50.20 -58.90 10.55
C ALA Z 718 50.65 -57.79 11.47
N HIS Z 719 49.94 -57.57 12.58
CA HIS Z 719 50.40 -56.59 13.56
C HIS Z 719 51.69 -57.04 14.24
N PHE Z 720 51.89 -58.34 14.39
CA PHE Z 720 53.10 -58.86 15.01
C PHE Z 720 54.31 -58.62 14.13
N THR Z 721 54.18 -58.88 12.83
CA THR Z 721 55.32 -58.84 11.92
C THR Z 721 55.70 -57.41 11.56
N VAL Z 722 54.70 -56.54 11.33
CA VAL Z 722 54.95 -55.13 11.07
C VAL Z 722 55.61 -54.46 12.26
N GLY Z 723 55.16 -54.77 13.46
CA GLY Z 723 55.80 -54.21 14.64
C GLY Z 723 57.16 -54.78 14.93
N TYR Z 724 57.42 -56.02 14.51
CA TYR Z 724 58.75 -56.61 14.67
C TYR Z 724 59.75 -55.94 13.74
N VAL Z 725 59.30 -55.61 12.53
CA VAL Z 725 60.17 -54.99 11.54
C VAL Z 725 60.48 -53.56 11.92
N LEU Z 726 59.44 -52.75 12.19
CA LEU Z 726 59.60 -51.33 12.44
C LEU Z 726 60.34 -51.02 13.73
N THR Z 727 60.30 -51.92 14.71
CA THR Z 727 61.01 -51.67 15.96
C THR Z 727 62.51 -51.78 15.75
N TYR Z 728 62.94 -52.88 15.11
CA TYR Z 728 64.37 -53.09 14.89
C TYR Z 728 64.92 -52.15 13.84
N ALA Z 729 64.13 -51.86 12.81
CA ALA Z 729 64.58 -50.94 11.77
C ALA Z 729 64.72 -49.52 12.27
N ALA Z 730 64.04 -49.17 13.38
CA ALA Z 730 64.29 -47.86 13.97
C ALA Z 730 65.47 -47.92 14.93
N PHE Z 731 65.75 -49.09 15.49
CA PHE Z 731 66.92 -49.26 16.34
C PHE Z 731 68.19 -49.48 15.53
N LEU Z 732 68.09 -50.17 14.40
CA LEU Z 732 69.27 -50.43 13.58
C LEU Z 732 69.81 -49.14 12.97
N ILE Z 733 68.93 -48.28 12.49
CA ILE Z 733 69.36 -47.05 11.84
C ILE Z 733 69.93 -46.07 12.85
N ALA Z 734 69.14 -45.70 13.86
CA ALA Z 734 69.51 -44.57 14.70
C ALA Z 734 70.61 -44.89 15.70
N SER Z 735 70.79 -46.16 16.08
CA SER Z 735 71.96 -46.49 16.89
C SER Z 735 73.24 -46.50 16.07
N THR Z 736 73.13 -46.65 14.76
CA THR Z 736 74.30 -46.58 13.88
C THR Z 736 74.47 -45.18 13.31
N ALA Z 737 73.37 -44.56 12.87
CA ALA Z 737 73.45 -43.20 12.33
C ALA Z 737 73.53 -42.14 13.40
N GLY Z 738 73.47 -42.50 14.67
CA GLY Z 738 73.76 -41.57 15.73
C GLY Z 738 75.16 -41.69 16.28
N LYS Z 739 75.93 -42.67 15.83
CA LYS Z 739 77.27 -42.89 16.35
C LYS Z 739 78.31 -42.80 15.24
N PHE Z 740 77.93 -43.27 14.04
CA PHE Z 740 78.78 -43.39 12.86
C PHE Z 740 80.02 -44.25 13.14
N SER AA 2 24.41 -73.14 3.11
CA SER AA 2 24.60 -73.73 4.43
C SER AA 2 25.77 -74.68 4.45
N HIS AA 3 25.87 -75.48 5.50
CA HIS AA 3 26.94 -76.45 5.63
C HIS AA 3 26.52 -77.75 4.97
N THR AA 4 27.36 -78.78 5.09
CA THR AA 4 27.13 -80.05 4.41
C THR AA 4 27.38 -81.17 5.39
N VAL AA 5 26.37 -82.00 5.63
CA VAL AA 5 26.45 -83.08 6.60
C VAL AA 5 26.44 -84.40 5.84
N LYS AA 6 27.59 -85.06 5.76
CA LYS AA 6 27.72 -86.35 5.12
C LYS AA 6 27.70 -87.44 6.17
N ILE AA 7 26.87 -88.45 5.97
CA ILE AA 7 26.77 -89.58 6.89
C ILE AA 7 27.14 -90.84 6.13
N TYR AA 8 28.23 -91.48 6.55
CA TYR AA 8 28.73 -92.67 5.89
C TYR AA 8 28.00 -93.89 6.42
N ASP AA 9 28.33 -95.05 5.87
CA ASP AA 9 27.57 -96.27 6.15
C ASP AA 9 28.16 -97.07 7.30
N THR AA 10 29.03 -96.46 8.10
CA THR AA 10 29.71 -97.21 9.14
C THR AA 10 29.06 -97.08 10.51
N CYS AA 11 28.05 -96.22 10.66
CA CYS AA 11 27.51 -96.04 12.00
C CYS AA 11 26.58 -97.18 12.37
N ILE AA 12 26.28 -97.25 13.66
CA ILE AA 12 25.62 -98.38 14.27
C ILE AA 12 24.23 -98.04 14.76
N GLY AA 13 23.74 -96.84 14.45
CA GLY AA 13 22.46 -96.41 14.98
C GLY AA 13 22.52 -96.11 16.47
N CYS AA 14 23.58 -95.43 16.91
CA CYS AA 14 23.76 -95.18 18.33
C CYS AA 14 22.82 -94.12 18.86
N THR AA 15 22.28 -93.26 17.97
CA THR AA 15 21.39 -92.13 18.30
C THR AA 15 22.03 -91.15 19.27
N GLN AA 16 23.35 -91.05 19.25
CA GLN AA 16 24.04 -90.04 20.05
C GLN AA 16 24.24 -88.75 19.26
N CYS AA 17 24.27 -88.84 17.94
CA CYS AA 17 24.44 -87.65 17.12
C CYS AA 17 23.12 -86.91 16.94
N VAL AA 18 22.00 -87.63 16.90
CA VAL AA 18 20.70 -86.99 16.80
C VAL AA 18 20.35 -86.27 18.09
N ARG AA 19 20.74 -86.85 19.23
CA ARG AA 19 20.51 -86.26 20.54
C ARG AA 19 21.56 -85.24 20.93
N ALA AA 20 22.33 -84.72 19.98
CA ALA AA 20 23.33 -83.72 20.27
C ALA AA 20 23.31 -82.52 19.33
N CYS AA 21 22.76 -82.65 18.14
CA CYS AA 21 22.69 -81.51 17.24
C CYS AA 21 21.63 -80.53 17.75
N PRO AA 22 22.00 -79.31 18.13
CA PRO AA 22 21.05 -78.44 18.82
C PRO AA 22 20.05 -77.76 17.92
N THR AA 23 20.23 -77.76 16.61
CA THR AA 23 19.19 -77.23 15.73
C THR AA 23 18.33 -78.33 15.12
N ASP AA 24 18.52 -79.58 15.56
CA ASP AA 24 17.74 -80.75 15.16
C ASP AA 24 17.78 -80.95 13.65
N VAL AA 25 19.00 -81.07 13.14
CA VAL AA 25 19.19 -81.37 11.72
C VAL AA 25 19.04 -82.86 11.49
N LEU AA 26 19.43 -83.67 12.44
CA LEU AA 26 19.58 -85.10 12.24
C LEU AA 26 18.32 -85.85 12.67
N GLU AA 27 18.07 -86.97 12.00
CA GLU AA 27 17.00 -87.86 12.41
C GLU AA 27 17.34 -89.27 11.95
N MET AA 28 16.73 -90.24 12.62
CA MET AA 28 16.98 -91.65 12.33
C MET AA 28 15.97 -92.18 11.33
N VAL AA 29 16.47 -92.85 10.30
CA VAL AA 29 15.61 -93.54 9.35
C VAL AA 29 15.93 -95.03 9.44
N PRO AA 30 14.96 -95.91 9.18
CA PRO AA 30 15.25 -97.35 9.25
C PRO AA 30 16.10 -97.79 8.08
N TRP AA 31 17.02 -98.73 8.36
CA TRP AA 31 18.00 -99.16 7.39
C TRP AA 31 18.50 -100.52 7.81
N ASP AA 32 18.30 -101.53 6.97
CA ASP AA 32 18.52 -102.93 7.33
C ASP AA 32 19.98 -103.33 7.50
N GLY AA 33 20.93 -102.39 7.39
CA GLY AA 33 22.32 -102.74 7.53
C GLY AA 33 22.75 -103.10 8.94
N CYS AA 34 22.77 -102.13 9.85
CA CYS AA 34 23.47 -102.30 11.11
C CYS AA 34 22.67 -103.16 12.09
N LYS AA 35 23.24 -103.34 13.29
CA LYS AA 35 22.61 -104.19 14.29
C LYS AA 35 21.37 -103.53 14.88
N ALA AA 36 21.42 -102.22 15.11
CA ALA AA 36 20.26 -101.49 15.60
C ALA AA 36 19.29 -101.12 14.49
N ALA AA 37 19.63 -101.43 13.23
CA ALA AA 37 18.74 -101.37 12.07
C ALA AA 37 18.23 -99.97 11.79
N GLN AA 38 19.10 -98.97 11.98
CA GLN AA 38 18.77 -97.59 11.67
C GLN AA 38 20.05 -96.81 11.44
N VAL AA 39 19.98 -95.84 10.52
CA VAL AA 39 21.13 -95.01 10.19
C VAL AA 39 20.70 -93.56 10.44
N ALA AA 40 21.66 -92.73 10.81
CA ALA AA 40 21.38 -91.30 10.93
C ALA AA 40 21.21 -90.68 9.56
N SER AA 41 20.33 -89.70 9.46
CA SER AA 41 20.12 -88.96 8.23
C SER AA 41 19.97 -87.49 8.55
N SER AA 42 20.37 -86.64 7.60
CA SER AA 42 20.38 -85.19 7.79
C SER AA 42 19.52 -84.53 6.72
N PRO AA 43 18.19 -84.51 6.89
CA PRO AA 43 17.33 -83.93 5.86
C PRO AA 43 17.15 -82.43 5.97
N ARG AA 44 17.71 -81.79 6.99
CA ARG AA 44 17.47 -80.38 7.27
C ARG AA 44 18.79 -79.63 7.43
N THR AA 45 19.70 -79.81 6.48
CA THR AA 45 21.03 -79.23 6.61
C THR AA 45 21.06 -77.72 6.35
N GLU AA 46 19.93 -77.10 6.01
CA GLU AA 46 19.91 -75.65 5.95
C GLU AA 46 19.82 -75.04 7.33
N ASP AA 47 19.54 -75.84 8.36
CA ASP AA 47 19.51 -75.39 9.74
C ASP AA 47 20.81 -75.63 10.48
N CYS AA 48 21.78 -76.30 9.87
CA CYS AA 48 22.98 -76.69 10.60
C CYS AA 48 23.89 -75.49 10.78
N VAL AA 49 24.38 -75.33 12.00
CA VAL AA 49 25.17 -74.17 12.38
C VAL AA 49 26.65 -74.50 12.48
N GLY AA 50 27.07 -75.67 12.01
CA GLY AA 50 28.47 -76.02 12.03
C GLY AA 50 29.03 -76.30 13.39
N CYS AA 51 28.17 -76.69 14.36
CA CYS AA 51 28.57 -76.80 15.75
C CYS AA 51 29.57 -77.93 15.98
N LYS AA 52 29.49 -78.99 15.17
CA LYS AA 52 30.26 -80.23 15.30
C LYS AA 52 30.10 -80.88 16.67
N ARG AA 53 28.94 -80.70 17.28
CA ARG AA 53 28.55 -81.54 18.40
C ARG AA 53 28.22 -82.94 17.91
N CYS AA 54 27.76 -83.05 16.67
CA CYS AA 54 27.40 -84.34 16.10
C CYS AA 54 28.63 -85.18 15.77
N GLU AA 55 29.75 -84.55 15.45
CA GLU AA 55 30.99 -85.30 15.25
C GLU AA 55 31.63 -85.69 16.57
N THR AA 56 31.41 -84.92 17.63
CA THR AA 56 32.00 -85.23 18.92
C THR AA 56 31.33 -86.44 19.56
N ALA AA 57 30.03 -86.64 19.32
CA ALA AA 57 29.27 -87.67 20.02
C ALA AA 57 29.26 -89.00 19.30
N CYS AA 58 29.78 -89.08 18.07
CA CYS AA 58 29.73 -90.32 17.32
C CYS AA 58 30.79 -91.27 17.81
N PRO AA 59 30.47 -92.54 18.08
CA PRO AA 59 31.49 -93.47 18.60
C PRO AA 59 32.49 -93.92 17.56
N THR AA 60 32.04 -94.21 16.34
CA THR AA 60 32.79 -95.05 15.42
C THR AA 60 34.07 -94.38 14.94
N ASP AA 61 35.12 -95.19 14.79
CA ASP AA 61 36.41 -94.74 14.32
C ASP AA 61 36.65 -95.30 12.92
N PHE AA 62 36.77 -94.42 11.93
CA PHE AA 62 36.71 -92.97 12.07
C PHE AA 62 35.23 -92.56 11.94
N LEU AA 63 34.95 -91.26 12.01
CA LEU AA 63 33.60 -90.77 12.20
C LEU AA 63 32.70 -91.08 11.01
N SER AA 64 31.51 -91.59 11.31
CA SER AA 64 30.54 -91.85 10.27
C SER AA 64 29.86 -90.58 9.80
N ILE AA 65 29.80 -89.57 10.65
CA ILE AA 65 29.18 -88.30 10.33
C ILE AA 65 30.30 -87.27 10.17
N ARG AA 66 30.13 -86.36 9.23
CA ARG AA 66 31.12 -85.32 9.01
C ARG AA 66 30.41 -84.06 8.56
N VAL AA 67 30.84 -82.92 9.11
CA VAL AA 67 30.29 -81.62 8.76
C VAL AA 67 31.32 -80.88 7.93
N TYR AA 68 30.97 -80.58 6.68
CA TYR AA 68 31.82 -79.78 5.81
C TYR AA 68 31.33 -78.35 5.87
N LEU AA 69 32.20 -77.45 6.30
CA LEU AA 69 31.81 -76.06 6.49
C LEU AA 69 31.73 -75.35 5.13
N GLY AA 70 30.54 -74.88 4.78
CA GLY AA 70 30.32 -74.25 3.50
C GLY AA 70 29.96 -72.78 3.57
N ALA AA 71 29.13 -72.31 2.64
CA ALA AA 71 28.74 -70.91 2.61
C ALA AA 71 27.80 -70.58 3.75
N GLU AA 72 28.04 -69.45 4.40
CA GLU AA 72 27.45 -69.13 5.68
C GLU AA 72 26.35 -68.10 5.51
N THR AA 73 25.10 -68.55 5.60
CA THR AA 73 23.94 -67.69 5.53
C THR AA 73 23.59 -67.19 6.94
N THR AA 74 22.40 -66.61 7.09
CA THR AA 74 22.03 -66.04 8.39
C THR AA 74 21.71 -67.13 9.40
N ARG AA 75 21.09 -68.23 8.95
CA ARG AA 75 20.74 -69.29 9.88
C ARG AA 75 21.97 -70.04 10.37
N SER AA 76 23.04 -70.08 9.58
CA SER AA 76 24.24 -70.81 10.00
C SER AA 76 25.27 -69.93 10.68
N MET AA 77 25.12 -68.61 10.63
CA MET AA 77 25.97 -67.74 11.42
C MET AA 77 25.54 -67.66 12.87
N GLY AA 78 24.31 -68.04 13.18
CA GLY AA 78 23.83 -67.93 14.54
C GLY AA 78 23.58 -66.50 14.97
N LEU AA 79 22.93 -65.72 14.10
CA LEU AA 79 22.66 -64.32 14.36
C LEU AA 79 21.21 -64.15 14.78
N ALA AA 80 20.99 -63.54 15.93
CA ALA AA 80 19.64 -63.19 16.37
C ALA AA 80 19.15 -61.90 15.76
N TYR AA 81 19.94 -61.26 14.90
CA TYR AA 81 19.63 -59.95 14.37
C TYR AA 81 19.72 -59.89 12.84
N GLU BA 27 8.77 -61.14 14.57
CA GLU BA 27 8.74 -62.38 15.34
C GLU BA 27 8.89 -63.59 14.41
N LYS BA 28 9.48 -64.65 14.94
CA LYS BA 28 9.77 -65.84 14.15
C LYS BA 28 9.94 -67.00 15.12
N TYR BA 29 9.61 -68.21 14.65
CA TYR BA 29 9.81 -69.48 15.38
C TYR BA 29 9.08 -69.50 16.72
N ALA BA 30 7.75 -69.49 16.67
CA ALA BA 30 6.98 -69.68 17.89
C ALA BA 30 7.15 -71.10 18.40
N ILE BA 31 7.22 -71.25 19.72
CA ILE BA 31 7.24 -72.55 20.37
C ILE BA 31 6.05 -72.65 21.33
N THR BA 32 5.30 -73.74 21.22
CA THR BA 32 4.15 -73.99 22.07
C THR BA 32 4.40 -75.26 22.87
N TRP BA 33 3.91 -75.29 24.10
CA TRP BA 33 3.94 -76.51 24.89
C TRP BA 33 2.78 -76.49 25.88
N THR BA 34 2.33 -77.68 26.25
CA THR BA 34 1.23 -77.85 27.18
C THR BA 34 1.80 -78.30 28.53
N SER BA 35 1.50 -77.53 29.57
CA SER BA 35 2.09 -77.87 30.86
C SER BA 35 1.03 -78.45 31.78
N PRO BA 36 1.41 -79.37 32.68
CA PRO BA 36 0.44 -79.87 33.66
C PRO BA 36 0.07 -78.85 34.72
N LYS BA 37 0.97 -77.92 35.02
CA LYS BA 37 0.77 -76.94 36.09
C LYS BA 37 1.62 -75.72 35.77
N ALA BA 38 1.81 -74.85 36.76
CA ALA BA 38 2.67 -73.69 36.64
C ALA BA 38 3.94 -73.91 37.44
N GLN BA 39 5.08 -73.53 36.86
CA GLN BA 39 6.38 -73.60 37.52
C GLN BA 39 7.36 -72.68 36.82
N VAL BA 40 8.41 -72.33 37.54
CA VAL BA 40 9.40 -71.36 37.08
C VAL BA 40 10.47 -72.08 36.27
N PHE BA 41 10.62 -71.67 35.02
CA PHE BA 41 11.66 -72.20 34.15
C PHE BA 41 12.65 -71.08 33.83
N GLU BA 42 13.61 -71.38 32.96
CA GLU BA 42 14.65 -70.44 32.57
C GLU BA 42 14.50 -70.10 31.09
N LEU BA 43 14.31 -68.83 30.80
CA LEU BA 43 14.18 -68.39 29.41
C LEU BA 43 15.51 -68.53 28.67
N PRO BA 44 15.49 -68.90 27.39
CA PRO BA 44 16.74 -68.98 26.63
C PRO BA 44 17.36 -67.62 26.37
N THR BA 45 16.59 -66.55 26.43
CA THR BA 45 17.09 -65.20 26.25
C THR BA 45 17.72 -64.62 27.52
N GLY BA 46 17.82 -65.41 28.59
CA GLY BA 46 18.41 -64.96 29.83
C GLY BA 46 17.39 -64.45 30.81
N GLY BA 47 17.29 -65.11 31.96
CA GLY BA 47 16.29 -64.79 32.95
C GLY BA 47 15.27 -65.91 33.14
N ALA BA 48 14.51 -65.80 34.22
CA ALA BA 48 13.54 -66.80 34.60
C ALA BA 48 12.13 -66.24 34.49
N ALA BA 49 11.24 -67.01 33.84
CA ALA BA 49 9.83 -66.69 33.71
C ALA BA 49 9.02 -67.79 34.39
N THR BA 50 7.71 -67.71 34.26
CA THR BA 50 6.82 -68.67 34.89
C THR BA 50 5.76 -69.10 33.87
N MET BA 51 5.78 -70.36 33.49
CA MET BA 51 4.81 -70.87 32.54
C MET BA 51 3.43 -70.93 33.20
N HIS BA 52 2.39 -70.88 32.36
CA HIS BA 52 1.04 -71.07 32.85
C HIS BA 52 0.75 -72.56 32.99
N GLU BA 53 -0.45 -72.87 33.46
CA GLU BA 53 -0.97 -74.22 33.31
C GLU BA 53 -1.73 -74.29 31.99
N GLY BA 54 -1.44 -75.32 31.20
CA GLY BA 54 -2.08 -75.46 29.92
C GLY BA 54 -1.18 -75.07 28.77
N GLU BA 55 -1.76 -74.61 27.67
CA GLU BA 55 -0.97 -74.33 26.48
C GLU BA 55 -0.21 -73.02 26.66
N ASN BA 56 1.08 -73.06 26.35
CA ASN BA 56 1.94 -71.90 26.44
C ASN BA 56 2.41 -71.46 25.06
N LEU BA 57 3.06 -70.31 25.03
CA LEU BA 57 3.50 -69.72 23.77
C LEU BA 57 4.65 -68.78 24.07
N LEU BA 58 5.74 -68.91 23.33
CA LEU BA 58 6.92 -68.08 23.55
C LEU BA 58 7.50 -67.72 22.20
N TYR BA 59 7.64 -66.42 21.94
CA TYR BA 59 8.28 -65.95 20.73
C TYR BA 59 9.76 -65.76 20.96
N ILE BA 60 10.58 -66.54 20.28
CA ILE BA 60 12.02 -66.54 20.44
C ILE BA 60 12.64 -66.02 19.15
N ALA BA 61 13.96 -65.96 19.12
CA ALA BA 61 14.60 -65.37 17.94
C ALA BA 61 15.01 -66.43 16.93
N ARG BA 62 15.49 -67.58 17.40
CA ARG BA 62 16.05 -68.61 16.54
C ARG BA 62 15.62 -69.98 17.03
N LYS BA 63 15.71 -70.96 16.12
CA LYS BA 63 15.38 -72.35 16.40
C LYS BA 63 16.31 -72.97 17.43
N GLU BA 64 17.55 -72.50 17.49
CA GLU BA 64 18.52 -72.93 18.50
C GLU BA 64 18.05 -72.64 19.92
N TYR BA 65 17.25 -71.58 20.12
CA TYR BA 65 16.68 -71.33 21.44
C TYR BA 65 15.62 -72.36 21.78
N GLY BA 66 14.84 -72.79 20.78
CA GLY BA 66 13.69 -73.63 21.06
C GLY BA 66 14.05 -75.05 21.41
N ILE BA 67 15.16 -75.55 20.90
CA ILE BA 67 15.59 -76.89 21.30
C ILE BA 67 16.34 -76.82 22.61
N ALA BA 68 17.09 -75.73 22.84
CA ALA BA 68 17.74 -75.53 24.13
C ALA BA 68 16.72 -75.26 25.22
N LEU BA 69 15.54 -74.75 24.85
CA LEU BA 69 14.41 -74.73 25.77
C LEU BA 69 13.70 -76.07 25.82
N GLY BA 70 13.60 -76.75 24.67
CA GLY BA 70 12.91 -78.03 24.61
C GLY BA 70 13.57 -79.13 25.40
N GLY BA 71 14.88 -79.03 25.61
CA GLY BA 71 15.55 -79.95 26.51
C GLY BA 71 15.41 -79.56 27.97
N GLN BA 72 15.18 -78.27 28.23
CA GLN BA 72 14.92 -77.82 29.59
C GLN BA 72 13.53 -78.24 30.04
N LEU BA 73 12.61 -78.43 29.10
CA LEU BA 73 11.30 -79.03 29.39
C LEU BA 73 11.40 -80.50 29.72
N ARG BA 74 12.45 -81.19 29.27
CA ARG BA 74 12.54 -82.63 29.47
C ARG BA 74 12.76 -82.98 30.94
N LYS BA 75 13.44 -82.12 31.67
CA LYS BA 75 13.56 -82.33 33.10
C LYS BA 75 12.28 -81.99 33.85
N PHE BA 76 11.34 -81.29 33.20
CA PHE BA 76 10.00 -81.09 33.74
C PHE BA 76 9.03 -82.15 33.24
N LYS BA 77 9.53 -83.19 32.57
CA LYS BA 77 8.75 -84.31 32.03
C LYS BA 77 7.68 -83.84 31.04
N ILE BA 78 8.08 -82.96 30.13
CA ILE BA 78 7.20 -82.45 29.08
C ILE BA 78 7.85 -82.74 27.74
N THR BA 79 7.16 -83.49 26.88
CA THR BA 79 7.61 -83.82 25.54
C THR BA 79 6.52 -83.55 24.53
N ASN BA 80 5.89 -82.38 24.63
CA ASN BA 80 4.77 -82.04 23.75
C ASN BA 80 5.01 -80.69 23.08
N TYR BA 81 6.26 -80.38 22.78
CA TYR BA 81 6.62 -79.03 22.32
C TYR BA 81 6.72 -78.99 20.80
N LYS BA 82 6.28 -77.87 20.23
CA LYS BA 82 6.15 -77.70 18.78
C LYS BA 82 6.75 -76.37 18.38
N ILE BA 83 7.81 -76.40 17.59
CA ILE BA 83 8.45 -75.19 17.10
C ILE BA 83 7.89 -74.87 15.71
N TYR BA 84 7.34 -73.67 15.56
CA TYR BA 84 6.80 -73.21 14.30
C TYR BA 84 7.86 -72.41 13.56
N ARG BA 85 7.45 -71.74 12.49
CA ARG BA 85 8.34 -70.83 11.77
C ARG BA 85 7.49 -69.70 11.20
N ILE BA 86 7.46 -68.57 11.89
CA ILE BA 86 6.62 -67.45 11.51
C ILE BA 86 7.41 -66.54 10.57
N LEU BA 87 7.07 -66.59 9.29
CA LEU BA 87 7.65 -65.72 8.28
C LEU BA 87 7.05 -64.32 8.40
N PRO BA 88 7.74 -63.28 7.91
CA PRO BA 88 7.18 -61.92 8.00
C PRO BA 88 5.93 -61.71 7.15
N SER BA 89 5.66 -62.56 6.18
CA SER BA 89 4.42 -62.49 5.43
C SER BA 89 3.23 -62.99 6.22
N GLY BA 90 3.45 -63.70 7.31
CA GLY BA 90 2.39 -64.32 8.06
C GLY BA 90 2.28 -65.82 7.90
N GLU BA 91 3.26 -66.46 7.26
CA GLU BA 91 3.24 -67.90 7.04
C GLU BA 91 3.86 -68.60 8.25
N THR BA 92 3.14 -69.57 8.79
CA THR BA 92 3.57 -70.32 9.97
C THR BA 92 3.79 -71.77 9.56
N THR BA 93 5.05 -72.18 9.48
CA THR BA 93 5.43 -73.50 9.00
C THR BA 93 5.83 -74.37 10.19
N PHE BA 94 5.15 -75.49 10.35
CA PHE BA 94 5.43 -76.44 11.43
C PHE BA 94 6.65 -77.27 11.05
N ILE BA 95 7.75 -77.08 11.77
CA ILE BA 95 9.03 -77.68 11.38
C ILE BA 95 9.57 -78.67 12.41
N HIS BA 96 8.95 -78.81 13.57
CA HIS BA 96 9.40 -79.78 14.55
C HIS BA 96 8.22 -80.29 15.37
N PRO BA 97 7.93 -81.60 15.37
CA PRO BA 97 8.50 -82.70 14.59
C PRO BA 97 8.08 -82.70 13.13
N ALA BA 98 8.48 -83.74 12.38
CA ALA BA 98 8.09 -83.82 10.98
C ALA BA 98 6.72 -84.47 10.83
N ASP BA 99 6.40 -85.46 11.66
CA ASP BA 99 5.14 -86.17 11.57
C ASP BA 99 3.96 -85.38 12.14
N VAL CA 2 36.33 -113.91 13.52
CA VAL CA 2 36.99 -115.19 13.70
C VAL CA 2 36.34 -115.91 14.88
N GLN CA 3 36.79 -115.62 16.10
CA GLN CA 3 36.24 -116.23 17.30
C GLN CA 3 36.59 -115.35 18.49
N ARG CA 4 35.84 -115.53 19.57
CA ARG CA 4 35.92 -114.63 20.72
C ARG CA 4 37.23 -114.86 21.47
N GLY CA 5 38.23 -114.04 21.17
CA GLY CA 5 39.53 -114.15 21.79
C GLY CA 5 40.68 -114.21 20.80
N SER CA 6 40.44 -114.03 19.51
CA SER CA 6 41.47 -114.15 18.50
C SER CA 6 42.12 -112.80 18.24
N LYS CA 7 43.44 -112.73 18.41
CA LYS CA 7 44.18 -111.50 18.11
C LYS CA 7 44.16 -111.27 16.60
N VAL CA 8 43.74 -110.08 16.18
CA VAL CA 8 43.73 -109.72 14.77
C VAL CA 8 44.52 -108.43 14.59
N ARG CA 9 44.68 -108.04 13.33
CA ARG CA 9 45.31 -106.79 12.96
C ARG CA 9 44.38 -105.99 12.07
N ILE CA 10 44.67 -104.71 11.93
CA ILE CA 10 43.79 -103.78 11.25
C ILE CA 10 44.50 -103.23 10.01
N LEU CA 11 43.79 -103.20 8.89
CA LEU CA 11 44.32 -102.64 7.66
C LEU CA 11 43.55 -101.43 7.16
N ARG CA 12 42.56 -100.96 7.91
CA ARG CA 12 41.81 -99.77 7.53
C ARG CA 12 42.65 -98.52 7.79
N PRO CA 13 43.00 -97.74 6.76
CA PRO CA 13 43.97 -96.65 6.95
C PRO CA 13 43.42 -95.50 7.75
N GLU CA 14 42.14 -95.20 7.62
CA GLU CA 14 41.54 -94.10 8.36
C GLU CA 14 41.32 -94.43 9.82
N SER CA 15 41.43 -95.71 10.20
CA SER CA 15 41.24 -96.10 11.58
C SER CA 15 42.42 -95.68 12.43
N TYR CA 16 42.18 -95.54 13.74
CA TYR CA 16 43.26 -95.16 14.65
C TYR CA 16 44.20 -96.32 14.89
N TRP CA 17 43.68 -97.53 15.04
CA TRP CA 17 44.54 -98.67 15.37
C TRP CA 17 45.03 -99.37 14.11
N PHE CA 18 45.55 -98.60 13.15
CA PHE CA 18 46.04 -99.17 11.90
C PHE CA 18 47.35 -99.89 12.16
N GLN CA 19 47.45 -101.14 11.68
CA GLN CA 19 48.59 -102.03 11.91
C GLN CA 19 48.87 -102.23 13.39
N ASP CA 20 47.82 -102.46 14.16
CA ASP CA 20 47.92 -102.74 15.59
C ASP CA 20 47.16 -104.02 15.90
N VAL CA 21 47.45 -104.59 17.06
CA VAL CA 21 46.91 -105.88 17.45
C VAL CA 21 45.66 -105.67 18.29
N GLY CA 22 44.55 -106.27 17.87
CA GLY CA 22 43.32 -106.20 18.59
C GLY CA 22 42.95 -107.53 19.23
N THR CA 23 41.68 -107.64 19.62
CA THR CA 23 41.16 -108.85 20.21
C THR CA 23 39.67 -108.91 19.89
N VAL CA 24 39.25 -109.94 19.17
CA VAL CA 24 37.87 -110.03 18.71
C VAL CA 24 36.98 -110.35 19.89
N ALA CA 25 35.97 -109.51 20.13
CA ALA CA 25 35.07 -109.71 21.24
C ALA CA 25 33.82 -110.47 20.84
N SER CA 26 33.27 -110.18 19.67
CA SER CA 26 32.09 -110.88 19.15
C SER CA 26 32.01 -110.67 17.65
N VAL CA 27 31.55 -111.69 16.95
CA VAL CA 27 31.32 -111.63 15.51
C VAL CA 27 29.84 -111.85 15.27
N ASP CA 28 29.22 -110.96 14.51
CA ASP CA 28 27.79 -111.07 14.22
C ASP CA 28 27.59 -111.98 13.02
N GLN CA 29 26.34 -112.07 12.54
CA GLN CA 29 25.97 -113.10 11.58
C GLN CA 29 25.50 -112.53 10.25
N SER CA 30 24.55 -111.60 10.25
CA SER CA 30 24.01 -111.06 9.01
C SER CA 30 23.71 -109.58 9.25
N GLY CA 31 24.58 -108.71 8.74
CA GLY CA 31 24.45 -107.28 8.99
C GLY CA 31 25.03 -106.90 10.34
N ILE CA 32 25.82 -105.84 10.46
CA ILE CA 32 26.24 -104.89 9.43
C ILE CA 32 27.30 -105.53 8.54
N LYS CA 33 27.62 -104.89 7.40
CA LYS CA 33 28.76 -105.25 6.56
C LYS CA 33 30.09 -105.27 7.32
N TYR CA 34 30.17 -104.65 8.50
CA TYR CA 34 31.34 -104.66 9.35
C TYR CA 34 31.03 -105.39 10.66
N PRO CA 35 30.82 -106.71 10.65
CA PRO CA 35 30.16 -107.36 11.79
C PRO CA 35 31.10 -107.82 12.90
N VAL CA 36 32.34 -107.37 12.95
CA VAL CA 36 33.33 -107.90 13.87
C VAL CA 36 33.66 -106.85 14.92
N ILE CA 37 33.30 -107.12 16.16
CA ILE CA 37 33.63 -106.23 17.28
C ILE CA 37 35.01 -106.61 17.78
N VAL CA 38 35.93 -105.65 17.79
CA VAL CA 38 37.31 -105.89 18.19
C VAL CA 38 37.61 -105.00 19.39
N ARG CA 39 37.82 -105.62 20.55
CA ARG CA 39 38.11 -104.87 21.78
C ARG CA 39 39.61 -104.61 21.83
N PHE CA 40 40.01 -103.39 21.50
CA PHE CA 40 41.42 -103.04 21.53
C PHE CA 40 41.87 -102.81 22.96
N ASP CA 41 43.19 -102.67 23.13
CA ASP CA 41 43.78 -102.51 24.45
C ASP CA 41 44.23 -101.10 24.74
N LYS CA 42 44.52 -100.31 23.71
CA LYS CA 42 44.84 -98.90 23.86
C LYS CA 42 43.75 -98.04 23.24
N VAL CA 43 43.56 -96.85 23.78
CA VAL CA 43 42.41 -96.01 23.44
C VAL CA 43 42.82 -94.98 22.40
N ASN CA 44 41.83 -94.56 21.60
CA ASN CA 44 42.04 -93.50 20.62
C ASN CA 44 41.88 -92.14 21.27
N TYR CA 45 41.76 -91.10 20.44
CA TYR CA 45 41.62 -89.75 20.97
C TYR CA 45 40.24 -89.54 21.58
N ALA CA 46 39.25 -90.29 21.11
CA ALA CA 46 37.90 -90.16 21.65
C ALA CA 46 37.80 -90.84 23.01
N GLY CA 47 38.75 -91.70 23.35
CA GLY CA 47 38.76 -92.39 24.61
C GLY CA 47 38.21 -93.80 24.56
N ILE CA 48 37.62 -94.23 23.45
CA ILE CA 48 37.02 -95.54 23.34
C ILE CA 48 38.09 -96.55 22.93
N ASN CA 49 37.78 -97.84 23.05
CA ASN CA 49 38.70 -98.86 22.60
C ASN CA 49 38.01 -100.04 21.93
N THR CA 50 36.89 -99.80 21.25
CA THR CA 50 36.19 -100.83 20.51
C THR CA 50 35.71 -100.25 19.19
N ASN CA 51 35.53 -101.12 18.20
CA ASN CA 51 35.16 -100.68 16.87
C ASN CA 51 34.62 -101.89 16.11
N ASN CA 52 33.99 -101.62 14.98
CA ASN CA 52 33.46 -102.65 14.10
C ASN CA 52 34.28 -102.71 12.82
N PHE CA 53 34.53 -103.93 12.34
CA PHE CA 53 35.36 -104.13 11.16
C PHE CA 53 34.76 -105.23 10.28
N ALA CA 54 35.11 -105.17 8.99
CA ALA CA 54 34.66 -106.16 8.04
C ALA CA 54 35.39 -107.49 8.27
N VAL CA 55 34.92 -108.52 7.55
CA VAL CA 55 35.51 -109.84 7.67
C VAL CA 55 36.88 -109.89 7.01
N ASP CA 56 36.97 -109.33 5.79
CA ASP CA 56 38.22 -109.28 5.06
C ASP CA 56 39.16 -108.17 5.52
N GLU CA 57 38.74 -107.37 6.51
CA GLU CA 57 39.57 -106.26 6.94
C GLU CA 57 40.70 -106.73 7.85
N LEU CA 58 40.53 -107.89 8.48
CA LEU CA 58 41.42 -108.29 9.56
C LEU CA 58 42.50 -109.24 9.06
N ILE CA 59 43.58 -109.33 9.84
CA ILE CA 59 44.66 -110.30 9.62
C ILE CA 59 44.83 -111.07 10.92
N GLU CA 60 44.47 -112.35 10.90
CA GLU CA 60 44.61 -113.18 12.08
C GLU CA 60 46.08 -113.48 12.34
N VAL CA 61 46.49 -113.31 13.60
CA VAL CA 61 47.87 -113.59 14.01
C VAL CA 61 47.94 -114.65 15.11
N GLU CA 62 46.87 -115.42 15.31
CA GLU CA 62 46.91 -116.53 16.25
C GLU CA 62 46.38 -117.81 15.63
N GLY DA 25 95.14 -70.18 17.44
CA GLY DA 25 94.52 -68.88 17.44
C GLY DA 25 93.08 -68.94 17.92
N ALA DA 26 92.49 -67.81 18.31
CA ALA DA 26 93.13 -66.50 18.29
C ALA DA 26 93.84 -66.20 19.59
N ASP DA 27 95.18 -66.19 19.50
CA ASP DA 27 96.09 -65.93 20.61
C ASP DA 27 95.89 -66.93 21.75
N LEU DA 28 95.89 -68.21 21.41
CA LEU DA 28 95.74 -69.26 22.40
C LEU DA 28 97.12 -69.70 22.96
N THR DA 29 97.86 -68.71 23.44
CA THR DA 29 99.03 -68.97 24.25
C THR DA 29 98.57 -69.50 25.61
N PRO DA 30 99.32 -70.43 26.23
CA PRO DA 30 98.83 -71.08 27.45
C PRO DA 30 98.74 -70.12 28.63
N CYS DA 31 97.89 -70.50 29.59
CA CYS DA 31 97.46 -69.56 30.61
C CYS DA 31 98.58 -69.22 31.60
N ALA DA 32 99.58 -70.09 31.72
CA ALA DA 32 100.68 -69.85 32.64
C ALA DA 32 101.58 -68.69 32.19
N GLU DA 33 101.54 -68.32 30.92
CA GLU DA 33 102.38 -67.26 30.40
C GLU DA 33 101.68 -65.90 30.34
N ASN DA 34 100.37 -65.84 30.55
CA ASN DA 34 99.61 -64.64 30.26
C ASN DA 34 99.81 -63.58 31.34
N PRO DA 35 99.99 -62.32 30.97
CA PRO DA 35 99.80 -61.25 31.95
C PRO DA 35 98.37 -61.11 32.40
N ALA DA 36 97.41 -61.50 31.56
CA ALA DA 36 96.00 -61.35 31.89
C ALA DA 36 95.52 -62.44 32.85
N PHE DA 37 96.00 -63.67 32.67
CA PHE DA 37 95.60 -64.75 33.57
C PHE DA 37 96.25 -64.58 34.93
N GLN DA 38 97.45 -64.00 34.98
CA GLN DA 38 98.08 -63.71 36.27
C GLN DA 38 97.51 -62.46 36.91
N ALA DA 39 96.89 -61.57 36.15
CA ALA DA 39 96.20 -60.44 36.74
C ALA DA 39 94.84 -60.87 37.30
N LEU DA 40 94.21 -61.85 36.68
CA LEU DA 40 92.99 -62.44 37.22
C LEU DA 40 93.28 -63.40 38.36
N ALA DA 41 94.54 -63.72 38.61
CA ALA DA 41 94.91 -64.60 39.71
C ALA DA 41 95.13 -63.85 41.02
N LYS DA 42 95.18 -62.52 40.98
CA LYS DA 42 95.45 -61.75 42.18
C LYS DA 42 94.20 -61.31 42.92
N ASN DA 43 93.05 -61.27 42.26
CA ASN DA 43 91.80 -60.84 42.88
C ASN DA 43 90.81 -61.99 42.91
N ALA DA 44 91.27 -63.16 43.36
CA ALA DA 44 90.49 -64.38 43.33
C ALA DA 44 89.30 -64.31 44.28
N ARG DA 45 88.19 -64.88 43.82
CA ARG DA 45 87.00 -65.02 44.63
C ARG DA 45 86.89 -66.47 45.06
N ASN DA 46 86.78 -66.69 46.37
CA ASN DA 46 86.69 -68.04 46.90
C ASN DA 46 85.36 -68.68 46.51
N THR DA 47 85.44 -69.85 45.88
CA THR DA 47 84.23 -70.54 45.46
C THR DA 47 83.46 -71.08 46.65
N THR DA 48 84.08 -72.00 47.38
CA THR DA 48 83.53 -72.58 48.60
C THR DA 48 84.30 -71.96 49.79
N ALA DA 49 83.80 -72.15 51.01
CA ALA DA 49 84.34 -71.56 52.24
C ALA DA 49 85.73 -72.08 52.61
N ASP DA 50 86.28 -73.03 51.86
CA ASP DA 50 87.71 -73.28 51.79
C ASP DA 50 88.42 -71.94 51.53
N PRO DA 51 89.29 -71.49 52.43
CA PRO DA 51 89.88 -70.15 52.28
C PRO DA 51 90.87 -70.04 51.14
N GLN DA 52 91.29 -71.13 50.52
CA GLN DA 52 92.15 -71.10 49.35
C GLN DA 52 91.50 -71.79 48.16
N SER DA 53 90.17 -71.80 48.11
CA SER DA 53 89.47 -72.22 46.89
C SER DA 53 89.61 -71.19 45.80
N GLY DA 54 89.94 -69.95 46.16
CA GLY DA 54 90.32 -68.96 45.18
C GLY DA 54 91.64 -69.23 44.49
N GLN DA 55 92.57 -69.86 45.17
CA GLN DA 55 93.87 -70.14 44.59
C GLN DA 55 93.93 -71.50 43.92
N LYS DA 56 93.22 -72.49 44.44
CA LYS DA 56 93.37 -73.86 43.98
C LYS DA 56 92.49 -74.16 42.77
N ARG DA 57 92.12 -73.15 42.00
CA ARG DA 57 91.57 -73.37 40.67
C ARG DA 57 92.41 -72.71 39.59
N PHE DA 58 93.21 -71.70 39.94
CA PHE DA 58 93.99 -70.98 38.93
C PHE DA 58 95.26 -71.75 38.57
N GLU DA 59 95.86 -72.43 39.55
CA GLU DA 59 96.97 -73.31 39.25
C GLU DA 59 96.49 -74.55 38.49
N ARG DA 60 95.21 -74.90 38.67
CA ARG DA 60 94.65 -76.01 37.91
C ARG DA 60 94.28 -75.61 36.51
N TYR DA 61 93.94 -74.33 36.30
CA TYR DA 61 93.59 -73.84 34.98
C TYR DA 61 94.78 -73.32 34.20
N SER DA 62 96.00 -73.61 34.65
CA SER DA 62 97.18 -73.05 34.00
C SER DA 62 97.54 -73.83 32.75
N GLN DA 63 97.13 -75.10 32.68
CA GLN DA 63 97.49 -75.93 31.53
C GLN DA 63 96.52 -75.72 30.37
N ALA DA 64 95.42 -75.03 30.62
CA ALA DA 64 94.47 -74.73 29.55
C ALA DA 64 94.97 -73.57 28.70
N LEU DA 65 94.14 -73.14 27.76
CA LEU DA 65 94.52 -72.10 26.81
C LEU DA 65 93.65 -70.86 27.01
N CYS DA 66 94.23 -69.82 27.57
CA CYS DA 66 93.55 -68.54 27.76
C CYS DA 66 93.90 -67.63 26.60
N GLY DA 67 92.89 -67.02 25.99
CA GLY DA 67 93.10 -66.13 24.88
C GLY DA 67 93.59 -64.76 25.32
N PRO DA 68 93.20 -63.71 24.59
CA PRO DA 68 93.55 -62.36 25.03
C PRO DA 68 92.79 -61.91 26.24
N GLU DA 69 91.66 -62.54 26.55
CA GLU DA 69 90.79 -62.09 27.62
C GLU DA 69 91.27 -62.57 28.98
N GLY DA 70 91.90 -63.73 29.02
CA GLY DA 70 92.29 -64.35 30.26
C GLY DA 70 91.42 -65.52 30.69
N TYR DA 71 90.63 -66.08 29.78
CA TYR DA 71 89.70 -67.13 30.14
C TYR DA 71 90.05 -68.39 29.35
N PRO DA 72 90.05 -69.55 29.98
CA PRO DA 72 90.44 -70.78 29.26
C PRO DA 72 89.42 -71.19 28.21
N HIS DA 73 89.89 -71.29 26.97
CA HIS DA 73 89.06 -71.62 25.82
C HIS DA 73 89.20 -73.12 25.55
N LEU DA 74 88.09 -73.84 25.72
CA LEU DA 74 88.13 -75.29 25.59
C LEU DA 74 88.28 -75.69 24.13
N ILE DA 75 88.90 -76.85 23.91
CA ILE DA 75 89.16 -77.36 22.58
C ILE DA 75 88.39 -78.67 22.46
N VAL DA 76 87.38 -78.69 21.61
CA VAL DA 76 86.56 -79.88 21.40
C VAL DA 76 87.00 -80.64 20.14
N ASP DA 77 88.25 -80.44 19.72
CA ASP DA 77 88.76 -81.04 18.50
C ASP DA 77 88.91 -82.55 18.62
N GLY DA 78 89.44 -83.02 19.74
CA GLY DA 78 89.89 -84.38 19.87
C GLY DA 78 91.39 -84.54 19.99
N ARG DA 79 92.12 -83.44 20.13
CA ARG DA 79 93.56 -83.52 20.39
C ARG DA 79 93.80 -84.11 21.77
N LEU DA 80 94.81 -84.97 21.87
CA LEU DA 80 95.01 -85.72 23.10
C LEU DA 80 95.68 -84.91 24.20
N ASP DA 81 96.35 -83.81 23.86
CA ASP DA 81 96.78 -82.89 24.91
C ASP DA 81 95.63 -82.04 25.45
N ARG DA 82 94.50 -82.05 24.76
CA ARG DA 82 93.30 -81.32 25.16
C ARG DA 82 92.13 -82.29 25.34
N ALA DA 83 92.41 -83.51 25.78
CA ALA DA 83 91.37 -84.51 25.95
C ALA DA 83 90.47 -84.23 27.15
N GLY DA 84 90.95 -83.43 28.11
CA GLY DA 84 90.17 -83.18 29.31
C GLY DA 84 88.97 -82.29 29.11
N ASP DA 85 88.95 -81.50 28.03
CA ASP DA 85 87.83 -80.59 27.80
C ASP DA 85 86.59 -81.37 27.38
N PHE DA 86 86.68 -82.08 26.27
CA PHE DA 86 85.53 -82.72 25.66
C PHE DA 86 85.64 -84.23 25.57
N LEU DA 87 86.84 -84.78 25.36
CA LEU DA 87 86.99 -86.21 25.12
C LEU DA 87 86.67 -87.02 26.36
N ILE DA 88 87.26 -86.64 27.50
CA ILE DA 88 87.02 -87.31 28.77
C ILE DA 88 85.58 -87.15 29.27
N PRO DA 89 84.94 -85.96 29.24
CA PRO DA 89 83.53 -85.92 29.67
C PRO DA 89 82.57 -86.56 28.69
N SER DA 90 82.96 -86.78 27.43
CA SER DA 90 82.04 -87.40 26.48
C SER DA 90 81.84 -88.89 26.76
N ILE DA 91 82.92 -89.59 27.08
CA ILE DA 91 82.80 -90.99 27.49
C ILE DA 91 82.09 -91.08 28.84
N LEU DA 92 82.34 -90.10 29.71
CA LEU DA 92 81.75 -90.09 31.03
C LEU DA 92 80.25 -89.80 30.97
N PHE DA 93 79.84 -88.94 30.03
CA PHE DA 93 78.42 -88.67 29.91
C PHE DA 93 77.67 -89.81 29.23
N LEU DA 94 78.19 -90.31 28.10
CA LEU DA 94 77.46 -91.27 27.31
C LEU DA 94 77.37 -92.63 27.97
N TYR DA 95 78.20 -92.90 28.98
CA TYR DA 95 77.98 -94.08 29.80
C TYR DA 95 76.78 -93.88 30.72
N ILE DA 96 76.64 -92.67 31.27
CA ILE DA 96 75.59 -92.39 32.24
C ILE DA 96 74.27 -92.13 31.53
N ALA DA 97 74.32 -91.55 30.34
CA ALA DA 97 73.07 -91.21 29.64
C ALA DA 97 72.49 -92.42 28.93
N GLY DA 98 73.34 -93.28 28.37
CA GLY DA 98 72.85 -94.51 27.79
C GLY DA 98 72.44 -95.52 28.83
N TRP DA 99 72.94 -95.35 30.06
CA TRP DA 99 72.40 -96.07 31.21
C TRP DA 99 70.92 -95.80 31.40
N ILE DA 100 70.57 -94.52 31.57
CA ILE DA 100 69.23 -94.11 32.00
C ILE DA 100 68.20 -94.47 30.94
N GLY DA 101 68.60 -94.42 29.68
CA GLY DA 101 67.74 -94.93 28.63
C GLY DA 101 67.56 -96.43 28.71
N TRP DA 102 68.63 -97.17 28.99
CA TRP DA 102 68.56 -98.62 28.97
C TRP DA 102 67.77 -99.15 30.16
N VAL DA 103 67.89 -98.49 31.31
CA VAL DA 103 67.11 -98.85 32.48
C VAL DA 103 65.64 -98.55 32.23
N GLY DA 104 65.35 -97.38 31.66
CA GLY DA 104 63.97 -97.04 31.34
C GLY DA 104 63.41 -97.84 30.20
N ARG DA 105 64.28 -98.40 29.34
CA ARG DA 105 63.79 -99.26 28.27
C ARG DA 105 63.47 -100.65 28.80
N ALA DA 106 64.37 -101.22 29.59
CA ALA DA 106 64.22 -102.61 30.02
C ALA DA 106 63.12 -102.77 31.07
N TYR DA 107 62.78 -101.71 31.79
CA TYR DA 107 61.62 -101.76 32.67
C TYR DA 107 60.32 -101.84 31.88
N LEU DA 108 60.18 -101.01 30.86
CA LEU DA 108 58.99 -101.02 30.02
C LEU DA 108 58.85 -102.29 29.21
N GLN DA 109 59.95 -103.00 28.98
CA GLN DA 109 59.86 -104.33 28.39
C GLN DA 109 59.25 -105.31 29.38
N ALA DA 110 59.47 -105.11 30.68
CA ALA DA 110 59.04 -106.06 31.68
C ALA DA 110 57.55 -105.89 32.01
N ILE DA 111 57.11 -104.65 32.19
CA ILE DA 111 55.77 -104.42 32.71
C ILE DA 111 54.71 -104.67 31.68
N LYS DA 112 55.06 -104.70 30.39
CA LYS DA 112 54.09 -104.93 29.32
C LYS DA 112 53.47 -106.32 29.42
N LYS DA 113 54.24 -107.29 29.89
CA LYS DA 113 53.71 -108.63 30.11
C LYS DA 113 53.22 -108.83 31.54
N ASP DA 114 52.36 -107.92 32.01
CA ASP DA 114 51.78 -108.02 33.34
C ASP DA 114 50.25 -107.94 33.28
N SER DA 115 49.62 -107.81 34.45
CA SER DA 115 48.17 -107.83 34.53
C SER DA 115 47.55 -106.54 34.02
N ASP DA 116 48.10 -105.39 34.41
CA ASP DA 116 47.51 -104.10 34.05
C ASP DA 116 48.42 -103.26 33.16
N THR DA 117 49.66 -102.98 33.61
CA THR DA 117 50.79 -102.21 33.05
C THR DA 117 50.57 -100.68 33.15
N GLU DA 118 49.36 -100.20 33.39
CA GLU DA 118 49.23 -98.76 33.55
C GLU DA 118 49.40 -98.31 34.99
N GLN DA 119 49.05 -99.17 35.95
CA GLN DA 119 49.36 -98.90 37.35
C GLN DA 119 50.87 -98.90 37.58
N LYS DA 120 51.58 -99.85 36.98
CA LYS DA 120 53.02 -99.97 37.18
C LYS DA 120 53.83 -98.88 36.49
N GLU DA 121 53.18 -97.98 35.75
CA GLU DA 121 53.79 -96.82 35.10
C GLU DA 121 53.86 -95.63 36.05
N ILE DA 122 52.72 -95.21 36.62
CA ILE DA 122 52.73 -94.10 37.56
C ILE DA 122 53.15 -94.55 38.95
N GLN DA 123 52.84 -95.79 39.31
CA GLN DA 123 52.98 -96.32 40.66
C GLN DA 123 53.98 -97.46 40.54
N LEU DA 124 55.24 -97.17 40.85
CA LEU DA 124 56.35 -98.00 40.39
C LEU DA 124 56.38 -99.35 41.09
N ASP DA 125 56.45 -100.40 40.28
CA ASP DA 125 56.65 -101.74 40.82
C ASP DA 125 58.10 -101.83 41.28
N LEU DA 126 58.31 -101.56 42.57
CA LEU DA 126 59.65 -101.46 43.11
C LEU DA 126 60.35 -102.82 43.17
N GLY DA 127 59.58 -103.91 43.20
CA GLY DA 127 60.16 -105.23 43.13
C GLY DA 127 60.71 -105.59 41.76
N ILE DA 128 60.29 -104.89 40.72
CA ILE DA 128 60.76 -105.15 39.36
C ILE DA 128 61.73 -104.07 38.91
N ALA DA 129 61.56 -102.83 39.38
CA ALA DA 129 62.42 -101.73 38.94
C ALA DA 129 63.84 -101.87 39.48
N LEU DA 130 64.00 -102.40 40.68
CA LEU DA 130 65.31 -102.55 41.32
C LEU DA 130 66.23 -103.63 40.74
N PRO DA 131 65.75 -104.79 40.23
CA PRO DA 131 66.67 -105.64 39.46
C PRO DA 131 67.14 -105.03 38.15
N ILE DA 132 66.31 -104.19 37.52
CA ILE DA 132 66.67 -103.58 36.24
C ILE DA 132 67.75 -102.53 36.44
N ILE DA 133 67.72 -101.84 37.59
CA ILE DA 133 68.70 -100.78 37.85
C ILE DA 133 70.09 -101.37 38.09
N ALA DA 134 70.17 -102.51 38.78
CA ALA DA 134 71.46 -103.11 39.06
C ALA DA 134 72.04 -103.80 37.82
N THR DA 135 71.18 -104.15 36.86
CA THR DA 135 71.58 -104.94 35.69
C THR DA 135 72.46 -104.13 34.74
N GLY DA 136 72.41 -102.79 34.84
CA GLY DA 136 72.61 -101.94 33.68
C GLY DA 136 74.01 -101.93 33.09
N PHE DA 137 75.03 -102.19 33.91
CA PHE DA 137 76.40 -101.82 33.54
C PHE DA 137 76.98 -102.63 32.38
N ALA DA 138 76.29 -103.67 31.94
CA ALA DA 138 76.60 -104.26 30.65
C ALA DA 138 75.60 -103.86 29.57
N TRP DA 139 75.08 -102.63 29.61
CA TRP DA 139 74.24 -102.18 28.50
C TRP DA 139 74.98 -102.02 27.16
N PRO DA 140 76.27 -101.65 27.06
CA PRO DA 140 76.91 -101.79 25.73
C PRO DA 140 77.06 -103.24 25.32
N ALA DA 141 77.28 -104.12 26.29
CA ALA DA 141 77.27 -105.55 26.00
C ALA DA 141 75.86 -106.07 25.74
N ALA DA 142 74.83 -105.35 26.16
CA ALA DA 142 73.47 -105.78 25.89
C ALA DA 142 72.88 -105.10 24.66
N ALA DA 143 73.20 -103.83 24.41
CA ALA DA 143 72.63 -103.13 23.26
C ALA DA 143 73.17 -103.68 21.95
N VAL DA 144 74.47 -103.99 21.91
CA VAL DA 144 75.05 -104.64 20.74
C VAL DA 144 74.50 -106.05 20.59
N LYS DA 145 74.22 -106.72 21.71
CA LYS DA 145 73.54 -108.01 21.64
C LYS DA 145 72.10 -107.86 21.15
N GLU DA 146 71.42 -106.80 21.58
CA GLU DA 146 70.07 -106.57 21.07
C GLU DA 146 70.09 -106.10 19.62
N LEU DA 147 71.15 -105.40 19.21
CA LEU DA 147 71.23 -104.92 17.84
C LEU DA 147 71.44 -106.05 16.86
N LEU DA 148 72.38 -106.94 17.15
CA LEU DA 148 72.71 -108.01 16.21
C LEU DA 148 71.66 -109.10 16.19
N SER DA 149 70.88 -109.25 17.26
CA SER DA 149 69.77 -110.19 17.26
C SER DA 149 68.53 -109.65 16.57
N GLY DA 150 68.54 -108.38 16.17
CA GLY DA 150 67.38 -107.79 15.54
C GLY DA 150 66.22 -107.55 16.47
N GLU DA 151 66.46 -107.51 17.78
CA GLU DA 151 65.42 -107.24 18.75
C GLU DA 151 65.53 -105.85 19.34
N LEU DA 152 66.41 -105.00 18.80
CA LEU DA 152 66.42 -103.60 19.20
C LEU DA 152 65.25 -102.86 18.61
N THR DA 153 65.03 -102.98 17.32
CA THR DA 153 64.02 -102.24 16.61
C THR DA 153 62.74 -103.04 16.51
N ALA DA 154 61.76 -102.49 15.79
CA ALA DA 154 60.51 -103.17 15.52
C ALA DA 154 60.25 -103.18 14.02
N LYS DA 155 59.25 -103.95 13.61
CA LYS DA 155 58.90 -104.01 12.21
C LYS DA 155 58.02 -102.84 11.82
N ASP DA 156 58.22 -102.34 10.60
CA ASP DA 156 57.40 -101.23 10.11
C ASP DA 156 55.98 -101.67 9.79
N SER DA 157 55.76 -102.96 9.61
CA SER DA 157 54.40 -103.47 9.45
C SER DA 157 53.67 -103.63 10.77
N GLU DA 158 54.33 -103.40 11.90
CA GLU DA 158 53.72 -103.57 13.21
C GLU DA 158 53.60 -102.27 14.00
N ILE DA 159 54.03 -101.15 13.43
CA ILE DA 159 53.90 -99.84 14.05
C ILE DA 159 52.75 -99.12 13.36
N THR DA 160 51.93 -98.43 14.14
CA THR DA 160 50.90 -97.59 13.55
C THR DA 160 51.51 -96.39 12.85
N VAL DA 161 50.94 -96.04 11.69
CA VAL DA 161 51.42 -94.93 10.88
C VAL DA 161 50.25 -94.07 10.46
N SER DA 162 50.56 -92.84 10.09
CA SER DA 162 49.59 -91.88 9.61
C SER DA 162 49.27 -92.14 8.13
N PRO DA 163 48.04 -91.84 7.71
CA PRO DA 163 47.73 -91.93 6.27
C PRO DA 163 48.50 -90.88 5.49
N ARG DA 164 49.07 -91.32 4.37
CA ARG DA 164 50.07 -90.54 3.65
C ARG DA 164 49.46 -89.37 2.90
N ALA EA 13 60.74 -26.02 -8.48
CA ALA EA 13 59.29 -26.09 -8.44
C ALA EA 13 58.83 -26.90 -7.24
N SER EA 14 59.28 -26.50 -6.05
CA SER EA 14 58.96 -27.24 -4.84
C SER EA 14 57.55 -26.98 -4.32
N PHE EA 15 56.75 -26.17 -5.01
CA PHE EA 15 55.38 -25.93 -4.62
C PHE EA 15 54.44 -27.06 -5.03
N LEU EA 16 54.93 -28.03 -5.80
CA LEU EA 16 54.08 -29.15 -6.19
C LEU EA 16 53.80 -30.08 -5.01
N SER EA 17 54.64 -30.02 -3.98
CA SER EA 17 54.37 -30.75 -2.75
C SER EA 17 53.12 -30.23 -2.06
N SER EA 18 52.84 -28.93 -2.18
CA SER EA 18 51.64 -28.37 -1.58
C SER EA 18 50.37 -28.77 -2.30
N ILE EA 19 50.46 -29.35 -3.49
CA ILE EA 19 49.28 -29.70 -4.27
C ILE EA 19 49.19 -31.20 -4.55
N PHE EA 20 50.27 -31.97 -4.44
CA PHE EA 20 50.16 -33.42 -4.54
C PHE EA 20 49.94 -34.12 -3.21
N VAL EA 21 50.57 -33.63 -2.14
CA VAL EA 21 50.45 -34.29 -0.84
C VAL EA 21 49.04 -34.12 -0.24
N PRO EA 22 48.38 -32.96 -0.25
CA PRO EA 22 46.99 -32.95 0.22
C PRO EA 22 46.02 -33.70 -0.66
N VAL EA 23 46.29 -33.83 -1.96
CA VAL EA 23 45.41 -34.62 -2.81
C VAL EA 23 45.52 -36.10 -2.48
N ILE EA 24 46.75 -36.57 -2.25
CA ILE EA 24 46.95 -37.97 -1.90
C ILE EA 24 46.59 -38.20 -0.43
N GLY EA 25 46.77 -37.20 0.42
CA GLY EA 25 46.35 -37.32 1.80
C GLY EA 25 44.85 -37.29 2.01
N TRP EA 26 44.15 -36.40 1.30
CA TRP EA 26 42.72 -36.20 1.49
C TRP EA 26 41.89 -36.70 0.31
N VAL EA 27 42.18 -36.20 -0.89
CA VAL EA 27 41.26 -36.36 -2.01
C VAL EA 27 41.31 -37.80 -2.55
N VAL EA 28 42.50 -38.40 -2.57
CA VAL EA 28 42.63 -39.77 -3.06
C VAL EA 28 41.92 -40.80 -2.18
N PRO EA 29 42.02 -40.78 -0.83
CA PRO EA 29 41.20 -41.75 -0.08
C PRO EA 29 39.72 -41.44 -0.09
N ILE EA 30 39.32 -40.17 -0.10
CA ILE EA 30 37.89 -39.83 -0.15
C ILE EA 30 37.28 -40.30 -1.47
N ALA EA 31 38.00 -40.13 -2.57
CA ALA EA 31 37.48 -40.63 -3.85
C ALA EA 31 37.53 -42.14 -3.93
N THR EA 32 38.48 -42.79 -3.26
CA THR EA 32 38.59 -44.24 -3.33
C THR EA 32 37.57 -44.91 -2.42
N PHE EA 33 37.46 -44.45 -1.17
CA PHE EA 33 36.58 -45.08 -0.21
C PHE EA 33 35.12 -44.87 -0.58
N SER EA 34 34.78 -43.70 -1.11
CA SER EA 34 33.42 -43.46 -1.53
C SER EA 34 33.07 -44.21 -2.80
N PHE EA 35 34.07 -44.63 -3.57
CA PHE EA 35 33.77 -45.52 -4.68
C PHE EA 35 33.60 -46.94 -4.20
N LEU EA 36 34.47 -47.39 -3.29
CA LEU EA 36 34.47 -48.79 -2.89
C LEU EA 36 33.29 -49.11 -1.99
N PHE EA 37 32.90 -48.16 -1.13
CA PHE EA 37 31.73 -48.37 -0.28
C PHE EA 37 30.45 -48.48 -1.10
N LEU EA 38 30.33 -47.70 -2.17
CA LEU EA 38 29.18 -47.82 -3.04
C LEU EA 38 29.30 -48.99 -3.99
N TYR EA 39 30.49 -49.58 -4.13
CA TYR EA 39 30.65 -50.74 -4.99
C TYR EA 39 30.43 -52.05 -4.25
N ILE EA 40 30.88 -52.14 -3.00
CA ILE EA 40 30.66 -53.36 -2.24
C ILE EA 40 29.20 -53.45 -1.80
N GLU EA 41 28.55 -52.31 -1.60
CA GLU EA 41 27.11 -52.30 -1.27
C GLU EA 41 26.29 -51.96 -2.52
N ARG EA 42 26.26 -52.91 -3.44
CA ARG EA 42 25.64 -52.71 -4.74
C ARG EA 42 25.03 -54.04 -5.17
N GLU EA 43 23.71 -54.11 -5.17
CA GLU EA 43 23.01 -55.35 -5.47
C GLU EA 43 23.13 -55.75 -6.94
N ASP FA 6 47.40 -104.95 55.99
CA ASP FA 6 48.74 -104.55 56.37
C ASP FA 6 48.94 -103.07 56.11
N GLN FA 7 49.07 -102.29 57.18
CA GLN FA 7 49.23 -100.84 57.02
C GLN FA 7 50.60 -100.47 56.50
N SER FA 8 51.60 -101.31 56.73
CA SER FA 8 52.97 -100.97 56.33
C SER FA 8 53.17 -101.10 54.83
N SER FA 9 52.39 -101.95 54.16
CA SER FA 9 52.53 -102.15 52.72
C SER FA 9 52.04 -100.93 51.96
N TYR FA 10 51.13 -100.16 52.55
CA TYR FA 10 50.60 -98.95 51.92
C TYR FA 10 51.62 -97.83 51.92
N LEU FA 11 52.65 -97.94 52.75
CA LEU FA 11 53.69 -96.91 52.79
C LEU FA 11 54.79 -97.20 51.78
N ILE FA 12 55.08 -98.48 51.52
CA ILE FA 12 55.94 -98.84 50.39
C ILE FA 12 55.22 -98.54 49.08
N LYS FA 13 53.90 -98.76 49.04
CA LYS FA 13 53.17 -98.51 47.82
C LYS FA 13 52.92 -97.02 47.59
N PHE FA 14 53.01 -96.19 48.65
CA PHE FA 14 52.93 -94.75 48.47
C PHE FA 14 54.28 -94.12 48.15
N ILE FA 15 55.36 -94.70 48.66
CA ILE FA 15 56.69 -94.15 48.40
C ILE FA 15 57.14 -94.43 46.97
N SER FA 16 56.43 -95.30 46.25
CA SER FA 16 56.75 -95.64 44.87
C SER FA 16 55.64 -95.22 43.91
N THR FA 17 55.03 -94.06 44.15
CA THR FA 17 54.20 -93.44 43.13
C THR FA 17 55.07 -92.49 42.30
N ALA FA 18 54.46 -91.74 41.39
CA ALA FA 18 55.26 -90.92 40.48
C ALA FA 18 55.92 -89.71 41.16
N PRO FA 19 55.19 -88.80 41.85
CA PRO FA 19 55.91 -87.62 42.35
C PRO FA 19 56.72 -87.89 43.60
N VAL FA 20 56.45 -88.96 44.33
CA VAL FA 20 57.14 -89.23 45.57
C VAL FA 20 58.47 -89.91 45.32
N ALA FA 21 58.51 -90.88 44.40
CA ALA FA 21 59.77 -91.49 44.00
C ALA FA 21 60.66 -90.50 43.29
N ALA FA 22 60.07 -89.69 42.40
CA ALA FA 22 60.86 -88.70 41.68
C ALA FA 22 61.28 -87.53 42.55
N THR FA 23 60.66 -87.34 43.72
CA THR FA 23 61.18 -86.32 44.62
C THR FA 23 62.38 -86.85 45.37
N ILE FA 24 62.32 -88.10 45.82
CA ILE FA 24 63.41 -88.70 46.58
C ILE FA 24 64.61 -88.98 45.69
N TRP FA 25 64.37 -89.51 44.48
CA TRP FA 25 65.46 -89.87 43.59
C TRP FA 25 66.17 -88.63 43.06
N LEU FA 26 65.43 -87.57 42.75
CA LEU FA 26 66.07 -86.32 42.36
C LEU FA 26 66.68 -85.57 43.53
N THR FA 27 66.32 -85.93 44.76
CA THR FA 27 66.99 -85.32 45.90
C THR FA 27 68.33 -86.00 46.16
N ILE FA 28 68.36 -87.33 46.04
CA ILE FA 28 69.62 -88.07 46.13
C ILE FA 28 70.53 -87.70 44.97
N THR FA 29 69.96 -87.51 43.78
CA THR FA 29 70.74 -87.11 42.61
C THR FA 29 71.33 -85.72 42.80
N ALA FA 30 70.51 -84.76 43.24
CA ALA FA 30 71.00 -83.40 43.42
C ALA FA 30 71.96 -83.30 44.60
N GLY FA 31 71.78 -84.13 45.63
CA GLY FA 31 72.67 -84.09 46.77
C GLY FA 31 74.05 -84.65 46.47
N ILE FA 32 74.14 -85.57 45.51
CA ILE FA 32 75.44 -86.07 45.08
C ILE FA 32 76.21 -85.00 44.35
N LEU FA 33 75.54 -84.22 43.50
CA LEU FA 33 76.21 -83.14 42.77
C LEU FA 33 76.59 -81.99 43.68
N ILE FA 34 75.85 -81.79 44.76
CA ILE FA 34 76.16 -80.70 45.68
C ILE FA 34 77.32 -81.07 46.60
N GLU FA 35 77.30 -82.28 47.16
CA GLU FA 35 78.39 -82.67 48.04
C GLU FA 35 79.64 -83.09 47.28
N PHE FA 36 79.56 -83.30 45.97
CA PHE FA 36 80.77 -83.45 45.18
C PHE FA 36 81.40 -82.09 44.90
N ASN FA 37 80.60 -81.03 44.91
CA ASN FA 37 81.09 -79.71 44.55
C ASN FA 37 81.51 -78.86 45.75
N ARG FA 38 81.24 -79.31 46.97
CA ARG FA 38 81.83 -78.62 48.11
C ARG FA 38 83.29 -79.00 48.27
N PHE FA 39 83.62 -80.26 48.00
CA PHE FA 39 84.95 -80.79 48.25
C PHE FA 39 85.87 -80.67 47.04
N PHE FA 40 85.34 -80.87 45.84
CA PHE FA 40 86.11 -80.75 44.61
C PHE FA 40 85.43 -79.74 43.72
N PRO FA 41 85.66 -78.45 43.94
CA PRO FA 41 84.98 -77.42 43.17
C PRO FA 41 85.72 -77.14 41.88
N ASP FA 42 85.09 -76.30 41.05
CA ASP FA 42 85.73 -75.58 39.94
C ASP FA 42 86.23 -76.52 38.83
N LEU FA 43 85.60 -77.68 38.68
CA LEU FA 43 86.08 -78.68 37.72
C LEU FA 43 85.56 -78.33 36.33
N LEU FA 44 86.28 -77.41 35.68
CA LEU FA 44 85.91 -77.03 34.32
C LEU FA 44 86.21 -78.16 33.33
N PHE FA 45 87.35 -78.81 33.47
CA PHE FA 45 87.75 -79.88 32.57
C PHE FA 45 88.57 -80.89 33.36
N HIS FA 46 88.75 -82.07 32.76
CA HIS FA 46 89.55 -83.09 33.43
C HIS FA 46 91.02 -82.73 33.32
N PRO FA 47 91.78 -82.78 34.41
CA PRO FA 47 93.14 -82.21 34.40
C PRO FA 47 94.19 -83.03 33.67
N LEU FA 48 93.89 -84.29 33.32
CA LEU FA 48 94.82 -85.24 32.67
C LEU FA 48 96.13 -85.44 33.43
N TRP GA 16 36.90 -35.31 83.18
CA TRP GA 16 37.04 -34.65 84.46
C TRP GA 16 35.69 -34.50 85.11
N SER GA 17 34.90 -35.58 85.02
CA SER GA 17 33.56 -35.64 85.63
C SER GA 17 33.59 -36.74 86.69
N PRO GA 18 33.95 -36.43 87.93
CA PRO GA 18 33.84 -37.41 89.01
C PRO GA 18 32.39 -37.68 89.35
N THR GA 19 32.17 -38.81 90.03
CA THR GA 19 30.82 -39.22 90.38
C THR GA 19 30.24 -38.28 91.43
N VAL GA 20 29.38 -37.38 90.98
CA VAL GA 20 28.60 -36.54 91.85
C VAL GA 20 27.37 -37.38 92.21
N GLY GA 21 26.63 -36.96 93.24
CA GLY GA 21 25.41 -37.67 93.60
C GLY GA 21 24.33 -37.60 92.54
N ILE GA 22 24.40 -36.61 91.65
CA ILE GA 22 23.37 -36.37 90.64
C ILE GA 22 23.86 -36.82 89.27
N ILE GA 23 24.80 -37.76 89.23
CA ILE GA 23 25.24 -38.30 87.95
C ILE GA 23 24.46 -39.57 87.59
N MET GA 24 23.30 -39.79 88.20
CA MET GA 24 22.42 -40.86 87.73
C MET GA 24 21.56 -40.38 86.55
N VAL GA 25 22.21 -39.70 85.61
CA VAL GA 25 21.66 -39.48 84.28
C VAL GA 25 21.48 -40.82 83.58
N ILE GA 26 22.41 -41.76 83.81
CA ILE GA 26 22.30 -43.08 83.24
C ILE GA 26 21.14 -43.85 83.84
N ALA GA 27 20.75 -43.54 85.08
CA ALA GA 27 19.57 -44.16 85.68
C ALA GA 27 18.29 -43.68 85.00
N ASN GA 28 18.29 -42.45 84.48
CA ASN GA 28 17.22 -42.03 83.58
C ASN GA 28 17.34 -42.75 82.24
N VAL GA 29 18.56 -42.86 81.72
CA VAL GA 29 18.79 -43.41 80.38
C VAL GA 29 18.46 -44.91 80.35
N ILE GA 30 18.78 -45.62 81.42
CA ILE GA 30 18.34 -47.01 81.54
C ILE GA 30 16.82 -47.07 81.67
N ALA GA 31 16.23 -46.17 82.45
CA ALA GA 31 14.77 -46.13 82.60
C ALA GA 31 14.08 -45.67 81.32
N ILE GA 32 14.78 -44.94 80.46
CA ILE GA 32 14.27 -44.66 79.12
C ILE GA 32 14.15 -45.95 78.32
N THR GA 33 15.14 -46.84 78.45
CA THR GA 33 15.32 -47.92 77.48
C THR GA 33 14.27 -49.01 77.64
N PHE GA 34 14.12 -49.57 78.84
CA PHE GA 34 13.11 -50.62 78.97
C PHE GA 34 11.69 -50.05 79.05
N GLY GA 35 11.55 -48.74 79.23
CA GLY GA 35 10.27 -48.11 78.96
C GLY GA 35 10.03 -47.94 77.48
N ARG GA 36 11.11 -47.83 76.70
CA ARG GA 36 11.02 -47.79 75.25
C ARG GA 36 10.84 -49.18 74.67
N GLN GA 37 11.72 -50.10 75.03
CA GLN GA 37 11.92 -51.31 74.27
C GLN GA 37 11.01 -52.45 74.73
N THR GA 38 10.21 -52.23 75.79
CA THR GA 38 9.18 -53.20 76.17
C THR GA 38 8.15 -53.37 75.07
N ILE GA 39 7.74 -52.27 74.43
CA ILE GA 39 6.70 -52.30 73.41
C ILE GA 39 7.31 -52.56 72.03
N LYS GA 40 8.62 -52.81 71.97
CA LYS GA 40 9.30 -52.85 70.70
C LYS GA 40 10.05 -54.16 70.43
N TYR GA 41 10.17 -55.07 71.41
CA TYR GA 41 10.75 -56.37 71.10
C TYR GA 41 9.76 -57.23 70.31
N PRO GA 42 10.26 -58.10 69.44
CA PRO GA 42 9.36 -59.06 68.78
C PRO GA 42 9.04 -60.27 69.64
N SER GA 43 9.99 -60.73 70.44
CA SER GA 43 9.85 -62.00 71.15
C SER GA 43 9.73 -61.80 72.66
N ALA GA 44 10.72 -61.15 73.28
CA ALA GA 44 10.64 -60.52 74.60
C ALA GA 44 10.45 -61.46 75.80
N GLU GA 45 10.27 -62.76 75.60
CA GLU GA 45 10.17 -63.72 76.70
C GLU GA 45 10.72 -65.08 76.28
N PRO GA 46 12.05 -65.17 75.98
CA PRO GA 46 12.58 -66.40 75.37
C PRO GA 46 12.63 -67.64 76.27
N ALA GA 47 13.32 -67.54 77.41
CA ALA GA 47 13.65 -68.59 78.35
C ALA GA 47 14.43 -67.93 79.48
N LEU GA 48 14.57 -68.66 80.59
CA LEU GA 48 15.24 -68.25 81.82
C LEU GA 48 14.67 -66.91 82.31
N PRO GA 49 13.47 -66.90 82.89
CA PRO GA 49 12.88 -65.63 83.30
C PRO GA 49 13.39 -65.18 84.67
N SER GA 50 13.05 -63.95 85.01
CA SER GA 50 13.32 -63.38 86.33
C SER GA 50 12.00 -63.39 87.09
N ALA GA 51 11.71 -64.50 87.76
CA ALA GA 51 10.41 -64.73 88.37
C ALA GA 51 10.45 -64.35 89.85
N LYS GA 52 9.65 -63.35 90.24
CA LYS GA 52 8.82 -62.56 89.33
C LYS GA 52 9.33 -61.12 89.24
N PHE GA 53 8.94 -60.43 88.17
CA PHE GA 53 9.44 -59.10 87.89
C PHE GA 53 8.44 -58.40 86.97
N PHE GA 54 8.19 -57.13 87.27
CA PHE GA 54 7.20 -56.37 86.50
C PHE GA 54 7.71 -56.07 85.09
N GLY GA 55 6.80 -56.13 84.13
CA GLY GA 55 7.17 -56.00 82.74
C GLY GA 55 7.37 -57.36 82.10
N GLY GA 56 6.90 -57.53 80.87
CA GLY GA 56 7.00 -58.81 80.20
C GLY GA 56 8.40 -59.13 79.70
N PHE GA 57 9.33 -59.38 80.62
CA PHE GA 57 10.71 -59.64 80.28
C PHE GA 57 11.14 -61.02 80.76
N GLY GA 58 12.02 -61.64 79.98
CA GLY GA 58 12.91 -62.64 80.50
C GLY GA 58 14.15 -61.97 81.03
N ALA GA 59 15.00 -62.76 81.68
CA ALA GA 59 16.27 -62.22 82.16
C ALA GA 59 17.22 -61.74 81.07
N PRO GA 60 17.43 -62.41 79.91
CA PRO GA 60 18.30 -61.80 78.89
C PRO GA 60 17.72 -60.56 78.24
N ALA GA 61 16.39 -60.43 78.17
CA ALA GA 61 15.80 -59.24 77.58
C ALA GA 61 15.96 -58.03 78.49
N LEU GA 62 15.92 -58.22 79.80
CA LEU GA 62 16.07 -57.09 80.69
C LEU GA 62 17.52 -56.68 80.86
N LEU GA 63 18.46 -57.63 80.77
CA LEU GA 63 19.86 -57.24 80.77
C LEU GA 63 20.36 -56.85 79.38
N ALA GA 64 19.46 -56.79 78.39
CA ALA GA 64 19.75 -56.08 77.15
C ALA GA 64 19.50 -54.59 77.31
N THR GA 65 18.34 -54.24 77.88
CA THR GA 65 17.97 -52.84 78.04
C THR GA 65 18.85 -52.14 79.07
N THR GA 66 19.20 -52.82 80.16
CA THR GA 66 20.11 -52.23 81.12
C THR GA 66 21.54 -52.17 80.60
N ALA GA 67 21.88 -53.00 79.61
CA ALA GA 67 23.19 -52.88 78.97
C ALA GA 67 23.19 -51.83 77.89
N PHE GA 68 22.06 -51.67 77.18
CA PHE GA 68 21.98 -50.63 76.17
C PHE GA 68 21.88 -49.26 76.81
N GLY GA 69 21.14 -49.15 77.92
CA GLY GA 69 21.11 -47.91 78.66
C GLY GA 69 22.42 -47.57 79.34
N HIS GA 70 23.25 -48.57 79.64
CA HIS GA 70 24.54 -48.30 80.24
C HIS GA 70 25.55 -47.91 79.17
N ILE GA 71 25.20 -48.13 77.90
CA ILE GA 71 25.98 -47.67 76.75
C ILE GA 71 25.41 -46.38 76.17
N LEU GA 72 24.08 -46.26 76.14
CA LEU GA 72 23.46 -45.00 75.75
C LEU GA 72 23.72 -43.90 76.76
N GLY GA 73 24.01 -44.25 78.01
CA GLY GA 73 24.28 -43.28 79.04
C GLY GA 73 25.73 -42.89 79.16
N VAL GA 74 26.65 -43.72 78.67
CA VAL GA 74 28.06 -43.36 78.79
C VAL GA 74 28.43 -42.31 77.72
N GLY GA 75 27.79 -42.34 76.56
CA GLY GA 75 28.07 -41.35 75.55
C GLY GA 75 27.44 -40.02 75.87
N LEU GA 76 26.42 -40.05 76.72
CA LEU GA 76 25.69 -38.83 77.05
C LEU GA 76 26.43 -38.02 78.10
N VAL GA 77 26.96 -38.68 79.12
CA VAL GA 77 27.71 -38.00 80.18
C VAL GA 77 29.00 -37.41 79.62
N LEU GA 78 29.65 -38.15 78.73
CA LEU GA 78 30.84 -37.63 78.05
C LEU GA 78 30.49 -36.57 77.02
N GLY GA 79 29.26 -36.58 76.51
CA GLY GA 79 28.81 -35.50 75.66
C GLY GA 79 28.64 -34.21 76.42
N LEU GA 80 28.15 -34.29 77.66
CA LEU GA 80 28.00 -33.14 78.53
C LEU GA 80 29.30 -32.70 79.20
N HIS GA 81 30.42 -33.37 78.87
CA HIS GA 81 31.76 -33.11 79.41
C HIS GA 81 31.83 -33.16 80.93
N LEU HA 33 12.42 -53.50 27.26
CA LEU HA 33 11.61 -53.11 28.41
C LEU HA 33 11.41 -51.61 28.44
N GLU HA 34 10.95 -51.07 29.57
CA GLU HA 34 10.43 -49.71 29.61
C GLU HA 34 10.77 -49.06 30.94
N THR HA 35 11.49 -47.95 30.89
CA THR HA 35 12.01 -47.27 32.08
C THR HA 35 11.49 -45.84 32.17
N PRO HA 36 11.71 -45.15 33.29
CA PRO HA 36 11.54 -43.68 33.29
C PRO HA 36 12.63 -42.91 32.56
N VAL HA 37 13.55 -43.55 31.86
CA VAL HA 37 14.45 -42.82 30.99
C VAL HA 37 13.99 -42.90 29.54
N ASN HA 38 13.61 -44.08 29.05
CA ASN HA 38 13.12 -44.18 27.68
C ASN HA 38 11.64 -43.84 27.54
N ALA HA 39 10.90 -43.68 28.64
CA ALA HA 39 9.46 -43.50 28.49
C ALA HA 39 8.82 -42.51 29.45
N SER HA 40 9.58 -41.68 30.15
CA SER HA 40 8.94 -40.61 30.90
C SER HA 40 8.40 -39.57 29.93
N PRO HA 41 7.22 -39.01 30.18
CA PRO HA 41 6.61 -38.11 29.19
C PRO HA 41 7.34 -36.81 28.99
N LEU HA 42 8.24 -36.43 29.89
CA LEU HA 42 9.14 -35.30 29.60
C LEU HA 42 10.12 -35.65 28.50
N VAL HA 43 10.55 -36.91 28.42
CA VAL HA 43 11.52 -37.34 27.42
C VAL HA 43 10.84 -37.72 26.11
N LYS HA 44 9.66 -38.33 26.18
CA LYS HA 44 8.87 -38.60 24.98
C LYS HA 44 8.48 -37.31 24.27
N TRP HA 45 8.17 -36.26 25.04
CA TRP HA 45 7.81 -34.99 24.42
C TRP HA 45 9.03 -34.32 23.81
N PHE HA 46 10.21 -34.59 24.36
CA PHE HA 46 11.42 -33.95 23.86
C PHE HA 46 11.87 -34.57 22.54
N ILE HA 47 12.04 -35.89 22.54
CA ILE HA 47 12.59 -36.60 21.38
C ILE HA 47 11.64 -36.54 20.19
N ASN HA 48 10.34 -36.48 20.44
CA ASN HA 48 9.38 -36.30 19.36
C ASN HA 48 9.30 -34.86 18.86
N ASN HA 49 10.09 -33.95 19.42
CA ASN HA 49 10.13 -32.57 18.96
C ASN HA 49 11.51 -32.16 18.47
N LEU HA 50 12.45 -33.09 18.39
CA LEU HA 50 13.67 -32.80 17.67
C LEU HA 50 13.35 -32.75 16.18
N PRO HA 51 14.11 -31.97 15.40
CA PRO HA 51 13.82 -31.88 13.96
C PRO HA 51 14.03 -33.15 13.19
N ALA HA 52 14.73 -34.15 13.74
CA ALA HA 52 14.77 -35.45 13.09
C ALA HA 52 13.45 -36.18 13.18
N TYR HA 53 12.58 -35.82 14.12
CA TYR HA 53 11.34 -36.56 14.35
C TYR HA 53 10.08 -35.73 14.42
N ARG HA 54 10.17 -34.42 14.23
CA ARG HA 54 9.00 -33.56 14.40
C ARG HA 54 8.01 -33.79 13.26
N PRO HA 55 6.73 -33.99 13.53
CA PRO HA 55 5.78 -34.30 12.45
C PRO HA 55 5.50 -33.11 11.57
N GLY HA 56 5.24 -33.41 10.29
CA GLY HA 56 4.95 -32.40 9.30
C GLY HA 56 6.13 -31.51 8.95
N LEU HA 57 7.19 -32.10 8.41
CA LEU HA 57 8.33 -31.34 7.94
C LEU HA 57 8.85 -31.94 6.64
N THR HA 58 9.14 -31.05 5.69
CA THR HA 58 9.88 -31.42 4.50
C THR HA 58 11.28 -31.88 4.92
N PRO HA 59 11.84 -32.90 4.26
CA PRO HA 59 13.22 -33.30 4.58
C PRO HA 59 14.27 -32.23 4.30
N PHE HA 60 13.97 -31.22 3.49
CA PHE HA 60 14.83 -30.04 3.48
C PHE HA 60 14.72 -29.27 4.78
N ARG HA 61 13.53 -29.24 5.38
CA ARG HA 61 13.37 -28.48 6.61
C ARG HA 61 14.01 -29.21 7.78
N ARG HA 62 14.01 -30.54 7.74
CA ARG HA 62 14.64 -31.33 8.81
C ARG HA 62 16.14 -31.17 8.80
N GLY HA 63 16.77 -31.24 7.62
CA GLY HA 63 18.20 -31.03 7.55
C GLY HA 63 18.62 -29.59 7.74
N LEU HA 64 17.68 -28.66 7.74
CA LEU HA 64 18.01 -27.25 7.91
C LEU HA 64 18.25 -26.94 9.38
N GLU HA 65 17.43 -27.49 10.28
CA GLU HA 65 17.63 -27.25 11.71
C GLU HA 65 18.70 -28.15 12.29
N VAL HA 66 18.83 -29.37 11.79
CA VAL HA 66 19.93 -30.25 12.18
C VAL HA 66 21.26 -29.67 11.73
N GLY HA 67 21.27 -29.03 10.57
CA GLY HA 67 22.52 -28.47 10.07
C GLY HA 67 22.96 -27.24 10.83
N MET HA 68 22.03 -26.32 11.11
CA MET HA 68 22.35 -25.09 11.84
C MET HA 68 22.78 -25.37 13.27
N ALA HA 69 22.21 -26.40 13.89
CA ALA HA 69 22.59 -26.76 15.25
C ALA HA 69 23.99 -27.34 15.28
N HIS HA 70 24.27 -28.33 14.43
CA HIS HA 70 25.58 -28.95 14.43
C HIS HA 70 26.64 -28.09 13.76
N GLY HA 71 26.26 -27.09 13.00
CA GLY HA 71 27.28 -26.17 12.57
C GLY HA 71 27.61 -25.10 13.58
N TYR HA 72 26.80 -24.94 14.61
CA TYR HA 72 27.00 -23.86 15.56
C TYR HA 72 28.03 -24.22 16.63
N PHE HA 73 27.89 -25.40 17.23
CA PHE HA 73 28.84 -25.73 18.28
C PHE HA 73 30.15 -26.27 17.76
N LEU HA 74 30.18 -26.83 16.55
CA LEU HA 74 31.44 -27.32 16.00
C LEU HA 74 32.40 -26.20 15.63
N PHE HA 75 31.97 -24.95 15.62
CA PHE HA 75 32.91 -23.84 15.60
C PHE HA 75 33.76 -23.82 16.87
N GLY HA 76 33.22 -24.34 17.97
CA GLY HA 76 33.85 -24.31 19.26
C GLY HA 76 35.22 -24.94 19.39
N PRO HA 77 35.32 -26.27 19.24
CA PRO HA 77 36.59 -26.93 19.50
C PRO HA 77 37.67 -26.70 18.45
N PHE HA 78 37.36 -26.07 17.32
CA PHE HA 78 38.41 -25.70 16.41
C PHE HA 78 38.99 -24.33 16.72
N ALA HA 79 38.17 -23.42 17.22
CA ALA HA 79 38.61 -22.04 17.38
C ALA HA 79 39.50 -21.86 18.61
N LYS HA 80 39.06 -22.40 19.75
CA LYS HA 80 39.75 -22.18 21.01
C LYS HA 80 40.68 -23.32 21.39
N LEU HA 81 40.72 -24.39 20.61
CA LEU HA 81 41.60 -25.50 20.88
C LEU HA 81 42.51 -25.84 19.72
N GLY HA 82 42.40 -25.14 18.59
CA GLY HA 82 43.15 -25.50 17.41
C GLY HA 82 44.60 -25.10 17.51
N PRO HA 83 45.34 -25.30 16.42
CA PRO HA 83 46.78 -25.03 16.45
C PRO HA 83 47.13 -23.56 16.43
N LEU HA 84 46.31 -22.72 15.82
CA LEU HA 84 46.55 -21.28 15.79
C LEU HA 84 45.60 -20.53 16.70
N ARG HA 85 45.29 -21.10 17.87
CA ARG HA 85 44.31 -20.53 18.78
C ARG HA 85 44.82 -19.31 19.52
N ASP HA 86 46.13 -19.05 19.51
CA ASP HA 86 46.63 -17.85 20.17
C ASP HA 86 46.86 -16.70 19.19
N ALA HA 87 46.84 -16.97 17.90
CA ALA HA 87 47.13 -15.95 16.90
C ALA HA 87 45.95 -14.99 16.75
N ALA HA 88 46.14 -13.94 15.95
CA ALA HA 88 45.08 -12.99 15.67
C ALA HA 88 44.00 -13.58 14.77
N ASN HA 89 44.31 -14.66 14.06
CA ASN HA 89 43.34 -15.36 13.22
C ASN HA 89 42.85 -16.63 13.88
N ALA HA 90 42.63 -16.58 15.20
CA ALA HA 90 42.22 -17.76 15.93
C ALA HA 90 40.80 -18.16 15.58
N ASN HA 91 39.90 -17.18 15.45
CA ASN HA 91 38.52 -17.49 15.16
C ASN HA 91 38.34 -17.88 13.70
N LEU HA 92 39.22 -17.42 12.83
CA LEU HA 92 39.16 -17.84 11.42
C LEU HA 92 39.72 -19.24 11.23
N ALA HA 93 40.61 -19.67 12.13
CA ALA HA 93 41.01 -21.07 12.16
C ALA HA 93 39.86 -21.97 12.53
N GLY HA 94 38.96 -21.48 13.40
CA GLY HA 94 37.80 -22.24 13.76
C GLY HA 94 36.70 -22.20 12.74
N LEU HA 95 36.67 -21.17 11.90
CA LEU HA 95 35.63 -21.07 10.89
C LEU HA 95 35.91 -22.01 9.72
N LEU HA 96 37.12 -21.99 9.19
CA LEU HA 96 37.45 -22.84 8.05
C LEU HA 96 37.52 -24.30 8.44
N GLY HA 97 37.85 -24.60 9.69
CA GLY HA 97 37.84 -25.98 10.15
C GLY HA 97 36.44 -26.51 10.32
N ALA HA 98 35.52 -25.69 10.86
CA ALA HA 98 34.17 -26.15 11.11
C ALA HA 98 33.37 -26.25 9.82
N ILE HA 99 33.56 -25.30 8.90
CA ILE HA 99 32.94 -25.40 7.57
C ILE HA 99 33.49 -26.61 6.82
N GLY HA 100 34.81 -26.81 6.88
CA GLY HA 100 35.45 -27.89 6.17
C GLY HA 100 35.14 -29.27 6.68
N LEU HA 101 34.47 -29.39 7.83
CA LEU HA 101 34.06 -30.68 8.37
C LEU HA 101 32.55 -30.90 8.26
N VAL HA 102 31.78 -29.83 8.10
CA VAL HA 102 30.40 -29.95 7.65
C VAL HA 102 30.35 -30.49 6.23
N VAL HA 103 31.33 -30.11 5.40
CA VAL HA 103 31.45 -30.65 4.05
C VAL HA 103 31.77 -32.13 4.08
N LEU HA 104 32.57 -32.56 5.07
CA LEU HA 104 32.85 -33.99 5.21
C LEU HA 104 31.61 -34.76 5.66
N PHE HA 105 30.80 -34.19 6.54
CA PHE HA 105 29.57 -34.87 6.93
C PHE HA 105 28.58 -34.96 5.78
N THR HA 106 28.50 -33.90 4.98
CA THR HA 106 27.56 -33.83 3.87
C THR HA 106 27.88 -34.86 2.81
N LEU HA 107 29.16 -35.21 2.66
CA LEU HA 107 29.54 -36.35 1.82
C LEU HA 107 29.02 -37.64 2.42
N ALA HA 108 29.23 -37.83 3.72
CA ALA HA 108 28.80 -39.06 4.39
C ALA HA 108 27.29 -39.21 4.41
N LEU HA 109 26.56 -38.10 4.45
CA LEU HA 109 25.11 -38.18 4.25
C LEU HA 109 24.78 -38.64 2.84
N SER HA 110 25.49 -38.12 1.85
CA SER HA 110 25.25 -38.53 0.48
C SER HA 110 25.85 -39.89 0.16
N LEU HA 111 26.87 -40.30 0.91
CA LEU HA 111 27.34 -41.69 0.81
C LEU HA 111 26.33 -42.65 1.41
N TYR HA 112 25.67 -42.25 2.49
CA TYR HA 112 24.66 -43.12 3.07
C TYR HA 112 23.38 -43.11 2.24
N ALA HA 113 23.10 -41.99 1.57
CA ALA HA 113 21.92 -41.88 0.72
C ALA HA 113 22.01 -42.81 -0.47
N ASN HA 114 23.13 -42.77 -1.17
CA ASN HA 114 23.32 -43.45 -2.44
C ASN HA 114 23.60 -44.94 -2.30
N SER HA 115 23.51 -45.48 -1.08
CA SER HA 115 23.85 -46.86 -0.81
C SER HA 115 22.62 -47.74 -0.67
N ASN HA 116 21.45 -47.25 -1.11
CA ASN HA 116 20.13 -47.86 -0.95
C ASN HA 116 19.88 -48.18 0.51
N PRO HA 117 19.64 -47.17 1.35
CA PRO HA 117 19.73 -47.37 2.80
C PRO HA 117 18.56 -48.16 3.33
N PRO HA 118 18.74 -48.90 4.43
CA PRO HA 118 17.62 -49.63 5.02
C PRO HA 118 16.69 -48.69 5.77
N THR HA 119 15.47 -49.17 5.98
CA THR HA 119 14.43 -48.35 6.61
C THR HA 119 14.72 -48.13 8.09
N ALA HA 120 14.36 -46.95 8.58
CA ALA HA 120 14.74 -46.54 9.92
C ALA HA 120 13.93 -47.28 10.98
N LEU HA 121 14.42 -47.23 12.22
CA LEU HA 121 13.85 -47.98 13.32
C LEU HA 121 12.73 -47.20 14.00
N ALA HA 122 11.97 -47.90 14.82
CA ALA HA 122 10.88 -47.33 15.60
C ALA HA 122 11.01 -47.83 17.04
N SER HA 123 11.41 -46.95 17.93
CA SER HA 123 11.72 -47.31 19.31
C SER HA 123 10.48 -47.20 20.18
N VAL HA 124 10.69 -47.30 21.50
CA VAL HA 124 9.57 -47.17 22.43
C VAL HA 124 9.29 -45.72 22.77
N THR HA 125 10.23 -44.82 22.53
CA THR HA 125 9.98 -43.41 22.75
C THR HA 125 9.48 -42.69 21.49
N VAL HA 126 9.76 -43.24 20.31
CA VAL HA 126 9.28 -42.67 19.06
C VAL HA 126 8.56 -43.78 18.29
N PRO HA 127 7.23 -43.78 18.27
CA PRO HA 127 6.51 -44.93 17.68
C PRO HA 127 6.54 -44.99 16.17
N ASN HA 128 6.93 -43.93 15.47
CA ASN HA 128 6.96 -43.99 14.02
C ASN HA 128 8.14 -43.20 13.45
N PRO HA 129 8.70 -43.66 12.34
CA PRO HA 129 9.71 -42.86 11.65
C PRO HA 129 9.07 -41.67 10.96
N PRO HA 130 9.83 -40.62 10.65
CA PRO HA 130 9.26 -39.46 9.98
C PRO HA 130 9.02 -39.60 8.49
N ASP HA 131 9.10 -40.81 7.93
CA ASP HA 131 8.67 -41.23 6.60
C ASP HA 131 9.50 -40.64 5.46
N ALA HA 132 10.44 -39.74 5.73
CA ALA HA 132 11.32 -39.19 4.71
C ALA HA 132 12.69 -39.82 4.74
N PHE HA 133 12.90 -40.81 5.61
CA PHE HA 133 14.20 -41.42 5.83
C PHE HA 133 14.26 -42.85 5.31
N GLN HA 134 13.39 -43.20 4.37
CA GLN HA 134 13.43 -44.51 3.74
C GLN HA 134 13.72 -44.45 2.25
N SER HA 135 13.52 -43.30 1.63
CA SER HA 135 13.78 -43.12 0.21
C SER HA 135 15.16 -42.52 0.02
N LYS HA 136 15.81 -42.89 -1.08
CA LYS HA 136 17.06 -42.25 -1.46
C LYS HA 136 16.87 -40.77 -1.75
N GLU HA 137 15.69 -40.41 -2.25
CA GLU HA 137 15.38 -39.02 -2.57
C GLU HA 137 15.27 -38.16 -1.32
N GLY HA 138 14.87 -38.78 -0.20
CA GLY HA 138 14.68 -38.01 1.01
C GLY HA 138 15.97 -37.72 1.75
N TRP HA 139 16.92 -38.65 1.68
CA TRP HA 139 18.21 -38.42 2.32
C TRP HA 139 19.04 -37.40 1.55
N ASN HA 140 18.79 -37.29 0.25
CA ASN HA 140 19.50 -36.29 -0.55
C ASN HA 140 19.04 -34.89 -0.22
N ASN HA 141 17.75 -34.73 0.08
CA ASN HA 141 17.25 -33.43 0.52
C ASN HA 141 17.75 -33.12 1.93
N PHE HA 142 17.87 -34.15 2.77
CA PHE HA 142 18.44 -33.98 4.10
C PHE HA 142 19.91 -33.63 4.03
N ALA HA 143 20.62 -34.15 3.02
CA ALA HA 143 22.05 -33.93 2.91
C ALA HA 143 22.38 -32.50 2.52
N SER HA 144 21.60 -31.92 1.61
CA SER HA 144 21.91 -30.58 1.12
C SER HA 144 21.64 -29.52 2.16
N ALA HA 145 20.55 -29.68 2.91
CA ALA HA 145 20.17 -28.65 3.88
C ALA HA 145 21.10 -28.66 5.07
N PHE HA 146 21.74 -29.81 5.34
CA PHE HA 146 22.81 -29.84 6.32
C PHE HA 146 23.96 -28.95 5.88
N LEU HA 147 24.27 -28.94 4.58
CA LEU HA 147 25.39 -28.12 4.12
C LEU HA 147 25.03 -26.65 4.15
N ILE HA 148 23.79 -26.32 3.79
CA ILE HA 148 23.35 -24.93 3.79
C ILE HA 148 23.24 -24.41 5.22
N GLY HA 149 22.72 -25.24 6.13
CA GLY HA 149 22.63 -24.83 7.52
C GLY HA 149 23.93 -24.93 8.28
N GLY HA 150 24.76 -25.93 7.97
CA GLY HA 150 26.00 -26.10 8.69
C GLY HA 150 27.02 -25.03 8.40
N ILE HA 151 27.01 -24.47 7.20
CA ILE HA 151 27.89 -23.34 6.92
C ILE HA 151 27.37 -22.08 7.59
N GLY HA 152 26.06 -21.87 7.53
CA GLY HA 152 25.50 -20.68 8.15
C GLY HA 152 25.57 -20.68 9.65
N GLY HA 153 25.49 -21.87 10.27
CA GLY HA 153 25.66 -21.94 11.71
C GLY HA 153 27.07 -21.65 12.16
N ALA HA 154 28.07 -21.97 11.32
CA ALA HA 154 29.45 -21.69 11.67
C ALA HA 154 29.80 -20.24 11.46
N VAL HA 155 29.19 -19.59 10.48
CA VAL HA 155 29.47 -18.18 10.20
C VAL HA 155 28.90 -17.29 11.31
N VAL HA 156 27.72 -17.62 11.82
CA VAL HA 156 27.12 -16.79 12.87
C VAL HA 156 27.86 -16.99 14.19
N ALA HA 157 28.45 -18.16 14.41
CA ALA HA 157 29.30 -18.33 15.58
C ALA HA 157 30.61 -17.60 15.40
N TYR HA 158 31.09 -17.48 14.17
CA TYR HA 158 32.23 -16.62 13.90
C TYR HA 158 31.86 -15.16 14.07
N PHE HA 159 30.61 -14.80 13.79
CA PHE HA 159 30.19 -13.41 13.93
C PHE HA 159 30.01 -13.03 15.39
N LEU HA 160 29.53 -13.96 16.21
CA LEU HA 160 29.23 -13.62 17.60
C LEU HA 160 30.47 -13.65 18.49
N THR HA 161 31.48 -14.47 18.15
CA THR HA 161 32.67 -14.51 18.98
C THR HA 161 33.69 -13.46 18.59
N SER HA 162 33.64 -12.97 17.36
CA SER HA 162 34.50 -11.86 16.99
C SER HA 162 33.93 -10.52 17.40
N ASN HA 163 32.65 -10.46 17.73
CA ASN HA 163 31.99 -9.21 18.07
C ASN HA 163 31.40 -9.29 19.47
N LEU HA 164 32.22 -9.74 20.42
CA LEU HA 164 31.80 -9.81 21.82
C LEU HA 164 31.56 -8.42 22.40
N ALA HA 165 32.52 -7.52 22.22
CA ALA HA 165 32.40 -6.18 22.78
C ALA HA 165 31.39 -5.33 22.04
N LEU HA 166 30.99 -5.74 20.83
CA LEU HA 166 29.87 -5.11 20.15
C LEU HA 166 28.57 -5.37 20.90
N ILE HA 167 28.30 -6.64 21.20
CA ILE HA 167 27.06 -7.06 21.85
C ILE HA 167 26.98 -6.50 23.25
N GLN HA 168 28.09 -6.49 23.97
CA GLN HA 168 28.07 -6.04 25.35
C GLN HA 168 28.12 -4.51 25.46
N GLY HA 169 28.21 -3.80 24.34
CA GLY HA 169 27.83 -2.39 24.32
C GLY HA 169 26.37 -2.19 23.98
N LEU HA 170 25.81 -3.10 23.17
CA LEU HA 170 24.38 -3.14 22.90
C LEU HA 170 23.58 -3.64 24.10
N VAL HA 171 24.26 -4.12 25.13
CA VAL HA 171 23.61 -4.52 26.38
C VAL HA 171 24.10 -3.67 27.54
N GLY HA 172 25.42 -3.58 27.72
CA GLY HA 172 25.97 -2.75 28.78
C GLY HA 172 27.13 -3.36 29.52
N SER IA 11 69.87 -28.69 -8.52
CA SER IA 11 68.92 -29.73 -8.91
C SER IA 11 68.52 -29.59 -10.36
N ILE IA 12 67.47 -30.31 -10.77
CA ILE IA 12 66.96 -30.16 -12.13
C ILE IA 12 66.10 -28.91 -12.22
N SER IA 13 65.90 -28.44 -13.44
CA SER IA 13 65.20 -27.19 -13.66
C SER IA 13 63.72 -27.34 -13.39
N ASP IA 14 63.03 -26.19 -13.30
CA ASP IA 14 61.60 -26.22 -13.03
C ASP IA 14 60.83 -26.72 -14.23
N THR IA 15 61.38 -26.54 -15.44
CA THR IA 15 60.72 -27.01 -16.66
C THR IA 15 60.65 -28.53 -16.71
N GLN IA 16 61.78 -29.19 -16.39
CA GLN IA 16 61.91 -30.64 -16.54
C GLN IA 16 60.98 -31.43 -15.62
N VAL IA 17 60.49 -30.82 -14.54
CA VAL IA 17 59.56 -31.52 -13.67
C VAL IA 17 58.22 -31.70 -14.36
N TYR IA 18 57.81 -30.73 -15.18
CA TYR IA 18 56.52 -30.84 -15.87
C TYR IA 18 56.57 -31.84 -17.02
N ILE IA 19 57.73 -32.03 -17.65
CA ILE IA 19 57.85 -33.08 -18.65
C ILE IA 19 57.69 -34.44 -17.99
N ALA IA 20 58.27 -34.62 -16.80
CA ALA IA 20 58.13 -35.88 -16.07
C ALA IA 20 56.69 -36.15 -15.64
N LEU IA 21 55.91 -35.11 -15.38
CA LEU IA 21 54.52 -35.31 -15.01
C LEU IA 21 53.66 -35.68 -16.20
N VAL IA 22 53.93 -35.09 -17.38
CA VAL IA 22 53.12 -35.36 -18.56
C VAL IA 22 53.45 -36.73 -19.12
N VAL IA 23 54.72 -37.11 -19.10
CA VAL IA 23 55.13 -38.45 -19.51
C VAL IA 23 54.55 -39.51 -18.58
N ALA IA 24 54.40 -39.18 -17.29
CA ALA IA 24 53.82 -40.11 -16.33
C ALA IA 24 52.33 -40.35 -16.52
N LEU IA 25 51.65 -39.55 -17.34
CA LEU IA 25 50.26 -39.85 -17.66
C LEU IA 25 50.15 -41.00 -18.64
N ILE IA 26 51.21 -41.31 -19.37
CA ILE IA 26 51.19 -42.39 -20.35
C ILE IA 26 51.15 -43.75 -19.63
N PRO IA 27 51.94 -44.05 -18.59
CA PRO IA 27 51.62 -45.27 -17.83
C PRO IA 27 50.39 -45.13 -16.96
N GLY IA 28 50.01 -43.91 -16.58
CA GLY IA 28 48.80 -43.75 -15.79
C GLY IA 28 47.55 -44.05 -16.57
N LEU IA 29 47.58 -43.78 -17.88
CA LEU IA 29 46.47 -44.18 -18.73
C LEU IA 29 46.50 -45.68 -18.98
N LEU IA 30 47.68 -46.24 -19.23
CA LEU IA 30 47.80 -47.66 -19.56
C LEU IA 30 47.58 -48.56 -18.35
N ALA IA 31 47.87 -48.07 -17.14
CA ALA IA 31 47.55 -48.84 -15.95
C ALA IA 31 46.05 -48.90 -15.72
N TRP IA 32 45.33 -47.85 -16.11
CA TRP IA 32 43.89 -47.89 -15.99
C TRP IA 32 43.27 -48.80 -17.04
N ARG IA 33 43.95 -48.98 -18.18
CA ARG IA 33 43.43 -49.89 -19.20
C ARG IA 33 43.69 -51.34 -18.82
N LEU IA 34 44.83 -51.63 -18.22
CA LEU IA 34 45.17 -53.00 -17.84
C LEU IA 34 44.36 -53.44 -16.63
N ALA IA 35 44.17 -52.55 -15.65
CA ALA IA 35 43.48 -52.93 -14.44
C ALA IA 35 41.98 -53.06 -14.64
N THR IA 36 41.46 -52.56 -15.76
CA THR IA 36 40.06 -52.79 -16.08
C THR IA 36 39.87 -53.84 -17.16
N GLU IA 37 40.92 -54.21 -17.87
CA GLU IA 37 40.83 -55.38 -18.74
C GLU IA 37 40.89 -56.66 -17.93
N LEU IA 38 41.77 -56.71 -16.93
CA LEU IA 38 41.54 -57.58 -15.78
C LEU IA 38 40.26 -57.12 -15.10
N TYR IA 39 39.34 -58.04 -14.84
CA TYR IA 39 37.93 -57.69 -14.73
C TYR IA 39 37.59 -56.95 -13.45
N LYS IA 40 36.32 -56.58 -13.32
CA LYS IA 40 35.83 -55.64 -12.30
C LYS IA 40 35.97 -56.16 -10.87
N PRO JA 16 69.45 -107.36 2.72
CA PRO JA 16 70.68 -107.48 1.92
C PRO JA 16 71.77 -106.51 2.38
N PRO JA 17 73.03 -106.83 2.12
CA PRO JA 17 74.09 -105.83 2.30
C PRO JA 17 73.91 -104.71 1.27
N TYR JA 18 73.59 -103.53 1.78
CA TYR JA 18 73.17 -102.41 0.93
C TYR JA 18 74.39 -101.82 0.27
N THR JA 19 74.67 -102.27 -0.96
CA THR JA 19 75.90 -101.87 -1.64
C THR JA 19 75.83 -100.43 -2.12
N PHE JA 20 74.69 -100.03 -2.70
CA PHE JA 20 74.60 -98.71 -3.29
C PHE JA 20 74.46 -97.62 -2.22
N ARG JA 21 73.85 -97.93 -1.08
CA ARG JA 21 73.78 -96.97 0.01
C ARG JA 21 75.14 -96.79 0.67
N THR JA 22 75.76 -97.89 1.10
CA THR JA 22 77.06 -97.81 1.76
C THR JA 22 78.18 -97.42 0.81
N GLY JA 23 77.98 -97.58 -0.50
CA GLY JA 23 78.99 -97.16 -1.44
C GLY JA 23 79.17 -95.65 -1.48
N TRP JA 24 78.07 -94.92 -1.40
CA TRP JA 24 78.14 -93.46 -1.40
C TRP JA 24 78.36 -92.86 -0.03
N ALA JA 25 77.98 -93.57 1.04
CA ALA JA 25 78.25 -93.07 2.39
C ALA JA 25 79.75 -93.16 2.69
N LEU JA 26 80.41 -94.22 2.22
CA LEU JA 26 81.85 -94.34 2.39
C LEU JA 26 82.61 -93.39 1.47
N LEU JA 27 82.01 -92.98 0.35
CA LEU JA 27 82.62 -91.95 -0.47
C LEU JA 27 82.57 -90.60 0.22
N LEU JA 28 81.42 -90.24 0.80
CA LEU JA 28 81.30 -88.96 1.48
C LEU JA 28 82.11 -88.93 2.77
N LEU JA 29 82.19 -90.07 3.47
CA LEU JA 29 82.99 -90.11 4.69
C LEU JA 29 84.48 -90.06 4.38
N ALA JA 30 84.88 -90.52 3.19
CA ALA JA 30 86.26 -90.36 2.76
C ALA JA 30 86.58 -88.90 2.46
N VAL JA 31 85.56 -88.11 2.12
CA VAL JA 31 85.78 -86.67 1.96
C VAL JA 31 85.86 -86.01 3.34
N ASN JA 32 85.12 -86.52 4.33
CA ASN JA 32 85.21 -86.01 5.69
C ASN JA 32 86.59 -86.27 6.29
N PHE JA 33 87.19 -87.42 5.96
CA PHE JA 33 88.51 -87.75 6.49
C PHE JA 33 89.64 -87.09 5.74
N LEU JA 34 89.41 -86.72 4.47
CA LEU JA 34 90.46 -86.08 3.69
C LEU JA 34 90.69 -84.64 4.13
N VAL JA 35 89.61 -83.91 4.41
CA VAL JA 35 89.72 -82.52 4.85
C VAL JA 35 90.33 -82.45 6.24
N ALA JA 36 90.04 -83.45 7.08
CA ALA JA 36 90.65 -83.49 8.40
C ALA JA 36 92.14 -83.81 8.34
N ALA JA 37 92.59 -84.45 7.26
CA ALA JA 37 94.02 -84.68 7.08
C ALA JA 37 94.76 -83.39 6.79
N TYR JA 38 94.12 -82.44 6.10
CA TYR JA 38 94.69 -81.11 5.96
C TYR JA 38 94.69 -80.37 7.29
N TYR JA 39 93.67 -80.59 8.11
CA TYR JA 39 93.57 -79.91 9.39
C TYR JA 39 94.48 -80.52 10.45
N PHE JA 40 94.84 -81.80 10.30
CA PHE JA 40 95.78 -82.45 11.19
C PHE JA 40 97.18 -82.51 10.62
N HIS JA 41 97.43 -81.83 9.50
CA HIS JA 41 98.72 -81.75 8.80
C HIS JA 41 99.26 -83.11 8.36
N ILE JA 42 98.37 -84.09 8.16
CA ILE JA 42 98.80 -85.36 7.61
C ILE JA 42 99.16 -85.22 6.14
N ILE JA 43 98.36 -84.48 5.39
CA ILE JA 43 98.61 -84.20 3.98
C ILE JA 43 98.83 -82.71 3.83
N GLN JA 44 99.83 -82.32 3.05
CA GLN JA 44 100.08 -80.91 2.78
C GLN JA 44 100.61 -80.70 1.37
N ARG KA 14 54.09 -51.50 -72.24
CA ARG KA 14 52.79 -51.86 -72.80
C ARG KA 14 52.16 -50.68 -73.53
N VAL KA 15 52.78 -50.26 -74.62
CA VAL KA 15 52.32 -49.12 -75.40
C VAL KA 15 51.51 -49.65 -76.57
N ILE KA 16 50.21 -49.37 -76.56
CA ILE KA 16 49.33 -49.64 -77.69
C ILE KA 16 48.66 -48.33 -78.08
N VAL KA 17 48.71 -48.00 -79.37
CA VAL KA 17 48.34 -46.69 -79.89
C VAL KA 17 47.44 -46.88 -81.10
N ASP KA 18 46.28 -46.22 -81.09
CA ASP KA 18 45.39 -46.25 -82.25
C ASP KA 18 45.98 -45.45 -83.40
N LYS KA 19 45.68 -45.88 -84.62
CA LYS KA 19 46.20 -45.28 -85.84
C LYS KA 19 45.09 -44.49 -86.52
N ASP KA 20 45.24 -43.16 -86.53
CA ASP KA 20 44.37 -42.15 -87.14
C ASP KA 20 42.90 -42.28 -86.72
N PRO KA 21 42.54 -41.90 -85.49
CA PRO KA 21 41.13 -41.93 -85.11
C PRO KA 21 40.33 -40.80 -85.73
N VAL KA 22 40.90 -39.60 -85.69
CA VAL KA 22 40.20 -38.36 -86.02
C VAL KA 22 40.86 -37.76 -87.26
N PRO KA 23 40.12 -37.51 -88.33
CA PRO KA 23 40.70 -36.87 -89.51
C PRO KA 23 40.89 -35.37 -89.28
N THR KA 24 42.05 -34.86 -89.69
CA THR KA 24 42.32 -33.44 -89.60
C THR KA 24 41.63 -32.70 -90.74
N SER KA 25 40.62 -31.89 -90.41
CA SER KA 25 39.85 -31.19 -91.42
C SER KA 25 39.29 -29.91 -90.81
N PHE KA 26 38.93 -28.98 -91.69
CA PHE KA 26 38.28 -27.75 -91.28
C PHE KA 26 36.76 -27.88 -91.32
N GLU KA 27 36.25 -29.11 -91.35
CA GLU KA 27 34.81 -29.36 -91.42
C GLU KA 27 34.10 -28.83 -90.18
N LYS KA 28 34.57 -29.23 -89.01
CA LYS KA 28 33.89 -28.89 -87.77
C LYS KA 28 34.23 -27.49 -87.28
N TRP KA 29 35.18 -26.80 -87.92
CA TRP KA 29 35.36 -25.38 -87.60
C TRP KA 29 34.23 -24.56 -88.19
N ALA KA 30 33.58 -25.06 -89.25
CA ALA KA 30 32.50 -24.33 -89.88
C ALA KA 30 31.26 -24.30 -89.01
N GLN KA 31 30.70 -25.47 -88.69
CA GLN KA 31 29.54 -25.41 -87.81
C GLN KA 31 30.02 -25.29 -86.36
N PRO KA 32 29.48 -24.33 -85.60
CA PRO KA 32 29.89 -24.19 -84.21
C PRO KA 32 29.05 -25.08 -83.30
N GLY KA 33 29.66 -25.52 -82.21
CA GLY KA 33 28.96 -26.35 -81.25
C GLY KA 33 28.69 -27.75 -81.74
N HIS KA 34 29.65 -28.35 -82.45
CA HIS KA 34 29.48 -29.68 -83.01
C HIS KA 34 29.53 -30.77 -81.96
N PHE KA 35 30.01 -30.46 -80.75
CA PHE KA 35 30.38 -31.51 -79.80
C PHE KA 35 29.17 -32.18 -79.15
N ASP KA 36 28.13 -31.42 -78.85
CA ASP KA 36 26.97 -31.95 -78.15
C ASP KA 36 25.81 -32.14 -79.13
N ARG KA 37 25.05 -33.23 -78.95
CA ARG KA 37 24.00 -33.53 -79.91
C ARG KA 37 22.83 -32.57 -79.79
N THR KA 38 22.50 -32.14 -78.57
CA THR KA 38 21.41 -31.21 -78.38
C THR KA 38 21.79 -29.81 -78.84
N LEU KA 39 23.04 -29.43 -78.63
CA LEU KA 39 23.48 -28.07 -78.90
C LEU KA 39 23.84 -27.86 -80.37
N ALA KA 40 24.01 -28.92 -81.14
CA ALA KA 40 24.42 -28.79 -82.53
C ALA KA 40 23.26 -28.57 -83.50
N ARG KA 41 22.02 -28.70 -83.04
CA ARG KA 41 20.89 -28.57 -83.95
C ARG KA 41 20.64 -27.14 -84.40
N GLY KA 42 21.30 -26.16 -83.78
CA GLY KA 42 21.17 -24.78 -84.17
C GLY KA 42 20.64 -23.92 -83.04
N PRO KA 43 20.98 -22.63 -83.05
CA PRO KA 43 20.49 -21.73 -82.00
C PRO KA 43 19.06 -21.33 -82.24
N LYS KA 44 18.32 -21.21 -81.14
CA LYS KA 44 16.99 -20.63 -81.15
C LYS KA 44 16.86 -19.38 -80.29
N THR KA 45 17.56 -19.32 -79.16
CA THR KA 45 17.63 -18.13 -78.31
C THR KA 45 19.09 -17.76 -78.13
N THR KA 46 19.33 -16.72 -77.32
CA THR KA 46 20.71 -16.38 -76.99
C THR KA 46 21.27 -17.24 -75.87
N THR KA 47 20.47 -18.16 -75.33
CA THR KA 47 20.99 -19.13 -74.37
C THR KA 47 22.01 -20.05 -75.03
N TRP KA 48 21.79 -20.36 -76.32
CA TRP KA 48 22.70 -21.24 -77.06
C TRP KA 48 24.09 -20.64 -77.18
N ILE KA 49 24.20 -19.32 -77.25
CA ILE KA 49 25.49 -18.66 -77.40
C ILE KA 49 26.32 -18.84 -76.14
N TRP KA 50 25.68 -18.79 -74.97
CA TRP KA 50 26.46 -18.93 -73.75
C TRP KA 50 26.73 -20.39 -73.41
N ASN KA 51 25.89 -21.32 -73.85
CA ASN KA 51 26.16 -22.72 -73.59
C ASN KA 51 27.24 -23.29 -74.50
N LEU KA 52 27.52 -22.64 -75.61
CA LEU KA 52 28.65 -23.08 -76.43
C LEU KA 52 29.97 -22.81 -75.73
N HIS KA 53 30.12 -21.64 -75.13
CA HIS KA 53 31.36 -21.31 -74.44
C HIS KA 53 31.44 -21.93 -73.06
N ALA KA 54 30.33 -22.45 -72.52
CA ALA KA 54 30.32 -23.07 -71.20
C ALA KA 54 30.59 -24.57 -71.25
N LEU KA 55 29.93 -25.28 -72.17
CA LEU KA 55 30.11 -26.72 -72.32
C LEU KA 55 31.27 -27.07 -73.24
N ALA KA 56 32.18 -26.13 -73.48
CA ALA KA 56 33.18 -26.29 -74.52
C ALA KA 56 34.24 -27.30 -74.13
N HIS KA 57 34.96 -27.02 -73.06
CA HIS KA 57 36.03 -27.88 -72.59
C HIS KA 57 35.56 -28.86 -71.53
N ASP KA 58 34.28 -29.21 -71.55
CA ASP KA 58 33.70 -30.20 -70.66
C ASP KA 58 33.55 -31.48 -71.46
N PHE KA 59 34.64 -32.24 -71.56
CA PHE KA 59 34.67 -33.38 -72.45
C PHE KA 59 33.95 -34.59 -71.88
N ASP KA 60 33.54 -34.55 -70.62
CA ASP KA 60 32.97 -35.70 -69.93
C ASP KA 60 31.48 -35.88 -70.19
N THR KA 61 30.77 -34.83 -70.62
CA THR KA 61 29.33 -34.89 -70.77
C THR KA 61 28.89 -35.64 -72.02
N HIS KA 62 29.81 -35.96 -72.93
CA HIS KA 62 29.43 -36.45 -74.24
C HIS KA 62 29.01 -37.91 -74.21
N THR KA 63 29.94 -38.80 -73.85
CA THR KA 63 29.74 -40.23 -73.95
C THR KA 63 30.00 -40.89 -72.60
N SER KA 64 29.99 -42.21 -72.61
CA SER KA 64 30.45 -43.03 -71.51
C SER KA 64 31.81 -43.66 -71.81
N ASP KA 65 32.34 -43.46 -73.00
CA ASP KA 65 33.61 -44.06 -73.41
C ASP KA 65 34.75 -43.30 -72.75
N LEU KA 66 35.35 -43.90 -71.72
CA LEU KA 66 36.47 -43.25 -71.03
C LEU KA 66 37.72 -43.23 -71.90
N GLU KA 67 37.83 -44.16 -72.86
CA GLU KA 67 38.94 -44.15 -73.79
C GLU KA 67 38.91 -42.93 -74.70
N ASP KA 68 37.72 -42.55 -75.17
CA ASP KA 68 37.59 -41.44 -76.10
C ASP KA 68 37.77 -40.10 -75.42
N ILE KA 69 37.33 -39.98 -74.17
CA ILE KA 69 37.44 -38.72 -73.44
C ILE KA 69 38.89 -38.45 -73.07
N SER KA 70 39.63 -39.50 -72.71
CA SER KA 70 40.99 -39.35 -72.20
C SER KA 70 41.97 -38.89 -73.28
N ARG KA 71 41.68 -39.21 -74.55
CA ARG KA 71 42.53 -38.76 -75.63
C ARG KA 71 42.38 -37.27 -75.88
N LYS KA 72 41.15 -36.75 -75.73
CA LYS KA 72 40.93 -35.31 -75.82
C LYS KA 72 41.61 -34.58 -74.68
N ILE KA 73 41.64 -35.20 -73.50
CA ILE KA 73 42.19 -34.56 -72.32
C ILE KA 73 43.71 -34.47 -72.42
N PHE KA 74 44.36 -35.55 -72.86
CA PHE KA 74 45.82 -35.54 -72.96
C PHE KA 74 46.32 -34.64 -74.09
N ALA KA 75 45.55 -34.48 -75.16
CA ALA KA 75 45.98 -33.63 -76.27
C ALA KA 75 45.78 -32.16 -75.99
N ALA KA 76 44.69 -31.81 -75.30
CA ALA KA 76 44.47 -30.43 -74.88
C ALA KA 76 45.52 -29.96 -73.90
N HIS KA 77 46.09 -30.89 -73.13
CA HIS KA 77 47.17 -30.57 -72.22
C HIS KA 77 48.45 -30.20 -72.94
N PHE KA 78 48.62 -30.61 -74.19
CA PHE KA 78 49.67 -30.02 -75.00
C PHE KA 78 49.33 -28.62 -75.45
N GLY KA 79 48.04 -28.30 -75.54
CA GLY KA 79 47.65 -26.96 -75.89
C GLY KA 79 47.99 -25.94 -74.81
N HIS KA 80 47.80 -26.30 -73.54
CA HIS KA 80 48.14 -25.36 -72.49
C HIS KA 80 49.64 -25.27 -72.29
N LEU KA 81 50.39 -26.31 -72.68
CA LEU KA 81 51.84 -26.22 -72.58
C LEU KA 81 52.42 -25.30 -73.64
N ALA KA 82 51.73 -25.17 -74.78
CA ALA KA 82 52.22 -24.26 -75.81
C ALA KA 82 52.06 -22.81 -75.39
N VAL KA 83 50.90 -22.46 -74.81
CA VAL KA 83 50.63 -21.07 -74.47
C VAL KA 83 51.42 -20.60 -73.25
N VAL KA 84 51.90 -21.53 -72.42
CA VAL KA 84 52.80 -21.13 -71.34
C VAL KA 84 54.19 -20.87 -71.89
N THR KA 85 54.61 -21.67 -72.87
CA THR KA 85 55.94 -21.52 -73.45
C THR KA 85 56.02 -20.28 -74.34
N ILE KA 86 54.95 -19.99 -75.09
CA ILE KA 86 54.86 -18.75 -75.85
C ILE KA 86 54.90 -17.55 -74.91
N TRP KA 87 54.18 -17.65 -73.77
CA TRP KA 87 54.24 -16.62 -72.75
C TRP KA 87 55.64 -16.48 -72.16
N LEU KA 88 56.28 -17.60 -71.84
CA LEU KA 88 57.56 -17.57 -71.14
C LEU KA 88 58.68 -17.11 -72.07
N SER KA 89 58.71 -17.61 -73.30
CA SER KA 89 59.69 -17.12 -74.27
C SER KA 89 59.37 -15.71 -74.73
N GLY KA 90 58.13 -15.26 -74.57
CA GLY KA 90 57.83 -13.87 -74.81
C GLY KA 90 58.44 -12.97 -73.76
N MET KA 91 58.42 -13.39 -72.50
CA MET KA 91 58.98 -12.56 -71.43
C MET KA 91 60.48 -12.48 -71.51
N ILE KA 92 61.13 -13.48 -72.09
CA ILE KA 92 62.57 -13.43 -72.30
C ILE KA 92 62.89 -12.57 -73.52
N PHE KA 93 62.04 -12.63 -74.54
CA PHE KA 93 62.26 -11.85 -75.75
C PHE KA 93 61.99 -10.37 -75.50
N HIS KA 94 60.89 -10.06 -74.81
CA HIS KA 94 60.64 -8.68 -74.40
C HIS KA 94 61.72 -8.18 -73.45
N GLY KA 95 62.28 -9.05 -72.62
CA GLY KA 95 63.42 -8.67 -71.82
C GLY KA 95 64.73 -8.64 -72.56
N ALA KA 96 64.77 -9.16 -73.78
CA ALA KA 96 65.98 -9.06 -74.59
C ALA KA 96 66.04 -7.73 -75.32
N LYS KA 97 65.01 -7.41 -76.10
CA LYS KA 97 64.97 -6.14 -76.81
C LYS KA 97 64.61 -4.99 -75.88
N PHE KA 98 63.41 -5.03 -75.32
CA PHE KA 98 62.81 -3.89 -74.64
C PHE KA 98 63.04 -4.02 -73.15
N SER KA 99 64.27 -3.81 -72.71
CA SER KA 99 64.59 -3.85 -71.28
C SER KA 99 65.91 -3.13 -71.05
N ASN KA 100 66.22 -2.94 -69.78
CA ASN KA 100 67.50 -2.39 -69.35
C ASN KA 100 68.27 -3.42 -68.53
N TYR KA 101 68.28 -4.67 -69.01
CA TYR KA 101 68.91 -5.75 -68.26
C TYR KA 101 70.42 -5.59 -68.18
N GLU KA 102 71.05 -5.10 -69.24
CA GLU KA 102 72.50 -4.93 -69.19
C GLU KA 102 72.91 -3.69 -68.41
N ALA KA 103 72.00 -2.75 -68.23
CA ALA KA 103 72.27 -1.63 -67.33
C ALA KA 103 71.84 -1.94 -65.91
N TRP KA 104 71.00 -2.95 -65.72
CA TRP KA 104 70.62 -3.37 -64.38
C TRP KA 104 71.72 -4.17 -63.70
N LEU KA 105 72.44 -4.99 -64.46
CA LEU KA 105 73.53 -5.80 -63.91
C LEU KA 105 74.66 -4.96 -63.35
N SER KA 106 74.89 -3.77 -63.89
CA SER KA 106 75.99 -2.95 -63.41
C SER KA 106 75.67 -2.28 -62.09
N ASP KA 107 74.40 -2.00 -61.82
CA ASP KA 107 74.00 -1.37 -60.56
C ASP KA 107 72.57 -1.79 -60.22
N PRO KA 108 72.40 -2.96 -59.60
CA PRO KA 108 71.05 -3.36 -59.18
C PRO KA 108 70.54 -2.58 -57.99
N LEU KA 109 71.40 -1.85 -57.29
CA LEU KA 109 70.96 -1.04 -56.15
C LEU KA 109 70.27 0.24 -56.59
N ASN KA 110 70.44 0.66 -57.83
CA ASN KA 110 69.87 1.93 -58.27
C ASN KA 110 69.02 1.81 -59.52
N VAL KA 111 69.40 0.97 -60.47
CA VAL KA 111 68.64 0.83 -61.70
C VAL KA 111 67.40 -0.01 -61.42
N ARG KA 112 66.25 0.48 -61.84
CA ARG KA 112 64.99 -0.20 -61.56
C ARG KA 112 64.70 -1.21 -62.67
N PRO KA 113 64.16 -2.38 -62.33
CA PRO KA 113 63.85 -3.40 -63.34
C PRO KA 113 62.73 -2.93 -64.25
N SER KA 114 62.99 -2.88 -65.55
CA SER KA 114 62.01 -2.31 -66.46
C SER KA 114 61.99 -3.04 -67.80
N ALA KA 115 60.77 -3.27 -68.29
CA ALA KA 115 60.51 -3.68 -69.65
C ALA KA 115 59.27 -2.93 -70.11
N GLN KA 116 58.69 -3.37 -71.23
CA GLN KA 116 57.42 -2.86 -71.76
C GLN KA 116 57.49 -1.35 -72.04
N VAL KA 117 58.26 -1.01 -73.06
CA VAL KA 117 58.25 0.36 -73.56
C VAL KA 117 56.92 0.62 -74.25
N VAL KA 118 56.29 1.74 -73.91
CA VAL KA 118 54.95 2.05 -74.39
C VAL KA 118 55.05 2.87 -75.67
N TRP KA 119 54.25 2.51 -76.67
CA TRP KA 119 54.09 3.32 -77.87
C TRP KA 119 53.57 4.71 -77.50
N PRO KA 120 54.04 5.76 -78.17
CA PRO KA 120 53.84 7.12 -77.65
C PRO KA 120 52.56 7.84 -78.08
N ILE KA 121 51.50 7.14 -78.50
CA ILE KA 121 50.50 7.74 -79.37
C ILE KA 121 49.67 8.82 -78.67
N VAL KA 122 48.90 8.48 -77.65
CA VAL KA 122 47.84 9.36 -77.16
C VAL KA 122 48.25 10.10 -75.89
N GLY KA 123 49.55 10.27 -75.68
CA GLY KA 123 50.02 10.80 -74.42
C GLY KA 123 50.33 9.75 -73.40
N GLN KA 124 50.16 8.47 -73.75
CA GLN KA 124 50.53 7.36 -72.87
C GLN KA 124 52.03 7.10 -72.86
N ASP KA 125 52.81 7.95 -73.52
CA ASP KA 125 54.26 7.99 -73.38
C ASP KA 125 54.70 8.51 -72.03
N ILE KA 126 53.78 9.09 -71.25
CA ILE KA 126 54.10 9.48 -69.89
C ILE KA 126 54.21 8.24 -68.99
N LEU KA 127 53.67 7.11 -69.43
CA LEU KA 127 53.89 5.86 -68.71
C LEU KA 127 55.30 5.35 -68.85
N ASN KA 128 56.01 5.76 -69.92
CA ASN KA 128 57.44 5.47 -70.05
C ASN KA 128 58.20 6.47 -69.19
N GLY KA 129 58.26 6.17 -67.89
CA GLY KA 129 58.98 7.00 -66.96
C GLY KA 129 60.43 6.58 -66.82
N ASP KA 130 61.23 7.45 -66.21
CA ASP KA 130 62.67 7.22 -66.12
C ASP KA 130 62.96 6.24 -65.00
N VAL KA 131 63.34 5.02 -65.36
CA VAL KA 131 63.69 3.99 -64.38
C VAL KA 131 65.16 3.97 -64.04
N GLY KA 132 65.98 4.75 -64.72
CA GLY KA 132 67.41 4.69 -64.50
C GLY KA 132 68.11 3.94 -65.60
N GLY KA 133 69.29 4.43 -65.97
CA GLY KA 133 70.06 3.82 -67.03
C GLY KA 133 69.79 4.36 -68.41
N GLY KA 134 69.31 5.60 -68.51
CA GLY KA 134 68.99 6.18 -69.81
C GLY KA 134 67.83 5.51 -70.51
N PHE KA 135 66.92 4.89 -69.75
CA PHE KA 135 65.89 4.04 -70.30
C PHE KA 135 64.54 4.46 -69.74
N HIS KA 136 63.53 4.51 -70.60
CA HIS KA 136 62.19 4.94 -70.22
C HIS KA 136 61.24 3.79 -70.48
N GLY KA 137 60.55 3.36 -69.43
CA GLY KA 137 59.61 2.26 -69.57
C GLY KA 137 58.89 2.00 -68.27
N ILE KA 138 58.10 0.95 -68.28
CA ILE KA 138 57.30 0.57 -67.11
C ILE KA 138 58.15 -0.30 -66.20
N GLN KA 139 58.31 0.16 -64.95
CA GLN KA 139 59.06 -0.58 -63.94
C GLN KA 139 58.34 -1.88 -63.62
N ILE KA 140 58.93 -3.00 -64.04
CA ILE KA 140 58.29 -4.29 -63.83
C ILE KA 140 58.47 -4.73 -62.38
N THR KA 141 57.57 -5.59 -61.92
CA THR KA 141 57.64 -6.15 -60.59
C THR KA 141 57.66 -7.67 -60.60
N SER KA 142 57.70 -8.30 -61.77
CA SER KA 142 57.62 -9.75 -61.79
C SER KA 142 58.92 -10.43 -61.41
N GLY KA 143 60.02 -9.70 -61.36
CA GLY KA 143 61.27 -10.26 -60.88
C GLY KA 143 61.99 -11.14 -61.86
N LEU KA 144 61.86 -10.87 -63.15
CA LEU KA 144 62.56 -11.69 -64.12
C LEU KA 144 64.03 -11.35 -64.22
N PHE KA 145 64.45 -10.17 -63.76
CA PHE KA 145 65.86 -9.86 -63.81
C PHE KA 145 66.62 -10.60 -62.73
N GLN KA 146 65.96 -10.87 -61.60
CA GLN KA 146 66.55 -11.72 -60.56
C GLN KA 146 66.65 -13.17 -61.03
N VAL KA 147 65.72 -13.63 -61.85
CA VAL KA 147 65.75 -15.00 -62.33
C VAL KA 147 66.88 -15.18 -63.34
N TRP KA 148 67.02 -14.23 -64.24
CA TRP KA 148 67.99 -14.34 -65.33
C TRP KA 148 69.40 -14.20 -64.81
N ARG KA 149 69.62 -13.35 -63.80
CA ARG KA 149 70.89 -13.32 -63.12
C ARG KA 149 71.12 -14.59 -62.32
N GLY KA 150 70.05 -15.12 -61.71
CA GLY KA 150 70.15 -16.41 -61.03
C GLY KA 150 70.42 -17.56 -61.97
N TRP KA 151 70.05 -17.42 -63.24
CA TRP KA 151 70.44 -18.40 -64.24
C TRP KA 151 71.85 -18.15 -64.75
N GLY KA 152 72.35 -16.93 -64.61
CA GLY KA 152 73.67 -16.58 -65.06
C GLY KA 152 73.75 -15.89 -66.41
N ILE KA 153 72.63 -15.40 -66.95
CA ILE KA 153 72.66 -14.67 -68.21
C ILE KA 153 73.38 -13.35 -68.03
N THR KA 154 74.34 -13.08 -68.91
CA THR KA 154 75.19 -11.91 -68.86
C THR KA 154 74.84 -10.85 -69.91
N ASN KA 155 74.63 -11.27 -71.16
CA ASN KA 155 74.36 -10.34 -72.24
C ASN KA 155 73.01 -10.62 -72.89
N SER KA 156 72.69 -9.84 -73.92
CA SER KA 156 71.39 -9.95 -74.58
C SER KA 156 71.30 -11.19 -75.46
N PHE KA 157 72.40 -11.62 -76.05
CA PHE KA 157 72.36 -12.70 -77.02
C PHE KA 157 71.99 -14.03 -76.37
N GLN KA 158 72.32 -14.19 -75.08
CA GLN KA 158 71.86 -15.35 -74.34
C GLN KA 158 70.37 -15.30 -74.06
N LEU KA 159 69.77 -14.10 -74.09
CA LEU KA 159 68.31 -14.00 -73.96
C LEU KA 159 67.62 -14.25 -75.29
N TYR KA 160 68.26 -13.89 -76.42
CA TYR KA 160 67.67 -14.15 -77.72
C TYR KA 160 67.59 -15.65 -78.00
N CYS KA 161 68.71 -16.36 -77.82
CA CYS KA 161 68.74 -17.78 -78.15
C CYS KA 161 67.89 -18.60 -77.18
N THR KA 162 67.67 -18.09 -75.97
CA THR KA 162 66.71 -18.71 -75.07
C THR KA 162 65.28 -18.50 -75.56
N ALA KA 163 64.96 -17.27 -75.95
CA ALA KA 163 63.60 -16.97 -76.40
C ALA KA 163 63.30 -17.60 -77.76
N ILE KA 164 64.27 -17.56 -78.68
CA ILE KA 164 64.11 -18.27 -79.95
C ILE KA 164 64.07 -19.77 -79.71
N GLY KA 165 64.83 -20.25 -78.73
CA GLY KA 165 64.75 -21.65 -78.35
C GLY KA 165 63.44 -22.00 -77.70
N GLY KA 166 62.82 -21.04 -77.00
CA GLY KA 166 61.50 -21.29 -76.45
C GLY KA 166 60.42 -21.36 -77.51
N LEU KA 167 60.56 -20.58 -78.58
CA LEU KA 167 59.57 -20.60 -79.66
C LEU KA 167 59.64 -21.89 -80.45
N VAL KA 168 60.82 -22.51 -80.52
CA VAL KA 168 60.91 -23.84 -81.12
C VAL KA 168 60.27 -24.87 -80.20
N LEU KA 169 60.54 -24.77 -78.90
CA LEU KA 169 59.99 -25.68 -77.91
C LEU KA 169 58.49 -25.48 -77.72
N ALA KA 170 57.97 -24.30 -78.05
CA ALA KA 170 56.53 -24.12 -78.08
C ALA KA 170 55.91 -24.78 -79.30
N GLY KA 171 56.69 -24.98 -80.36
CA GLY KA 171 56.17 -25.61 -81.56
C GLY KA 171 56.15 -27.12 -81.49
N LEU KA 172 57.03 -27.70 -80.67
CA LEU KA 172 57.01 -29.16 -80.50
C LEU KA 172 55.83 -29.61 -79.65
N PHE KA 173 55.45 -28.81 -78.65
CA PHE KA 173 54.27 -29.10 -77.85
C PHE KA 173 53.01 -29.00 -78.67
N LEU KA 174 52.94 -28.01 -79.56
CA LEU KA 174 51.76 -27.82 -80.39
C LEU KA 174 51.69 -28.85 -81.50
N PHE KA 175 52.84 -29.33 -81.98
CA PHE KA 175 52.82 -30.39 -82.99
C PHE KA 175 52.43 -31.73 -82.40
N ALA KA 176 52.91 -32.03 -81.20
CA ALA KA 176 52.61 -33.31 -80.57
C ALA KA 176 51.16 -33.40 -80.13
N GLY KA 177 50.53 -32.26 -79.85
CA GLY KA 177 49.11 -32.26 -79.57
C GLY KA 177 48.28 -32.62 -80.78
N TRP KA 178 48.72 -32.18 -81.95
CA TRP KA 178 48.11 -32.69 -83.18
C TRP KA 178 48.42 -34.17 -83.35
N PHE KA 179 49.67 -34.55 -83.10
CA PHE KA 179 50.13 -35.89 -83.45
C PHE KA 179 49.50 -36.93 -82.55
N HIS KA 180 49.51 -36.69 -81.24
CA HIS KA 180 49.00 -37.69 -80.32
C HIS KA 180 47.47 -37.70 -80.22
N TYR KA 181 46.77 -36.87 -80.99
CA TYR KA 181 45.31 -36.97 -81.09
C TYR KA 181 44.84 -37.27 -82.50
N HIS KA 182 45.18 -36.44 -83.47
CA HIS KA 182 44.66 -36.60 -84.81
C HIS KA 182 45.38 -37.66 -85.61
N LYS KA 183 46.58 -38.08 -85.17
CA LYS KA 183 47.37 -39.05 -85.92
C LYS KA 183 47.59 -40.36 -85.16
N ARG KA 184 48.19 -40.32 -83.98
CA ARG KA 184 48.55 -41.53 -83.23
C ARG KA 184 48.03 -41.39 -81.81
N ALA KA 185 46.83 -41.90 -81.55
CA ALA KA 185 46.31 -41.65 -80.22
C ALA KA 185 46.41 -42.88 -79.35
N PRO KA 186 46.75 -42.70 -78.06
CA PRO KA 186 46.88 -43.86 -77.17
C PRO KA 186 45.55 -44.53 -76.87
N LYS KA 187 45.64 -45.77 -76.39
CA LYS KA 187 44.48 -46.53 -75.96
C LYS KA 187 44.17 -46.16 -74.51
N LEU KA 188 43.19 -46.84 -73.92
CA LEU KA 188 42.81 -46.53 -72.54
C LEU KA 188 43.87 -46.98 -71.54
N GLU KA 189 44.34 -48.23 -71.67
CA GLU KA 189 45.22 -48.84 -70.69
C GLU KA 189 46.60 -48.21 -70.64
N TRP KA 190 46.97 -47.37 -71.62
CA TRP KA 190 48.17 -46.56 -71.49
C TRP KA 190 48.01 -45.53 -70.40
N PHE KA 191 46.79 -45.03 -70.19
CA PHE KA 191 46.58 -43.97 -69.21
C PHE KA 191 46.53 -44.50 -67.79
N GLN KA 192 46.00 -45.70 -67.59
CA GLN KA 192 45.80 -46.25 -66.26
C GLN KA 192 47.04 -46.96 -65.72
N ASN KA 193 48.22 -46.69 -66.27
CA ASN KA 193 49.47 -47.20 -65.73
C ASN KA 193 50.06 -46.18 -64.76
N VAL KA 194 49.30 -45.91 -63.71
CA VAL KA 194 49.69 -44.89 -62.74
C VAL KA 194 50.90 -45.30 -61.92
N GLU KA 195 51.19 -46.60 -61.82
CA GLU KA 195 52.48 -47.00 -61.28
C GLU KA 195 53.60 -46.67 -62.24
N SER KA 196 53.36 -46.87 -63.54
CA SER KA 196 54.36 -46.53 -64.55
C SER KA 196 54.47 -45.04 -64.78
N MET KA 197 53.41 -44.28 -64.50
CA MET KA 197 53.46 -42.84 -64.66
C MET KA 197 54.28 -42.20 -63.57
N LEU KA 198 54.01 -42.60 -62.32
CA LEU KA 198 54.73 -42.06 -61.17
C LEU KA 198 56.20 -42.39 -61.18
N ASN KA 199 56.59 -43.50 -61.82
CA ASN KA 199 58.01 -43.80 -61.87
C ASN KA 199 58.74 -42.91 -62.86
N HIS KA 200 58.13 -42.61 -64.01
CA HIS KA 200 58.77 -41.72 -64.96
C HIS KA 200 58.70 -40.27 -64.51
N HIS KA 201 57.58 -39.83 -63.94
CA HIS KA 201 57.41 -38.43 -63.61
C HIS KA 201 58.16 -38.01 -62.34
N LEU KA 202 58.40 -38.94 -61.41
CA LEU KA 202 59.19 -38.56 -60.23
C LEU KA 202 60.68 -38.62 -60.50
N GLN KA 203 61.12 -39.53 -61.34
CA GLN KA 203 62.55 -39.70 -61.65
C GLN KA 203 63.02 -38.78 -62.75
N VAL KA 204 62.40 -38.86 -63.91
CA VAL KA 204 62.94 -38.17 -65.08
C VAL KA 204 62.56 -36.71 -65.07
N LEU KA 205 61.34 -36.38 -64.66
CA LEU KA 205 60.93 -34.99 -64.67
C LEU KA 205 61.51 -34.24 -63.47
N LEU KA 206 61.24 -34.73 -62.27
CA LEU KA 206 61.64 -34.04 -61.05
C LEU KA 206 63.07 -34.35 -60.64
N GLY KA 207 63.44 -35.64 -60.62
CA GLY KA 207 64.77 -36.01 -60.18
C GLY KA 207 65.85 -35.65 -61.18
N CYS KA 208 65.71 -36.13 -62.42
CA CYS KA 208 66.66 -35.76 -63.46
C CYS KA 208 66.57 -34.31 -63.87
N GLY KA 209 65.42 -33.66 -63.65
CA GLY KA 209 65.34 -32.24 -63.93
C GLY KA 209 66.13 -31.42 -62.92
N SER KA 210 66.10 -31.82 -61.66
CA SER KA 210 66.87 -31.16 -60.63
C SER KA 210 68.30 -31.66 -60.54
N LEU KA 211 68.60 -32.81 -61.13
CA LEU KA 211 70.00 -33.22 -61.23
C LEU KA 211 70.69 -32.46 -62.35
N GLY KA 212 70.00 -32.29 -63.49
CA GLY KA 212 70.55 -31.50 -64.57
C GLY KA 212 70.69 -30.05 -64.19
N TRP KA 213 69.72 -29.52 -63.44
CA TRP KA 213 69.83 -28.14 -62.99
C TRP KA 213 70.89 -27.98 -61.92
N ALA KA 214 71.14 -29.04 -61.14
CA ALA KA 214 72.27 -29.01 -60.21
C ALA KA 214 73.60 -28.95 -60.96
N GLY KA 215 73.66 -29.56 -62.14
CA GLY KA 215 74.83 -29.41 -62.99
C GLY KA 215 74.94 -28.03 -63.60
N HIS KA 216 73.86 -27.27 -63.63
CA HIS KA 216 73.92 -25.94 -64.23
C HIS KA 216 74.38 -24.90 -63.22
N LEU KA 217 74.17 -25.12 -61.93
CA LEU KA 217 74.72 -24.15 -60.98
C LEU KA 217 76.19 -24.36 -60.77
N ILE KA 218 76.64 -25.61 -60.76
CA ILE KA 218 78.01 -25.92 -60.38
C ILE KA 218 78.97 -25.54 -61.49
N HIS KA 219 78.67 -25.94 -62.72
CA HIS KA 219 79.57 -25.65 -63.82
C HIS KA 219 79.37 -24.24 -64.36
N VAL KA 220 78.19 -23.65 -64.22
CA VAL KA 220 77.88 -22.41 -64.93
C VAL KA 220 77.49 -21.27 -64.01
N SER KA 221 76.42 -21.42 -63.23
CA SER KA 221 75.78 -20.26 -62.60
C SER KA 221 76.57 -19.73 -61.42
N ALA KA 222 76.84 -20.59 -60.43
CA ALA KA 222 77.65 -20.17 -59.28
C ALA KA 222 79.08 -19.72 -59.58
N PRO KA 223 79.77 -20.15 -60.65
CA PRO KA 223 80.99 -19.42 -61.01
C PRO KA 223 80.72 -17.99 -61.44
N ILE KA 224 79.64 -17.74 -62.18
CA ILE KA 224 79.35 -16.39 -62.64
C ILE KA 224 78.88 -15.51 -61.50
N ASN KA 225 77.99 -16.04 -60.65
CA ASN KA 225 77.48 -15.25 -59.53
C ASN KA 225 78.53 -15.02 -58.45
N LYS KA 226 79.62 -15.80 -58.44
CA LYS KA 226 80.71 -15.50 -57.53
C LYS KA 226 81.61 -14.40 -58.09
N LEU KA 227 81.78 -14.38 -59.42
CA LEU KA 227 82.51 -13.29 -60.05
C LEU KA 227 81.73 -11.98 -60.01
N MET KA 228 80.38 -12.08 -59.95
CA MET KA 228 79.57 -10.88 -59.81
C MET KA 228 79.71 -10.28 -58.41
N ASP KA 229 79.79 -11.13 -57.39
CA ASP KA 229 79.89 -10.64 -56.02
C ASP KA 229 81.24 -10.01 -55.72
N ALA KA 230 82.28 -10.38 -56.48
CA ALA KA 230 83.56 -9.70 -56.34
C ALA KA 230 83.52 -8.30 -56.95
N GLY KA 231 82.53 -8.01 -57.78
CA GLY KA 231 82.43 -6.71 -58.43
C GLY KA 231 83.47 -6.51 -59.51
N VAL KA 232 83.65 -7.51 -60.36
CA VAL KA 232 84.73 -7.46 -61.36
C VAL KA 232 84.31 -6.55 -62.50
N ALA KA 233 83.31 -6.99 -63.26
CA ALA KA 233 82.69 -6.30 -64.40
C ALA KA 233 81.49 -7.13 -64.82
N VAL KA 234 80.88 -6.77 -65.94
CA VAL KA 234 79.89 -7.61 -66.59
C VAL KA 234 80.44 -8.23 -67.87
N LYS KA 235 81.16 -7.46 -68.67
CA LYS KA 235 81.72 -7.99 -69.91
C LYS KA 235 82.97 -8.81 -69.66
N ASP KA 236 83.78 -8.42 -68.67
CA ASP KA 236 85.05 -9.09 -68.42
C ASP KA 236 84.87 -10.48 -67.84
N ILE KA 237 83.73 -10.78 -67.24
CA ILE KA 237 83.41 -12.16 -66.84
C ILE KA 237 83.30 -13.01 -68.10
N PRO KA 238 84.00 -14.13 -68.18
CA PRO KA 238 84.04 -14.92 -69.42
C PRO KA 238 82.71 -15.60 -69.70
N LEU KA 239 82.62 -16.11 -70.92
CA LEU KA 239 81.45 -16.86 -71.33
C LEU KA 239 81.39 -18.18 -70.57
N PRO KA 240 80.19 -18.65 -70.24
CA PRO KA 240 80.08 -19.82 -69.35
C PRO KA 240 80.44 -21.15 -69.98
N HIS KA 241 80.68 -21.21 -71.29
CA HIS KA 241 81.27 -22.40 -71.86
C HIS KA 241 82.79 -22.38 -71.81
N GLU KA 242 83.38 -21.23 -71.48
CA GLU KA 242 84.82 -21.18 -71.23
C GLU KA 242 85.16 -21.66 -69.82
N PHE KA 243 84.17 -21.73 -68.94
CA PHE KA 243 84.37 -22.33 -67.63
C PHE KA 243 84.51 -23.85 -67.73
N ILE KA 244 83.89 -24.46 -68.73
CA ILE KA 244 84.03 -25.88 -68.94
C ILE KA 244 85.32 -26.19 -69.70
N LEU KA 245 85.65 -25.37 -70.70
CA LEU KA 245 86.88 -25.58 -71.46
C LEU KA 245 88.10 -25.26 -70.62
N ASN KA 246 88.23 -24.01 -70.19
CA ASN KA 246 89.38 -23.57 -69.43
C ASN KA 246 89.12 -23.87 -67.96
N LYS KA 247 89.60 -25.04 -67.50
CA LYS KA 247 89.39 -25.51 -66.14
C LYS KA 247 90.18 -24.70 -65.12
N SER KA 248 91.12 -23.86 -65.56
CA SER KA 248 91.91 -23.03 -64.66
C SER KA 248 91.09 -21.91 -64.02
N LEU KA 249 89.90 -21.63 -64.52
CA LEU KA 249 89.06 -20.63 -63.90
C LEU KA 249 88.06 -21.22 -62.92
N LEU KA 250 87.84 -22.53 -62.97
CA LEU KA 250 87.16 -23.22 -61.88
C LEU KA 250 88.11 -23.67 -60.79
N ILE KA 251 89.32 -23.14 -60.74
CA ILE KA 251 90.25 -23.46 -59.66
C ILE KA 251 90.81 -22.20 -59.01
N ASP KA 252 90.69 -21.03 -59.67
CA ASP KA 252 90.94 -19.78 -58.97
C ASP KA 252 89.85 -19.52 -57.94
N LEU KA 253 88.60 -19.63 -58.36
CA LEU KA 253 87.48 -19.81 -57.45
C LEU KA 253 87.18 -21.30 -57.35
N PHE KA 254 86.53 -21.68 -56.23
CA PHE KA 254 86.18 -23.05 -55.86
C PHE KA 254 87.40 -23.96 -55.88
N PRO KA 255 88.30 -23.87 -54.90
CA PRO KA 255 89.56 -24.63 -54.98
C PRO KA 255 89.42 -26.13 -54.82
N GLY KA 256 88.25 -26.62 -54.39
CA GLY KA 256 88.05 -28.05 -54.25
C GLY KA 256 87.61 -28.72 -55.53
N PHE KA 257 88.27 -28.38 -56.64
CA PHE KA 257 87.87 -28.80 -57.96
C PHE KA 257 88.98 -29.49 -58.71
N ALA KA 258 90.25 -29.31 -58.30
CA ALA KA 258 91.38 -29.93 -58.98
C ALA KA 258 91.41 -31.44 -58.76
N ALA KA 259 90.78 -31.91 -57.68
CA ALA KA 259 90.70 -33.33 -57.41
C ALA KA 259 89.82 -34.05 -58.43
N GLY KA 260 88.94 -33.32 -59.09
CA GLY KA 260 88.22 -33.84 -60.22
C GLY KA 260 87.08 -34.75 -59.85
N LEU KA 261 86.92 -35.83 -60.61
CA LEU KA 261 85.73 -36.64 -60.53
C LEU KA 261 85.89 -37.83 -59.59
N THR KA 262 87.13 -38.20 -59.28
CA THR KA 262 87.38 -39.34 -58.40
C THR KA 262 86.91 -39.22 -56.94
N PRO KA 263 86.89 -38.04 -56.26
CA PRO KA 263 86.31 -38.03 -54.91
C PRO KA 263 84.82 -38.31 -54.84
N PHE KA 264 84.10 -38.27 -55.96
CA PHE KA 264 82.71 -38.70 -55.95
C PHE KA 264 82.61 -40.21 -55.80
N PHE KA 265 83.53 -40.95 -56.41
CA PHE KA 265 83.44 -42.40 -56.51
C PHE KA 265 84.24 -43.15 -55.47
N THR KA 266 85.18 -42.49 -54.80
CA THR KA 266 85.82 -43.07 -53.63
C THR KA 266 85.16 -42.63 -52.34
N LEU KA 267 83.97 -42.01 -52.43
CA LEU KA 267 83.18 -41.51 -51.30
C LEU KA 267 83.94 -40.50 -50.45
N ASN KA 268 84.83 -39.75 -51.08
CA ASN KA 268 85.52 -38.65 -50.43
C ASN KA 268 84.73 -37.37 -50.75
N TRP KA 269 83.49 -37.35 -50.26
CA TRP KA 269 82.59 -36.24 -50.56
C TRP KA 269 82.92 -35.00 -49.75
N GLY KA 270 83.78 -35.09 -48.76
CA GLY KA 270 84.26 -33.89 -48.09
C GLY KA 270 85.24 -33.09 -48.89
N GLN KA 271 85.75 -33.65 -49.99
CA GLN KA 271 86.63 -32.91 -50.88
C GLN KA 271 85.88 -31.80 -51.61
N TYR KA 272 84.58 -31.99 -51.81
CA TYR KA 272 83.72 -31.06 -52.53
C TYR KA 272 83.12 -30.00 -51.64
N ALA KA 273 83.77 -29.66 -50.53
CA ALA KA 273 83.18 -28.78 -49.54
C ALA KA 273 83.29 -27.31 -49.89
N ASP KA 274 83.83 -26.96 -51.06
CA ASP KA 274 83.91 -25.54 -51.42
C ASP KA 274 82.70 -25.10 -52.21
N PHE KA 275 82.03 -26.02 -52.91
CA PHE KA 275 80.97 -25.64 -53.83
C PHE KA 275 79.72 -26.50 -53.68
N LEU KA 276 79.62 -27.28 -52.61
CA LEU KA 276 78.38 -27.91 -52.18
C LEU KA 276 78.15 -27.66 -50.70
N THR KA 277 78.26 -26.39 -50.30
CA THR KA 277 78.31 -26.05 -48.89
C THR KA 277 76.94 -26.20 -48.21
N PHE KA 278 76.94 -25.90 -46.91
CA PHE KA 278 75.77 -25.85 -46.06
C PHE KA 278 75.84 -24.58 -45.23
N LYS KA 279 76.00 -23.44 -45.92
CA LYS KA 279 76.21 -22.17 -45.23
C LYS KA 279 75.00 -21.77 -44.41
N GLY KA 280 73.80 -21.97 -44.94
CA GLY KA 280 72.57 -21.77 -44.21
C GLY KA 280 72.29 -20.34 -43.82
N GLY KA 281 71.98 -19.49 -44.79
CA GLY KA 281 71.69 -18.10 -44.48
C GLY KA 281 71.58 -17.27 -45.73
N LEU KA 282 71.88 -15.98 -45.62
CA LEU KA 282 71.82 -15.07 -46.75
C LEU KA 282 73.21 -14.56 -47.11
N ASN KA 283 73.44 -14.41 -48.40
CA ASN KA 283 74.68 -13.84 -48.90
C ASN KA 283 74.72 -12.36 -48.53
N PRO KA 284 75.77 -11.89 -47.85
CA PRO KA 284 75.81 -10.48 -47.45
C PRO KA 284 76.01 -9.49 -48.59
N VAL KA 285 76.30 -9.96 -49.80
CA VAL KA 285 76.49 -9.03 -50.91
C VAL KA 285 75.17 -8.82 -51.65
N THR KA 286 74.49 -9.90 -52.02
CA THR KA 286 73.24 -9.80 -52.76
C THR KA 286 72.02 -9.74 -51.86
N GLY KA 287 72.08 -10.32 -50.67
CA GLY KA 287 70.86 -10.51 -49.91
C GLY KA 287 70.02 -11.65 -50.42
N GLY KA 288 70.64 -12.57 -51.16
CA GLY KA 288 69.98 -13.78 -51.59
C GLY KA 288 70.61 -14.99 -50.93
N LEU KA 289 70.14 -16.15 -51.33
CA LEU KA 289 70.73 -17.38 -50.82
C LEU KA 289 72.10 -17.59 -51.44
N TRP KA 290 72.92 -18.39 -50.76
CA TRP KA 290 74.21 -18.78 -51.31
C TRP KA 290 73.99 -19.70 -52.48
N MET KA 291 74.69 -19.43 -53.58
CA MET KA 291 74.52 -20.24 -54.78
C MET KA 291 75.10 -21.64 -54.61
N THR KA 292 76.06 -21.81 -53.70
CA THR KA 292 76.59 -23.13 -53.42
C THR KA 292 75.61 -23.97 -52.61
N ASP KA 293 74.79 -23.32 -51.78
CA ASP KA 293 73.80 -24.06 -51.01
C ASP KA 293 72.68 -24.59 -51.90
N ILE KA 294 72.31 -23.80 -52.93
CA ILE KA 294 71.29 -24.24 -53.87
C ILE KA 294 71.84 -25.36 -54.74
N ALA KA 295 73.16 -25.38 -54.96
CA ALA KA 295 73.78 -26.48 -55.69
C ALA KA 295 73.70 -27.79 -54.92
N HIS KA 296 74.05 -27.76 -53.62
CA HIS KA 296 73.91 -28.96 -52.80
C HIS KA 296 72.45 -29.26 -52.48
N HIS KA 297 71.56 -28.27 -52.61
CA HIS KA 297 70.14 -28.54 -52.43
C HIS KA 297 69.62 -29.39 -53.58
N HIS KA 298 69.65 -28.84 -54.79
CA HIS KA 298 69.06 -29.51 -55.96
C HIS KA 298 69.78 -30.80 -56.31
N LEU KA 299 71.01 -31.00 -55.84
CA LEU KA 299 71.61 -32.32 -55.96
C LEU KA 299 71.05 -33.30 -54.95
N ALA KA 300 70.89 -32.87 -53.70
CA ALA KA 300 70.34 -33.76 -52.68
C ALA KA 300 68.86 -33.97 -52.88
N ILE KA 301 68.17 -32.98 -53.45
CA ILE KA 301 66.80 -33.18 -53.91
C ILE KA 301 66.75 -34.28 -54.96
N ALA KA 302 67.73 -34.28 -55.87
CA ALA KA 302 67.68 -35.18 -57.03
C ALA KA 302 67.93 -36.63 -56.67
N VAL KA 303 68.77 -36.88 -55.66
CA VAL KA 303 69.05 -38.25 -55.26
C VAL KA 303 67.81 -38.89 -54.62
N VAL KA 304 67.06 -38.10 -53.85
CA VAL KA 304 65.88 -38.60 -53.16
C VAL KA 304 64.78 -38.97 -54.15
N PHE KA 305 64.64 -38.20 -55.24
CA PHE KA 305 63.57 -38.48 -56.20
C PHE KA 305 63.90 -39.68 -57.09
N ILE KA 306 65.16 -39.89 -57.44
CA ILE KA 306 65.50 -41.03 -58.29
C ILE KA 306 65.39 -42.33 -57.51
N ILE KA 307 65.69 -42.29 -56.21
CA ILE KA 307 65.48 -43.46 -55.36
C ILE KA 307 63.99 -43.75 -55.21
N ALA KA 308 63.21 -42.75 -54.80
CA ALA KA 308 61.79 -42.93 -54.52
C ALA KA 308 60.95 -43.13 -55.76
N GLY KA 309 61.49 -42.90 -56.94
CA GLY KA 309 60.75 -43.26 -58.12
C GLY KA 309 60.92 -44.69 -58.55
N HIS KA 310 61.74 -45.47 -57.86
CA HIS KA 310 61.86 -46.90 -58.11
C HIS KA 310 60.92 -47.72 -57.23
N GLN KA 311 59.79 -47.14 -56.82
CA GLN KA 311 58.94 -47.73 -55.80
C GLN KA 311 57.82 -48.58 -56.37
N TYR KA 312 57.16 -48.10 -57.41
CA TYR KA 312 55.91 -48.70 -57.85
C TYR KA 312 56.18 -49.75 -58.93
N ARG KA 313 55.36 -50.79 -58.94
CA ARG KA 313 55.63 -51.95 -59.76
C ARG KA 313 55.35 -51.69 -61.23
N THR KA 314 56.27 -52.14 -62.07
CA THR KA 314 56.14 -52.08 -63.51
C THR KA 314 56.29 -53.49 -64.07
N ASN KA 315 56.62 -53.60 -65.35
CA ASN KA 315 56.75 -54.87 -66.05
C ASN KA 315 57.77 -55.84 -65.45
N TRP KA 316 58.63 -55.41 -64.52
CA TRP KA 316 59.68 -56.26 -63.98
C TRP KA 316 59.44 -56.68 -62.54
N GLY KA 317 58.20 -56.99 -62.18
CA GLY KA 317 57.93 -57.76 -60.97
C GLY KA 317 58.12 -57.07 -59.64
N ILE KA 318 59.32 -56.51 -59.40
CA ILE KA 318 59.61 -55.85 -58.15
C ILE KA 318 58.81 -54.54 -58.04
N GLY KA 319 58.60 -54.10 -56.81
CA GLY KA 319 57.92 -52.85 -56.59
C GLY KA 319 56.59 -52.96 -55.88
N HIS KA 320 56.17 -51.86 -55.28
CA HIS KA 320 54.91 -51.76 -54.59
C HIS KA 320 53.75 -51.65 -55.57
N SER KA 321 52.57 -52.09 -55.12
CA SER KA 321 51.34 -51.93 -55.87
C SER KA 321 50.37 -51.09 -55.06
N ILE KA 322 49.81 -50.06 -55.68
CA ILE KA 322 49.00 -49.10 -54.95
C ILE KA 322 47.66 -49.69 -54.55
N LYS KA 323 47.15 -50.64 -55.34
CA LYS KA 323 45.94 -51.36 -54.93
C LYS KA 323 46.22 -52.29 -53.75
N GLU KA 324 47.48 -52.64 -53.51
CA GLU KA 324 47.85 -53.45 -52.35
C GLU KA 324 48.44 -52.63 -51.21
N ILE KA 325 48.79 -51.37 -51.43
CA ILE KA 325 49.17 -50.50 -50.32
C ILE KA 325 47.93 -49.99 -49.60
N LEU KA 326 46.95 -49.51 -50.38
CA LEU KA 326 45.79 -48.85 -49.79
C LEU KA 326 44.89 -49.84 -49.06
N GLU KA 327 44.77 -51.06 -49.57
CA GLU KA 327 43.84 -51.99 -48.97
C GLU KA 327 44.38 -52.65 -47.70
N ASN KA 328 45.67 -52.49 -47.41
CA ASN KA 328 46.19 -52.97 -46.14
C ASN KA 328 45.93 -51.97 -45.02
N HIS KA 329 46.04 -50.68 -45.31
CA HIS KA 329 45.85 -49.64 -44.30
C HIS KA 329 44.36 -49.51 -44.01
N LYS KA 330 43.89 -50.28 -43.03
CA LYS KA 330 42.53 -50.16 -42.52
C LYS KA 330 42.55 -50.46 -41.02
N GLY KA 331 41.63 -49.84 -40.29
CA GLY KA 331 41.68 -49.94 -38.85
C GLY KA 331 40.41 -50.43 -38.20
N PRO KA 332 40.32 -50.28 -36.88
CA PRO KA 332 39.07 -50.62 -36.21
C PRO KA 332 38.01 -49.55 -36.36
N PHE KA 333 38.41 -48.28 -36.40
CA PHE KA 333 37.43 -47.21 -36.51
C PHE KA 333 36.85 -47.13 -37.91
N THR KA 334 37.69 -47.29 -38.94
CA THR KA 334 37.30 -46.93 -40.28
C THR KA 334 36.94 -48.12 -41.16
N GLY KA 335 36.61 -49.26 -40.58
CA GLY KA 335 36.03 -50.38 -41.32
C GLY KA 335 36.90 -51.01 -42.38
N GLU KA 336 36.57 -50.77 -43.65
CA GLU KA 336 37.40 -51.25 -44.73
C GLU KA 336 38.52 -50.28 -45.09
N GLY KA 337 38.53 -49.10 -44.49
CA GLY KA 337 39.69 -48.22 -44.60
C GLY KA 337 39.78 -47.61 -45.98
N HIS KA 338 40.97 -47.68 -46.58
CA HIS KA 338 41.23 -47.11 -47.88
C HIS KA 338 40.98 -48.11 -49.01
N LYS KA 339 40.09 -49.07 -48.81
CA LYS KA 339 39.77 -50.07 -49.82
C LYS KA 339 38.70 -49.55 -50.76
N GLY KA 340 39.10 -49.21 -51.98
CA GLY KA 340 38.14 -48.76 -52.96
C GLY KA 340 38.51 -47.40 -53.52
N LEU KA 341 39.47 -46.75 -52.89
CA LEU KA 341 39.92 -45.46 -53.36
C LEU KA 341 40.86 -45.55 -54.55
N TYR KA 342 41.31 -46.76 -54.90
CA TYR KA 342 42.09 -46.90 -56.12
C TYR KA 342 41.20 -46.77 -57.34
N GLU KA 343 40.02 -47.39 -57.31
CA GLU KA 343 39.10 -47.34 -58.44
C GLU KA 343 38.47 -45.97 -58.61
N ASN KA 344 38.45 -45.13 -57.57
CA ASN KA 344 37.99 -43.77 -57.74
C ASN KA 344 39.03 -42.93 -58.45
N LEU KA 345 40.30 -43.17 -58.16
CA LEU KA 345 41.40 -42.37 -58.69
C LEU KA 345 41.99 -42.92 -59.97
N THR KA 346 41.53 -44.08 -60.45
CA THR KA 346 42.01 -44.61 -61.72
C THR KA 346 40.93 -44.66 -62.79
N THR KA 347 39.69 -44.33 -62.45
CA THR KA 347 38.63 -44.24 -63.43
C THR KA 347 38.13 -42.82 -63.65
N SER KA 348 37.90 -42.07 -62.58
CA SER KA 348 37.37 -40.73 -62.69
C SER KA 348 38.49 -39.73 -62.92
N TRP KA 349 38.24 -38.76 -63.81
CA TRP KA 349 39.21 -37.70 -64.05
C TRP KA 349 39.06 -36.56 -63.08
N HIS KA 350 37.88 -36.39 -62.49
CA HIS KA 350 37.69 -35.32 -61.53
C HIS KA 350 38.29 -35.66 -60.18
N ALA KA 351 38.34 -36.95 -59.84
CA ALA KA 351 38.97 -37.37 -58.60
C ALA KA 351 40.46 -37.11 -58.65
N GLN KA 352 41.07 -37.28 -59.83
CA GLN KA 352 42.45 -36.85 -60.01
C GLN KA 352 42.55 -35.33 -60.01
N LEU KA 353 41.62 -34.65 -60.68
CA LEU KA 353 41.69 -33.20 -60.77
C LEU KA 353 41.41 -32.53 -59.43
N ALA KA 354 40.58 -33.14 -58.58
CA ALA KA 354 40.39 -32.57 -57.24
C ALA KA 354 41.64 -32.75 -56.40
N THR KA 355 42.33 -33.87 -56.55
CA THR KA 355 43.50 -34.17 -55.74
C THR KA 355 44.72 -33.38 -56.20
N ASN KA 356 44.93 -33.28 -57.51
CA ASN KA 356 46.12 -32.60 -57.99
C ASN KA 356 46.02 -31.09 -57.92
N LEU KA 357 44.89 -30.54 -57.50
CA LEU KA 357 44.65 -29.11 -57.51
C LEU KA 357 44.50 -28.51 -56.13
N ALA KA 358 43.93 -29.26 -55.19
CA ALA KA 358 43.92 -28.85 -53.80
C ALA KA 358 45.27 -28.99 -53.14
N PHE KA 359 46.14 -29.84 -53.67
CA PHE KA 359 47.47 -30.04 -53.11
C PHE KA 359 48.56 -29.34 -53.92
N LEU KA 360 48.25 -28.85 -55.12
CA LEU KA 360 49.14 -27.93 -55.80
C LEU KA 360 48.80 -26.49 -55.46
N GLY KA 361 47.53 -26.22 -55.14
CA GLY KA 361 47.18 -24.89 -54.68
C GLY KA 361 47.66 -24.64 -53.27
N SER KA 362 47.63 -25.67 -52.43
CA SER KA 362 48.18 -25.54 -51.09
C SER KA 362 49.70 -25.51 -51.12
N LEU KA 363 50.29 -26.06 -52.17
CA LEU KA 363 51.74 -26.00 -52.33
C LEU KA 363 52.19 -24.60 -52.72
N THR KA 364 51.36 -23.90 -53.51
CA THR KA 364 51.72 -22.59 -54.02
C THR KA 364 51.75 -21.54 -52.90
N ILE KA 365 50.90 -21.72 -51.89
CA ILE KA 365 50.93 -20.83 -50.73
C ILE KA 365 52.16 -21.09 -49.89
N ILE KA 366 52.63 -22.34 -49.85
CA ILE KA 366 53.84 -22.67 -49.13
C ILE KA 366 55.06 -22.09 -49.83
N ILE KA 367 55.02 -22.04 -51.17
CA ILE KA 367 56.09 -21.41 -51.94
C ILE KA 367 56.18 -19.93 -51.63
N ALA KA 368 55.03 -19.27 -51.46
CA ALA KA 368 55.01 -17.83 -51.17
C ALA KA 368 55.59 -17.53 -49.80
N HIS KA 369 55.33 -18.39 -48.81
CA HIS KA 369 55.91 -18.19 -47.49
C HIS KA 369 57.39 -18.55 -47.45
N HIS KA 370 57.81 -19.53 -48.24
CA HIS KA 370 59.20 -19.94 -48.25
C HIS KA 370 60.06 -19.13 -49.21
N MET KA 371 59.54 -18.03 -49.76
CA MET KA 371 60.33 -17.17 -50.63
C MET KA 371 60.46 -15.73 -50.14
N TYR KA 372 59.66 -15.30 -49.18
CA TYR KA 372 59.88 -13.94 -48.69
C TYR KA 372 60.93 -13.94 -47.59
N ALA KA 373 60.98 -15.01 -46.81
CA ALA KA 373 61.93 -15.11 -45.71
C ALA KA 373 63.27 -15.63 -46.17
N MET KA 374 63.28 -16.48 -47.19
CA MET KA 374 64.48 -17.03 -47.78
C MET KA 374 64.51 -16.59 -49.24
N PRO KA 375 65.00 -15.39 -49.53
CA PRO KA 375 64.98 -14.90 -50.91
C PRO KA 375 66.01 -15.63 -51.75
N PRO KA 376 65.58 -16.38 -52.75
CA PRO KA 376 66.50 -17.30 -53.44
C PRO KA 376 67.23 -16.71 -54.63
N TYR KA 377 67.19 -15.41 -54.84
CA TYR KA 377 67.71 -14.81 -56.06
C TYR KA 377 68.61 -13.63 -55.71
N PRO KA 378 69.57 -13.30 -56.56
CA PRO KA 378 70.43 -12.15 -56.29
C PRO KA 378 69.66 -10.85 -56.38
N TYR KA 379 69.75 -10.03 -55.32
CA TYR KA 379 69.04 -8.76 -55.17
C TYR KA 379 67.53 -8.92 -55.29
N LEU KA 380 66.96 -9.86 -54.54
CA LEU KA 380 65.51 -9.98 -54.48
C LEU KA 380 64.95 -9.25 -53.27
N ALA KA 381 65.55 -9.47 -52.10
CA ALA KA 381 65.14 -8.75 -50.89
C ALA KA 381 65.58 -7.31 -50.90
N THR KA 382 66.51 -6.93 -51.78
CA THR KA 382 66.88 -5.53 -51.95
C THR KA 382 65.73 -4.74 -52.55
N ASP KA 383 65.03 -5.32 -53.52
CA ASP KA 383 63.93 -4.64 -54.19
C ASP KA 383 62.64 -5.00 -53.44
N TYR KA 384 62.14 -4.04 -52.65
CA TYR KA 384 60.90 -4.24 -51.92
C TYR KA 384 59.72 -4.32 -52.87
N ALA KA 385 59.82 -3.66 -54.01
CA ALA KA 385 58.73 -3.65 -54.98
C ALA KA 385 58.55 -5.00 -55.66
N THR KA 386 59.61 -5.81 -55.69
CA THR KA 386 59.48 -7.13 -56.30
C THR KA 386 58.97 -8.13 -55.29
N GLN KA 387 59.53 -8.11 -54.06
CA GLN KA 387 59.27 -9.15 -53.08
C GLN KA 387 57.85 -9.09 -52.54
N LEU KA 388 57.26 -7.91 -52.49
CA LEU KA 388 55.86 -7.78 -52.09
C LEU KA 388 54.94 -8.40 -53.15
N CYS KA 389 55.30 -8.29 -54.41
CA CYS KA 389 54.38 -8.69 -55.46
C CYS KA 389 54.51 -10.17 -55.81
N ILE KA 390 55.65 -10.79 -55.53
CA ILE KA 390 55.80 -12.23 -55.75
C ILE KA 390 54.98 -13.00 -54.74
N PHE KA 391 54.97 -12.53 -53.48
CA PHE KA 391 54.15 -13.15 -52.44
C PHE KA 391 52.68 -13.06 -52.80
N THR KA 392 52.17 -11.84 -52.97
CA THR KA 392 50.76 -11.58 -53.24
C THR KA 392 50.29 -12.17 -54.56
N HIS KA 393 51.19 -12.47 -55.50
CA HIS KA 393 50.75 -13.13 -56.72
C HIS KA 393 50.40 -14.58 -56.45
N HIS KA 394 51.38 -15.37 -55.98
CA HIS KA 394 51.19 -16.80 -55.80
C HIS KA 394 50.28 -17.13 -54.62
N ILE KA 395 49.99 -16.17 -53.74
CA ILE KA 395 48.90 -16.34 -52.76
C ILE KA 395 47.57 -16.54 -53.48
N TRP KA 396 47.24 -15.63 -54.40
CA TRP KA 396 45.95 -15.72 -55.08
C TRP KA 396 45.90 -16.93 -56.01
N ILE KA 397 47.00 -17.21 -56.70
CA ILE KA 397 47.06 -18.37 -57.59
C ILE KA 397 46.90 -19.66 -56.80
N GLY KA 398 47.46 -19.71 -55.59
CA GLY KA 398 47.25 -20.87 -54.75
C GLY KA 398 45.84 -21.00 -54.23
N GLY KA 399 45.17 -19.86 -54.02
CA GLY KA 399 43.85 -19.90 -53.41
C GLY KA 399 42.74 -20.28 -54.36
N PHE KA 400 42.86 -19.89 -55.64
CA PHE KA 400 41.86 -20.31 -56.62
C PHE KA 400 41.90 -21.80 -56.86
N LEU KA 401 43.07 -22.42 -56.76
CA LEU KA 401 43.18 -23.84 -57.07
C LEU KA 401 42.61 -24.71 -55.95
N ILE KA 402 42.68 -24.24 -54.71
CA ILE KA 402 42.08 -24.98 -53.61
C ILE KA 402 40.56 -24.97 -53.72
N VAL KA 403 39.99 -23.85 -54.16
CA VAL KA 403 38.56 -23.79 -54.43
C VAL KA 403 38.22 -24.67 -55.63
N GLY KA 404 39.14 -24.78 -56.58
CA GLY KA 404 38.93 -25.65 -57.72
C GLY KA 404 38.99 -27.11 -57.37
N GLY KA 405 39.89 -27.49 -56.47
CA GLY KA 405 39.90 -28.85 -55.96
C GLY KA 405 38.65 -29.17 -55.19
N ALA KA 406 38.09 -28.20 -54.49
CA ALA KA 406 36.80 -28.37 -53.85
C ALA KA 406 35.67 -28.43 -54.85
N ALA KA 407 35.83 -27.76 -56.00
CA ALA KA 407 34.78 -27.77 -57.02
C ALA KA 407 34.73 -29.11 -57.73
N HIS KA 408 35.87 -29.56 -58.23
CA HIS KA 408 35.93 -30.80 -58.99
C HIS KA 408 35.89 -32.04 -58.11
N ALA KA 409 35.82 -31.89 -56.79
CA ALA KA 409 35.48 -32.99 -55.90
C ALA KA 409 33.97 -33.15 -55.75
N ALA KA 410 33.24 -32.04 -55.79
CA ALA KA 410 31.79 -32.11 -55.78
C ALA KA 410 31.26 -32.66 -57.09
N ILE KA 411 31.98 -32.47 -58.18
CA ILE KA 411 31.58 -33.03 -59.47
C ILE KA 411 31.82 -34.53 -59.48
N PHE KA 412 32.84 -34.98 -58.75
CA PHE KA 412 33.08 -36.42 -58.58
C PHE KA 412 31.94 -37.10 -57.88
N MET KA 413 31.38 -36.46 -56.85
CA MET KA 413 30.33 -37.07 -56.04
C MET KA 413 29.04 -37.20 -56.82
N VAL KA 414 28.81 -36.35 -57.80
CA VAL KA 414 27.54 -36.40 -58.52
C VAL KA 414 27.61 -37.39 -59.68
N ARG KA 415 28.61 -37.24 -60.54
CA ARG KA 415 28.70 -38.07 -61.74
C ARG KA 415 29.44 -39.39 -61.51
N ASP KA 416 30.60 -39.34 -60.86
CA ASP KA 416 31.51 -40.47 -60.86
C ASP KA 416 31.49 -41.29 -59.59
N TYR KA 417 30.72 -40.89 -58.58
CA TYR KA 417 30.61 -41.69 -57.37
C TYR KA 417 29.82 -42.96 -57.64
N ASP KA 418 30.31 -44.07 -57.10
CA ASP KA 418 29.71 -45.38 -57.28
C ASP KA 418 29.49 -46.01 -55.92
N PRO KA 419 28.29 -46.49 -55.61
CA PRO KA 419 28.06 -47.10 -54.30
C PRO KA 419 28.69 -48.46 -54.16
N VAL KA 420 28.85 -49.21 -55.25
CA VAL KA 420 29.32 -50.59 -55.18
C VAL KA 420 30.80 -50.62 -54.80
N VAL KA 421 31.60 -49.78 -55.44
CA VAL KA 421 33.03 -49.71 -55.12
C VAL KA 421 33.24 -49.10 -53.74
N ASN KA 422 32.57 -47.98 -53.47
CA ASN KA 422 32.80 -47.19 -52.27
C ASN KA 422 31.87 -47.62 -51.14
N GLN KA 423 31.87 -48.92 -50.85
CA GLN KA 423 31.06 -49.48 -49.78
C GLN KA 423 31.92 -49.63 -48.53
N ASN KA 424 31.55 -48.90 -47.48
CA ASN KA 424 32.09 -48.97 -46.12
C ASN KA 424 33.56 -48.56 -46.04
N ASN KA 425 34.10 -47.90 -47.07
CA ASN KA 425 35.44 -47.36 -47.01
C ASN KA 425 35.41 -45.96 -46.38
N VAL KA 426 36.58 -45.32 -46.29
CA VAL KA 426 36.67 -44.02 -45.61
C VAL KA 426 35.98 -42.91 -46.39
N LEU KA 427 35.69 -43.11 -47.67
CA LEU KA 427 34.83 -42.15 -48.36
C LEU KA 427 33.39 -42.34 -47.95
N ASP KA 428 33.00 -43.58 -47.66
CA ASP KA 428 31.62 -43.84 -47.29
C ASP KA 428 31.37 -43.41 -45.85
N ARG KA 429 32.38 -43.53 -45.00
CA ARG KA 429 32.21 -43.27 -43.58
C ARG KA 429 32.19 -41.78 -43.24
N VAL KA 430 32.52 -40.90 -44.18
CA VAL KA 430 32.32 -39.48 -43.94
C VAL KA 430 30.96 -39.00 -44.41
N ILE KA 431 30.20 -39.86 -45.10
CA ILE KA 431 28.85 -39.48 -45.50
C ILE KA 431 27.85 -40.00 -44.49
N ARG KA 432 28.21 -41.00 -43.68
CA ARG KA 432 27.37 -41.33 -42.54
C ARG KA 432 27.39 -40.23 -41.49
N HIS KA 433 28.56 -39.72 -41.13
CA HIS KA 433 28.64 -38.77 -40.03
C HIS KA 433 28.87 -37.35 -40.52
N ARG KA 434 28.36 -37.04 -41.72
CA ARG KA 434 28.52 -35.71 -42.30
C ARG KA 434 27.77 -34.64 -41.53
N ASP KA 435 26.76 -35.02 -40.75
CA ASP KA 435 26.12 -34.07 -39.85
C ASP KA 435 26.99 -33.77 -38.65
N ALA KA 436 27.79 -34.75 -38.22
CA ALA KA 436 28.71 -34.52 -37.12
C ALA KA 436 29.93 -33.74 -37.57
N ILE KA 437 30.30 -33.86 -38.85
CA ILE KA 437 31.45 -33.12 -39.36
C ILE KA 437 31.11 -31.64 -39.47
N ILE KA 438 29.96 -31.34 -40.08
CA ILE KA 438 29.61 -29.96 -40.39
C ILE KA 438 29.24 -29.20 -39.12
N SER KA 439 28.43 -29.81 -38.25
CA SER KA 439 27.94 -29.08 -37.09
C SER KA 439 29.03 -28.90 -36.04
N HIS KA 440 30.02 -29.78 -36.00
CA HIS KA 440 31.21 -29.46 -35.20
C HIS KA 440 32.11 -28.47 -35.90
N LEU KA 441 32.05 -28.38 -37.24
CA LEU KA 441 32.79 -27.33 -37.92
C LEU KA 441 32.05 -26.01 -37.87
N ASN KA 442 30.71 -26.07 -37.85
CA ASN KA 442 29.89 -24.89 -37.68
C ASN KA 442 30.15 -24.22 -36.34
N TRP KA 443 30.45 -24.99 -35.31
CA TRP KA 443 30.75 -24.42 -34.00
C TRP KA 443 32.08 -23.68 -33.99
N VAL KA 444 33.10 -24.23 -34.65
CA VAL KA 444 34.43 -23.64 -34.58
C VAL KA 444 34.47 -22.34 -35.37
N CYS KA 445 33.75 -22.29 -36.49
CA CYS KA 445 33.63 -21.06 -37.26
C CYS KA 445 32.92 -19.97 -36.47
N ILE KA 446 31.94 -20.35 -35.64
CA ILE KA 446 31.30 -19.41 -34.76
C ILE KA 446 32.19 -19.06 -33.57
N PHE KA 447 32.86 -20.07 -33.00
CA PHE KA 447 33.78 -19.82 -31.89
C PHE KA 447 34.94 -18.94 -32.28
N LEU KA 448 35.52 -19.17 -33.46
CA LEU KA 448 36.58 -18.29 -33.93
C LEU KA 448 36.08 -16.93 -34.36
N GLY KA 449 34.79 -16.81 -34.66
CA GLY KA 449 34.28 -15.52 -35.08
C GLY KA 449 34.20 -14.55 -33.92
N PHE KA 450 33.71 -15.01 -32.78
CA PHE KA 450 33.62 -14.14 -31.63
C PHE KA 450 34.97 -13.90 -30.99
N HIS KA 451 35.73 -14.95 -30.74
CA HIS KA 451 36.96 -14.80 -29.96
C HIS KA 451 38.16 -14.35 -30.79
N SER KA 452 37.98 -13.98 -32.05
CA SER KA 452 39.04 -13.35 -32.81
C SER KA 452 38.63 -12.00 -33.38
N PHE KA 453 37.49 -11.91 -34.05
CA PHE KA 453 37.04 -10.64 -34.56
C PHE KA 453 36.42 -9.77 -33.48
N GLY KA 454 35.72 -10.37 -32.52
CA GLY KA 454 35.16 -9.60 -31.43
C GLY KA 454 36.18 -9.00 -30.49
N LEU KA 455 37.42 -9.46 -30.54
CA LEU KA 455 38.50 -8.80 -29.83
C LEU KA 455 39.03 -7.58 -30.57
N TYR KA 456 38.63 -7.39 -31.82
CA TYR KA 456 38.83 -6.11 -32.49
C TYR KA 456 37.70 -5.14 -32.17
N ILE KA 457 36.47 -5.65 -32.13
CA ILE KA 457 35.31 -4.84 -31.78
C ILE KA 457 35.38 -4.43 -30.33
N HIS KA 458 35.95 -5.28 -29.49
CA HIS KA 458 36.26 -4.90 -28.12
C HIS KA 458 37.26 -3.76 -28.09
N ASN KA 459 38.29 -3.81 -28.93
CA ASN KA 459 39.33 -2.79 -28.92
C ASN KA 459 38.92 -1.52 -29.65
N ASP KA 460 38.00 -1.62 -30.61
CA ASP KA 460 37.43 -0.43 -31.22
C ASP KA 460 36.67 0.38 -30.19
N THR KA 461 35.90 -0.30 -29.35
CA THR KA 461 35.04 0.37 -28.41
C THR KA 461 35.80 0.90 -27.22
N MET KA 462 36.81 0.16 -26.73
CA MET KA 462 37.57 0.62 -25.58
C MET KA 462 38.41 1.82 -25.91
N ARG KA 463 38.89 1.94 -27.14
CA ARG KA 463 39.65 3.13 -27.48
C ARG KA 463 38.71 4.30 -27.75
N ALA KA 464 37.52 4.03 -28.27
CA ALA KA 464 36.56 5.09 -28.52
C ALA KA 464 35.95 5.61 -27.23
N LEU KA 465 35.76 4.74 -26.25
CA LEU KA 465 35.28 5.14 -24.93
C LEU KA 465 36.36 5.75 -24.06
N GLY KA 466 37.56 6.00 -24.58
CA GLY KA 466 38.62 6.59 -23.79
C GLY KA 466 39.15 5.68 -22.71
N ARG KA 467 39.08 4.37 -22.92
CA ARG KA 467 39.54 3.36 -21.96
C ARG KA 467 40.65 2.55 -22.61
N PRO KA 468 41.87 3.10 -22.73
CA PRO KA 468 42.93 2.35 -23.39
C PRO KA 468 43.55 1.28 -22.53
N GLN KA 469 43.27 1.27 -21.22
CA GLN KA 469 43.82 0.25 -20.34
C GLN KA 469 43.02 -1.04 -20.34
N ASP KA 470 41.91 -1.09 -21.07
CA ASP KA 470 41.06 -2.27 -21.12
C ASP KA 470 41.18 -3.01 -22.45
N MET KA 471 42.22 -2.73 -23.22
CA MET KA 471 42.35 -3.23 -24.57
C MET KA 471 43.25 -4.45 -24.60
N PHE KA 472 43.14 -5.23 -25.68
CA PHE KA 472 44.01 -6.38 -25.89
C PHE KA 472 45.21 -5.95 -26.71
N SER KA 473 46.16 -5.30 -26.05
CA SER KA 473 47.32 -4.76 -26.73
C SER KA 473 48.59 -5.22 -26.03
N ASP KA 474 49.73 -4.75 -26.54
CA ASP KA 474 51.01 -5.02 -25.89
C ASP KA 474 51.14 -4.34 -24.55
N THR KA 475 50.35 -3.32 -24.26
CA THR KA 475 50.46 -2.58 -23.01
C THR KA 475 49.45 -3.00 -21.97
N ALA KA 476 48.18 -3.16 -22.35
CA ALA KA 476 47.12 -3.26 -21.36
C ALA KA 476 46.81 -4.70 -20.96
N ILE KA 477 46.37 -5.53 -21.91
CA ILE KA 477 46.07 -6.92 -21.64
C ILE KA 477 46.82 -7.75 -22.67
N GLN KA 478 47.84 -8.47 -22.22
CA GLN KA 478 48.68 -9.27 -23.10
C GLN KA 478 47.88 -10.44 -23.66
N LEU KA 479 48.18 -10.80 -24.90
CA LEU KA 479 47.74 -12.04 -25.51
C LEU KA 479 48.88 -12.68 -26.27
N GLN KA 480 50.03 -12.81 -25.61
CA GLN KA 480 51.29 -13.13 -26.28
C GLN KA 480 51.26 -14.52 -26.90
N PRO KA 481 51.70 -14.67 -28.15
CA PRO KA 481 51.68 -15.97 -28.81
C PRO KA 481 52.79 -16.87 -28.32
N VAL KA 482 52.53 -17.61 -27.25
CA VAL KA 482 53.58 -18.40 -26.61
C VAL KA 482 54.06 -19.52 -27.52
N PHE KA 483 53.14 -20.15 -28.25
CA PHE KA 483 53.49 -21.34 -29.02
C PHE KA 483 54.16 -21.02 -30.33
N ALA KA 484 54.25 -19.75 -30.72
CA ALA KA 484 55.01 -19.35 -31.89
C ALA KA 484 56.23 -18.51 -31.54
N GLN KA 485 56.25 -17.88 -30.37
CA GLN KA 485 57.49 -17.30 -29.86
C GLN KA 485 58.47 -18.38 -29.43
N TRP KA 486 57.98 -19.58 -29.13
CA TRP KA 486 58.86 -20.67 -28.73
C TRP KA 486 59.52 -21.31 -29.94
N VAL KA 487 58.76 -21.52 -31.01
CA VAL KA 487 59.28 -22.18 -32.22
C VAL KA 487 60.31 -21.30 -32.92
N GLN KA 488 60.17 -19.98 -32.81
CA GLN KA 488 61.22 -19.10 -33.30
C GLN KA 488 62.50 -19.23 -32.49
N ASN KA 489 62.39 -19.52 -31.20
CA ASN KA 489 63.58 -19.66 -30.39
C ASN KA 489 64.26 -21.00 -30.61
N LEU KA 490 63.53 -21.97 -31.15
CA LEU KA 490 64.16 -23.24 -31.49
C LEU KA 490 64.90 -23.16 -32.82
N HIS KA 491 64.32 -22.45 -33.78
CA HIS KA 491 64.92 -22.31 -35.09
C HIS KA 491 66.02 -21.26 -35.11
N THR KA 492 66.10 -20.43 -34.07
CA THR KA 492 67.23 -19.52 -33.92
C THR KA 492 68.45 -20.26 -33.40
N LEU KA 493 68.24 -21.21 -32.49
CA LEU KA 493 69.31 -21.90 -31.80
C LEU KA 493 69.68 -23.23 -32.45
N ALA KA 494 69.15 -23.52 -33.63
CA ALA KA 494 69.46 -24.75 -34.34
C ALA KA 494 70.88 -24.87 -34.90
N PRO KA 495 71.57 -23.81 -35.36
CA PRO KA 495 73.00 -23.99 -35.69
C PRO KA 495 73.84 -24.24 -34.45
N GLY KA 496 74.66 -25.29 -34.51
CA GLY KA 496 75.42 -25.74 -33.37
C GLY KA 496 74.70 -26.73 -32.49
N GLY KA 497 73.36 -26.71 -32.50
CA GLY KA 497 72.58 -27.60 -31.66
C GLY KA 497 71.98 -28.75 -32.43
N THR KA 498 70.70 -28.65 -32.78
CA THR KA 498 70.00 -29.74 -33.44
C THR KA 498 70.39 -29.90 -34.90
N ALA KA 499 71.05 -28.89 -35.48
CA ALA KA 499 71.69 -29.03 -36.78
C ALA KA 499 73.05 -28.36 -36.68
N PRO KA 500 74.08 -29.11 -36.32
CA PRO KA 500 75.38 -28.49 -36.00
C PRO KA 500 76.12 -27.97 -37.21
N ASN KA 501 75.79 -28.46 -38.39
CA ASN KA 501 76.55 -28.18 -39.60
C ASN KA 501 76.21 -26.83 -40.21
N ALA KA 502 75.10 -26.22 -39.80
CA ALA KA 502 74.73 -24.91 -40.29
C ALA KA 502 75.54 -23.83 -39.59
N LEU KA 503 75.44 -22.61 -40.09
CA LEU KA 503 76.09 -21.47 -39.48
C LEU KA 503 75.13 -20.42 -38.95
N GLU KA 504 74.21 -19.96 -39.79
CA GLU KA 504 73.12 -19.07 -39.41
C GLU KA 504 71.85 -19.90 -39.55
N PRO KA 505 70.67 -19.40 -39.08
CA PRO KA 505 69.45 -20.21 -39.24
C PRO KA 505 68.97 -20.40 -40.67
N VAL KA 506 67.84 -21.10 -40.83
CA VAL KA 506 67.25 -21.34 -42.14
C VAL KA 506 66.86 -20.01 -42.78
N SER KA 507 66.41 -19.05 -41.97
CA SER KA 507 66.21 -17.68 -42.42
C SER KA 507 66.41 -16.76 -41.23
N TYR KA 508 66.47 -15.47 -41.52
CA TYR KA 508 66.57 -14.47 -40.47
C TYR KA 508 65.20 -14.02 -40.00
N ALA KA 509 64.12 -14.63 -40.49
CA ALA KA 509 62.79 -14.27 -40.01
C ALA KA 509 62.56 -14.78 -38.60
N PHE KA 510 63.25 -15.84 -38.20
CA PHE KA 510 63.09 -16.37 -36.86
C PHE KA 510 63.96 -15.60 -35.86
N GLY KA 511 65.26 -15.61 -36.07
CA GLY KA 511 66.21 -14.92 -35.21
C GLY KA 511 67.38 -14.47 -36.03
N GLY KA 512 68.57 -14.54 -35.44
CA GLY KA 512 69.75 -14.05 -36.10
C GLY KA 512 69.89 -12.56 -35.95
N GLY KA 513 70.31 -11.87 -37.01
CA GLY KA 513 70.46 -10.43 -36.94
C GLY KA 513 69.86 -9.71 -38.13
N VAL KA 514 70.26 -8.46 -38.33
CA VAL KA 514 69.79 -7.66 -39.45
C VAL KA 514 70.85 -7.70 -40.54
N LEU KA 515 70.45 -8.13 -41.74
CA LEU KA 515 71.35 -8.19 -42.89
C LEU KA 515 70.98 -7.06 -43.84
N ALA KA 516 71.80 -6.03 -43.88
CA ALA KA 516 71.56 -4.89 -44.75
C ALA KA 516 72.32 -5.06 -46.07
N VAL KA 517 71.67 -4.69 -47.16
CA VAL KA 517 72.26 -4.70 -48.49
C VAL KA 517 72.23 -3.27 -48.99
N GLY KA 518 73.37 -2.61 -48.95
CA GLY KA 518 73.39 -1.18 -49.18
C GLY KA 518 72.80 -0.46 -47.99
N GLY KA 519 71.60 0.09 -48.16
CA GLY KA 519 70.90 0.70 -47.05
C GLY KA 519 69.68 -0.11 -46.65
N LYS KA 520 69.04 -0.75 -47.63
CA LYS KA 520 67.77 -1.40 -47.40
C LYS KA 520 67.95 -2.75 -46.73
N VAL KA 521 67.03 -3.07 -45.83
CA VAL KA 521 67.06 -4.31 -45.06
C VAL KA 521 66.69 -5.47 -45.96
N ALA KA 522 67.53 -6.50 -45.98
CA ALA KA 522 67.14 -7.72 -46.70
C ALA KA 522 66.17 -8.55 -45.87
N MET KA 523 66.52 -8.84 -44.62
CA MET KA 523 65.64 -9.54 -43.71
C MET KA 523 66.07 -9.27 -42.27
N MET KA 524 65.09 -9.02 -41.42
CA MET KA 524 65.17 -8.67 -40.01
C MET KA 524 64.35 -9.67 -39.22
N PRO KA 525 64.71 -9.97 -37.97
CA PRO KA 525 63.90 -10.89 -37.15
C PRO KA 525 62.51 -10.35 -36.87
N ILE KA 526 61.51 -11.12 -37.25
CA ILE KA 526 60.11 -10.73 -37.15
C ILE KA 526 59.63 -11.09 -35.75
N ALA KA 527 59.28 -10.09 -34.96
CA ALA KA 527 58.88 -10.29 -33.58
C ALA KA 527 57.37 -10.38 -33.48
N LEU KA 528 56.87 -11.49 -32.96
CA LEU KA 528 55.43 -11.71 -32.84
C LEU KA 528 54.94 -11.18 -31.51
N GLY KA 529 53.77 -10.55 -31.53
CA GLY KA 529 53.22 -9.92 -30.35
C GLY KA 529 51.71 -10.06 -30.27
N THR KA 530 51.06 -9.13 -29.56
CA THR KA 530 49.62 -9.24 -29.31
C THR KA 530 48.83 -9.02 -30.59
N ALA KA 531 49.26 -8.06 -31.42
CA ALA KA 531 48.62 -7.83 -32.71
C ALA KA 531 48.83 -9.01 -33.65
N ASP KA 532 49.94 -9.73 -33.50
CA ASP KA 532 50.21 -10.91 -34.30
C ASP KA 532 49.47 -12.14 -33.81
N PHE KA 533 48.99 -12.11 -32.57
CA PHE KA 533 48.12 -13.18 -32.08
C PHE KA 533 46.74 -13.07 -32.69
N LEU KA 534 46.21 -11.86 -32.77
CA LEU KA 534 44.86 -11.64 -33.27
C LEU KA 534 44.78 -11.96 -34.76
N ILE KA 535 45.76 -11.49 -35.54
CA ILE KA 535 45.68 -11.63 -36.98
C ILE KA 535 46.02 -13.03 -37.45
N HIS KA 536 46.80 -13.81 -36.70
CA HIS KA 536 46.92 -15.22 -37.03
C HIS KA 536 45.69 -16.03 -36.63
N HIS KA 537 44.89 -15.57 -35.68
CA HIS KA 537 43.61 -16.24 -35.41
C HIS KA 537 42.45 -15.68 -36.23
N ILE KA 538 42.61 -14.52 -36.87
CA ILE KA 538 41.69 -14.14 -37.93
C ILE KA 538 41.86 -15.07 -39.12
N HIS KA 539 43.12 -15.43 -39.41
CA HIS KA 539 43.42 -16.30 -40.54
C HIS KA 539 42.84 -17.69 -40.36
N ALA KA 540 42.91 -18.23 -39.15
CA ALA KA 540 42.30 -19.53 -38.88
C ALA KA 540 40.78 -19.45 -38.96
N PHE KA 541 40.21 -18.30 -38.64
CA PHE KA 541 38.77 -18.11 -38.75
C PHE KA 541 38.32 -18.12 -40.21
N THR KA 542 38.95 -17.28 -41.05
CA THR KA 542 38.51 -17.17 -42.43
C THR KA 542 38.85 -18.38 -43.28
N ILE KA 543 39.74 -19.25 -42.81
CA ILE KA 543 40.03 -20.49 -43.51
C ILE KA 543 39.07 -21.60 -43.11
N HIS KA 544 38.73 -21.72 -41.81
CA HIS KA 544 37.75 -22.72 -41.39
C HIS KA 544 36.35 -22.43 -41.92
N VAL KA 545 36.00 -21.16 -42.16
CA VAL KA 545 34.68 -20.87 -42.74
C VAL KA 545 34.68 -21.24 -44.22
N THR KA 546 35.80 -21.01 -44.91
CA THR KA 546 35.91 -21.39 -46.31
C THR KA 546 35.85 -22.89 -46.48
N VAL KA 547 36.48 -23.64 -45.57
CA VAL KA 547 36.37 -25.09 -45.57
C VAL KA 547 34.94 -25.52 -45.30
N LEU KA 548 34.23 -24.79 -44.43
CA LEU KA 548 32.84 -25.11 -44.09
C LEU KA 548 31.92 -25.05 -45.30
N ILE KA 549 32.17 -24.12 -46.20
CA ILE KA 549 31.29 -23.94 -47.34
C ILE KA 549 31.65 -24.92 -48.44
N LEU KA 550 32.94 -25.17 -48.62
CA LEU KA 550 33.37 -26.07 -49.69
C LEU KA 550 33.11 -27.52 -49.33
N LEU KA 551 33.33 -27.90 -48.07
CA LEU KA 551 33.09 -29.29 -47.67
C LEU KA 551 31.61 -29.60 -47.59
N LYS KA 552 30.78 -28.60 -47.28
CA LYS KA 552 29.33 -28.82 -47.28
C LYS KA 552 28.82 -29.05 -48.70
N GLY KA 553 29.46 -28.46 -49.69
CA GLY KA 553 29.13 -28.76 -51.06
C GLY KA 553 29.65 -30.08 -51.56
N VAL KA 554 30.58 -30.69 -50.84
CA VAL KA 554 31.08 -32.01 -51.19
C VAL KA 554 30.30 -33.10 -50.49
N LEU KA 555 30.00 -32.93 -49.20
CA LEU KA 555 29.29 -33.96 -48.46
C LEU KA 555 27.82 -33.98 -48.82
N PHE KA 556 27.20 -32.81 -48.96
CA PHE KA 556 25.80 -32.71 -49.35
C PHE KA 556 25.63 -32.54 -50.85
N ALA KA 557 26.55 -33.08 -51.65
CA ALA KA 557 26.44 -32.95 -53.10
C ALA KA 557 25.35 -33.85 -53.65
N ARG KA 558 25.19 -35.05 -53.07
CA ARG KA 558 24.27 -36.01 -53.62
C ARG KA 558 22.87 -35.90 -53.03
N SER KA 559 22.77 -35.61 -51.74
CA SER KA 559 21.48 -35.45 -51.10
C SER KA 559 21.66 -34.63 -49.83
N SER KA 560 20.54 -34.34 -49.18
CA SER KA 560 20.52 -33.79 -47.84
C SER KA 560 19.21 -34.24 -47.21
N ARG KA 561 18.88 -33.64 -46.07
CA ARG KA 561 17.54 -33.84 -45.55
C ARG KA 561 16.52 -32.98 -46.29
N LEU KA 562 16.96 -31.93 -46.96
CA LEU KA 562 16.06 -31.08 -47.72
C LEU KA 562 15.75 -31.69 -49.08
N ILE KA 563 16.78 -32.10 -49.82
CA ILE KA 563 16.63 -32.68 -51.15
C ILE KA 563 17.18 -34.09 -51.15
N PRO KA 564 16.34 -35.13 -51.08
CA PRO KA 564 16.87 -36.50 -51.06
C PRO KA 564 17.43 -36.99 -52.38
N ASP KA 565 17.23 -36.27 -53.47
CA ASP KA 565 17.66 -36.69 -54.79
C ASP KA 565 18.36 -35.54 -55.52
N LYS KA 566 19.33 -34.93 -54.83
CA LYS KA 566 20.03 -33.78 -55.40
C LYS KA 566 20.98 -34.21 -56.52
N ALA KA 567 21.52 -35.42 -56.45
CA ALA KA 567 22.38 -35.90 -57.52
C ALA KA 567 21.59 -36.25 -58.77
N ASN KA 568 20.28 -36.47 -58.64
CA ASN KA 568 19.43 -36.66 -59.81
C ASN KA 568 19.34 -35.39 -60.63
N LEU KA 569 19.35 -34.23 -59.98
CA LEU KA 569 19.22 -32.95 -60.67
C LEU KA 569 20.50 -32.57 -61.38
N GLY KA 570 21.63 -32.70 -60.70
CA GLY KA 570 22.90 -32.42 -61.32
C GLY KA 570 23.87 -31.71 -60.40
N PHE KA 571 25.07 -31.43 -60.91
CA PHE KA 571 26.02 -30.62 -60.15
C PHE KA 571 25.63 -29.15 -60.18
N ARG KA 572 25.10 -28.68 -61.30
CA ARG KA 572 24.92 -27.25 -61.56
C ARG KA 572 23.47 -27.03 -61.99
N PHE KA 573 22.64 -26.73 -61.01
CA PHE KA 573 21.24 -26.39 -61.20
C PHE KA 573 20.93 -25.25 -60.24
N PRO KA 574 19.99 -24.37 -60.58
CA PRO KA 574 19.78 -23.19 -59.73
C PRO KA 574 19.09 -23.48 -58.41
N CYS KA 575 18.01 -24.23 -58.42
CA CYS KA 575 17.15 -24.39 -57.25
C CYS KA 575 16.29 -25.63 -57.46
N ASP KA 576 15.34 -25.84 -56.54
CA ASP KA 576 14.30 -26.84 -56.74
C ASP KA 576 12.94 -26.20 -56.51
N GLY KA 577 12.82 -24.92 -56.82
CA GLY KA 577 11.56 -24.24 -56.72
C GLY KA 577 11.42 -23.45 -55.45
N PRO KA 578 10.34 -22.67 -55.35
CA PRO KA 578 10.14 -21.84 -54.17
C PRO KA 578 9.62 -22.59 -52.97
N GLY KA 579 9.31 -23.87 -53.10
CA GLY KA 579 8.74 -24.63 -52.02
C GLY KA 579 9.75 -25.02 -50.97
N ARG KA 580 9.24 -25.72 -49.96
CA ARG KA 580 9.97 -26.08 -48.75
C ARG KA 580 10.57 -24.87 -48.05
N GLY KA 581 9.88 -23.73 -48.14
CA GLY KA 581 10.39 -22.46 -47.68
C GLY KA 581 11.16 -21.71 -48.74
N GLY KA 582 11.81 -22.46 -49.63
CA GLY KA 582 12.67 -21.90 -50.66
C GLY KA 582 13.96 -22.67 -50.72
N THR KA 583 14.30 -23.20 -51.89
CA THR KA 583 15.46 -24.07 -52.02
C THR KA 583 16.45 -23.52 -53.04
N CYS KA 584 16.63 -22.21 -53.07
CA CYS KA 584 17.57 -21.64 -54.03
C CYS KA 584 18.97 -21.59 -53.44
N GLN KA 585 19.95 -21.94 -54.28
CA GLN KA 585 21.35 -22.23 -53.93
C GLN KA 585 21.47 -23.43 -52.99
N VAL KA 586 21.00 -24.59 -53.47
CA VAL KA 586 21.24 -25.86 -52.79
C VAL KA 586 22.28 -26.72 -53.47
N SER KA 587 22.65 -26.38 -54.71
CA SER KA 587 23.45 -27.27 -55.52
C SER KA 587 24.90 -27.31 -55.03
N GLY KA 588 25.67 -28.23 -55.62
CA GLY KA 588 27.09 -28.25 -55.35
C GLY KA 588 27.86 -27.17 -56.07
N TRP KA 589 27.28 -26.61 -57.13
CA TRP KA 589 27.90 -25.49 -57.81
C TRP KA 589 27.84 -24.25 -56.94
N ASP KA 590 26.74 -24.06 -56.23
CA ASP KA 590 26.49 -22.85 -55.46
C ASP KA 590 27.36 -22.77 -54.22
N HIS KA 591 27.86 -23.90 -53.72
CA HIS KA 591 28.80 -23.84 -52.61
C HIS KA 591 30.20 -23.49 -53.09
N VAL KA 592 30.50 -23.78 -54.35
CA VAL KA 592 31.72 -23.25 -54.95
C VAL KA 592 31.57 -21.75 -55.16
N PHE KA 593 30.35 -21.32 -55.50
CA PHE KA 593 30.07 -19.89 -55.69
C PHE KA 593 30.24 -19.11 -54.40
N LEU KA 594 29.73 -19.62 -53.29
CA LEU KA 594 29.85 -18.92 -52.01
C LEU KA 594 31.25 -18.98 -51.43
N GLY KA 595 32.03 -20.01 -51.77
CA GLY KA 595 33.37 -20.10 -51.25
C GLY KA 595 34.37 -19.20 -51.94
N LEU KA 596 34.06 -18.75 -53.16
CA LEU KA 596 34.94 -17.83 -53.86
C LEU KA 596 34.99 -16.47 -53.19
N PHE KA 597 33.93 -16.09 -52.49
CA PHE KA 597 33.92 -14.85 -51.74
C PHE KA 597 34.78 -14.94 -50.50
N TRP KA 598 34.68 -16.07 -49.79
CA TRP KA 598 35.46 -16.24 -48.58
C TRP KA 598 36.92 -16.49 -48.87
N MET KA 599 37.21 -17.18 -49.98
CA MET KA 599 38.58 -17.24 -50.49
C MET KA 599 39.09 -15.84 -50.78
N TYR KA 600 38.27 -14.99 -51.41
CA TYR KA 600 38.62 -13.60 -51.59
C TYR KA 600 38.75 -12.89 -50.26
N ASN KA 601 37.91 -13.22 -49.30
CA ASN KA 601 37.97 -12.59 -47.99
C ASN KA 601 39.20 -13.05 -47.22
N SER KA 602 39.52 -14.34 -47.29
CA SER KA 602 40.64 -14.87 -46.51
C SER KA 602 41.97 -14.41 -47.07
N LEU KA 603 42.15 -14.51 -48.38
CA LEU KA 603 43.43 -14.18 -48.98
C LEU KA 603 43.70 -12.69 -48.99
N SER KA 604 42.67 -11.86 -48.89
CA SER KA 604 42.89 -10.41 -48.87
C SER KA 604 43.47 -9.97 -47.55
N ILE KA 605 43.29 -10.74 -46.49
CA ILE KA 605 43.83 -10.36 -45.20
C ILE KA 605 45.24 -10.89 -45.05
N VAL KA 606 45.52 -12.05 -45.66
CA VAL KA 606 46.87 -12.60 -45.69
C VAL KA 606 47.81 -11.64 -46.39
N ILE KA 607 47.37 -11.08 -47.52
CA ILE KA 607 48.19 -10.10 -48.22
C ILE KA 607 48.13 -8.72 -47.61
N PHE KA 608 47.20 -8.47 -46.69
CA PHE KA 608 47.23 -7.23 -45.92
C PHE KA 608 48.04 -7.37 -44.65
N HIS KA 609 48.02 -8.55 -44.03
CA HIS KA 609 48.94 -8.86 -42.95
C HIS KA 609 50.37 -8.77 -43.44
N PHE KA 610 50.64 -9.30 -44.63
CA PHE KA 610 51.99 -9.28 -45.17
C PHE KA 610 52.44 -7.87 -45.49
N SER KA 611 51.61 -7.10 -46.21
CA SER KA 611 52.02 -5.82 -46.74
C SER KA 611 52.17 -4.75 -45.67
N TRP KA 612 51.77 -5.00 -44.43
CA TRP KA 612 51.91 -4.01 -43.38
C TRP KA 612 52.74 -4.49 -42.21
N LYS KA 613 52.87 -5.81 -42.00
CA LYS KA 613 53.86 -6.30 -41.05
C LYS KA 613 55.26 -6.11 -41.59
N MET KA 614 55.47 -6.36 -42.87
CA MET KA 614 56.79 -6.26 -43.45
C MET KA 614 57.24 -4.81 -43.56
N GLN KA 615 56.30 -3.88 -43.78
CA GLN KA 615 56.68 -2.48 -43.87
C GLN KA 615 56.90 -1.87 -42.49
N SER KA 616 56.19 -2.33 -41.48
CA SER KA 616 56.30 -1.75 -40.16
C SER KA 616 57.38 -2.40 -39.31
N ASP KA 617 57.68 -3.66 -39.55
CA ASP KA 617 58.55 -4.40 -38.65
C ASP KA 617 59.70 -5.11 -39.35
N VAL KA 618 59.81 -5.06 -40.68
CA VAL KA 618 60.93 -5.70 -41.36
C VAL KA 618 61.67 -4.71 -42.25
N TRP KA 619 60.98 -4.16 -43.24
CA TRP KA 619 61.61 -3.40 -44.30
C TRP KA 619 61.96 -2.00 -43.82
N GLY KA 620 62.98 -1.41 -44.44
CA GLY KA 620 63.40 -0.08 -44.08
C GLY KA 620 64.86 0.12 -44.46
N THR KA 621 65.42 1.22 -43.94
CA THR KA 621 66.79 1.61 -44.25
C THR KA 621 67.64 1.54 -42.99
N VAL KA 622 68.83 0.94 -43.11
CA VAL KA 622 69.76 0.85 -41.99
C VAL KA 622 70.71 2.05 -42.06
N ASP KA 623 70.91 2.71 -40.92
CA ASP KA 623 71.86 3.81 -40.82
C ASP KA 623 73.28 3.27 -40.66
N ALA KA 624 74.21 4.16 -40.29
CA ALA KA 624 75.60 3.75 -40.15
C ALA KA 624 75.82 2.90 -38.91
N ALA KA 625 75.20 3.24 -37.79
CA ALA KA 625 75.39 2.54 -36.53
C ALA KA 625 74.53 1.29 -36.40
N GLY KA 626 73.77 0.92 -37.44
CA GLY KA 626 72.91 -0.24 -37.38
C GLY KA 626 71.49 0.04 -36.95
N ASN KA 627 71.10 1.31 -36.85
CA ASN KA 627 69.72 1.63 -36.51
C ASN KA 627 68.82 1.41 -37.72
N VAL KA 628 67.75 0.66 -37.53
CA VAL KA 628 66.87 0.27 -38.62
C VAL KA 628 65.66 1.19 -38.60
N SER KA 629 65.57 2.05 -39.61
CA SER KA 629 64.47 3.00 -39.76
C SER KA 629 63.47 2.41 -40.74
N HIS KA 630 62.32 1.97 -40.22
CA HIS KA 630 61.34 1.25 -41.01
C HIS KA 630 60.57 2.19 -41.94
N ILE KA 631 59.72 1.60 -42.77
CA ILE KA 631 58.95 2.39 -43.73
C ILE KA 631 57.87 3.18 -43.01
N THR KA 632 56.98 2.49 -42.31
CA THR KA 632 55.86 3.14 -41.65
C THR KA 632 56.16 3.51 -40.21
N GLY KA 633 57.43 3.52 -39.80
CA GLY KA 633 57.81 3.98 -38.49
C GLY KA 633 57.52 3.02 -37.36
N GLY KA 634 57.10 1.80 -37.65
CA GLY KA 634 56.78 0.85 -36.59
C GLY KA 634 55.46 1.12 -35.89
N ASN KA 635 54.34 1.00 -36.61
CA ASN KA 635 53.03 1.26 -36.04
C ASN KA 635 52.06 0.08 -36.18
N PHE KA 636 52.55 -1.11 -36.50
CA PHE KA 636 51.69 -2.28 -36.55
C PHE KA 636 51.28 -2.73 -35.15
N ALA KA 637 52.03 -2.34 -34.12
CA ALA KA 637 51.83 -2.89 -32.78
C ALA KA 637 50.56 -2.35 -32.14
N GLN KA 638 50.37 -1.04 -32.19
CA GLN KA 638 49.26 -0.39 -31.51
C GLN KA 638 48.15 0.05 -32.44
N SER KA 639 48.19 -0.34 -33.71
CA SER KA 639 47.16 0.03 -34.66
C SER KA 639 46.52 -1.14 -35.37
N ALA KA 640 47.16 -2.31 -35.44
CA ALA KA 640 46.55 -3.49 -36.02
C ALA KA 640 45.70 -4.27 -35.04
N ILE KA 641 45.27 -3.63 -33.97
CA ILE KA 641 44.36 -4.22 -33.00
C ILE KA 641 42.98 -3.61 -33.04
N THR KA 642 42.79 -2.53 -33.78
CA THR KA 642 41.50 -1.87 -33.95
C THR KA 642 41.18 -1.77 -35.43
N ILE KA 643 39.88 -1.85 -35.75
CA ILE KA 643 39.45 -1.72 -37.14
C ILE KA 643 39.56 -0.28 -37.62
N ASN KA 644 39.53 0.69 -36.70
CA ASN KA 644 39.90 2.06 -37.06
C ASN KA 644 41.36 2.12 -37.48
N GLY KA 645 42.22 1.35 -36.83
CA GLY KA 645 43.63 1.39 -37.18
C GLY KA 645 43.94 0.73 -38.50
N TRP KA 646 43.17 -0.27 -38.87
CA TRP KA 646 43.31 -0.86 -40.20
C TRP KA 646 42.77 0.07 -41.28
N LEU KA 647 41.90 0.99 -40.91
CA LEU KA 647 41.33 1.88 -41.91
C LEU KA 647 42.15 3.14 -42.05
N ARG KA 648 42.64 3.65 -40.93
CA ARG KA 648 43.40 4.90 -40.91
C ARG KA 648 44.81 4.70 -41.44
N ASP KA 649 45.55 3.80 -40.82
CA ASP KA 649 46.98 3.68 -41.06
C ASP KA 649 47.32 2.72 -42.17
N PHE KA 650 46.35 1.99 -42.71
CA PHE KA 650 46.64 1.11 -43.83
C PHE KA 650 45.90 1.51 -45.09
N LEU KA 651 44.57 1.60 -45.07
CA LEU KA 651 43.85 1.89 -46.31
C LEU KA 651 43.88 3.37 -46.64
N TRP KA 652 43.74 4.23 -45.63
CA TRP KA 652 43.74 5.67 -45.90
C TRP KA 652 45.14 6.21 -46.10
N ALA KA 653 46.09 5.79 -45.25
CA ALA KA 653 47.40 6.44 -45.24
C ALA KA 653 48.28 5.96 -46.39
N GLN KA 654 48.11 4.70 -46.81
CA GLN KA 654 48.95 4.17 -47.88
C GLN KA 654 48.37 4.41 -49.25
N ALA KA 655 47.16 4.94 -49.36
CA ALA KA 655 46.59 5.27 -50.65
C ALA KA 655 46.96 6.68 -51.10
N SER KA 656 47.81 7.37 -50.36
CA SER KA 656 48.24 8.71 -50.75
C SER KA 656 49.22 8.70 -51.90
N GLN KA 657 49.72 7.54 -52.33
CA GLN KA 657 50.55 7.46 -53.51
C GLN KA 657 49.81 6.97 -54.74
N VAL KA 658 48.64 6.38 -54.57
CA VAL KA 658 47.93 5.84 -55.73
C VAL KA 658 46.94 6.85 -56.30
N ILE KA 659 46.37 7.73 -55.48
CA ILE KA 659 45.42 8.71 -55.98
C ILE KA 659 46.05 10.05 -56.29
N ASN KA 660 47.24 10.31 -55.76
CA ASN KA 660 48.00 11.51 -56.11
C ASN KA 660 48.88 11.29 -57.33
N SER KA 661 48.72 10.16 -58.00
CA SER KA 661 49.58 9.80 -59.13
C SER KA 661 48.90 10.12 -60.47
N TYR KA 662 48.65 11.40 -60.71
CA TYR KA 662 48.33 11.89 -62.03
C TYR KA 662 49.41 12.83 -62.52
N GLY KA 663 49.67 12.79 -63.83
CA GLY KA 663 50.74 13.57 -64.39
C GLY KA 663 52.12 12.96 -64.19
N SER KA 664 52.19 11.71 -63.76
CA SER KA 664 53.45 11.02 -63.52
C SER KA 664 53.36 9.62 -64.10
N ALA KA 665 54.43 8.86 -63.92
CA ALA KA 665 54.54 7.53 -64.52
C ALA KA 665 53.65 6.50 -63.87
N LEU KA 666 53.14 6.78 -62.65
CA LEU KA 666 52.21 5.88 -61.98
C LEU KA 666 50.76 6.21 -62.28
N SER KA 667 50.49 6.81 -63.45
CA SER KA 667 49.15 7.26 -63.78
C SER KA 667 48.23 6.09 -64.06
N ALA KA 668 48.76 5.00 -64.61
CA ALA KA 668 47.92 3.85 -64.93
C ALA KA 668 47.44 3.15 -63.67
N TYR KA 669 48.23 3.16 -62.60
CA TYR KA 669 47.77 2.60 -61.35
C TYR KA 669 46.73 3.50 -60.69
N GLY KA 670 46.76 4.80 -60.99
CA GLY KA 670 45.67 5.65 -60.60
C GLY KA 670 44.40 5.37 -61.36
N LEU KA 671 44.52 4.97 -62.63
CA LEU KA 671 43.33 4.67 -63.42
C LEU KA 671 42.83 3.27 -63.15
N MET KA 672 43.70 2.32 -62.86
CA MET KA 672 43.26 0.99 -62.51
C MET KA 672 42.72 0.91 -61.09
N PHE KA 673 43.07 1.87 -60.23
CA PHE KA 673 42.49 1.90 -58.90
C PHE KA 673 41.03 2.33 -58.96
N LEU KA 674 40.74 3.39 -59.70
CA LEU KA 674 39.35 3.79 -59.88
C LEU KA 674 38.60 2.84 -60.80
N GLY KA 675 39.25 2.35 -61.86
CA GLY KA 675 38.58 1.47 -62.79
C GLY KA 675 38.23 0.12 -62.22
N ALA KA 676 38.91 -0.31 -61.15
CA ALA KA 676 38.55 -1.56 -60.50
C ALA KA 676 37.53 -1.39 -59.39
N HIS KA 677 37.46 -0.21 -58.77
CA HIS KA 677 36.32 0.14 -57.95
C HIS KA 677 35.02 0.13 -58.75
N PHE KA 678 35.09 0.44 -60.05
CA PHE KA 678 33.90 0.41 -60.90
C PHE KA 678 33.42 -1.01 -61.13
N VAL KA 679 34.30 -1.90 -61.59
CA VAL KA 679 33.92 -3.24 -62.01
C VAL KA 679 33.46 -4.06 -60.80
N TRP KA 680 34.01 -3.78 -59.62
CA TRP KA 680 33.51 -4.38 -58.39
C TRP KA 680 32.07 -3.99 -58.14
N ALA KA 681 31.78 -2.69 -58.16
CA ALA KA 681 30.43 -2.17 -57.98
C ALA KA 681 29.49 -2.59 -59.09
N PHE KA 682 30.02 -2.83 -60.29
CA PHE KA 682 29.19 -3.28 -61.40
C PHE KA 682 28.68 -4.69 -61.19
N SER KA 683 29.44 -5.53 -60.48
CA SER KA 683 29.08 -6.92 -60.27
C SER KA 683 27.86 -7.09 -59.38
N LEU KA 684 27.52 -6.09 -58.59
CA LEU KA 684 26.41 -6.20 -57.67
C LEU KA 684 25.07 -6.18 -58.38
N MET KA 685 25.03 -5.70 -59.63
CA MET KA 685 23.80 -5.72 -60.41
C MET KA 685 23.40 -7.13 -60.76
N PHE KA 686 24.36 -8.03 -60.88
CA PHE KA 686 24.09 -9.43 -61.17
C PHE KA 686 23.83 -10.24 -59.92
N LEU KA 687 24.50 -9.90 -58.83
CA LEU KA 687 24.36 -10.66 -57.59
C LEU KA 687 23.05 -10.36 -56.89
N PHE KA 688 22.69 -9.09 -56.78
CA PHE KA 688 21.53 -8.72 -55.98
C PHE KA 688 20.23 -9.02 -56.71
N SER KA 689 20.15 -8.62 -57.98
CA SER KA 689 18.93 -8.79 -58.74
C SER KA 689 18.77 -10.24 -59.16
N GLY KA 690 17.61 -10.53 -59.75
CA GLY KA 690 17.28 -11.86 -60.20
C GLY KA 690 17.04 -11.89 -61.70
N ARG KA 691 16.92 -13.11 -62.23
CA ARG KA 691 16.74 -13.27 -63.66
C ARG KA 691 15.38 -12.80 -64.12
N GLY KA 692 14.34 -13.08 -63.34
CA GLY KA 692 12.98 -12.85 -63.78
C GLY KA 692 12.60 -11.40 -63.90
N TYR KA 693 13.36 -10.49 -63.29
CA TYR KA 693 13.17 -9.07 -63.59
C TYR KA 693 13.63 -8.76 -65.00
N TRP KA 694 14.85 -9.19 -65.34
CA TRP KA 694 15.49 -8.79 -66.58
C TRP KA 694 14.87 -9.42 -67.81
N GLN KA 695 14.21 -10.57 -67.66
CA GLN KA 695 13.49 -11.11 -68.78
C GLN KA 695 12.26 -10.28 -69.11
N GLU KA 696 11.62 -9.72 -68.09
CA GLU KA 696 10.46 -8.86 -68.30
C GLU KA 696 10.84 -7.56 -68.97
N LEU KA 697 12.03 -7.04 -68.67
CA LEU KA 697 12.48 -5.78 -69.24
C LEU KA 697 12.83 -5.93 -70.71
N ILE KA 698 13.40 -7.07 -71.10
CA ILE KA 698 13.74 -7.32 -72.49
C ILE KA 698 12.48 -7.43 -73.35
N GLU KA 699 11.38 -7.92 -72.76
CA GLU KA 699 10.11 -8.01 -73.48
C GLU KA 699 9.56 -6.64 -73.87
N SER KA 700 9.94 -5.59 -73.16
CA SER KA 700 9.56 -4.24 -73.52
C SER KA 700 10.57 -3.57 -74.43
N ILE KA 701 11.67 -4.25 -74.75
CA ILE KA 701 12.70 -3.69 -75.61
C ILE KA 701 12.67 -4.47 -76.92
N VAL KA 702 12.25 -5.74 -76.84
CA VAL KA 702 11.96 -6.50 -78.05
C VAL KA 702 10.74 -5.91 -78.77
N TRP KA 703 9.81 -5.31 -78.02
CA TRP KA 703 8.66 -4.64 -78.62
C TRP KA 703 9.08 -3.47 -79.49
N ALA KA 704 9.93 -2.58 -78.96
CA ALA KA 704 10.44 -1.47 -79.75
C ALA KA 704 11.39 -1.94 -80.84
N HIS KA 705 11.97 -3.12 -80.69
CA HIS KA 705 12.69 -3.76 -81.79
C HIS KA 705 11.76 -4.52 -82.73
N ASN KA 706 10.56 -4.92 -82.28
CA ASN KA 706 9.58 -5.50 -83.20
C ASN KA 706 8.87 -4.44 -84.02
N LYS KA 707 8.74 -3.23 -83.47
CA LYS KA 707 7.96 -2.19 -84.11
C LYS KA 707 8.64 -1.68 -85.38
N LEU KA 708 9.93 -1.37 -85.30
CA LEU KA 708 10.67 -0.85 -86.43
C LEU KA 708 11.27 -1.93 -87.31
N LYS KA 709 10.83 -3.19 -87.13
CA LYS KA 709 11.25 -4.35 -87.93
C LYS KA 709 12.75 -4.60 -87.84
N VAL KA 710 13.30 -4.54 -86.63
CA VAL KA 710 14.67 -4.97 -86.36
C VAL KA 710 14.62 -6.15 -85.41
N ALA KA 711 13.58 -6.96 -85.53
CA ALA KA 711 13.42 -8.13 -84.67
C ALA KA 711 14.48 -9.18 -84.98
N PRO KA 712 15.32 -9.56 -84.01
CA PRO KA 712 16.32 -10.58 -84.26
C PRO KA 712 15.71 -11.97 -84.32
N ALA KA 713 16.26 -12.79 -85.22
CA ALA KA 713 15.76 -14.14 -85.38
C ALA KA 713 16.15 -15.03 -84.21
N ILE KA 714 17.35 -14.82 -83.68
CA ILE KA 714 17.76 -15.43 -82.42
C ILE KA 714 17.20 -14.59 -81.28
N GLN KA 715 16.28 -15.17 -80.53
CA GLN KA 715 15.53 -14.42 -79.54
C GLN KA 715 16.41 -14.00 -78.37
N PRO KA 716 16.29 -12.78 -77.88
CA PRO KA 716 17.03 -12.40 -76.70
C PRO KA 716 16.44 -13.02 -75.45
N ARG KA 717 17.31 -13.49 -74.58
CA ARG KA 717 16.92 -13.99 -73.27
C ARG KA 717 17.82 -13.35 -72.25
N ALA KA 718 17.33 -13.22 -71.02
CA ALA KA 718 18.20 -12.83 -69.92
C ALA KA 718 19.17 -13.97 -69.62
N LEU KA 719 20.27 -13.62 -68.96
CA LEU KA 719 21.23 -14.63 -68.51
C LEU KA 719 20.56 -15.56 -67.52
N SER KA 720 20.94 -16.83 -67.56
CA SER KA 720 20.28 -17.82 -66.70
C SER KA 720 20.64 -17.58 -65.24
N ILE KA 721 19.99 -18.35 -64.35
CA ILE KA 721 20.12 -18.11 -62.92
C ILE KA 721 21.53 -18.44 -62.47
N THR KA 722 22.09 -19.53 -62.97
CA THR KA 722 23.46 -19.90 -62.64
C THR KA 722 24.45 -18.95 -63.29
N GLN KA 723 24.17 -18.49 -64.51
CA GLN KA 723 25.11 -17.61 -65.18
C GLN KA 723 25.11 -16.22 -64.56
N GLY KA 724 23.95 -15.74 -64.12
CA GLY KA 724 23.89 -14.44 -63.47
C GLY KA 724 24.64 -14.40 -62.16
N ARG KA 725 24.75 -15.54 -61.49
CA ARG KA 725 25.63 -15.67 -60.34
C ARG KA 725 27.09 -15.73 -60.78
N ALA KA 726 27.37 -16.42 -61.88
CA ALA KA 726 28.74 -16.60 -62.34
C ALA KA 726 29.32 -15.30 -62.89
N VAL KA 727 28.51 -14.52 -63.60
CA VAL KA 727 28.94 -13.20 -64.06
C VAL KA 727 29.15 -12.28 -62.88
N GLY KA 728 28.32 -12.42 -61.84
CA GLY KA 728 28.41 -11.54 -60.70
C GLY KA 728 29.54 -11.84 -59.76
N VAL KA 729 30.20 -13.00 -59.90
CA VAL KA 729 31.33 -13.33 -59.04
C VAL KA 729 32.60 -13.13 -59.84
N ALA KA 730 32.53 -13.29 -61.16
CA ALA KA 730 33.70 -13.04 -61.99
C ALA KA 730 34.00 -11.55 -62.07
N HIS KA 731 32.98 -10.73 -62.24
CA HIS KA 731 33.18 -9.28 -62.17
C HIS KA 731 33.46 -8.80 -60.76
N TYR KA 732 33.12 -9.60 -59.74
CA TYR KA 732 33.39 -9.24 -58.35
C TYR KA 732 34.85 -9.48 -58.02
N LEU KA 733 35.34 -10.67 -58.36
CA LEU KA 733 36.73 -11.02 -58.07
C LEU KA 733 37.69 -10.25 -58.95
N LEU KA 734 37.26 -9.86 -60.14
CA LEU KA 734 38.15 -9.10 -61.01
C LEU KA 734 38.38 -7.70 -60.48
N GLY KA 735 37.31 -7.01 -60.08
CA GLY KA 735 37.46 -5.65 -59.62
C GLY KA 735 37.97 -5.54 -58.20
N GLY KA 736 37.88 -6.59 -57.42
CA GLY KA 736 38.34 -6.53 -56.05
C GLY KA 736 39.82 -6.79 -55.93
N ILE KA 737 40.32 -7.69 -56.77
CA ILE KA 737 41.75 -7.98 -56.80
C ILE KA 737 42.51 -6.90 -57.54
N ALA KA 738 41.97 -6.40 -58.65
CA ALA KA 738 42.62 -5.34 -59.42
C ALA KA 738 42.67 -4.03 -58.67
N THR KA 739 41.78 -3.82 -57.69
CA THR KA 739 41.93 -2.70 -56.78
C THR KA 739 43.22 -2.84 -55.98
N THR KA 740 43.46 -4.04 -55.47
CA THR KA 740 44.62 -4.32 -54.64
C THR KA 740 45.89 -4.40 -55.47
N TRP KA 741 45.78 -4.92 -56.70
CA TRP KA 741 46.88 -4.94 -57.64
C TRP KA 741 47.40 -3.54 -57.92
N ALA KA 742 46.50 -2.60 -58.16
CA ALA KA 742 46.87 -1.22 -58.42
C ALA KA 742 47.18 -0.44 -57.16
N PHE KA 743 46.82 -0.95 -55.99
CA PHE KA 743 47.15 -0.31 -54.73
C PHE KA 743 48.50 -0.73 -54.20
N PHE KA 744 48.84 -2.02 -54.34
CA PHE KA 744 50.15 -2.49 -53.90
C PHE KA 744 51.26 -1.92 -54.74
N HIS KA 745 51.05 -1.81 -56.06
CA HIS KA 745 52.11 -1.35 -56.94
C HIS KA 745 52.42 0.12 -56.72
N ALA KA 746 51.42 0.99 -56.80
CA ALA KA 746 51.66 2.42 -56.69
C ALA KA 746 52.13 2.85 -55.30
N HIS KA 747 51.89 2.03 -54.29
CA HIS KA 747 52.46 2.32 -52.98
C HIS KA 747 53.90 1.88 -52.89
N ILE KA 748 54.24 0.72 -53.46
CA ILE KA 748 55.56 0.15 -53.25
C ILE KA 748 56.52 0.47 -54.39
N LEU KA 749 56.02 0.97 -55.52
CA LEU KA 749 56.90 1.55 -56.52
C LEU KA 749 57.23 2.99 -56.22
N SER KA 750 56.81 3.51 -55.07
CA SER KA 750 57.10 4.87 -54.64
C SER KA 750 57.94 4.92 -53.38
N VAL KA 751 57.66 4.07 -52.39
CA VAL KA 751 58.43 4.08 -51.15
C VAL KA 751 59.59 3.08 -51.17
N GLY KA 752 59.63 2.17 -52.13
CA GLY KA 752 60.72 1.24 -52.25
C GLY KA 752 61.95 1.87 -52.86
N ALA LA 2 -0.39 -24.14 -33.50
CA ALA LA 2 -1.79 -24.14 -33.09
C ALA LA 2 -2.05 -23.04 -32.06
N THR LA 3 -1.15 -22.07 -31.99
CA THR LA 3 -1.28 -21.00 -31.03
C THR LA 3 -2.31 -19.98 -31.50
N LYS LA 4 -2.61 -19.01 -30.64
CA LYS LA 4 -3.54 -17.95 -30.98
C LYS LA 4 -2.84 -16.68 -31.40
N PHE LA 5 -1.52 -16.70 -31.54
CA PHE LA 5 -0.80 -15.58 -32.12
C PHE LA 5 -0.31 -15.97 -33.52
N PRO LA 6 -0.40 -15.10 -34.54
CA PRO LA 6 -1.01 -13.78 -34.54
C PRO LA 6 -2.53 -13.83 -34.60
N LYS LA 7 -3.17 -12.87 -33.96
CA LYS LA 7 -4.62 -12.87 -33.86
C LYS LA 7 -5.28 -12.63 -35.21
N PHE LA 8 -4.64 -11.86 -36.06
CA PHE LA 8 -5.22 -11.42 -37.32
C PHE LA 8 -5.13 -12.45 -38.44
N SER LA 9 -4.63 -13.65 -38.18
CA SER LA 9 -4.45 -14.64 -39.23
C SER LA 9 -4.52 -16.03 -38.63
N GLN LA 10 -5.40 -16.87 -39.16
CA GLN LA 10 -5.40 -18.26 -38.77
C GLN LA 10 -4.42 -19.10 -39.58
N ASP LA 11 -4.04 -18.61 -40.76
CA ASP LA 11 -3.07 -19.34 -41.56
C ASP LA 11 -1.66 -19.17 -41.04
N LEU LA 12 -1.34 -18.02 -40.43
CA LEU LA 12 -0.05 -17.87 -39.79
C LEU LA 12 -0.01 -18.49 -38.42
N ALA LA 13 -1.11 -18.46 -37.67
CA ALA LA 13 -1.10 -18.99 -36.31
C ALA LA 13 -1.04 -20.51 -36.26
N GLN LA 14 -1.22 -21.18 -37.39
CA GLN LA 14 -1.10 -22.63 -37.49
C GLN LA 14 0.21 -23.02 -38.18
N ASP LA 15 1.27 -22.28 -37.89
CA ASP LA 15 2.58 -22.51 -38.48
C ASP LA 15 3.51 -23.01 -37.39
N PRO LA 16 4.05 -24.23 -37.49
CA PRO LA 16 4.90 -24.74 -36.42
C PRO LA 16 6.30 -24.15 -36.39
N THR LA 17 6.71 -23.41 -37.40
CA THR LA 17 8.08 -22.98 -37.53
C THR LA 17 8.24 -21.58 -36.96
N THR LA 18 9.43 -21.00 -37.17
CA THR LA 18 9.68 -19.63 -36.74
C THR LA 18 9.24 -18.61 -37.78
N ARG LA 19 8.68 -19.07 -38.91
CA ARG LA 19 8.04 -18.20 -39.87
C ARG LA 19 6.81 -17.52 -39.29
N ARG LA 20 6.16 -18.16 -38.31
CA ARG LA 20 5.04 -17.57 -37.59
C ARG LA 20 5.42 -16.26 -36.94
N ILE LA 21 6.65 -16.18 -36.40
CA ILE LA 21 7.05 -15.00 -35.66
C ILE LA 21 7.35 -13.84 -36.59
N TRP LA 22 8.05 -14.11 -37.70
CA TRP LA 22 8.52 -13.03 -38.54
C TRP LA 22 7.40 -12.44 -39.40
N TYR LA 23 6.48 -13.27 -39.88
CA TYR LA 23 5.40 -12.76 -40.70
C TYR LA 23 4.30 -12.10 -39.88
N ALA LA 24 4.34 -12.19 -38.55
CA ALA LA 24 3.42 -11.39 -37.76
C ALA LA 24 3.83 -9.92 -37.80
N MET LA 25 5.13 -9.66 -37.85
CA MET LA 25 5.64 -8.30 -37.80
C MET LA 25 5.36 -7.55 -39.09
N ALA LA 26 5.54 -8.20 -40.23
CA ALA LA 26 5.39 -7.54 -41.51
C ALA LA 26 4.00 -7.71 -42.10
N MET LA 27 3.05 -8.22 -41.32
CA MET LA 27 1.65 -8.21 -41.71
C MET LA 27 0.78 -7.60 -40.63
N GLY LA 28 1.39 -7.02 -39.60
CA GLY LA 28 0.61 -6.53 -38.48
C GLY LA 28 -0.13 -5.25 -38.79
N ASN LA 29 0.57 -4.27 -39.37
CA ASN LA 29 -0.09 -3.02 -39.71
C ASN LA 29 -0.77 -3.07 -41.07
N ASP LA 30 -0.63 -4.15 -41.82
CA ASP LA 30 -1.36 -4.37 -43.07
C ASP LA 30 -2.78 -4.72 -42.69
N PHE LA 31 -3.63 -3.71 -42.56
CA PHE LA 31 -4.99 -3.94 -42.06
C PHE LA 31 -5.87 -4.62 -43.09
N GLU LA 32 -5.49 -4.59 -44.36
CA GLU LA 32 -6.38 -5.05 -45.41
C GLU LA 32 -6.30 -6.56 -45.60
N SER LA 33 -5.28 -7.21 -45.06
CA SER LA 33 -5.13 -8.65 -45.19
C SER LA 33 -5.43 -9.38 -43.89
N HIS LA 34 -6.04 -8.70 -42.93
CA HIS LA 34 -6.39 -9.35 -41.68
C HIS LA 34 -7.62 -10.24 -41.88
N ASP LA 35 -7.82 -11.14 -40.93
CA ASP LA 35 -8.89 -12.13 -41.01
C ASP LA 35 -10.22 -11.45 -40.70
N GLY LA 36 -11.18 -11.58 -41.63
CA GLY LA 36 -12.51 -11.08 -41.41
C GLY LA 36 -12.66 -9.57 -41.48
N MET LA 37 -11.65 -8.86 -41.97
CA MET LA 37 -11.70 -7.41 -42.06
C MET LA 37 -12.67 -7.01 -43.17
N THR LA 38 -13.75 -6.33 -42.80
CA THR LA 38 -14.73 -5.85 -43.76
C THR LA 38 -14.31 -4.47 -44.26
N GLU LA 39 -15.19 -3.82 -45.02
CA GLU LA 39 -14.80 -2.56 -45.64
C GLU LA 39 -14.94 -1.40 -44.67
N GLU LA 40 -16.08 -1.31 -43.97
CA GLU LA 40 -16.27 -0.19 -43.07
C GLU LA 40 -15.46 -0.33 -41.79
N ASN LA 41 -15.15 -1.57 -41.39
CA ASN LA 41 -14.27 -1.79 -40.26
C ASN LA 41 -12.83 -1.42 -40.59
N LEU LA 42 -12.47 -1.46 -41.87
CA LEU LA 42 -11.14 -1.05 -42.30
C LEU LA 42 -10.92 0.44 -42.06
N TYR LA 43 -11.80 1.29 -42.60
CA TYR LA 43 -11.64 2.73 -42.50
C TYR LA 43 -11.71 3.23 -41.07
N GLN LA 44 -12.58 2.63 -40.25
CA GLN LA 44 -12.75 3.03 -38.86
C GLN LA 44 -11.53 2.68 -38.01
N LYS LA 45 -10.72 1.73 -38.47
CA LYS LA 45 -9.51 1.34 -37.76
C LYS LA 45 -8.31 2.14 -38.24
N ILE LA 46 -8.27 2.51 -39.52
CA ILE LA 46 -7.21 3.35 -40.04
C ILE LA 46 -7.34 4.76 -39.51
N PHE LA 47 -8.57 5.24 -39.35
CA PHE LA 47 -8.80 6.60 -38.90
C PHE LA 47 -8.36 6.79 -37.46
N ALA LA 48 -8.59 5.80 -36.61
CA ALA LA 48 -8.15 5.89 -35.22
C ALA LA 48 -6.67 5.59 -35.09
N THR LA 49 -6.11 4.79 -36.00
CA THR LA 49 -4.66 4.61 -36.05
C THR LA 49 -3.97 5.89 -36.43
N HIS LA 50 -4.58 6.68 -37.32
CA HIS LA 50 -4.02 7.95 -37.72
C HIS LA 50 -4.01 8.97 -36.59
N PHE LA 51 -4.80 8.78 -35.53
CA PHE LA 51 -4.62 9.53 -34.30
C PHE LA 51 -3.44 9.04 -33.49
N GLY LA 52 -3.04 7.78 -33.68
CA GLY LA 52 -1.89 7.25 -32.99
C GLY LA 52 -0.59 7.76 -33.55
N HIS LA 53 -0.45 7.79 -34.88
CA HIS LA 53 0.77 8.34 -35.46
C HIS LA 53 0.83 9.84 -35.30
N LEU LA 54 -0.32 10.50 -35.18
CA LEU LA 54 -0.32 11.94 -35.04
C LEU LA 54 0.15 12.33 -33.65
N ALA LA 55 -0.17 11.51 -32.65
CA ALA LA 55 0.22 11.82 -31.27
C ALA LA 55 1.63 11.38 -30.95
N ILE LA 56 2.24 10.53 -31.78
CA ILE LA 56 3.67 10.28 -31.66
C ILE LA 56 4.45 11.53 -32.06
N ILE LA 57 3.95 12.25 -33.07
CA ILE LA 57 4.63 13.43 -33.59
C ILE LA 57 4.68 14.55 -32.55
N PHE LA 58 3.58 14.74 -31.82
CA PHE LA 58 3.59 15.79 -30.79
C PHE LA 58 4.36 15.36 -29.55
N LEU LA 59 4.35 14.07 -29.22
CA LEU LA 59 5.22 13.60 -28.15
C LEU LA 59 6.69 13.64 -28.56
N TRP LA 60 6.97 13.45 -29.84
CA TRP LA 60 8.34 13.63 -30.33
C TRP LA 60 8.78 15.07 -30.24
N ALA LA 61 7.94 15.99 -30.70
CA ALA LA 61 8.32 17.40 -30.74
C ALA LA 61 8.35 18.02 -29.36
N SER LA 62 7.72 17.38 -28.37
CA SER LA 62 7.80 17.90 -27.02
C SER LA 62 9.11 17.52 -26.36
N SER LA 63 9.69 16.38 -26.73
CA SER LA 63 11.01 16.04 -26.18
C SER LA 63 12.10 16.89 -26.78
N LEU LA 64 11.87 17.47 -27.96
CA LEU LA 64 12.83 18.44 -28.47
C LEU LA 64 12.81 19.70 -27.63
N LEU LA 65 11.64 20.08 -27.14
CA LEU LA 65 11.52 21.27 -26.30
C LEU LA 65 12.02 21.02 -24.89
N PHE LA 66 11.73 19.85 -24.34
CA PHE LA 66 12.06 19.60 -22.94
C PHE LA 66 13.54 19.30 -22.75
N HIS LA 67 14.14 18.54 -23.64
CA HIS LA 67 15.55 18.24 -23.51
C HIS LA 67 16.46 19.42 -23.83
N VAL LA 68 15.94 20.45 -24.50
CA VAL LA 68 16.68 21.68 -24.71
C VAL LA 68 16.50 22.63 -23.53
N ALA LA 69 15.29 22.71 -22.98
CA ALA LA 69 15.02 23.59 -21.86
C ALA LA 69 15.73 23.12 -20.60
N TRP LA 70 15.92 21.82 -20.45
CA TRP LA 70 16.47 21.26 -19.22
C TRP LA 70 17.94 20.91 -19.33
N GLN LA 71 18.43 20.58 -20.52
CA GLN LA 71 19.81 20.16 -20.69
C GLN LA 71 20.61 20.98 -21.68
N GLY LA 72 19.98 21.86 -22.45
CA GLY LA 72 20.68 22.66 -23.43
C GLY LA 72 21.00 24.04 -22.93
N ASN LA 73 21.63 24.83 -23.80
CA ASN LA 73 22.10 26.15 -23.44
C ASN LA 73 21.42 27.24 -24.27
N PHE LA 74 20.10 27.18 -24.37
CA PHE LA 74 19.36 28.10 -25.23
C PHE LA 74 19.53 29.55 -24.80
N GLU LA 75 19.41 29.82 -23.49
CA GLU LA 75 19.56 31.19 -23.01
C GLU LA 75 20.99 31.70 -23.12
N GLN LA 76 21.97 30.80 -23.16
CA GLN LA 76 23.35 31.19 -23.43
C GLN LA 76 23.62 31.31 -24.92
N TRP LA 77 22.75 30.75 -25.75
CA TRP LA 77 22.87 30.83 -27.19
C TRP LA 77 22.27 32.11 -27.74
N ILE LA 78 21.37 32.75 -26.98
CA ILE LA 78 20.77 34.01 -27.41
C ILE LA 78 21.82 35.11 -27.49
N LYS LA 79 22.80 35.08 -26.59
CA LYS LA 79 23.76 36.18 -26.46
C LYS LA 79 24.69 36.25 -27.66
N ASP LA 80 25.03 35.11 -28.25
CA ASP LA 80 25.91 35.11 -29.40
C ASP LA 80 25.69 33.87 -30.23
N PRO LA 81 24.73 33.88 -31.17
CA PRO LA 81 24.42 32.66 -31.93
C PRO LA 81 25.46 32.27 -32.96
N LEU LA 82 26.43 33.13 -33.23
CA LEU LA 82 27.40 32.85 -34.28
C LEU LA 82 28.61 32.08 -33.81
N HIS LA 83 28.86 32.02 -32.50
CA HIS LA 83 29.98 31.25 -31.97
C HIS LA 83 29.58 30.26 -30.89
N VAL LA 84 28.50 30.51 -30.15
CA VAL LA 84 28.05 29.56 -29.14
C VAL LA 84 27.44 28.35 -29.84
N ARG LA 85 27.92 27.17 -29.47
CA ARG LA 85 27.63 25.94 -30.19
C ARG LA 85 26.50 25.22 -29.48
N PRO LA 86 25.37 24.95 -30.14
CA PRO LA 86 24.16 24.49 -29.44
C PRO LA 86 24.31 23.10 -28.82
N ILE LA 87 23.33 22.74 -27.99
CA ILE LA 87 23.35 21.49 -27.24
C ILE LA 87 22.02 20.78 -27.41
N ALA LA 88 22.06 19.52 -27.85
CA ALA LA 88 20.83 18.75 -28.03
C ALA LA 88 20.35 18.15 -26.72
N HIS LA 89 21.14 17.22 -26.17
CA HIS LA 89 20.81 16.60 -24.89
C HIS LA 89 22.11 16.24 -24.20
N ALA LA 90 22.00 15.54 -23.09
CA ALA LA 90 23.19 15.18 -22.32
C ALA LA 90 23.40 13.68 -22.33
N ILE LA 91 24.65 13.28 -22.15
CA ILE LA 91 25.02 11.87 -22.15
C ILE LA 91 25.09 11.38 -20.72
N TRP LA 92 24.37 10.30 -20.42
CA TRP LA 92 24.63 9.49 -19.24
C TRP LA 92 25.02 8.13 -19.78
N ASP LA 93 26.30 7.91 -20.00
CA ASP LA 93 26.78 6.61 -20.46
C ASP LA 93 27.70 6.06 -19.38
N PRO LA 94 27.37 4.93 -18.76
CA PRO LA 94 28.24 4.37 -17.74
C PRO LA 94 29.52 3.82 -18.30
N HIS LA 95 29.52 3.44 -19.57
CA HIS LA 95 30.66 2.78 -20.17
C HIS LA 95 31.76 3.76 -20.57
N PHE LA 96 31.58 5.07 -20.37
CA PHE LA 96 32.61 6.04 -20.69
C PHE LA 96 33.82 5.93 -19.78
N GLY LA 97 34.99 6.17 -20.36
CA GLY LA 97 36.18 6.42 -19.60
C GLY LA 97 36.34 7.90 -19.36
N LYS LA 98 37.22 8.22 -18.42
CA LYS LA 98 37.47 9.60 -18.02
C LYS LA 98 38.03 10.51 -19.12
N PRO LA 99 38.84 10.05 -20.09
CA PRO LA 99 39.11 10.92 -21.24
C PRO LA 99 37.96 11.05 -22.21
N ALA LA 100 36.90 10.27 -22.09
CA ALA LA 100 35.72 10.45 -22.92
C ALA LA 100 34.59 11.17 -22.22
N ILE LA 101 34.79 11.61 -20.98
CA ILE LA 101 33.91 12.59 -20.38
C ILE LA 101 34.47 13.98 -20.57
N GLU LA 102 35.80 14.09 -20.58
CA GLU LA 102 36.45 15.37 -20.80
C GLU LA 102 36.35 15.82 -22.25
N ALA LA 103 36.20 14.87 -23.17
CA ALA LA 103 36.12 15.23 -24.59
C ALA LA 103 34.74 15.69 -24.99
N PHE LA 104 33.70 15.23 -24.28
CA PHE LA 104 32.32 15.59 -24.58
C PHE LA 104 31.77 16.62 -23.61
N THR LA 105 32.51 17.00 -22.60
CA THR LA 105 32.18 18.18 -21.80
C THR LA 105 32.54 19.38 -22.66
N GLN LA 106 31.54 19.93 -23.35
CA GLN LA 106 31.79 20.94 -24.36
C GLN LA 106 30.66 21.94 -24.34
N ALA LA 107 30.84 23.01 -25.12
CA ALA LA 107 29.86 24.09 -25.31
C ALA LA 107 29.50 24.80 -24.00
N GLY LA 108 30.39 24.78 -23.03
CA GLY LA 108 30.13 25.40 -21.73
C GLY LA 108 29.07 24.68 -20.93
N ALA LA 109 29.31 23.42 -20.59
CA ALA LA 109 28.36 22.62 -19.85
C ALA LA 109 29.06 21.88 -18.73
N ASN LA 110 28.25 21.38 -17.79
CA ASN LA 110 28.79 20.65 -16.65
C ASN LA 110 29.13 19.21 -16.97
N GLY LA 111 28.32 18.54 -17.80
CA GLY LA 111 28.55 17.15 -18.12
C GLY LA 111 28.70 16.95 -19.61
N PRO LA 112 28.76 15.69 -20.04
CA PRO LA 112 28.83 15.38 -21.48
C PRO LA 112 27.53 15.76 -22.17
N VAL LA 113 27.64 16.56 -23.23
CA VAL LA 113 26.48 17.02 -23.98
C VAL LA 113 26.69 16.74 -25.47
N ASN LA 114 25.58 16.58 -26.18
CA ASN LA 114 25.61 16.38 -27.62
C ASN LA 114 25.27 17.68 -28.33
N ILE LA 115 26.19 18.11 -29.21
CA ILE LA 115 26.01 19.32 -29.99
C ILE LA 115 24.88 19.12 -30.98
N ALA LA 116 23.85 19.95 -30.88
CA ALA LA 116 22.67 19.82 -31.75
C ALA LA 116 23.00 20.28 -33.15
N TYR LA 117 22.84 19.39 -34.13
CA TYR LA 117 23.03 19.73 -35.54
C TYR LA 117 21.73 19.67 -36.32
N SER LA 118 20.60 19.91 -35.67
CA SER LA 118 19.31 19.91 -36.36
C SER LA 118 18.71 21.29 -36.47
N GLY LA 119 19.37 22.31 -35.94
CA GLY LA 119 19.00 23.68 -36.20
C GLY LA 119 17.73 24.14 -35.53
N VAL LA 120 17.26 23.44 -34.50
CA VAL LA 120 16.03 23.88 -33.84
C VAL LA 120 16.25 25.05 -32.91
N TYR LA 121 17.49 25.46 -32.64
CA TYR LA 121 17.61 26.70 -31.90
C TYR LA 121 17.37 27.89 -32.80
N HIS LA 122 17.66 27.75 -34.09
CA HIS LA 122 17.49 28.85 -35.02
C HIS LA 122 16.02 29.06 -35.36
N TRP LA 123 15.24 27.99 -35.34
CA TRP LA 123 13.83 28.12 -35.64
C TRP LA 123 13.05 28.65 -34.46
N TRP LA 124 13.45 28.29 -33.24
CA TRP LA 124 12.74 28.79 -32.06
C TRP LA 124 13.12 30.22 -31.74
N TYR LA 125 14.36 30.61 -32.03
CA TYR LA 125 14.78 32.00 -31.82
C TYR LA 125 14.14 32.93 -32.82
N THR LA 126 13.84 32.43 -34.02
CA THR LA 126 13.22 33.25 -35.03
C THR LA 126 11.77 33.56 -34.69
N ILE LA 127 11.05 32.59 -34.13
CA ILE LA 127 9.61 32.72 -33.95
C ILE LA 127 9.28 33.28 -32.58
N GLY LA 128 10.27 33.83 -31.88
CA GLY LA 128 10.02 34.68 -30.75
C GLY LA 128 10.47 34.14 -29.41
N MET LA 129 10.84 32.87 -29.30
CA MET LA 129 11.10 32.27 -28.00
C MET LA 129 12.48 32.69 -27.52
N ARG LA 130 12.58 33.13 -26.27
CA ARG LA 130 13.80 33.76 -25.79
C ARG LA 130 14.40 33.14 -24.54
N THR LA 131 13.59 32.59 -23.64
CA THR LA 131 14.12 32.02 -22.41
C THR LA 131 13.75 30.54 -22.32
N ASN LA 132 14.33 29.86 -21.33
CA ASN LA 132 14.10 28.45 -21.13
C ASN LA 132 12.72 28.13 -20.57
N THR LA 133 11.95 29.14 -20.17
CA THR LA 133 10.63 28.87 -19.62
C THR LA 133 9.59 28.74 -20.72
N GLU LA 134 9.73 29.51 -21.81
CA GLU LA 134 8.84 29.33 -22.96
C GLU LA 134 9.02 27.98 -23.62
N LEU LA 135 10.25 27.47 -23.62
CA LEU LA 135 10.50 26.14 -24.17
C LEU LA 135 9.83 25.07 -23.31
N TYR LA 136 9.88 25.23 -21.98
CA TYR LA 136 9.22 24.30 -21.09
C TYR LA 136 7.71 24.42 -21.17
N THR LA 137 7.20 25.64 -21.31
CA THR LA 137 5.76 25.84 -21.41
C THR LA 137 5.20 25.23 -22.69
N GLY LA 138 5.90 25.42 -23.81
CA GLY LA 138 5.49 24.76 -25.03
C GLY LA 138 5.69 23.27 -25.01
N SER LA 139 6.58 22.77 -24.16
CA SER LA 139 6.75 21.33 -24.02
C SER LA 139 5.54 20.71 -23.32
N VAL LA 140 5.14 21.29 -22.19
CA VAL LA 140 4.03 20.78 -21.39
C VAL LA 140 2.70 20.92 -22.15
N PHE LA 141 2.58 21.95 -22.98
CA PHE LA 141 1.40 22.11 -23.81
C PHE LA 141 1.27 20.97 -24.82
N LEU LA 142 2.39 20.51 -25.35
CA LEU LA 142 2.35 19.41 -26.32
C LEU LA 142 2.13 18.05 -25.65
N LEU LA 143 2.38 17.94 -24.34
CA LEU LA 143 1.95 16.74 -23.63
C LEU LA 143 0.44 16.64 -23.59
N LEU LA 144 -0.22 17.76 -23.31
CA LEU LA 144 -1.68 17.80 -23.28
C LEU LA 144 -2.28 17.75 -24.67
N PHE LA 145 -1.58 18.32 -25.65
CA PHE LA 145 -2.11 18.36 -27.00
C PHE LA 145 -1.93 17.03 -27.71
N ALA LA 146 -0.97 16.22 -27.27
CA ALA LA 146 -0.86 14.86 -27.80
C ALA LA 146 -1.80 13.90 -27.10
N SER LA 147 -2.14 14.17 -25.84
CA SER LA 147 -3.13 13.36 -25.15
C SER LA 147 -4.54 13.69 -25.61
N LEU LA 148 -4.73 14.87 -26.19
CA LEU LA 148 -6.02 15.21 -26.78
C LEU LA 148 -6.28 14.42 -28.06
N PHE LA 149 -5.23 13.94 -28.72
CA PHE LA 149 -5.43 13.06 -29.87
C PHE LA 149 -5.46 11.59 -29.48
N LEU LA 150 -4.75 11.21 -28.41
CA LEU LA 150 -4.83 9.84 -27.94
C LEU LA 150 -6.20 9.52 -27.37
N PHE LA 151 -6.87 10.51 -26.78
CA PHE LA 151 -8.24 10.31 -26.36
C PHE LA 151 -9.21 10.35 -27.54
N ALA LA 152 -8.89 11.12 -28.58
CA ALA LA 152 -9.77 11.24 -29.73
C ALA LA 152 -9.81 9.95 -30.53
N GLY LA 153 -8.69 9.25 -30.62
CA GLY LA 153 -8.68 7.98 -31.32
C GLY LA 153 -9.40 6.89 -30.55
N TRP LA 154 -9.38 6.97 -29.23
CA TRP LA 154 -10.15 6.04 -28.42
C TRP LA 154 -11.64 6.35 -28.52
N LEU LA 155 -11.99 7.64 -28.59
CA LEU LA 155 -13.39 8.03 -28.61
C LEU LA 155 -14.05 7.63 -29.91
N HIS LA 156 -13.34 7.74 -31.02
CA HIS LA 156 -13.91 7.40 -32.32
C HIS LA 156 -13.75 5.94 -32.68
N LEU LA 157 -13.64 5.07 -31.67
CA LEU LA 157 -13.80 3.64 -31.83
C LEU LA 157 -14.96 3.08 -31.01
N GLN LA 158 -15.69 3.94 -30.32
CA GLN LA 158 -16.81 3.49 -29.50
C GLN LA 158 -18.09 3.51 -30.34
N PRO LA 159 -19.05 2.60 -30.10
CA PRO LA 159 -20.00 2.20 -31.16
C PRO LA 159 -20.92 3.29 -31.70
N LYS LA 160 -21.40 4.23 -30.88
CA LYS LA 160 -22.21 5.28 -31.47
C LYS LA 160 -21.38 6.51 -31.80
N PHE LA 161 -20.12 6.52 -31.39
CA PHE LA 161 -19.17 7.55 -31.81
C PHE LA 161 -18.29 7.09 -32.95
N ARG LA 162 -18.56 5.93 -33.48
CA ARG LA 162 -17.76 5.36 -34.54
C ARG LA 162 -18.35 5.74 -35.89
N PRO LA 163 -17.59 6.40 -36.77
CA PRO LA 163 -18.18 6.97 -37.98
C PRO LA 163 -18.56 5.91 -39.00
N SER LA 164 -19.59 6.23 -39.79
CA SER LA 164 -20.12 5.31 -40.78
C SER LA 164 -19.23 5.28 -42.01
N LEU LA 165 -19.58 4.43 -42.98
CA LEU LA 165 -18.75 4.28 -44.16
C LEU LA 165 -18.88 5.48 -45.09
N ALA LA 166 -20.09 6.02 -45.24
CA ALA LA 166 -20.32 7.16 -46.11
C ALA LA 166 -19.66 8.44 -45.63
N TRP LA 167 -19.30 8.52 -44.35
CA TRP LA 167 -18.55 9.66 -43.85
C TRP LA 167 -17.14 9.69 -44.42
N PHE LA 168 -16.55 8.52 -44.66
CA PHE LA 168 -15.18 8.48 -45.16
C PHE LA 168 -15.11 8.77 -46.65
N LYS LA 169 -16.07 8.27 -47.41
CA LYS LA 169 -16.09 8.45 -48.86
C LYS LA 169 -16.77 9.74 -49.28
N SER LA 170 -16.91 10.71 -48.38
CA SER LA 170 -17.41 12.03 -48.73
C SER LA 170 -16.20 12.90 -49.04
N ALA LA 171 -15.75 12.86 -50.29
CA ALA LA 171 -14.47 13.44 -50.64
C ALA LA 171 -14.58 14.94 -50.92
N GLU LA 172 -15.73 15.43 -51.35
CA GLU LA 172 -15.86 16.86 -51.61
C GLU LA 172 -15.93 17.67 -50.33
N SER LA 173 -16.27 17.05 -49.20
CA SER LA 173 -16.34 17.76 -47.95
C SER LA 173 -15.01 17.80 -47.22
N ARG LA 174 -14.11 16.83 -47.46
CA ARG LA 174 -12.75 16.96 -46.95
C ARG LA 174 -12.01 18.08 -47.63
N LEU LA 175 -12.13 18.17 -48.96
CA LEU LA 175 -11.42 19.20 -49.71
C LEU LA 175 -11.88 20.60 -49.36
N ASN LA 176 -13.14 20.78 -48.99
CA ASN LA 176 -13.52 22.11 -48.54
C ASN LA 176 -13.01 22.40 -47.14
N HIS LA 177 -13.06 21.44 -46.23
CA HIS LA 177 -12.63 21.71 -44.87
C HIS LA 177 -11.11 21.70 -44.73
N HIS LA 178 -10.41 20.82 -45.43
CA HIS LA 178 -8.97 20.77 -45.23
C HIS LA 178 -8.26 21.91 -45.94
N LEU LA 179 -8.72 22.32 -47.13
CA LEU LA 179 -8.10 23.45 -47.81
C LEU LA 179 -8.36 24.77 -47.10
N ALA LA 180 -9.61 25.00 -46.69
CA ALA LA 180 -9.94 26.26 -46.03
C ALA LA 180 -9.46 26.26 -44.59
N GLY LA 181 -9.62 25.15 -43.89
CA GLY LA 181 -9.32 25.12 -42.48
C GLY LA 181 -7.93 24.63 -42.11
N LEU LA 182 -7.54 23.46 -42.61
CA LEU LA 182 -6.25 22.90 -42.22
C LEU LA 182 -5.10 23.64 -42.90
N PHE LA 183 -5.29 24.04 -44.15
CA PHE LA 183 -4.29 24.81 -44.87
C PHE LA 183 -4.46 26.31 -44.69
N GLY LA 184 -5.68 26.82 -44.87
CA GLY LA 184 -5.91 28.25 -44.90
C GLY LA 184 -5.96 28.95 -43.56
N VAL LA 185 -6.71 28.40 -42.60
CA VAL LA 185 -6.80 29.02 -41.29
C VAL LA 185 -5.46 28.90 -40.56
N SER LA 186 -4.76 27.78 -40.74
CA SER LA 186 -3.48 27.59 -40.07
C SER LA 186 -2.40 28.48 -40.66
N SER LA 187 -2.49 28.79 -41.95
CA SER LA 187 -1.60 29.80 -42.51
C SER LA 187 -2.02 31.19 -42.05
N LEU LA 188 -3.32 31.39 -41.82
CA LEU LA 188 -3.79 32.65 -41.27
C LEU LA 188 -3.39 32.80 -39.81
N ALA LA 189 -3.44 31.70 -39.06
CA ALA LA 189 -3.09 31.75 -37.64
C ALA LA 189 -1.60 31.98 -37.45
N TRP LA 190 -0.76 31.39 -38.30
CA TRP LA 190 0.67 31.63 -38.19
C TRP LA 190 1.04 33.05 -38.59
N ALA LA 191 0.32 33.63 -39.55
CA ALA LA 191 0.50 35.05 -39.82
C ALA LA 191 0.05 35.91 -38.65
N GLY LA 192 -0.92 35.44 -37.87
CA GLY LA 192 -1.25 36.12 -36.65
C GLY LA 192 -0.21 35.94 -35.58
N HIS LA 193 0.51 34.82 -35.62
CA HIS LA 193 1.57 34.60 -34.63
C HIS LA 193 2.79 35.45 -34.93
N LEU LA 194 3.10 35.65 -36.21
CA LEU LA 194 4.26 36.44 -36.57
C LEU LA 194 4.04 37.91 -36.24
N ILE LA 195 2.86 38.43 -36.58
CA ILE LA 195 2.59 39.86 -36.46
C ILE LA 195 2.39 40.27 -35.02
N HIS LA 196 1.66 39.47 -34.25
CA HIS LA 196 1.45 39.82 -32.85
C HIS LA 196 2.68 39.55 -32.01
N VAL LA 197 3.41 38.46 -32.27
CA VAL LA 197 4.44 37.98 -31.35
C VAL LA 197 5.84 38.06 -31.98
N ALA LA 198 6.07 37.34 -33.08
CA ALA LA 198 7.44 37.06 -33.52
C ALA LA 198 8.13 38.30 -34.07
N ILE LA 199 7.41 39.14 -34.81
CA ILE LA 199 7.97 40.38 -35.32
C ILE LA 199 8.19 41.40 -34.20
N PRO LA 200 7.30 41.57 -33.19
CA PRO LA 200 7.71 42.39 -32.04
C PRO LA 200 8.82 41.80 -31.20
N GLU LA 201 8.89 40.47 -31.06
CA GLU LA 201 10.06 39.87 -30.42
C GLU LA 201 11.34 40.08 -31.21
N SER LA 202 11.23 40.28 -32.52
CA SER LA 202 12.36 40.61 -33.37
C SER LA 202 12.87 42.02 -33.17
N ARG LA 203 12.15 42.86 -32.42
CA ARG LA 203 12.56 44.25 -32.24
C ARG LA 203 12.87 44.59 -30.79
N GLY LA 204 13.22 43.61 -29.97
CA GLY LA 204 13.54 43.87 -28.59
C GLY LA 204 12.35 44.18 -27.70
N GLN LA 205 11.15 43.87 -28.16
CA GLN LA 205 9.91 44.23 -27.49
C GLN LA 205 9.19 42.95 -27.10
N HIS LA 206 9.17 42.65 -25.80
CA HIS LA 206 8.59 41.39 -25.34
C HIS LA 206 7.08 41.41 -25.44
N VAL LA 207 6.52 40.45 -26.15
CA VAL LA 207 5.07 40.23 -26.22
C VAL LA 207 4.83 38.77 -25.86
N GLY LA 208 4.23 38.54 -24.69
CA GLY LA 208 3.96 37.19 -24.25
C GLY LA 208 2.47 36.94 -24.12
N TRP LA 209 2.08 35.88 -23.40
CA TRP LA 209 0.66 35.63 -23.18
C TRP LA 209 0.03 36.65 -22.24
N ASP LA 210 0.81 37.28 -21.38
CA ASP LA 210 0.24 38.24 -20.43
C ASP LA 210 -0.17 39.54 -21.11
N ASN LA 211 0.67 40.07 -21.98
CA ASN LA 211 0.45 41.41 -22.52
C ASN LA 211 0.22 41.44 -24.03
N PHE LA 212 -0.38 40.41 -24.61
CA PHE LA 212 -0.66 40.50 -26.04
C PHE LA 212 -2.05 41.06 -26.28
N LEU LA 213 -2.94 40.96 -25.29
CA LEU LA 213 -4.25 41.58 -25.41
C LEU LA 213 -4.18 43.08 -25.17
N SER LA 214 -3.18 43.54 -24.43
CA SER LA 214 -3.05 44.97 -24.18
C SER LA 214 -2.28 45.66 -25.31
N THR LA 215 -1.15 45.09 -25.72
CA THR LA 215 -0.33 45.71 -26.75
C THR LA 215 -0.84 45.38 -28.14
N ALA LA 216 -0.70 46.34 -29.04
CA ALA LA 216 -1.06 46.19 -30.43
C ALA LA 216 0.20 46.03 -31.28
N PRO LA 217 0.13 45.25 -32.37
CA PRO LA 217 1.32 45.08 -33.22
C PRO LA 217 1.69 46.33 -33.99
N HIS LA 218 0.75 47.25 -34.16
CA HIS LA 218 0.93 48.44 -34.96
C HIS LA 218 0.33 49.61 -34.19
N PRO LA 219 1.01 50.75 -34.13
CA PRO LA 219 0.40 51.94 -33.50
C PRO LA 219 -0.82 52.47 -34.23
N ALA LA 220 -0.98 52.15 -35.52
CA ALA LA 220 -2.24 52.42 -36.18
C ALA LA 220 -3.36 51.55 -35.59
N GLY LA 221 -3.12 50.25 -35.52
CA GLY LA 221 -3.98 49.38 -34.73
C GLY LA 221 -5.34 49.08 -35.32
N LEU LA 222 -5.38 48.39 -36.46
CA LEU LA 222 -6.54 47.72 -37.07
C LEU LA 222 -7.57 48.72 -37.62
N GLN LA 223 -7.41 50.01 -37.39
CA GLN LA 223 -8.19 51.01 -38.12
C GLN LA 223 -7.86 51.08 -39.61
N PRO LA 224 -6.60 51.00 -40.08
CA PRO LA 224 -6.40 50.96 -41.53
C PRO LA 224 -6.79 49.65 -42.20
N PHE LA 225 -7.18 48.62 -41.44
CA PHE LA 225 -7.60 47.38 -42.06
C PHE LA 225 -8.99 47.52 -42.66
N PHE LA 226 -9.96 47.93 -41.86
CA PHE LA 226 -11.34 47.95 -42.31
C PHE LA 226 -11.66 49.13 -43.21
N THR LA 227 -10.87 50.20 -43.15
CA THR LA 227 -11.13 51.35 -44.00
C THR LA 227 -10.51 51.20 -45.37
N GLY LA 228 -9.67 50.19 -45.59
CA GLY LA 228 -9.06 49.99 -46.89
C GLY LA 228 -7.74 50.71 -47.08
N ASN LA 229 -7.25 51.42 -46.07
CA ASN LA 229 -5.95 52.09 -46.16
C ASN LA 229 -4.83 51.13 -45.77
N TRP LA 230 -4.72 50.03 -46.53
CA TRP LA 230 -3.80 48.96 -46.17
C TRP LA 230 -2.33 49.32 -46.36
N GLY LA 231 -2.03 50.43 -47.03
CA GLY LA 231 -0.66 50.87 -47.18
C GLY LA 231 -0.02 51.39 -45.91
N VAL LA 232 -0.81 51.62 -44.86
CA VAL LA 232 -0.26 52.02 -43.56
C VAL LA 232 0.51 50.87 -42.95
N TYR LA 233 0.11 49.64 -43.24
CA TYR LA 233 0.78 48.45 -42.72
C TYR LA 233 2.16 48.27 -43.33
N ALA LA 234 2.43 48.88 -44.47
CA ALA LA 234 3.73 48.83 -45.14
C ALA LA 234 4.46 50.17 -45.05
N GLN LA 235 4.41 50.83 -43.89
CA GLN LA 235 5.22 52.00 -43.63
C GLN LA 235 6.64 51.59 -43.28
N ASN LA 236 7.39 52.48 -42.62
CA ASN LA 236 8.83 52.39 -42.33
C ASN LA 236 9.28 51.03 -41.82
N PRO LA 237 9.99 50.25 -42.63
CA PRO LA 237 10.32 48.89 -42.27
C PRO LA 237 11.52 48.85 -41.34
N ASP LA 238 11.94 47.64 -41.01
CA ASP LA 238 13.21 47.46 -40.34
C ASP LA 238 14.33 47.81 -41.32
N THR LA 239 15.20 48.74 -40.92
CA THR LA 239 16.17 49.29 -41.84
C THR LA 239 17.31 48.31 -42.09
N ALA LA 240 18.29 48.74 -42.88
CA ALA LA 240 19.46 47.92 -43.16
C ALA LA 240 20.48 47.91 -42.03
N GLY LA 241 20.22 48.61 -40.94
CA GLY LA 241 21.06 48.55 -39.77
C GLY LA 241 20.34 47.91 -38.60
N HIS LA 242 19.28 47.17 -38.88
CA HIS LA 242 18.52 46.49 -37.83
C HIS LA 242 19.34 45.38 -37.23
N ILE LA 243 19.79 45.57 -35.99
CA ILE LA 243 20.38 44.48 -35.24
C ILE LA 243 19.24 43.67 -34.64
N PHE LA 244 19.25 42.37 -34.91
CA PHE LA 244 18.11 41.50 -34.66
C PHE LA 244 17.84 41.36 -33.17
N SER LA 245 16.54 41.30 -32.82
CA SER LA 245 16.02 41.24 -31.45
C SER LA 245 16.45 42.42 -30.60
N THR LA 246 16.78 43.56 -31.21
CA THR LA 246 17.05 44.80 -30.51
C THR LA 246 16.22 45.90 -31.15
N SER LA 247 16.25 47.07 -30.52
CA SER LA 247 15.48 48.22 -30.99
C SER LA 247 16.26 49.10 -31.96
N GLN LA 248 17.51 48.75 -32.27
CA GLN LA 248 18.31 49.55 -33.19
C GLN LA 248 17.84 49.33 -34.62
N GLY LA 249 17.51 50.41 -35.31
CA GLY LA 249 17.05 50.31 -36.68
C GLY LA 249 15.73 49.60 -36.85
N ALA LA 250 14.87 49.66 -35.85
CA ALA LA 250 13.60 48.95 -35.89
C ALA LA 250 12.61 49.70 -36.78
N GLY LA 251 11.43 49.11 -36.95
CA GLY LA 251 10.39 49.70 -37.74
C GLY LA 251 9.04 49.49 -37.07
N THR LA 252 8.01 50.03 -37.71
CA THR LA 252 6.64 49.86 -37.26
C THR LA 252 5.81 49.01 -38.20
N ALA LA 253 6.33 48.66 -39.38
CA ALA LA 253 5.57 47.92 -40.37
C ALA LA 253 5.40 46.47 -39.96
N ILE LA 254 4.24 45.91 -40.29
CA ILE LA 254 3.94 44.51 -39.99
C ILE LA 254 3.77 43.67 -41.23
N LEU LA 255 3.45 44.26 -42.38
CA LEU LA 255 3.27 43.53 -43.63
C LEU LA 255 4.09 44.28 -44.66
N THR LA 256 5.26 43.78 -45.00
CA THR LA 256 6.10 44.51 -45.94
C THR LA 256 6.55 43.53 -47.03
N PHE LA 257 7.11 44.08 -48.10
CA PHE LA 257 7.36 43.32 -49.30
C PHE LA 257 8.69 43.71 -49.93
N LEU LA 258 9.74 43.74 -49.10
CA LEU LA 258 11.07 44.11 -49.60
C LEU LA 258 11.60 43.06 -50.56
N GLY LA 259 11.57 41.80 -50.16
CA GLY LA 259 12.19 40.74 -50.93
C GLY LA 259 13.69 40.70 -50.70
N GLY LA 260 14.28 39.50 -50.70
CA GLY LA 260 15.70 39.42 -50.42
C GLY LA 260 15.95 39.06 -48.98
N PHE LA 261 17.08 39.47 -48.43
CA PHE LA 261 17.47 38.99 -47.10
C PHE LA 261 17.70 40.14 -46.14
N HIS LA 262 17.50 39.82 -44.87
CA HIS LA 262 17.92 40.69 -43.78
C HIS LA 262 19.43 40.87 -43.83
N PRO LA 263 19.94 42.07 -43.57
CA PRO LA 263 21.38 42.31 -43.80
C PRO LA 263 22.28 41.69 -42.75
N GLN LA 264 21.77 41.38 -41.56
CA GLN LA 264 22.62 40.77 -40.54
C GLN LA 264 22.43 39.27 -40.47
N THR LA 265 21.19 38.81 -40.26
CA THR LA 265 20.94 37.39 -40.08
C THR LA 265 21.05 36.62 -41.37
N GLU LA 266 20.98 37.31 -42.52
CA GLU LA 266 20.99 36.72 -43.86
C GLU LA 266 19.87 35.70 -44.03
N SER LA 267 18.74 36.00 -43.42
CA SER LA 267 17.50 35.26 -43.57
C SER LA 267 16.45 36.15 -44.20
N LEU LA 268 15.30 35.56 -44.51
CA LEU LA 268 14.20 36.34 -45.04
C LEU LA 268 13.64 37.25 -43.96
N TRP LA 269 13.11 38.39 -44.39
CA TRP LA 269 12.50 39.33 -43.46
C TRP LA 269 11.25 38.72 -42.85
N LEU LA 270 11.05 38.95 -41.55
CA LEU LA 270 9.85 38.44 -40.90
C LEU LA 270 8.59 39.19 -41.34
N THR LA 271 8.74 40.42 -41.82
CA THR LA 271 7.60 41.12 -42.38
C THR LA 271 7.25 40.58 -43.77
N ASP LA 272 8.21 39.99 -44.47
CA ASP LA 272 7.89 39.35 -45.75
C ASP LA 272 7.13 38.05 -45.53
N MET LA 273 7.50 37.30 -44.49
CA MET LA 273 6.82 36.04 -44.19
C MET LA 273 5.41 36.29 -43.67
N ALA LA 274 5.20 37.45 -43.06
CA ALA LA 274 3.88 37.76 -42.51
C ALA LA 274 2.88 38.08 -43.62
N HIS LA 275 3.28 38.85 -44.63
CA HIS LA 275 2.41 39.07 -45.78
C HIS LA 275 2.35 37.82 -46.65
N HIS LA 276 3.30 36.90 -46.53
CA HIS LA 276 3.25 35.67 -47.30
C HIS LA 276 2.14 34.76 -46.79
N HIS LA 277 2.24 34.32 -45.53
CA HIS LA 277 1.26 33.39 -44.97
C HIS LA 277 -0.12 34.02 -44.82
N LEU LA 278 -0.21 35.34 -44.84
CA LEU LA 278 -1.51 36.00 -44.95
C LEU LA 278 -2.07 35.86 -46.34
N ALA LA 279 -1.24 36.04 -47.37
CA ALA LA 279 -1.71 35.92 -48.75
C ALA LA 279 -1.98 34.48 -49.13
N ILE LA 280 -1.20 33.53 -48.60
CA ILE LA 280 -1.49 32.11 -48.79
C ILE LA 280 -2.82 31.75 -48.15
N ALA LA 281 -3.15 32.39 -47.03
CA ALA LA 281 -4.39 32.07 -46.32
C ALA LA 281 -5.61 32.52 -47.09
N VAL LA 282 -5.52 33.66 -47.78
CA VAL LA 282 -6.67 34.14 -48.54
C VAL LA 282 -6.86 33.29 -49.79
N LEU LA 283 -5.75 32.85 -50.40
CA LEU LA 283 -5.84 32.00 -51.58
C LEU LA 283 -6.38 30.61 -51.28
N PHE LA 284 -6.31 30.16 -50.04
CA PHE LA 284 -6.78 28.83 -49.68
C PHE LA 284 -8.19 28.80 -49.13
N ILE LA 285 -8.61 29.86 -48.40
CA ILE LA 285 -9.99 29.92 -47.94
C ILE LA 285 -10.92 30.15 -49.13
N VAL LA 286 -10.46 30.91 -50.13
CA VAL LA 286 -11.20 31.04 -51.37
C VAL LA 286 -11.20 29.71 -52.13
N ALA LA 287 -10.08 28.97 -52.07
CA ALA LA 287 -10.02 27.66 -52.71
C ALA LA 287 -10.88 26.62 -52.02
N GLY LA 288 -11.17 26.80 -50.73
CA GLY LA 288 -11.98 25.86 -50.01
C GLY LA 288 -13.47 26.11 -50.09
N HIS LA 289 -13.91 27.02 -50.93
CA HIS LA 289 -15.32 27.28 -51.17
C HIS LA 289 -15.71 26.92 -52.60
N MET LA 290 -15.17 25.82 -53.10
CA MET LA 290 -15.29 25.42 -54.49
C MET LA 290 -16.13 24.18 -54.69
N TYR LA 291 -16.04 23.20 -53.80
CA TYR LA 291 -16.63 21.90 -54.03
C TYR LA 291 -17.98 21.78 -53.34
N ARG LA 292 -18.81 20.88 -53.85
CA ARG LA 292 -20.20 20.79 -53.44
C ARG LA 292 -20.36 19.96 -52.18
N THR LA 293 -21.03 20.53 -51.20
CA THR LA 293 -21.37 19.87 -49.94
C THR LA 293 -22.88 19.93 -49.80
N ASN LA 294 -23.40 19.71 -48.60
CA ASN LA 294 -24.85 19.69 -48.37
C ASN LA 294 -25.55 21.04 -48.56
N PHE LA 295 -24.87 22.09 -49.01
CA PHE LA 295 -25.46 23.41 -49.18
C PHE LA 295 -25.81 23.71 -50.63
N GLY LA 296 -25.84 22.69 -51.49
CA GLY LA 296 -26.41 22.81 -52.82
C GLY LA 296 -25.70 23.77 -53.76
N ILE LA 297 -24.43 24.05 -53.53
CA ILE LA 297 -23.67 24.99 -54.32
C ILE LA 297 -22.25 24.48 -54.43
N GLY LA 298 -21.60 24.75 -55.56
CA GLY LA 298 -20.21 24.41 -55.75
C GLY LA 298 -20.02 23.36 -56.83
N HIS LA 299 -18.75 23.19 -57.20
CA HIS LA 299 -18.37 22.22 -58.21
C HIS LA 299 -18.51 20.80 -57.66
N SER LA 300 -18.79 19.86 -58.54
CA SER LA 300 -18.91 18.45 -58.17
C SER LA 300 -17.92 17.64 -58.99
N ILE LA 301 -17.02 16.92 -58.31
CA ILE LA 301 -15.89 16.29 -58.98
C ILE LA 301 -16.35 15.11 -59.84
N LYS LA 302 -17.36 14.38 -59.37
CA LYS LA 302 -17.86 13.25 -60.14
C LYS LA 302 -18.56 13.71 -61.42
N GLU LA 303 -19.13 14.91 -61.40
CA GLU LA 303 -19.68 15.50 -62.62
C GLU LA 303 -18.59 16.13 -63.48
N MET LA 304 -17.48 16.55 -62.89
CA MET LA 304 -16.37 17.08 -63.67
C MET LA 304 -15.64 15.97 -64.41
N MET LA 305 -15.60 14.77 -63.84
CA MET LA 305 -14.97 13.65 -64.52
C MET LA 305 -15.84 13.12 -65.64
N ASN LA 306 -17.12 12.91 -65.36
CA ASN LA 306 -18.04 12.26 -66.28
C ASN LA 306 -18.63 13.23 -67.30
N ALA LA 307 -18.13 14.45 -67.38
CA ALA LA 307 -18.63 15.41 -68.34
C ALA LA 307 -18.12 15.07 -69.74
N LYS LA 308 -18.99 15.26 -70.74
CA LYS LA 308 -18.68 14.87 -72.11
C LYS LA 308 -18.98 15.99 -73.10
N THR LA 309 -19.26 17.20 -72.63
CA THR LA 309 -19.76 18.25 -73.52
C THR LA 309 -19.11 19.58 -73.17
N PHE LA 310 -18.32 20.10 -74.11
CA PHE LA 310 -17.64 21.38 -73.95
C PHE LA 310 -18.39 22.42 -74.78
N PHE LA 311 -19.33 23.12 -74.12
CA PHE LA 311 -20.11 24.22 -74.69
C PHE LA 311 -20.88 23.79 -75.94
N GLY LA 312 -21.49 22.60 -75.88
CA GLY LA 312 -22.21 22.05 -76.98
C GLY LA 312 -21.41 21.06 -77.82
N LYS LA 313 -20.12 21.27 -77.93
CA LYS LA 313 -19.26 20.34 -78.68
C LYS LA 313 -19.13 19.05 -77.91
N PRO LA 314 -19.43 17.89 -78.50
CA PRO LA 314 -19.19 16.62 -77.80
C PRO LA 314 -17.71 16.29 -77.81
N VAL LA 315 -17.20 15.93 -76.64
CA VAL LA 315 -15.81 15.54 -76.46
C VAL LA 315 -15.78 14.18 -75.77
N GLU LA 316 -14.57 13.69 -75.53
CA GLU LA 316 -14.39 12.46 -74.76
C GLU LA 316 -14.32 12.72 -73.27
N GLY LA 317 -14.12 13.97 -72.86
CA GLY LA 317 -14.02 14.32 -71.45
C GLY LA 317 -13.30 15.63 -71.30
N PRO LA 318 -12.78 15.90 -70.11
CA PRO LA 318 -11.97 17.11 -69.90
C PRO LA 318 -10.66 17.01 -70.65
N PHE LA 319 -10.30 18.11 -71.35
CA PHE LA 319 -9.16 18.20 -72.28
C PHE LA 319 -9.32 17.19 -73.42
N ASN LA 320 -10.58 16.84 -73.74
CA ASN LA 320 -10.97 15.77 -74.67
C ASN LA 320 -10.30 14.44 -74.32
N MET LA 321 -10.08 14.20 -73.02
CA MET LA 321 -9.43 12.99 -72.52
C MET LA 321 -10.43 12.28 -71.63
N PRO LA 322 -10.58 10.96 -71.76
CA PRO LA 322 -11.59 10.27 -70.94
C PRO LA 322 -11.16 10.13 -69.50
N HIS LA 323 -11.71 10.96 -68.62
CA HIS LA 323 -11.45 10.83 -67.19
C HIS LA 323 -12.64 10.25 -66.44
N GLN LA 324 -13.50 9.49 -67.12
CA GLN LA 324 -14.64 8.93 -66.40
C GLN LA 324 -14.19 7.73 -65.58
N GLY LA 325 -14.86 7.53 -64.45
CA GLY LA 325 -14.52 6.45 -63.54
C GLY LA 325 -13.30 6.69 -62.67
N ILE LA 326 -12.60 7.80 -62.86
CA ILE LA 326 -11.42 8.09 -62.02
C ILE LA 326 -11.86 8.54 -60.64
N TYR LA 327 -13.05 9.14 -60.53
CA TYR LA 327 -13.57 9.48 -59.22
C TYR LA 327 -13.91 8.24 -58.40
N ASP LA 328 -14.41 7.20 -59.06
CA ASP LA 328 -14.68 5.95 -58.38
C ASP LA 328 -13.44 5.06 -58.29
N THR LA 329 -12.29 5.54 -58.76
CA THR LA 329 -11.03 4.85 -58.68
C THR LA 329 -10.13 5.42 -57.61
N TYR LA 330 -10.05 6.75 -57.53
CA TYR LA 330 -9.38 7.43 -56.43
C TYR LA 330 -10.07 7.13 -55.12
N ASN LA 331 -11.38 7.35 -55.08
CA ASN LA 331 -12.08 7.41 -53.80
C ASN LA 331 -12.38 6.03 -53.23
N ASN LA 332 -12.66 5.04 -54.08
CA ASN LA 332 -12.96 3.71 -53.58
C ASN LA 332 -11.74 2.95 -53.08
N SER LA 333 -10.58 3.18 -53.68
CA SER LA 333 -9.36 2.51 -53.28
C SER LA 333 -8.59 3.35 -52.26
N LEU LA 334 -7.93 2.68 -51.34
CA LEU LA 334 -7.03 3.34 -50.40
C LEU LA 334 -5.58 3.29 -50.82
N HIS LA 335 -5.20 2.32 -51.65
CA HIS LA 335 -3.85 2.29 -52.18
C HIS LA 335 -3.66 3.23 -53.34
N PHE LA 336 -4.74 3.58 -54.06
CA PHE LA 336 -4.61 4.63 -55.04
C PHE LA 336 -4.43 5.97 -54.37
N GLN LA 337 -5.11 6.19 -53.25
CA GLN LA 337 -4.92 7.43 -52.50
C GLN LA 337 -3.55 7.48 -51.87
N LEU LA 338 -3.14 6.40 -51.22
CA LEU LA 338 -1.85 6.38 -50.52
C LEU LA 338 -0.70 6.42 -51.51
N GLY LA 339 -0.83 5.73 -52.64
CA GLY LA 339 0.17 5.83 -53.68
C GLY LA 339 0.23 7.20 -54.31
N TRP LA 340 -0.91 7.89 -54.37
CA TRP LA 340 -0.94 9.23 -54.94
C TRP LA 340 -0.29 10.24 -54.02
N HIS LA 341 -0.75 10.29 -52.76
CA HIS LA 341 -0.36 11.40 -51.88
C HIS LA 341 1.08 11.29 -51.42
N LEU LA 342 1.70 10.12 -51.51
CA LEU LA 342 3.13 10.02 -51.27
C LEU LA 342 3.93 10.66 -52.39
N ALA LA 343 3.42 10.59 -53.62
CA ALA LA 343 4.05 11.33 -54.71
C ALA LA 343 3.89 12.82 -54.52
N CYS LA 344 2.74 13.26 -54.00
CA CYS LA 344 2.52 14.67 -53.72
C CYS LA 344 3.39 15.13 -52.57
N LEU LA 345 3.49 14.33 -51.52
CA LEU LA 345 4.33 14.69 -50.39
C LEU LA 345 5.80 14.47 -50.71
N GLY LA 346 6.11 13.58 -51.64
CA GLY LA 346 7.49 13.36 -52.02
C GLY LA 346 8.06 14.45 -52.90
N VAL LA 347 7.21 15.12 -53.68
CA VAL LA 347 7.66 16.24 -54.49
C VAL LA 347 7.98 17.43 -53.58
N VAL LA 348 7.07 17.74 -52.66
CA VAL LA 348 7.23 18.93 -51.82
C VAL LA 348 8.35 18.75 -50.80
N THR LA 349 8.68 17.52 -50.43
CA THR LA 349 9.71 17.29 -49.42
C THR LA 349 11.10 17.65 -49.95
N SER LA 350 11.39 17.24 -51.18
CA SER LA 350 12.60 17.70 -51.84
C SER LA 350 12.51 19.17 -52.20
N TRP LA 351 11.31 19.66 -52.48
CA TRP LA 351 11.09 21.06 -52.80
C TRP LA 351 11.27 21.95 -51.58
N VAL LA 352 11.05 21.40 -50.38
CA VAL LA 352 11.46 22.06 -49.16
C VAL LA 352 12.97 22.22 -49.11
N ALA LA 353 13.68 21.14 -49.42
CA ALA LA 353 15.14 21.14 -49.26
C ALA LA 353 15.82 22.00 -50.30
N GLN LA 354 15.25 22.12 -51.50
CA GLN LA 354 15.84 22.95 -52.54
C GLN LA 354 15.76 24.43 -52.23
N HIS LA 355 14.79 24.84 -51.41
CA HIS LA 355 14.56 26.26 -51.16
C HIS LA 355 14.98 26.69 -49.77
N MET LA 356 15.60 25.81 -48.97
CA MET LA 356 16.04 26.20 -47.64
C MET LA 356 17.54 26.40 -47.52
N TYR LA 357 18.33 26.00 -48.52
CA TYR LA 357 19.73 26.40 -48.46
C TYR LA 357 19.94 27.70 -49.22
N SER LA 358 19.18 27.92 -50.29
CA SER LA 358 19.30 29.13 -51.08
C SER LA 358 18.52 30.28 -50.47
N LEU LA 359 17.36 30.00 -49.89
CA LEU LA 359 16.53 31.01 -49.25
C LEU LA 359 16.39 30.64 -47.78
N PRO LA 360 17.38 30.96 -46.94
CA PRO LA 360 17.24 30.67 -45.52
C PRO LA 360 16.21 31.57 -44.89
N SER LA 361 15.41 31.01 -44.00
CA SER LA 361 14.36 31.77 -43.35
C SER LA 361 14.55 31.86 -41.85
N TYR LA 362 15.69 31.42 -41.33
CA TYR LA 362 15.90 31.36 -39.90
C TYR LA 362 17.10 32.22 -39.55
N ALA LA 363 17.01 32.86 -38.39
CA ALA LA 363 18.03 33.79 -37.95
C ALA LA 363 19.34 33.06 -37.70
N PHE LA 364 20.41 33.53 -38.36
CA PHE LA 364 21.78 33.09 -38.14
C PHE LA 364 21.98 31.62 -38.49
N ILE LA 365 21.23 31.11 -39.46
CA ILE LA 365 21.36 29.72 -39.86
C ILE LA 365 22.25 29.57 -41.09
N ALA LA 366 22.48 30.64 -41.84
CA ALA LA 366 23.39 30.59 -42.97
C ALA LA 366 24.85 30.57 -42.54
N LYS LA 367 25.15 30.93 -41.30
CA LYS LA 367 26.52 30.92 -40.81
C LYS LA 367 26.82 29.74 -39.90
N ASP LA 368 25.81 29.01 -39.44
CA ASP LA 368 26.02 27.77 -38.71
C ASP LA 368 25.94 26.64 -39.73
N TYR LA 369 27.10 26.18 -40.17
CA TYR LA 369 27.23 25.41 -41.40
C TYR LA 369 26.70 23.99 -41.27
N THR LA 370 27.08 23.29 -40.21
CA THR LA 370 26.76 21.87 -40.08
C THR LA 370 25.27 21.66 -39.86
N THR LA 371 24.59 22.63 -39.23
CA THR LA 371 23.14 22.55 -39.12
C THR LA 371 22.47 22.73 -40.48
N GLN LA 372 23.12 23.40 -41.41
CA GLN LA 372 22.54 23.62 -42.72
C GLN LA 372 22.86 22.48 -43.67
N ALA LA 373 24.03 21.85 -43.50
CA ALA LA 373 24.37 20.71 -44.32
C ALA LA 373 23.56 19.47 -43.94
N ALA LA 374 23.10 19.41 -42.70
CA ALA LA 374 22.32 18.26 -42.27
C ALA LA 374 20.86 18.38 -42.67
N LEU LA 375 20.31 19.59 -42.70
CA LEU LA 375 18.90 19.75 -43.02
C LEU LA 375 18.62 19.55 -44.50
N TYR LA 376 19.59 19.81 -45.37
CA TYR LA 376 19.41 19.50 -46.78
C TYR LA 376 19.38 18.00 -47.00
N THR LA 377 20.38 17.29 -46.46
CA THR LA 377 20.52 15.86 -46.68
C THR LA 377 19.43 15.07 -45.96
N HIS LA 378 18.89 15.59 -44.87
CA HIS LA 378 17.80 14.91 -44.18
C HIS LA 378 16.55 14.87 -45.05
N HIS LA 379 16.03 16.05 -45.42
CA HIS LA 379 14.79 16.10 -46.18
C HIS LA 379 14.96 15.64 -47.62
N GLN LA 380 16.20 15.48 -48.11
CA GLN LA 380 16.37 14.79 -49.39
C GLN LA 380 16.16 13.29 -49.26
N TYR LA 381 16.70 12.66 -48.21
CA TYR LA 381 16.49 11.21 -48.07
C TYR LA 381 15.05 10.89 -47.69
N ILE LA 382 14.37 11.78 -46.97
CA ILE LA 382 12.95 11.59 -46.70
C ILE LA 382 12.17 11.65 -48.00
N ALA LA 383 12.53 12.56 -48.89
CA ALA LA 383 11.86 12.65 -50.20
C ALA LA 383 12.14 11.45 -51.09
N ILE LA 384 13.20 10.71 -50.80
CA ILE LA 384 13.52 9.51 -51.57
C ILE LA 384 12.53 8.40 -51.27
N PHE LA 385 12.29 8.11 -49.99
CA PHE LA 385 11.40 7.02 -49.64
C PHE LA 385 9.96 7.35 -49.98
N LEU LA 386 9.58 8.62 -49.88
CA LEU LA 386 8.21 9.01 -50.20
C LEU LA 386 7.92 8.88 -51.69
N MET LA 387 8.95 8.96 -52.53
CA MET LA 387 8.75 8.75 -53.96
C MET LA 387 8.80 7.28 -54.34
N VAL LA 388 9.63 6.49 -53.68
CA VAL LA 388 9.67 5.05 -53.95
C VAL LA 388 8.38 4.39 -53.46
N GLY LA 389 7.87 4.85 -52.31
CA GLY LA 389 6.62 4.32 -51.81
C GLY LA 389 5.41 4.81 -52.56
N ALA LA 390 5.55 5.89 -53.33
CA ALA LA 390 4.47 6.33 -54.20
C ALA LA 390 4.24 5.32 -55.31
N PHE LA 391 5.31 4.86 -55.93
CA PHE LA 391 5.18 3.82 -56.95
C PHE LA 391 4.92 2.47 -56.34
N ALA LA 392 5.38 2.24 -55.11
CA ALA LA 392 5.13 0.96 -54.45
C ALA LA 392 3.67 0.79 -54.12
N HIS LA 393 3.08 1.76 -53.41
CA HIS LA 393 1.66 1.68 -53.11
C HIS LA 393 0.79 1.99 -54.32
N GLY LA 394 1.36 2.56 -55.39
CA GLY LA 394 0.63 2.64 -56.64
C GLY LA 394 0.55 1.30 -57.33
N ALA LA 395 1.56 0.45 -57.15
CA ALA LA 395 1.58 -0.87 -57.75
C ALA LA 395 0.83 -1.91 -56.94
N ILE LA 396 0.59 -1.65 -55.64
CA ILE LA 396 -0.30 -2.51 -54.88
C ILE LA 396 -1.73 -2.28 -55.34
N PHE LA 397 -2.04 -1.05 -55.78
CA PHE LA 397 -3.35 -0.74 -56.35
C PHE LA 397 -3.65 -1.56 -57.59
N LEU LA 398 -2.68 -1.69 -58.49
CA LEU LA 398 -2.94 -2.39 -59.75
C LEU LA 398 -3.10 -3.89 -59.55
N VAL LA 399 -2.45 -4.45 -58.54
CA VAL LA 399 -2.63 -5.88 -58.26
C VAL LA 399 -3.95 -6.13 -57.56
N ARG LA 400 -4.21 -5.39 -56.49
CA ARG LA 400 -5.27 -5.75 -55.55
C ARG LA 400 -6.57 -5.00 -55.81
N ASP LA 401 -6.51 -3.68 -55.91
CA ASP LA 401 -7.71 -2.85 -55.93
C ASP LA 401 -8.24 -2.56 -57.33
N TYR LA 402 -7.41 -2.72 -58.37
CA TYR LA 402 -7.76 -2.26 -59.70
C TYR LA 402 -8.82 -3.13 -60.35
N ASP LA 403 -9.76 -2.48 -61.02
CA ASP LA 403 -10.84 -3.16 -61.72
C ASP LA 403 -10.90 -2.62 -63.13
N PRO LA 404 -10.62 -3.44 -64.14
CA PRO LA 404 -10.56 -2.91 -65.52
C PRO LA 404 -11.93 -2.60 -66.11
N GLU LA 405 -13.01 -3.12 -65.54
CA GLU LA 405 -14.34 -2.85 -66.08
C GLU LA 405 -14.86 -1.49 -65.67
N GLN LA 406 -14.69 -1.13 -64.40
CA GLN LA 406 -15.01 0.22 -63.94
C GLN LA 406 -14.10 1.25 -64.59
N ASN LA 407 -12.85 0.89 -64.84
CA ASN LA 407 -11.85 1.77 -65.45
C ASN LA 407 -11.71 1.49 -66.94
N LYS LA 408 -12.79 1.20 -67.64
CA LYS LA 408 -12.70 0.82 -69.04
C LYS LA 408 -12.76 2.05 -69.94
N GLY LA 409 -11.77 2.18 -70.82
CA GLY LA 409 -11.74 3.23 -71.81
C GLY LA 409 -11.19 4.55 -71.35
N ASN LA 410 -10.88 4.72 -70.07
CA ASN LA 410 -10.47 6.01 -69.55
C ASN LA 410 -8.97 6.21 -69.75
N VAL LA 411 -8.41 7.24 -69.12
CA VAL LA 411 -7.01 7.56 -69.34
C VAL LA 411 -6.09 6.59 -68.62
N LEU LA 412 -6.56 5.98 -67.53
CA LEU LA 412 -5.73 5.02 -66.84
C LEU LA 412 -5.75 3.66 -67.52
N GLU LA 413 -6.77 3.41 -68.34
CA GLU LA 413 -6.74 2.22 -69.18
C GLU LA 413 -5.82 2.41 -70.37
N ARG LA 414 -5.74 3.62 -70.93
CA ARG LA 414 -4.92 3.85 -72.10
C ARG LA 414 -3.44 3.86 -71.80
N VAL LA 415 -3.05 4.03 -70.53
CA VAL LA 415 -1.64 3.87 -70.17
C VAL LA 415 -1.25 2.40 -70.20
N LEU LA 416 -2.14 1.52 -69.74
CA LEU LA 416 -1.85 0.10 -69.73
C LEU LA 416 -1.85 -0.52 -71.13
N GLN LA 417 -2.43 0.15 -72.14
CA GLN LA 417 -2.27 -0.33 -73.50
C GLN LA 417 -0.87 -0.09 -74.02
N HIS LA 418 -0.39 1.15 -73.98
CA HIS LA 418 0.89 1.47 -74.61
C HIS LA 418 2.05 1.40 -73.64
N LYS LA 419 1.97 0.50 -72.66
CA LYS LA 419 2.97 0.39 -71.61
C LYS LA 419 4.31 -0.13 -72.12
N GLU LA 420 4.33 -0.84 -73.24
CA GLU LA 420 5.61 -1.24 -73.81
C GLU LA 420 6.30 -0.09 -74.53
N ALA LA 421 5.57 0.96 -74.87
CA ALA LA 421 6.18 2.16 -75.42
C ALA LA 421 6.70 3.09 -74.34
N ILE LA 422 6.12 3.03 -73.15
CA ILE LA 422 6.63 3.82 -72.03
C ILE LA 422 7.96 3.26 -71.54
N ILE LA 423 8.03 1.94 -71.36
CA ILE LA 423 9.22 1.31 -70.81
C ILE LA 423 10.36 1.33 -71.81
N SER LA 424 10.06 1.28 -73.10
CA SER LA 424 11.10 1.34 -74.12
C SER LA 424 11.79 2.70 -74.16
N HIS LA 425 11.01 3.77 -74.21
CA HIS LA 425 11.60 5.11 -74.22
C HIS LA 425 12.16 5.52 -72.87
N LEU LA 426 11.73 4.89 -71.77
CA LEU LA 426 12.45 5.04 -70.50
C LEU LA 426 13.76 4.28 -70.50
N SER LA 427 13.79 3.11 -71.12
CA SER LA 427 15.03 2.37 -71.28
C SER LA 427 15.99 3.07 -72.23
N TRP LA 428 15.48 3.92 -73.13
CA TRP LA 428 16.36 4.63 -74.04
C TRP LA 428 17.13 5.72 -73.32
N VAL LA 429 16.43 6.58 -72.58
CA VAL LA 429 17.05 7.75 -71.93
C VAL LA 429 18.02 7.32 -70.83
N SER LA 430 17.73 6.21 -70.15
CA SER LA 430 18.65 5.68 -69.16
C SER LA 430 19.95 5.23 -69.81
N LEU LA 431 19.87 4.59 -70.97
CA LEU LA 431 21.06 4.18 -71.71
C LEU LA 431 21.68 5.33 -72.48
N PHE LA 432 20.87 6.27 -72.98
CA PHE LA 432 21.41 7.39 -73.72
C PHE LA 432 22.19 8.34 -72.83
N LEU LA 433 21.76 8.50 -71.58
CA LEU LA 433 22.53 9.32 -70.64
C LEU LA 433 23.74 8.56 -70.13
N GLY LA 434 23.57 7.31 -69.73
CA GLY LA 434 24.64 6.57 -69.09
C GLY LA 434 25.81 6.28 -70.00
N PHE LA 435 25.55 5.99 -71.27
CA PHE LA 435 26.63 5.75 -72.22
C PHE LA 435 27.43 7.01 -72.51
N HIS LA 436 26.84 8.19 -72.33
CA HIS LA 436 27.52 9.42 -72.68
C HIS LA 436 27.88 10.30 -71.49
N THR LA 437 27.36 10.01 -70.29
CA THR LA 437 27.82 10.74 -69.11
C THR LA 437 29.01 10.04 -68.47
N LEU LA 438 28.92 8.71 -68.32
CA LEU LA 438 30.09 7.93 -67.92
C LEU LA 438 31.20 8.03 -68.93
N GLY LA 439 30.85 8.14 -70.21
CA GLY LA 439 31.87 8.30 -71.24
C GLY LA 439 32.67 9.58 -71.10
N LEU LA 440 32.03 10.66 -70.65
CA LEU LA 440 32.76 11.92 -70.53
C LEU LA 440 33.50 12.07 -69.22
N TYR LA 441 33.15 11.31 -68.19
CA TYR LA 441 33.99 11.31 -67.00
C TYR LA 441 35.26 10.51 -67.23
N VAL LA 442 35.12 9.33 -67.85
CA VAL LA 442 36.26 8.46 -68.14
C VAL LA 442 37.16 9.11 -69.19
N HIS LA 443 36.57 9.85 -70.13
CA HIS LA 443 37.36 10.65 -71.05
C HIS LA 443 38.18 11.69 -70.31
N ASN LA 444 37.59 12.36 -69.33
CA ASN LA 444 38.33 13.37 -68.59
C ASN LA 444 39.30 12.73 -67.60
N ASP LA 445 39.03 11.51 -67.17
CA ASP LA 445 39.95 10.82 -66.27
C ASP LA 445 41.23 10.42 -66.99
N VAL LA 446 41.12 9.85 -68.18
CA VAL LA 446 42.29 9.42 -68.95
C VAL LA 446 43.11 10.62 -69.40
N VAL LA 447 42.42 11.69 -69.81
CA VAL LA 447 43.06 12.88 -70.34
C VAL LA 447 43.87 13.61 -69.26
N VAL LA 448 43.34 13.69 -68.04
CA VAL LA 448 44.09 14.30 -66.95
C VAL LA 448 45.23 13.38 -66.52
N ALA LA 449 45.00 12.07 -66.50
CA ALA LA 449 46.02 11.12 -66.08
C ALA LA 449 47.22 11.13 -67.01
N PHE LA 450 47.02 11.40 -68.29
CA PHE LA 450 48.11 11.47 -69.24
C PHE LA 450 48.79 12.83 -69.26
N GLY LA 451 48.54 13.67 -68.26
CA GLY LA 451 49.26 14.91 -68.09
C GLY LA 451 48.89 16.02 -69.03
N THR LA 452 47.87 15.83 -69.87
CA THR LA 452 47.42 16.82 -70.85
C THR LA 452 45.96 17.18 -70.57
N PRO LA 453 45.68 17.90 -69.48
CA PRO LA 453 44.28 18.06 -69.05
C PRO LA 453 43.47 19.02 -69.90
N GLU LA 454 44.08 19.73 -70.85
CA GLU LA 454 43.36 20.62 -71.74
C GLU LA 454 42.49 19.90 -72.76
N LYS LA 455 42.69 18.59 -72.93
CA LYS LA 455 41.89 17.81 -73.86
C LYS LA 455 40.58 17.33 -73.24
N GLN LA 456 40.21 17.86 -72.07
CA GLN LA 456 38.93 17.59 -71.45
C GLN LA 456 37.77 18.11 -72.29
N ILE LA 457 36.64 17.40 -72.21
CA ILE LA 457 35.40 17.80 -72.85
C ILE LA 457 34.57 18.51 -71.79
N LEU LA 458 34.67 19.83 -71.76
CA LEU LA 458 34.01 20.67 -70.77
C LEU LA 458 32.90 21.46 -71.45
N ILE LA 459 31.69 21.34 -70.96
CA ILE LA 459 30.53 22.03 -71.53
C ILE LA 459 30.00 22.99 -70.49
N GLU LA 460 29.92 24.26 -70.84
CA GLU LA 460 29.23 25.22 -70.00
C GLU LA 460 27.74 24.93 -70.00
N PRO LA 461 27.07 25.03 -68.85
CA PRO LA 461 25.62 24.77 -68.82
C PRO LA 461 24.83 25.98 -69.30
N VAL LA 462 24.90 26.26 -70.59
CA VAL LA 462 24.43 27.53 -71.16
C VAL LA 462 22.91 27.66 -71.17
N PHE LA 463 22.18 26.62 -70.79
CA PHE LA 463 20.74 26.71 -70.68
C PHE LA 463 20.30 26.98 -69.25
N ALA LA 464 21.17 26.75 -68.27
CA ALA LA 464 20.95 27.20 -66.90
C ALA LA 464 21.82 28.40 -66.54
N GLN LA 465 22.80 28.75 -67.37
CA GLN LA 465 23.40 30.07 -67.30
C GLN LA 465 22.37 31.15 -67.58
N PHE LA 466 21.47 30.88 -68.51
CA PHE LA 466 20.49 31.86 -68.94
C PHE LA 466 19.47 32.16 -67.87
N ILE LA 467 18.96 31.11 -67.20
CA ILE LA 467 17.91 31.27 -66.20
C ILE LA 467 18.39 32.09 -65.01
N GLN LA 468 19.64 31.88 -64.61
CA GLN LA 468 20.19 32.68 -63.52
C GLN LA 468 20.43 34.11 -63.97
N ALA LA 469 20.67 34.32 -65.26
CA ALA LA 469 20.73 35.68 -65.78
C ALA LA 469 19.36 36.21 -66.19
N ALA LA 470 18.38 35.34 -66.41
CA ALA LA 470 17.00 35.75 -66.56
C ALA LA 470 16.30 35.90 -65.23
N HIS LA 471 17.02 35.79 -64.13
CA HIS LA 471 16.52 36.10 -62.81
C HIS LA 471 17.29 37.23 -62.17
N GLY LA 472 18.36 37.71 -62.80
CA GLY LA 472 18.96 38.95 -62.38
C GLY LA 472 20.41 38.87 -61.93
N LYS LA 473 21.18 37.93 -62.44
CA LYS LA 473 22.59 37.83 -62.11
C LYS LA 473 23.42 38.50 -63.20
N VAL LA 474 24.16 39.54 -62.82
CA VAL LA 474 24.96 40.30 -63.77
C VAL LA 474 26.26 39.55 -64.11
N LEU LA 475 26.61 38.54 -63.32
CA LEU LA 475 27.93 37.94 -63.33
C LEU LA 475 28.27 37.23 -64.65
N TYR LA 476 27.28 36.86 -65.45
CA TYR LA 476 27.57 36.22 -66.71
C TYR LA 476 27.47 37.16 -67.90
N GLY LA 477 26.75 38.26 -67.78
CA GLY LA 477 26.62 39.19 -68.88
C GLY LA 477 25.74 38.72 -70.02
N LEU LA 478 24.63 38.05 -69.71
CA LEU LA 478 23.68 37.70 -70.76
C LEU LA 478 22.78 38.87 -71.11
N ASP LA 479 22.45 39.70 -70.10
CA ASP LA 479 21.71 40.95 -70.23
C ASP LA 479 20.31 40.72 -70.83
N THR LA 480 19.53 39.91 -70.12
CA THR LA 480 18.11 39.70 -70.40
C THR LA 480 17.34 39.79 -69.10
N LEU LA 481 16.04 40.11 -69.21
CA LEU LA 481 14.95 39.63 -68.35
C LEU LA 481 15.26 39.72 -66.85
N LEU LA 482 15.24 40.96 -66.34
CA LEU LA 482 15.51 41.42 -64.97
C LEU LA 482 17.01 41.56 -64.72
N SER LA 483 17.86 41.18 -65.65
CA SER LA 483 19.23 41.69 -65.68
C SER LA 483 19.43 42.71 -66.78
N ASN LA 484 18.48 42.80 -67.71
CA ASN LA 484 18.43 43.90 -68.66
C ASN LA 484 17.57 44.99 -68.05
N PRO LA 485 18.14 46.13 -67.65
CA PRO LA 485 17.32 47.17 -67.02
C PRO LA 485 16.40 47.92 -67.97
N ASP LA 486 16.43 47.61 -69.27
CA ASP LA 486 15.49 48.16 -70.23
C ASP LA 486 14.36 47.20 -70.55
N SER LA 487 14.27 46.08 -69.84
CA SER LA 487 13.33 45.05 -70.19
C SER LA 487 11.92 45.41 -69.76
N VAL LA 488 10.95 44.81 -70.44
CA VAL LA 488 9.56 44.96 -70.03
C VAL LA 488 9.31 44.20 -68.74
N ALA LA 489 9.98 43.06 -68.57
CA ALA LA 489 9.86 42.28 -67.35
C ALA LA 489 10.57 42.95 -66.18
N TYR LA 490 11.62 43.72 -66.47
CA TYR LA 490 12.34 44.40 -65.40
C TYR LA 490 11.52 45.57 -64.86
N THR LA 491 10.81 46.28 -65.74
CA THR LA 491 10.13 47.49 -65.34
C THR LA 491 8.68 47.26 -64.95
N ALA LA 492 8.07 46.18 -65.41
CA ALA LA 492 6.63 45.89 -65.27
C ALA LA 492 5.81 47.05 -65.85
N TYR LA 493 5.91 47.15 -67.18
CA TYR LA 493 5.59 48.36 -67.94
C TYR LA 493 4.25 49.05 -67.68
N PRO LA 494 3.09 48.37 -67.54
CA PRO LA 494 1.87 49.16 -67.30
C PRO LA 494 1.75 49.70 -65.88
N ASN LA 495 2.32 49.02 -64.88
CA ASN LA 495 2.04 49.36 -63.49
C ASN LA 495 3.26 49.67 -62.63
N TYR LA 496 4.45 49.22 -63.00
CA TYR LA 496 5.73 49.53 -62.34
C TYR LA 496 5.77 49.06 -60.89
N ALA LA 497 5.07 47.98 -60.56
CA ALA LA 497 4.86 47.57 -59.18
C ALA LA 497 5.87 46.52 -58.70
N ASN LA 498 7.08 46.51 -59.25
CA ASN LA 498 8.14 45.61 -58.79
C ASN LA 498 8.70 46.13 -57.46
N VAL LA 499 7.97 45.85 -56.39
CA VAL LA 499 8.44 46.25 -55.08
C VAL LA 499 9.53 45.32 -54.60
N TRP LA 500 9.41 44.03 -54.93
CA TRP LA 500 10.36 43.03 -54.48
C TRP LA 500 11.72 43.17 -55.14
N LEU LA 501 11.77 43.74 -56.34
CA LEU LA 501 12.91 43.65 -57.23
C LEU LA 501 14.16 44.41 -56.80
N PRO LA 502 14.12 45.61 -56.19
CA PRO LA 502 15.38 46.16 -55.66
C PRO LA 502 15.98 45.35 -54.53
N GLY LA 503 15.16 44.67 -53.71
CA GLY LA 503 15.71 43.81 -52.69
C GLY LA 503 16.10 42.44 -53.17
N TRP LA 504 15.52 42.00 -54.29
CA TRP LA 504 15.90 40.71 -54.86
C TRP LA 504 17.26 40.79 -55.55
N LEU LA 505 17.49 41.87 -56.30
CA LEU LA 505 18.74 41.98 -57.06
C LEU LA 505 19.93 42.28 -56.18
N ASP LA 506 19.71 42.77 -54.96
CA ASP LA 506 20.82 42.88 -54.01
C ASP LA 506 21.22 41.50 -53.50
N ALA LA 507 20.26 40.61 -53.30
CA ALA LA 507 20.57 39.30 -52.76
C ALA LA 507 21.20 38.39 -53.80
N ILE LA 508 20.71 38.42 -55.04
CA ILE LA 508 21.19 37.47 -56.04
C ILE LA 508 22.56 37.88 -56.59
N ASN LA 509 22.93 39.15 -56.47
CA ASN LA 509 24.19 39.63 -57.02
C ASN LA 509 25.31 39.69 -56.01
N SER LA 510 25.11 39.14 -54.81
CA SER LA 510 26.17 39.05 -53.82
C SER LA 510 26.75 37.65 -53.84
N GLY LA 511 28.05 37.55 -53.58
CA GLY LA 511 28.70 36.26 -53.55
C GLY LA 511 28.84 35.72 -52.15
N THR LA 512 27.97 36.16 -51.25
CA THR LA 512 28.02 35.79 -49.84
C THR LA 512 26.81 34.98 -49.40
N ASN LA 513 26.13 34.32 -50.34
CA ASN LA 513 25.00 33.47 -49.99
C ASN LA 513 24.90 32.33 -50.98
N SER LA 514 23.97 31.42 -50.68
CA SER LA 514 23.73 30.26 -51.53
C SER LA 514 22.61 30.51 -52.54
N LEU LA 515 22.28 31.76 -52.77
CA LEU LA 515 21.18 32.12 -53.66
C LEU LA 515 21.66 32.11 -55.10
N PHE LA 516 21.24 31.08 -55.87
CA PHE LA 516 21.59 30.89 -57.27
C PHE LA 516 23.11 30.89 -57.47
N LEU LA 517 23.71 29.80 -56.96
CA LEU LA 517 25.16 29.64 -56.98
C LEU LA 517 25.73 29.69 -58.38
N THR LA 518 26.97 30.16 -58.47
CA THR LA 518 27.65 30.26 -59.75
C THR LA 518 27.97 28.86 -60.28
N ILE LA 519 27.56 28.58 -61.50
CA ILE LA 519 27.68 27.23 -62.06
C ILE LA 519 28.67 27.24 -63.23
N GLY LA 520 29.31 26.10 -63.43
CA GLY LA 520 30.32 25.95 -64.45
C GLY LA 520 30.27 24.55 -65.05
N PRO LA 521 31.35 24.15 -65.74
CA PRO LA 521 31.32 22.85 -66.44
C PRO LA 521 31.32 21.65 -65.54
N GLY LA 522 31.75 21.80 -64.28
CA GLY LA 522 31.62 20.71 -63.34
C GLY LA 522 30.18 20.45 -62.95
N ASP LA 523 29.33 21.47 -63.04
CA ASP LA 523 27.92 21.32 -62.71
C ASP LA 523 27.10 20.84 -63.87
N PHE LA 524 27.66 20.86 -65.08
CA PHE LA 524 26.98 20.30 -66.24
C PHE LA 524 26.86 18.80 -66.12
N LEU LA 525 27.95 18.14 -65.76
CA LEU LA 525 28.00 16.68 -65.78
C LEU LA 525 27.20 16.06 -64.67
N VAL LA 526 27.09 16.73 -63.53
CA VAL LA 526 26.41 16.13 -62.40
C VAL LA 526 24.90 16.25 -62.50
N HIS LA 527 24.37 17.34 -63.09
CA HIS LA 527 22.93 17.41 -63.33
C HIS LA 527 22.50 16.42 -64.40
N HIS LA 528 23.36 16.11 -65.37
CA HIS LA 528 23.05 15.01 -66.26
C HIS LA 528 23.31 13.65 -65.62
N ALA LA 529 24.09 13.60 -64.53
CA ALA LA 529 24.21 12.37 -63.77
C ALA LA 529 23.02 12.17 -62.85
N ILE LA 530 22.45 13.27 -62.34
CA ILE LA 530 21.19 13.22 -61.61
C ILE LA 530 20.06 12.75 -62.51
N ALA LA 531 20.02 13.27 -63.75
CA ALA LA 531 18.99 12.88 -64.70
C ALA LA 531 19.14 11.43 -65.12
N LEU LA 532 20.35 10.89 -65.04
CA LEU LA 532 20.53 9.45 -65.18
C LEU LA 532 19.86 8.69 -64.05
N GLY LA 533 19.94 9.22 -62.83
CA GLY LA 533 19.38 8.53 -61.69
C GLY LA 533 17.89 8.65 -61.54
N LEU LA 534 17.30 9.73 -62.05
CA LEU LA 534 15.86 9.90 -61.95
C LEU LA 534 15.13 9.09 -63.01
N HIS LA 535 15.63 9.09 -64.25
CA HIS LA 535 14.99 8.30 -65.29
C HIS LA 535 15.24 6.79 -65.12
N THR LA 536 16.24 6.39 -64.36
CA THR LA 536 16.49 4.96 -64.20
C THR LA 536 15.74 4.39 -63.00
N THR LA 537 15.63 5.16 -61.92
CA THR LA 537 14.82 4.74 -60.79
C THR LA 537 13.34 4.70 -61.18
N THR LA 538 12.91 5.66 -62.01
CA THR LA 538 11.55 5.66 -62.53
C THR LA 538 11.32 4.48 -63.45
N LEU LA 539 12.35 4.08 -64.21
CA LEU LA 539 12.25 2.93 -65.10
C LEU LA 539 11.89 1.66 -64.35
N ILE LA 540 12.50 1.45 -63.18
CA ILE LA 540 12.27 0.23 -62.43
C ILE LA 540 10.89 0.26 -61.79
N LEU LA 541 10.49 1.43 -61.30
CA LEU LA 541 9.25 1.57 -60.56
C LEU LA 541 8.03 1.56 -61.46
N VAL LA 542 8.12 2.20 -62.63
CA VAL LA 542 7.00 2.22 -63.56
C VAL LA 542 6.81 0.84 -64.19
N LYS LA 543 7.91 0.19 -64.56
CA LYS LA 543 7.83 -1.14 -65.16
C LYS LA 543 7.32 -2.17 -64.17
N GLY LA 544 7.63 -2.00 -62.89
CA GLY LA 544 7.03 -2.87 -61.90
C GLY LA 544 5.59 -2.53 -61.61
N ALA LA 545 5.20 -1.28 -61.82
CA ALA LA 545 3.81 -0.91 -61.67
C ALA LA 545 2.98 -1.41 -62.85
N LEU LA 546 3.47 -1.24 -64.07
CA LEU LA 546 2.67 -1.58 -65.23
C LEU LA 546 2.61 -3.08 -65.48
N ASP LA 547 3.71 -3.81 -65.26
CA ASP LA 547 3.73 -5.25 -65.40
C ASP LA 547 3.27 -5.98 -64.15
N ALA LA 548 2.61 -5.29 -63.23
CA ALA LA 548 2.18 -5.91 -61.99
C ALA LA 548 1.01 -6.86 -62.18
N ARG LA 549 0.28 -6.75 -63.27
CA ARG LA 549 -0.87 -7.62 -63.51
C ARG LA 549 -0.57 -8.76 -64.46
N GLY LA 550 0.68 -8.98 -64.82
CA GLY LA 550 1.04 -10.10 -65.66
C GLY LA 550 1.69 -9.65 -66.95
N SER LA 551 2.40 -10.58 -67.58
CA SER LA 551 3.11 -10.33 -68.83
C SER LA 551 3.38 -11.66 -69.51
N LYS LA 552 4.32 -11.66 -70.45
CA LYS LA 552 4.60 -12.82 -71.29
C LYS LA 552 5.25 -13.96 -70.52
N LEU LA 553 6.30 -13.67 -69.74
CA LEU LA 553 6.97 -14.71 -68.97
C LEU LA 553 6.07 -15.27 -67.88
N MET LA 554 5.22 -14.45 -67.32
CA MET LA 554 4.28 -14.93 -66.33
C MET LA 554 2.99 -14.13 -66.41
N PRO LA 555 1.95 -14.67 -67.03
CA PRO LA 555 0.62 -14.08 -66.86
C PRO LA 555 0.10 -14.29 -65.45
N ASP LA 556 -1.12 -13.80 -65.22
CA ASP LA 556 -1.91 -13.78 -63.99
C ASP LA 556 -1.09 -13.62 -62.71
N LYS LA 557 -0.18 -12.64 -62.69
CA LYS LA 557 0.58 -12.31 -61.49
C LYS LA 557 -0.29 -11.67 -60.42
N LYS LA 558 -1.51 -11.26 -60.79
CA LYS LA 558 -2.46 -10.73 -59.81
C LYS LA 558 -3.02 -11.84 -58.91
N ASP LA 559 -2.94 -13.10 -59.34
CA ASP LA 559 -3.46 -14.20 -58.53
C ASP LA 559 -2.52 -14.56 -57.40
N PHE LA 560 -1.28 -14.06 -57.44
CA PHE LA 560 -0.25 -14.39 -56.46
C PHE LA 560 0.02 -13.25 -55.49
N GLY LA 561 -0.73 -12.18 -55.56
CA GLY LA 561 -0.54 -11.08 -54.65
C GLY LA 561 0.62 -10.20 -55.07
N TYR LA 562 1.08 -9.39 -54.11
CA TYR LA 562 2.10 -8.41 -54.40
C TYR LA 562 3.51 -8.92 -54.12
N ALA LA 563 3.72 -9.65 -53.04
CA ALA LA 563 5.04 -10.14 -52.66
C ALA LA 563 5.03 -11.67 -52.65
N PHE LA 564 5.57 -12.27 -53.70
CA PHE LA 564 5.81 -13.69 -53.78
C PHE LA 564 7.20 -13.88 -54.37
N PRO LA 565 7.92 -14.97 -54.00
CA PRO LA 565 9.33 -15.07 -54.39
C PRO LA 565 9.58 -15.20 -55.88
N CYS LA 566 9.01 -16.24 -56.47
CA CYS LA 566 9.29 -16.61 -57.85
C CYS LA 566 8.17 -17.53 -58.32
N ASP LA 567 8.37 -18.14 -59.47
CA ASP LA 567 7.48 -19.17 -60.00
C ASP LA 567 8.27 -20.44 -60.31
N GLY LA 568 9.45 -20.58 -59.73
CA GLY LA 568 10.22 -21.79 -59.86
C GLY LA 568 11.38 -21.61 -60.80
N PRO LA 569 12.13 -22.69 -61.04
CA PRO LA 569 13.20 -22.64 -62.05
C PRO LA 569 12.69 -22.86 -63.47
N GLY LA 570 11.39 -23.09 -63.65
CA GLY LA 570 10.87 -23.31 -64.96
C GLY LA 570 10.86 -22.05 -65.81
N ARG LA 571 10.74 -22.28 -67.12
CA ARG LA 571 10.76 -21.23 -68.15
C ARG LA 571 12.04 -20.39 -68.08
N GLY LA 572 13.15 -21.05 -67.74
CA GLY LA 572 14.39 -20.36 -67.52
C GLY LA 572 14.57 -19.80 -66.13
N GLY LA 573 13.56 -19.89 -65.28
CA GLY LA 573 13.64 -19.33 -63.94
C GLY LA 573 12.98 -17.97 -63.86
N THR LA 574 12.47 -17.65 -62.67
CA THR LA 574 11.71 -16.42 -62.48
C THR LA 574 12.13 -15.72 -61.20
N CYS LA 575 13.43 -15.67 -60.94
CA CYS LA 575 13.93 -15.02 -59.72
C CYS LA 575 13.70 -13.52 -59.80
N ASP LA 576 13.11 -12.94 -58.73
CA ASP LA 576 12.76 -11.52 -58.63
C ASP LA 576 11.80 -11.09 -59.75
N ILE LA 577 10.68 -11.80 -59.86
CA ILE LA 577 9.71 -11.50 -60.91
C ILE LA 577 8.55 -10.63 -60.41
N SER LA 578 8.27 -10.64 -59.11
CA SER LA 578 7.04 -10.05 -58.60
C SER LA 578 7.11 -8.52 -58.64
N ALA LA 579 5.94 -7.90 -58.48
CA ALA LA 579 5.88 -6.44 -58.43
C ALA LA 579 6.54 -5.89 -57.18
N TRP LA 580 6.63 -6.68 -56.11
CA TRP LA 580 7.40 -6.28 -54.94
C TRP LA 580 8.88 -6.22 -55.26
N ASP LA 581 9.34 -7.08 -56.16
CA ASP LA 581 10.76 -7.16 -56.46
C ASP LA 581 11.24 -5.97 -57.29
N SER LA 582 10.32 -5.21 -57.87
CA SER LA 582 10.70 -4.02 -58.60
C SER LA 582 10.63 -2.78 -57.72
N PHE LA 583 9.87 -2.83 -56.62
CA PHE LA 583 10.17 -1.96 -55.49
C PHE LA 583 11.58 -2.18 -55.01
N TYR LA 584 11.99 -3.45 -54.93
CA TYR LA 584 13.20 -3.82 -54.23
C TYR LA 584 14.44 -3.35 -54.95
N LEU LA 585 14.48 -3.48 -56.28
CA LEU LA 585 15.67 -3.10 -57.03
C LEU LA 585 15.84 -1.60 -57.07
N SER LA 586 14.73 -0.86 -56.96
CA SER LA 586 14.76 0.59 -57.14
C SER LA 586 15.34 1.31 -55.94
N LEU LA 587 15.27 0.73 -54.74
CA LEU LA 587 15.78 1.43 -53.58
C LEU LA 587 17.30 1.38 -53.49
N PHE LA 588 17.95 0.54 -54.32
CA PHE LA 588 19.39 0.69 -54.50
C PHE LA 588 19.70 1.92 -55.33
N TRP LA 589 18.89 2.17 -56.36
CA TRP LA 589 19.08 3.34 -57.21
C TRP LA 589 18.69 4.62 -56.50
N ALA LA 590 17.62 4.56 -55.73
CA ALA LA 590 17.13 5.76 -55.06
C ALA LA 590 18.09 6.22 -53.98
N LEU LA 591 18.72 5.28 -53.27
CA LEU LA 591 19.80 5.63 -52.35
C LEU LA 591 21.04 6.07 -53.10
N ASN LA 592 21.26 5.54 -54.29
CA ASN LA 592 22.40 5.95 -55.11
C ASN LA 592 22.25 7.38 -55.59
N THR LA 593 21.11 7.68 -56.22
CA THR LA 593 20.89 8.97 -56.84
C THR LA 593 20.93 10.10 -55.82
N VAL LA 594 20.40 9.85 -54.63
CA VAL LA 594 20.48 10.86 -53.60
C VAL LA 594 21.87 10.91 -52.99
N GLY LA 595 22.69 9.88 -53.22
CA GLY LA 595 24.10 10.04 -52.92
C GLY LA 595 24.74 11.07 -53.83
N TRP LA 596 24.47 10.95 -55.13
CA TRP LA 596 25.00 11.88 -56.12
C TRP LA 596 24.51 13.30 -55.89
N VAL LA 597 23.24 13.48 -55.52
CA VAL LA 597 22.74 14.83 -55.29
C VAL LA 597 23.22 15.40 -53.98
N THR LA 598 23.74 14.58 -53.06
CA THR LA 598 24.25 15.08 -51.80
C THR LA 598 25.75 14.97 -51.66
N PHE LA 599 26.43 14.19 -52.50
CA PHE LA 599 27.86 14.40 -52.63
C PHE LA 599 28.14 15.71 -53.36
N TYR LA 600 27.35 16.00 -54.38
CA TYR LA 600 27.52 17.23 -55.15
C TYR LA 600 27.08 18.47 -54.39
N TRP LA 601 26.03 18.34 -53.56
CA TRP LA 601 25.63 19.47 -52.72
C TRP LA 601 26.73 19.79 -51.73
N HIS LA 602 27.32 18.76 -51.13
CA HIS LA 602 28.21 18.95 -50.00
C HIS LA 602 29.55 19.50 -50.44
N TRP LA 603 30.04 19.10 -51.60
CA TRP LA 603 31.37 19.50 -52.02
C TRP LA 603 31.38 20.84 -52.73
N LYS LA 604 30.25 21.29 -53.27
CA LYS LA 604 30.20 22.64 -53.81
C LYS LA 604 30.18 23.66 -52.69
N HIS LA 605 29.58 23.29 -51.54
CA HIS LA 605 29.51 24.21 -50.42
C HIS LA 605 30.75 24.17 -49.55
N LEU LA 606 31.54 23.09 -49.59
CA LEU LA 606 32.82 23.11 -48.91
C LEU LA 606 33.82 24.03 -49.59
N GLY LA 607 33.59 24.42 -50.85
CA GLY LA 607 34.39 25.46 -51.44
C GLY LA 607 33.90 26.85 -51.13
N ILE LA 608 32.59 27.01 -50.94
CA ILE LA 608 32.03 28.32 -50.59
C ILE LA 608 32.32 28.65 -49.14
N TRP LA 609 32.22 27.65 -48.26
CA TRP LA 609 32.41 27.88 -46.84
C TRP LA 609 33.88 28.07 -46.47
N GLN LA 610 34.80 27.60 -47.30
CA GLN LA 610 36.22 27.75 -47.05
C GLN LA 610 36.88 28.81 -47.92
N GLY LA 611 36.14 29.39 -48.87
CA GLY LA 611 36.71 30.38 -49.75
C GLY LA 611 37.49 29.84 -50.93
N ASN LA 612 37.42 28.54 -51.18
CA ASN LA 612 38.18 27.92 -52.27
C ASN LA 612 37.20 27.39 -53.30
N VAL LA 613 36.73 28.27 -54.17
CA VAL LA 613 35.84 27.81 -55.24
C VAL LA 613 36.61 27.14 -56.35
N ALA LA 614 37.91 27.39 -56.48
CA ALA LA 614 38.71 26.84 -57.56
C ALA LA 614 38.97 25.35 -57.40
N GLN LA 615 38.82 24.80 -56.19
CA GLN LA 615 39.05 23.38 -56.00
C GLN LA 615 37.94 22.55 -56.62
N PHE LA 616 36.71 23.02 -56.50
CA PHE LA 616 35.60 22.28 -57.08
C PHE LA 616 35.56 22.43 -58.59
N ASN LA 617 35.79 23.65 -59.10
CA ASN LA 617 35.56 23.88 -60.52
C ASN LA 617 36.64 23.22 -61.39
N GLU LA 618 37.83 23.02 -60.84
CA GLU LA 618 38.84 22.29 -61.59
C GLU LA 618 38.62 20.79 -61.50
N ASN LA 619 38.32 20.28 -60.32
CA ASN LA 619 38.45 18.86 -60.02
C ASN LA 619 37.16 18.07 -60.11
N SER LA 620 36.02 18.72 -60.31
CA SER LA 620 34.75 17.99 -60.39
C SER LA 620 34.36 17.64 -61.79
N THR LA 621 35.29 17.68 -62.73
CA THR LA 621 35.00 17.26 -64.09
C THR LA 621 35.44 15.83 -64.35
N TYR LA 622 36.39 15.34 -63.57
CA TYR LA 622 36.91 13.99 -63.67
C TYR LA 622 36.77 13.28 -62.32
N LEU LA 623 36.58 11.97 -62.36
CA LEU LA 623 36.13 11.24 -61.18
C LEU LA 623 37.23 10.93 -60.17
N MET LA 624 38.48 11.29 -60.43
CA MET LA 624 39.46 11.21 -59.36
C MET LA 624 39.34 12.38 -58.41
N GLY LA 625 39.00 13.56 -58.92
CA GLY LA 625 38.86 14.73 -58.06
C GLY LA 625 37.69 14.62 -57.10
N TRP LA 626 36.65 13.90 -57.48
CA TRP LA 626 35.63 13.51 -56.52
C TRP LA 626 36.18 12.55 -55.48
N PHE LA 627 36.94 11.56 -55.94
CA PHE LA 627 37.44 10.51 -55.08
C PHE LA 627 38.56 11.02 -54.17
N ARG LA 628 39.43 11.88 -54.69
CA ARG LA 628 40.57 12.36 -53.92
C ARG LA 628 40.20 13.58 -53.07
N ASP LA 629 39.75 14.65 -53.72
CA ASP LA 629 39.61 15.92 -53.02
C ASP LA 629 38.35 16.00 -52.17
N TYR LA 630 37.45 15.03 -52.24
CA TYR LA 630 36.27 15.03 -51.40
C TYR LA 630 36.20 13.84 -50.47
N LEU LA 631 36.30 12.61 -51.00
CA LEU LA 631 36.20 11.43 -50.13
C LEU LA 631 37.48 11.21 -49.34
N TRP LA 632 38.63 11.32 -49.99
CA TRP LA 632 39.88 11.03 -49.31
C TRP LA 632 40.30 12.17 -48.40
N ALA LA 633 40.15 13.41 -48.85
CA ALA LA 633 40.77 14.52 -48.13
C ALA LA 633 39.94 14.96 -46.92
N ASN LA 634 38.63 14.80 -46.98
CA ASN LA 634 37.77 15.25 -45.90
C ASN LA 634 37.65 14.27 -44.76
N SER LA 635 37.95 13.00 -44.98
CA SER LA 635 37.83 11.99 -43.94
C SER LA 635 39.10 11.86 -43.10
N ALA LA 636 39.91 12.90 -43.01
CA ALA LA 636 41.07 12.89 -42.14
C ALA LA 636 40.74 13.37 -40.74
N GLN LA 637 39.85 14.36 -40.61
CA GLN LA 637 39.38 14.76 -39.30
C GLN LA 637 38.51 13.69 -38.66
N LEU LA 638 37.76 12.96 -39.48
CA LEU LA 638 36.81 11.98 -39.00
C LEU LA 638 37.52 10.76 -38.41
N ILE LA 639 38.36 10.11 -39.21
CA ILE LA 639 38.99 8.85 -38.85
C ILE LA 639 39.97 9.00 -37.68
N ASN LA 640 40.53 10.19 -37.47
CA ASN LA 640 41.32 10.48 -36.28
C ASN LA 640 40.47 10.88 -35.08
N GLY LA 641 39.20 10.48 -35.05
CA GLY LA 641 38.38 10.70 -33.87
C GLY LA 641 38.89 9.93 -32.66
N TYR LA 642 39.44 8.74 -32.88
CA TYR LA 642 40.15 8.05 -31.82
C TYR LA 642 41.33 7.29 -32.44
N ASN LA 643 42.49 7.48 -31.87
CA ASN LA 643 43.75 6.94 -32.33
C ASN LA 643 44.52 6.53 -31.08
N PRO LA 644 45.70 5.88 -31.15
CA PRO LA 644 46.42 5.55 -29.92
C PRO LA 644 46.97 6.73 -29.14
N TYR LA 645 46.72 7.97 -29.54
CA TYR LA 645 47.15 9.14 -28.79
C TYR LA 645 46.06 9.70 -27.90
N GLY LA 646 44.80 9.50 -28.25
CA GLY LA 646 43.71 9.99 -27.42
C GLY LA 646 42.41 10.01 -28.20
N VAL LA 647 41.44 10.77 -27.68
CA VAL LA 647 40.15 10.95 -28.31
C VAL LA 647 39.84 12.44 -28.39
N ASN LA 648 38.73 12.75 -29.04
CA ASN LA 648 38.17 14.09 -29.06
C ASN LA 648 36.66 13.96 -29.18
N ASN LA 649 35.97 15.05 -29.51
CA ASN LA 649 34.52 15.03 -29.55
C ASN LA 649 33.96 14.40 -30.81
N LEU LA 650 34.80 14.00 -31.76
CA LEU LA 650 34.36 13.36 -32.98
C LEU LA 650 34.40 11.84 -32.90
N SER LA 651 34.65 11.29 -31.72
CA SER LA 651 34.87 9.85 -31.62
C SER LA 651 33.59 9.04 -31.72
N VAL LA 652 32.43 9.65 -31.52
CA VAL LA 652 31.18 8.95 -31.83
C VAL LA 652 31.01 8.83 -33.32
N TRP LA 653 31.29 9.93 -34.04
CA TRP LA 653 31.13 9.92 -35.48
C TRP LA 653 32.20 9.08 -36.14
N ALA LA 654 33.38 8.98 -35.52
CA ALA LA 654 34.38 8.03 -35.99
C ALA LA 654 33.97 6.59 -35.70
N TRP LA 655 33.18 6.38 -34.65
CA TRP LA 655 32.73 5.04 -34.35
C TRP LA 655 31.50 4.67 -35.16
N MET LA 656 30.63 5.65 -35.41
CA MET LA 656 29.42 5.41 -36.20
C MET LA 656 29.77 5.25 -37.67
N PHE LA 657 30.87 5.86 -38.12
CA PHE LA 657 31.33 5.69 -39.49
C PHE LA 657 31.76 4.26 -39.76
N LEU LA 658 32.49 3.67 -38.81
CA LEU LA 658 32.83 2.26 -38.91
C LEU LA 658 31.62 1.37 -38.71
N PHE LA 659 30.72 1.78 -37.81
CA PHE LA 659 29.49 1.05 -37.60
C PHE LA 659 28.64 1.01 -38.87
N GLY LA 660 28.64 2.09 -39.64
CA GLY LA 660 27.86 2.10 -40.86
C GLY LA 660 28.45 1.24 -41.95
N HIS LA 661 29.78 1.20 -42.06
CA HIS LA 661 30.45 0.28 -42.97
C HIS LA 661 30.18 -1.19 -42.65
N LEU LA 662 29.86 -1.52 -41.40
CA LEU LA 662 29.61 -2.90 -40.99
C LEU LA 662 28.16 -3.33 -41.20
N VAL LA 663 27.18 -2.45 -40.95
CA VAL LA 663 25.80 -2.79 -41.21
C VAL LA 663 25.57 -2.90 -42.71
N TRP LA 664 26.25 -2.05 -43.48
CA TRP LA 664 26.16 -2.08 -44.93
C TRP LA 664 26.69 -3.41 -45.49
N ALA LA 665 27.86 -3.83 -45.03
CA ALA LA 665 28.46 -5.06 -45.49
C ALA LA 665 27.74 -6.31 -44.99
N THR LA 666 27.01 -6.21 -43.88
CA THR LA 666 26.28 -7.36 -43.37
C THR LA 666 25.12 -7.68 -44.28
N GLY LA 667 24.52 -6.66 -44.90
CA GLY LA 667 23.38 -6.86 -45.76
C GLY LA 667 23.71 -7.52 -47.08
N PHE LA 668 24.98 -7.65 -47.42
CA PHE LA 668 25.33 -8.41 -48.61
C PHE LA 668 25.10 -9.90 -48.38
N MET LA 669 25.20 -10.37 -47.13
CA MET LA 669 25.09 -11.78 -46.83
C MET LA 669 23.70 -12.30 -47.12
N PHE LA 670 22.70 -11.45 -46.96
CA PHE LA 670 21.32 -11.86 -47.23
C PHE LA 670 20.98 -11.78 -48.70
N LEU LA 671 21.86 -11.24 -49.54
CA LEU LA 671 21.53 -10.97 -50.93
C LEU LA 671 22.36 -11.82 -51.90
N ILE LA 672 23.67 -11.94 -51.68
CA ILE LA 672 24.46 -12.88 -52.46
C ILE LA 672 24.05 -14.32 -52.14
N SER LA 673 24.12 -14.69 -50.87
CA SER LA 673 23.71 -16.02 -50.47
C SER LA 673 22.21 -16.06 -50.29
N TRP LA 674 21.58 -17.09 -50.82
CA TRP LA 674 20.14 -17.22 -50.73
C TRP LA 674 19.78 -18.40 -49.84
N ARG LA 675 18.50 -18.75 -49.80
CA ARG LA 675 17.94 -19.48 -48.66
C ARG LA 675 18.46 -20.91 -48.57
N GLY LA 676 18.51 -21.64 -49.67
CA GLY LA 676 18.68 -23.08 -49.62
C GLY LA 676 20.04 -23.55 -49.14
N TYR LA 677 21.04 -22.66 -49.16
CA TYR LA 677 22.28 -22.94 -48.44
C TYR LA 677 22.03 -23.03 -46.95
N TRP LA 678 21.15 -22.19 -46.42
CA TRP LA 678 21.01 -22.00 -44.99
C TRP LA 678 20.04 -22.96 -44.35
N GLN LA 679 19.06 -23.46 -45.10
CA GLN LA 679 18.19 -24.49 -44.53
C GLN LA 679 18.93 -25.81 -44.39
N GLU LA 680 19.88 -26.09 -45.28
CA GLU LA 680 20.73 -27.25 -45.13
C GLU LA 680 21.83 -27.08 -44.09
N LEU LA 681 22.02 -25.86 -43.57
CA LEU LA 681 22.95 -25.65 -42.47
C LEU LA 681 22.26 -25.75 -41.13
N ILE LA 682 21.03 -25.24 -41.03
CA ILE LA 682 20.27 -25.30 -39.79
C ILE LA 682 19.86 -26.74 -39.48
N GLU LA 683 19.64 -27.57 -40.49
CA GLU LA 683 19.33 -28.97 -40.26
C GLU LA 683 20.49 -29.78 -39.70
N THR LA 684 21.70 -29.25 -39.69
CA THR LA 684 22.79 -29.87 -38.95
C THR LA 684 22.88 -29.37 -37.52
N LEU LA 685 22.37 -28.18 -37.25
CA LEU LA 685 22.31 -27.67 -35.88
C LEU LA 685 21.13 -28.25 -35.13
N VAL LA 686 20.04 -28.56 -35.82
CA VAL LA 686 18.93 -29.28 -35.22
C VAL LA 686 19.38 -30.69 -34.83
N TRP LA 687 20.25 -31.29 -35.64
CA TRP LA 687 20.79 -32.60 -35.32
C TRP LA 687 21.67 -32.53 -34.08
N ALA LA 688 22.67 -31.65 -34.06
CA ALA LA 688 23.63 -31.60 -32.97
C ALA LA 688 23.12 -30.88 -31.74
N HIS LA 689 21.82 -30.63 -31.63
CA HIS LA 689 21.23 -30.21 -30.38
C HIS LA 689 20.42 -31.31 -29.71
N GLU LA 690 19.87 -32.22 -30.51
CA GLU LA 690 19.17 -33.39 -29.99
C GLU LA 690 20.12 -34.51 -29.59
N ARG LA 691 21.41 -34.37 -29.86
CA ARG LA 691 22.39 -35.38 -29.54
C ARG LA 691 23.30 -34.99 -28.38
N THR LA 692 23.48 -33.70 -28.15
CA THR LA 692 24.26 -33.20 -27.03
C THR LA 692 23.55 -33.58 -25.73
N PRO LA 693 24.23 -34.23 -24.78
CA PRO LA 693 23.49 -34.91 -23.71
C PRO LA 693 22.92 -34.00 -22.64
N ILE LA 694 23.59 -32.92 -22.26
CA ILE LA 694 23.01 -32.05 -21.23
C ILE LA 694 22.10 -31.01 -21.85
N ALA LA 695 22.47 -30.49 -23.02
CA ALA LA 695 21.73 -29.39 -23.62
C ALA LA 695 20.47 -29.82 -24.33
N ASN LA 696 20.13 -31.12 -24.38
CA ASN LA 696 18.84 -31.48 -24.94
C ASN LA 696 17.77 -31.65 -23.88
N LEU LA 697 18.02 -31.18 -22.66
CA LEU LA 697 16.94 -31.01 -21.70
C LEU LA 697 15.96 -29.97 -22.18
N VAL LA 698 16.46 -28.91 -22.81
CA VAL LA 698 15.63 -27.87 -23.35
C VAL LA 698 15.46 -28.11 -24.84
N ARG LA 699 14.37 -27.58 -25.38
CA ARG LA 699 14.04 -27.79 -26.78
C ARG LA 699 13.11 -26.67 -27.20
N TRP LA 700 13.18 -26.32 -28.48
CA TRP LA 700 12.38 -25.26 -29.06
C TRP LA 700 10.89 -25.57 -29.00
N LYS LA 701 10.08 -24.53 -28.99
CA LYS LA 701 8.66 -24.66 -29.29
C LYS LA 701 8.40 -24.48 -30.78
N ASP LA 702 9.07 -23.52 -31.41
CA ASP LA 702 8.98 -23.30 -32.84
C ASP LA 702 10.19 -23.92 -33.54
N LYS LA 703 9.93 -24.73 -34.57
CA LYS LA 703 10.98 -25.40 -35.30
C LYS LA 703 11.84 -24.39 -36.05
N PRO LA 704 13.15 -24.42 -35.90
CA PRO LA 704 14.00 -23.42 -36.57
C PRO LA 704 14.08 -23.68 -38.06
N VAL LA 705 13.67 -22.70 -38.86
CA VAL LA 705 13.82 -22.74 -40.30
C VAL LA 705 14.56 -21.48 -40.73
N ALA LA 706 15.14 -21.55 -41.92
CA ALA LA 706 15.85 -20.39 -42.44
C ALA LA 706 14.86 -19.32 -42.90
N LEU LA 707 15.37 -18.11 -43.07
CA LEU LA 707 14.54 -16.97 -43.46
C LEU LA 707 14.01 -17.18 -44.87
N SER LA 708 12.77 -16.77 -45.11
CA SER LA 708 12.18 -17.03 -46.41
C SER LA 708 12.77 -16.10 -47.47
N ILE LA 709 12.39 -16.36 -48.72
CA ILE LA 709 13.03 -15.71 -49.85
C ILE LA 709 12.68 -14.23 -49.88
N VAL LA 710 11.42 -13.89 -49.66
CA VAL LA 710 11.01 -12.50 -49.64
C VAL LA 710 11.49 -11.84 -48.35
N GLN LA 711 11.68 -12.62 -47.29
CA GLN LA 711 12.02 -12.03 -46.00
C GLN LA 711 13.46 -11.52 -45.98
N ALA LA 712 14.41 -12.31 -46.47
CA ALA LA 712 15.78 -11.80 -46.40
C ALA LA 712 16.14 -10.90 -47.56
N ARG LA 713 15.20 -10.57 -48.42
CA ARG LA 713 15.34 -9.40 -49.28
C ARG LA 713 14.87 -8.15 -48.56
N VAL LA 714 13.94 -8.28 -47.61
CA VAL LA 714 13.63 -7.19 -46.71
C VAL LA 714 14.78 -6.96 -45.74
N VAL LA 715 15.23 -8.04 -45.09
CA VAL LA 715 16.29 -7.96 -44.08
C VAL LA 715 17.61 -7.58 -44.74
N GLY LA 716 17.83 -8.01 -45.97
CA GLY LA 716 19.01 -7.59 -46.70
C GLY LA 716 18.98 -6.13 -47.09
N LEU LA 717 17.83 -5.63 -47.48
CA LEU LA 717 17.70 -4.23 -47.80
C LEU LA 717 17.68 -3.35 -46.56
N ALA LA 718 17.30 -3.92 -45.40
CA ALA LA 718 17.29 -3.15 -44.17
C ALA LA 718 18.70 -2.89 -43.67
N HIS LA 719 19.57 -3.91 -43.66
CA HIS LA 719 20.96 -3.68 -43.28
C HIS LA 719 21.68 -2.80 -44.31
N PHE LA 720 21.28 -2.89 -45.58
CA PHE LA 720 21.90 -2.07 -46.62
C PHE LA 720 21.56 -0.60 -46.44
N THR LA 721 20.28 -0.31 -46.16
CA THR LA 721 19.81 1.07 -46.13
C THR LA 721 20.23 1.78 -44.85
N VAL LA 722 20.16 1.08 -43.71
CA VAL LA 722 20.61 1.64 -42.43
C VAL LA 722 22.11 1.93 -42.47
N GLY LA 723 22.89 1.04 -43.06
CA GLY LA 723 24.32 1.29 -43.17
C GLY LA 723 24.67 2.35 -44.18
N TYR LA 724 23.83 2.54 -45.21
CA TYR LA 724 24.06 3.61 -46.18
C TYR LA 724 23.80 4.96 -45.54
N VAL LA 725 22.78 5.04 -44.68
CA VAL LA 725 22.43 6.30 -44.03
C VAL LA 725 23.48 6.68 -42.98
N LEU LA 726 23.79 5.75 -42.08
CA LEU LA 726 24.67 6.04 -40.95
C LEU LA 726 26.11 6.30 -41.37
N THR LA 727 26.54 5.78 -42.52
CA THR LA 727 27.90 6.03 -42.95
C THR LA 727 28.06 7.46 -43.43
N TYR LA 728 27.15 7.91 -44.28
CA TYR LA 728 27.23 9.26 -44.81
C TYR LA 728 26.88 10.30 -43.77
N ALA LA 729 25.92 9.99 -42.89
CA ALA LA 729 25.55 10.92 -41.84
C ALA LA 729 26.64 11.09 -40.80
N ALA LA 730 27.57 10.15 -40.69
CA ALA LA 730 28.72 10.36 -39.84
C ALA LA 730 29.82 11.10 -40.58
N PHE LA 731 29.86 10.97 -41.91
CA PHE LA 731 30.82 11.72 -42.71
C PHE LA 731 30.35 13.14 -42.99
N LEU LA 732 29.05 13.35 -43.16
CA LEU LA 732 28.53 14.68 -43.43
C LEU LA 732 28.72 15.60 -42.24
N ILE LA 733 28.46 15.09 -41.04
CA ILE LA 733 28.55 15.93 -39.85
C ILE LA 733 29.99 16.24 -39.51
N ALA LA 734 30.82 15.22 -39.32
CA ALA LA 734 32.14 15.44 -38.73
C ALA LA 734 33.14 16.04 -39.71
N SER LA 735 32.95 15.87 -41.02
CA SER LA 735 33.80 16.60 -41.96
C SER LA 735 33.42 18.07 -42.05
N THR LA 736 32.20 18.42 -41.67
CA THR LA 736 31.78 19.81 -41.63
C THR LA 736 31.94 20.40 -40.24
N ALA LA 737 31.57 19.65 -39.21
CA ALA LA 737 31.71 20.13 -37.83
C ALA LA 737 33.13 20.00 -37.31
N GLY LA 738 34.04 19.42 -38.07
CA GLY LA 738 35.44 19.47 -37.72
C GLY LA 738 36.21 20.53 -38.44
N LYS LA 739 35.59 21.24 -39.37
CA LYS LA 739 36.28 22.26 -40.14
C LYS LA 739 35.63 23.63 -39.97
N PHE LA 740 34.31 23.62 -39.84
CA PHE LA 740 33.45 24.82 -39.77
C PHE LA 740 33.63 25.72 -41.00
N SER MA 2 -1.84 -26.22 -46.47
CA SER MA 2 -0.92 -26.65 -47.52
C SER MA 2 -1.02 -25.73 -48.73
N HIS MA 3 -0.46 -26.18 -49.85
CA HIS MA 3 -0.49 -25.40 -51.07
C HIS MA 3 -1.76 -25.75 -51.85
N THR MA 4 -1.88 -25.18 -53.05
CA THR MA 4 -3.09 -25.34 -53.85
C THR MA 4 -2.69 -25.66 -55.28
N VAL MA 5 -3.15 -26.80 -55.78
CA VAL MA 5 -2.79 -27.26 -57.11
C VAL MA 5 -4.03 -27.21 -57.98
N LYS MA 6 -4.07 -26.22 -58.88
CA LYS MA 6 -5.17 -26.06 -59.83
C LYS MA 6 -4.77 -26.66 -61.16
N ILE MA 7 -5.63 -27.50 -61.73
CA ILE MA 7 -5.38 -28.11 -63.03
C ILE MA 7 -6.50 -27.67 -63.96
N TYR MA 8 -6.12 -26.96 -65.02
CA TYR MA 8 -7.08 -26.43 -65.97
C TYR MA 8 -7.39 -27.50 -67.01
N ASP MA 9 -8.29 -27.17 -67.94
CA ASP MA 9 -8.80 -28.16 -68.87
C ASP MA 9 -8.02 -28.18 -70.18
N THR MA 10 -6.82 -27.61 -70.21
CA THR MA 10 -6.09 -27.50 -71.45
C THR MA 10 -5.06 -28.60 -71.64
N CYS MA 11 -4.81 -29.45 -70.64
CA CYS MA 11 -3.74 -30.41 -70.80
C CYS MA 11 -4.20 -31.58 -71.65
N ILE MA 12 -3.22 -32.35 -72.09
CA ILE MA 12 -3.40 -33.37 -73.11
C ILE MA 12 -3.21 -34.76 -72.56
N GLY MA 13 -3.07 -34.90 -71.25
CA GLY MA 13 -2.78 -36.21 -70.68
C GLY MA 13 -1.37 -36.68 -70.97
N CYS MA 14 -0.39 -35.77 -70.85
CA CYS MA 14 0.98 -36.11 -71.21
C CYS MA 14 1.64 -37.01 -70.19
N THR MA 15 1.12 -37.02 -68.95
CA THR MA 15 1.66 -37.76 -67.80
C THR MA 15 3.11 -37.41 -67.49
N GLN MA 16 3.51 -36.17 -67.79
CA GLN MA 16 4.82 -35.68 -67.42
C GLN MA 16 4.80 -35.00 -66.06
N CYS MA 17 3.64 -34.50 -65.66
CA CYS MA 17 3.54 -33.84 -64.36
C CYS MA 17 3.34 -34.86 -63.24
N VAL MA 18 2.68 -35.97 -63.53
CA VAL MA 18 2.51 -37.01 -62.52
C VAL MA 18 3.85 -37.71 -62.26
N ARG MA 19 4.65 -37.89 -63.29
CA ARG MA 19 5.96 -38.50 -63.19
C ARG MA 19 7.04 -37.53 -62.76
N ALA MA 20 6.68 -36.39 -62.19
CA ALA MA 20 7.66 -35.43 -61.72
C ALA MA 20 7.40 -34.89 -60.33
N CYS MA 21 6.17 -34.96 -59.82
CA CYS MA 21 5.90 -34.50 -58.46
C CYS MA 21 6.48 -35.50 -57.49
N PRO MA 22 7.46 -35.11 -56.66
CA PRO MA 22 8.18 -36.11 -55.86
C PRO MA 22 7.44 -36.57 -54.62
N THR MA 23 6.37 -35.90 -54.19
CA THR MA 23 5.59 -36.44 -53.10
C THR MA 23 4.34 -37.16 -53.57
N ASP MA 24 4.20 -37.35 -54.89
CA ASP MA 24 3.12 -38.10 -55.54
C ASP MA 24 1.75 -37.51 -55.17
N VAL MA 25 1.60 -36.23 -55.45
CA VAL MA 25 0.32 -35.56 -55.26
C VAL MA 25 -0.60 -35.85 -56.43
N LEU MA 26 -0.03 -35.98 -57.62
CA LEU MA 26 -0.81 -35.99 -58.85
C LEU MA 26 -1.13 -37.42 -59.27
N GLU MA 27 -2.28 -37.57 -59.93
CA GLU MA 27 -2.63 -38.84 -60.54
C GLU MA 27 -3.56 -38.58 -61.72
N MET MA 28 -3.60 -39.54 -62.63
CA MET MA 28 -4.41 -39.43 -63.84
C MET MA 28 -5.78 -40.05 -63.63
N VAL MA 29 -6.82 -39.31 -63.99
CA VAL MA 29 -8.17 -39.84 -63.99
C VAL MA 29 -8.68 -39.83 -65.43
N PRO MA 30 -9.55 -40.75 -65.81
CA PRO MA 30 -10.07 -40.74 -67.19
C PRO MA 30 -11.02 -39.59 -67.42
N TRP MA 31 -10.94 -39.01 -68.62
CA TRP MA 31 -11.70 -37.80 -68.95
C TRP MA 31 -11.81 -37.73 -70.45
N ASP MA 32 -13.04 -37.74 -70.97
CA ASP MA 32 -13.30 -37.92 -72.39
C ASP MA 32 -12.93 -36.71 -73.25
N GLY MA 33 -12.34 -35.66 -72.68
CA GLY MA 33 -11.99 -34.50 -73.46
C GLY MA 33 -10.84 -34.69 -74.43
N CYS MA 34 -9.62 -34.87 -73.91
CA CYS MA 34 -8.44 -34.74 -74.74
C CYS MA 34 -8.21 -35.98 -75.60
N LYS MA 35 -7.13 -35.95 -76.38
CA LYS MA 35 -6.83 -37.04 -77.30
C LYS MA 35 -6.38 -38.29 -76.55
N ALA MA 36 -5.58 -38.12 -75.50
CA ALA MA 36 -5.15 -39.24 -74.68
C ALA MA 36 -6.20 -39.65 -73.65
N ALA MA 37 -7.32 -38.91 -73.58
CA ALA MA 37 -8.52 -39.28 -72.82
C ALA MA 37 -8.26 -39.40 -71.32
N GLN MA 38 -7.41 -38.53 -70.80
CA GLN MA 38 -7.15 -38.49 -69.36
C GLN MA 38 -6.63 -37.11 -68.99
N VAL MA 39 -7.00 -36.67 -67.79
CA VAL MA 39 -6.58 -35.38 -67.27
C VAL MA 39 -5.85 -35.62 -65.96
N ALA MA 40 -4.89 -34.76 -65.66
CA ALA MA 40 -4.22 -34.84 -64.38
C ALA MA 40 -5.15 -34.36 -63.27
N SER MA 41 -5.03 -34.99 -62.10
CA SER MA 41 -5.81 -34.58 -60.94
C SER MA 41 -4.92 -34.62 -59.71
N SER MA 42 -5.22 -33.76 -58.75
CA SER MA 42 -4.41 -33.59 -57.54
C SER MA 42 -5.26 -33.86 -56.30
N PRO MA 43 -5.47 -35.12 -55.95
CA PRO MA 43 -6.33 -35.42 -54.79
C PRO MA 43 -5.61 -35.39 -53.46
N ARG MA 44 -4.30 -35.17 -53.44
CA ARG MA 44 -3.49 -35.27 -52.23
C ARG MA 44 -2.65 -34.02 -52.04
N THR MA 45 -3.29 -32.85 -52.13
CA THR MA 45 -2.55 -31.60 -52.07
C THR MA 45 -2.08 -31.23 -50.66
N GLU MA 46 -2.41 -32.03 -49.64
CA GLU MA 46 -1.81 -31.81 -48.33
C GLU MA 46 -0.37 -32.31 -48.27
N ASP MA 47 0.05 -33.09 -49.28
CA ASP MA 47 1.42 -33.57 -49.37
C ASP MA 47 2.30 -32.70 -50.26
N CYS MA 48 1.74 -31.69 -50.92
CA CYS MA 48 2.52 -30.94 -51.89
C CYS MA 48 3.47 -29.99 -51.18
N VAL MA 49 4.71 -29.98 -51.64
CA VAL MA 49 5.78 -29.23 -51.01
C VAL MA 49 6.12 -27.97 -51.78
N GLY MA 50 5.31 -27.61 -52.77
CA GLY MA 50 5.56 -26.38 -53.51
C GLY MA 50 6.75 -26.44 -54.44
N CYS MA 51 7.15 -27.64 -54.85
CA CYS MA 51 8.39 -27.84 -55.60
C CYS MA 51 8.36 -27.19 -56.97
N LYS MA 52 7.17 -27.13 -57.58
CA LYS MA 52 6.94 -26.65 -58.95
C LYS MA 52 7.76 -27.43 -59.98
N ARG MA 53 8.05 -28.70 -59.68
CA ARG MA 53 8.50 -29.61 -60.72
C ARG MA 53 7.37 -29.95 -61.67
N CYS MA 54 6.14 -29.90 -61.17
CA CYS MA 54 4.97 -30.22 -61.99
C CYS MA 54 4.65 -29.12 -62.99
N GLU MA 55 4.98 -27.87 -62.65
CA GLU MA 55 4.81 -26.79 -63.62
C GLU MA 55 5.93 -26.76 -64.65
N THR MA 56 7.11 -27.25 -64.28
CA THR MA 56 8.24 -27.26 -65.20
C THR MA 56 8.05 -28.30 -66.30
N ALA MA 57 7.41 -29.41 -65.99
CA ALA MA 57 7.32 -30.54 -66.92
C ALA MA 57 6.10 -30.48 -67.82
N CYS MA 58 5.18 -29.56 -67.60
CA CYS MA 58 3.96 -29.52 -68.40
C CYS MA 58 4.25 -28.88 -69.75
N PRO MA 59 3.81 -29.48 -70.86
CA PRO MA 59 4.11 -28.89 -72.17
C PRO MA 59 3.30 -27.66 -72.49
N THR MA 60 2.02 -27.65 -72.17
CA THR MA 60 1.06 -26.75 -72.80
C THR MA 60 1.31 -25.30 -72.43
N ASP MA 61 1.11 -24.42 -73.40
CA ASP MA 61 1.27 -22.98 -73.24
C ASP MA 61 -0.10 -22.33 -73.28
N PHE MA 62 -0.52 -21.70 -72.17
CA PHE MA 62 0.25 -21.58 -70.94
C PHE MA 62 -0.09 -22.80 -70.09
N LEU MA 63 0.47 -22.88 -68.88
CA LEU MA 63 0.49 -24.11 -68.10
C LEU MA 63 -0.92 -24.52 -67.67
N SER MA 64 -1.22 -25.80 -67.85
CA SER MA 64 -2.49 -26.33 -67.41
C SER MA 64 -2.50 -26.56 -65.91
N ILE MA 65 -1.34 -26.78 -65.32
CA ILE MA 65 -1.21 -27.02 -63.90
C ILE MA 65 -0.58 -25.79 -63.28
N ARG MA 66 -1.02 -25.44 -62.07
CA ARG MA 66 -0.45 -24.29 -61.39
C ARG MA 66 -0.46 -24.56 -59.89
N VAL MA 67 0.63 -24.21 -59.24
CA VAL MA 67 0.76 -24.37 -57.79
C VAL MA 67 0.69 -22.99 -57.16
N TYR MA 68 -0.34 -22.79 -56.33
CA TYR MA 68 -0.48 -21.56 -55.57
C TYR MA 68 0.07 -21.79 -54.18
N LEU MA 69 1.08 -21.03 -53.81
CA LEU MA 69 1.76 -21.22 -52.53
C LEU MA 69 0.91 -20.68 -51.40
N GLY MA 70 0.49 -21.55 -50.49
CA GLY MA 70 -0.37 -21.16 -49.40
C GLY MA 70 0.25 -21.28 -48.02
N ALA MA 71 -0.56 -21.61 -47.02
CA ALA MA 71 -0.07 -21.73 -45.65
C ALA MA 71 0.80 -22.97 -45.50
N GLU MA 72 1.92 -22.82 -44.81
CA GLU MA 72 3.00 -23.80 -44.83
C GLU MA 72 3.00 -24.58 -43.52
N THR MA 73 2.53 -25.82 -43.56
CA THR MA 73 2.55 -26.71 -42.42
C THR MA 73 3.86 -27.49 -42.39
N THR MA 74 3.93 -28.54 -41.57
CA THR MA 74 5.18 -29.28 -41.43
C THR MA 74 5.46 -30.13 -42.66
N ARG MA 75 4.41 -30.69 -43.28
CA ARG MA 75 4.63 -31.53 -44.44
C ARG MA 75 5.04 -30.72 -45.66
N SER MA 76 4.65 -29.45 -45.73
CA SER MA 76 5.00 -28.63 -46.89
C SER MA 76 6.28 -27.83 -46.69
N MET MA 77 6.78 -27.72 -45.46
CA MET MA 77 8.09 -27.11 -45.25
C MET MA 77 9.23 -28.05 -45.57
N GLY MA 78 8.98 -29.35 -45.64
CA GLY MA 78 10.05 -30.30 -45.90
C GLY MA 78 10.98 -30.45 -44.72
N LEU MA 79 10.42 -30.59 -43.53
CA LEU MA 79 11.20 -30.72 -42.31
C LEU MA 79 11.22 -32.16 -41.86
N ALA MA 80 12.42 -32.70 -41.69
CA ALA MA 80 12.57 -34.04 -41.13
C ALA MA 80 12.50 -34.05 -39.62
N TYR MA 81 12.28 -32.91 -38.99
CA TYR MA 81 12.33 -32.78 -37.54
C TYR MA 81 11.10 -32.11 -36.96
N THR NA 4 0.51 -55.72 -40.09
CA THR NA 4 1.85 -55.24 -39.76
C THR NA 4 2.64 -55.00 -41.04
N LEU NA 5 3.96 -54.94 -40.91
CA LEU NA 5 4.84 -54.62 -42.01
C LEU NA 5 5.76 -55.77 -42.39
N SER NA 6 6.55 -56.26 -41.43
CA SER NA 6 7.30 -57.53 -41.51
C SER NA 6 8.29 -57.56 -42.68
N GLY NA 7 9.29 -56.68 -42.61
CA GLY NA 7 10.31 -56.63 -43.63
C GLY NA 7 11.70 -56.68 -43.02
N LYS NA 8 12.65 -57.08 -43.85
CA LYS NA 8 14.04 -57.11 -43.45
C LYS NA 8 14.65 -55.72 -43.54
N THR NA 9 15.70 -55.51 -42.76
CA THR NA 9 16.38 -54.22 -42.69
C THR NA 9 17.69 -54.28 -43.43
N PRO NA 10 17.99 -53.32 -44.32
CA PRO NA 10 19.20 -53.40 -45.14
C PRO NA 10 20.48 -53.26 -44.34
N LEU NA 11 21.59 -53.62 -44.98
CA LEU NA 11 22.89 -53.72 -44.31
C LEU NA 11 23.61 -52.39 -44.42
N PHE NA 12 23.60 -51.63 -43.33
CA PHE NA 12 24.47 -50.46 -43.22
C PHE NA 12 24.74 -50.23 -41.74
N ALA NA 13 25.85 -49.56 -41.46
CA ALA NA 13 26.36 -49.42 -40.11
C ALA NA 13 25.68 -48.31 -39.32
N GLY NA 14 24.57 -47.79 -39.78
CA GLY NA 14 23.91 -46.70 -39.08
C GLY NA 14 24.35 -45.38 -39.68
N SER NA 15 23.46 -44.40 -39.66
CA SER NA 15 23.77 -43.07 -40.14
C SER NA 15 23.44 -42.05 -39.07
N THR NA 16 23.91 -40.84 -39.28
CA THR NA 16 23.43 -39.72 -38.49
C THR NA 16 22.19 -39.08 -39.09
N GLY NA 17 21.84 -39.44 -40.32
CA GLY NA 17 20.59 -38.98 -40.90
C GLY NA 17 19.41 -39.65 -40.22
N GLY NA 18 19.24 -40.94 -40.50
CA GLY NA 18 18.27 -41.84 -39.90
C GLY NA 18 16.87 -41.32 -39.62
N LEU NA 19 16.42 -41.51 -38.40
CA LEU NA 19 15.16 -40.97 -37.91
C LEU NA 19 15.42 -40.02 -36.76
N LEU NA 20 14.45 -39.12 -36.53
CA LEU NA 20 14.60 -38.07 -35.53
C LEU NA 20 13.42 -38.08 -34.57
N THR NA 21 13.28 -37.01 -33.79
CA THR NA 21 12.25 -36.90 -32.76
C THR NA 21 10.84 -36.89 -33.35
N LYS NA 22 10.68 -36.45 -34.62
CA LYS NA 22 9.39 -36.50 -35.30
C LYS NA 22 8.84 -37.93 -35.38
N ALA NA 23 9.72 -38.92 -35.53
CA ALA NA 23 9.31 -40.32 -35.57
C ALA NA 23 8.67 -40.79 -34.27
N VAL NA 24 8.98 -40.12 -33.17
CA VAL NA 24 8.26 -40.35 -31.92
C VAL NA 24 7.01 -39.48 -31.83
N GLU NA 25 7.04 -38.27 -32.39
CA GLU NA 25 6.03 -37.26 -32.07
C GLU NA 25 4.93 -37.12 -33.12
N GLU NA 26 5.27 -36.80 -34.38
CA GLU NA 26 4.25 -36.38 -35.32
C GLU NA 26 3.84 -37.51 -36.28
N GLU NA 27 4.78 -38.05 -37.05
CA GLU NA 27 4.54 -39.24 -37.88
C GLU NA 27 5.88 -39.85 -38.27
N LYS NA 28 5.81 -40.89 -39.10
CA LYS NA 28 6.95 -41.67 -39.57
C LYS NA 28 6.49 -42.54 -40.72
N TYR NA 29 7.30 -42.60 -41.78
CA TYR NA 29 6.95 -43.38 -42.96
C TYR NA 29 7.82 -44.64 -43.02
N ALA NA 30 7.42 -45.56 -43.91
CA ALA NA 30 8.12 -46.83 -44.06
C ALA NA 30 7.81 -47.41 -45.43
N ILE NA 31 8.86 -47.81 -46.15
CA ILE NA 31 8.75 -48.31 -47.51
C ILE NA 31 9.18 -49.78 -47.55
N THR NA 32 8.34 -50.63 -48.17
CA THR NA 32 8.63 -52.05 -48.30
C THR NA 32 8.78 -52.41 -49.76
N TRP NA 33 9.80 -53.21 -50.08
CA TRP NA 33 9.96 -53.71 -51.43
C TRP NA 33 10.52 -55.12 -51.38
N THR NA 34 10.08 -55.96 -52.32
CA THR NA 34 10.55 -57.34 -52.42
C THR NA 34 11.58 -57.40 -53.55
N SER NA 35 12.84 -57.63 -53.18
CA SER NA 35 14.03 -57.59 -54.01
C SER NA 35 14.32 -58.96 -54.61
N PRO NA 36 14.80 -58.99 -55.86
CA PRO NA 36 15.18 -60.28 -56.45
C PRO NA 36 16.44 -60.86 -55.84
N LYS NA 37 17.39 -60.02 -55.43
CA LYS NA 37 18.67 -60.48 -54.92
C LYS NA 37 19.21 -59.43 -53.96
N ALA NA 38 20.40 -59.72 -53.43
CA ALA NA 38 21.10 -58.79 -52.55
C ALA NA 38 22.12 -58.00 -53.35
N GLN NA 39 22.06 -56.67 -53.23
CA GLN NA 39 22.97 -55.79 -53.94
C GLN NA 39 23.06 -54.46 -53.20
N VAL NA 40 23.89 -53.58 -53.72
CA VAL NA 40 24.18 -52.30 -53.06
C VAL NA 40 23.30 -51.23 -53.68
N PHE NA 41 22.59 -50.50 -52.83
CA PHE NA 41 21.81 -49.33 -53.25
C PHE NA 41 22.22 -48.15 -52.37
N GLU NA 42 21.52 -47.04 -52.50
CA GLU NA 42 21.82 -45.85 -51.72
C GLU NA 42 20.68 -45.51 -50.78
N LEU NA 43 21.03 -45.04 -49.62
CA LEU NA 43 20.03 -44.54 -48.71
C LEU NA 43 19.77 -43.06 -48.98
N PRO NA 44 18.51 -42.63 -48.93
CA PRO NA 44 18.23 -41.19 -49.02
C PRO NA 44 18.62 -40.45 -47.75
N THR NA 45 18.76 -41.17 -46.63
CA THR NA 45 19.35 -40.59 -45.44
C THR NA 45 20.83 -40.26 -45.64
N GLY NA 46 21.52 -40.99 -46.51
CA GLY NA 46 22.91 -40.76 -46.86
C GLY NA 46 23.71 -42.05 -46.78
N GLY NA 47 24.55 -42.26 -47.80
CA GLY NA 47 25.45 -43.40 -47.82
C GLY NA 47 24.94 -44.56 -48.65
N ALA NA 48 25.71 -45.64 -48.61
CA ALA NA 48 25.37 -46.88 -49.31
C ALA NA 48 24.86 -47.92 -48.33
N ALA NA 49 24.09 -48.87 -48.84
CA ALA NA 49 23.56 -49.95 -48.02
C ALA NA 49 23.55 -51.24 -48.81
N THR NA 50 22.88 -52.27 -48.31
CA THR NA 50 22.79 -53.54 -49.02
C THR NA 50 21.43 -54.15 -48.74
N MET NA 51 20.61 -54.28 -49.77
CA MET NA 51 19.30 -54.90 -49.64
C MET NA 51 19.45 -56.42 -49.47
N HIS NA 52 18.41 -57.03 -48.94
CA HIS NA 52 18.34 -58.47 -48.77
C HIS NA 52 17.71 -59.10 -50.01
N GLU NA 53 17.38 -60.38 -49.91
CA GLU NA 53 16.56 -61.06 -50.90
C GLU NA 53 15.16 -61.24 -50.33
N GLY NA 54 14.15 -60.89 -51.11
CA GLY NA 54 12.80 -60.95 -50.61
C GLY NA 54 12.36 -59.62 -50.04
N GLU NA 55 11.43 -59.65 -49.09
CA GLU NA 55 10.82 -58.42 -48.60
C GLU NA 55 11.78 -57.64 -47.72
N ASN NA 56 11.90 -56.35 -48.02
CA ASN NA 56 12.74 -55.41 -47.30
C ASN NA 56 11.87 -54.39 -46.57
N LEU NA 57 12.52 -53.52 -45.81
CA LEU NA 57 11.84 -52.49 -45.03
C LEU NA 57 12.83 -51.42 -44.63
N LEU NA 58 12.45 -50.16 -44.82
CA LEU NA 58 13.29 -49.03 -44.47
C LEU NA 58 12.40 -47.97 -43.84
N TYR NA 59 12.58 -47.71 -42.54
CA TYR NA 59 11.84 -46.65 -41.88
C TYR NA 59 12.48 -45.32 -42.25
N ILE NA 60 11.73 -44.48 -42.95
CA ILE NA 60 12.21 -43.22 -43.47
C ILE NA 60 11.55 -42.08 -42.71
N ALA NA 61 12.09 -40.87 -42.89
CA ALA NA 61 11.59 -39.72 -42.15
C ALA NA 61 10.38 -39.08 -42.81
N ARG NA 62 10.41 -38.88 -44.13
CA ARG NA 62 9.34 -38.20 -44.85
C ARG NA 62 8.91 -39.03 -46.04
N LYS NA 63 7.76 -38.65 -46.63
CA LYS NA 63 7.26 -39.33 -47.82
C LYS NA 63 8.12 -39.03 -49.04
N GLU NA 64 8.73 -37.84 -49.06
CA GLU NA 64 9.65 -37.44 -50.11
C GLU NA 64 10.82 -38.40 -50.27
N TYR NA 65 11.28 -39.02 -49.17
CA TYR NA 65 12.40 -39.94 -49.25
C TYR NA 65 12.04 -41.23 -49.97
N GLY NA 66 10.84 -41.77 -49.72
CA GLY NA 66 10.49 -43.06 -50.28
C GLY NA 66 10.19 -43.05 -51.75
N ILE NA 67 9.75 -41.91 -52.26
CA ILE NA 67 9.50 -41.78 -53.69
C ILE NA 67 10.76 -41.35 -54.43
N ALA NA 68 11.66 -40.64 -53.74
CA ALA NA 68 13.00 -40.45 -54.29
C ALA NA 68 13.80 -41.74 -54.27
N LEU NA 69 13.54 -42.61 -53.29
CA LEU NA 69 14.19 -43.91 -53.30
C LEU NA 69 13.58 -44.84 -54.33
N GLY NA 70 12.26 -44.76 -54.52
CA GLY NA 70 11.59 -45.64 -55.45
C GLY NA 70 11.98 -45.38 -56.90
N GLY NA 71 12.38 -44.16 -57.22
CA GLY NA 71 12.96 -43.90 -58.51
C GLY NA 71 14.35 -44.48 -58.65
N GLN NA 72 15.08 -44.57 -57.54
CA GLN NA 72 16.39 -45.21 -57.57
C GLN NA 72 16.26 -46.73 -57.65
N LEU NA 73 15.19 -47.29 -57.09
CA LEU NA 73 14.89 -48.70 -57.22
C LEU NA 73 14.31 -49.07 -58.58
N ARG NA 74 13.86 -48.10 -59.37
CA ARG NA 74 13.28 -48.43 -60.66
C ARG NA 74 14.35 -48.88 -61.64
N LYS NA 75 15.58 -48.40 -61.48
CA LYS NA 75 16.68 -48.87 -62.31
C LYS NA 75 17.32 -50.15 -61.79
N PHE NA 76 16.67 -50.81 -60.83
CA PHE NA 76 17.04 -52.15 -60.39
C PHE NA 76 16.01 -53.18 -60.77
N LYS NA 77 15.03 -52.80 -61.60
CA LYS NA 77 13.83 -53.58 -61.90
C LYS NA 77 13.11 -53.95 -60.60
N ILE NA 78 12.73 -52.91 -59.87
CA ILE NA 78 11.96 -53.03 -58.63
C ILE NA 78 10.89 -51.96 -58.71
N THR NA 79 9.67 -52.36 -59.07
CA THR NA 79 8.53 -51.46 -59.12
C THR NA 79 7.42 -51.93 -58.18
N ASN NA 80 7.81 -52.35 -56.98
CA ASN NA 80 6.86 -52.93 -56.04
C ASN NA 80 6.83 -52.19 -54.72
N TYR NA 81 7.37 -50.99 -54.67
CA TYR NA 81 7.59 -50.32 -53.39
C TYR NA 81 6.31 -49.66 -52.89
N LYS NA 82 6.03 -49.85 -51.61
CA LYS NA 82 4.80 -49.39 -50.98
C LYS NA 82 5.14 -48.64 -49.70
N ILE NA 83 4.79 -47.36 -49.66
CA ILE NA 83 5.08 -46.51 -48.50
C ILE NA 83 3.86 -46.51 -47.58
N TYR NA 84 4.08 -46.71 -46.29
CA TYR NA 84 3.05 -46.58 -45.28
C TYR NA 84 3.27 -45.30 -44.50
N ARG NA 85 2.24 -44.89 -43.75
CA ARG NA 85 2.33 -43.74 -42.85
C ARG NA 85 2.06 -44.24 -41.45
N ILE NA 86 3.10 -44.34 -40.63
CA ILE NA 86 3.00 -44.94 -39.30
C ILE NA 86 2.91 -43.82 -38.29
N LEU NA 87 1.70 -43.60 -37.78
CA LEU NA 87 1.45 -42.60 -36.77
C LEU NA 87 1.92 -43.10 -35.41
N PRO NA 88 2.27 -42.18 -34.50
CA PRO NA 88 2.73 -42.60 -33.16
C PRO NA 88 1.67 -43.25 -32.30
N SER NA 89 0.39 -43.18 -32.68
CA SER NA 89 -0.64 -43.97 -32.02
C SER NA 89 -0.73 -45.39 -32.57
N GLY NA 90 0.17 -45.77 -33.47
CA GLY NA 90 0.14 -47.08 -34.08
C GLY NA 90 -0.68 -47.17 -35.34
N GLU NA 91 -1.22 -46.06 -35.83
CA GLU NA 91 -2.10 -46.08 -36.99
C GLU NA 91 -1.25 -46.10 -38.25
N THR NA 92 -1.23 -47.25 -38.92
CA THR NA 92 -0.50 -47.43 -40.17
C THR NA 92 -1.46 -47.15 -41.33
N THR NA 93 -1.07 -46.21 -42.19
CA THR NA 93 -1.91 -45.81 -43.32
C THR NA 93 -1.18 -46.12 -44.62
N PHE NA 94 -1.79 -46.97 -45.43
CA PHE NA 94 -1.30 -47.24 -46.79
C PHE NA 94 -1.55 -46.02 -47.65
N ILE NA 95 -0.47 -45.42 -48.17
CA ILE NA 95 -0.60 -44.21 -48.98
C ILE NA 95 -0.05 -44.35 -50.39
N HIS NA 96 0.90 -45.23 -50.65
CA HIS NA 96 1.45 -45.40 -51.99
C HIS NA 96 1.38 -46.87 -52.34
N PRO NA 97 0.69 -47.26 -53.42
CA PRO NA 97 -0.13 -46.44 -54.32
C PRO NA 97 -1.50 -46.08 -53.77
N ALA NA 98 -2.39 -45.62 -54.65
CA ALA NA 98 -3.74 -45.25 -54.21
C ALA NA 98 -4.64 -46.46 -54.07
N ASP NA 99 -4.48 -47.45 -54.94
CA ASP NA 99 -5.27 -48.67 -54.88
C ASP NA 99 -4.79 -49.59 -53.75
N VAL OA 2 -8.40 -25.39 -89.47
CA VAL OA 2 -8.66 -25.04 -90.86
C VAL OA 2 -8.18 -26.19 -91.75
N GLN OA 3 -6.90 -26.19 -92.09
CA GLN OA 3 -6.31 -27.23 -92.93
C GLN OA 3 -4.80 -27.22 -92.72
N ARG OA 4 -4.17 -28.34 -93.07
CA ARG OA 4 -2.76 -28.55 -92.75
C ARG OA 4 -1.88 -27.67 -93.63
N GLY OA 5 -1.49 -26.51 -93.10
CA GLY OA 5 -0.68 -25.57 -93.83
C GLY OA 5 -1.23 -24.16 -93.85
N SER OA 6 -2.31 -23.88 -93.12
CA SER OA 6 -2.94 -22.56 -93.15
C SER OA 6 -2.35 -21.68 -92.06
N LYS OA 7 -1.84 -20.52 -92.46
CA LYS OA 7 -1.32 -19.54 -91.50
C LYS OA 7 -2.50 -18.96 -90.71
N VAL OA 8 -2.40 -19.01 -89.39
CA VAL OA 8 -3.43 -18.44 -88.52
C VAL OA 8 -2.78 -17.45 -87.57
N ARG OA 9 -3.62 -16.78 -86.79
CA ARG OA 9 -3.18 -15.86 -85.76
C ARG OA 9 -3.81 -16.28 -84.43
N ILE OA 10 -3.27 -15.76 -83.34
CA ILE OA 10 -3.65 -16.17 -82.00
C ILE OA 10 -4.24 -14.98 -81.27
N LEU OA 11 -5.37 -15.21 -80.59
CA LEU OA 11 -6.00 -14.18 -79.80
C LEU OA 11 -6.07 -14.52 -78.31
N ARG OA 12 -5.47 -15.63 -77.89
CA ARG OA 12 -5.45 -16.00 -76.47
C ARG OA 12 -4.44 -15.13 -75.75
N PRO OA 13 -4.86 -14.31 -74.77
CA PRO OA 13 -3.93 -13.33 -74.19
C PRO OA 13 -2.85 -13.95 -73.33
N GLU OA 14 -3.18 -15.03 -72.62
CA GLU OA 14 -2.19 -15.69 -71.77
C GLU OA 14 -1.17 -16.48 -72.56
N SER OA 15 -1.42 -16.72 -73.84
CA SER OA 15 -0.47 -17.47 -74.66
C SER OA 15 0.75 -16.64 -74.97
N TYR OA 16 1.85 -17.32 -75.28
CA TYR OA 16 3.08 -16.61 -75.63
C TYR OA 16 3.01 -16.01 -77.03
N TRP OA 17 2.43 -16.73 -77.97
CA TRP OA 17 2.41 -16.24 -79.35
C TRP OA 17 1.15 -15.43 -79.62
N PHE OA 18 0.83 -14.48 -78.75
CA PHE OA 18 -0.35 -13.65 -78.91
C PHE OA 18 -0.12 -12.66 -80.03
N GLN OA 19 -1.08 -12.58 -80.96
CA GLN OA 19 -1.00 -11.74 -82.17
C GLN OA 19 0.24 -12.07 -83.00
N ASP OA 20 0.50 -13.37 -83.18
CA ASP OA 20 1.61 -13.84 -84.01
C ASP OA 20 1.08 -14.85 -85.01
N VAL OA 21 1.86 -15.11 -86.04
CA VAL OA 21 1.45 -15.94 -87.17
C VAL OA 21 1.94 -17.36 -86.93
N GLY OA 22 1.00 -18.31 -86.95
CA GLY OA 22 1.31 -19.70 -86.80
C GLY OA 22 1.14 -20.47 -88.09
N THR OA 23 1.08 -21.80 -87.96
CA THR OA 23 0.88 -22.69 -89.09
C THR OA 23 0.19 -23.93 -88.56
N VAL OA 24 -1.01 -24.20 -89.06
CA VAL OA 24 -1.81 -25.32 -88.55
C VAL OA 24 -1.19 -26.62 -89.01
N ALA OA 25 -0.87 -27.50 -88.07
CA ALA OA 25 -0.26 -28.78 -88.40
C ALA OA 25 -1.28 -29.90 -88.53
N SER OA 26 -2.29 -29.91 -87.67
CA SER OA 26 -3.37 -30.90 -87.73
C SER OA 26 -4.55 -30.39 -86.94
N VAL OA 27 -5.75 -30.71 -87.43
CA VAL OA 27 -7.00 -30.38 -86.74
C VAL OA 27 -7.70 -31.67 -86.40
N ASP OA 28 -8.09 -31.82 -85.14
CA ASP OA 28 -8.76 -33.04 -84.69
C ASP OA 28 -10.26 -32.91 -84.97
N GLN OA 29 -11.03 -33.89 -84.49
CA GLN OA 29 -12.42 -34.04 -84.90
C GLN OA 29 -13.40 -33.89 -83.75
N SER OA 30 -13.22 -34.62 -82.66
CA SER OA 30 -14.16 -34.56 -81.54
C SER OA 30 -13.36 -34.70 -80.25
N GLY OA 31 -13.16 -33.58 -79.56
CA GLY OA 31 -12.31 -33.57 -78.38
C GLY OA 31 -10.84 -33.49 -78.74
N ILE OA 32 -10.04 -32.65 -78.09
CA ILE OA 32 -10.36 -31.73 -77.00
C ILE OA 32 -11.13 -30.53 -77.54
N LYS OA 33 -11.71 -29.73 -76.63
CA LYS OA 33 -12.27 -28.42 -76.96
C LYS OA 33 -11.30 -27.49 -77.68
N TYR OA 34 -9.99 -27.76 -77.61
CA TYR OA 34 -8.96 -27.00 -78.31
C TYR OA 34 -8.28 -27.89 -79.35
N PRO OA 35 -8.96 -28.28 -80.43
CA PRO OA 35 -8.48 -29.40 -81.24
C PRO OA 35 -7.50 -29.03 -82.34
N VAL OA 36 -6.92 -27.83 -82.34
CA VAL OA 36 -6.12 -27.36 -83.47
C VAL OA 36 -4.66 -27.28 -83.05
N ILE OA 37 -3.82 -28.12 -83.65
CA ILE OA 37 -2.39 -28.09 -83.41
C ILE OA 37 -1.76 -27.07 -84.35
N VAL OA 38 -1.06 -26.08 -83.78
CA VAL OA 38 -0.47 -25.00 -84.56
C VAL OA 38 1.03 -25.04 -84.35
N ARG OA 39 1.78 -25.38 -85.39
CA ARG OA 39 3.23 -25.44 -85.30
C ARG OA 39 3.80 -24.06 -85.54
N PHE OA 40 4.20 -23.39 -84.47
CA PHE OA 40 4.76 -22.05 -84.60
C PHE OA 40 6.20 -22.13 -85.09
N ASP OA 41 6.75 -20.97 -85.41
CA ASP OA 41 8.09 -20.90 -85.97
C ASP OA 41 9.12 -20.37 -84.98
N LYS OA 42 8.69 -19.61 -83.98
CA LYS OA 42 9.56 -19.14 -82.90
C LYS OA 42 9.13 -19.80 -81.59
N VAL OA 43 10.11 -19.99 -80.70
CA VAL OA 43 9.89 -20.78 -79.49
C VAL OA 43 9.59 -19.87 -78.31
N ASN OA 44 8.86 -20.41 -77.35
CA ASN OA 44 8.58 -19.70 -76.11
C ASN OA 44 9.72 -19.88 -75.12
N TYR OA 45 9.47 -19.51 -73.86
CA TYR OA 45 10.50 -19.63 -72.85
C TYR OA 45 10.75 -21.08 -72.48
N ALA OA 46 9.73 -21.94 -72.65
CA ALA OA 46 9.90 -23.35 -72.34
C ALA OA 46 10.71 -24.06 -73.44
N GLY OA 47 10.85 -23.44 -74.60
CA GLY OA 47 11.59 -24.02 -75.69
C GLY OA 47 10.76 -24.72 -76.74
N ILE OA 48 9.46 -24.89 -76.50
CA ILE OA 48 8.60 -25.61 -77.43
C ILE OA 48 8.07 -24.63 -78.47
N ASN OA 49 7.49 -25.16 -79.54
CA ASN OA 49 6.87 -24.30 -80.55
C ASN OA 49 5.58 -24.87 -81.10
N THR OA 50 4.83 -25.60 -80.29
CA THR OA 50 3.53 -26.13 -80.70
C THR OA 50 2.56 -25.99 -79.54
N ASN OA 51 1.27 -25.91 -79.87
CA ASN OA 51 0.26 -25.69 -78.86
C ASN OA 51 -1.08 -26.10 -79.46
N ASN OA 52 -2.09 -26.21 -78.60
CA ASN OA 52 -3.46 -26.52 -79.01
C ASN OA 52 -4.35 -25.30 -78.83
N PHE OA 53 -5.25 -25.08 -79.77
CA PHE OA 53 -6.13 -23.92 -79.74
C PHE OA 53 -7.53 -24.30 -80.18
N ALA OA 54 -8.49 -23.49 -79.75
CA ALA OA 54 -9.89 -23.70 -80.11
C ALA OA 54 -10.12 -23.33 -81.57
N VAL OA 55 -11.32 -23.63 -82.05
CA VAL OA 55 -11.67 -23.35 -83.44
C VAL OA 55 -11.90 -21.85 -83.63
N ASP OA 56 -12.63 -21.24 -82.70
CA ASP OA 56 -12.90 -19.80 -82.75
C ASP OA 56 -11.75 -18.95 -82.24
N GLU OA 57 -10.65 -19.58 -81.80
CA GLU OA 57 -9.56 -18.82 -81.25
C GLU OA 57 -8.71 -18.19 -82.35
N LEU OA 58 -8.75 -18.76 -83.55
CA LEU OA 58 -7.79 -18.40 -84.58
C LEU OA 58 -8.37 -17.37 -85.54
N ILE OA 59 -7.47 -16.69 -86.25
CA ILE OA 59 -7.81 -15.77 -87.32
C ILE OA 59 -7.03 -16.21 -88.55
N GLU OA 60 -7.74 -16.73 -89.55
CA GLU OA 60 -7.08 -17.17 -90.77
C GLU OA 60 -6.61 -15.96 -91.59
N VAL OA 61 -5.35 -16.01 -92.05
CA VAL OA 61 -4.78 -14.96 -92.87
C VAL OA 61 -4.32 -15.46 -94.23
N GLU OA 62 -4.79 -16.63 -94.65
CA GLU OA 62 -4.50 -17.11 -96.00
C GLU OA 62 -5.76 -17.56 -96.72
N LEU PA 24 31.61 34.64 -72.44
CA LEU PA 24 30.64 35.64 -72.88
C LEU PA 24 29.10 35.38 -72.82
N GLY PA 25 28.52 34.18 -73.06
CA GLY PA 25 29.14 32.88 -73.33
C GLY PA 25 28.95 31.68 -72.41
N ALA PA 26 29.08 31.75 -71.08
CA ALA PA 26 29.61 32.87 -70.30
C ALA PA 26 30.57 32.42 -69.20
N ASP PA 27 31.15 33.41 -68.51
CA ASP PA 27 32.45 33.29 -67.80
C ASP PA 27 33.53 32.77 -68.74
N LEU PA 28 33.50 33.23 -69.98
CA LEU PA 28 34.35 32.69 -71.04
C LEU PA 28 35.06 33.81 -71.77
N THR PA 29 36.28 34.09 -71.36
CA THR PA 29 37.19 34.83 -72.20
C THR PA 29 37.75 33.89 -73.27
N PRO PA 30 38.18 34.44 -74.41
CA PRO PA 30 38.88 33.59 -75.38
C PRO PA 30 40.22 33.13 -74.83
N CYS PA 31 40.65 31.96 -75.30
CA CYS PA 31 41.84 31.33 -74.73
C CYS PA 31 43.10 32.08 -75.12
N ALA PA 32 43.08 32.79 -76.24
CA ALA PA 32 44.25 33.55 -76.69
C ALA PA 32 44.50 34.79 -75.83
N GLU PA 33 43.56 35.18 -74.99
CA GLU PA 33 43.71 36.34 -74.12
C GLU PA 33 44.04 35.99 -72.68
N ASN PA 34 43.95 34.70 -72.31
CA ASN PA 34 44.09 34.30 -70.91
C ASN PA 34 45.55 34.16 -70.54
N PRO PA 35 45.99 34.73 -69.41
CA PRO PA 35 47.33 34.40 -68.91
C PRO PA 35 47.40 33.00 -68.32
N ALA PA 36 46.27 32.42 -67.94
CA ALA PA 36 46.27 31.05 -67.44
C ALA PA 36 46.46 30.05 -68.57
N PHE PA 37 45.88 30.32 -69.73
CA PHE PA 37 46.06 29.44 -70.88
C PHE PA 37 47.48 29.55 -71.42
N GLN PA 38 48.03 30.76 -71.46
CA GLN PA 38 49.40 30.94 -71.92
C GLN PA 38 50.41 30.40 -70.91
N ALA PA 39 50.03 30.30 -69.63
CA ALA PA 39 50.89 29.62 -68.67
C ALA PA 39 50.88 28.11 -68.90
N LEU PA 40 49.74 27.55 -69.29
CA LEU PA 40 49.70 26.16 -69.72
C LEU PA 40 50.35 25.95 -71.07
N ALA PA 41 50.55 27.02 -71.84
CA ALA PA 41 51.21 26.88 -73.13
C ALA PA 41 52.71 26.66 -72.99
N LYS PA 42 53.32 27.23 -71.95
CA LYS PA 42 54.76 27.14 -71.76
C LYS PA 42 55.21 25.77 -71.26
N ASN PA 43 54.28 24.91 -70.83
CA ASN PA 43 54.63 23.62 -70.27
C ASN PA 43 53.87 22.53 -71.02
N ALA PA 44 53.91 22.59 -72.34
CA ALA PA 44 53.16 21.66 -73.17
C ALA PA 44 53.75 20.27 -73.12
N ARG PA 45 52.89 19.27 -73.01
CA ARG PA 45 53.28 17.87 -73.04
C ARG PA 45 52.93 17.31 -74.41
N ASN PA 46 53.89 16.62 -75.02
CA ASN PA 46 53.70 16.14 -76.39
C ASN PA 46 52.77 14.93 -76.39
N THR PA 47 51.73 15.00 -77.22
CA THR PA 47 50.79 13.89 -77.33
C THR PA 47 51.43 12.69 -78.01
N THR PA 48 51.86 12.86 -79.25
CA THR PA 48 52.50 11.83 -80.03
C THR PA 48 54.00 12.17 -80.07
N ALA PA 49 54.82 11.25 -80.61
CA ALA PA 49 56.28 11.40 -80.72
C ALA PA 49 56.72 12.57 -81.58
N ASP PA 50 55.81 13.22 -82.30
CA ASP PA 50 55.99 14.54 -82.89
C ASP PA 50 56.52 15.51 -81.85
N PRO PA 51 57.70 16.10 -82.04
CA PRO PA 51 58.30 16.92 -80.97
C PRO PA 51 57.60 18.24 -80.73
N GLN PA 52 56.79 18.72 -81.69
CA GLN PA 52 56.04 19.96 -81.53
C GLN PA 52 54.54 19.69 -81.44
N SER PA 53 54.13 18.45 -81.15
CA SER PA 53 52.72 18.14 -80.96
C SER PA 53 52.14 18.77 -79.72
N GLY PA 54 52.97 19.12 -78.74
CA GLY PA 54 52.49 19.90 -77.62
C GLY PA 54 52.22 21.34 -77.99
N GLN PA 55 52.96 21.87 -78.96
CA GLN PA 55 52.84 23.27 -79.34
C GLN PA 55 51.74 23.50 -80.35
N LYS PA 56 51.62 22.63 -81.36
CA LYS PA 56 50.54 22.75 -82.33
C LYS PA 56 49.17 22.48 -81.73
N ARG PA 57 49.12 21.86 -80.55
CA ARG PA 57 47.85 21.64 -79.86
C ARG PA 57 47.24 22.95 -79.39
N PHE PA 58 48.08 23.89 -78.96
CA PHE PA 58 47.61 25.11 -78.32
C PHE PA 58 47.38 26.26 -79.28
N GLU PA 59 47.91 26.19 -80.50
CA GLU PA 59 47.57 27.21 -81.48
C GLU PA 59 46.17 26.97 -82.06
N ARG PA 60 45.68 25.74 -81.95
CA ARG PA 60 44.32 25.45 -82.35
C ARG PA 60 43.34 25.64 -81.20
N TYR PA 61 43.79 25.49 -79.96
CA TYR PA 61 42.93 25.76 -78.82
C TYR PA 61 42.86 27.24 -78.46
N SER PA 62 43.57 28.09 -79.20
CA SER PA 62 43.55 29.53 -78.92
C SER PA 62 42.24 30.19 -79.32
N GLN PA 63 41.48 29.56 -80.21
CA GLN PA 63 40.20 30.10 -80.68
C GLN PA 63 39.02 29.64 -79.85
N ALA PA 64 39.22 28.73 -78.90
CA ALA PA 64 38.13 28.32 -78.03
C ALA PA 64 37.93 29.33 -76.93
N LEU PA 65 37.06 29.02 -75.98
CA LEU PA 65 36.75 29.91 -74.87
C LEU PA 65 37.23 29.24 -73.57
N CYS PA 66 38.37 29.68 -73.05
CA CYS PA 66 38.88 29.14 -71.81
C CYS PA 66 38.45 30.02 -70.66
N GLY PA 67 37.95 29.40 -69.59
CA GLY PA 67 37.49 30.13 -68.43
C GLY PA 67 38.61 30.61 -67.54
N PRO PA 68 38.36 30.66 -66.23
CA PRO PA 68 39.40 31.14 -65.31
C PRO PA 68 40.53 30.15 -65.10
N GLU PA 69 40.36 28.91 -65.55
CA GLU PA 69 41.34 27.87 -65.27
C GLU PA 69 42.33 27.71 -66.42
N GLY PA 70 41.94 28.09 -67.62
CA GLY PA 70 42.74 27.88 -68.79
C GLY PA 70 42.38 26.65 -69.57
N TYR PA 71 41.17 26.13 -69.41
CA TYR PA 71 40.75 24.96 -70.15
C TYR PA 71 39.60 25.31 -71.08
N PRO PA 72 39.61 24.78 -72.31
CA PRO PA 72 38.56 25.13 -73.28
C PRO PA 72 37.22 24.58 -72.88
N HIS PA 73 36.25 25.48 -72.70
CA HIS PA 73 34.88 25.11 -72.37
C HIS PA 73 34.06 25.14 -73.67
N LEU PA 74 33.41 24.03 -73.98
CA LEU PA 74 32.72 23.94 -75.25
C LEU PA 74 31.34 24.60 -75.17
N ILE PA 75 30.77 24.88 -76.33
CA ILE PA 75 29.49 25.54 -76.45
C ILE PA 75 28.61 24.68 -77.33
N VAL PA 76 27.60 24.06 -76.73
CA VAL PA 76 26.70 23.16 -77.43
C VAL PA 76 25.41 23.88 -77.84
N ASP PA 77 25.49 25.20 -77.97
CA ASP PA 77 24.29 26.03 -78.14
C ASP PA 77 23.70 25.89 -79.54
N GLY PA 78 24.52 26.12 -80.55
CA GLY PA 78 24.02 26.21 -81.91
C GLY PA 78 24.50 27.48 -82.57
N ARG PA 79 25.36 28.21 -81.86
CA ARG PA 79 25.94 29.42 -82.41
C ARG PA 79 26.93 29.06 -83.52
N LEU PA 80 26.84 29.79 -84.64
CA LEU PA 80 27.64 29.44 -85.81
C LEU PA 80 29.10 29.87 -85.69
N ASP PA 81 29.46 30.63 -84.65
CA ASP PA 81 30.87 30.83 -84.37
C ASP PA 81 31.42 29.77 -83.44
N ARG PA 82 30.57 28.97 -82.83
CA ARG PA 82 30.97 27.85 -81.98
C ARG PA 82 30.38 26.55 -82.52
N ALA PA 83 30.25 26.46 -83.84
CA ALA PA 83 29.69 25.27 -84.47
C ALA PA 83 30.64 24.09 -84.48
N GLY PA 84 31.95 24.35 -84.38
CA GLY PA 84 32.90 23.26 -84.35
C GLY PA 84 32.89 22.45 -83.07
N ASP PA 85 32.29 22.99 -82.00
CA ASP PA 85 32.20 22.24 -80.76
C ASP PA 85 31.25 21.06 -80.90
N PHE PA 86 30.00 21.34 -81.24
CA PHE PA 86 28.97 20.33 -81.16
C PHE PA 86 28.13 20.25 -82.43
N LEU PA 87 28.05 21.33 -83.20
CA LEU PA 87 27.22 21.29 -84.41
C LEU PA 87 27.87 20.46 -85.51
N ILE PA 88 29.15 20.65 -85.75
CA ILE PA 88 29.90 19.86 -86.72
C ILE PA 88 30.04 18.39 -86.30
N PRO PA 89 30.42 18.01 -85.06
CA PRO PA 89 30.50 16.58 -84.76
C PRO PA 89 29.17 15.88 -84.64
N SER PA 90 28.06 16.60 -84.46
CA SER PA 90 26.76 15.95 -84.37
C SER PA 90 26.29 15.47 -85.73
N ILE PA 91 26.54 16.24 -86.77
CA ILE PA 91 26.18 15.83 -88.13
C ILE PA 91 27.06 14.66 -88.56
N LEU PA 92 28.34 14.71 -88.20
CA LEU PA 92 29.27 13.65 -88.58
C LEU PA 92 28.97 12.36 -87.85
N PHE PA 93 28.48 12.46 -86.60
CA PHE PA 93 28.15 11.24 -85.88
C PHE PA 93 26.88 10.61 -86.41
N LEU PA 94 25.81 11.41 -86.54
CA LEU PA 94 24.50 10.87 -86.87
C LEU PA 94 24.43 10.29 -88.28
N TYR PA 95 25.35 10.69 -89.16
CA TYR PA 95 25.45 10.01 -90.44
C TYR PA 95 26.04 8.61 -90.28
N ILE PA 96 26.98 8.45 -89.36
CA ILE PA 96 27.67 7.18 -89.22
C ILE PA 96 26.84 6.19 -88.41
N ALA PA 97 26.36 6.63 -87.24
CA ALA PA 97 25.71 5.71 -86.32
C ALA PA 97 24.33 5.27 -86.78
N GLY PA 98 23.63 6.11 -87.54
CA GLY PA 98 22.41 5.66 -88.17
C GLY PA 98 22.70 4.68 -89.28
N TRP PA 99 23.87 4.79 -89.90
CA TRP PA 99 24.23 3.89 -91.00
C TRP PA 99 24.69 2.55 -90.47
N ILE PA 100 25.23 2.52 -89.25
CA ILE PA 100 25.46 1.25 -88.56
C ILE PA 100 24.15 0.52 -88.35
N GLY PA 101 23.11 1.25 -87.91
CA GLY PA 101 21.83 0.61 -87.64
C GLY PA 101 20.96 0.46 -88.86
N TRP PA 102 21.22 1.21 -89.93
CA TRP PA 102 20.42 1.02 -91.14
C TRP PA 102 20.86 -0.22 -91.90
N VAL PA 103 22.17 -0.47 -91.95
CA VAL PA 103 22.69 -1.67 -92.58
C VAL PA 103 22.26 -2.91 -91.82
N GLY PA 104 22.36 -2.86 -90.49
CA GLY PA 104 21.91 -3.97 -89.66
C GLY PA 104 20.43 -4.23 -89.72
N ARG PA 105 19.64 -3.22 -90.07
CA ARG PA 105 18.21 -3.43 -90.28
C ARG PA 105 17.94 -4.10 -91.61
N ALA PA 106 18.64 -3.68 -92.66
CA ALA PA 106 18.40 -4.22 -94.00
C ALA PA 106 18.91 -5.64 -94.15
N TYR PA 107 19.86 -6.06 -93.32
CA TYR PA 107 20.35 -7.43 -93.39
C TYR PA 107 19.40 -8.38 -92.66
N LEU PA 108 18.78 -7.93 -91.58
CA LEU PA 108 17.80 -8.76 -90.87
C LEU PA 108 16.50 -8.89 -91.65
N GLN PA 109 16.22 -7.95 -92.55
CA GLN PA 109 15.09 -8.12 -93.46
C GLN PA 109 15.40 -9.16 -94.52
N ALA PA 110 16.66 -9.25 -94.95
CA ALA PA 110 17.05 -10.16 -96.02
C ALA PA 110 17.03 -11.61 -95.55
N ILE PA 111 17.68 -11.89 -94.41
CA ILE PA 111 17.83 -13.26 -93.96
C ILE PA 111 16.60 -13.82 -93.29
N LYS PA 112 15.54 -13.02 -93.12
CA LYS PA 112 14.30 -13.56 -92.59
C LYS PA 112 13.61 -14.43 -93.61
N LYS PA 113 13.76 -14.11 -94.89
CA LYS PA 113 13.15 -14.87 -95.98
C LYS PA 113 14.10 -15.92 -96.55
N ASP PA 114 14.70 -16.73 -95.67
CA ASP PA 114 15.62 -17.78 -96.09
C ASP PA 114 15.26 -19.07 -95.37
N SER PA 115 16.01 -20.13 -95.66
CA SER PA 115 15.66 -21.45 -95.14
C SER PA 115 16.09 -21.60 -93.68
N ASP PA 116 17.30 -21.16 -93.35
CA ASP PA 116 17.82 -21.37 -92.01
C ASP PA 116 17.35 -20.29 -91.04
N THR PA 117 17.73 -19.03 -91.31
CA THR PA 117 17.40 -17.77 -90.64
C THR PA 117 18.09 -17.65 -89.27
N GLU PA 118 18.62 -18.73 -88.69
CA GLU PA 118 19.42 -18.63 -87.49
C GLU PA 118 20.88 -19.00 -87.70
N GLN PA 119 21.20 -19.73 -88.77
CA GLN PA 119 22.60 -19.86 -89.14
C GLN PA 119 23.15 -18.54 -89.62
N LYS PA 120 22.34 -17.74 -90.31
CA LYS PA 120 22.86 -16.52 -90.93
C LYS PA 120 23.03 -15.41 -89.91
N GLU PA 121 22.59 -15.64 -88.66
CA GLU PA 121 22.70 -14.63 -87.62
C GLU PA 121 24.04 -14.72 -86.89
N ILE PA 122 24.47 -15.94 -86.54
CA ILE PA 122 25.77 -16.09 -85.90
C ILE PA 122 26.87 -16.30 -86.93
N GLN PA 123 26.53 -16.87 -88.07
CA GLN PA 123 27.49 -17.26 -89.10
C GLN PA 123 27.11 -16.50 -90.35
N LEU PA 124 27.80 -15.38 -90.59
CA LEU PA 124 27.30 -14.33 -91.46
C LEU PA 124 27.28 -14.76 -92.92
N ASP PA 125 26.14 -14.58 -93.57
CA ASP PA 125 26.04 -14.80 -95.01
C ASP PA 125 26.75 -13.64 -95.68
N LEU PA 126 28.04 -13.83 -96.00
CA LEU PA 126 28.88 -12.72 -96.43
C LEU PA 126 28.54 -12.28 -97.85
N GLY PA 127 27.95 -13.17 -98.64
CA GLY PA 127 27.53 -12.80 -99.98
C GLY PA 127 26.28 -11.95 -100.01
N ILE PA 128 25.55 -11.89 -98.91
CA ILE PA 128 24.36 -11.05 -98.79
C ILE PA 128 24.73 -9.81 -97.99
N ALA PA 129 25.63 -9.98 -97.02
CA ALA PA 129 25.97 -8.89 -96.10
C ALA PA 129 26.71 -7.76 -96.78
N LEU PA 130 27.69 -8.08 -97.62
CA LEU PA 130 28.47 -7.06 -98.31
C LEU PA 130 27.69 -6.23 -99.33
N PRO PA 131 26.69 -6.74 -100.06
CA PRO PA 131 25.83 -5.80 -100.80
C PRO PA 131 24.95 -4.94 -99.93
N ILE PA 132 24.65 -5.35 -98.69
CA ILE PA 132 23.90 -4.49 -97.79
C ILE PA 132 24.78 -3.38 -97.26
N ILE PA 133 26.05 -3.68 -96.99
CA ILE PA 133 26.96 -2.72 -96.36
C ILE PA 133 27.31 -1.61 -97.33
N ALA PA 134 27.67 -1.95 -98.56
CA ALA PA 134 28.11 -0.95 -99.52
C ALA PA 134 26.97 -0.10 -100.05
N THR PA 135 25.73 -0.55 -99.93
CA THR PA 135 24.61 0.18 -100.51
C THR PA 135 24.18 1.35 -99.62
N GLY PA 136 24.06 1.10 -98.33
CA GLY PA 136 23.27 1.97 -97.46
C GLY PA 136 23.80 3.33 -97.08
N PHE PA 137 24.84 3.82 -97.76
CA PHE PA 137 25.39 5.13 -97.42
C PHE PA 137 24.46 6.28 -97.79
N ALA PA 138 23.45 6.03 -98.62
CA ALA PA 138 22.41 7.02 -98.89
C ALA PA 138 21.14 6.70 -98.12
N TRP PA 139 21.29 6.24 -96.88
CA TRP PA 139 20.14 5.98 -96.02
C TRP PA 139 19.24 7.17 -95.67
N PRO PA 140 19.67 8.45 -95.66
CA PRO PA 140 18.64 9.50 -95.54
C PRO PA 140 17.78 9.60 -96.79
N ALA PA 141 18.35 9.30 -97.96
CA ALA PA 141 17.52 9.13 -99.14
C ALA PA 141 16.69 7.86 -99.06
N ALA PA 142 17.13 6.88 -98.28
CA ALA PA 142 16.35 5.65 -98.14
C ALA PA 142 15.30 5.78 -97.05
N ALA PA 143 15.71 6.12 -95.81
CA ALA PA 143 14.88 5.97 -94.63
C ALA PA 143 13.65 6.88 -94.61
N VAL PA 144 13.63 7.92 -95.45
CA VAL PA 144 12.40 8.68 -95.63
C VAL PA 144 11.39 7.90 -96.47
N LYS PA 145 11.88 7.13 -97.44
CA LYS PA 145 10.99 6.43 -98.36
C LYS PA 145 10.23 5.29 -97.67
N GLU PA 146 10.84 4.63 -96.70
CA GLU PA 146 10.08 3.67 -95.91
C GLU PA 146 9.13 4.37 -94.95
N LEU PA 147 9.48 5.58 -94.50
CA LEU PA 147 8.61 6.32 -93.60
C LEU PA 147 7.36 6.81 -94.31
N LEU PA 148 7.54 7.48 -95.45
CA LEU PA 148 6.42 8.02 -96.21
C LEU PA 148 5.55 6.93 -96.81
N SER PA 149 6.10 5.74 -97.03
CA SER PA 149 5.31 4.61 -97.48
C SER PA 149 4.83 3.74 -96.33
N GLY PA 150 5.22 4.05 -95.10
CA GLY PA 150 4.77 3.31 -93.95
C GLY PA 150 5.33 1.92 -93.79
N GLU PA 151 6.38 1.57 -94.55
CA GLU PA 151 7.05 0.29 -94.40
C GLU PA 151 8.10 0.30 -93.31
N LEU PA 152 8.33 1.46 -92.68
CA LEU PA 152 9.31 1.55 -91.62
C LEU PA 152 8.83 0.83 -90.36
N THR PA 153 7.56 0.94 -90.05
CA THR PA 153 7.01 0.40 -88.81
C THR PA 153 6.16 -0.82 -89.12
N ALA PA 154 5.63 -1.42 -88.06
CA ALA PA 154 4.74 -2.57 -88.17
C ALA PA 154 3.43 -2.25 -87.47
N LYS PA 155 2.39 -3.00 -87.84
CA LYS PA 155 1.08 -2.78 -87.26
C LYS PA 155 1.06 -3.29 -85.82
N ASP PA 156 0.38 -2.55 -84.95
CA ASP PA 156 0.27 -2.96 -83.55
C ASP PA 156 -0.65 -4.14 -83.35
N SER PA 157 -1.44 -4.49 -84.36
CA SER PA 157 -2.18 -5.73 -84.38
C SER PA 157 -1.38 -6.90 -84.92
N GLU PA 158 -0.06 -6.75 -85.08
CA GLU PA 158 0.80 -7.81 -85.56
C GLU PA 158 2.04 -8.00 -84.69
N ILE PA 159 2.10 -7.37 -83.53
CA ILE PA 159 3.21 -7.48 -82.59
C ILE PA 159 2.68 -8.10 -81.31
N THR PA 160 3.45 -9.01 -80.71
CA THR PA 160 3.02 -9.62 -79.46
C THR PA 160 3.09 -8.61 -78.31
N VAL PA 161 2.07 -8.66 -77.44
CA VAL PA 161 1.98 -7.74 -76.32
C VAL PA 161 1.64 -8.54 -75.06
N SER PA 162 1.98 -7.96 -73.93
CA SER PA 162 1.76 -8.57 -72.63
C SER PA 162 0.29 -8.48 -72.25
N PRO PA 163 -0.21 -9.42 -71.44
CA PRO PA 163 -1.54 -9.26 -70.86
C PRO PA 163 -1.58 -8.06 -69.92
N ARG PA 164 -2.63 -7.27 -70.04
CA ARG PA 164 -2.69 -5.94 -69.44
C ARG PA 164 -2.88 -6.01 -67.94
N ALA QA 13 17.82 18.62 -11.25
CA ALA QA 13 17.45 17.25 -10.90
C ALA QA 13 18.00 16.28 -11.92
N SER QA 14 19.32 16.34 -12.14
CA SER QA 14 19.96 15.51 -13.16
C SER QA 14 20.16 14.06 -12.71
N PHE QA 15 19.74 13.70 -11.50
CA PHE QA 15 19.84 12.33 -11.03
C PHE QA 15 18.75 11.44 -11.59
N LEU QA 16 17.76 11.99 -12.30
CA LEU QA 16 16.73 11.16 -12.89
C LEU QA 16 17.25 10.35 -14.06
N SER QA 17 18.38 10.77 -14.64
CA SER QA 17 19.04 9.97 -15.66
C SER QA 17 19.55 8.66 -15.10
N SER QA 18 19.96 8.65 -13.83
CA SER QA 18 20.43 7.42 -13.20
C SER QA 18 19.31 6.44 -12.92
N ILE QA 19 18.05 6.85 -13.01
CA ILE QA 19 16.94 5.98 -12.68
C ILE QA 19 16.01 5.74 -13.86
N PHE QA 20 16.02 6.58 -14.89
CA PHE QA 20 15.26 6.28 -16.10
C PHE QA 20 16.04 5.50 -17.15
N VAL QA 21 17.33 5.79 -17.31
CA VAL QA 21 18.13 5.12 -18.33
C VAL QA 21 18.36 3.64 -18.00
N PRO QA 22 18.71 3.21 -16.77
CA PRO QA 22 18.77 1.75 -16.53
C PRO QA 22 17.45 1.06 -16.58
N VAL QA 23 16.33 1.74 -16.29
CA VAL QA 23 15.02 1.09 -16.41
C VAL QA 23 14.68 0.86 -17.86
N ILE QA 24 14.97 1.83 -18.72
CA ILE QA 24 14.70 1.66 -20.14
C ILE QA 24 15.76 0.79 -20.79
N GLY QA 25 16.99 0.82 -20.29
CA GLY QA 25 18.01 -0.08 -20.78
C GLY QA 25 17.83 -1.53 -20.39
N TRP QA 26 17.45 -1.79 -19.13
CA TRP QA 26 17.35 -3.14 -18.60
C TRP QA 26 15.91 -3.57 -18.36
N VAL QA 27 15.17 -2.80 -17.56
CA VAL QA 27 13.90 -3.29 -17.02
C VAL QA 27 12.81 -3.29 -18.09
N VAL QA 28 12.82 -2.28 -18.96
CA VAL QA 28 11.82 -2.21 -20.02
C VAL QA 28 11.93 -3.34 -21.04
N PRO QA 29 13.13 -3.71 -21.56
CA PRO QA 29 13.14 -4.89 -22.45
C PRO QA 29 12.91 -6.21 -21.75
N ILE QA 30 13.37 -6.37 -20.49
CA ILE QA 30 13.12 -7.61 -19.77
C ILE QA 30 11.63 -7.79 -19.50
N ALA QA 31 10.92 -6.71 -19.15
CA ALA QA 31 9.49 -6.81 -18.96
C ALA QA 31 8.75 -7.00 -20.28
N THR QA 32 9.28 -6.45 -21.37
CA THR QA 32 8.60 -6.56 -22.66
C THR QA 32 8.81 -7.93 -23.29
N PHE QA 33 10.06 -8.39 -23.31
CA PHE QA 33 10.39 -9.65 -23.97
C PHE QA 33 9.81 -10.83 -23.22
N SER QA 34 9.80 -10.77 -21.89
CA SER QA 34 9.20 -11.84 -21.11
C SER QA 34 7.68 -11.83 -21.20
N PHE QA 35 7.08 -10.71 -21.57
CA PHE QA 35 5.66 -10.73 -21.86
C PHE QA 35 5.39 -11.30 -23.24
N LEU QA 36 6.18 -10.88 -24.23
CA LEU QA 36 5.91 -11.25 -25.61
C LEU QA 36 6.25 -12.70 -25.87
N PHE QA 37 7.32 -13.22 -25.25
CA PHE QA 37 7.65 -14.63 -25.40
C PHE QA 37 6.58 -15.54 -24.82
N LEU QA 38 5.99 -15.14 -23.69
CA LEU QA 38 4.90 -15.92 -23.14
C LEU QA 38 3.59 -15.67 -23.84
N TYR QA 39 3.50 -14.62 -24.66
CA TYR QA 39 2.28 -14.36 -25.41
C TYR QA 39 2.27 -15.03 -26.77
N ILE QA 40 3.43 -15.06 -27.45
CA ILE QA 40 3.47 -15.73 -28.74
C ILE QA 40 3.45 -17.24 -28.55
N GLU QA 41 3.97 -17.74 -27.45
CA GLU QA 41 3.89 -19.16 -27.12
C GLU QA 41 2.79 -19.43 -26.12
N ARG QA 42 1.55 -19.30 -26.60
CA ARG QA 42 0.37 -19.38 -25.76
C ARG QA 42 -0.74 -20.01 -26.59
N GLU QA 43 -1.11 -21.24 -26.25
CA GLU QA 43 -2.09 -21.99 -27.02
C GLU QA 43 -3.50 -21.43 -26.87
N ASP RA 6 35.40 -29.12 -100.86
CA ASP RA 6 36.25 -27.95 -101.04
C ASP RA 6 36.73 -27.44 -99.69
N GLN RA 7 38.03 -27.57 -99.45
CA GLN RA 7 38.58 -27.14 -98.16
C GLN RA 7 38.65 -25.64 -98.02
N SER RA 8 38.72 -24.93 -99.15
CA SER RA 8 38.86 -23.48 -99.09
C SER RA 8 37.57 -22.78 -98.70
N SER RA 9 36.42 -23.41 -98.99
CA SER RA 9 35.14 -22.80 -98.65
C SER RA 9 34.90 -22.78 -97.15
N TYR RA 10 35.53 -23.72 -96.43
CA TYR RA 10 35.38 -23.80 -94.99
C TYR RA 10 36.14 -22.69 -94.29
N LEU RA 11 37.08 -22.04 -95.00
CA LEU RA 11 37.83 -20.94 -94.40
C LEU RA 11 37.10 -19.61 -94.60
N ILE RA 12 36.39 -19.45 -95.71
CA ILE RA 12 35.47 -18.32 -95.85
C ILE RA 12 34.29 -18.48 -94.90
N LYS RA 13 33.83 -19.71 -94.70
CA LYS RA 13 32.71 -19.93 -93.80
C LYS RA 13 33.12 -19.84 -92.33
N PHE RA 14 34.41 -19.99 -92.03
CA PHE RA 14 34.89 -19.80 -90.66
C PHE RA 14 35.23 -18.33 -90.39
N ILE RA 15 35.68 -17.60 -91.40
CA ILE RA 15 36.03 -16.20 -91.20
C ILE RA 15 34.80 -15.32 -91.04
N SER RA 16 33.62 -15.86 -91.33
CA SER RA 16 32.36 -15.14 -91.21
C SER RA 16 31.44 -15.77 -90.16
N THR RA 17 32.01 -16.23 -89.05
CA THR RA 17 31.20 -16.54 -87.88
C THR RA 17 31.13 -15.29 -86.99
N ALA RA 18 30.52 -15.43 -85.81
CA ALA RA 18 30.32 -14.25 -84.98
C ALA RA 18 31.60 -13.69 -84.35
N PRO RA 19 32.42 -14.46 -83.61
CA PRO RA 19 33.56 -13.80 -82.95
C PRO RA 19 34.71 -13.51 -83.89
N VAL RA 20 34.78 -14.19 -85.04
CA VAL RA 20 35.92 -14.03 -85.94
C VAL RA 20 35.74 -12.81 -86.83
N ALA RA 21 34.52 -12.62 -87.35
CA ALA RA 21 34.23 -11.41 -88.10
C ALA RA 21 34.28 -10.17 -87.21
N ALA RA 22 33.72 -10.27 -86.00
CA ALA RA 22 33.74 -9.14 -85.08
C ALA RA 22 35.12 -8.89 -84.50
N THR RA 23 36.05 -9.83 -84.58
CA THR RA 23 37.42 -9.53 -84.18
C THR RA 23 38.13 -8.76 -85.28
N ILE RA 24 37.93 -9.16 -86.53
CA ILE RA 24 38.61 -8.51 -87.65
C ILE RA 24 38.01 -7.13 -87.90
N TRP RA 25 36.69 -7.02 -87.86
CA TRP RA 25 36.03 -5.75 -88.16
C TRP RA 25 36.30 -4.72 -87.08
N LEU RA 26 36.33 -5.13 -85.81
CA LEU RA 26 36.69 -4.21 -84.75
C LEU RA 26 38.19 -3.95 -84.70
N THR RA 27 39.01 -4.76 -85.37
CA THR RA 27 40.43 -4.45 -85.45
C THR RA 27 40.69 -3.41 -86.53
N ILE RA 28 40.00 -3.54 -87.67
CA ILE RA 28 40.06 -2.53 -88.72
C ILE RA 28 39.46 -1.22 -88.24
N THR RA 29 38.37 -1.30 -87.46
CA THR RA 29 37.75 -0.10 -86.89
C THR RA 29 38.68 0.58 -85.90
N ALA RA 30 39.27 -0.18 -84.98
CA ALA RA 30 40.17 0.43 -84.00
C ALA RA 30 41.46 0.91 -84.63
N GLY RA 31 41.93 0.25 -85.70
CA GLY RA 31 43.15 0.68 -86.33
C GLY RA 31 42.99 1.98 -87.11
N ILE RA 32 41.78 2.25 -87.59
CA ILE RA 32 41.52 3.53 -88.26
C ILE RA 32 41.56 4.67 -87.25
N LEU RA 33 41.01 4.47 -86.07
CA LEU RA 33 41.03 5.50 -85.03
C LEU RA 33 42.43 5.71 -84.47
N ILE RA 34 43.26 4.68 -84.48
CA ILE RA 34 44.61 4.81 -83.94
C ILE RA 34 45.52 5.50 -84.95
N GLU RA 35 45.47 5.09 -86.22
CA GLU RA 35 46.32 5.74 -87.22
C GLU RA 35 45.79 7.09 -87.65
N PHE RA 36 44.55 7.44 -87.32
CA PHE RA 36 44.12 8.82 -87.51
C PHE RA 36 44.63 9.71 -86.41
N ASN RA 37 44.92 9.14 -85.23
CA ASN RA 37 45.31 9.91 -84.07
C ASN RA 37 46.83 10.01 -83.90
N ARG RA 38 47.61 9.26 -84.67
CA ARG RA 38 49.05 9.51 -84.66
C ARG RA 38 49.39 10.75 -85.47
N PHE RA 39 48.68 10.96 -86.58
CA PHE RA 39 48.99 12.01 -87.53
C PHE RA 39 48.24 13.30 -87.24
N PHE RA 40 46.99 13.21 -86.81
CA PHE RA 40 46.17 14.37 -86.47
C PHE RA 40 45.69 14.21 -85.04
N PRO RA 41 46.52 14.54 -84.07
CA PRO RA 41 46.15 14.34 -82.67
C PRO RA 41 45.34 15.52 -82.15
N ASP RA 42 44.84 15.37 -80.92
CA ASP RA 42 44.37 16.45 -80.07
C ASP RA 42 43.13 17.16 -80.62
N LEU RA 43 42.32 16.45 -81.41
CA LEU RA 43 41.17 17.07 -82.06
C LEU RA 43 40.00 17.15 -81.09
N LEU RA 44 40.03 18.17 -80.24
CA LEU RA 44 38.93 18.38 -79.29
C LEU RA 44 37.66 18.82 -80.01
N PHE RA 45 37.78 19.72 -80.96
CA PHE RA 45 36.64 20.24 -81.69
C PHE RA 45 37.07 20.57 -83.11
N HIS RA 46 36.09 20.76 -83.97
CA HIS RA 46 36.39 21.11 -85.35
C HIS RA 46 36.82 22.57 -85.43
N PRO RA 47 37.94 22.87 -86.10
CA PRO RA 47 38.53 24.21 -85.99
C PRO RA 47 37.79 25.31 -86.74
N LEU RA 48 36.86 24.98 -87.63
CA LEU RA 48 36.11 25.91 -88.48
C LEU RA 48 37.01 26.82 -89.33
N TRP SA 16 86.58 -37.69 -46.30
CA TRP SA 16 88.00 -37.95 -46.23
C TRP SA 16 88.26 -39.41 -45.95
N SER SA 17 87.48 -40.26 -46.63
CA SER SA 17 87.59 -41.71 -46.53
C SER SA 17 87.99 -42.25 -47.89
N PRO SA 18 89.29 -42.34 -48.18
CA PRO SA 18 89.73 -42.98 -49.43
C PRO SA 18 89.50 -44.49 -49.37
N THR SA 19 89.51 -45.11 -50.55
CA THR SA 19 89.24 -46.53 -50.65
C THR SA 19 90.40 -47.31 -50.04
N VAL SA 20 90.19 -47.80 -48.82
CA VAL SA 20 91.09 -48.73 -48.19
C VAL SA 20 90.68 -50.10 -48.69
N GLY SA 21 91.54 -51.10 -48.50
CA GLY SA 21 91.19 -52.46 -48.90
C GLY SA 21 90.03 -53.05 -48.13
N ILE SA 22 89.75 -52.50 -46.93
CA ILE SA 22 88.71 -53.03 -46.05
C ILE SA 22 87.49 -52.12 -46.06
N ILE SA 23 87.28 -51.39 -47.16
CA ILE SA 23 86.07 -50.59 -47.29
C ILE SA 23 84.97 -51.36 -48.03
N MET SA 24 85.08 -52.69 -48.12
CA MET SA 24 83.95 -53.47 -48.62
C MET SA 24 82.93 -53.75 -47.50
N VAL SA 25 82.62 -52.70 -46.73
CA VAL SA 25 81.44 -52.67 -45.89
C VAL SA 25 80.19 -52.78 -46.74
N ILE SA 26 80.22 -52.15 -47.93
CA ILE SA 26 79.10 -52.22 -48.85
C ILE SA 26 78.94 -53.63 -49.40
N ALA SA 27 80.03 -54.40 -49.48
CA ALA SA 27 79.92 -55.80 -49.90
C ALA SA 27 79.22 -56.64 -48.85
N ASN SA 28 79.34 -56.27 -47.58
CA ASN SA 28 78.47 -56.85 -46.56
C ASN SA 28 77.04 -56.35 -46.71
N VAL SA 29 76.89 -55.04 -46.97
CA VAL SA 29 75.57 -54.42 -47.03
C VAL SA 29 74.77 -54.93 -48.23
N ILE SA 30 75.45 -55.13 -49.36
CA ILE SA 30 74.80 -55.79 -50.50
C ILE SA 30 74.45 -57.24 -50.15
N ALA SA 31 75.37 -57.94 -49.47
CA ALA SA 31 75.11 -59.32 -49.07
C ALA SA 31 74.05 -59.41 -47.98
N ILE SA 32 73.85 -58.34 -47.22
CA ILE SA 32 72.69 -58.26 -46.33
C ILE SA 32 71.40 -58.27 -47.13
N THR SA 33 71.37 -57.53 -48.24
CA THR SA 33 70.12 -57.16 -48.88
C THR SA 33 69.46 -58.35 -49.59
N PHE SA 34 70.18 -59.02 -50.49
CA PHE SA 34 69.54 -60.15 -51.15
C PHE SA 34 69.48 -61.38 -50.27
N GLY SA 35 70.19 -61.40 -49.15
CA GLY SA 35 69.90 -62.37 -48.12
C GLY SA 35 68.65 -62.01 -47.33
N ARG SA 36 68.34 -60.72 -47.27
CA ARG SA 36 67.10 -60.26 -46.66
C ARG SA 36 65.92 -60.40 -47.61
N GLN SA 37 66.06 -59.86 -48.81
CA GLN SA 37 64.92 -59.57 -49.66
C GLN SA 37 64.55 -60.75 -50.56
N THR SA 38 65.32 -61.85 -50.53
CA THR SA 38 64.91 -63.07 -51.22
C THR SA 38 63.62 -63.62 -50.65
N ILE SA 39 63.48 -63.59 -49.33
CA ILE SA 39 62.30 -64.17 -48.67
C ILE SA 39 61.19 -63.14 -48.55
N LYS SA 40 61.38 -61.96 -49.13
CA LYS SA 40 60.46 -60.85 -48.90
C LYS SA 40 59.84 -60.27 -50.16
N TYR SA 41 60.32 -60.66 -51.37
CA TYR SA 41 59.61 -60.20 -52.56
C TYR SA 41 58.28 -60.94 -52.73
N PRO SA 42 57.28 -60.28 -53.31
CA PRO SA 42 56.04 -61.00 -53.64
C PRO SA 42 56.13 -61.80 -54.94
N SER SA 43 56.87 -61.28 -55.93
CA SER SA 43 56.85 -61.86 -57.27
C SER SA 43 58.19 -62.51 -57.62
N ALA SA 44 59.28 -61.75 -57.57
CA ALA SA 44 60.66 -62.24 -57.49
C ALA SA 44 61.21 -62.98 -58.71
N GLU SA 45 60.39 -63.26 -59.73
CA GLU SA 45 60.86 -63.91 -60.96
C GLU SA 45 60.03 -63.45 -62.16
N PRO SA 46 60.10 -62.13 -62.51
CA PRO SA 46 59.17 -61.60 -63.53
C PRO SA 46 59.39 -62.08 -64.96
N ALA SA 47 60.59 -61.85 -65.50
CA ALA SA 47 61.01 -62.05 -66.89
C ALA SA 47 62.47 -61.66 -66.95
N LEU SA 48 63.12 -62.06 -68.05
CA LEU SA 48 64.54 -61.84 -68.35
C LEU SA 48 65.40 -62.36 -67.19
N PRO SA 49 65.57 -63.67 -67.05
CA PRO SA 49 66.33 -64.19 -65.91
C PRO SA 49 67.83 -64.16 -66.18
N SER SA 50 68.59 -64.42 -65.12
CA SER SA 50 70.04 -64.58 -65.20
C SER SA 50 70.32 -66.08 -65.10
N ALA SA 51 70.30 -66.75 -66.25
CA ALA SA 51 70.36 -68.21 -66.30
C ALA SA 51 71.80 -68.67 -66.53
N LYS SA 52 72.36 -69.40 -65.57
CA LYS SA 52 71.72 -69.70 -64.28
C LYS SA 52 72.44 -68.99 -63.13
N PHE SA 53 71.74 -68.85 -62.01
CA PHE SA 53 72.25 -68.08 -60.88
C PHE SA 53 71.53 -68.55 -59.63
N PHE SA 54 72.27 -68.71 -58.54
CA PHE SA 54 71.70 -69.22 -57.31
C PHE SA 54 70.78 -68.18 -56.67
N GLY SA 55 69.69 -68.66 -56.09
CA GLY SA 55 68.67 -67.78 -55.56
C GLY SA 55 67.57 -67.57 -56.57
N GLY SA 56 66.31 -67.55 -56.13
CA GLY SA 56 65.19 -67.40 -57.03
C GLY SA 56 65.01 -65.98 -57.53
N PHE SA 57 65.93 -65.52 -58.36
CA PHE SA 57 65.90 -64.16 -58.88
C PHE SA 57 65.79 -64.15 -60.39
N GLY SA 58 65.09 -63.15 -60.90
CA GLY SA 58 65.33 -62.67 -62.24
C GLY SA 58 66.42 -61.63 -62.22
N ALA SA 59 66.85 -61.21 -63.41
CA ALA SA 59 67.84 -60.15 -63.49
C ALA SA 59 67.39 -58.80 -62.93
N PRO SA 60 66.17 -58.28 -63.15
CA PRO SA 60 65.82 -57.01 -62.48
C PRO SA 60 65.67 -57.11 -60.98
N ALA SA 61 65.30 -58.28 -60.45
CA ALA SA 61 65.18 -58.42 -59.01
C ALA SA 61 66.54 -58.44 -58.33
N LEU SA 62 67.56 -59.01 -58.99
CA LEU SA 62 68.88 -59.03 -58.37
C LEU SA 62 69.60 -57.70 -58.50
N LEU SA 63 69.34 -56.96 -59.57
CA LEU SA 63 69.91 -55.61 -59.64
C LEU SA 63 69.05 -54.59 -58.93
N ALA SA 64 67.99 -55.01 -58.23
CA ALA SA 64 67.34 -54.19 -57.24
C ALA SA 64 68.08 -54.26 -55.90
N THR SA 65 68.41 -55.48 -55.47
CA THR SA 65 69.08 -55.67 -54.19
C THR SA 65 70.51 -55.15 -54.23
N THR SA 66 71.21 -55.34 -55.34
CA THR SA 66 72.56 -54.77 -55.44
C THR SA 66 72.53 -53.27 -55.62
N ALA SA 67 71.40 -52.70 -56.08
CA ALA SA 67 71.27 -51.25 -56.13
C ALA SA 67 70.83 -50.70 -54.78
N PHE SA 68 69.99 -51.43 -54.05
CA PHE SA 68 69.59 -50.98 -52.73
C PHE SA 68 70.74 -51.11 -51.74
N GLY SA 69 71.52 -52.18 -51.84
CA GLY SA 69 72.70 -52.30 -51.01
C GLY SA 69 73.79 -51.31 -51.36
N HIS SA 70 73.81 -50.82 -52.60
CA HIS SA 70 74.79 -49.82 -52.97
C HIS SA 70 74.35 -48.44 -52.51
N ILE SA 71 73.08 -48.31 -52.14
CA ILE SA 71 72.52 -47.10 -51.52
C ILE SA 71 72.45 -47.22 -50.00
N LEU SA 72 72.13 -48.40 -49.50
CA LEU SA 72 72.20 -48.63 -48.07
C LEU SA 72 73.63 -48.61 -47.54
N GLY SA 73 74.60 -48.88 -48.42
CA GLY SA 73 76.00 -48.87 -48.03
C GLY SA 73 76.67 -47.52 -48.15
N VAL SA 74 76.14 -46.62 -48.98
CA VAL SA 74 76.79 -45.33 -49.11
C VAL SA 74 76.46 -44.43 -47.91
N GLY SA 75 75.29 -44.60 -47.31
CA GLY SA 75 74.94 -43.80 -46.14
C GLY SA 75 75.66 -44.30 -44.90
N LEU SA 76 76.08 -45.56 -44.95
CA LEU SA 76 76.71 -46.19 -43.79
C LEU SA 76 78.17 -45.77 -43.69
N VAL SA 77 78.89 -45.77 -44.81
CA VAL SA 77 80.30 -45.38 -44.82
C VAL SA 77 80.44 -43.90 -44.47
N LEU SA 78 79.54 -43.07 -44.99
CA LEU SA 78 79.53 -41.66 -44.62
C LEU SA 78 79.03 -41.44 -43.20
N GLY SA 79 78.26 -42.38 -42.66
CA GLY SA 79 77.91 -42.30 -41.25
C GLY SA 79 79.09 -42.57 -40.35
N LEU SA 80 79.97 -43.48 -40.75
CA LEU SA 80 81.19 -43.79 -40.02
C LEU SA 80 82.31 -42.77 -40.28
N HIS SA 81 82.04 -41.73 -41.07
CA HIS SA 81 82.98 -40.67 -41.43
C HIS SA 81 84.26 -41.19 -42.08
N LEU TA 11 48.10 -50.46 -31.78
CA LEU TA 11 47.76 -50.81 -30.42
C LEU TA 11 46.52 -51.70 -30.39
N PRO TA 12 46.66 -52.92 -30.91
CA PRO TA 12 45.52 -53.63 -31.50
C PRO TA 12 44.44 -54.05 -30.49
N SER TA 13 43.19 -53.60 -30.73
CA SER TA 13 42.14 -53.62 -29.71
C SER TA 13 41.43 -54.96 -29.55
N ASP TA 14 40.68 -55.39 -30.56
CA ASP TA 14 40.13 -56.74 -30.41
C ASP TA 14 40.63 -57.77 -31.46
N PRO TA 15 41.94 -57.91 -31.72
CA PRO TA 15 43.04 -56.95 -31.88
C PRO TA 15 43.28 -56.50 -33.33
N ARG TA 16 43.25 -57.37 -34.34
CA ARG TA 16 43.24 -56.88 -35.71
C ARG TA 16 41.83 -56.46 -36.09
N ASN TA 17 40.84 -57.09 -35.47
CA ASN TA 17 39.42 -56.86 -35.62
C ASN TA 17 38.96 -56.07 -34.36
N ARG TA 18 37.68 -55.73 -34.19
CA ARG TA 18 36.60 -55.65 -35.18
C ARG TA 18 36.27 -54.20 -35.59
N GLU TA 19 35.86 -53.37 -34.62
CA GLU TA 19 35.18 -52.10 -34.83
C GLU TA 19 34.86 -51.41 -33.52
N VAL TA 20 34.70 -50.09 -33.59
CA VAL TA 20 33.73 -49.34 -32.80
C VAL TA 20 33.24 -48.20 -33.65
N VAL TA 21 32.08 -48.38 -34.32
CA VAL TA 21 30.93 -47.46 -34.43
C VAL TA 21 29.66 -48.33 -34.64
N PHE TA 22 29.41 -49.28 -33.76
CA PHE TA 22 28.15 -50.01 -33.87
C PHE TA 22 26.97 -49.04 -33.65
N PRO TA 23 25.88 -49.21 -34.39
CA PRO TA 23 24.82 -48.19 -34.38
C PRO TA 23 23.94 -48.24 -33.13
N ALA TA 24 23.17 -47.17 -32.95
CA ALA TA 24 22.51 -46.87 -31.68
C ALA TA 24 21.32 -47.79 -31.46
N GLY TA 25 21.44 -48.70 -30.49
CA GLY TA 25 20.35 -49.60 -30.16
C GLY TA 25 20.09 -50.66 -31.18
N ARG TA 26 21.08 -50.99 -32.01
CA ARG TA 26 21.03 -51.98 -33.08
C ARG TA 26 19.96 -51.69 -34.13
N ASP TA 27 19.51 -50.44 -34.23
CA ASP TA 27 18.63 -50.01 -35.32
C ASP TA 27 19.42 -48.98 -36.12
N PRO TA 28 19.98 -49.37 -37.28
CA PRO TA 28 20.77 -48.43 -38.07
C PRO TA 28 19.97 -47.29 -38.66
N GLN TA 29 18.65 -47.43 -38.78
CA GLN TA 29 17.80 -46.41 -39.38
C GLN TA 29 17.44 -45.30 -38.42
N TRP TA 30 17.94 -45.34 -37.19
CA TRP TA 30 17.89 -44.20 -36.29
C TRP TA 30 19.13 -43.34 -36.50
N GLY TA 31 18.97 -42.04 -36.37
CA GLY TA 31 20.04 -41.13 -36.75
C GLY TA 31 21.11 -40.93 -35.71
N ASN TA 32 21.66 -42.01 -35.17
CA ASN TA 32 22.62 -41.89 -34.08
C ASN TA 32 23.48 -43.14 -34.06
N LEU TA 33 24.68 -43.01 -33.48
CA LEU TA 33 25.71 -44.03 -33.50
C LEU TA 33 26.36 -44.13 -32.12
N GLU TA 34 26.97 -45.27 -31.83
CA GLU TA 34 27.68 -45.47 -30.56
C GLU TA 34 29.17 -45.37 -30.86
N THR TA 35 29.79 -44.32 -30.35
CA THR TA 35 31.20 -44.04 -30.54
C THR TA 35 31.92 -44.13 -29.21
N PRO TA 36 33.26 -44.08 -29.21
CA PRO TA 36 33.99 -43.94 -27.93
C PRO TA 36 33.80 -42.61 -27.20
N VAL TA 37 32.96 -41.69 -27.68
CA VAL TA 37 32.61 -40.51 -26.93
C VAL TA 37 31.16 -40.70 -26.45
N ASN TA 38 30.40 -41.51 -27.18
CA ASN TA 38 29.05 -41.84 -26.74
C ASN TA 38 29.05 -42.82 -25.57
N ALA TA 39 29.61 -44.01 -25.78
CA ALA TA 39 29.33 -45.12 -24.89
C ALA TA 39 30.57 -45.69 -24.21
N SER TA 40 31.67 -44.94 -24.17
CA SER TA 40 32.81 -45.37 -23.39
C SER TA 40 32.41 -45.28 -21.92
N PRO TA 41 32.51 -46.37 -21.15
CA PRO TA 41 31.80 -46.43 -19.86
C PRO TA 41 32.35 -45.54 -18.78
N LEU TA 42 33.43 -44.81 -19.03
CA LEU TA 42 33.81 -43.74 -18.12
C LEU TA 42 33.04 -42.47 -18.43
N VAL TA 43 32.76 -42.23 -19.71
CA VAL TA 43 31.97 -41.07 -20.12
C VAL TA 43 30.50 -41.26 -19.80
N LYS TA 44 29.99 -42.47 -20.05
CA LYS TA 44 28.59 -42.78 -19.76
C LYS TA 44 28.32 -42.75 -18.27
N TRP TA 45 29.31 -43.13 -17.45
CA TRP TA 45 29.16 -43.05 -16.01
C TRP TA 45 29.20 -41.62 -15.51
N PHE TA 46 29.94 -40.76 -16.21
CA PHE TA 46 30.06 -39.37 -15.78
C PHE TA 46 28.78 -38.61 -16.02
N ILE TA 47 28.30 -38.61 -17.27
CA ILE TA 47 27.13 -37.84 -17.68
C ILE TA 47 25.86 -38.31 -16.98
N ASN TA 48 25.71 -39.62 -16.77
CA ASN TA 48 24.56 -40.13 -16.02
C ASN TA 48 24.56 -39.72 -14.56
N ASN TA 49 25.70 -39.29 -14.03
CA ASN TA 49 25.76 -38.91 -12.63
C ASN TA 49 25.99 -37.42 -12.42
N LEU TA 50 25.78 -36.59 -13.43
CA LEU TA 50 25.65 -35.17 -13.15
C LEU TA 50 24.31 -34.95 -12.45
N PRO TA 51 24.19 -33.88 -11.64
CA PRO TA 51 22.92 -33.65 -10.93
C PRO TA 51 21.73 -33.38 -11.80
N ALA TA 52 21.91 -33.13 -13.09
CA ALA TA 52 20.76 -33.12 -13.97
C ALA TA 52 20.23 -34.52 -14.23
N TYR TA 53 21.04 -35.56 -14.04
CA TYR TA 53 20.73 -36.90 -14.53
C TYR TA 53 20.80 -37.99 -13.48
N ARG TA 54 21.24 -37.69 -12.27
CA ARG TA 54 21.47 -38.69 -11.24
C ARG TA 54 20.14 -39.27 -10.76
N PRO TA 55 20.05 -40.58 -10.56
CA PRO TA 55 18.84 -41.15 -9.98
C PRO TA 55 18.71 -40.77 -8.52
N GLY TA 56 17.46 -40.69 -8.07
CA GLY TA 56 17.18 -40.43 -6.68
C GLY TA 56 17.38 -39.00 -6.25
N LEU TA 57 16.79 -38.05 -6.98
CA LEU TA 57 16.89 -36.65 -6.63
C LEU TA 57 15.57 -35.94 -6.86
N THR TA 58 15.18 -35.13 -5.88
CA THR TA 58 14.09 -34.19 -6.04
C THR TA 58 14.46 -33.15 -7.10
N PRO TA 59 13.50 -32.67 -7.89
CA PRO TA 59 13.81 -31.55 -8.80
C PRO TA 59 14.29 -30.29 -8.11
N PHE TA 60 13.92 -30.05 -6.85
CA PHE TA 60 14.58 -29.00 -6.09
C PHE TA 60 16.02 -29.40 -5.76
N ARG TA 61 16.26 -30.70 -5.59
CA ARG TA 61 17.58 -31.16 -5.22
C ARG TA 61 18.53 -31.13 -6.42
N ARG TA 62 17.98 -31.33 -7.63
CA ARG TA 62 18.81 -31.28 -8.83
C ARG TA 62 19.30 -29.87 -9.11
N GLY TA 63 18.41 -28.89 -9.05
CA GLY TA 63 18.83 -27.53 -9.30
C GLY TA 63 19.64 -26.92 -8.18
N LEU TA 64 19.70 -27.57 -7.03
CA LEU TA 64 20.47 -27.03 -5.92
C LEU TA 64 21.96 -27.22 -6.17
N GLU TA 65 22.36 -28.36 -6.73
CA GLU TA 65 23.77 -28.58 -7.04
C GLU TA 65 24.17 -27.85 -8.33
N VAL TA 66 23.27 -27.80 -9.31
CA VAL TA 66 23.54 -27.10 -10.55
C VAL TA 66 23.70 -25.60 -10.31
N GLY TA 67 22.94 -25.05 -9.37
CA GLY TA 67 23.08 -23.64 -9.08
C GLY TA 67 24.36 -23.32 -8.33
N MET TA 68 24.76 -24.20 -7.42
CA MET TA 68 25.99 -23.98 -6.67
C MET TA 68 27.22 -24.12 -7.54
N ALA TA 69 27.15 -24.93 -8.59
CA ALA TA 69 28.28 -25.09 -9.49
C ALA TA 69 28.39 -23.92 -10.47
N HIS TA 70 27.28 -23.59 -11.15
CA HIS TA 70 27.34 -22.49 -12.11
C HIS TA 70 27.45 -21.14 -11.43
N GLY TA 71 26.89 -20.99 -10.24
CA GLY TA 71 27.10 -19.74 -9.54
C GLY TA 71 28.49 -19.58 -8.97
N TYR TA 72 29.29 -20.64 -8.96
CA TYR TA 72 30.61 -20.61 -8.35
C TYR TA 72 31.64 -19.99 -9.27
N PHE TA 73 31.78 -20.52 -10.49
CA PHE TA 73 32.84 -20.02 -11.35
C PHE TA 73 32.51 -18.70 -12.01
N LEU TA 74 31.22 -18.30 -12.01
CA LEU TA 74 30.88 -17.02 -12.61
C LEU TA 74 31.29 -15.84 -11.76
N PHE TA 75 31.78 -16.07 -10.54
CA PHE TA 75 32.52 -15.01 -9.84
C PHE TA 75 33.81 -14.68 -10.58
N GLY TA 76 34.38 -15.65 -11.27
CA GLY TA 76 35.68 -15.54 -11.88
C GLY TA 76 35.90 -14.44 -12.89
N PRO TA 77 35.26 -14.52 -14.05
CA PRO TA 77 35.55 -13.56 -15.12
C PRO TA 77 35.10 -12.15 -14.85
N PHE TA 78 34.14 -11.94 -13.95
CA PHE TA 78 33.79 -10.57 -13.61
C PHE TA 78 34.83 -9.94 -12.70
N ALA TA 79 35.35 -10.70 -11.73
CA ALA TA 79 36.22 -10.14 -10.72
C ALA TA 79 37.63 -9.88 -11.24
N LYS TA 80 38.10 -10.67 -12.19
CA LYS TA 80 39.46 -10.54 -12.68
C LYS TA 80 39.57 -9.92 -14.05
N LEU TA 81 38.46 -9.77 -14.78
CA LEU TA 81 38.49 -9.12 -16.07
C LEU TA 81 37.54 -7.93 -16.17
N GLY TA 82 36.75 -7.63 -15.14
CA GLY TA 82 35.80 -6.56 -15.22
C GLY TA 82 36.47 -5.20 -15.16
N PRO TA 83 35.64 -4.15 -15.14
CA PRO TA 83 36.20 -2.79 -15.23
C PRO TA 83 36.85 -2.32 -13.94
N LEU TA 84 36.40 -2.82 -12.79
CA LEU TA 84 36.90 -2.37 -11.49
C LEU TA 84 38.04 -3.23 -10.97
N ARG TA 85 38.74 -3.95 -11.86
CA ARG TA 85 39.65 -5.00 -11.41
C ARG TA 85 40.96 -4.46 -10.86
N ASP TA 86 41.20 -3.15 -10.87
CA ASP TA 86 42.35 -2.59 -10.20
C ASP TA 86 42.02 -1.89 -8.89
N ALA TA 87 40.74 -1.66 -8.61
CA ALA TA 87 40.34 -0.86 -7.46
C ALA TA 87 40.27 -1.72 -6.21
N ALA TA 88 39.90 -1.08 -5.10
CA ALA TA 88 39.66 -1.79 -3.84
C ALA TA 88 38.43 -2.68 -3.89
N ASN TA 89 37.46 -2.34 -4.72
CA ASN TA 89 36.25 -3.13 -4.90
C ASN TA 89 36.37 -4.11 -6.05
N ALA TA 90 37.58 -4.61 -6.30
CA ALA TA 90 37.81 -5.49 -7.44
C ALA TA 90 37.08 -6.82 -7.30
N ASN TA 91 36.98 -7.33 -6.07
CA ASN TA 91 36.28 -8.58 -5.84
C ASN TA 91 34.80 -8.37 -5.57
N LEU TA 92 34.41 -7.21 -5.04
CA LEU TA 92 33.00 -6.93 -4.86
C LEU TA 92 32.31 -6.65 -6.18
N ALA TA 93 33.07 -6.17 -7.18
CA ALA TA 93 32.52 -6.01 -8.52
C ALA TA 93 32.26 -7.35 -9.19
N GLY TA 94 33.03 -8.37 -8.83
CA GLY TA 94 32.77 -9.70 -9.34
C GLY TA 94 31.68 -10.44 -8.60
N LEU TA 95 31.36 -10.00 -7.39
CA LEU TA 95 30.27 -10.63 -6.65
C LEU TA 95 28.93 -10.13 -7.13
N LEU TA 96 28.80 -8.82 -7.39
CA LEU TA 96 27.54 -8.29 -7.86
C LEU TA 96 27.27 -8.67 -9.31
N GLY TA 97 28.32 -8.86 -10.10
CA GLY TA 97 28.13 -9.33 -11.46
C GLY TA 97 27.70 -10.77 -11.53
N ALA TA 98 28.23 -11.61 -10.65
CA ALA TA 98 27.87 -13.02 -10.64
C ALA TA 98 26.49 -13.25 -10.07
N ILE TA 99 26.14 -12.57 -8.97
CA ILE TA 99 24.79 -12.63 -8.44
C ILE TA 99 23.80 -12.00 -9.41
N GLY TA 100 24.20 -10.90 -10.04
CA GLY TA 100 23.35 -10.21 -10.99
C GLY TA 100 23.07 -10.96 -12.28
N LEU TA 101 23.82 -12.01 -12.56
CA LEU TA 101 23.63 -12.79 -13.77
C LEU TA 101 23.03 -14.17 -13.52
N VAL TA 102 23.07 -14.66 -12.28
CA VAL TA 102 22.24 -15.80 -11.91
C VAL TA 102 20.76 -15.41 -11.95
N VAL TA 103 20.46 -14.16 -11.57
CA VAL TA 103 19.09 -13.67 -11.60
C VAL TA 103 18.59 -13.56 -13.04
N LEU TA 104 19.47 -13.17 -13.97
CA LEU TA 104 19.12 -13.23 -15.38
C LEU TA 104 18.96 -14.65 -15.88
N PHE TA 105 19.56 -15.62 -15.22
CA PHE TA 105 19.34 -17.01 -15.58
C PHE TA 105 18.13 -17.58 -14.85
N THR TA 106 17.80 -17.04 -13.67
CA THR TA 106 16.61 -17.47 -12.96
C THR TA 106 15.35 -17.02 -13.69
N LEU TA 107 15.40 -15.87 -14.35
CA LEU TA 107 14.32 -15.47 -15.25
C LEU TA 107 14.16 -16.45 -16.40
N ALA TA 108 15.26 -16.72 -17.11
CA ALA TA 108 15.24 -17.59 -18.27
C ALA TA 108 14.82 -19.02 -17.95
N LEU TA 109 15.07 -19.49 -16.73
CA LEU TA 109 14.50 -20.78 -16.34
C LEU TA 109 13.01 -20.68 -16.10
N SER TA 110 12.57 -19.62 -15.42
CA SER TA 110 11.15 -19.44 -15.19
C SER TA 110 10.42 -19.03 -16.46
N LEU TA 111 11.09 -18.31 -17.35
CA LEU TA 111 10.50 -17.99 -18.65
C LEU TA 111 10.36 -19.22 -19.51
N TYR TA 112 11.35 -20.12 -19.46
CA TYR TA 112 11.24 -21.38 -20.19
C TYR TA 112 10.16 -22.27 -19.61
N ALA TA 113 9.99 -22.24 -18.28
CA ALA TA 113 9.10 -23.18 -17.62
C ALA TA 113 7.65 -22.82 -17.84
N ASN TA 114 7.34 -21.54 -17.93
CA ASN TA 114 5.96 -21.09 -18.01
C ASN TA 114 5.42 -21.11 -19.43
N SER TA 115 6.26 -21.43 -20.41
CA SER TA 115 5.87 -21.40 -21.81
C SER TA 115 5.37 -22.74 -22.31
N ASN TA 116 4.86 -23.60 -21.40
CA ASN TA 116 4.43 -24.97 -21.63
C ASN TA 116 5.55 -25.75 -22.32
N PRO TA 117 6.62 -26.06 -21.61
CA PRO TA 117 7.86 -26.47 -22.28
C PRO TA 117 7.76 -27.88 -22.81
N PRO TA 118 8.50 -28.21 -23.85
CA PRO TA 118 8.43 -29.56 -24.42
C PRO TA 118 9.10 -30.59 -23.54
N THR TA 119 8.88 -31.85 -23.90
CA THR TA 119 9.42 -32.95 -23.11
C THR TA 119 10.92 -33.12 -23.39
N ALA TA 120 11.64 -33.54 -22.36
CA ALA TA 120 13.09 -33.68 -22.47
C ALA TA 120 13.46 -34.92 -23.27
N LEU TA 121 14.64 -34.88 -23.88
CA LEU TA 121 15.08 -35.91 -24.79
C LEU TA 121 15.69 -37.09 -24.03
N ALA TA 122 15.95 -38.17 -24.78
CA ALA TA 122 16.57 -39.37 -24.24
C ALA TA 122 17.68 -39.77 -25.21
N SER TA 123 18.92 -39.42 -24.88
CA SER TA 123 20.06 -39.64 -25.75
C SER TA 123 20.55 -41.07 -25.62
N VAL TA 124 21.74 -41.35 -26.15
CA VAL TA 124 22.31 -42.68 -26.05
C VAL TA 124 23.22 -42.84 -24.83
N THR TA 125 23.84 -41.76 -24.36
CA THR TA 125 24.57 -41.86 -23.12
C THR TA 125 23.65 -41.74 -21.90
N VAL TA 126 22.44 -41.25 -22.07
CA VAL TA 126 21.47 -41.11 -20.98
C VAL TA 126 20.17 -41.77 -21.42
N PRO TA 127 19.85 -42.98 -20.96
CA PRO TA 127 18.70 -43.70 -21.50
C PRO TA 127 17.35 -43.22 -21.03
N ASN TA 128 17.27 -42.32 -20.03
CA ASN TA 128 15.98 -41.72 -19.75
C ASN TA 128 16.12 -40.27 -19.31
N PRO TA 129 15.16 -39.41 -19.67
CA PRO TA 129 15.04 -38.14 -18.99
C PRO TA 129 14.64 -38.37 -17.54
N PRO TA 130 15.07 -37.51 -16.62
CA PRO TA 130 14.95 -37.84 -15.20
C PRO TA 130 13.57 -37.62 -14.57
N ASP TA 131 12.52 -37.52 -15.39
CA ASP TA 131 11.09 -37.55 -15.06
C ASP TA 131 10.59 -36.29 -14.37
N ALA TA 132 11.47 -35.38 -13.99
CA ALA TA 132 11.07 -34.12 -13.38
C ALA TA 132 11.11 -32.97 -14.36
N PHE TA 133 11.39 -33.26 -15.62
CA PHE TA 133 11.61 -32.25 -16.64
C PHE TA 133 10.58 -32.37 -17.75
N GLN TA 134 9.33 -32.72 -17.39
CA GLN TA 134 8.24 -32.76 -18.35
C GLN TA 134 7.02 -31.98 -17.87
N SER TA 135 7.06 -31.44 -16.66
CA SER TA 135 5.96 -30.68 -16.12
C SER TA 135 6.42 -29.28 -15.80
N LYS TA 136 5.51 -28.32 -15.96
CA LYS TA 136 5.73 -26.93 -15.60
C LYS TA 136 6.11 -26.80 -14.12
N GLU TA 137 5.48 -27.59 -13.26
CA GLU TA 137 5.81 -27.59 -11.84
C GLU TA 137 7.19 -28.21 -11.59
N GLY TA 138 7.60 -29.14 -12.45
CA GLY TA 138 8.91 -29.74 -12.30
C GLY TA 138 10.03 -28.79 -12.65
N TRP TA 139 9.85 -28.02 -13.73
CA TRP TA 139 10.88 -27.05 -14.13
C TRP TA 139 10.91 -25.85 -13.20
N ASN TA 140 9.82 -25.59 -12.48
CA ASN TA 140 9.78 -24.42 -11.60
C ASN TA 140 10.55 -24.66 -10.31
N ASN TA 141 10.54 -25.89 -9.82
CA ASN TA 141 11.36 -26.22 -8.65
C ASN TA 141 12.84 -26.16 -8.98
N PHE TA 142 13.21 -26.56 -10.20
CA PHE TA 142 14.57 -26.43 -10.70
C PHE TA 142 14.99 -24.96 -10.79
N ALA TA 143 14.04 -24.07 -11.05
CA ALA TA 143 14.35 -22.65 -11.18
C ALA TA 143 14.48 -21.98 -9.82
N SER TA 144 13.67 -22.40 -8.85
CA SER TA 144 13.74 -21.81 -7.52
C SER TA 144 14.98 -22.26 -6.77
N ALA TA 145 15.44 -23.48 -7.04
CA ALA TA 145 16.68 -23.96 -6.45
C ALA TA 145 17.90 -23.27 -7.03
N PHE TA 146 17.85 -22.93 -8.32
CA PHE TA 146 18.98 -22.36 -9.02
C PHE TA 146 19.31 -20.96 -8.50
N LEU TA 147 18.31 -20.19 -8.11
CA LEU TA 147 18.57 -18.86 -7.59
C LEU TA 147 19.15 -18.92 -6.19
N ILE TA 148 18.70 -19.87 -5.38
CA ILE TA 148 19.22 -20.02 -4.02
C ILE TA 148 20.66 -20.50 -4.05
N GLY TA 149 20.92 -21.56 -4.81
CA GLY TA 149 22.27 -22.10 -4.90
C GLY TA 149 23.20 -21.24 -5.73
N GLY TA 150 22.67 -20.46 -6.66
CA GLY TA 150 23.52 -19.62 -7.47
C GLY TA 150 24.07 -18.42 -6.72
N ILE TA 151 23.24 -17.81 -5.87
CA ILE TA 151 23.71 -16.69 -5.07
C ILE TA 151 24.68 -17.19 -4.00
N GLY TA 152 24.35 -18.31 -3.36
CA GLY TA 152 25.22 -18.85 -2.32
C GLY TA 152 26.53 -19.37 -2.86
N GLY TA 153 26.53 -19.91 -4.08
CA GLY TA 153 27.76 -20.38 -4.67
C GLY TA 153 28.71 -19.29 -5.08
N ALA TA 154 28.21 -18.07 -5.25
CA ALA TA 154 29.07 -16.93 -5.59
C ALA TA 154 29.61 -16.23 -4.36
N VAL TA 155 28.94 -16.37 -3.22
CA VAL TA 155 29.45 -15.82 -1.97
C VAL TA 155 30.65 -16.61 -1.50
N VAL TA 156 30.60 -17.95 -1.64
CA VAL TA 156 31.70 -18.76 -1.17
C VAL TA 156 32.89 -18.66 -2.12
N ALA TA 157 32.67 -18.22 -3.35
CA ALA TA 157 33.79 -17.86 -4.21
C ALA TA 157 34.32 -16.48 -3.85
N TYR TA 158 33.45 -15.61 -3.34
CA TYR TA 158 33.89 -14.31 -2.86
C TYR TA 158 34.62 -14.41 -1.54
N PHE TA 159 34.25 -15.38 -0.70
CA PHE TA 159 34.90 -15.51 0.60
C PHE TA 159 36.31 -16.06 0.46
N LEU TA 160 36.55 -16.97 -0.48
CA LEU TA 160 37.85 -17.60 -0.59
C LEU TA 160 38.87 -16.70 -1.27
N THR TA 161 38.50 -16.10 -2.41
CA THR TA 161 39.47 -15.36 -3.19
C THR TA 161 39.80 -14.00 -2.62
N SER TA 162 38.97 -13.46 -1.73
CA SER TA 162 39.21 -12.13 -1.20
C SER TA 162 40.39 -12.10 -0.24
N ASN TA 163 40.68 -13.23 0.41
CA ASN TA 163 41.85 -13.37 1.27
C ASN TA 163 42.61 -14.65 0.89
N LEU TA 164 43.42 -14.58 -0.16
CA LEU TA 164 44.17 -15.76 -0.56
C LEU TA 164 45.41 -15.99 0.30
N ALA TA 165 45.94 -14.94 0.91
CA ALA TA 165 47.07 -15.12 1.81
C ALA TA 165 46.67 -15.78 3.12
N LEU TA 166 45.40 -15.65 3.51
CA LEU TA 166 44.99 -16.16 4.82
C LEU TA 166 44.77 -17.67 4.81
N ILE TA 167 44.08 -18.20 3.81
CA ILE TA 167 43.84 -19.65 3.75
C ILE TA 167 45.16 -20.38 3.55
N GLN TA 168 46.09 -19.81 2.78
CA GLN TA 168 47.38 -20.44 2.56
C GLN TA 168 48.26 -20.39 3.81
N GLY TA 169 48.10 -19.34 4.63
CA GLY TA 169 48.79 -19.32 5.91
C GLY TA 169 48.15 -20.24 6.94
N LEU TA 170 46.83 -20.38 6.88
CA LEU TA 170 46.09 -21.23 7.80
C LEU TA 170 46.09 -22.70 7.39
N VAL TA 171 46.58 -23.02 6.19
CA VAL TA 171 46.87 -24.40 5.79
C VAL TA 171 48.36 -24.66 5.96
N SER UA 11 19.08 26.76 -16.46
CA SER UA 11 18.06 25.84 -16.97
C SER UA 11 16.75 26.01 -16.21
N ILE UA 12 15.83 25.09 -16.40
CA ILE UA 12 14.59 25.12 -15.64
C ILE UA 12 14.84 24.56 -14.24
N SER UA 13 13.92 24.87 -13.32
CA SER UA 13 14.10 24.51 -11.93
C SER UA 13 13.89 23.01 -11.73
N ASP UA 14 14.29 22.53 -10.56
CA ASP UA 14 14.14 21.11 -10.26
C ASP UA 14 12.68 20.74 -10.05
N THR UA 15 11.86 21.71 -9.62
CA THR UA 15 10.44 21.46 -9.40
C THR UA 15 9.72 21.19 -10.72
N GLN UA 16 9.99 22.00 -11.74
CA GLN UA 16 9.27 21.95 -13.01
C GLN UA 16 9.47 20.65 -13.77
N VAL UA 17 10.55 19.91 -13.48
CA VAL UA 17 10.76 18.63 -14.15
C VAL UA 17 9.73 17.61 -13.67
N TYR UA 18 9.33 17.68 -12.40
CA TYR UA 18 8.37 16.72 -11.88
C TYR UA 18 6.96 17.01 -12.35
N ILE UA 19 6.63 18.27 -12.63
CA ILE UA 19 5.35 18.58 -13.25
C ILE UA 19 5.27 17.98 -14.64
N ALA UA 20 6.37 18.06 -15.39
CA ALA UA 20 6.42 17.48 -16.73
C ALA UA 20 6.30 15.97 -16.71
N LEU UA 21 6.78 15.31 -15.66
CA LEU UA 21 6.65 13.87 -15.58
C LEU UA 21 5.23 13.45 -15.21
N VAL UA 22 4.55 14.20 -14.35
CA VAL UA 22 3.20 13.83 -13.92
C VAL UA 22 2.21 14.12 -15.04
N VAL UA 23 2.38 15.23 -15.74
CA VAL UA 23 1.55 15.54 -16.90
C VAL UA 23 1.75 14.51 -18.01
N ALA UA 24 2.96 13.96 -18.14
CA ALA UA 24 3.24 12.94 -19.15
C ALA UA 24 2.59 11.60 -18.86
N LEU UA 25 2.06 11.39 -17.66
CA LEU UA 25 1.29 10.18 -17.41
C LEU UA 25 -0.09 10.24 -18.04
N ILE UA 26 -0.58 11.43 -18.36
CA ILE UA 26 -1.90 11.59 -18.97
C ILE UA 26 -1.90 11.09 -20.41
N PRO UA 27 -0.91 11.40 -21.29
CA PRO UA 27 -0.87 10.65 -22.54
C PRO UA 27 -0.37 9.23 -22.38
N GLY UA 28 0.39 8.93 -21.33
CA GLY UA 28 0.83 7.56 -21.11
C GLY UA 28 -0.31 6.64 -20.75
N LEU UA 29 -1.30 7.16 -20.04
CA LEU UA 29 -2.50 6.39 -19.77
C LEU UA 29 -3.37 6.27 -21.02
N LEU UA 30 -3.52 7.36 -21.77
CA LEU UA 30 -4.38 7.37 -22.94
C LEU UA 30 -3.79 6.60 -24.11
N ALA UA 31 -2.46 6.51 -24.20
CA ALA UA 31 -1.85 5.68 -25.22
C ALA UA 31 -2.07 4.21 -24.93
N TRP UA 32 -2.13 3.84 -23.66
CA TRP UA 32 -2.42 2.46 -23.31
C TRP UA 32 -3.88 2.12 -23.56
N ARG UA 33 -4.76 3.12 -23.50
CA ARG UA 33 -6.17 2.86 -23.79
C ARG UA 33 -6.41 2.74 -25.29
N LEU UA 34 -5.73 3.55 -26.10
CA LEU UA 34 -5.90 3.50 -27.54
C LEU UA 34 -5.27 2.26 -28.14
N ALA UA 35 -4.09 1.88 -27.65
CA ALA UA 35 -3.38 0.75 -28.23
C ALA UA 35 -4.00 -0.58 -27.84
N THR UA 36 -4.88 -0.59 -26.84
CA THR UA 36 -5.61 -1.80 -26.52
C THR UA 36 -7.05 -1.75 -27.00
N GLU UA 37 -7.56 -0.58 -27.38
CA GLU UA 37 -8.83 -0.54 -28.08
C GLU UA 37 -8.68 -0.97 -29.53
N LEU UA 38 -7.61 -0.53 -30.18
CA LEU UA 38 -7.06 -1.28 -31.30
C LEU UA 38 -6.61 -2.63 -30.77
N TYR UA 39 -7.02 -3.72 -31.42
CA TYR UA 39 -7.15 -5.01 -30.73
C TYR UA 39 -5.79 -5.65 -30.45
N LYS UA 40 -5.85 -6.81 -29.79
CA LYS UA 40 -4.69 -7.48 -29.20
C LYS UA 40 -3.64 -7.94 -30.20
N PRO VA 16 -6.43 9.97 -89.52
CA PRO VA 16 -6.82 11.38 -89.71
C PRO VA 16 -5.70 12.34 -89.37
N PRO VA 17 -5.71 13.55 -89.94
CA PRO VA 17 -4.81 14.60 -89.45
C PRO VA 17 -5.22 15.01 -88.05
N TYR VA 18 -4.35 14.71 -87.10
CA TYR VA 18 -4.69 14.83 -85.68
C TYR VA 18 -4.64 16.30 -85.29
N THR VA 19 -5.81 16.96 -85.33
CA THR VA 19 -5.86 18.40 -85.11
C THR VA 19 -5.64 18.76 -83.65
N PHE VA 20 -6.27 18.01 -82.74
CA PHE VA 20 -6.19 18.36 -81.33
C PHE VA 20 -4.84 18.01 -80.73
N ARG VA 21 -4.18 16.96 -81.22
CA ARG VA 21 -2.84 16.63 -80.76
C ARG VA 21 -1.82 17.64 -81.26
N THR VA 22 -1.77 17.86 -82.57
CA THR VA 22 -0.82 18.80 -83.15
C THR VA 22 -1.14 20.24 -82.80
N GLY VA 23 -2.38 20.55 -82.41
CA GLY VA 23 -2.70 21.89 -82.01
C GLY VA 23 -2.00 22.30 -80.73
N TRP VA 24 -1.91 21.40 -79.76
CA TRP VA 24 -1.24 21.70 -78.51
C TRP VA 24 0.26 21.47 -78.56
N ALA VA 25 0.74 20.59 -79.44
CA ALA VA 25 2.18 20.41 -79.58
C ALA VA 25 2.81 21.63 -80.24
N LEU VA 26 2.13 22.24 -81.20
CA LEU VA 26 2.62 23.47 -81.81
C LEU VA 26 2.48 24.67 -80.89
N LEU VA 27 1.55 24.62 -79.94
CA LEU VA 27 1.48 25.66 -78.92
C LEU VA 27 2.66 25.57 -77.96
N LEU VA 28 2.99 24.36 -77.50
CA LEU VA 28 4.12 24.19 -76.59
C LEU VA 28 5.45 24.43 -77.29
N LEU VA 29 5.56 24.05 -78.56
CA LEU VA 29 6.79 24.31 -79.29
C LEU VA 29 6.96 25.79 -79.60
N ALA VA 30 5.86 26.53 -79.70
CA ALA VA 30 5.96 27.98 -79.82
C ALA VA 30 6.44 28.61 -78.54
N VAL VA 31 6.23 27.95 -77.40
CA VAL VA 31 6.81 28.44 -76.14
C VAL VA 31 8.29 28.10 -76.09
N ASN VA 32 8.69 26.95 -76.67
CA ASN VA 32 10.10 26.59 -76.75
C ASN VA 32 10.87 27.57 -77.64
N PHE VA 33 10.25 28.07 -78.70
CA PHE VA 33 10.92 29.00 -79.60
C PHE VA 33 10.90 30.42 -79.08
N LEU VA 34 9.93 30.76 -78.24
CA LEU VA 34 9.84 32.12 -77.71
C LEU VA 34 10.93 32.39 -76.68
N VAL VA 35 11.20 31.41 -75.80
CA VAL VA 35 12.22 31.57 -74.77
C VAL VA 35 13.61 31.60 -75.41
N ALA VA 36 13.79 30.87 -76.51
CA ALA VA 36 15.06 30.90 -77.22
C ALA VA 36 15.28 32.23 -77.94
N ALA VA 37 14.20 32.95 -78.24
CA ALA VA 37 14.34 34.27 -78.82
C ALA VA 37 14.89 35.28 -77.81
N TYR VA 38 14.55 35.10 -76.53
CA TYR VA 38 15.20 35.89 -75.48
C TYR VA 38 16.65 35.51 -75.33
N TYR VA 39 16.96 34.23 -75.50
CA TYR VA 39 18.33 33.74 -75.34
C TYR VA 39 19.20 34.07 -76.55
N PHE VA 40 18.61 34.25 -77.71
CA PHE VA 40 19.32 34.66 -78.91
C PHE VA 40 19.21 36.14 -79.19
N HIS VA 41 18.64 36.91 -78.25
CA HIS VA 41 18.43 38.36 -78.33
C HIS VA 41 17.61 38.79 -79.54
N ILE VA 42 16.74 37.92 -80.04
CA ILE VA 42 15.83 38.31 -81.10
C ILE VA 42 14.75 39.23 -80.54
N ILE VA 43 14.22 38.91 -79.38
CA ILE VA 43 13.22 39.72 -78.70
C ILE VA 43 13.82 40.21 -77.40
N GLN VA 44 13.61 41.48 -77.08
CA GLN VA 44 14.09 42.04 -75.83
C GLN VA 44 13.13 43.10 -75.30
#